data_6IJJ
#
_entry.id   6IJJ
#
loop_
_entity.id
_entity.type
_entity.pdbx_description
1 polymer PsaA
2 polymer PsaB
3 polymer PsaC
4 polymer PsaD
5 polymer PsaE
6 polymer PsaF
7 polymer PsaI
8 polymer PsaJ
9 polymer PsaK
10 polymer PsaL
11 polymer Lhca1
12 polymer Lhca3
13 polymer Lhca4
14 polymer Lhca5
15 polymer Lhca6
16 polymer Lhca7
17 polymer Lhca8
18 non-polymer 'CHLOROPHYLL A'
19 non-polymer PHYLLOQUINONE
20 non-polymer 1,2-DIPALMITOYL-PHOSPHATIDYL-GLYCEROLE
21 non-polymer BETA-CAROTENE
22 non-polymer 'IRON/SULFUR CLUSTER'
23 non-polymer DODECYL-ALPHA-D-MALTOSIDE
24 non-polymer 1,2-DISTEAROYL-MONOGALACTOSYL-DIGLYCERIDE
25 non-polymer 'DIGALACTOSYL DIACYL GLYCEROL (DGDG)'
26 non-polymer "(3R,3'R,6S)-4,5-DIDEHYDRO-5,6-DIHYDRO-BETA,BETA-CAROTENE-3,3'-DIOL"
27 non-polymer "(3S,5R,6S,3'S,5'R,6'S)-5,6,5',6'-DIEPOXY-5,6,5',6'- TETRAHYDRO-BETA,BETA-CAROTENE-3,3'-DIOL"
28 non-polymer (1R,3R)-6-{(3E,5E,7E,9E,11E,13E,15E,17E)-18-[(1S,4R,6R)-4-HYDROXY-2,2,6-TRIMETHYL-7-OXABICYCLO[4.1.0]HEPT-1-YL]-3,7,12,16-TETRAMETHYLOCTADECA-1,3,5,7,9,11,13,15,17-NONAENYLIDENE}-1,5,5-TRIMETHYLCYCLOHEXANE-1,3-DIOL
#
loop_
_entity_poly.entity_id
_entity_poly.type
_entity_poly.pdbx_seq_one_letter_code
_entity_poly.pdbx_strand_id
1 'polypeptide(L)'
;MTISTPEREAKKVKIAVDRNPVETSFEKWAKPGHFSRTLSKGPNTTTWIWNLHADAHDFDSHTSDLEEISRKVFSAHFGQ
LGIIFIWLSGMYFHGARFSNYEAWLSDPTHIKPSAQVVWPIVGQEILNGDVGGGFQGIQITSGFFQLWRASGITSELQLY
TTAIGGLVMAAAMFFAGWFHYHKAAPKLEWFQNVESMLNHHLGGLLGLGSLAWAGHQIHVSLPVNKLLDAGVDPKEIPLP
HDLLLNRAIMADLYPSFAKGIAPFFTLNWSEYSDFLTFKGGLNPVTGGLWLSDTAHHHVAIAVLFLVAGHMYRTNWGIGH
SMKEILEAHRGPFTGEGHVGLYEILTTSWHAQLAINLALFGSLSIIVAHHMYAMPPYPYLATDYGTQLSLFTHHTWIGGF
CIVGAGAHAAIFMVRDYDPTNNYNNLLDRVIRHRDAIISHLNWVCIFLGFHSFGLYIHNDTMSALGRPQDMFSDTAIQLQ
PVFAQWIQNTHFLAPQLTAPNALAATSLTWGGDLVAVGGKVAMMPISLGTSDFMVHHIHAFTIHVTVLILLKGVLFARSS
RLIPDKANLGFRFPCDGPGRGGTCQVSAWDHVFLGLFWMYNSLSIVIFHFSWKMQSDVWGTVTASGVSHITGGNFAQSAN
TINGWLRDFLWAQSSQVIQSYGSALSAYGLIFLGAHFVWAFSLMFLFSGRGYWQELIESIVWAHNKLKVAPAIQPRALSI
TQGRAVGVAHYLLGGIATTWSFFLARIISVG
;
A
2 'polypeptide(L)'
;MATKLFPKFSQGLAQDPTTRRIWYGLAMAHDFESHDGMTEENLYQKIFASHFGQLSIIFLWTSGNLFHVAWQGNFEQWVT
DPVHIRPIAHAIWDPHFGQPAVEAFTRGGASGPVNISTSGVYQWWYTIGMRTNQDLYVGSVFLALVSAIFLFAGWLHLQP
NFQPSLSWFKDAESRLNHHLSGLFGVSSLAWTGHLVHVAIPESRGQHVGWDNFLSVLPHPQGLTPFFTGNWAAYAQSPDT
ASHVFGTAQGSGQAILTFLGGFHPQTQSLWLTDMAHHHLAIAVIFIVAGHMYRTNFGIGHRMQAILEAHTPPSGSLGAGH
KGLFDTVNNSLHFQLGLALASVGTITSLVAQHMYSLPPYAFQAIDFTTQAALYTHHQYIAGFIMCGAFAHGAIFFIRDYD
PEQNKGNVLARMLDHKEALISHLSWVSLFLGFHTLGLYVHNDVMQAFGTPEKQILIEPVFAQWIQAAHGKALYGFDFLLS
SKTSAAFANGQSLWLPGWLDAINNNQNSLFLTIGPGDFLVHHAIALGLHTTTLILVKGALDARGSKLMPDKKDFGYSFPC
DGPGRGGTCDISAYDAFYLAVFWMLNTIGWVTFYWHWKHLTLWQGNVAQFDESSTYLMGWLRDYLWLNSSQLINGYNPFG
MNSLSVWAWTFLFGHLIYATGFMFLISWRGYWQELIETLVWAHEKTPLANLVYWKDKPVALSIVQARLVGLAHFSVGYIF
TYAAFLIASTSGRFG
;
B
3 'polypeptide(L)'
;MAHIVKIYDTCIGCTQCVRACPLDVLEMVPWDGCKASQMASAPRTEDCVGCKRCETACPTDFLSVRVYLGSESTRSMGLS
Y
;
C
4 'polypeptide(L)'
;MAVMMRTQAPAATRASSRVAVAARPAARRAVVVRAEAEAAPAAAKKAAEKPAWTVPTLNPDTPSPIFGGSTGGLLRKAQT
EEFYVITWEAKKEQIFEMPTGGAAIMRQGPNLLKFGKKEQCLALTTQLRNKFKLTPCFYRVFPDGKVQYLHPADGVYPEK
VNAGRVGANQNMRRIGQNVNPIKVKFSGRMMSPAEI
;
D
5 'polypeptide(L)'
;MVYAIPHVLCVDTTACHEWYQRRVHGGFQPRPRVTLRLSSPHQNRKMQALSSRVNIAAKPQRAQRLVVRAEEVKAAPKKE
VGPKRGSLVKILRPESYWFNQVGKVVSVDQSGVRYPVVVRFENQNYAGVTTNNYALDEVVAAK
;
E
6 'polypeptide(L)'
;MALTMRNPAVKASSRVAPSSRRALRVACQAQKNETASKVGTALAASALAAAVSLSAPSAAMADIAGLTPCSESKAYAKLE
KKELKTLEKRLKQYEADSAPAVALKATMERTKARFANYAKAGLLCGNDGLPHLIADPGLALKYGHAGEVFIPTFGFLYVA
GYIGYVGRQYLIAVKGEAKPTDKEIIIDVPLATKLAWQGAGWPLAAVQELQRGTLLEKEENITVSPR
;
F
7 'polypeptide(L)'
;MALRAVSAKSAVRPTVARASVKPVAALKPAQKMALAGAASVALLAASSSSAEASQVIATVASAAQGYPFVPPSWAPSVFV
PLTGLVLPAIAMATLFVYIEKEAPSS
;
I
8 'polypeptide(L)' MKDFTTYLSTAPVIATIWFTFTAGLLIEINRYFPDPLVFSF J
9 'polypeptide(L)'
;PRCICKMTARQSRISHCPLRAFASSCTNLVHTCPRLSSITSIYQPATMQALATRPSAIRPTKAARRSSVVVRADGFIGSS
TNLIMVASTTATLAAARFGLAPTVKKNTTAGLKLVDSKNSAGVISNDPAGFTIVDVLAMGAAGHGLGVGIVLGLKGIGAL
;
K
10 'polypeptide(L)'
;MPTKGSPLTGLITWAFLVSAAHTRTVDTRPRPRGIWRRAAVARRPVEERIATGSSLAHTYHKMAVAMRSSTGLRATAARR
QMPLGLGRVSTVRVCAADTKKAQVISPVNGDPFVGMLETPVTSAPIVATYLSNLPAYRTGVAPVLRGVEIGLAHGFLLAG
PFIKLGPLRNVPETAEIAGSLSAAGLVLILALCLSIYGSAQFQSTPSIGVKTLSGRSVARDPLFSADGWSEFAAGFLVGG
EAGVAWAYVCTQILPYYS
;
L
11 'polypeptide(L)'
;MGELSRADSLLRTITKPPIKMALSMRTLSARTAAPRGFSGRRVAAVSNGSRVTMKAGNWLPGSDAPAWLPDDLPGNYGFD
PLSLGKEPASLKRFTESEVIHGRWAMLGVAGSLAVELLGYGNWYDAPLWAVNGGKATWFGIEVPFDLNALLAFEFVAMAA
AEGQRGDAGGVVYPGGAFDPLGFAKDSSKSGELKLKEIKNGRLAMVAFLGFVAQHAATGKGPIAALGEHLANPWGANFAT
NGISVPFF
;
1,a
12 'polypeptide(L)'
;MMLTKSAQAAFSGKVARPAKANRARLVCRAEEKSIAKVDRSKDQLYVGASQSSLAYLDGSLPGDFGFDPLGLLDPVNSGG
FIEPKWLQYSEVIHARWAMLGAAGCIAPEVLGAAGLIPDATNIKWFESGVIPPAGSYNGYWADPYTIFFVEIVAMQFAEL
RRLQDFRYPGSMGQQYFLGLEAIFKGSGDAAYPGGPFFNLFNLGKTEAAMKELKLKEIKNGRLAMLAMLGYGAQAVMTGK
GPFQNLVEHLADPVNNNILTNFAGRVSGSSQPWRPHGWWRRRYRSVAALALIRNRSVC
;
3
13 'polypeptide(L)'
;MYSALIPLLSSGINAEYMGVSRCSGKMAFVLAKSSAFGVAAKPVSRRSSVAVKASAVPENVKEAREWIDAWKSKSGGAKR
DAALPSWMPGADLPGYLNGTLPGDFGFDPLYLGQDPVKLKWYAQAELMNARFAMLAVAGILVPELLSNIGFSWPGAGVAW
YDAGKFEYFAPASSLFGVQMLLFAWVEIRRYQDFVKPGSANQDPIFTNNKLPDGNEPGYPGGIFDPFGWSKGDIKSLKLK
EIKNGRLAMLAFAGFIGQAYTTGTTPLKNLSTHLADPWSTTVWQNDLARL
;
4
14 'polypeptide(L)'
;AVAWFFTPGHTNHQPAKMAALMQKSALSRPACSTRSSRRAVVVRAAADRKLWAPGVVAPEYLKGDLAGDYGWDPLGLGAD
PTALKWYRQSELQHARWAMLGVAGVLVQEIVKPDVYFYEAGLPQNLPEPFTNINMGGLLAWEFILMHWVEVRRWQDYKNF
GSVNEDPIFKGNKVPNPEMGYPGGIFDPFGFSKGNLKELQTKEIKNGRLAMIAYMAFILQAQATGKGPLAALSAHLSNPF
GNNILKNIGTCTVPHSVDVQGLTIPLTCLWPGSQ
;
5
15 'polypeptide(L)'
;MDIRREWEWCRVPHLQEPCNPGREKKKKKKKKKKYSALIPLLLSTQSTWGVFAKSHYTVPKMMLVAKNAVAARPSARSAR
RSVVAKASSRPLWLPGSTPPAHLKGDLPGDFGFDPLGLGANAESLKWFKESELVHSRWAMAAVAGILVQEIVRPDVFWYN
AGKEVESPLGPLGLLAVEFFLMHWVEVRRWQDLRKPGSVDQDPIFSQYKLPPHEVGYPGGVFAPFIPGDLAELKVKEIKN
GRLAMLAFVGFVMAAQVTGKGPIAALQEHLADPWGTTIFSKAAVVPGQAVAPPCKIPASVSYKGIEIPTPCFLQGLWP
;
6
16 'polypeptide(L)'
;MALSMIAQRRAGAFSARQAPRAVRAQAAVRPVWFPGNPPPAHLDGSLAGDYGFDPLFLGQEPQTLKWYVQAELVHGRFAM
LGAAGIILTSIGAKVGLGFPEWYDAGKVVVEKNNIDFPTLMVIQFYLMGWAETKRWYDFKNPGSQADGSFLGFTEEFKGL
ENGYPGGRFFDPMGLSRGDAAKYQEYKQKEVKNGRLAMIACLGFAAQYAATGKGPLDNLADHLADPNHVNFATNGVSIPI
A
;
7
17 'polypeptide(L)'
;GRQFAPRFLALCLCRCCLRTEHGPHSPATMALTMKRSGVAARSASSRKSVVTCVARQSWLPGSQIPAHLDTPAAQALAGN
FGFDPLGLGKDPVALRWYQQAELIHCRTAMAGVAGILIPGLLTKAGALNVPEWYDAGKVAIENSFAPWGSLLAVQLFLCG
FVEAKRWQDIRKPGSQGEPGSFLGFEASLKGTSELGYPGGPFDPLGLSKEADKWADWKLKEVKNGRLAMLAFLGFVAQKY
ATGAGPVDNLAAHLKDPWHVNYATNGVSLPFL
;
8
#
loop_
_chem_comp.id
_chem_comp.type
_chem_comp.name
_chem_comp.formula
BCR non-polymer BETA-CAROTENE 'C40 H56'
CLA non-polymer 'CHLOROPHYLL A' 'C55 H72 Mg N4 O5'
DGD saccharide 'DIGALACTOSYL DIACYL GLYCEROL (DGDG)' 'C51 H96 O15'
LHG non-polymer 1,2-DIPALMITOYL-PHOSPHATIDYL-GLYCEROLE 'C38 H75 O10 P'
LMG non-polymer 1,2-DISTEAROYL-MONOGALACTOSYL-DIGLYCERIDE 'C45 H86 O10'
LMU D-saccharide DODECYL-ALPHA-D-MALTOSIDE 'C24 H46 O11'
LUT non-polymer (3R,3'R,6S)-4,5-DIDEHYDRO-5,6-DIHYDRO-BETA,BETA-CAROTENE-3,3'-DIOL 'C40 H56 O2'
NEX non-polymer (1R,3R)-6-{(3E,5E,7E,9E,11E,13E,15E,17E)-18-[(1S,4R,6R)-4-HYDROXY-2,2,6-TRIMETHYL-7-OXABICYCLO[4.1.0]HEPT-1-YL]-3,7,12,16-TETRAMETHYLOCTADECA-1,3,5,7,9,11,13,15,17-NONAENYLIDENE}-1,5,5-TRIMETHYLCYCLOHEXANE-1,3-DIOL 'C40 H56 O4'
PQN non-polymer PHYLLOQUINONE 'C31 H46 O2'
SF4 non-polymer 'IRON/SULFUR CLUSTER' 'Fe4 S4'
XAT non-polymer '(3S,5R,6S,3'S,5'R,6'S)-5,6,5',6'-DIEPOXY-5,6,5',6'- TETRAHYDRO-BETA,BETA-CAROTENE-3,3'-DIOL' 'C40 H56 O4'
#
# COMPACT_ATOMS: atom_id res chain seq x y z
N LYS A 11 -15.20 -56.12 -0.11
CA LYS A 11 -14.29 -55.33 0.71
C LYS A 11 -15.03 -54.23 1.41
N LYS A 12 -15.04 -54.26 2.74
CA LYS A 12 -15.57 -53.13 3.48
C LYS A 12 -14.61 -51.96 3.40
N VAL A 13 -13.33 -52.20 3.63
CA VAL A 13 -12.30 -51.18 3.47
C VAL A 13 -11.86 -51.21 2.02
N LYS A 14 -12.20 -50.15 1.29
CA LYS A 14 -11.87 -50.06 -0.13
C LYS A 14 -11.77 -48.60 -0.53
N ILE A 15 -11.10 -48.37 -1.65
CA ILE A 15 -11.08 -47.04 -2.24
C ILE A 15 -12.47 -46.74 -2.80
N ALA A 16 -13.00 -45.57 -2.48
CA ALA A 16 -14.30 -45.17 -3.02
C ALA A 16 -14.28 -43.67 -3.22
N VAL A 17 -14.26 -43.23 -4.48
CA VAL A 17 -14.22 -41.82 -4.79
C VAL A 17 -15.39 -41.44 -5.67
N ASP A 18 -15.42 -40.17 -6.07
CA ASP A 18 -16.41 -39.61 -6.96
C ASP A 18 -15.64 -38.85 -8.03
N ARG A 19 -15.94 -39.15 -9.28
CA ARG A 19 -15.24 -38.56 -10.40
C ARG A 19 -15.84 -37.19 -10.73
N ASN A 20 -14.97 -36.19 -10.83
CA ASN A 20 -15.33 -34.81 -11.17
C ASN A 20 -16.47 -34.21 -10.36
N PRO A 21 -16.31 -34.03 -9.02
CA PRO A 21 -17.43 -33.47 -8.26
C PRO A 21 -17.56 -31.98 -8.42
N VAL A 22 -16.43 -31.28 -8.46
CA VAL A 22 -16.39 -29.82 -8.45
C VAL A 22 -15.63 -29.36 -9.69
N GLU A 23 -16.28 -28.55 -10.52
CA GLU A 23 -15.68 -28.10 -11.76
C GLU A 23 -14.67 -27.00 -11.48
N THR A 24 -13.46 -27.15 -12.03
CA THR A 24 -12.39 -26.21 -11.80
C THR A 24 -12.65 -24.94 -12.62
N SER A 25 -13.03 -23.87 -11.95
CA SER A 25 -13.36 -22.62 -12.63
C SER A 25 -13.01 -21.45 -11.72
N PHE A 26 -12.60 -20.34 -12.33
CA PHE A 26 -12.35 -19.11 -11.59
C PHE A 26 -13.62 -18.32 -11.34
N GLU A 27 -14.78 -18.87 -11.68
CA GLU A 27 -16.03 -18.12 -11.63
C GLU A 27 -16.45 -17.84 -10.19
N LYS A 28 -16.18 -18.77 -9.28
CA LYS A 28 -16.47 -18.51 -7.88
C LYS A 28 -15.36 -17.75 -7.18
N TRP A 29 -14.21 -17.54 -7.82
CA TRP A 29 -13.25 -16.62 -7.25
C TRP A 29 -13.70 -15.19 -7.46
N ALA A 30 -14.52 -14.96 -8.49
CA ALA A 30 -15.10 -13.66 -8.77
C ALA A 30 -16.17 -13.27 -7.76
N LYS A 31 -16.74 -14.24 -7.05
CA LYS A 31 -17.86 -14.02 -6.15
C LYS A 31 -17.41 -14.35 -4.73
N PRO A 32 -16.95 -13.35 -3.97
CA PRO A 32 -16.58 -13.62 -2.59
C PRO A 32 -17.81 -13.88 -1.74
N GLY A 33 -17.72 -14.89 -0.89
CA GLY A 33 -18.85 -15.29 -0.09
C GLY A 33 -19.72 -16.36 -0.71
N HIS A 34 -19.23 -17.02 -1.76
CA HIS A 34 -19.99 -18.08 -2.42
C HIS A 34 -20.25 -19.26 -1.50
N PHE A 35 -19.37 -19.48 -0.52
CA PHE A 35 -19.53 -20.62 0.38
C PHE A 35 -20.67 -20.43 1.35
N SER A 36 -21.02 -19.19 1.68
CA SER A 36 -22.01 -18.95 2.71
C SER A 36 -23.36 -18.58 2.10
N ARG A 37 -24.42 -19.00 2.78
CA ARG A 37 -25.77 -18.67 2.33
C ARG A 37 -26.09 -17.21 2.61
N THR A 38 -25.53 -16.66 3.69
CA THR A 38 -25.77 -15.27 4.04
C THR A 38 -24.82 -14.30 3.36
N LEU A 39 -23.58 -14.71 3.13
CA LEU A 39 -22.58 -13.81 2.58
C LEU A 39 -22.60 -13.73 1.07
N SER A 40 -23.37 -14.58 0.39
CA SER A 40 -23.36 -14.61 -1.07
C SER A 40 -24.08 -13.43 -1.71
N LYS A 41 -24.87 -12.68 -0.95
CA LYS A 41 -25.58 -11.54 -1.49
C LYS A 41 -24.72 -10.30 -1.64
N GLY A 42 -23.54 -10.28 -1.03
CA GLY A 42 -22.63 -9.17 -1.20
C GLY A 42 -22.67 -8.22 -0.02
N PRO A 43 -21.80 -7.22 -0.03
CA PRO A 43 -21.73 -6.30 1.11
C PRO A 43 -22.85 -5.28 1.11
N ASN A 44 -23.20 -4.85 2.32
CA ASN A 44 -23.97 -3.63 2.52
C ASN A 44 -23.41 -2.91 3.73
N THR A 45 -22.32 -3.41 4.28
CA THR A 45 -21.90 -3.22 5.66
C THR A 45 -20.51 -3.82 5.79
N THR A 46 -19.60 -3.15 6.50
CA THR A 46 -18.23 -3.63 6.59
C THR A 46 -18.09 -4.89 7.44
N THR A 47 -19.13 -5.29 8.16
CA THR A 47 -19.11 -6.57 8.87
C THR A 47 -19.07 -7.74 7.91
N TRP A 48 -19.56 -7.54 6.67
CA TRP A 48 -19.53 -8.56 5.64
C TRP A 48 -18.11 -9.02 5.35
N ILE A 49 -17.17 -8.08 5.25
CA ILE A 49 -15.83 -8.49 4.81
C ILE A 49 -15.03 -9.09 5.94
N TRP A 50 -15.48 -8.93 7.18
CA TRP A 50 -14.85 -9.65 8.27
C TRP A 50 -15.48 -11.03 8.45
N ASN A 51 -16.79 -11.13 8.20
CA ASN A 51 -17.46 -12.43 8.20
C ASN A 51 -17.00 -13.29 7.03
N LEU A 52 -16.54 -12.67 5.95
CA LEU A 52 -15.96 -13.41 4.84
C LEU A 52 -14.69 -14.15 5.25
N HIS A 53 -13.82 -13.47 5.98
CA HIS A 53 -12.58 -14.10 6.39
C HIS A 53 -12.74 -14.95 7.64
N ALA A 54 -13.76 -14.69 8.46
CA ALA A 54 -13.96 -15.47 9.67
C ALA A 54 -14.64 -16.80 9.38
N ASP A 55 -15.60 -16.80 8.47
CA ASP A 55 -16.36 -18.00 8.13
C ASP A 55 -15.76 -18.72 6.93
N ALA A 56 -14.53 -18.40 6.57
CA ALA A 56 -13.94 -18.92 5.34
C ALA A 56 -13.62 -20.39 5.44
N HIS A 57 -13.08 -20.81 6.58
CA HIS A 57 -12.63 -22.18 6.76
C HIS A 57 -13.52 -22.95 7.71
N ASP A 58 -14.57 -22.34 8.23
CA ASP A 58 -15.55 -23.04 9.06
C ASP A 58 -16.45 -23.82 8.12
N PHE A 59 -15.95 -25.00 7.72
CA PHE A 59 -16.63 -25.79 6.68
C PHE A 59 -17.92 -26.41 7.20
N ASP A 60 -17.99 -26.68 8.49
CA ASP A 60 -19.15 -27.33 9.09
C ASP A 60 -20.37 -26.41 9.09
N SER A 61 -20.16 -25.10 9.05
CA SER A 61 -21.26 -24.15 8.98
C SER A 61 -21.65 -23.79 7.55
N HIS A 62 -20.81 -24.12 6.56
CA HIS A 62 -21.19 -23.88 5.17
C HIS A 62 -22.29 -24.84 4.75
N THR A 63 -21.99 -26.13 4.82
CA THR A 63 -22.90 -27.19 4.42
C THR A 63 -23.17 -28.11 5.61
N SER A 64 -24.16 -28.97 5.45
CA SER A 64 -24.45 -30.01 6.43
C SER A 64 -24.01 -31.39 5.96
N ASP A 65 -23.59 -31.53 4.70
CA ASP A 65 -23.16 -32.82 4.18
C ASP A 65 -21.75 -33.10 4.71
N LEU A 66 -21.63 -34.16 5.51
CA LEU A 66 -20.34 -34.52 6.11
C LEU A 66 -19.34 -34.98 5.06
N GLU A 67 -19.82 -35.53 3.94
CA GLU A 67 -18.94 -35.92 2.84
C GLU A 67 -18.25 -34.70 2.24
N GLU A 68 -19.00 -33.63 2.02
CA GLU A 68 -18.44 -32.42 1.43
C GLU A 68 -17.48 -31.73 2.41
N ILE A 69 -17.82 -31.76 3.70
CA ILE A 69 -16.94 -31.22 4.73
C ILE A 69 -15.63 -31.98 4.77
N SER A 70 -15.70 -33.31 4.68
CA SER A 70 -14.49 -34.12 4.73
C SER A 70 -13.63 -33.92 3.49
N ARG A 71 -14.25 -33.71 2.32
CA ARG A 71 -13.49 -33.42 1.12
C ARG A 71 -12.79 -32.07 1.21
N LYS A 72 -13.48 -31.06 1.74
CA LYS A 72 -12.87 -29.74 1.92
C LYS A 72 -11.72 -29.79 2.91
N VAL A 73 -11.88 -30.52 4.02
CA VAL A 73 -10.80 -30.57 5.00
C VAL A 73 -9.68 -31.52 4.58
N PHE A 74 -9.92 -32.39 3.61
CA PHE A 74 -8.85 -33.24 3.13
C PHE A 74 -8.01 -32.54 2.07
N SER A 75 -8.61 -31.65 1.29
CA SER A 75 -7.82 -30.88 0.34
C SER A 75 -7.19 -29.64 0.95
N ALA A 76 -7.79 -29.08 2.00
CA ALA A 76 -7.14 -28.00 2.74
C ALA A 76 -5.88 -28.49 3.43
N HIS A 77 -5.82 -29.77 3.79
CA HIS A 77 -4.60 -30.32 4.35
C HIS A 77 -3.51 -30.45 3.30
N PHE A 78 -3.86 -30.72 2.04
CA PHE A 78 -2.86 -30.69 0.99
C PHE A 78 -2.38 -29.27 0.73
N GLY A 79 -3.27 -28.28 0.90
CA GLY A 79 -2.83 -26.90 0.82
C GLY A 79 -1.84 -26.52 1.91
N GLN A 80 -2.11 -26.94 3.15
CA GLN A 80 -1.17 -26.72 4.25
C GLN A 80 0.15 -27.46 4.00
N LEU A 81 0.09 -28.68 3.47
CA LEU A 81 1.32 -29.43 3.19
C LEU A 81 2.13 -28.79 2.08
N GLY A 82 1.47 -28.28 1.04
CA GLY A 82 2.19 -27.54 0.01
C GLY A 82 2.84 -26.29 0.54
N ILE A 83 2.19 -25.60 1.48
CA ILE A 83 2.78 -24.42 2.08
C ILE A 83 3.97 -24.79 2.96
N ILE A 84 3.91 -25.93 3.66
CA ILE A 84 5.03 -26.37 4.47
C ILE A 84 6.20 -26.81 3.58
N PHE A 85 5.91 -27.38 2.41
CA PHE A 85 7.00 -27.73 1.53
C PHE A 85 7.62 -26.52 0.85
N ILE A 86 6.81 -25.49 0.53
CA ILE A 86 7.36 -24.19 0.10
C ILE A 86 8.24 -23.61 1.19
N TRP A 87 7.81 -23.70 2.44
CA TRP A 87 8.55 -23.14 3.57
C TRP A 87 9.87 -23.87 3.80
N LEU A 88 9.83 -25.20 3.86
CA LEU A 88 11.05 -26.00 4.05
C LEU A 88 11.99 -25.83 2.88
N SER A 89 11.46 -25.83 1.67
CA SER A 89 12.29 -25.65 0.49
C SER A 89 12.92 -24.27 0.45
N GLY A 90 12.22 -23.27 0.98
CA GLY A 90 12.82 -21.96 1.09
C GLY A 90 13.90 -21.90 2.14
N MET A 91 13.74 -22.67 3.22
CA MET A 91 14.81 -22.67 4.22
C MET A 91 16.04 -23.38 3.71
N TYR A 92 15.85 -24.45 2.92
CA TYR A 92 16.99 -25.09 2.27
C TYR A 92 17.62 -24.18 1.21
N PHE A 93 16.81 -23.42 0.47
CA PHE A 93 17.36 -22.55 -0.55
C PHE A 93 18.12 -21.37 0.07
N HIS A 94 17.56 -20.76 1.11
CA HIS A 94 18.26 -19.70 1.82
C HIS A 94 19.47 -20.25 2.57
N GLY A 95 19.47 -21.53 2.93
CA GLY A 95 20.67 -22.13 3.46
C GLY A 95 21.71 -22.43 2.41
N ALA A 96 21.28 -22.61 1.16
CA ALA A 96 22.25 -22.83 0.08
C ALA A 96 22.84 -21.51 -0.39
N ARG A 97 22.00 -20.63 -0.91
CA ARG A 97 22.50 -19.46 -1.64
C ARG A 97 22.88 -18.29 -0.75
N PHE A 98 22.31 -18.16 0.44
CA PHE A 98 22.62 -17.02 1.29
C PHE A 98 22.97 -17.52 2.68
N SER A 99 24.20 -17.99 2.86
CA SER A 99 24.61 -18.54 4.15
C SER A 99 26.11 -18.59 4.26
N ASN A 100 26.56 -18.90 5.46
CA ASN A 100 27.96 -19.19 5.75
C ASN A 100 28.13 -20.65 6.16
N TYR A 101 27.21 -21.51 5.69
CA TYR A 101 27.19 -22.91 6.11
C TYR A 101 28.43 -23.66 5.65
N GLU A 102 28.94 -23.34 4.46
CA GLU A 102 30.22 -23.86 3.99
C GLU A 102 31.34 -23.44 4.94
N ALA A 103 31.33 -22.19 5.37
CA ALA A 103 32.31 -21.74 6.36
C ALA A 103 32.02 -22.33 7.72
N TRP A 104 30.75 -22.45 8.09
CA TRP A 104 30.35 -22.94 9.41
C TRP A 104 30.78 -24.38 9.64
N LEU A 105 30.82 -25.20 8.58
CA LEU A 105 31.26 -26.58 8.73
C LEU A 105 32.74 -26.72 9.07
N SER A 106 33.55 -25.74 8.72
CA SER A 106 34.97 -25.83 9.05
C SER A 106 35.27 -25.36 10.46
N ASP A 107 34.51 -24.40 10.98
CA ASP A 107 34.64 -23.94 12.37
C ASP A 107 33.26 -23.70 12.95
N PRO A 108 32.58 -24.76 13.42
CA PRO A 108 31.27 -24.56 14.04
C PRO A 108 31.34 -24.24 15.52
N THR A 109 32.30 -23.42 15.93
CA THR A 109 32.36 -22.88 17.29
C THR A 109 32.64 -21.40 17.32
N HIS A 110 33.19 -20.81 16.25
CA HIS A 110 33.50 -19.40 16.19
C HIS A 110 32.80 -18.69 15.06
N ILE A 111 32.01 -19.40 14.26
CA ILE A 111 31.27 -18.83 13.15
C ILE A 111 29.80 -18.93 13.48
N LYS A 112 29.11 -17.79 13.44
CA LYS A 112 27.70 -17.81 13.76
C LYS A 112 26.89 -18.30 12.56
N PRO A 113 25.92 -19.18 12.79
CA PRO A 113 25.00 -19.58 11.72
C PRO A 113 24.14 -18.41 11.25
N SER A 114 24.28 -18.08 9.97
CA SER A 114 23.49 -17.04 9.34
C SER A 114 22.90 -17.58 8.05
N ALA A 115 21.62 -17.30 7.83
CA ALA A 115 20.96 -17.74 6.61
C ALA A 115 20.00 -16.71 6.05
N GLN A 116 20.06 -15.46 6.50
CA GLN A 116 19.24 -14.39 5.95
C GLN A 116 20.10 -13.16 5.75
N VAL A 117 20.15 -12.66 4.52
CA VAL A 117 20.89 -11.47 4.15
C VAL A 117 19.91 -10.42 3.68
N VAL A 118 20.09 -9.18 4.10
CA VAL A 118 19.19 -8.12 3.70
C VAL A 118 19.83 -7.33 2.55
N TRP A 119 19.01 -6.56 1.88
CA TRP A 119 19.39 -5.68 0.78
C TRP A 119 19.78 -4.31 1.31
N PRO A 120 20.90 -3.75 0.87
CA PRO A 120 21.38 -2.47 1.43
C PRO A 120 20.67 -1.25 0.86
N ILE A 121 19.53 -0.89 1.44
CA ILE A 121 18.82 0.26 0.90
C ILE A 121 18.70 1.44 1.86
N VAL A 122 18.02 1.27 2.99
CA VAL A 122 17.67 2.41 3.82
C VAL A 122 18.52 2.43 5.08
N GLY A 123 19.71 1.86 4.99
CA GLY A 123 20.52 1.68 6.16
C GLY A 123 20.28 0.38 6.88
N GLN A 124 19.42 -0.49 6.35
CA GLN A 124 19.15 -1.76 7.01
C GLN A 124 20.27 -2.76 6.81
N GLU A 125 21.29 -2.44 6.01
CA GLU A 125 22.47 -3.29 5.85
C GLU A 125 23.34 -3.33 7.09
N ILE A 126 23.04 -2.54 8.13
CA ILE A 126 23.65 -2.73 9.43
C ILE A 126 23.21 -4.06 10.05
N LEU A 127 22.05 -4.60 9.62
CA LEU A 127 21.61 -5.89 10.11
C LEU A 127 22.45 -7.03 9.56
N ASN A 128 23.17 -6.82 8.47
CA ASN A 128 24.13 -7.79 7.96
C ASN A 128 25.37 -7.72 8.84
N GLY A 129 25.29 -8.35 9.99
CA GLY A 129 26.37 -8.27 10.94
C GLY A 129 27.49 -9.24 10.65
N ASP A 130 28.56 -9.12 11.42
CA ASP A 130 29.75 -9.92 11.21
C ASP A 130 29.58 -11.26 11.90
N VAL A 131 28.86 -12.16 11.22
CA VAL A 131 28.61 -13.50 11.76
C VAL A 131 29.79 -14.43 11.59
N GLY A 132 30.83 -14.02 10.88
CA GLY A 132 32.03 -14.81 10.75
C GLY A 132 32.06 -15.64 9.47
N GLY A 133 33.24 -16.18 9.19
CA GLY A 133 33.42 -16.96 7.98
C GLY A 133 33.48 -16.14 6.71
N GLY A 134 33.86 -14.88 6.80
CA GLY A 134 33.87 -14.00 5.64
C GLY A 134 32.49 -13.70 5.11
N PHE A 135 31.51 -13.52 5.99
CA PHE A 135 30.12 -13.47 5.59
C PHE A 135 29.39 -12.45 6.44
N GLN A 136 28.42 -11.77 5.83
CA GLN A 136 27.54 -10.85 6.55
C GLN A 136 26.09 -11.22 6.31
N GLY A 137 25.34 -11.33 7.40
CA GLY A 137 23.93 -11.66 7.32
C GLY A 137 23.34 -11.64 8.71
N ILE A 138 22.06 -12.00 8.78
CA ILE A 138 21.36 -12.10 10.06
C ILE A 138 21.66 -13.46 10.67
N GLN A 139 22.10 -13.47 11.93
CA GLN A 139 22.35 -14.72 12.62
C GLN A 139 21.04 -15.44 12.89
N ILE A 140 20.84 -16.58 12.24
CA ILE A 140 19.64 -17.35 12.44
C ILE A 140 19.71 -18.11 13.75
N THR A 141 18.55 -18.53 14.22
CA THR A 141 18.43 -19.24 15.49
C THR A 141 17.47 -20.42 15.39
N SER A 142 17.06 -20.78 14.18
CA SER A 142 16.13 -21.87 13.96
C SER A 142 16.80 -23.23 13.89
N GLY A 143 18.11 -23.29 13.96
CA GLY A 143 18.80 -24.56 14.09
C GLY A 143 18.94 -25.39 12.84
N PHE A 144 18.81 -24.79 11.67
CA PHE A 144 18.90 -25.57 10.44
C PHE A 144 20.32 -26.07 10.17
N PHE A 145 21.35 -25.32 10.57
CA PHE A 145 22.72 -25.75 10.26
C PHE A 145 23.08 -26.99 11.07
N GLN A 146 22.54 -27.13 12.28
CA GLN A 146 22.83 -28.30 13.08
C GLN A 146 22.08 -29.53 12.55
N LEU A 147 20.85 -29.34 12.05
CA LEU A 147 20.18 -30.37 11.26
C LEU A 147 21.01 -30.81 10.06
N TRP A 148 21.61 -29.86 9.37
CA TRP A 148 22.28 -30.20 8.12
C TRP A 148 23.62 -30.86 8.37
N ARG A 149 24.27 -30.54 9.49
CA ARG A 149 25.43 -31.31 9.88
C ARG A 149 25.02 -32.71 10.35
N ALA A 150 23.90 -32.82 11.06
CA ALA A 150 23.44 -34.13 11.51
C ALA A 150 22.92 -35.00 10.37
N SER A 151 22.61 -34.41 9.24
CA SER A 151 22.19 -35.17 8.08
C SER A 151 23.34 -35.51 7.16
N GLY A 152 24.47 -34.82 7.29
CA GLY A 152 25.63 -35.10 6.49
C GLY A 152 25.67 -34.36 5.17
N ILE A 153 25.24 -33.09 5.19
CA ILE A 153 25.04 -32.35 3.95
C ILE A 153 26.38 -32.00 3.31
N THR A 154 27.22 -31.23 4.01
CA THR A 154 28.59 -30.84 3.65
C THR A 154 28.75 -30.03 2.37
N SER A 155 27.67 -29.66 1.69
CA SER A 155 27.77 -28.85 0.49
C SER A 155 26.46 -28.12 0.25
N GLU A 156 26.55 -26.89 -0.25
CA GLU A 156 25.36 -26.14 -0.59
C GLU A 156 24.71 -26.63 -1.88
N LEU A 157 25.38 -27.51 -2.62
CA LEU A 157 24.75 -28.18 -3.75
C LEU A 157 23.65 -29.11 -3.30
N GLN A 158 23.89 -29.85 -2.20
CA GLN A 158 22.85 -30.73 -1.66
C GLN A 158 21.68 -29.95 -1.12
N LEU A 159 21.96 -28.77 -0.54
CA LEU A 159 20.88 -27.91 -0.07
C LEU A 159 20.07 -27.35 -1.22
N TYR A 160 20.75 -26.98 -2.31
CA TYR A 160 20.04 -26.46 -3.47
C TYR A 160 19.18 -27.54 -4.13
N THR A 161 19.68 -28.76 -4.17
CA THR A 161 18.90 -29.82 -4.82
C THR A 161 17.75 -30.30 -3.95
N THR A 162 17.90 -30.32 -2.63
CA THR A 162 16.72 -30.62 -1.83
C THR A 162 15.76 -29.44 -1.74
N ALA A 163 16.21 -28.21 -2.03
CA ALA A 163 15.27 -27.12 -2.21
C ALA A 163 14.46 -27.28 -3.49
N ILE A 164 15.11 -27.73 -4.56
CA ILE A 164 14.37 -27.99 -5.80
C ILE A 164 13.41 -29.17 -5.60
N GLY A 165 13.83 -30.18 -4.84
CA GLY A 165 12.94 -31.26 -4.49
C GLY A 165 11.77 -30.83 -3.62
N GLY A 166 11.99 -29.82 -2.77
CA GLY A 166 10.90 -29.29 -1.98
C GLY A 166 9.90 -28.50 -2.81
N LEU A 167 10.38 -27.75 -3.80
CA LEU A 167 9.45 -27.11 -4.75
C LEU A 167 8.66 -28.15 -5.55
N VAL A 168 9.31 -29.22 -5.99
CA VAL A 168 8.61 -30.29 -6.71
C VAL A 168 7.56 -30.94 -5.81
N MET A 169 7.90 -31.16 -4.54
CA MET A 169 6.96 -31.80 -3.64
C MET A 169 5.84 -30.87 -3.22
N ALA A 170 6.10 -29.55 -3.19
CA ALA A 170 5.03 -28.59 -2.96
C ALA A 170 4.06 -28.54 -4.13
N ALA A 171 4.58 -28.61 -5.35
CA ALA A 171 3.71 -28.72 -6.52
C ALA A 171 2.93 -30.02 -6.52
N ALA A 172 3.53 -31.11 -6.02
CA ALA A 172 2.83 -32.37 -5.87
C ALA A 172 1.68 -32.26 -4.87
N MET A 173 1.90 -31.53 -3.78
CA MET A 173 0.85 -31.37 -2.77
C MET A 173 -0.29 -30.48 -3.27
N PHE A 174 0.04 -29.40 -3.97
CA PHE A 174 -0.99 -28.54 -4.55
C PHE A 174 -1.79 -29.26 -5.62
N PHE A 175 -1.11 -30.01 -6.50
CA PHE A 175 -1.80 -30.86 -7.46
C PHE A 175 -2.65 -31.92 -6.79
N ALA A 176 -2.19 -32.44 -5.64
CA ALA A 176 -2.94 -33.48 -4.95
C ALA A 176 -4.22 -32.95 -4.36
N GLY A 177 -4.18 -31.75 -3.78
CA GLY A 177 -5.40 -31.16 -3.28
C GLY A 177 -6.37 -30.79 -4.39
N TRP A 178 -5.84 -30.26 -5.50
CA TRP A 178 -6.67 -30.03 -6.67
C TRP A 178 -7.31 -31.30 -7.19
N PHE A 179 -6.54 -32.40 -7.20
CA PHE A 179 -7.05 -33.66 -7.71
C PHE A 179 -8.10 -34.24 -6.79
N HIS A 180 -7.79 -34.35 -5.50
CA HIS A 180 -8.71 -34.95 -4.55
C HIS A 180 -9.83 -34.01 -4.10
N TYR A 181 -9.93 -32.79 -4.64
CA TYR A 181 -11.17 -32.05 -4.49
C TYR A 181 -11.94 -31.90 -5.79
N HIS A 182 -11.27 -31.57 -6.89
CA HIS A 182 -11.94 -31.23 -8.13
C HIS A 182 -12.10 -32.40 -9.07
N LYS A 183 -11.11 -33.29 -9.17
CA LYS A 183 -11.16 -34.35 -10.17
C LYS A 183 -11.65 -35.69 -9.64
N ALA A 184 -11.06 -36.18 -8.56
CA ALA A 184 -11.48 -37.49 -8.04
C ALA A 184 -11.46 -37.40 -6.52
N ALA A 185 -12.60 -37.03 -5.95
CA ALA A 185 -12.68 -36.70 -4.54
C ALA A 185 -13.27 -37.86 -3.75
N PRO A 186 -12.69 -38.21 -2.60
CA PRO A 186 -13.13 -39.43 -1.91
C PRO A 186 -14.50 -39.31 -1.28
N LYS A 187 -15.18 -40.44 -1.19
CA LYS A 187 -16.52 -40.44 -0.63
C LYS A 187 -16.44 -40.47 0.90
N LEU A 188 -17.60 -40.38 1.55
CA LEU A 188 -17.63 -40.25 3.01
C LEU A 188 -17.15 -41.51 3.70
N GLU A 189 -17.58 -42.67 3.25
CA GLU A 189 -17.19 -43.91 3.90
C GLU A 189 -15.76 -44.33 3.59
N TRP A 190 -15.06 -43.59 2.73
CA TRP A 190 -13.61 -43.70 2.65
C TRP A 190 -12.95 -43.14 3.90
N PHE A 191 -13.42 -41.96 4.33
CA PHE A 191 -12.83 -41.30 5.50
C PHE A 191 -13.15 -42.04 6.79
N GLN A 192 -14.27 -42.74 6.83
CA GLN A 192 -14.72 -43.41 8.04
C GLN A 192 -14.04 -44.76 8.26
N ASN A 193 -13.04 -45.10 7.46
CA ASN A 193 -12.21 -46.27 7.70
C ASN A 193 -11.01 -45.85 8.55
N VAL A 194 -11.29 -45.63 9.84
CA VAL A 194 -10.25 -45.15 10.75
C VAL A 194 -9.28 -46.26 11.12
N GLU A 195 -9.69 -47.53 11.04
CA GLU A 195 -8.77 -48.62 11.29
C GLU A 195 -7.69 -48.69 10.24
N SER A 196 -8.07 -48.52 8.98
CA SER A 196 -7.09 -48.51 7.89
C SER A 196 -6.21 -47.28 7.95
N MET A 197 -6.76 -46.14 8.37
CA MET A 197 -5.98 -44.92 8.50
C MET A 197 -4.94 -45.06 9.61
N LEU A 198 -5.32 -45.71 10.72
CA LEU A 198 -4.36 -45.91 11.80
C LEU A 198 -3.33 -46.97 11.45
N ASN A 199 -3.72 -48.04 10.76
CA ASN A 199 -2.74 -49.04 10.34
C ASN A 199 -1.74 -48.45 9.35
N HIS A 200 -2.20 -47.64 8.42
CA HIS A 200 -1.30 -47.03 7.46
C HIS A 200 -0.48 -45.90 8.06
N HIS A 201 -1.00 -45.18 9.05
CA HIS A 201 -0.22 -44.08 9.60
C HIS A 201 0.76 -44.56 10.67
N LEU A 202 0.40 -45.54 11.48
CA LEU A 202 1.38 -46.14 12.38
C LEU A 202 2.40 -46.95 11.59
N GLY A 203 1.96 -47.65 10.55
CA GLY A 203 2.88 -48.46 9.78
C GLY A 203 3.67 -47.68 8.76
N GLY A 204 3.00 -46.95 7.89
CA GLY A 204 3.66 -46.31 6.78
C GLY A 204 4.24 -44.96 7.07
N LEU A 205 3.49 -44.09 7.76
CA LEU A 205 4.01 -42.78 8.07
C LEU A 205 5.07 -42.86 9.16
N LEU A 206 4.67 -43.33 10.34
CA LEU A 206 5.57 -43.33 11.48
C LEU A 206 6.59 -44.45 11.39
N GLY A 207 6.15 -45.66 11.03
CA GLY A 207 7.05 -46.80 11.05
C GLY A 207 8.03 -46.83 9.89
N LEU A 208 7.51 -46.76 8.66
CA LEU A 208 8.40 -46.76 7.50
C LEU A 208 9.17 -45.47 7.37
N GLY A 209 8.66 -44.36 7.91
CA GLY A 209 9.39 -43.11 7.86
C GLY A 209 10.61 -43.13 8.75
N SER A 210 10.47 -43.69 9.95
CA SER A 210 11.63 -43.84 10.81
C SER A 210 12.53 -44.97 10.38
N LEU A 211 12.01 -45.97 9.65
CA LEU A 211 12.89 -46.96 9.03
C LEU A 211 13.72 -46.34 7.92
N ALA A 212 13.11 -45.45 7.15
CA ALA A 212 13.84 -44.76 6.09
C ALA A 212 14.84 -43.77 6.67
N TRP A 213 14.49 -43.11 7.76
CA TRP A 213 15.47 -42.22 8.39
C TRP A 213 16.55 -43.02 9.10
N ALA A 214 16.22 -44.24 9.54
CA ALA A 214 17.25 -45.14 10.02
C ALA A 214 18.20 -45.52 8.89
N GLY A 215 17.67 -45.72 7.69
CA GLY A 215 18.53 -46.02 6.56
C GLY A 215 19.45 -44.87 6.20
N HIS A 216 18.92 -43.65 6.22
CA HIS A 216 19.76 -42.48 5.96
C HIS A 216 20.78 -42.28 7.08
N GLN A 217 20.42 -42.60 8.32
CA GLN A 217 21.38 -42.42 9.39
C GLN A 217 22.48 -43.49 9.38
N ILE A 218 22.14 -44.73 9.03
CA ILE A 218 23.16 -45.77 8.94
C ILE A 218 24.09 -45.49 7.78
N HIS A 219 23.53 -45.16 6.62
CA HIS A 219 24.34 -45.16 5.42
C HIS A 219 24.95 -43.82 5.09
N VAL A 220 24.34 -42.71 5.49
CA VAL A 220 24.81 -41.38 5.14
C VAL A 220 25.38 -40.63 6.35
N SER A 221 24.58 -40.46 7.39
CA SER A 221 24.95 -39.46 8.39
C SER A 221 25.94 -39.98 9.42
N LEU A 222 25.89 -41.27 9.77
CA LEU A 222 26.93 -41.84 10.62
C LEU A 222 28.34 -41.78 10.03
N PRO A 223 28.61 -42.20 8.77
CA PRO A 223 29.99 -42.06 8.28
C PRO A 223 30.45 -40.62 8.07
N VAL A 224 29.56 -39.74 7.60
CA VAL A 224 29.94 -38.35 7.36
C VAL A 224 30.21 -37.63 8.67
N ASN A 225 29.36 -37.83 9.67
CA ASN A 225 29.63 -37.19 10.95
C ASN A 225 30.75 -37.86 11.71
N LYS A 226 31.05 -39.13 11.46
CA LYS A 226 32.24 -39.72 12.08
C LYS A 226 33.51 -39.13 11.48
N LEU A 227 33.52 -38.90 10.17
CA LEU A 227 34.67 -38.25 9.55
C LEU A 227 34.77 -36.78 9.94
N LEU A 228 33.64 -36.13 10.22
CA LEU A 228 33.70 -34.77 10.74
C LEU A 228 34.24 -34.72 12.16
N ASP A 229 33.82 -35.65 13.01
CA ASP A 229 34.26 -35.65 14.41
C ASP A 229 35.70 -36.08 14.55
N ALA A 230 36.19 -36.95 13.65
CA ALA A 230 37.62 -37.26 13.65
C ALA A 230 38.45 -36.08 13.18
N GLY A 231 37.87 -35.22 12.34
CA GLY A 231 38.49 -34.01 11.85
C GLY A 231 38.99 -34.22 10.44
N VAL A 232 38.14 -33.88 9.48
CA VAL A 232 38.39 -34.01 8.04
C VAL A 232 37.69 -32.83 7.39
N ASP A 233 38.33 -32.21 6.41
CA ASP A 233 37.68 -31.14 5.66
C ASP A 233 36.47 -31.69 4.92
N PRO A 234 35.37 -30.92 4.85
CA PRO A 234 34.14 -31.44 4.22
C PRO A 234 34.27 -31.72 2.73
N LYS A 235 35.20 -31.08 2.04
CA LYS A 235 35.46 -31.45 0.65
C LYS A 235 36.40 -32.63 0.52
N GLU A 236 36.96 -33.10 1.64
CA GLU A 236 37.77 -34.31 1.65
C GLU A 236 36.95 -35.55 2.00
N ILE A 237 35.79 -35.37 2.63
CA ILE A 237 34.90 -36.48 3.00
C ILE A 237 34.35 -37.11 1.73
N PRO A 238 34.27 -38.45 1.65
CA PRO A 238 33.57 -39.09 0.54
C PRO A 238 32.10 -38.69 0.50
N LEU A 239 31.60 -38.54 -0.72
CA LEU A 239 30.19 -38.27 -0.92
C LEU A 239 29.36 -39.48 -0.51
N PRO A 240 28.12 -39.29 -0.06
CA PRO A 240 27.36 -40.42 0.50
C PRO A 240 26.94 -41.46 -0.51
N HIS A 241 26.93 -41.13 -1.79
CA HIS A 241 26.74 -42.17 -2.79
C HIS A 241 27.97 -43.04 -2.96
N ASP A 242 29.15 -42.47 -2.69
CA ASP A 242 30.36 -43.27 -2.57
C ASP A 242 30.42 -44.00 -1.24
N LEU A 243 29.51 -43.74 -0.32
CA LEU A 243 29.35 -44.51 0.89
C LEU A 243 28.32 -45.62 0.73
N LEU A 244 27.35 -45.44 -0.17
CA LEU A 244 26.45 -46.54 -0.50
C LEU A 244 27.16 -47.61 -1.33
N LEU A 245 27.86 -47.18 -2.39
CA LEU A 245 28.40 -48.12 -3.35
C LEU A 245 29.62 -48.85 -2.81
N ASN A 246 30.49 -48.15 -2.09
CA ASN A 246 31.71 -48.74 -1.57
C ASN A 246 31.47 -49.26 -0.16
N ARG A 247 31.37 -50.59 -0.03
CA ARG A 247 31.31 -51.19 1.29
C ARG A 247 32.65 -51.14 2.00
N ALA A 248 33.75 -50.95 1.25
CA ALA A 248 35.07 -50.89 1.85
C ALA A 248 35.27 -49.64 2.71
N ILE A 249 34.70 -48.51 2.29
CA ILE A 249 34.82 -47.29 3.09
C ILE A 249 34.00 -47.42 4.38
N MET A 250 32.81 -47.99 4.28
CA MET A 250 31.97 -48.20 5.45
C MET A 250 32.60 -49.22 6.40
N ALA A 251 33.30 -50.22 5.86
CA ALA A 251 34.03 -51.15 6.71
C ALA A 251 35.29 -50.53 7.31
N ASP A 252 35.86 -49.52 6.66
CA ASP A 252 36.93 -48.77 7.30
C ASP A 252 36.39 -47.95 8.46
N LEU A 253 35.20 -47.37 8.28
CA LEU A 253 34.61 -46.54 9.34
C LEU A 253 33.96 -47.38 10.43
N TYR A 254 33.17 -48.37 10.05
CA TYR A 254 32.53 -49.28 11.00
C TYR A 254 32.83 -50.71 10.56
N PRO A 255 33.68 -51.43 11.28
CA PRO A 255 34.22 -52.69 10.73
C PRO A 255 33.26 -53.88 10.71
N SER A 256 31.98 -53.64 10.97
CA SER A 256 30.97 -54.68 10.84
C SER A 256 30.13 -54.55 9.58
N PHE A 257 30.37 -53.52 8.77
CA PHE A 257 29.82 -53.49 7.42
C PHE A 257 30.46 -54.53 6.51
N ALA A 258 31.64 -55.05 6.88
CA ALA A 258 32.26 -56.11 6.13
C ALA A 258 31.47 -57.41 6.20
N LYS A 259 30.67 -57.59 7.24
CA LYS A 259 29.83 -58.77 7.37
C LYS A 259 28.49 -58.62 6.67
N GLY A 260 28.22 -57.45 6.08
CA GLY A 260 27.02 -57.26 5.28
C GLY A 260 25.75 -57.29 6.12
N ILE A 261 24.65 -57.66 5.47
CA ILE A 261 23.37 -57.79 6.13
C ILE A 261 23.15 -59.22 6.58
N ALA A 262 24.21 -60.01 6.60
CA ALA A 262 24.20 -61.35 7.17
C ALA A 262 23.97 -61.39 8.70
N PRO A 263 24.53 -60.50 9.55
CA PRO A 263 24.14 -60.56 10.96
C PRO A 263 22.70 -60.18 11.22
N PHE A 264 22.05 -59.44 10.33
CA PHE A 264 20.65 -59.11 10.51
C PHE A 264 19.75 -60.32 10.31
N PHE A 265 20.06 -61.17 9.34
CA PHE A 265 19.21 -62.31 9.05
C PHE A 265 19.67 -63.58 9.74
N THR A 266 20.86 -63.61 10.33
CA THR A 266 21.25 -64.68 11.22
C THR A 266 21.01 -64.34 12.68
N LEU A 267 20.42 -63.16 12.94
CA LEU A 267 20.10 -62.64 14.27
C LEU A 267 21.35 -62.50 15.16
N ASN A 268 22.50 -62.24 14.53
CA ASN A 268 23.71 -61.90 15.27
C ASN A 268 23.85 -60.39 15.37
N TRP A 269 22.83 -59.77 15.97
CA TRP A 269 22.72 -58.32 15.93
C TRP A 269 23.73 -57.63 16.82
N SER A 270 24.31 -58.35 17.78
CA SER A 270 25.35 -57.77 18.64
C SER A 270 26.59 -57.38 17.84
N GLU A 271 26.82 -58.03 16.70
CA GLU A 271 27.90 -57.64 15.82
C GLU A 271 27.65 -56.29 15.18
N TYR A 272 26.40 -55.82 15.13
CA TYR A 272 26.08 -54.46 14.72
C TYR A 272 26.29 -53.43 15.81
N SER A 273 26.95 -53.78 16.91
CA SER A 273 27.15 -52.82 17.98
C SER A 273 28.23 -51.78 17.68
N ASP A 274 28.85 -51.82 16.49
CA ASP A 274 29.76 -50.77 16.09
C ASP A 274 29.03 -49.49 15.74
N PHE A 275 27.81 -49.60 15.23
CA PHE A 275 27.11 -48.43 14.71
C PHE A 275 25.64 -48.36 15.12
N LEU A 276 25.12 -49.34 15.84
CA LEU A 276 23.88 -49.21 16.62
C LEU A 276 24.26 -49.39 18.07
N THR A 277 24.33 -48.29 18.82
CA THR A 277 24.80 -48.34 20.19
C THR A 277 23.66 -48.00 21.14
N PHE A 278 23.98 -48.10 22.44
CA PHE A 278 23.16 -47.59 23.53
C PHE A 278 24.07 -46.83 24.49
N LYS A 279 24.83 -45.89 23.95
CA LYS A 279 25.80 -45.14 24.74
C LYS A 279 25.11 -44.24 25.77
N GLY A 280 24.26 -43.33 25.30
CA GLY A 280 23.68 -42.33 26.16
C GLY A 280 24.65 -41.20 26.44
N GLY A 281 24.13 -40.13 27.03
CA GLY A 281 24.95 -38.97 27.28
C GLY A 281 25.17 -38.17 26.01
N LEU A 282 26.31 -37.52 25.93
CA LEU A 282 26.64 -36.68 24.79
C LEU A 282 27.96 -37.10 24.16
N ASN A 283 28.06 -36.85 22.87
CA ASN A 283 29.32 -36.92 22.17
C ASN A 283 30.21 -35.80 22.68
N PRO A 284 31.35 -36.09 23.32
CA PRO A 284 32.19 -35.02 23.87
C PRO A 284 32.92 -34.23 22.80
N VAL A 285 33.00 -34.75 21.58
CA VAL A 285 33.60 -34.01 20.48
C VAL A 285 32.71 -32.83 20.10
N THR A 286 31.40 -33.04 20.12
CA THR A 286 30.48 -32.09 19.51
C THR A 286 29.31 -31.67 20.39
N GLY A 287 29.08 -32.30 21.53
CA GLY A 287 28.04 -31.87 22.44
C GLY A 287 26.64 -32.33 22.10
N GLY A 288 26.47 -33.07 21.00
CA GLY A 288 25.18 -33.60 20.64
C GLY A 288 25.03 -35.06 21.06
N LEU A 289 23.88 -35.63 20.72
CA LEU A 289 23.69 -37.06 20.93
C LEU A 289 24.55 -37.85 19.96
N TRP A 290 24.93 -39.05 20.38
CA TRP A 290 25.63 -39.97 19.49
C TRP A 290 24.69 -40.40 18.38
N LEU A 291 25.15 -40.27 17.13
CA LEU A 291 24.28 -40.63 16.02
C LEU A 291 24.12 -42.13 15.85
N SER A 292 25.02 -42.93 16.41
CA SER A 292 24.79 -44.37 16.44
C SER A 292 23.64 -44.69 17.40
N ASP A 293 23.54 -43.90 18.46
CA ASP A 293 22.46 -44.06 19.43
C ASP A 293 21.13 -43.64 18.83
N THR A 294 21.10 -42.53 18.08
CA THR A 294 19.89 -42.12 17.38
C THR A 294 19.55 -43.06 16.24
N ALA A 295 20.56 -43.70 15.66
CA ALA A 295 20.33 -44.69 14.61
C ALA A 295 19.60 -45.91 15.16
N HIS A 296 20.11 -46.48 16.26
CA HIS A 296 19.43 -47.58 16.92
C HIS A 296 18.07 -47.16 17.47
N HIS A 297 17.94 -45.87 17.83
CA HIS A 297 16.67 -45.31 18.25
C HIS A 297 15.63 -45.40 17.14
N HIS A 298 15.94 -44.88 15.96
CA HIS A 298 14.97 -44.90 14.89
C HIS A 298 14.74 -46.30 14.35
N VAL A 299 15.73 -47.20 14.47
CA VAL A 299 15.51 -48.60 14.12
C VAL A 299 14.48 -49.24 15.05
N ALA A 300 14.62 -49.02 16.36
CA ALA A 300 13.68 -49.60 17.31
C ALA A 300 12.31 -48.96 17.22
N ILE A 301 12.26 -47.66 17.00
CA ILE A 301 11.01 -46.95 16.76
C ILE A 301 10.32 -47.47 15.51
N ALA A 302 11.10 -47.79 14.47
CA ALA A 302 10.55 -48.31 13.24
C ALA A 302 9.93 -49.68 13.43
N VAL A 303 10.64 -50.56 14.14
CA VAL A 303 10.11 -51.89 14.42
C VAL A 303 8.86 -51.80 15.29
N LEU A 304 8.88 -50.90 16.28
CA LEU A 304 7.74 -50.73 17.18
C LEU A 304 6.50 -50.22 16.44
N PHE A 305 6.64 -49.22 15.59
CA PHE A 305 5.47 -48.71 14.90
C PHE A 305 5.03 -49.60 13.75
N LEU A 306 5.93 -50.37 13.15
CA LEU A 306 5.48 -51.36 12.17
C LEU A 306 4.76 -52.52 12.84
N VAL A 307 5.12 -52.85 14.08
CA VAL A 307 4.30 -53.79 14.84
C VAL A 307 2.95 -53.16 15.19
N ALA A 308 2.95 -51.89 15.60
CA ALA A 308 1.73 -51.22 16.02
C ALA A 308 0.76 -50.98 14.88
N GLY A 309 1.26 -50.82 13.67
CA GLY A 309 0.40 -50.63 12.51
C GLY A 309 -0.19 -51.88 11.92
N HIS A 310 0.01 -53.04 12.56
CA HIS A 310 -0.70 -54.27 12.21
C HIS A 310 -1.66 -54.67 13.31
N MET A 311 -2.32 -53.68 13.91
CA MET A 311 -3.22 -53.90 15.02
C MET A 311 -4.68 -53.96 14.61
N TYR A 312 -5.12 -53.09 13.72
CA TYR A 312 -6.54 -52.88 13.51
C TYR A 312 -7.05 -53.64 12.30
N ARG A 313 -8.29 -54.13 12.43
CA ARG A 313 -8.90 -54.97 11.39
C ARG A 313 -9.40 -54.13 10.23
N THR A 314 -8.96 -54.47 9.02
CA THR A 314 -9.42 -53.75 7.83
C THR A 314 -10.22 -54.63 6.87
N ASN A 315 -9.60 -55.66 6.30
CA ASN A 315 -10.26 -56.47 5.27
C ASN A 315 -10.12 -57.96 5.49
N TRP A 316 -9.28 -58.39 6.41
CA TRP A 316 -9.16 -59.77 6.78
C TRP A 316 -9.55 -59.87 8.24
N GLY A 317 -9.91 -61.07 8.68
CA GLY A 317 -10.52 -61.22 9.99
C GLY A 317 -9.60 -60.93 11.15
N ILE A 318 -8.29 -60.93 10.92
CA ILE A 318 -7.34 -60.59 11.97
C ILE A 318 -7.42 -59.10 12.27
N GLY A 319 -7.07 -58.75 13.48
CA GLY A 319 -7.04 -57.36 13.90
C GLY A 319 -8.14 -57.02 14.87
N HIS A 320 -8.00 -55.85 15.48
CA HIS A 320 -9.01 -55.29 16.37
C HIS A 320 -9.91 -54.34 15.61
N SER A 321 -11.12 -54.16 16.13
CA SER A 321 -12.01 -53.11 15.67
C SER A 321 -12.29 -52.21 16.86
N MET A 322 -12.18 -50.90 16.64
CA MET A 322 -12.13 -49.96 17.75
C MET A 322 -13.47 -49.79 18.44
N LYS A 323 -14.56 -50.04 17.72
CA LYS A 323 -15.88 -50.02 18.35
C LYS A 323 -16.02 -51.15 19.37
N GLU A 324 -15.48 -52.32 19.05
CA GLU A 324 -15.47 -53.42 20.01
C GLU A 324 -14.46 -53.23 21.12
N ILE A 325 -13.42 -52.43 20.91
CA ILE A 325 -12.51 -52.09 22.00
C ILE A 325 -13.20 -51.15 22.97
N LEU A 326 -13.88 -50.13 22.44
CA LEU A 326 -14.50 -49.12 23.28
C LEU A 326 -15.70 -49.69 24.03
N GLU A 327 -16.56 -50.44 23.34
CA GLU A 327 -17.77 -50.94 23.98
C GLU A 327 -17.50 -52.05 24.97
N ALA A 328 -16.30 -52.60 25.03
CA ALA A 328 -15.96 -53.59 26.04
C ALA A 328 -15.45 -52.97 27.33
N HIS A 329 -14.74 -51.85 27.25
CA HIS A 329 -14.16 -51.22 28.43
C HIS A 329 -15.25 -50.41 29.12
N ARG A 330 -15.99 -51.07 30.00
CA ARG A 330 -17.01 -50.40 30.80
C ARG A 330 -17.07 -51.06 32.17
N GLY A 331 -17.25 -50.24 33.20
CA GLY A 331 -17.25 -50.74 34.56
C GLY A 331 -18.43 -50.25 35.36
N PRO A 332 -18.41 -50.50 36.66
CA PRO A 332 -19.59 -50.20 37.49
C PRO A 332 -19.75 -48.72 37.81
N PHE A 333 -18.65 -47.97 37.83
CA PHE A 333 -18.71 -46.57 38.22
C PHE A 333 -19.19 -45.67 37.09
N THR A 334 -18.94 -46.05 35.85
CA THR A 334 -19.03 -45.12 34.73
C THR A 334 -20.21 -45.40 33.81
N GLY A 335 -21.20 -46.16 34.27
CA GLY A 335 -22.41 -46.32 33.49
C GLY A 335 -22.17 -47.21 32.29
N GLU A 336 -22.54 -46.69 31.12
CA GLU A 336 -22.40 -47.45 29.89
C GLU A 336 -20.98 -47.41 29.34
N GLY A 337 -20.07 -46.66 29.93
CA GLY A 337 -18.69 -46.70 29.51
C GLY A 337 -18.48 -45.98 28.19
N HIS A 338 -17.55 -46.51 27.39
CA HIS A 338 -17.10 -45.86 26.16
C HIS A 338 -18.03 -46.08 24.97
N VAL A 339 -19.28 -46.48 25.21
CA VAL A 339 -20.27 -46.69 24.14
C VAL A 339 -20.67 -45.36 23.55
N GLY A 340 -20.58 -45.25 22.23
CA GLY A 340 -20.95 -44.05 21.52
C GLY A 340 -19.78 -43.16 21.15
N LEU A 341 -18.60 -43.45 21.68
CA LEU A 341 -17.45 -42.60 21.39
C LEU A 341 -16.87 -42.90 20.02
N TYR A 342 -17.09 -44.10 19.51
CA TYR A 342 -16.66 -44.41 18.14
C TYR A 342 -17.50 -43.65 17.13
N GLU A 343 -18.80 -43.52 17.40
CA GLU A 343 -19.68 -42.87 16.44
C GLU A 343 -19.58 -41.36 16.46
N ILE A 344 -19.01 -40.78 17.51
CA ILE A 344 -18.78 -39.34 17.53
C ILE A 344 -17.35 -38.99 17.14
N LEU A 345 -16.43 -39.94 17.16
CA LEU A 345 -15.09 -39.73 16.63
C LEU A 345 -14.98 -40.23 15.20
N THR A 346 -16.10 -40.57 14.58
CA THR A 346 -16.15 -40.91 13.17
C THR A 346 -17.11 -40.00 12.41
N THR A 347 -18.01 -39.31 13.10
CA THR A 347 -18.95 -38.39 12.47
C THR A 347 -18.75 -36.94 12.89
N SER A 348 -17.60 -36.60 13.45
CA SER A 348 -17.33 -35.23 13.88
C SER A 348 -15.86 -34.94 13.74
N TRP A 349 -15.53 -33.95 12.92
CA TRP A 349 -14.14 -33.54 12.73
C TRP A 349 -13.62 -32.70 13.88
N HIS A 350 -14.50 -31.94 14.54
CA HIS A 350 -14.08 -31.11 15.67
C HIS A 350 -13.71 -31.96 16.87
N ALA A 351 -14.41 -33.08 17.06
CA ALA A 351 -14.08 -34.01 18.14
C ALA A 351 -12.74 -34.66 17.92
N GLN A 352 -12.37 -34.90 16.65
CA GLN A 352 -11.02 -35.35 16.35
C GLN A 352 -9.99 -34.26 16.57
N LEU A 353 -10.30 -33.03 16.14
CA LEU A 353 -9.32 -31.95 16.20
C LEU A 353 -9.04 -31.53 17.63
N ALA A 354 -10.01 -31.71 18.53
CA ALA A 354 -9.78 -31.50 19.96
C ALA A 354 -8.70 -32.43 20.49
N ILE A 355 -8.86 -33.73 20.27
CA ILE A 355 -7.90 -34.72 20.78
C ILE A 355 -6.55 -34.55 20.11
N ASN A 356 -6.56 -34.27 18.81
CA ASN A 356 -5.30 -34.20 18.07
C ASN A 356 -4.51 -32.95 18.43
N LEU A 357 -5.19 -31.80 18.56
CA LEU A 357 -4.51 -30.60 19.01
C LEU A 357 -4.02 -30.70 20.45
N ALA A 358 -4.77 -31.42 21.31
CA ALA A 358 -4.32 -31.63 22.69
C ALA A 358 -3.03 -32.43 22.73
N LEU A 359 -3.01 -33.57 22.06
CA LEU A 359 -1.86 -34.44 22.18
C LEU A 359 -0.69 -33.94 21.34
N PHE A 360 -0.98 -33.19 20.28
CA PHE A 360 0.06 -32.62 19.44
C PHE A 360 0.69 -31.39 20.08
N GLY A 361 -0.08 -30.62 20.83
CA GLY A 361 0.49 -29.54 21.59
C GLY A 361 1.20 -30.03 22.84
N SER A 362 0.79 -31.17 23.36
CA SER A 362 1.61 -31.77 24.39
C SER A 362 2.91 -32.32 23.82
N LEU A 363 2.87 -32.85 22.59
CA LEU A 363 4.09 -33.28 21.91
C LEU A 363 5.08 -32.15 21.72
N SER A 364 4.59 -30.94 21.42
CA SER A 364 5.51 -29.83 21.19
C SER A 364 6.26 -29.47 22.47
N ILE A 365 5.58 -29.53 23.61
CA ILE A 365 6.21 -29.20 24.88
C ILE A 365 7.15 -30.31 25.32
N ILE A 366 6.79 -31.57 25.04
CA ILE A 366 7.68 -32.68 25.36
C ILE A 366 8.92 -32.65 24.47
N VAL A 367 8.76 -32.23 23.21
CA VAL A 367 9.89 -31.95 22.32
C VAL A 367 10.78 -30.85 22.89
N ALA A 368 10.16 -29.78 23.40
CA ALA A 368 10.93 -28.65 23.91
C ALA A 368 11.73 -29.01 25.14
N HIS A 369 11.15 -29.81 26.05
CA HIS A 369 11.91 -30.29 27.20
C HIS A 369 12.86 -31.42 26.89
N HIS A 370 12.66 -32.16 25.81
CA HIS A 370 13.56 -33.25 25.49
C HIS A 370 14.67 -32.84 24.53
N MET A 371 14.63 -31.63 24.00
CA MET A 371 15.72 -31.18 23.15
C MET A 371 16.68 -30.23 23.81
N TYR A 372 16.43 -29.80 25.05
CA TYR A 372 17.52 -29.10 25.72
C TYR A 372 18.39 -30.07 26.49
N ALA A 373 17.77 -31.07 27.11
CA ALA A 373 18.48 -31.92 28.04
C ALA A 373 19.24 -33.00 27.31
N MET A 374 18.68 -33.47 26.20
CA MET A 374 19.31 -34.43 25.31
C MET A 374 19.44 -33.73 23.96
N PRO A 375 20.45 -32.88 23.79
CA PRO A 375 20.58 -32.14 22.53
C PRO A 375 20.92 -33.05 21.38
N PRO A 376 20.02 -33.17 20.40
CA PRO A 376 20.16 -34.22 19.40
C PRO A 376 21.01 -33.85 18.20
N TYR A 377 21.58 -32.65 18.16
CA TYR A 377 22.29 -32.24 16.98
C TYR A 377 23.72 -31.85 17.32
N PRO A 378 24.66 -32.05 16.41
CA PRO A 378 26.04 -31.61 16.64
C PRO A 378 26.13 -30.10 16.66
N TYR A 379 26.85 -29.59 17.67
CA TYR A 379 27.08 -28.16 17.91
C TYR A 379 25.78 -27.39 18.09
N LEU A 380 24.79 -28.05 18.70
CA LEU A 380 23.51 -27.45 19.02
C LEU A 380 23.49 -26.87 20.42
N ALA A 381 24.07 -27.59 21.37
CA ALA A 381 23.94 -27.23 22.78
C ALA A 381 24.77 -26.01 23.13
N THR A 382 25.93 -25.84 22.50
CA THR A 382 26.74 -24.66 22.76
C THR A 382 26.28 -23.45 21.96
N ASP A 383 25.45 -23.64 20.95
CA ASP A 383 24.74 -22.53 20.32
C ASP A 383 23.56 -22.24 21.22
N TYR A 384 23.76 -21.33 22.17
CA TYR A 384 22.78 -21.08 23.22
C TYR A 384 21.55 -20.40 22.67
N GLY A 385 21.72 -19.58 21.62
CA GLY A 385 20.60 -18.90 21.02
C GLY A 385 19.63 -19.85 20.35
N THR A 386 20.16 -20.88 19.69
CA THR A 386 19.31 -21.88 19.07
C THR A 386 18.55 -22.68 20.12
N GLN A 387 19.22 -23.04 21.21
CA GLN A 387 18.58 -23.77 22.32
C GLN A 387 17.42 -22.97 22.91
N LEU A 388 17.65 -21.70 23.20
CA LEU A 388 16.63 -20.85 23.80
C LEU A 388 15.46 -20.65 22.86
N SER A 389 15.74 -20.37 21.58
CA SER A 389 14.66 -20.12 20.64
C SER A 389 13.88 -21.38 20.31
N LEU A 390 14.53 -22.55 20.30
CA LEU A 390 13.80 -23.79 20.02
C LEU A 390 12.90 -24.18 21.17
N PHE A 391 13.40 -24.07 22.42
CA PHE A 391 12.53 -24.33 23.58
C PHE A 391 11.34 -23.39 23.58
N THR A 392 11.60 -22.10 23.35
CA THR A 392 10.54 -21.11 23.44
C THR A 392 9.51 -21.30 22.33
N HIS A 393 9.99 -21.52 21.10
CA HIS A 393 9.12 -21.75 19.96
C HIS A 393 8.22 -22.94 20.15
N HIS A 394 8.79 -24.07 20.56
CA HIS A 394 7.97 -25.26 20.63
C HIS A 394 7.04 -25.25 21.85
N THR A 395 7.39 -24.56 22.94
CA THR A 395 6.41 -24.40 24.00
C THR A 395 5.27 -23.48 23.60
N TRP A 396 5.53 -22.43 22.80
CA TRP A 396 4.42 -21.59 22.37
C TRP A 396 3.50 -22.30 21.38
N ILE A 397 4.07 -23.06 20.44
CA ILE A 397 3.25 -23.83 19.51
C ILE A 397 2.44 -24.88 20.26
N GLY A 398 3.02 -25.47 21.30
CA GLY A 398 2.28 -26.42 22.10
C GLY A 398 1.14 -25.80 22.87
N GLY A 399 1.36 -24.64 23.47
CA GLY A 399 0.31 -24.00 24.25
C GLY A 399 -0.83 -23.50 23.38
N PHE A 400 -0.51 -22.97 22.19
CA PHE A 400 -1.57 -22.62 21.25
C PHE A 400 -2.38 -23.84 20.82
N CYS A 401 -1.71 -24.96 20.55
CA CYS A 401 -2.47 -26.16 20.17
C CYS A 401 -3.32 -26.69 21.32
N ILE A 402 -2.90 -26.53 22.56
CA ILE A 402 -3.73 -26.99 23.67
C ILE A 402 -4.96 -26.09 23.83
N VAL A 403 -4.80 -24.78 23.61
CA VAL A 403 -5.98 -23.92 23.68
C VAL A 403 -6.91 -24.19 22.50
N GLY A 404 -6.37 -24.58 21.34
CA GLY A 404 -7.23 -24.99 20.24
C GLY A 404 -7.95 -26.30 20.50
N ALA A 405 -7.33 -27.19 21.27
CA ALA A 405 -8.02 -28.37 21.76
C ALA A 405 -9.21 -28.00 22.61
N GLY A 406 -9.00 -27.08 23.55
CA GLY A 406 -10.09 -26.61 24.39
C GLY A 406 -11.17 -25.88 23.61
N ALA A 407 -10.80 -25.27 22.48
CA ALA A 407 -11.80 -24.62 21.63
C ALA A 407 -12.61 -25.63 20.84
N HIS A 408 -11.96 -26.55 20.17
CA HIS A 408 -12.68 -27.44 19.27
C HIS A 408 -13.41 -28.55 20.01
N ALA A 409 -13.04 -28.84 21.27
CA ALA A 409 -13.89 -29.67 22.10
C ALA A 409 -15.23 -28.99 22.38
N ALA A 410 -15.19 -27.69 22.61
CA ALA A 410 -16.44 -26.96 22.86
C ALA A 410 -17.22 -26.72 21.58
N ILE A 411 -16.54 -26.67 20.43
CA ILE A 411 -17.26 -26.62 19.16
C ILE A 411 -17.99 -27.94 18.92
N PHE A 412 -17.35 -29.06 19.30
CA PHE A 412 -18.07 -30.33 19.29
C PHE A 412 -19.26 -30.33 20.24
N MET A 413 -19.11 -29.75 21.42
CA MET A 413 -20.20 -29.72 22.38
C MET A 413 -21.37 -28.89 21.88
N VAL A 414 -21.10 -27.77 21.22
CA VAL A 414 -22.18 -26.93 20.73
C VAL A 414 -22.82 -27.53 19.49
N ARG A 415 -22.03 -27.86 18.48
CA ARG A 415 -22.58 -28.24 17.18
C ARG A 415 -22.89 -29.73 17.08
N ASP A 416 -21.88 -30.58 17.24
CA ASP A 416 -21.98 -31.97 16.84
C ASP A 416 -22.45 -32.89 17.95
N TYR A 417 -22.60 -32.40 19.18
CA TYR A 417 -23.07 -33.24 20.27
C TYR A 417 -24.54 -33.58 20.10
N ASP A 418 -24.88 -34.83 20.36
CA ASP A 418 -26.25 -35.30 20.25
C ASP A 418 -26.57 -36.01 21.57
N PRO A 419 -27.59 -35.58 22.31
CA PRO A 419 -27.96 -36.32 23.52
C PRO A 419 -28.59 -37.66 23.25
N THR A 420 -29.09 -37.89 22.04
CA THR A 420 -29.65 -39.19 21.69
C THR A 420 -28.57 -40.25 21.62
N ASN A 421 -27.44 -39.94 20.97
CA ASN A 421 -26.35 -40.89 20.86
C ASN A 421 -25.54 -41.03 22.15
N ASN A 422 -25.78 -40.17 23.14
CA ASN A 422 -24.98 -40.15 24.37
C ASN A 422 -25.93 -40.18 25.56
N TYR A 423 -26.31 -41.38 25.98
CA TYR A 423 -27.09 -41.55 27.20
C TYR A 423 -26.29 -42.44 28.14
N ASN A 424 -25.90 -41.87 29.28
CA ASN A 424 -25.24 -42.59 30.40
C ASN A 424 -23.90 -43.19 29.99
N ASN A 425 -23.24 -42.61 28.99
CA ASN A 425 -21.87 -42.96 28.65
C ASN A 425 -20.94 -42.08 29.47
N LEU A 426 -19.65 -42.00 29.10
CA LEU A 426 -18.75 -41.15 29.86
C LEU A 426 -19.10 -39.67 29.72
N LEU A 427 -19.39 -39.24 28.49
CA LEU A 427 -19.58 -37.81 28.21
C LEU A 427 -20.83 -37.27 28.90
N ASP A 428 -21.88 -38.08 28.96
CA ASP A 428 -23.10 -37.66 29.64
C ASP A 428 -22.88 -37.58 31.15
N ARG A 429 -22.13 -38.52 31.72
CA ARG A 429 -21.84 -38.48 33.15
C ARG A 429 -20.84 -37.40 33.52
N VAL A 430 -20.04 -36.91 32.56
CA VAL A 430 -19.18 -35.77 32.85
C VAL A 430 -19.99 -34.47 32.80
N ILE A 431 -20.93 -34.36 31.87
CA ILE A 431 -21.84 -33.22 31.84
C ILE A 431 -22.71 -33.20 33.10
N ARG A 432 -23.07 -34.36 33.63
CA ARG A 432 -23.91 -34.36 34.83
C ARG A 432 -23.14 -34.20 36.13
N HIS A 433 -21.83 -33.97 36.12
CA HIS A 433 -21.18 -33.53 37.34
C HIS A 433 -20.13 -32.45 37.05
N ARG A 434 -20.33 -31.73 35.93
CA ARG A 434 -19.55 -30.53 35.62
C ARG A 434 -19.48 -29.51 36.76
N ASP A 435 -20.52 -29.40 37.60
CA ASP A 435 -20.45 -28.51 38.74
C ASP A 435 -19.43 -28.98 39.77
N ALA A 436 -19.36 -30.30 39.99
CA ALA A 436 -18.38 -30.85 40.91
C ALA A 436 -16.96 -30.72 40.35
N ILE A 437 -16.82 -30.92 39.04
CA ILE A 437 -15.53 -30.81 38.37
C ILE A 437 -14.99 -29.38 38.47
N ILE A 438 -15.80 -28.41 38.07
CA ILE A 438 -15.37 -27.02 38.05
C ILE A 438 -15.24 -26.46 39.45
N SER A 439 -16.03 -26.96 40.42
CA SER A 439 -15.89 -26.46 41.78
C SER A 439 -14.62 -26.98 42.45
N HIS A 440 -14.29 -28.26 42.27
CA HIS A 440 -13.04 -28.76 42.83
C HIS A 440 -11.83 -28.19 42.11
N LEU A 441 -11.96 -27.91 40.82
CA LEU A 441 -10.83 -27.30 40.12
C LEU A 441 -10.70 -25.83 40.50
N ASN A 442 -11.81 -25.16 40.79
CA ASN A 442 -11.79 -23.82 41.37
C ASN A 442 -11.05 -23.83 42.71
N TRP A 443 -11.33 -24.82 43.55
CA TRP A 443 -10.64 -24.94 44.82
C TRP A 443 -9.15 -25.15 44.63
N VAL A 444 -8.76 -26.04 43.73
CA VAL A 444 -7.34 -26.35 43.62
C VAL A 444 -6.60 -25.22 42.93
N CYS A 445 -7.28 -24.42 42.09
CA CYS A 445 -6.65 -23.24 41.53
C CYS A 445 -6.44 -22.15 42.58
N ILE A 446 -7.42 -21.96 43.47
CA ILE A 446 -7.25 -20.98 44.55
C ILE A 446 -6.17 -21.41 45.52
N PHE A 447 -6.12 -22.71 45.83
CA PHE A 447 -5.08 -23.25 46.70
C PHE A 447 -3.70 -23.08 46.10
N LEU A 448 -3.53 -23.45 44.83
CA LEU A 448 -2.25 -23.29 44.16
C LEU A 448 -1.87 -21.82 44.03
N GLY A 449 -2.85 -20.94 43.85
CA GLY A 449 -2.56 -19.53 43.75
C GLY A 449 -2.01 -18.94 45.04
N PHE A 450 -2.70 -19.19 46.15
CA PHE A 450 -2.17 -18.75 47.43
C PHE A 450 -0.83 -19.42 47.73
N HIS A 451 -0.78 -20.74 47.72
CA HIS A 451 0.43 -21.41 48.15
C HIS A 451 1.54 -21.45 47.11
N SER A 452 1.40 -20.74 46.00
CA SER A 452 2.50 -20.52 45.08
C SER A 452 2.89 -19.05 44.98
N PHE A 453 1.94 -18.16 44.74
CA PHE A 453 2.25 -16.75 44.58
C PHE A 453 2.40 -16.05 45.92
N GLY A 454 1.69 -16.49 46.96
CA GLY A 454 1.90 -15.95 48.28
C GLY A 454 3.25 -16.27 48.86
N LEU A 455 3.91 -17.33 48.38
CA LEU A 455 5.30 -17.55 48.75
C LEU A 455 6.19 -16.44 48.20
N TYR A 456 5.91 -15.99 46.98
CA TYR A 456 6.65 -14.88 46.39
C TYR A 456 6.33 -13.56 47.08
N ILE A 457 5.07 -13.36 47.46
CA ILE A 457 4.70 -12.14 48.19
C ILE A 457 5.30 -12.15 49.58
N HIS A 458 5.37 -13.33 50.20
CA HIS A 458 6.03 -13.50 51.48
C HIS A 458 7.52 -13.18 51.38
N ASN A 459 8.18 -13.64 50.33
CA ASN A 459 9.61 -13.37 50.17
C ASN A 459 9.85 -11.89 49.88
N ASP A 460 8.98 -11.28 49.07
CA ASP A 460 9.03 -9.82 48.86
C ASP A 460 8.90 -9.07 50.17
N THR A 461 7.94 -9.48 50.99
CA THR A 461 7.67 -8.76 52.22
C THR A 461 8.80 -8.95 53.22
N MET A 462 9.31 -10.18 53.35
CA MET A 462 10.39 -10.43 54.29
C MET A 462 11.70 -9.78 53.83
N SER A 463 11.96 -9.77 52.53
CA SER A 463 13.16 -9.10 52.06
C SER A 463 13.04 -7.60 52.16
N ALA A 464 11.81 -7.07 52.06
CA ALA A 464 11.61 -5.64 52.20
C ALA A 464 11.56 -5.21 53.66
N LEU A 465 11.06 -6.06 54.55
CA LEU A 465 11.02 -5.75 55.98
C LEU A 465 12.33 -6.02 56.69
N GLY A 466 13.43 -6.18 55.97
CA GLY A 466 14.71 -6.44 56.59
C GLY A 466 14.81 -7.78 57.26
N ARG A 467 14.03 -8.77 56.83
CA ARG A 467 13.97 -10.07 57.48
C ARG A 467 14.32 -11.18 56.48
N PRO A 468 15.58 -11.26 56.04
CA PRO A 468 15.91 -12.26 55.01
C PRO A 468 15.97 -13.67 55.55
N GLN A 469 16.04 -13.84 56.87
CA GLN A 469 16.03 -15.19 57.43
C GLN A 469 14.65 -15.82 57.36
N ASP A 470 13.60 -15.01 57.35
CA ASP A 470 12.24 -15.52 57.33
C ASP A 470 11.73 -15.76 55.92
N MET A 471 12.60 -15.66 54.91
CA MET A 471 12.18 -15.89 53.55
C MET A 471 12.04 -17.38 53.27
N PHE A 472 11.63 -17.70 52.05
CA PHE A 472 11.68 -19.05 51.53
C PHE A 472 12.87 -19.10 50.57
N SER A 473 14.00 -19.60 51.04
CA SER A 473 15.16 -19.75 50.18
C SER A 473 15.96 -20.95 50.67
N ASP A 474 17.15 -21.12 50.11
CA ASP A 474 18.03 -22.21 50.54
C ASP A 474 18.75 -21.87 51.84
N THR A 475 19.01 -20.60 52.09
CA THR A 475 19.63 -20.15 53.33
C THR A 475 18.60 -19.71 54.36
N ALA A 476 17.38 -20.20 54.25
CA ALA A 476 16.25 -19.76 55.06
C ALA A 476 15.32 -20.96 55.19
N ILE A 477 14.03 -20.71 55.40
CA ILE A 477 13.02 -21.75 55.32
C ILE A 477 13.11 -22.43 53.96
N GLN A 478 13.49 -23.69 53.95
CA GLN A 478 13.78 -24.41 52.72
C GLN A 478 12.57 -25.22 52.27
N LEU A 479 12.33 -25.21 50.97
CA LEU A 479 11.28 -26.01 50.35
C LEU A 479 12.00 -26.86 49.30
N GLN A 480 12.53 -27.99 49.72
CA GLN A 480 13.35 -28.71 48.77
C GLN A 480 12.48 -29.63 47.91
N PRO A 481 12.70 -29.65 46.61
CA PRO A 481 11.98 -30.59 45.74
C PRO A 481 12.52 -32.01 45.87
N VAL A 482 12.09 -32.69 46.94
CA VAL A 482 12.63 -34.00 47.29
C VAL A 482 12.31 -35.04 46.22
N PHE A 483 11.15 -34.92 45.59
CA PHE A 483 10.71 -35.94 44.64
C PHE A 483 11.47 -35.84 43.33
N ALA A 484 11.66 -34.62 42.82
CA ALA A 484 12.42 -34.45 41.59
C ALA A 484 13.90 -34.72 41.80
N GLN A 485 14.42 -34.41 42.99
CA GLN A 485 15.80 -34.77 43.31
C GLN A 485 15.99 -36.27 43.41
N TRP A 486 14.98 -36.98 43.93
CA TRP A 486 15.05 -38.44 43.98
C TRP A 486 15.01 -39.03 42.59
N ILE A 487 14.17 -38.47 41.70
CA ILE A 487 14.13 -38.91 40.32
C ILE A 487 15.45 -38.61 39.60
N GLN A 488 16.09 -37.49 39.94
CA GLN A 488 17.42 -37.20 39.37
C GLN A 488 18.47 -38.21 39.84
N ASN A 489 18.41 -38.62 41.11
CA ASN A 489 19.34 -39.64 41.60
C ASN A 489 19.10 -40.98 40.90
N THR A 490 17.84 -41.38 40.73
CA THR A 490 17.59 -42.67 40.09
C THR A 490 17.94 -42.64 38.61
N HIS A 491 17.76 -41.51 37.94
CA HIS A 491 18.12 -41.48 36.53
C HIS A 491 19.62 -41.26 36.33
N PHE A 492 20.34 -40.78 37.33
CA PHE A 492 21.78 -40.77 37.24
C PHE A 492 22.38 -42.12 37.57
N LEU A 493 21.75 -42.88 38.47
CA LEU A 493 22.22 -44.22 38.80
C LEU A 493 21.58 -45.30 37.95
N ALA A 494 20.79 -44.91 36.95
CA ALA A 494 20.22 -45.90 36.02
C ALA A 494 21.21 -46.75 35.22
N PRO A 495 22.40 -46.28 34.80
CA PRO A 495 23.35 -47.24 34.19
C PRO A 495 23.96 -48.24 35.15
N GLN A 496 23.73 -48.11 36.45
CA GLN A 496 24.29 -49.08 37.39
C GLN A 496 23.54 -50.41 37.33
N LEU A 497 22.23 -50.38 37.60
CA LEU A 497 21.50 -51.65 37.65
C LEU A 497 20.13 -51.66 36.99
N THR A 498 19.52 -50.53 36.67
CA THR A 498 18.20 -50.56 36.03
C THR A 498 18.26 -50.41 34.52
N ALA A 499 19.36 -49.90 33.98
CA ALA A 499 19.64 -49.94 32.55
C ALA A 499 21.09 -50.33 32.36
N PRO A 500 21.42 -51.62 32.48
CA PRO A 500 22.83 -52.02 32.56
C PRO A 500 23.62 -51.92 31.26
N ASN A 501 22.97 -51.70 30.13
CA ASN A 501 23.68 -51.54 28.87
C ASN A 501 23.78 -50.08 28.44
N ALA A 502 23.54 -49.16 29.36
CA ALA A 502 23.77 -47.74 29.10
C ALA A 502 25.19 -47.39 29.54
N LEU A 503 25.98 -46.87 28.61
CA LEU A 503 27.33 -46.44 28.95
C LEU A 503 27.33 -45.14 29.74
N ALA A 504 26.28 -44.34 29.61
CA ALA A 504 26.12 -43.13 30.39
C ALA A 504 24.64 -42.92 30.64
N ALA A 505 24.32 -41.89 31.42
CA ALA A 505 22.93 -41.55 31.65
C ALA A 505 22.33 -40.96 30.39
N THR A 506 20.99 -40.99 30.33
CA THR A 506 20.27 -40.56 29.14
C THR A 506 20.39 -39.05 28.90
N SER A 507 20.68 -38.26 29.92
CA SER A 507 21.09 -36.88 29.73
C SER A 507 22.06 -36.51 30.83
N LEU A 508 22.59 -35.31 30.74
CA LEU A 508 23.50 -34.82 31.76
C LEU A 508 22.80 -34.03 32.85
N THR A 509 21.51 -33.76 32.70
CA THR A 509 20.78 -33.01 33.71
C THR A 509 20.59 -33.81 34.99
N TRP A 510 20.66 -35.14 34.91
CA TRP A 510 20.41 -35.97 36.08
C TRP A 510 21.58 -35.95 37.05
N GLY A 511 22.77 -35.68 36.57
CA GLY A 511 23.95 -35.66 37.40
C GLY A 511 25.17 -36.04 36.59
N GLY A 512 26.34 -35.85 37.20
CA GLY A 512 27.60 -36.26 36.62
C GLY A 512 28.49 -35.06 36.29
N ASP A 513 29.25 -35.20 35.21
CA ASP A 513 30.14 -34.15 34.76
C ASP A 513 29.45 -33.31 33.69
N LEU A 514 30.20 -32.38 33.12
CA LEU A 514 29.69 -31.50 32.08
C LEU A 514 30.40 -31.78 30.77
N VAL A 515 29.65 -31.75 29.67
CA VAL A 515 30.27 -31.80 28.35
C VAL A 515 30.57 -30.37 27.93
N ALA A 516 31.84 -30.11 27.59
CA ALA A 516 32.31 -28.79 27.22
C ALA A 516 32.82 -28.84 25.79
N VAL A 517 32.24 -28.01 24.93
CA VAL A 517 32.57 -28.00 23.50
C VAL A 517 32.91 -26.58 23.11
N GLY A 518 34.13 -26.36 22.62
CA GLY A 518 34.54 -25.04 22.18
C GLY A 518 34.70 -24.03 23.28
N GLY A 519 34.95 -24.48 24.51
CA GLY A 519 35.04 -23.59 25.64
C GLY A 519 33.71 -23.21 26.25
N LYS A 520 32.60 -23.69 25.72
CA LYS A 520 31.27 -23.39 26.23
C LYS A 520 30.61 -24.69 26.69
N VAL A 521 29.76 -24.57 27.70
CA VAL A 521 29.17 -25.74 28.34
C VAL A 521 28.01 -26.25 27.51
N ALA A 522 28.14 -27.47 26.98
CA ALA A 522 27.04 -28.07 26.24
C ALA A 522 25.91 -28.47 27.17
N MET A 523 26.21 -29.27 28.19
CA MET A 523 25.24 -29.56 29.22
C MET A 523 25.98 -29.90 30.51
N MET A 524 25.38 -29.53 31.64
CA MET A 524 25.89 -29.82 32.96
C MET A 524 24.72 -30.22 33.85
N PRO A 525 24.94 -30.82 35.02
CA PRO A 525 23.80 -31.15 35.91
C PRO A 525 23.08 -29.92 36.43
N ILE A 526 21.79 -30.11 36.65
CA ILE A 526 20.88 -29.04 37.06
C ILE A 526 20.42 -29.33 38.48
N SER A 527 20.79 -28.46 39.42
CA SER A 527 20.33 -28.59 40.78
C SER A 527 18.94 -27.97 40.93
N LEU A 528 18.10 -28.60 41.74
CA LEU A 528 16.73 -28.15 41.95
C LEU A 528 16.60 -27.72 43.41
N GLY A 529 16.40 -26.42 43.61
CA GLY A 529 16.32 -25.88 44.96
C GLY A 529 14.99 -25.26 45.28
N THR A 530 14.99 -24.31 46.22
CA THR A 530 13.73 -23.75 46.73
C THR A 530 13.04 -22.91 45.66
N SER A 531 13.80 -22.13 44.90
CA SER A 531 13.21 -21.34 43.84
C SER A 531 12.69 -22.22 42.71
N ASP A 532 13.33 -23.37 42.48
CA ASP A 532 12.83 -24.35 41.52
C ASP A 532 11.50 -24.95 41.96
N PHE A 533 11.37 -25.20 43.28
CA PHE A 533 10.10 -25.63 43.85
C PHE A 533 9.02 -24.58 43.63
N MET A 534 9.36 -23.32 43.91
CA MET A 534 8.38 -22.24 43.82
C MET A 534 7.94 -22.01 42.38
N VAL A 535 8.87 -22.15 41.43
CA VAL A 535 8.47 -21.90 40.06
C VAL A 535 7.74 -23.11 39.47
N HIS A 536 8.06 -24.34 39.88
CA HIS A 536 7.26 -25.49 39.44
C HIS A 536 5.85 -25.44 39.99
N HIS A 537 5.66 -24.87 41.19
CA HIS A 537 4.29 -24.73 41.64
C HIS A 537 3.58 -23.51 41.06
N ILE A 538 4.31 -22.49 40.63
CA ILE A 538 3.74 -21.45 39.77
C ILE A 538 3.25 -22.05 38.46
N HIS A 539 4.03 -22.97 37.88
CA HIS A 539 3.61 -23.63 36.64
C HIS A 539 2.38 -24.49 36.86
N ALA A 540 2.35 -25.25 37.96
CA ALA A 540 1.20 -26.09 38.26
C ALA A 540 -0.06 -25.26 38.47
N PHE A 541 0.08 -24.12 39.14
CA PHE A 541 -1.01 -23.18 39.32
C PHE A 541 -1.55 -22.66 38.00
N THR A 542 -0.66 -22.14 37.15
CA THR A 542 -1.15 -21.52 35.92
C THR A 542 -1.69 -22.54 34.92
N ILE A 543 -1.15 -23.76 34.93
CA ILE A 543 -1.69 -24.82 34.07
C ILE A 543 -3.06 -25.25 34.56
N HIS A 544 -3.24 -25.36 35.89
CA HIS A 544 -4.57 -25.70 36.40
C HIS A 544 -5.58 -24.58 36.16
N VAL A 545 -5.16 -23.31 36.14
CA VAL A 545 -6.14 -22.25 35.85
C VAL A 545 -6.51 -22.25 34.37
N THR A 546 -5.56 -22.52 33.49
CA THR A 546 -5.88 -22.62 32.07
C THR A 546 -6.80 -23.81 31.79
N VAL A 547 -6.60 -24.92 32.52
CA VAL A 547 -7.52 -26.04 32.44
C VAL A 547 -8.89 -25.66 32.97
N LEU A 548 -8.94 -24.87 34.04
CA LEU A 548 -10.20 -24.40 34.60
C LEU A 548 -11.01 -23.61 33.59
N ILE A 549 -10.36 -22.68 32.89
CA ILE A 549 -11.08 -21.83 31.95
C ILE A 549 -11.50 -22.60 30.71
N LEU A 550 -10.60 -23.40 30.14
CA LEU A 550 -10.93 -24.14 28.93
C LEU A 550 -11.93 -25.25 29.18
N LEU A 551 -11.81 -25.95 30.31
CA LEU A 551 -12.73 -27.02 30.64
C LEU A 551 -14.07 -26.49 31.12
N LYS A 552 -14.08 -25.32 31.75
CA LYS A 552 -15.33 -24.65 32.05
C LYS A 552 -16.06 -24.22 30.78
N GLY A 553 -15.30 -23.82 29.76
CA GLY A 553 -15.93 -23.52 28.48
C GLY A 553 -16.45 -24.74 27.76
N VAL A 554 -15.77 -25.88 27.91
CA VAL A 554 -16.23 -27.10 27.25
C VAL A 554 -17.47 -27.66 27.96
N LEU A 555 -17.41 -27.75 29.29
CA LEU A 555 -18.49 -28.40 30.03
C LEU A 555 -19.75 -27.55 30.07
N PHE A 556 -19.60 -26.24 30.16
CA PHE A 556 -20.73 -25.32 30.14
C PHE A 556 -20.92 -24.70 28.77
N ALA A 557 -20.62 -25.45 27.70
CA ALA A 557 -20.78 -24.93 26.36
C ALA A 557 -22.24 -24.90 25.94
N ARG A 558 -23.04 -25.84 26.44
CA ARG A 558 -24.41 -25.98 25.99
C ARG A 558 -25.42 -25.35 26.94
N SER A 559 -25.13 -25.34 28.23
CA SER A 559 -26.06 -24.83 29.21
C SER A 559 -25.30 -24.57 30.51
N SER A 560 -25.89 -23.73 31.33
CA SER A 560 -25.43 -23.52 32.70
C SER A 560 -26.66 -23.20 33.52
N ARG A 561 -26.46 -22.90 34.81
CA ARG A 561 -27.58 -22.36 35.57
C ARG A 561 -27.90 -20.93 35.18
N LEU A 562 -26.94 -20.23 34.58
CA LEU A 562 -27.17 -18.87 34.11
C LEU A 562 -28.01 -18.87 32.84
N ILE A 563 -27.54 -19.56 31.80
CA ILE A 563 -28.23 -19.61 30.52
C ILE A 563 -28.50 -21.07 30.16
N PRO A 564 -29.75 -21.52 30.22
CA PRO A 564 -30.05 -22.93 29.97
C PRO A 564 -30.09 -23.31 28.50
N ASP A 565 -30.17 -22.33 27.61
CA ASP A 565 -30.25 -22.61 26.17
C ASP A 565 -29.06 -21.99 25.45
N LYS A 566 -27.87 -22.19 26.01
CA LYS A 566 -26.65 -21.61 25.44
C LYS A 566 -26.28 -22.28 24.11
N ALA A 567 -26.66 -23.53 23.91
CA ALA A 567 -26.34 -24.22 22.66
C ALA A 567 -27.15 -23.71 21.49
N ASN A 568 -28.34 -23.15 21.74
CA ASN A 568 -29.10 -22.52 20.67
C ASN A 568 -28.48 -21.19 20.25
N LEU A 569 -27.70 -20.56 21.13
CA LEU A 569 -27.07 -19.30 20.82
C LEU A 569 -25.80 -19.49 19.99
N GLY A 570 -25.19 -20.67 20.03
CA GLY A 570 -24.06 -20.99 19.19
C GLY A 570 -22.79 -21.18 20.00
N PHE A 571 -21.73 -21.52 19.28
CA PHE A 571 -20.40 -21.54 19.88
C PHE A 571 -19.87 -20.12 20.08
N ARG A 572 -19.97 -19.30 19.05
CA ARG A 572 -19.40 -17.96 19.07
C ARG A 572 -20.55 -16.97 19.05
N PHE A 573 -20.97 -16.55 20.23
CA PHE A 573 -21.93 -15.47 20.38
C PHE A 573 -21.39 -14.57 21.47
N PRO A 574 -21.69 -13.26 21.44
CA PRO A 574 -21.09 -12.37 22.43
C PRO A 574 -21.61 -12.57 23.84
N CYS A 575 -22.91 -12.79 23.98
CA CYS A 575 -23.61 -12.61 25.23
C CYS A 575 -25.06 -13.06 25.13
N ASP A 576 -25.81 -12.86 26.20
CA ASP A 576 -27.26 -12.88 26.13
C ASP A 576 -27.81 -11.64 26.80
N GLY A 577 -27.24 -10.48 26.45
CA GLY A 577 -27.74 -9.21 26.91
C GLY A 577 -27.31 -8.84 28.31
N PRO A 578 -27.72 -7.66 28.77
CA PRO A 578 -27.39 -7.20 30.12
C PRO A 578 -28.21 -7.85 31.21
N GLY A 579 -29.19 -8.67 30.84
CA GLY A 579 -30.12 -9.19 31.80
C GLY A 579 -29.52 -10.24 32.68
N ARG A 580 -30.34 -10.66 33.64
CA ARG A 580 -30.02 -11.59 34.74
C ARG A 580 -28.67 -11.28 35.39
N GLY A 581 -28.44 -9.98 35.60
CA GLY A 581 -27.21 -9.48 36.16
C GLY A 581 -26.20 -9.00 35.14
N GLY A 582 -26.28 -9.48 33.91
CA GLY A 582 -25.24 -9.27 32.92
C GLY A 582 -24.74 -10.64 32.51
N THR A 583 -24.59 -10.85 31.22
CA THR A 583 -24.14 -12.13 30.68
C THR A 583 -23.09 -11.90 29.62
N CYS A 584 -22.13 -11.04 29.92
CA CYS A 584 -21.02 -10.82 29.02
C CYS A 584 -20.14 -12.05 29.05
N GLN A 585 -19.58 -12.41 27.89
CA GLN A 585 -18.54 -13.44 27.78
C GLN A 585 -18.98 -14.80 28.32
N VAL A 586 -20.21 -15.20 28.01
CA VAL A 586 -20.72 -16.48 28.51
C VAL A 586 -20.51 -17.61 27.52
N SER A 587 -20.14 -17.32 26.29
CA SER A 587 -19.99 -18.37 25.29
C SER A 587 -18.72 -19.17 25.56
N ALA A 588 -18.62 -20.29 24.85
CA ALA A 588 -17.42 -21.10 24.93
C ALA A 588 -16.27 -20.43 24.18
N TRP A 589 -16.60 -19.67 23.13
CA TRP A 589 -15.61 -18.87 22.42
C TRP A 589 -14.96 -17.87 23.36
N ASP A 590 -15.74 -17.28 24.25
CA ASP A 590 -15.21 -16.33 25.19
C ASP A 590 -14.38 -17.01 26.27
N HIS A 591 -14.65 -18.28 26.54
CA HIS A 591 -13.81 -19.03 27.46
C HIS A 591 -12.48 -19.37 26.84
N VAL A 592 -12.44 -19.66 25.54
CA VAL A 592 -11.11 -19.89 24.97
C VAL A 592 -10.39 -18.59 24.69
N PHE A 593 -11.15 -17.50 24.54
CA PHE A 593 -10.60 -16.15 24.56
C PHE A 593 -9.89 -15.85 25.88
N LEU A 594 -10.53 -16.15 27.00
CA LEU A 594 -9.88 -15.94 28.29
C LEU A 594 -8.81 -16.98 28.60
N GLY A 595 -8.89 -18.17 28.01
CA GLY A 595 -7.84 -19.15 28.17
C GLY A 595 -6.59 -18.84 27.38
N LEU A 596 -6.70 -18.04 26.31
CA LEU A 596 -5.52 -17.62 25.58
C LEU A 596 -4.62 -16.72 26.44
N PHE A 597 -5.21 -15.87 27.28
CA PHE A 597 -4.42 -15.02 28.17
C PHE A 597 -3.72 -15.84 29.23
N TRP A 598 -4.35 -16.90 29.72
CA TRP A 598 -3.69 -17.72 30.72
C TRP A 598 -2.69 -18.69 30.12
N MET A 599 -2.86 -19.07 28.87
CA MET A 599 -1.77 -19.78 28.19
C MET A 599 -0.58 -18.87 27.98
N TYR A 600 -0.82 -17.60 27.62
CA TYR A 600 0.25 -16.61 27.56
C TYR A 600 0.91 -16.44 28.92
N ASN A 601 0.10 -16.30 29.96
CA ASN A 601 0.57 -16.10 31.33
C ASN A 601 1.41 -17.28 31.80
N SER A 602 0.96 -18.50 31.53
CA SER A 602 1.67 -19.69 31.94
C SER A 602 2.98 -19.84 31.17
N LEU A 603 2.90 -19.80 29.84
CA LEU A 603 4.06 -20.08 29.03
C LEU A 603 5.10 -19.00 29.08
N SER A 604 4.73 -17.76 29.39
CA SER A 604 5.74 -16.72 29.60
C SER A 604 6.58 -17.03 30.82
N ILE A 605 5.96 -17.55 31.88
CA ILE A 605 6.73 -17.91 33.06
C ILE A 605 7.54 -19.18 32.81
N VAL A 606 7.03 -20.07 31.96
CA VAL A 606 7.79 -21.27 31.58
C VAL A 606 9.07 -20.90 30.84
N ILE A 607 8.94 -20.04 29.83
CA ILE A 607 10.13 -19.67 29.06
C ILE A 607 11.03 -18.71 29.83
N PHE A 608 10.51 -17.94 30.78
CA PHE A 608 11.36 -17.15 31.65
C PHE A 608 12.15 -18.03 32.60
N HIS A 609 11.49 -19.06 33.15
CA HIS A 609 12.18 -20.00 34.03
C HIS A 609 13.24 -20.78 33.30
N PHE A 610 12.98 -21.13 32.03
CA PHE A 610 14.03 -21.73 31.20
C PHE A 610 15.19 -20.77 30.97
N SER A 611 14.89 -19.55 30.50
CA SER A 611 15.92 -18.60 30.13
C SER A 611 16.74 -18.13 31.31
N TRP A 612 16.23 -18.25 32.53
CA TRP A 612 17.06 -17.85 33.65
C TRP A 612 17.69 -19.02 34.37
N LYS A 613 17.06 -20.20 34.35
CA LYS A 613 17.69 -21.39 34.88
C LYS A 613 18.88 -21.82 34.03
N MET A 614 18.76 -21.70 32.71
CA MET A 614 19.86 -22.08 31.83
C MET A 614 21.00 -21.08 31.89
N GLN A 615 20.69 -19.79 31.90
CA GLN A 615 21.75 -18.78 32.00
C GLN A 615 22.39 -18.73 33.37
N SER A 616 21.68 -19.16 34.40
CA SER A 616 22.23 -19.14 35.74
C SER A 616 23.03 -20.40 36.05
N ASP A 617 22.53 -21.57 35.67
CA ASP A 617 23.08 -22.81 36.20
C ASP A 617 23.62 -23.77 35.16
N VAL A 618 23.45 -23.49 33.86
CA VAL A 618 23.92 -24.41 32.83
C VAL A 618 24.87 -23.72 31.88
N TRP A 619 24.40 -22.69 31.21
CA TRP A 619 25.13 -22.05 30.11
C TRP A 619 26.27 -21.20 30.65
N GLY A 620 27.25 -20.97 29.80
CA GLY A 620 28.38 -20.12 30.14
C GLY A 620 29.68 -20.74 29.66
N THR A 621 30.72 -19.91 29.62
CA THR A 621 32.03 -20.39 29.21
C THR A 621 32.65 -21.24 30.31
N VAL A 622 33.49 -22.17 29.90
CA VAL A 622 34.27 -22.99 30.81
C VAL A 622 35.75 -22.66 30.58
N THR A 623 36.53 -22.71 31.65
CA THR A 623 37.98 -22.61 31.57
C THR A 623 38.65 -23.80 32.20
N ALA A 624 37.88 -24.83 32.57
CA ALA A 624 38.28 -25.95 33.44
C ALA A 624 38.90 -25.46 34.75
N SER A 625 38.40 -24.32 35.23
CA SER A 625 38.94 -23.67 36.42
C SER A 625 37.79 -23.11 37.26
N GLY A 626 36.75 -23.92 37.46
CA GLY A 626 35.57 -23.37 38.10
C GLY A 626 34.71 -22.55 37.16
N VAL A 627 34.00 -23.24 36.25
CA VAL A 627 33.14 -22.69 35.20
C VAL A 627 32.24 -21.55 35.64
N SER A 628 32.30 -20.43 34.93
CA SER A 628 31.54 -19.23 35.25
C SER A 628 30.37 -19.11 34.28
N HIS A 629 29.16 -19.05 34.83
CA HIS A 629 27.96 -19.05 34.02
C HIS A 629 27.70 -17.64 33.47
N ILE A 630 26.59 -17.49 32.75
CA ILE A 630 26.31 -16.23 32.08
C ILE A 630 25.83 -15.17 33.07
N THR A 631 24.81 -15.48 33.85
CA THR A 631 24.31 -14.56 34.87
C THR A 631 24.90 -14.85 36.24
N GLY A 632 25.96 -15.64 36.30
CA GLY A 632 26.73 -15.79 37.52
C GLY A 632 26.16 -16.74 38.56
N GLY A 633 25.05 -17.40 38.27
CA GLY A 633 24.52 -18.35 39.23
C GLY A 633 23.60 -17.72 40.25
N ASN A 634 22.59 -17.00 39.79
CA ASN A 634 21.70 -16.28 40.69
C ASN A 634 20.25 -16.69 40.57
N PHE A 635 19.95 -17.88 40.06
CA PHE A 635 18.55 -18.28 40.05
C PHE A 635 18.11 -18.73 41.43
N ALA A 636 18.83 -19.68 42.03
CA ALA A 636 18.47 -20.18 43.35
C ALA A 636 18.68 -19.13 44.44
N GLN A 637 19.49 -18.13 44.15
CA GLN A 637 19.90 -17.12 45.10
C GLN A 637 19.06 -15.87 45.00
N SER A 638 18.34 -15.67 43.89
CA SER A 638 17.59 -14.43 43.70
C SER A 638 16.20 -14.56 43.09
N ALA A 639 15.74 -15.74 42.70
CA ALA A 639 14.38 -15.90 42.18
C ALA A 639 13.37 -16.19 43.26
N ASN A 640 13.68 -15.86 44.51
CA ASN A 640 12.73 -16.03 45.59
C ASN A 640 11.62 -15.00 45.52
N THR A 641 11.92 -13.84 44.93
CA THR A 641 11.09 -12.65 45.04
C THR A 641 10.61 -12.21 43.66
N ILE A 642 9.51 -11.46 43.64
CA ILE A 642 9.08 -10.83 42.41
C ILE A 642 10.07 -9.74 42.00
N ASN A 643 10.67 -9.07 42.99
CA ASN A 643 11.69 -8.08 42.67
C ASN A 643 12.96 -8.73 42.15
N GLY A 644 13.18 -10.01 42.47
CA GLY A 644 14.30 -10.71 41.88
C GLY A 644 14.08 -11.05 40.42
N TRP A 645 12.85 -11.40 40.06
CA TRP A 645 12.51 -11.58 38.65
C TRP A 645 12.48 -10.25 37.91
N LEU A 646 12.22 -9.17 38.63
CA LEU A 646 12.21 -7.84 38.02
C LEU A 646 13.62 -7.35 37.77
N ARG A 647 14.44 -7.27 38.83
CA ARG A 647 15.83 -6.83 38.73
C ARG A 647 16.68 -7.75 37.88
N ASP A 648 16.90 -8.95 38.39
CA ASP A 648 17.98 -9.79 37.91
C ASP A 648 17.62 -10.54 36.65
N PHE A 649 16.35 -10.49 36.24
CA PHE A 649 15.96 -11.11 34.99
C PHE A 649 15.44 -10.10 33.98
N LEU A 650 14.43 -9.31 34.30
CA LEU A 650 13.91 -8.42 33.26
C LEU A 650 14.80 -7.21 33.06
N TRP A 651 15.12 -6.51 34.15
CA TRP A 651 15.95 -5.31 34.06
C TRP A 651 17.38 -5.65 33.66
N ALA A 652 17.95 -6.71 34.24
CA ALA A 652 19.35 -7.01 34.00
C ALA A 652 19.56 -7.59 32.61
N GLN A 653 18.65 -8.42 32.13
CA GLN A 653 18.86 -9.05 30.83
C GLN A 653 18.22 -8.28 29.70
N SER A 654 17.44 -7.24 29.99
CA SER A 654 17.04 -6.33 28.93
C SER A 654 18.15 -5.35 28.56
N SER A 655 19.27 -5.37 29.28
CA SER A 655 20.40 -4.48 29.03
C SER A 655 21.16 -4.80 27.75
N GLN A 656 20.71 -5.73 26.92
CA GLN A 656 21.28 -5.93 25.59
C GLN A 656 20.30 -5.69 24.46
N VAL A 657 18.99 -5.71 24.73
CA VAL A 657 18.03 -5.34 23.71
C VAL A 657 17.83 -3.82 23.68
N ILE A 658 18.13 -3.13 24.77
CA ILE A 658 17.88 -1.69 24.83
C ILE A 658 19.04 -0.87 24.27
N GLN A 659 20.24 -1.42 24.23
CA GLN A 659 21.39 -0.70 23.73
C GLN A 659 21.93 -1.40 22.48
N SER A 660 21.05 -2.11 21.78
CA SER A 660 21.37 -2.80 20.56
C SER A 660 21.39 -1.90 19.34
N TYR A 661 21.08 -0.62 19.48
CA TYR A 661 21.07 0.28 18.35
C TYR A 661 22.48 0.55 17.85
N GLY A 662 22.59 0.74 16.54
CA GLY A 662 23.91 0.86 15.94
C GLY A 662 24.65 -0.45 15.84
N SER A 663 23.93 -1.57 15.88
CA SER A 663 24.55 -2.89 15.74
C SER A 663 23.65 -3.74 14.87
N ALA A 664 24.05 -5.00 14.70
CA ALA A 664 23.23 -5.93 13.94
C ALA A 664 21.99 -6.36 14.69
N LEU A 665 21.99 -6.22 16.02
CA LEU A 665 20.87 -6.58 16.86
C LEU A 665 19.81 -5.50 16.94
N SER A 666 19.97 -4.42 16.19
CA SER A 666 19.12 -3.25 16.37
C SER A 666 17.70 -3.46 15.89
N ALA A 667 17.48 -4.41 14.98
CA ALA A 667 16.11 -4.78 14.64
C ALA A 667 15.41 -5.39 15.83
N TYR A 668 16.13 -6.16 16.65
CA TYR A 668 15.58 -6.62 17.92
C TYR A 668 15.33 -5.46 18.86
N GLY A 669 16.09 -4.38 18.73
CA GLY A 669 15.78 -3.18 19.48
C GLY A 669 14.53 -2.50 18.99
N LEU A 670 14.20 -2.66 17.71
CA LEU A 670 13.01 -2.00 17.18
C LEU A 670 11.76 -2.77 17.52
N ILE A 671 11.80 -4.09 17.31
CA ILE A 671 10.63 -4.94 17.52
C ILE A 671 10.25 -4.98 18.99
N PHE A 672 11.25 -4.91 19.89
CA PHE A 672 11.01 -4.78 21.32
C PHE A 672 10.22 -3.53 21.65
N LEU A 673 10.46 -2.44 20.92
CA LEU A 673 9.57 -1.30 21.05
C LEU A 673 8.24 -1.57 20.37
N GLY A 674 8.27 -2.14 19.17
CA GLY A 674 7.06 -2.25 18.38
C GLY A 674 6.06 -3.22 18.96
N ALA A 675 6.57 -4.32 19.52
CA ALA A 675 5.70 -5.22 20.22
C ALA A 675 5.28 -4.70 21.59
N HIS A 676 6.02 -3.76 22.19
CA HIS A 676 5.44 -3.04 23.30
C HIS A 676 4.31 -2.14 22.84
N PHE A 677 4.33 -1.73 21.58
CA PHE A 677 3.24 -0.92 21.02
C PHE A 677 1.99 -1.76 20.84
N VAL A 678 2.11 -2.84 20.04
CA VAL A 678 0.97 -3.66 19.61
C VAL A 678 0.23 -4.24 20.81
N TRP A 679 0.99 -4.69 21.81
CA TRP A 679 0.43 -5.19 23.07
C TRP A 679 -0.48 -4.17 23.71
N ALA A 680 0.04 -2.95 23.90
CA ALA A 680 -0.75 -1.90 24.51
C ALA A 680 -1.87 -1.47 23.60
N PHE A 681 -1.65 -1.61 22.29
CA PHE A 681 -2.66 -1.30 21.31
C PHE A 681 -3.85 -2.24 21.47
N SER A 682 -3.58 -3.48 21.89
CA SER A 682 -4.63 -4.46 22.16
C SER A 682 -5.54 -4.02 23.29
N LEU A 683 -5.00 -3.23 24.22
CA LEU A 683 -5.82 -2.78 25.35
C LEU A 683 -6.84 -1.74 24.94
N MET A 684 -6.72 -1.17 23.73
CA MET A 684 -7.82 -0.37 23.21
C MET A 684 -9.01 -1.25 22.87
N PHE A 685 -8.75 -2.48 22.40
CA PHE A 685 -9.81 -3.38 22.00
C PHE A 685 -10.37 -4.19 23.15
N LEU A 686 -9.53 -4.54 24.13
CA LEU A 686 -9.99 -5.37 25.24
C LEU A 686 -10.79 -4.58 26.25
N PHE A 687 -10.46 -3.31 26.44
CA PHE A 687 -11.07 -2.55 27.52
C PHE A 687 -12.32 -1.84 27.07
N SER A 688 -12.37 -1.44 25.81
CA SER A 688 -13.47 -0.65 25.28
C SER A 688 -14.56 -1.55 24.73
N GLY A 689 -15.57 -0.92 24.16
CA GLY A 689 -16.71 -1.65 23.68
C GLY A 689 -17.31 -1.01 22.44
N ARG A 690 -18.18 -1.77 21.79
CA ARG A 690 -18.58 -1.46 20.42
C ARG A 690 -19.46 -0.23 20.33
N GLY A 691 -20.33 -0.01 21.31
CA GLY A 691 -21.26 1.11 21.23
C GLY A 691 -20.61 2.46 21.37
N TYR A 692 -19.38 2.51 21.85
CA TYR A 692 -18.58 3.71 21.70
C TYR A 692 -18.22 3.93 20.24
N TRP A 693 -17.56 2.94 19.65
CA TRP A 693 -16.91 3.11 18.37
C TRP A 693 -17.91 3.22 17.25
N GLN A 694 -19.09 2.61 17.42
CA GLN A 694 -20.11 2.75 16.40
C GLN A 694 -20.64 4.17 16.35
N GLU A 695 -20.78 4.81 17.50
CA GLU A 695 -21.20 6.21 17.51
C GLU A 695 -20.10 7.15 17.07
N LEU A 696 -18.83 6.81 17.31
CA LEU A 696 -17.75 7.59 16.75
C LEU A 696 -17.71 7.47 15.24
N ILE A 697 -17.97 6.27 14.73
CA ILE A 697 -18.09 6.06 13.29
C ILE A 697 -19.30 6.80 12.73
N GLU A 698 -20.38 6.96 13.50
CA GLU A 698 -21.50 7.79 13.06
C GLU A 698 -21.08 9.25 12.92
N SER A 699 -20.28 9.73 13.87
CA SER A 699 -19.87 11.13 13.85
C SER A 699 -18.86 11.41 12.76
N ILE A 700 -18.13 10.41 12.29
CA ILE A 700 -17.26 10.64 11.13
C ILE A 700 -17.90 10.24 9.80
N VAL A 701 -18.93 9.37 9.82
CA VAL A 701 -19.77 9.13 8.65
C VAL A 701 -20.52 10.40 8.28
N TRP A 702 -20.88 11.21 9.28
CA TRP A 702 -21.44 12.53 9.00
C TRP A 702 -20.45 13.40 8.23
N ALA A 703 -19.18 13.35 8.60
CA ALA A 703 -18.17 14.17 7.92
C ALA A 703 -17.89 13.67 6.52
N HIS A 704 -17.99 12.36 6.30
CA HIS A 704 -17.88 11.83 4.95
C HIS A 704 -19.15 12.05 4.14
N ASN A 705 -20.30 12.21 4.79
CA ASN A 705 -21.52 12.61 4.09
C ASN A 705 -21.47 14.07 3.67
N LYS A 706 -20.89 14.92 4.51
CA LYS A 706 -20.84 16.35 4.23
C LYS A 706 -19.94 16.64 3.04
N LEU A 707 -18.87 15.88 2.87
CA LEU A 707 -17.99 16.03 1.71
C LEU A 707 -18.22 14.95 0.66
N LYS A 708 -19.42 14.37 0.61
CA LYS A 708 -19.87 13.45 -0.45
C LYS A 708 -18.98 12.22 -0.60
N VAL A 709 -18.29 11.81 0.46
CA VAL A 709 -17.38 10.67 0.39
C VAL A 709 -17.81 9.58 1.37
N ALA A 710 -19.11 9.41 1.55
CA ALA A 710 -19.57 8.25 2.31
C ALA A 710 -19.44 7.01 1.45
N PRO A 711 -18.85 5.93 1.95
CA PRO A 711 -18.73 4.72 1.15
C PRO A 711 -20.06 4.00 1.08
N ALA A 712 -20.24 3.22 0.00
CA ALA A 712 -21.48 2.47 -0.14
C ALA A 712 -21.52 1.28 0.79
N ILE A 713 -20.37 0.64 1.00
CA ILE A 713 -20.24 -0.34 2.07
C ILE A 713 -20.12 0.43 3.37
N GLN A 714 -21.11 0.30 4.21
CA GLN A 714 -21.33 1.22 5.31
C GLN A 714 -20.41 0.89 6.47
N PRO A 715 -19.69 1.87 7.01
CA PRO A 715 -18.72 1.60 8.07
C PRO A 715 -19.41 1.19 9.36
N ARG A 716 -19.04 0.03 9.87
CA ARG A 716 -19.52 -0.45 11.14
C ARG A 716 -18.34 -0.63 12.08
N ALA A 717 -18.61 -0.51 13.37
CA ALA A 717 -17.62 -0.92 14.34
C ALA A 717 -17.47 -2.43 14.30
N LEU A 718 -16.34 -2.91 14.81
CA LEU A 718 -16.09 -4.34 14.86
C LEU A 718 -17.09 -5.02 15.77
N SER A 719 -17.32 -6.31 15.52
CA SER A 719 -18.25 -7.06 16.34
C SER A 719 -17.67 -7.26 17.74
N ILE A 720 -18.54 -7.71 18.65
CA ILE A 720 -18.13 -7.89 20.04
C ILE A 720 -17.09 -8.98 20.15
N THR A 721 -17.42 -10.17 19.65
CA THR A 721 -16.46 -11.25 19.54
C THR A 721 -15.50 -11.06 18.37
N GLN A 722 -15.63 -9.99 17.59
CA GLN A 722 -14.49 -9.66 16.76
C GLN A 722 -13.51 -8.76 17.49
N GLY A 723 -14.00 -7.77 18.23
CA GLY A 723 -13.13 -6.91 19.01
C GLY A 723 -12.38 -7.64 20.09
N ARG A 724 -13.02 -8.66 20.69
CA ARG A 724 -12.31 -9.53 21.62
C ARG A 724 -11.24 -10.34 20.91
N ALA A 725 -11.51 -10.76 19.67
CA ALA A 725 -10.51 -11.53 18.91
C ALA A 725 -9.33 -10.65 18.50
N VAL A 726 -9.61 -9.42 18.10
CA VAL A 726 -8.57 -8.47 17.75
C VAL A 726 -7.73 -8.13 18.96
N GLY A 727 -8.38 -7.94 20.12
CA GLY A 727 -7.65 -7.65 21.33
C GLY A 727 -6.77 -8.79 21.79
N VAL A 728 -7.29 -10.02 21.74
CA VAL A 728 -6.45 -11.12 22.20
C VAL A 728 -5.35 -11.43 21.18
N ALA A 729 -5.60 -11.18 19.88
CA ALA A 729 -4.57 -11.45 18.89
C ALA A 729 -3.44 -10.45 18.97
N HIS A 730 -3.78 -9.17 19.10
CA HIS A 730 -2.74 -8.15 19.27
C HIS A 730 -2.05 -8.27 20.62
N TYR A 731 -2.75 -8.75 21.65
CA TYR A 731 -2.14 -8.94 22.95
C TYR A 731 -1.10 -10.04 22.90
N LEU A 732 -1.45 -11.18 22.31
CA LEU A 732 -0.52 -12.29 22.16
C LEU A 732 0.65 -11.92 21.26
N LEU A 733 0.39 -11.23 20.15
CA LEU A 733 1.47 -10.84 19.25
C LEU A 733 2.44 -9.88 19.93
N GLY A 734 1.92 -8.86 20.60
CA GLY A 734 2.78 -7.90 21.25
C GLY A 734 3.49 -8.41 22.47
N GLY A 735 2.96 -9.43 23.13
CA GLY A 735 3.70 -9.98 24.24
C GLY A 735 4.75 -10.97 23.81
N ILE A 736 4.38 -11.86 22.88
CA ILE A 736 5.28 -12.91 22.45
C ILE A 736 6.41 -12.33 21.61
N ALA A 737 6.14 -11.29 20.81
CA ALA A 737 7.21 -10.71 20.01
C ALA A 737 8.13 -9.84 20.86
N THR A 738 7.61 -9.25 21.94
CA THR A 738 8.45 -8.59 22.93
C THR A 738 9.43 -9.57 23.56
N THR A 739 8.91 -10.72 23.99
CA THR A 739 9.77 -11.73 24.61
C THR A 739 10.72 -12.35 23.58
N TRP A 740 10.28 -12.44 22.33
CA TRP A 740 11.11 -12.90 21.22
C TRP A 740 12.32 -12.01 21.03
N SER A 741 12.09 -10.70 20.91
CA SER A 741 13.16 -9.75 20.71
C SER A 741 14.07 -9.65 21.93
N PHE A 742 13.49 -9.72 23.13
CA PHE A 742 14.26 -9.74 24.37
C PHE A 742 15.17 -10.95 24.45
N PHE A 743 14.61 -12.15 24.22
CA PHE A 743 15.38 -13.38 24.28
C PHE A 743 16.50 -13.39 23.25
N LEU A 744 16.18 -13.06 22.00
CA LEU A 744 17.19 -13.20 20.95
C LEU A 744 18.26 -12.14 21.06
N ALA A 745 17.91 -10.90 21.41
CA ALA A 745 18.94 -9.90 21.60
C ALA A 745 19.77 -10.13 22.84
N ARG A 746 19.20 -10.77 23.88
CA ARG A 746 20.02 -11.20 25.00
C ARG A 746 21.02 -12.27 24.59
N ILE A 747 20.52 -13.34 23.97
CA ILE A 747 21.31 -14.56 23.87
C ILE A 747 22.21 -14.61 22.64
N ILE A 748 21.94 -13.78 21.61
CA ILE A 748 22.91 -13.66 20.53
C ILE A 748 24.12 -12.88 21.01
N SER A 749 23.89 -11.86 21.85
CA SER A 749 24.99 -11.07 22.37
C SER A 749 25.78 -11.84 23.42
N VAL A 750 25.15 -12.21 24.54
CA VAL A 750 25.92 -12.75 25.66
C VAL A 750 26.08 -14.26 25.62
N GLY A 751 25.37 -14.95 24.75
CA GLY A 751 25.50 -16.40 24.68
C GLY A 751 26.57 -16.86 23.70
N LYS B 4 -31.51 -5.69 53.61
CA LYS B 4 -32.90 -5.28 53.54
C LYS B 4 -33.04 -3.82 54.00
N LEU B 5 -32.10 -3.37 54.82
CA LEU B 5 -32.20 -2.05 55.43
C LEU B 5 -31.17 -1.05 54.91
N PHE B 6 -30.00 -1.52 54.45
CA PHE B 6 -28.82 -0.66 54.32
C PHE B 6 -28.92 0.45 53.27
N PRO B 7 -29.46 0.22 52.05
CA PRO B 7 -29.75 1.44 51.29
C PRO B 7 -31.04 2.07 51.82
N LYS B 8 -30.89 2.92 52.86
CA LYS B 8 -32.01 3.68 53.39
C LYS B 8 -32.53 4.68 52.37
N PHE B 9 -31.70 5.07 51.41
CA PHE B 9 -32.05 6.00 50.36
C PHE B 9 -32.75 5.33 49.19
N SER B 10 -32.55 4.04 48.98
CA SER B 10 -33.08 3.34 47.82
C SER B 10 -33.90 2.15 48.28
N GLN B 11 -35.22 2.27 48.20
CA GLN B 11 -36.11 1.17 48.57
C GLN B 11 -36.10 0.07 47.52
N GLY B 12 -35.71 0.38 46.29
CA GLY B 12 -35.52 -0.65 45.27
C GLY B 12 -34.26 -1.45 45.45
N LEU B 13 -33.18 -0.81 45.93
CA LEU B 13 -31.99 -1.57 46.30
C LEU B 13 -32.20 -2.34 47.58
N ALA B 14 -33.09 -1.86 48.46
CA ALA B 14 -33.34 -2.55 49.72
C ALA B 14 -34.05 -3.89 49.51
N GLN B 15 -34.78 -4.05 48.43
CA GLN B 15 -35.45 -5.30 48.10
C GLN B 15 -34.57 -6.24 47.28
N ASP B 16 -33.28 -5.98 47.18
CA ASP B 16 -32.40 -6.80 46.36
C ASP B 16 -31.81 -7.91 47.22
N PRO B 17 -32.13 -9.18 46.95
CA PRO B 17 -31.60 -10.27 47.77
C PRO B 17 -30.15 -10.60 47.49
N THR B 18 -29.56 -10.03 46.44
CA THR B 18 -28.22 -10.39 46.02
C THR B 18 -27.19 -9.56 46.77
N THR B 19 -25.93 -9.68 46.38
CA THR B 19 -24.82 -9.01 47.05
C THR B 19 -24.44 -7.69 46.41
N ARG B 20 -25.06 -7.33 45.28
CA ARG B 20 -24.88 -6.02 44.70
C ARG B 20 -25.74 -4.96 45.38
N ARG B 21 -26.58 -5.37 46.33
CA ARG B 21 -27.24 -4.40 47.21
C ARG B 21 -26.22 -3.61 48.00
N ILE B 22 -25.19 -4.28 48.52
CA ILE B 22 -24.14 -3.59 49.26
C ILE B 22 -23.32 -2.69 48.36
N TRP B 23 -22.94 -3.22 47.18
CA TRP B 23 -22.08 -2.48 46.28
C TRP B 23 -22.76 -1.27 45.70
N TYR B 24 -24.07 -1.34 45.46
CA TYR B 24 -24.74 -0.14 44.98
C TYR B 24 -25.26 0.73 46.11
N GLY B 25 -25.39 0.21 47.34
CA GLY B 25 -25.64 1.09 48.45
C GLY B 25 -24.43 1.94 48.77
N LEU B 26 -23.24 1.44 48.47
CA LEU B 26 -22.04 2.25 48.62
C LEU B 26 -21.82 3.21 47.48
N ALA B 27 -22.42 2.98 46.31
CA ALA B 27 -22.03 3.69 45.11
C ALA B 27 -23.02 4.71 44.61
N MET B 28 -24.30 4.57 44.90
CA MET B 28 -25.25 5.62 44.54
C MET B 28 -25.83 6.26 45.80
N ALA B 29 -25.01 6.29 46.84
CA ALA B 29 -25.37 6.94 48.10
C ALA B 29 -25.26 8.45 48.01
N HIS B 30 -24.34 8.95 47.19
CA HIS B 30 -24.17 10.38 47.06
C HIS B 30 -24.76 10.91 45.77
N ASP B 31 -25.44 10.05 45.01
CA ASP B 31 -26.33 10.49 43.93
C ASP B 31 -27.67 10.79 44.58
N PHE B 32 -27.76 12.00 45.14
CA PHE B 32 -28.91 12.37 45.95
C PHE B 32 -30.17 12.52 45.11
N GLU B 33 -30.02 12.86 43.83
CA GLU B 33 -31.18 13.10 42.97
C GLU B 33 -31.96 11.84 42.68
N SER B 34 -31.29 10.68 42.72
CA SER B 34 -31.95 9.42 42.46
C SER B 34 -32.42 8.73 43.74
N HIS B 35 -32.34 9.41 44.87
CA HIS B 35 -32.85 8.84 46.11
C HIS B 35 -34.36 8.81 46.13
N ASP B 36 -34.89 7.91 46.95
CA ASP B 36 -36.33 7.77 47.07
C ASP B 36 -36.88 8.88 47.96
N GLY B 37 -37.96 9.51 47.50
CA GLY B 37 -38.58 10.59 48.24
C GLY B 37 -37.82 11.89 48.20
N MET B 38 -36.86 12.04 47.29
CA MET B 38 -36.04 13.23 47.26
C MET B 38 -36.78 14.37 46.57
N THR B 39 -36.80 15.52 47.22
CA THR B 39 -37.25 16.77 46.64
C THR B 39 -36.04 17.66 46.39
N GLU B 40 -36.27 18.80 45.74
CA GLU B 40 -35.16 19.69 45.42
C GLU B 40 -34.65 20.42 46.65
N GLU B 41 -35.54 20.69 47.61
CA GLU B 41 -35.13 21.36 48.84
C GLU B 41 -34.26 20.44 49.69
N ASN B 42 -34.67 19.18 49.86
CA ASN B 42 -33.85 18.23 50.61
C ASN B 42 -32.55 17.91 49.88
N LEU B 43 -32.58 17.98 48.54
CA LEU B 43 -31.36 17.88 47.73
C LEU B 43 -30.37 18.96 48.12
N TYR B 44 -30.79 20.23 48.05
CA TYR B 44 -29.91 21.34 48.40
C TYR B 44 -29.45 21.29 49.84
N GLN B 45 -30.31 20.83 50.75
CA GLN B 45 -29.93 20.74 52.16
C GLN B 45 -28.85 19.67 52.39
N LYS B 46 -29.00 18.51 51.74
CA LYS B 46 -27.97 17.48 51.88
C LYS B 46 -26.67 17.90 51.22
N ILE B 47 -26.72 18.65 50.12
CA ILE B 47 -25.50 19.13 49.48
C ILE B 47 -24.79 20.15 50.35
N PHE B 48 -25.56 20.99 51.05
CA PHE B 48 -24.98 21.99 51.94
C PHE B 48 -24.31 21.32 53.13
N ALA B 49 -24.96 20.33 53.73
CA ALA B 49 -24.34 19.55 54.80
C ALA B 49 -23.12 18.77 54.32
N SER B 50 -23.15 18.28 53.08
CA SER B 50 -22.03 17.55 52.51
C SER B 50 -20.83 18.46 52.32
N HIS B 51 -21.06 19.71 51.93
CA HIS B 51 -19.97 20.65 51.77
C HIS B 51 -19.36 21.01 53.11
N PHE B 52 -20.19 21.09 54.17
CA PHE B 52 -19.61 21.24 55.50
C PHE B 52 -18.77 20.04 55.91
N GLY B 53 -19.21 18.83 55.54
CA GLY B 53 -18.41 17.64 55.83
C GLY B 53 -17.08 17.61 55.11
N GLN B 54 -17.06 18.02 53.84
CA GLN B 54 -15.81 18.09 53.09
C GLN B 54 -14.87 19.15 53.67
N LEU B 55 -15.40 20.31 54.07
CA LEU B 55 -14.56 21.33 54.69
C LEU B 55 -13.97 20.87 56.02
N SER B 56 -14.76 20.15 56.82
CA SER B 56 -14.25 19.66 58.09
C SER B 56 -13.20 18.58 57.90
N ILE B 57 -13.33 17.76 56.85
CA ILE B 57 -12.31 16.75 56.58
C ILE B 57 -11.02 17.39 56.10
N ILE B 58 -11.11 18.44 55.27
CA ILE B 58 -9.92 19.15 54.81
C ILE B 58 -9.17 19.79 55.96
N PHE B 59 -9.91 20.41 56.89
CA PHE B 59 -9.26 21.02 58.04
C PHE B 59 -8.70 19.99 59.02
N LEU B 60 -9.38 18.86 59.19
CA LEU B 60 -8.85 17.79 60.05
C LEU B 60 -7.59 17.18 59.46
N TRP B 61 -7.55 17.04 58.14
CA TRP B 61 -6.38 16.54 57.44
C TRP B 61 -5.19 17.48 57.58
N THR B 62 -5.43 18.79 57.44
CA THR B 62 -4.32 19.74 57.58
C THR B 62 -3.82 19.80 59.02
N SER B 63 -4.74 19.71 59.99
CA SER B 63 -4.33 19.67 61.40
C SER B 63 -3.56 18.41 61.72
N GLY B 64 -3.88 17.30 61.06
CA GLY B 64 -3.10 16.10 61.25
C GLY B 64 -1.70 16.21 60.68
N ASN B 65 -1.58 16.84 59.51
CA ASN B 65 -0.26 17.14 58.94
C ASN B 65 0.57 17.98 59.90
N LEU B 66 -0.04 19.04 60.45
CA LEU B 66 0.64 19.92 61.38
C LEU B 66 1.05 19.20 62.66
N PHE B 67 0.16 18.36 63.20
CA PHE B 67 0.46 17.69 64.45
C PHE B 67 1.56 16.64 64.29
N HIS B 68 1.53 15.88 63.19
CA HIS B 68 2.57 14.87 63.00
C HIS B 68 3.91 15.50 62.65
N VAL B 69 3.91 16.67 61.99
CA VAL B 69 5.17 17.37 61.79
C VAL B 69 5.69 17.95 63.09
N ALA B 70 4.81 18.50 63.92
CA ALA B 70 5.23 19.09 65.19
C ALA B 70 5.70 18.03 66.17
N TRP B 71 5.18 16.82 66.07
CA TRP B 71 5.44 15.79 67.07
C TRP B 71 6.49 14.78 66.64
N GLN B 72 6.39 14.23 65.44
CA GLN B 72 7.35 13.23 65.00
C GLN B 72 8.30 13.74 63.92
N GLY B 73 8.37 15.05 63.71
CA GLY B 73 9.20 15.62 62.68
C GLY B 73 10.33 16.46 63.24
N ASN B 74 11.19 16.92 62.33
CA ASN B 74 12.35 17.70 62.72
C ASN B 74 12.30 19.10 62.13
N PHE B 75 11.16 19.77 62.29
CA PHE B 75 10.96 21.08 61.67
C PHE B 75 11.89 22.13 62.27
N GLU B 76 12.10 22.10 63.59
CA GLU B 76 13.02 23.05 64.22
C GLU B 76 14.45 22.77 63.81
N GLN B 77 14.80 21.50 63.61
CA GLN B 77 16.12 21.17 63.09
C GLN B 77 16.24 21.53 61.61
N TRP B 78 15.14 21.44 60.87
CA TRP B 78 15.17 21.75 59.45
C TRP B 78 15.30 23.25 59.20
N VAL B 79 14.77 24.07 60.11
CA VAL B 79 14.90 25.52 60.02
C VAL B 79 16.37 25.94 60.05
N THR B 80 17.17 25.27 60.88
CA THR B 80 18.58 25.64 61.02
C THR B 80 19.39 25.29 59.78
N ASP B 81 19.04 24.21 59.08
CA ASP B 81 19.77 23.78 57.90
C ASP B 81 18.77 23.17 56.91
N PRO B 82 18.13 24.00 56.09
CA PRO B 82 17.12 23.50 55.15
C PRO B 82 17.67 22.91 53.86
N VAL B 83 18.98 22.71 53.75
CA VAL B 83 19.59 22.18 52.54
C VAL B 83 20.15 20.78 52.76
N HIS B 84 20.80 20.55 53.90
CA HIS B 84 21.45 19.28 54.17
C HIS B 84 20.71 18.46 55.21
N ILE B 85 19.41 18.72 55.39
CA ILE B 85 18.56 17.95 56.29
C ILE B 85 17.28 17.59 55.54
N ARG B 86 16.96 16.31 55.51
CA ARG B 86 15.73 15.90 54.87
C ARG B 86 14.54 16.14 55.80
N PRO B 87 13.40 16.57 55.26
CA PRO B 87 12.20 16.71 56.06
C PRO B 87 11.66 15.37 56.52
N ILE B 88 10.82 15.40 57.55
CA ILE B 88 10.26 14.21 58.16
C ILE B 88 8.74 14.34 58.17
N ALA B 89 8.06 13.35 57.59
CA ALA B 89 6.59 13.35 57.60
C ALA B 89 6.05 12.89 58.94
N HIS B 90 6.30 11.63 59.28
CA HIS B 90 5.77 11.02 60.48
C HIS B 90 6.62 9.81 60.82
N ALA B 91 6.59 9.41 62.08
CA ALA B 91 7.38 8.27 62.47
C ALA B 91 6.67 6.98 62.06
N ILE B 92 7.46 5.92 61.94
CA ILE B 92 6.98 4.61 61.56
C ILE B 92 6.91 3.76 62.82
N TRP B 93 5.74 3.23 63.12
CA TRP B 93 5.63 2.14 64.08
C TRP B 93 5.10 0.96 63.30
N ASP B 94 5.99 0.10 62.82
CA ASP B 94 5.60 -1.10 62.10
C ASP B 94 6.19 -2.27 62.85
N PRO B 95 5.39 -3.07 63.55
CA PRO B 95 5.93 -4.22 64.30
C PRO B 95 6.42 -5.34 63.40
N HIS B 96 6.08 -5.32 62.12
CA HIS B 96 6.54 -6.35 61.20
C HIS B 96 7.97 -6.15 60.76
N PHE B 97 8.60 -5.03 61.11
CA PHE B 97 9.98 -4.74 60.72
C PHE B 97 10.97 -5.73 61.33
N GLY B 98 12.08 -5.91 60.62
CA GLY B 98 13.26 -6.49 61.20
C GLY B 98 14.26 -5.40 61.58
N GLN B 99 15.35 -5.83 62.19
CA GLN B 99 16.36 -4.88 62.64
C GLN B 99 17.05 -4.11 61.51
N PRO B 100 17.40 -4.69 60.34
CA PRO B 100 17.88 -3.82 59.25
C PRO B 100 16.85 -2.85 58.73
N ALA B 101 15.57 -3.18 58.84
CA ALA B 101 14.54 -2.23 58.43
C ALA B 101 14.36 -1.12 59.45
N VAL B 102 14.54 -1.41 60.73
CA VAL B 102 14.48 -0.34 61.72
C VAL B 102 15.70 0.58 61.56
N GLU B 103 16.88 0.00 61.35
CA GLU B 103 18.06 0.84 61.19
C GLU B 103 18.15 1.51 59.83
N ALA B 104 17.37 1.04 58.84
CA ALA B 104 17.42 1.65 57.52
C ALA B 104 16.54 2.88 57.41
N PHE B 105 15.43 2.92 58.13
CA PHE B 105 14.49 4.03 58.07
C PHE B 105 14.74 5.08 59.16
N THR B 106 15.82 4.95 59.94
CA THR B 106 16.22 6.00 60.87
C THR B 106 17.17 6.95 60.15
N ARG B 107 16.66 8.11 59.79
CA ARG B 107 17.47 9.16 59.18
C ARG B 107 16.80 10.49 59.47
N GLY B 108 17.39 11.57 58.99
CA GLY B 108 16.92 12.89 59.34
C GLY B 108 17.23 13.31 60.76
N GLY B 109 18.11 12.59 61.46
CA GLY B 109 18.48 12.93 62.81
C GLY B 109 17.54 12.42 63.88
N ALA B 110 16.55 11.60 63.53
CA ALA B 110 15.60 11.09 64.50
C ALA B 110 16.16 9.85 65.19
N SER B 111 15.33 9.25 66.04
CA SER B 111 15.69 8.03 66.75
C SER B 111 14.93 6.81 66.25
N GLY B 112 13.65 6.96 65.95
CA GLY B 112 12.87 5.86 65.43
C GLY B 112 12.81 5.91 63.91
N PRO B 113 12.15 4.93 63.30
CA PRO B 113 11.99 4.96 61.85
C PRO B 113 11.01 6.03 61.43
N VAL B 114 11.36 6.76 60.36
CA VAL B 114 10.62 7.94 59.92
C VAL B 114 10.43 7.87 58.41
N ASN B 115 9.54 8.73 57.91
CA ASN B 115 9.33 8.91 56.48
C ASN B 115 9.75 10.30 56.06
N ILE B 116 10.46 10.38 54.94
CA ILE B 116 10.92 11.66 54.40
C ILE B 116 9.77 12.30 53.62
N SER B 117 9.26 13.43 54.11
CA SER B 117 8.09 14.05 53.49
C SER B 117 8.46 14.69 52.17
N THR B 118 7.65 14.44 51.15
CA THR B 118 7.82 15.02 49.83
C THR B 118 6.63 15.90 49.45
N SER B 119 5.79 16.25 50.42
CA SER B 119 4.62 17.06 50.16
C SER B 119 4.92 18.54 50.20
N GLY B 120 6.14 18.93 50.53
CA GLY B 120 6.54 20.31 50.50
C GLY B 120 6.05 21.16 51.65
N VAL B 121 5.47 20.56 52.69
CA VAL B 121 4.83 21.35 53.73
C VAL B 121 5.84 22.07 54.61
N TYR B 122 7.09 21.59 54.71
CA TYR B 122 8.06 22.35 55.50
C TYR B 122 8.43 23.64 54.79
N GLN B 123 8.57 23.59 53.47
CA GLN B 123 8.90 24.79 52.70
C GLN B 123 7.75 25.78 52.69
N TRP B 124 6.51 25.29 52.74
CA TRP B 124 5.37 26.21 52.80
C TRP B 124 5.21 26.78 54.19
N TRP B 125 5.48 26.02 55.24
CA TRP B 125 5.29 26.54 56.58
C TRP B 125 6.44 27.42 57.01
N TYR B 126 7.65 27.15 56.54
CA TYR B 126 8.81 27.93 56.93
C TYR B 126 8.80 29.32 56.34
N THR B 127 8.13 29.51 55.20
CA THR B 127 8.08 30.81 54.57
C THR B 127 6.88 31.64 55.00
N ILE B 128 5.95 31.08 55.77
CA ILE B 128 4.81 31.83 56.27
C ILE B 128 4.95 32.16 57.74
N GLY B 129 6.10 31.84 58.34
CA GLY B 129 6.41 32.28 59.69
C GLY B 129 6.63 31.17 60.70
N MET B 130 6.37 29.91 60.37
CA MET B 130 6.59 28.83 61.33
C MET B 130 8.08 28.63 61.55
N ARG B 131 8.51 28.65 62.81
CA ARG B 131 9.92 28.41 63.10
C ARG B 131 10.07 27.33 64.15
N THR B 132 9.15 27.27 65.10
CA THR B 132 9.20 26.29 66.17
C THR B 132 8.09 25.27 66.03
N ASN B 133 8.22 24.18 66.78
CA ASN B 133 7.14 23.20 66.85
C ASN B 133 5.93 23.77 67.57
N GLN B 134 6.14 24.68 68.53
CA GLN B 134 5.03 25.31 69.24
C GLN B 134 4.22 26.22 68.34
N ASP B 135 4.79 26.70 67.23
CA ASP B 135 3.99 27.37 66.23
C ASP B 135 3.11 26.41 65.45
N LEU B 136 3.48 25.13 65.40
CA LEU B 136 2.76 24.15 64.62
C LEU B 136 1.69 23.43 65.44
N TYR B 137 1.90 23.26 66.74
CA TYR B 137 0.85 22.70 67.59
C TYR B 137 -0.33 23.64 67.71
N VAL B 138 -0.07 24.95 67.75
CA VAL B 138 -1.15 25.93 67.79
C VAL B 138 -1.95 25.89 66.49
N GLY B 139 -1.27 25.68 65.36
CA GLY B 139 -1.97 25.54 64.09
C GLY B 139 -2.79 24.27 64.01
N SER B 140 -2.26 23.16 64.55
CA SER B 140 -3.01 21.91 64.55
C SER B 140 -4.22 22.00 65.46
N VAL B 141 -4.09 22.64 66.62
CA VAL B 141 -5.22 22.82 67.53
C VAL B 141 -6.26 23.75 66.92
N PHE B 142 -5.81 24.80 66.22
CA PHE B 142 -6.73 25.72 65.59
C PHE B 142 -7.52 25.06 64.47
N LEU B 143 -6.84 24.29 63.62
CA LEU B 143 -7.56 23.64 62.52
C LEU B 143 -8.40 22.47 63.01
N ALA B 144 -8.02 21.83 64.13
CA ALA B 144 -8.90 20.82 64.70
C ALA B 144 -10.17 21.46 65.27
N LEU B 145 -10.03 22.64 65.88
CA LEU B 145 -11.21 23.37 66.36
C LEU B 145 -12.08 23.83 65.21
N VAL B 146 -11.49 24.29 64.11
CA VAL B 146 -12.27 24.76 62.98
C VAL B 146 -12.95 23.59 62.28
N SER B 147 -12.29 22.43 62.23
CA SER B 147 -12.91 21.22 61.69
C SER B 147 -14.08 20.77 62.55
N ALA B 148 -13.94 20.87 63.87
CA ALA B 148 -15.06 20.53 64.75
C ALA B 148 -16.20 21.53 64.60
N ILE B 149 -15.88 22.80 64.39
CA ILE B 149 -16.90 23.82 64.14
C ILE B 149 -17.66 23.53 62.86
N PHE B 150 -16.97 23.07 61.81
CA PHE B 150 -17.67 22.73 60.59
C PHE B 150 -18.46 21.42 60.72
N LEU B 151 -18.05 20.50 61.60
CA LEU B 151 -18.90 19.34 61.88
C LEU B 151 -20.17 19.74 62.64
N PHE B 152 -20.03 20.65 63.63
CA PHE B 152 -21.21 21.21 64.28
C PHE B 152 -22.10 21.94 63.28
N ALA B 153 -21.50 22.63 62.31
CA ALA B 153 -22.28 23.40 61.36
C ALA B 153 -23.04 22.49 60.40
N GLY B 154 -22.39 21.43 59.92
CA GLY B 154 -23.06 20.45 59.09
C GLY B 154 -24.09 19.65 59.85
N TRP B 155 -23.98 19.57 61.17
CA TRP B 155 -25.06 18.98 61.93
C TRP B 155 -26.20 19.96 62.16
N LEU B 156 -25.90 21.24 62.43
CA LEU B 156 -26.95 22.16 62.85
C LEU B 156 -27.74 22.70 61.67
N HIS B 157 -27.12 22.88 60.51
CA HIS B 157 -27.87 23.32 59.34
C HIS B 157 -28.72 22.21 58.73
N LEU B 158 -28.73 21.00 59.30
CA LEU B 158 -29.72 19.98 58.98
C LEU B 158 -30.90 19.98 59.93
N GLN B 159 -30.84 20.74 61.01
CA GLN B 159 -31.91 20.79 62.01
C GLN B 159 -33.00 21.76 61.54
N PRO B 160 -34.28 21.45 61.79
CA PRO B 160 -35.36 22.14 61.07
C PRO B 160 -35.55 23.60 61.44
N ASN B 161 -35.07 24.04 62.60
CA ASN B 161 -35.06 25.47 62.88
C ASN B 161 -33.97 26.18 62.09
N PHE B 162 -32.96 25.46 61.64
CA PHE B 162 -31.84 26.04 60.90
C PHE B 162 -31.72 25.53 59.48
N GLN B 163 -32.64 24.68 59.02
CA GLN B 163 -32.63 24.27 57.61
C GLN B 163 -32.98 25.45 56.72
N PRO B 164 -32.17 25.75 55.73
CA PRO B 164 -32.49 26.87 54.83
C PRO B 164 -33.63 26.54 53.90
N SER B 165 -34.21 27.60 53.33
CA SER B 165 -35.32 27.46 52.41
C SER B 165 -34.81 26.99 51.04
N LEU B 166 -35.76 26.64 50.17
CA LEU B 166 -35.40 26.35 48.79
C LEU B 166 -34.92 27.60 48.07
N SER B 167 -35.47 28.76 48.42
CA SER B 167 -35.12 30.00 47.75
C SER B 167 -33.77 30.55 48.17
N TRP B 168 -33.27 30.15 49.33
CA TRP B 168 -31.99 30.65 49.81
C TRP B 168 -30.83 30.11 48.99
N PHE B 169 -30.94 28.86 48.53
CA PHE B 169 -29.85 28.26 47.77
C PHE B 169 -29.81 28.77 46.33
N LYS B 170 -30.94 29.23 45.80
CA LYS B 170 -30.98 29.73 44.44
C LYS B 170 -30.67 31.21 44.36
N ASP B 171 -30.16 31.81 45.44
CA ASP B 171 -29.64 33.17 45.41
C ASP B 171 -28.24 33.15 44.80
N ALA B 172 -28.20 33.01 43.48
CA ALA B 172 -26.93 33.00 42.77
C ALA B 172 -26.29 34.38 42.75
N GLU B 173 -27.14 35.41 42.80
CA GLU B 173 -26.67 36.79 42.79
C GLU B 173 -25.88 37.11 44.05
N SER B 174 -26.45 36.81 45.22
CA SER B 174 -25.79 37.10 46.49
C SER B 174 -24.59 36.21 46.71
N ARG B 175 -24.64 34.98 46.22
CA ARG B 175 -23.51 34.07 46.38
C ARG B 175 -22.33 34.50 45.53
N LEU B 176 -22.59 34.90 44.28
CA LEU B 176 -21.51 35.33 43.42
C LEU B 176 -21.00 36.72 43.80
N ASN B 177 -21.82 37.52 44.48
CA ASN B 177 -21.31 38.76 45.09
C ASN B 177 -20.38 38.43 46.25
N HIS B 178 -20.86 37.65 47.22
CA HIS B 178 -20.12 37.43 48.46
C HIS B 178 -18.89 36.56 48.26
N HIS B 179 -18.90 35.63 47.30
CA HIS B 179 -17.75 34.77 47.09
C HIS B 179 -16.71 35.37 46.16
N LEU B 180 -16.99 36.53 45.58
CA LEU B 180 -15.94 37.33 44.96
C LEU B 180 -15.39 38.38 45.90
N SER B 181 -16.26 39.13 46.57
CA SER B 181 -15.78 40.19 47.44
C SER B 181 -15.21 39.61 48.73
N GLY B 182 -16.02 38.83 49.46
CA GLY B 182 -15.61 38.37 50.77
C GLY B 182 -14.70 37.18 50.77
N LEU B 183 -15.05 36.15 50.00
CA LEU B 183 -14.29 34.90 50.06
C LEU B 183 -12.99 34.98 49.29
N PHE B 184 -12.89 35.85 48.29
CA PHE B 184 -11.65 35.96 47.54
C PHE B 184 -10.91 37.25 47.78
N GLY B 185 -11.59 38.38 47.87
CA GLY B 185 -10.91 39.65 48.05
C GLY B 185 -10.51 39.92 49.48
N VAL B 186 -11.45 39.76 50.41
CA VAL B 186 -11.15 40.00 51.81
C VAL B 186 -10.20 38.94 52.35
N SER B 187 -10.30 37.72 51.83
CA SER B 187 -9.39 36.65 52.26
C SER B 187 -7.98 36.91 51.76
N SER B 188 -7.82 37.42 50.54
CA SER B 188 -6.49 37.75 50.05
C SER B 188 -5.94 39.00 50.73
N LEU B 189 -6.80 39.95 51.10
CA LEU B 189 -6.36 41.09 51.88
C LEU B 189 -5.89 40.66 53.26
N ALA B 190 -6.59 39.70 53.87
CA ALA B 190 -6.16 39.16 55.15
C ALA B 190 -4.89 38.35 55.01
N TRP B 191 -4.69 37.69 53.88
CA TRP B 191 -3.44 36.98 53.69
C TRP B 191 -2.28 37.92 53.46
N THR B 192 -2.53 39.07 52.84
CA THR B 192 -1.49 40.11 52.79
C THR B 192 -1.21 40.66 54.17
N GLY B 193 -2.25 40.75 55.01
CA GLY B 193 -2.04 41.10 56.40
C GLY B 193 -1.24 40.07 57.17
N HIS B 194 -1.34 38.81 56.78
CA HIS B 194 -0.46 37.82 57.38
C HIS B 194 0.96 37.93 56.85
N LEU B 195 1.09 38.23 55.55
CA LEU B 195 2.41 38.33 54.95
C LEU B 195 3.17 39.55 55.48
N VAL B 196 2.51 40.70 55.49
CA VAL B 196 3.16 41.95 55.91
C VAL B 196 3.51 41.91 57.40
N HIS B 197 2.55 41.50 58.23
CA HIS B 197 2.76 41.56 59.67
C HIS B 197 3.63 40.43 60.20
N VAL B 198 3.56 39.23 59.62
CA VAL B 198 4.14 38.03 60.23
C VAL B 198 5.23 37.43 59.34
N ALA B 199 4.92 37.16 58.08
CA ALA B 199 5.85 36.43 57.23
C ALA B 199 7.04 37.30 56.83
N ILE B 200 6.79 38.58 56.53
CA ILE B 200 7.89 39.51 56.24
C ILE B 200 8.84 39.70 57.41
N PRO B 201 8.38 40.03 58.65
CA PRO B 201 9.37 40.18 59.72
C PRO B 201 10.02 38.88 60.16
N GLU B 202 9.35 37.75 59.97
CA GLU B 202 10.00 36.50 60.32
C GLU B 202 11.02 36.09 59.26
N SER B 203 10.81 36.51 58.02
CA SER B 203 11.84 36.32 57.00
C SER B 203 13.03 37.24 57.23
N ARG B 204 12.81 38.39 57.86
CA ARG B 204 13.89 39.27 58.27
C ARG B 204 14.46 38.91 59.64
N GLY B 205 13.91 37.90 60.30
CA GLY B 205 14.47 37.42 61.54
C GLY B 205 13.87 38.03 62.79
N GLN B 206 12.75 38.71 62.70
CA GLN B 206 12.10 39.30 63.86
C GLN B 206 10.86 38.49 64.21
N HIS B 207 10.77 38.04 65.45
CA HIS B 207 9.65 37.22 65.87
C HIS B 207 8.42 38.07 66.06
N VAL B 208 7.38 37.77 65.28
CA VAL B 208 6.07 38.38 65.45
C VAL B 208 5.09 37.24 65.67
N GLY B 209 4.74 37.00 66.93
CA GLY B 209 3.71 36.05 67.29
C GLY B 209 2.44 36.74 67.75
N TRP B 210 1.63 35.99 68.49
CA TRP B 210 0.39 36.54 69.00
C TRP B 210 0.59 37.42 70.23
N ASP B 211 1.81 37.56 70.72
CA ASP B 211 2.09 38.40 71.87
C ASP B 211 2.47 39.83 71.50
N ASN B 212 3.18 40.02 70.38
CA ASN B 212 3.76 41.31 70.04
C ASN B 212 3.35 41.83 68.67
N PHE B 213 2.30 41.29 68.07
CA PHE B 213 1.92 41.78 66.74
C PHE B 213 1.18 43.11 66.82
N LEU B 214 0.65 43.45 67.98
CA LEU B 214 0.10 44.78 68.23
C LEU B 214 1.17 45.77 68.67
N SER B 215 2.41 45.32 68.82
CA SER B 215 3.49 46.16 69.32
C SER B 215 4.68 46.25 68.39
N VAL B 216 4.76 45.41 67.36
CA VAL B 216 5.86 45.41 66.39
C VAL B 216 5.34 45.99 65.09
N LEU B 217 5.94 47.09 64.66
CA LEU B 217 5.53 47.70 63.40
C LEU B 217 6.06 46.89 62.23
N PRO B 218 5.24 46.65 61.20
CA PRO B 218 5.78 46.04 59.98
C PRO B 218 6.70 46.95 59.22
N HIS B 219 6.34 48.21 59.09
CA HIS B 219 7.12 49.24 58.43
C HIS B 219 7.48 50.30 59.45
N PRO B 220 8.69 50.87 59.40
CA PRO B 220 9.15 51.77 60.47
C PRO B 220 8.39 53.09 60.56
N GLN B 221 7.61 53.46 59.54
CA GLN B 221 6.78 54.64 59.59
C GLN B 221 5.34 54.31 59.23
N GLY B 222 4.84 53.21 59.80
CA GLY B 222 3.70 52.52 59.22
C GLY B 222 2.39 53.28 59.33
N LEU B 223 1.55 53.07 58.30
CA LEU B 223 0.21 53.62 58.06
C LEU B 223 0.18 55.12 57.79
N THR B 224 1.31 55.80 57.90
CA THR B 224 1.40 57.17 57.39
C THR B 224 1.60 57.26 55.87
N PRO B 225 2.39 56.40 55.18
CA PRO B 225 2.41 56.52 53.71
C PRO B 225 1.14 56.04 53.06
N PHE B 226 0.38 55.15 53.70
CA PHE B 226 -0.87 54.71 53.10
C PHE B 226 -1.92 55.80 53.15
N PHE B 227 -1.99 56.53 54.26
CA PHE B 227 -2.96 57.62 54.39
C PHE B 227 -2.49 58.88 53.69
N THR B 228 -1.17 59.06 53.58
CA THR B 228 -0.64 60.24 52.90
C THR B 228 -0.83 60.14 51.39
N GLY B 229 -0.32 59.07 50.79
CA GLY B 229 -0.42 58.88 49.36
C GLY B 229 0.88 58.42 48.74
N ASN B 230 2.00 58.64 49.43
CA ASN B 230 3.29 58.20 48.92
C ASN B 230 3.49 56.73 49.28
N TRP B 231 2.82 55.87 48.51
CA TRP B 231 2.91 54.43 48.73
C TRP B 231 4.27 53.86 48.38
N ALA B 232 5.08 54.59 47.62
CA ALA B 232 6.44 54.16 47.30
C ALA B 232 7.34 54.05 48.51
N ALA B 233 6.98 54.70 49.62
CA ALA B 233 7.70 54.52 50.88
C ALA B 233 7.62 53.10 51.39
N TYR B 234 6.59 52.34 50.99
CA TYR B 234 6.50 50.93 51.30
C TYR B 234 7.35 50.05 50.40
N ALA B 235 8.20 50.62 49.55
CA ALA B 235 9.05 49.82 48.68
C ALA B 235 10.46 50.37 48.57
N GLN B 236 10.92 51.11 49.59
CA GLN B 236 12.17 51.85 49.47
C GLN B 236 13.38 50.93 49.56
N SER B 237 13.50 50.16 50.63
CA SER B 237 14.66 49.30 50.85
C SER B 237 14.25 47.84 50.83
N PRO B 238 14.40 47.14 49.71
CA PRO B 238 14.10 45.72 49.68
C PRO B 238 15.20 44.87 50.30
N ASP B 239 15.07 43.56 50.20
CA ASP B 239 16.11 42.67 50.73
C ASP B 239 17.25 42.62 49.74
N THR B 240 18.47 42.59 50.26
CA THR B 240 19.65 42.63 49.42
C THR B 240 19.89 41.28 48.73
N ALA B 241 20.85 41.26 47.82
CA ALA B 241 21.26 40.02 47.16
C ALA B 241 22.19 39.18 48.02
N SER B 242 22.58 39.68 49.20
CA SER B 242 23.32 38.90 50.18
C SER B 242 22.45 38.57 51.38
N HIS B 243 21.13 38.55 51.21
CA HIS B 243 20.23 38.32 52.32
C HIS B 243 20.23 36.85 52.71
N VAL B 244 20.52 36.59 53.98
CA VAL B 244 20.38 35.25 54.53
C VAL B 244 18.98 35.14 55.11
N PHE B 245 18.21 34.18 54.59
CA PHE B 245 16.79 34.08 54.88
C PHE B 245 16.57 33.64 56.32
N GLY B 246 15.57 34.23 56.96
CA GLY B 246 15.28 33.95 58.35
C GLY B 246 16.12 34.69 59.36
N THR B 247 17.14 35.41 58.92
CA THR B 247 17.98 36.24 59.78
C THR B 247 17.92 37.68 59.29
N ALA B 248 18.67 38.55 59.96
CA ALA B 248 18.69 39.97 59.65
C ALA B 248 19.99 40.40 58.99
N GLN B 249 20.79 39.44 58.50
CA GLN B 249 22.05 39.76 57.84
C GLN B 249 21.75 40.35 56.46
N GLY B 250 21.82 41.68 56.36
CA GLY B 250 21.41 42.36 55.15
C GLY B 250 19.93 42.25 54.94
N SER B 251 19.14 42.71 55.93
CA SER B 251 17.74 42.34 56.00
C SER B 251 16.91 43.08 54.95
N GLY B 252 16.80 44.39 55.07
CA GLY B 252 15.83 45.14 54.29
C GLY B 252 14.59 45.46 55.11
N GLN B 253 13.89 46.51 54.67
CA GLN B 253 12.80 47.05 55.48
C GLN B 253 11.50 47.27 54.70
N ALA B 254 11.45 46.94 53.42
CA ALA B 254 10.24 47.16 52.64
C ALA B 254 9.24 46.03 52.87
N ILE B 255 7.96 46.34 52.67
CA ILE B 255 6.90 45.36 52.90
C ILE B 255 6.14 45.05 51.62
N LEU B 256 6.10 45.99 50.67
CA LEU B 256 5.39 45.82 49.41
C LEU B 256 6.34 46.20 48.30
N THR B 257 7.22 45.30 47.91
CA THR B 257 8.17 45.63 46.86
C THR B 257 7.63 45.03 45.57
N PHE B 258 8.33 45.27 44.47
CA PHE B 258 7.90 44.82 43.15
C PHE B 258 9.18 44.64 42.33
N LEU B 259 9.71 43.42 42.35
CA LEU B 259 11.05 43.16 41.85
C LEU B 259 11.08 42.17 40.70
N GLY B 260 10.39 41.04 40.83
CA GLY B 260 10.52 39.97 39.87
C GLY B 260 11.78 39.17 40.12
N GLY B 261 11.84 38.00 39.48
CA GLY B 261 13.00 37.16 39.70
C GLY B 261 12.89 36.47 41.06
N PHE B 262 14.02 35.94 41.50
CA PHE B 262 14.05 35.10 42.68
C PHE B 262 14.96 35.66 43.75
N HIS B 263 14.66 35.27 44.99
CA HIS B 263 15.60 35.43 46.09
C HIS B 263 16.87 34.67 45.76
N PRO B 264 18.05 35.22 46.02
CA PRO B 264 19.28 34.53 45.59
C PRO B 264 19.62 33.32 46.44
N GLN B 265 19.26 33.31 47.72
CA GLN B 265 19.54 32.15 48.55
C GLN B 265 18.53 31.04 48.33
N THR B 266 17.24 31.33 48.56
CA THR B 266 16.20 30.31 48.54
C THR B 266 15.78 29.92 47.13
N GLN B 267 16.24 30.66 46.11
CA GLN B 267 15.83 30.51 44.70
C GLN B 267 14.31 30.59 44.54
N SER B 268 13.67 31.41 45.35
CA SER B 268 12.23 31.48 45.42
C SER B 268 11.76 32.91 45.23
N LEU B 269 10.46 33.07 45.06
CA LEU B 269 9.85 34.38 44.92
C LEU B 269 10.02 35.16 46.22
N TRP B 270 10.22 36.46 46.10
CA TRP B 270 10.36 37.32 47.27
C TRP B 270 9.02 37.38 47.99
N LEU B 271 9.06 37.46 49.32
CA LEU B 271 7.80 37.54 50.04
C LEU B 271 7.17 38.92 49.93
N THR B 272 7.97 39.92 49.59
CA THR B 272 7.48 41.29 49.48
C THR B 272 6.56 41.46 48.28
N ASP B 273 6.96 40.98 47.12
CA ASP B 273 6.06 41.10 45.99
C ASP B 273 5.01 40.00 45.95
N MET B 274 5.15 38.94 46.74
CA MET B 274 3.99 38.07 46.98
C MET B 274 2.95 38.78 47.82
N ALA B 275 3.39 39.61 48.76
CA ALA B 275 2.46 40.45 49.52
C ALA B 275 1.79 41.47 48.61
N HIS B 276 2.58 42.14 47.75
CA HIS B 276 1.99 43.10 46.83
C HIS B 276 1.09 42.43 45.80
N HIS B 277 1.39 41.17 45.45
CA HIS B 277 0.52 40.36 44.61
C HIS B 277 -0.84 40.14 45.23
N HIS B 278 -0.84 39.58 46.45
CA HIS B 278 -2.12 39.26 47.10
C HIS B 278 -2.89 40.52 47.46
N LEU B 279 -2.19 41.63 47.73
CA LEU B 279 -2.87 42.90 47.96
C LEU B 279 -3.53 43.43 46.70
N ALA B 280 -2.81 43.36 45.57
CA ALA B 280 -3.35 43.87 44.32
C ALA B 280 -4.55 43.04 43.85
N ILE B 281 -4.45 41.72 43.91
CA ILE B 281 -5.60 40.94 43.47
C ILE B 281 -6.71 40.96 44.51
N ALA B 282 -6.40 41.30 45.78
CA ALA B 282 -7.47 41.56 46.74
C ALA B 282 -8.25 42.81 46.36
N VAL B 283 -7.55 43.87 45.96
CA VAL B 283 -8.22 45.09 45.51
C VAL B 283 -9.04 44.84 44.26
N ILE B 284 -8.50 44.06 43.31
CA ILE B 284 -9.25 43.81 42.08
C ILE B 284 -10.42 42.87 42.32
N PHE B 285 -10.30 41.93 43.26
CA PHE B 285 -11.45 41.09 43.59
C PHE B 285 -12.53 41.86 44.35
N ILE B 286 -12.16 42.85 45.15
CA ILE B 286 -13.17 43.66 45.83
C ILE B 286 -13.91 44.55 44.81
N VAL B 287 -13.17 45.11 43.84
CA VAL B 287 -13.79 45.92 42.79
C VAL B 287 -14.70 45.06 41.91
N ALA B 288 -14.26 43.85 41.56
CA ALA B 288 -15.12 42.95 40.80
C ALA B 288 -16.26 42.38 41.64
N GLY B 289 -16.15 42.41 42.96
CA GLY B 289 -17.21 41.95 43.82
C GLY B 289 -18.17 43.00 44.28
N HIS B 290 -17.95 44.26 43.94
CA HIS B 290 -19.00 45.27 44.10
C HIS B 290 -19.64 45.61 42.77
N MET B 291 -19.59 44.67 41.83
CA MET B 291 -20.13 44.82 40.48
C MET B 291 -21.61 44.46 40.40
N TYR B 292 -22.10 43.62 41.31
CA TYR B 292 -23.36 42.94 41.11
C TYR B 292 -24.46 43.52 42.02
N ARG B 293 -25.70 43.38 41.55
CA ARG B 293 -26.87 44.04 42.13
C ARG B 293 -27.68 43.02 42.92
N THR B 294 -27.47 42.97 44.23
CA THR B 294 -28.18 41.99 45.07
C THR B 294 -29.43 42.58 45.70
N ASN B 295 -29.27 43.58 46.58
CA ASN B 295 -30.39 44.13 47.33
C ASN B 295 -30.27 45.64 47.55
N PHE B 296 -29.55 46.34 46.69
CA PHE B 296 -29.26 47.74 46.96
C PHE B 296 -29.46 48.65 45.75
N GLY B 297 -30.01 48.16 44.65
CA GLY B 297 -30.34 48.99 43.50
C GLY B 297 -29.25 49.21 42.47
N ILE B 298 -28.01 49.39 42.92
CA ILE B 298 -26.89 49.58 42.01
C ILE B 298 -26.22 48.23 41.77
N GLY B 299 -25.56 48.12 40.62
CA GLY B 299 -24.83 46.91 40.27
C GLY B 299 -25.33 46.34 38.95
N HIS B 300 -25.16 45.02 38.80
CA HIS B 300 -25.57 44.31 37.60
C HIS B 300 -26.30 43.03 37.98
N ARG B 301 -27.20 42.59 37.10
CA ARG B 301 -28.06 41.46 37.35
C ARG B 301 -27.75 40.32 36.38
N MET B 302 -27.76 39.09 36.89
CA MET B 302 -27.47 37.92 36.06
C MET B 302 -28.59 37.61 35.09
N GLN B 303 -29.81 38.08 35.36
CA GLN B 303 -30.95 37.81 34.49
C GLN B 303 -30.97 38.70 33.26
N ALA B 304 -30.22 39.81 33.26
CA ALA B 304 -30.27 40.77 32.18
C ALA B 304 -29.06 40.73 31.25
N ILE B 305 -27.90 40.33 31.76
CA ILE B 305 -26.68 40.34 30.95
C ILE B 305 -26.67 39.17 29.98
N LEU B 306 -27.21 38.03 30.41
CA LEU B 306 -27.14 36.81 29.60
C LEU B 306 -28.01 36.90 28.35
N GLU B 307 -29.30 37.20 28.52
CA GLU B 307 -30.26 37.17 27.43
C GLU B 307 -30.23 38.45 26.58
N ALA B 308 -29.18 39.27 26.68
CA ALA B 308 -28.97 40.38 25.78
C ALA B 308 -27.70 40.25 24.94
N HIS B 309 -26.75 39.40 25.34
CA HIS B 309 -25.58 39.10 24.51
C HIS B 309 -25.95 38.05 23.49
N THR B 310 -26.68 38.48 22.45
CA THR B 310 -26.99 37.64 21.32
C THR B 310 -26.55 38.31 20.02
N PRO B 311 -25.61 37.74 19.27
CA PRO B 311 -25.18 38.35 18.02
C PRO B 311 -26.13 37.99 16.89
N PRO B 312 -26.48 38.96 16.04
CA PRO B 312 -27.43 38.69 14.95
C PRO B 312 -26.79 37.99 13.76
N SER B 313 -27.59 37.83 12.69
CA SER B 313 -27.17 37.32 11.38
C SER B 313 -26.63 35.88 11.45
N GLY B 314 -27.19 35.07 12.34
CA GLY B 314 -26.82 33.67 12.44
C GLY B 314 -25.42 33.42 12.97
N SER B 315 -24.94 34.27 13.87
CA SER B 315 -23.58 34.13 14.37
C SER B 315 -23.50 33.01 15.42
N LEU B 316 -24.22 33.19 16.52
CA LEU B 316 -24.35 32.16 17.54
C LEU B 316 -25.78 31.65 17.66
N GLY B 317 -26.62 31.91 16.66
CA GLY B 317 -28.02 31.55 16.73
C GLY B 317 -28.80 32.58 17.53
N ALA B 318 -29.42 32.15 18.63
CA ALA B 318 -30.05 33.05 19.57
C ALA B 318 -29.11 33.47 20.69
N GLY B 319 -27.82 33.14 20.58
CA GLY B 319 -26.83 33.58 21.54
C GLY B 319 -26.93 32.93 22.90
N HIS B 320 -27.00 33.75 23.94
CA HIS B 320 -27.03 33.28 25.33
C HIS B 320 -28.42 33.44 25.93
N LYS B 321 -29.45 33.22 25.12
CA LYS B 321 -30.83 33.42 25.54
C LYS B 321 -31.37 32.13 26.16
N GLY B 322 -31.66 32.17 27.45
CA GLY B 322 -32.21 31.04 28.16
C GLY B 322 -31.24 30.27 29.02
N LEU B 323 -30.04 30.81 29.28
CA LEU B 323 -29.06 30.08 30.07
C LEU B 323 -29.33 30.18 31.56
N PHE B 324 -29.83 31.33 32.02
CA PHE B 324 -30.05 31.52 33.46
C PHE B 324 -31.16 30.63 33.99
N ASP B 325 -32.09 30.22 33.14
CA ASP B 325 -33.03 29.17 33.53
C ASP B 325 -32.36 27.82 33.67
N THR B 326 -31.21 27.60 33.03
CA THR B 326 -30.56 26.30 33.07
C THR B 326 -29.26 26.26 33.84
N VAL B 327 -28.56 27.37 34.01
CA VAL B 327 -27.40 27.33 34.88
C VAL B 327 -27.84 27.29 36.34
N ASN B 328 -28.83 28.10 36.70
CA ASN B 328 -29.25 28.18 38.09
C ASN B 328 -30.01 26.93 38.51
N ASN B 329 -30.80 26.35 37.62
CA ASN B 329 -31.62 25.20 37.99
C ASN B 329 -30.83 23.91 38.00
N SER B 330 -29.77 23.80 37.21
CA SER B 330 -28.96 22.59 37.14
C SER B 330 -27.78 22.70 38.07
N LEU B 331 -27.54 21.63 38.84
CA LEU B 331 -26.36 21.53 39.67
C LEU B 331 -25.22 20.86 38.94
N HIS B 332 -25.53 19.95 38.01
CA HIS B 332 -24.48 19.30 37.24
C HIS B 332 -23.84 20.25 36.25
N PHE B 333 -24.57 21.28 35.81
CA PHE B 333 -23.97 22.32 34.98
C PHE B 333 -23.03 23.20 35.82
N GLN B 334 -23.48 23.55 37.02
CA GLN B 334 -22.65 24.34 37.93
C GLN B 334 -21.44 23.54 38.39
N LEU B 335 -21.64 22.25 38.69
CA LEU B 335 -20.52 21.40 39.08
C LEU B 335 -19.57 21.19 37.92
N GLY B 336 -20.09 21.11 36.70
CA GLY B 336 -19.22 20.96 35.55
C GLY B 336 -18.37 22.18 35.28
N LEU B 337 -18.96 23.39 35.40
CA LEU B 337 -18.18 24.60 35.22
C LEU B 337 -17.18 24.80 36.35
N ALA B 338 -17.60 24.47 37.57
CA ALA B 338 -16.71 24.57 38.73
C ALA B 338 -15.54 23.60 38.62
N LEU B 339 -15.79 22.37 38.17
CA LEU B 339 -14.71 21.42 38.00
C LEU B 339 -13.81 21.78 36.84
N ALA B 340 -14.36 22.38 35.77
CA ALA B 340 -13.50 22.84 34.69
C ALA B 340 -12.57 23.94 35.14
N SER B 341 -13.10 24.89 35.92
CA SER B 341 -12.28 25.99 36.41
C SER B 341 -11.23 25.52 37.41
N VAL B 342 -11.62 24.66 38.34
CA VAL B 342 -10.68 24.17 39.35
C VAL B 342 -9.62 23.27 38.71
N GLY B 343 -10.01 22.43 37.75
CA GLY B 343 -9.04 21.59 37.08
C GLY B 343 -8.11 22.33 36.15
N THR B 344 -8.52 23.48 35.63
CA THR B 344 -7.56 24.27 34.88
C THR B 344 -6.64 25.07 35.80
N ILE B 345 -7.15 25.60 36.91
CA ILE B 345 -6.25 26.44 37.71
C ILE B 345 -5.43 25.54 38.61
N THR B 346 -5.73 24.24 38.64
CA THR B 346 -4.84 23.28 39.28
C THR B 346 -3.65 22.94 38.40
N SER B 347 -3.89 22.79 37.09
CA SER B 347 -2.78 22.73 36.14
C SER B 347 -1.97 24.00 36.16
N LEU B 348 -2.62 25.14 36.41
CA LEU B 348 -1.91 26.41 36.50
C LEU B 348 -1.03 26.46 37.75
N VAL B 349 -1.55 25.99 38.88
CA VAL B 349 -0.76 25.84 40.10
C VAL B 349 0.44 24.93 39.86
N ALA B 350 0.23 23.83 39.14
CA ALA B 350 1.32 22.90 38.88
C ALA B 350 2.38 23.50 37.96
N GLN B 351 1.96 24.17 36.88
CA GLN B 351 2.92 24.74 35.94
C GLN B 351 3.67 25.92 36.55
N HIS B 352 3.05 26.66 37.47
CA HIS B 352 3.70 27.85 38.00
C HIS B 352 4.35 27.63 39.36
N MET B 353 4.21 26.46 39.97
CA MET B 353 4.97 26.21 41.18
C MET B 353 6.29 25.50 40.94
N TYR B 354 6.58 25.05 39.73
CA TYR B 354 7.92 24.53 39.48
C TYR B 354 8.82 25.58 38.86
N SER B 355 8.26 26.38 37.96
CA SER B 355 9.04 27.39 37.26
C SER B 355 9.24 28.62 38.12
N LEU B 356 8.22 28.98 38.90
CA LEU B 356 8.26 30.09 39.83
C LEU B 356 8.01 29.54 41.23
N PRO B 357 9.00 28.91 41.86
CA PRO B 357 8.76 28.29 43.17
C PRO B 357 8.52 29.33 44.24
N PRO B 358 7.35 29.30 44.89
CA PRO B 358 7.00 30.37 45.83
C PRO B 358 7.56 30.18 47.23
N TYR B 359 8.14 29.03 47.54
CA TYR B 359 8.47 28.73 48.92
C TYR B 359 9.97 28.65 49.09
N ALA B 360 10.44 29.06 50.26
CA ALA B 360 11.85 29.11 50.56
C ALA B 360 12.44 27.71 50.56
N PHE B 361 13.56 27.55 49.84
CA PHE B 361 14.32 26.32 49.70
C PHE B 361 13.54 25.20 49.04
N GLN B 362 12.49 25.55 48.31
CA GLN B 362 11.90 24.72 47.28
C GLN B 362 12.79 24.82 46.03
N ALA B 363 12.68 23.82 45.15
CA ALA B 363 13.47 23.62 43.93
C ALA B 363 14.95 23.38 44.21
N ILE B 364 15.32 23.22 45.48
CA ILE B 364 16.53 22.51 45.86
C ILE B 364 16.21 21.12 46.36
N ASP B 365 15.08 21.00 47.06
CA ASP B 365 14.46 19.71 47.37
C ASP B 365 13.77 19.23 46.11
N PHE B 366 14.46 18.39 45.35
CA PHE B 366 14.01 18.00 44.03
C PHE B 366 12.83 17.02 44.09
N THR B 367 12.79 16.20 45.13
CA THR B 367 11.77 15.17 45.25
C THR B 367 10.43 15.80 45.61
N THR B 368 10.46 16.81 46.48
CA THR B 368 9.31 17.66 46.75
C THR B 368 8.74 18.27 45.47
N GLN B 369 9.61 18.79 44.61
CA GLN B 369 9.15 19.45 43.38
C GLN B 369 8.52 18.46 42.42
N ALA B 370 9.12 17.27 42.27
CA ALA B 370 8.55 16.25 41.41
C ALA B 370 7.22 15.74 41.93
N ALA B 371 7.13 15.54 43.25
CA ALA B 371 5.91 15.06 43.86
C ALA B 371 4.79 16.10 43.75
N LEU B 372 5.09 17.37 43.97
CA LEU B 372 4.05 18.39 43.91
C LEU B 372 3.54 18.59 42.49
N TYR B 373 4.45 18.60 41.51
CA TYR B 373 4.03 18.76 40.13
C TYR B 373 3.17 17.58 39.68
N THR B 374 3.66 16.36 39.92
CA THR B 374 2.92 15.18 39.48
C THR B 374 1.60 15.03 40.23
N HIS B 375 1.59 15.41 41.52
CA HIS B 375 0.39 15.39 42.33
C HIS B 375 -0.68 16.29 41.75
N HIS B 376 -0.39 17.59 41.61
CA HIS B 376 -1.41 18.50 41.13
C HIS B 376 -1.74 18.30 39.66
N GLN B 377 -0.85 17.69 38.87
CA GLN B 377 -1.22 17.37 37.49
C GLN B 377 -2.19 16.19 37.40
N TYR B 378 -2.03 15.18 38.25
CA TYR B 378 -3.05 14.12 38.23
C TYR B 378 -4.36 14.55 38.88
N ILE B 379 -4.28 15.40 39.91
CA ILE B 379 -5.49 16.00 40.47
C ILE B 379 -6.22 16.82 39.41
N ALA B 380 -5.47 17.57 38.60
CA ALA B 380 -6.07 18.36 37.54
C ALA B 380 -6.62 17.49 36.43
N GLY B 381 -5.98 16.37 36.13
CA GLY B 381 -6.49 15.48 35.10
C GLY B 381 -7.79 14.81 35.50
N PHE B 382 -7.88 14.33 36.75
CA PHE B 382 -9.13 13.75 37.25
C PHE B 382 -10.23 14.79 37.35
N ILE B 383 -9.91 16.00 37.80
CA ILE B 383 -10.95 17.02 37.92
C ILE B 383 -11.39 17.50 36.53
N MET B 384 -10.48 17.53 35.55
CA MET B 384 -10.89 17.92 34.21
C MET B 384 -11.67 16.84 33.49
N CYS B 385 -11.43 15.56 33.79
CA CYS B 385 -12.32 14.58 33.17
C CYS B 385 -13.67 14.51 33.90
N GLY B 386 -13.71 14.89 35.18
CA GLY B 386 -15.01 14.96 35.85
C GLY B 386 -15.83 16.17 35.53
N ALA B 387 -15.19 17.24 35.08
CA ALA B 387 -15.92 18.38 34.52
C ALA B 387 -16.77 17.95 33.34
N PHE B 388 -16.17 17.20 32.43
CA PHE B 388 -16.91 16.67 31.29
C PHE B 388 -17.87 15.57 31.69
N ALA B 389 -17.57 14.82 32.75
CA ALA B 389 -18.51 13.82 33.23
C ALA B 389 -19.80 14.46 33.71
N HIS B 390 -19.70 15.49 34.55
CA HIS B 390 -20.91 16.15 35.00
C HIS B 390 -21.53 17.03 33.92
N GLY B 391 -20.75 17.45 32.93
CA GLY B 391 -21.33 18.04 31.74
C GLY B 391 -22.14 17.06 30.92
N ALA B 392 -21.76 15.78 30.96
CA ALA B 392 -22.58 14.74 30.34
C ALA B 392 -23.80 14.39 31.18
N ILE B 393 -23.70 14.48 32.51
CA ILE B 393 -24.85 14.24 33.35
C ILE B 393 -25.87 15.36 33.20
N PHE B 394 -25.39 16.57 32.89
CA PHE B 394 -26.26 17.71 32.63
C PHE B 394 -27.21 17.46 31.47
N PHE B 395 -26.70 16.96 30.34
CA PHE B 395 -27.52 16.83 29.15
C PHE B 395 -28.58 15.76 29.30
N ILE B 396 -28.33 14.75 30.12
CA ILE B 396 -29.34 13.72 30.34
C ILE B 396 -30.35 14.18 31.38
N ARG B 397 -29.86 14.59 32.56
CA ARG B 397 -30.78 14.82 33.67
C ARG B 397 -31.40 16.21 33.63
N ASP B 398 -30.65 17.23 33.21
CA ASP B 398 -31.06 18.60 33.43
C ASP B 398 -31.46 19.36 32.17
N TYR B 399 -31.01 18.93 31.00
CA TYR B 399 -31.20 19.71 29.78
C TYR B 399 -32.64 19.64 29.31
N ASP B 400 -33.17 20.78 28.89
CA ASP B 400 -34.52 20.87 28.36
C ASP B 400 -34.43 21.61 27.02
N PRO B 401 -34.76 20.96 25.90
CA PRO B 401 -34.65 21.65 24.61
C PRO B 401 -35.68 22.75 24.42
N GLU B 402 -36.88 22.59 24.97
CA GLU B 402 -37.90 23.63 24.84
C GLU B 402 -37.59 24.84 25.71
N GLN B 403 -36.78 24.67 26.76
CA GLN B 403 -36.29 25.79 27.54
C GLN B 403 -35.05 26.41 26.91
N ASN B 404 -34.34 25.66 26.07
CA ASN B 404 -33.09 26.10 25.47
C ASN B 404 -33.23 26.24 23.97
N LYS B 405 -34.31 26.86 23.51
CA LYS B 405 -34.59 26.99 22.09
C LYS B 405 -33.58 27.93 21.44
N GLY B 406 -32.60 27.35 20.76
CA GLY B 406 -31.75 28.10 19.86
C GLY B 406 -30.53 28.75 20.46
N ASN B 407 -30.24 28.53 21.75
CA ASN B 407 -29.09 29.14 22.37
C ASN B 407 -27.80 28.40 22.00
N VAL B 408 -26.69 28.77 22.64
CA VAL B 408 -25.40 28.15 22.34
C VAL B 408 -25.39 26.70 22.79
N LEU B 409 -26.16 26.37 23.81
CA LEU B 409 -26.19 25.02 24.36
C LEU B 409 -26.99 24.07 23.48
N ALA B 410 -27.88 24.61 22.63
CA ALA B 410 -28.60 23.80 21.65
C ALA B 410 -27.89 23.75 20.31
N ARG B 411 -27.20 24.83 19.93
CA ARG B 411 -26.39 24.81 18.72
C ARG B 411 -25.20 23.87 18.88
N MET B 412 -24.74 23.69 20.12
CA MET B 412 -23.68 22.74 20.41
C MET B 412 -24.11 21.32 20.06
N LEU B 413 -25.31 20.93 20.51
CA LEU B 413 -25.86 19.64 20.12
C LEU B 413 -26.27 19.59 18.66
N ASP B 414 -26.51 20.76 18.04
CA ASP B 414 -26.95 20.78 16.65
C ASP B 414 -25.83 20.38 15.72
N HIS B 415 -24.61 20.84 15.97
CA HIS B 415 -23.46 20.44 15.16
C HIS B 415 -22.48 19.63 16.00
N LYS B 416 -23.02 18.69 16.78
CA LYS B 416 -22.19 17.79 17.57
C LYS B 416 -21.34 16.89 16.69
N GLU B 417 -21.84 16.52 15.51
CA GLU B 417 -21.06 15.69 14.60
C GLU B 417 -19.86 16.43 14.05
N ALA B 418 -19.99 17.74 13.84
CA ALA B 418 -18.86 18.54 13.38
C ALA B 418 -17.79 18.67 14.45
N LEU B 419 -18.22 18.82 15.71
CA LEU B 419 -17.30 18.88 16.84
C LEU B 419 -16.53 17.58 17.00
N ILE B 420 -17.24 16.45 17.00
CA ILE B 420 -16.60 15.16 17.23
C ILE B 420 -15.72 14.79 16.03
N SER B 421 -16.15 15.12 14.82
CA SER B 421 -15.35 14.81 13.63
C SER B 421 -14.10 15.68 13.55
N HIS B 422 -14.17 16.94 13.99
CA HIS B 422 -12.96 17.75 13.97
C HIS B 422 -12.01 17.40 15.10
N LEU B 423 -12.51 17.03 16.29
CA LEU B 423 -11.63 16.49 17.32
C LEU B 423 -11.00 15.17 16.87
N SER B 424 -11.78 14.35 16.15
CA SER B 424 -11.26 13.12 15.57
C SER B 424 -10.16 13.41 14.55
N TRP B 425 -10.34 14.45 13.74
CA TRP B 425 -9.30 14.80 12.77
C TRP B 425 -8.04 15.28 13.45
N VAL B 426 -8.18 16.16 14.46
CA VAL B 426 -7.00 16.72 15.12
C VAL B 426 -6.25 15.63 15.87
N SER B 427 -6.97 14.75 16.57
CA SER B 427 -6.33 13.65 17.28
C SER B 427 -5.69 12.67 16.31
N LEU B 428 -6.32 12.43 15.16
CA LEU B 428 -5.80 11.45 14.23
C LEU B 428 -4.56 11.99 13.52
N PHE B 429 -4.57 13.27 13.20
CA PHE B 429 -3.39 13.94 12.63
C PHE B 429 -2.23 13.95 13.61
N LEU B 430 -2.49 14.35 14.86
CA LEU B 430 -1.44 14.45 15.86
C LEU B 430 -0.85 13.10 16.18
N GLY B 431 -1.68 12.06 16.29
CA GLY B 431 -1.15 10.74 16.57
C GLY B 431 -0.40 10.14 15.42
N PHE B 432 -0.93 10.28 14.19
CA PHE B 432 -0.24 9.84 12.98
C PHE B 432 1.14 10.45 12.87
N HIS B 433 1.23 11.76 12.98
CA HIS B 433 2.53 12.38 12.74
C HIS B 433 3.45 12.36 13.94
N THR B 434 2.94 12.35 15.18
CA THR B 434 3.81 12.22 16.33
C THR B 434 4.41 10.82 16.43
N LEU B 435 3.56 9.79 16.28
CA LEU B 435 4.08 8.43 16.25
C LEU B 435 4.94 8.18 15.03
N GLY B 436 4.61 8.80 13.90
CA GLY B 436 5.42 8.65 12.71
C GLY B 436 6.82 9.23 12.87
N LEU B 437 6.92 10.40 13.47
CA LEU B 437 8.24 10.98 13.66
C LEU B 437 9.03 10.26 14.75
N TYR B 438 8.36 9.75 15.78
CA TYR B 438 9.08 8.96 16.79
C TYR B 438 9.57 7.63 16.23
N VAL B 439 8.73 6.91 15.48
CA VAL B 439 9.16 5.64 14.89
C VAL B 439 10.23 5.89 13.84
N HIS B 440 10.15 7.03 13.13
CA HIS B 440 11.20 7.41 12.20
C HIS B 440 12.54 7.63 12.90
N ASN B 441 12.52 8.34 14.03
CA ASN B 441 13.77 8.57 14.74
C ASN B 441 14.31 7.30 15.37
N ASP B 442 13.42 6.38 15.78
CA ASP B 442 13.86 5.10 16.30
C ASP B 442 14.51 4.24 15.22
N VAL B 443 13.95 4.27 14.01
CA VAL B 443 14.54 3.53 12.90
C VAL B 443 15.88 4.16 12.50
N MET B 444 16.01 5.48 12.63
CA MET B 444 17.29 6.11 12.30
C MET B 444 18.34 5.82 13.36
N GLN B 445 17.95 5.83 14.64
CA GLN B 445 18.90 5.46 15.69
C GLN B 445 19.29 4.01 15.62
N ALA B 446 18.38 3.15 15.15
CA ALA B 446 18.70 1.73 15.06
C ALA B 446 19.70 1.46 13.94
N PHE B 447 19.58 2.17 12.84
CA PHE B 447 20.47 1.95 11.71
C PHE B 447 21.77 2.73 11.83
N GLY B 448 22.03 3.33 12.99
CA GLY B 448 23.28 4.01 13.24
C GLY B 448 23.40 5.35 12.58
N THR B 449 22.30 5.94 12.11
CA THR B 449 22.31 7.19 11.37
C THR B 449 21.45 8.22 12.10
N PRO B 450 21.99 8.86 13.14
CA PRO B 450 21.20 9.87 13.87
C PRO B 450 20.94 11.15 13.11
N GLU B 451 21.63 11.37 12.00
CA GLU B 451 21.55 12.65 11.30
C GLU B 451 20.32 12.72 10.40
N LYS B 452 19.71 11.58 10.12
CA LYS B 452 18.53 11.50 9.29
C LYS B 452 17.25 11.65 10.08
N GLN B 453 17.34 12.05 11.34
CA GLN B 453 16.18 12.26 12.18
C GLN B 453 15.40 13.49 11.74
N ILE B 454 14.09 13.43 11.93
CA ILE B 454 13.26 14.63 11.84
C ILE B 454 13.38 15.34 13.17
N LEU B 455 14.18 16.40 13.21
CA LEU B 455 14.37 17.18 14.42
C LEU B 455 13.85 18.57 14.15
N ILE B 456 12.56 18.74 14.29
CA ILE B 456 11.94 20.03 14.04
C ILE B 456 12.19 20.91 15.26
N GLU B 457 12.80 22.06 15.03
CA GLU B 457 13.12 22.96 16.12
C GLU B 457 11.86 23.67 16.60
N PRO B 458 11.64 23.77 17.90
CA PRO B 458 10.44 24.44 18.39
C PRO B 458 10.53 25.95 18.23
N VAL B 459 10.30 26.44 17.02
CA VAL B 459 10.53 27.85 16.71
C VAL B 459 9.53 28.73 17.43
N PHE B 460 8.28 28.27 17.54
CA PHE B 460 7.20 29.13 18.01
C PHE B 460 7.29 29.39 19.51
N ALA B 461 7.89 28.48 20.28
CA ALA B 461 8.03 28.66 21.71
C ALA B 461 9.37 29.24 22.11
N GLN B 462 10.42 28.98 21.33
CA GLN B 462 11.66 29.72 21.47
C GLN B 462 11.46 31.20 21.19
N TRP B 463 10.55 31.53 20.25
CA TRP B 463 10.20 32.92 20.04
C TRP B 463 9.50 33.53 21.24
N ILE B 464 8.72 32.75 21.98
CA ILE B 464 8.06 33.27 23.17
C ILE B 464 9.06 33.43 24.31
N GLN B 465 10.01 32.50 24.43
CA GLN B 465 11.08 32.66 25.42
C GLN B 465 11.95 33.88 25.11
N ALA B 466 12.26 34.10 23.84
CA ALA B 466 13.05 35.27 23.46
C ALA B 466 12.26 36.55 23.56
N ALA B 467 10.93 36.48 23.46
CA ALA B 467 10.12 37.65 23.73
C ALA B 467 9.92 37.89 25.22
N HIS B 468 10.19 36.89 26.05
CA HIS B 468 10.16 37.07 27.49
C HIS B 468 11.51 37.43 28.06
N GLY B 469 12.58 37.33 27.28
CA GLY B 469 13.87 37.82 27.72
C GLY B 469 14.95 36.78 27.77
N LYS B 470 14.78 35.68 27.05
CA LYS B 470 15.79 34.64 27.00
C LYS B 470 16.66 34.89 25.77
N ALA B 471 17.89 35.33 26.00
CA ALA B 471 18.79 35.73 24.94
C ALA B 471 19.62 34.58 24.39
N LEU B 472 19.13 33.35 24.51
CA LEU B 472 19.86 32.19 24.04
C LEU B 472 19.60 31.90 22.58
N TYR B 473 18.49 32.36 22.02
CA TYR B 473 18.13 32.01 20.66
C TYR B 473 18.33 33.14 19.65
N GLY B 474 18.42 34.38 20.10
CA GLY B 474 18.74 35.47 19.21
C GLY B 474 17.60 35.97 18.35
N PHE B 475 16.35 35.78 18.80
CA PHE B 475 15.21 36.36 18.08
C PHE B 475 15.03 37.83 18.35
N ASP B 476 15.63 38.34 19.45
CA ASP B 476 15.67 39.72 19.99
C ASP B 476 14.40 40.52 19.73
N PHE B 477 13.27 40.03 20.23
CA PHE B 477 12.00 40.60 19.79
C PHE B 477 11.49 41.70 20.73
N LEU B 478 11.19 41.37 21.98
CA LEU B 478 10.68 42.39 22.89
C LEU B 478 11.51 42.56 24.16
N LEU B 479 11.77 41.50 24.93
CA LEU B 479 12.47 41.67 26.19
C LEU B 479 13.91 41.23 26.15
N SER B 480 14.29 40.38 25.20
CA SER B 480 15.70 40.08 24.98
C SER B 480 16.36 41.11 24.07
N SER B 481 15.59 41.99 23.45
CA SER B 481 16.12 43.12 22.71
C SER B 481 16.27 44.29 23.66
N LYS B 482 17.49 44.83 23.76
CA LYS B 482 17.77 45.92 24.68
C LYS B 482 17.26 47.27 24.19
N THR B 483 16.71 47.35 22.98
CA THR B 483 16.32 48.61 22.38
C THR B 483 14.81 48.79 22.27
N SER B 484 14.01 47.79 22.64
CA SER B 484 12.58 47.87 22.46
C SER B 484 11.95 48.72 23.56
N ALA B 485 10.65 48.97 23.43
CA ALA B 485 9.93 49.80 24.40
C ALA B 485 9.44 49.01 25.60
N ALA B 486 9.04 47.75 25.40
CA ALA B 486 8.64 46.91 26.52
C ALA B 486 9.83 46.55 27.40
N PHE B 487 11.02 46.52 26.82
CA PHE B 487 12.24 46.42 27.62
C PHE B 487 12.50 47.71 28.39
N ALA B 488 12.41 48.85 27.71
CA ALA B 488 12.86 50.11 28.26
C ALA B 488 11.93 50.67 29.33
N ASN B 489 10.62 50.47 29.19
CA ASN B 489 9.67 51.07 30.12
C ASN B 489 9.42 50.24 31.37
N GLY B 490 10.33 49.32 31.70
CA GLY B 490 10.19 48.54 32.92
C GLY B 490 11.50 48.23 33.61
N GLN B 491 12.56 48.98 33.27
CA GLN B 491 13.89 48.69 33.82
C GLN B 491 13.98 49.03 35.30
N SER B 492 13.20 50.00 35.75
CA SER B 492 13.10 50.24 37.19
C SER B 492 11.93 49.52 37.83
N LEU B 493 10.96 49.08 37.04
CA LEU B 493 9.71 48.59 37.60
C LEU B 493 9.80 47.11 38.00
N TRP B 494 9.96 46.19 37.03
CA TRP B 494 10.05 44.79 37.41
C TRP B 494 11.01 43.94 36.58
N LEU B 495 11.73 44.49 35.63
CA LEU B 495 12.44 43.65 34.67
C LEU B 495 13.78 43.01 35.08
N PRO B 496 14.76 43.70 35.71
CA PRO B 496 16.12 43.11 35.77
C PRO B 496 16.24 41.84 36.61
N GLY B 497 15.47 41.68 37.67
CA GLY B 497 15.49 40.41 38.39
C GLY B 497 14.89 39.29 37.56
N TRP B 498 13.84 39.59 36.81
CA TRP B 498 13.23 38.62 35.91
C TRP B 498 14.17 38.22 34.77
N LEU B 499 14.96 39.17 34.27
CA LEU B 499 15.90 38.87 33.20
C LEU B 499 17.12 38.13 33.72
N ASP B 500 17.53 38.38 34.97
CA ASP B 500 18.61 37.62 35.57
C ASP B 500 18.14 36.27 36.07
N ALA B 501 16.84 36.06 36.17
CA ALA B 501 16.29 34.77 36.56
C ALA B 501 15.96 33.87 35.38
N ILE B 502 15.54 34.43 34.24
CA ILE B 502 15.36 33.60 33.05
C ILE B 502 16.69 33.10 32.52
N ASN B 503 17.66 34.00 32.38
CA ASN B 503 18.92 33.66 31.73
C ASN B 503 19.83 32.79 32.60
N ASN B 504 19.47 32.57 33.87
CA ASN B 504 20.07 31.49 34.64
C ASN B 504 19.60 30.16 34.06
N ASN B 505 20.55 29.32 33.68
CA ASN B 505 20.25 28.03 33.08
C ASN B 505 20.14 26.91 34.11
N GLN B 506 19.93 27.23 35.37
CA GLN B 506 19.86 26.23 36.42
C GLN B 506 18.57 26.28 37.23
N ASN B 507 17.63 27.16 36.89
CA ASN B 507 16.29 27.10 37.44
C ASN B 507 15.35 26.49 36.39
N SER B 508 14.09 26.35 36.76
CA SER B 508 13.07 25.86 35.85
C SER B 508 12.31 26.98 35.17
N LEU B 509 12.83 28.20 35.23
CA LEU B 509 12.18 29.36 34.65
C LEU B 509 12.54 29.42 33.17
N PHE B 510 11.63 28.96 32.32
CA PHE B 510 11.76 28.95 30.86
C PHE B 510 13.01 28.17 30.41
N LEU B 511 12.93 26.87 30.63
CA LEU B 511 13.97 25.94 30.21
C LEU B 511 14.23 26.03 28.71
N THR B 512 15.49 25.83 28.34
CA THR B 512 15.82 25.81 26.93
C THR B 512 15.30 24.53 26.30
N ILE B 513 14.82 24.64 25.06
CA ILE B 513 14.00 23.59 24.47
C ILE B 513 14.51 23.24 23.07
N GLY B 514 14.35 21.96 22.71
CA GLY B 514 14.75 21.46 21.42
C GLY B 514 13.76 20.46 20.89
N PRO B 515 14.17 19.65 19.91
CA PRO B 515 13.21 18.85 19.13
C PRO B 515 12.48 17.78 19.92
N GLY B 516 13.08 17.27 20.99
CA GLY B 516 12.35 16.38 21.87
C GLY B 516 11.20 17.05 22.56
N ASP B 517 11.30 18.35 22.81
CA ASP B 517 10.23 19.11 23.44
C ASP B 517 9.16 19.50 22.44
N PHE B 518 9.54 19.67 21.17
CA PHE B 518 8.57 19.72 20.08
C PHE B 518 7.73 18.46 20.02
N LEU B 519 8.39 17.31 19.96
CA LEU B 519 7.70 16.02 19.84
C LEU B 519 6.84 15.73 21.06
N VAL B 520 7.30 16.08 22.25
CA VAL B 520 6.48 15.72 23.40
C VAL B 520 5.39 16.75 23.65
N HIS B 521 5.55 18.02 23.24
CA HIS B 521 4.40 18.92 23.31
C HIS B 521 3.33 18.54 22.30
N HIS B 522 3.72 17.96 21.16
CA HIS B 522 2.69 17.43 20.29
C HIS B 522 2.10 16.11 20.78
N ALA B 523 2.86 15.33 21.55
CA ALA B 523 2.27 14.20 22.26
C ALA B 523 1.24 14.66 23.30
N ILE B 524 1.54 15.75 24.00
CA ILE B 524 0.61 16.32 24.98
C ILE B 524 -0.63 16.85 24.28
N ALA B 525 -0.46 17.47 23.11
CA ALA B 525 -1.61 17.95 22.36
C ALA B 525 -2.45 16.80 21.81
N LEU B 526 -1.80 15.70 21.40
CA LEU B 526 -2.50 14.47 21.07
C LEU B 526 -3.33 13.98 22.24
N GLY B 527 -2.74 13.96 23.43
CA GLY B 527 -3.46 13.47 24.60
C GLY B 527 -4.62 14.35 25.00
N LEU B 528 -4.43 15.66 24.93
CA LEU B 528 -5.50 16.60 25.29
C LEU B 528 -6.64 16.53 24.29
N HIS B 529 -6.33 16.53 22.99
CA HIS B 529 -7.39 16.47 21.99
C HIS B 529 -8.09 15.12 21.96
N THR B 530 -7.37 14.03 22.27
CA THR B 530 -8.05 12.75 22.27
C THR B 530 -8.91 12.57 23.52
N THR B 531 -8.43 13.06 24.67
CA THR B 531 -9.23 13.01 25.89
C THR B 531 -10.48 13.85 25.76
N THR B 532 -10.38 15.02 25.11
CA THR B 532 -11.58 15.79 24.86
C THR B 532 -12.43 15.19 23.77
N LEU B 533 -11.85 14.42 22.84
CA LEU B 533 -12.65 13.70 21.87
C LEU B 533 -13.55 12.69 22.56
N ILE B 534 -12.99 11.92 23.50
CA ILE B 534 -13.77 10.92 24.21
C ILE B 534 -14.79 11.58 25.13
N LEU B 535 -14.39 12.65 25.81
CA LEU B 535 -15.29 13.31 26.76
C LEU B 535 -16.38 14.14 26.11
N VAL B 536 -16.06 14.87 25.04
CA VAL B 536 -17.06 15.65 24.31
C VAL B 536 -17.99 14.72 23.55
N LYS B 537 -17.47 13.61 23.00
CA LYS B 537 -18.33 12.62 22.38
C LYS B 537 -19.24 11.95 23.40
N GLY B 538 -18.77 11.77 24.64
CA GLY B 538 -19.65 11.24 25.66
C GLY B 538 -20.66 12.24 26.16
N ALA B 539 -20.33 13.52 26.12
CA ALA B 539 -21.26 14.55 26.59
C ALA B 539 -22.32 14.89 25.56
N LEU B 540 -21.98 14.85 24.27
CA LEU B 540 -22.91 15.23 23.24
C LEU B 540 -23.76 14.07 22.75
N ASP B 541 -23.21 12.86 22.69
CA ASP B 541 -24.02 11.69 22.43
C ASP B 541 -24.68 11.12 23.67
N ALA B 542 -24.68 11.87 24.79
CA ALA B 542 -25.29 11.40 26.01
C ALA B 542 -26.79 11.26 25.89
N ARG B 543 -27.41 12.06 25.03
CA ARG B 543 -28.86 12.02 24.84
C ARG B 543 -29.30 11.10 23.73
N GLY B 544 -28.41 10.75 22.81
CA GLY B 544 -28.79 9.87 21.72
C GLY B 544 -27.79 9.78 20.60
N SER B 545 -27.93 8.75 19.79
CA SER B 545 -27.09 8.55 18.62
C SER B 545 -27.90 7.77 17.60
N LYS B 546 -27.32 7.51 16.43
CA LYS B 546 -28.03 6.70 15.45
C LYS B 546 -28.09 5.23 15.86
N LEU B 547 -27.16 4.78 16.71
CA LEU B 547 -27.25 3.44 17.24
C LEU B 547 -28.29 3.33 18.34
N MET B 548 -28.52 4.42 19.06
CA MET B 548 -29.43 4.40 20.21
C MET B 548 -30.04 5.77 20.37
N PRO B 549 -31.17 6.03 19.70
CA PRO B 549 -31.76 7.37 19.74
C PRO B 549 -32.43 7.73 21.04
N ASP B 550 -32.61 6.80 21.97
CA ASP B 550 -33.21 7.14 23.25
C ASP B 550 -32.27 6.85 24.42
N LYS B 551 -31.01 7.26 24.28
CA LYS B 551 -30.03 7.00 25.35
C LYS B 551 -30.35 7.81 26.60
N LYS B 552 -31.03 8.94 26.45
CA LYS B 552 -31.47 9.72 27.60
C LYS B 552 -32.56 9.01 28.40
N ASP B 553 -33.27 8.06 27.80
CA ASP B 553 -34.28 7.33 28.54
C ASP B 553 -33.68 6.32 29.52
N PHE B 554 -32.44 5.89 29.29
CA PHE B 554 -31.84 4.92 30.19
C PHE B 554 -31.04 5.57 31.31
N GLY B 555 -30.77 6.87 31.22
CA GLY B 555 -30.01 7.55 32.23
C GLY B 555 -28.56 7.71 31.84
N TYR B 556 -27.76 8.11 32.84
CA TYR B 556 -26.35 8.34 32.60
C TYR B 556 -25.56 7.04 32.56
N SER B 557 -25.65 6.27 33.61
CA SER B 557 -24.92 5.02 33.73
C SER B 557 -25.88 3.87 33.48
N PHE B 558 -25.55 3.06 32.48
CA PHE B 558 -26.22 1.80 32.21
C PHE B 558 -25.25 0.95 31.41
N PRO B 559 -25.40 -0.39 31.44
CA PRO B 559 -24.42 -1.23 30.75
C PRO B 559 -24.35 -1.05 29.24
N CYS B 560 -25.49 -1.21 28.60
CA CYS B 560 -25.54 -1.41 27.16
C CYS B 560 -27.00 -1.29 26.73
N ASP B 561 -27.27 -1.70 25.50
CA ASP B 561 -28.62 -1.96 25.04
C ASP B 561 -28.70 -3.36 24.44
N GLY B 562 -27.84 -4.27 24.89
CA GLY B 562 -27.90 -5.65 24.50
C GLY B 562 -27.03 -5.98 23.30
N PRO B 563 -27.15 -7.21 22.80
CA PRO B 563 -26.39 -7.61 21.59
C PRO B 563 -27.00 -7.14 20.30
N GLY B 564 -28.22 -6.62 20.32
CA GLY B 564 -28.87 -6.24 19.10
C GLY B 564 -28.26 -5.00 18.50
N ARG B 565 -28.63 -4.77 17.23
CA ARG B 565 -28.17 -3.65 16.41
C ARG B 565 -26.65 -3.67 16.27
N GLY B 566 -26.08 -4.87 16.16
CA GLY B 566 -24.66 -5.04 16.06
C GLY B 566 -23.94 -5.27 17.36
N GLY B 567 -24.51 -4.85 18.48
CA GLY B 567 -23.82 -4.97 19.76
C GLY B 567 -23.57 -3.57 20.27
N THR B 568 -23.84 -3.38 21.57
CA THR B 568 -23.83 -2.06 22.17
C THR B 568 -23.00 -2.02 23.44
N CYS B 569 -21.85 -2.70 23.46
CA CYS B 569 -20.92 -2.59 24.58
C CYS B 569 -20.44 -1.16 24.73
N ASP B 570 -20.42 -0.66 25.96
CA ASP B 570 -19.86 0.65 26.32
C ASP B 570 -20.55 1.81 25.60
N ILE B 571 -21.87 1.74 25.48
CA ILE B 571 -22.60 2.73 24.70
C ILE B 571 -22.98 3.96 25.53
N SER B 572 -22.99 3.86 26.86
CA SER B 572 -23.48 4.93 27.70
C SER B 572 -22.48 6.08 27.79
N ALA B 573 -22.94 7.19 28.36
CA ALA B 573 -22.06 8.33 28.58
C ALA B 573 -21.11 8.08 29.74
N TYR B 574 -21.54 7.29 30.73
CA TYR B 574 -20.64 6.83 31.78
C TYR B 574 -19.49 6.02 31.19
N ASP B 575 -19.81 5.13 30.26
CA ASP B 575 -18.81 4.33 29.60
C ASP B 575 -17.95 5.11 28.62
N ALA B 576 -18.26 6.37 28.37
CA ALA B 576 -17.39 7.23 27.58
C ALA B 576 -16.58 8.20 28.43
N PHE B 577 -17.04 8.52 29.64
CA PHE B 577 -16.11 8.99 30.67
C PHE B 577 -15.05 7.93 30.95
N TYR B 578 -15.50 6.69 31.00
CA TYR B 578 -14.70 5.55 31.41
C TYR B 578 -13.49 5.36 30.53
N LEU B 579 -13.69 5.38 29.22
CA LEU B 579 -12.60 5.21 28.28
C LEU B 579 -11.71 6.42 28.22
N ALA B 580 -12.21 7.57 28.68
CA ALA B 580 -11.42 8.79 28.70
C ALA B 580 -10.51 8.88 29.90
N VAL B 581 -10.82 8.15 30.98
CA VAL B 581 -9.89 8.12 32.12
C VAL B 581 -8.57 7.46 31.72
N PHE B 582 -8.61 6.47 30.82
CA PHE B 582 -7.38 5.83 30.35
C PHE B 582 -6.52 6.79 29.55
N TRP B 583 -7.12 7.47 28.57
CA TRP B 583 -6.40 8.50 27.82
C TRP B 583 -6.02 9.70 28.68
N MET B 584 -6.74 9.98 29.76
CA MET B 584 -6.34 11.02 30.69
C MET B 584 -5.09 10.63 31.46
N LEU B 585 -5.07 9.42 32.02
CA LEU B 585 -3.89 8.93 32.72
C LEU B 585 -2.70 8.83 31.79
N ASN B 586 -2.96 8.46 30.53
CA ASN B 586 -1.94 8.49 29.48
C ASN B 586 -1.36 9.89 29.31
N THR B 587 -2.24 10.90 29.21
CA THR B 587 -1.80 12.26 28.95
C THR B 587 -1.00 12.82 30.12
N ILE B 588 -1.50 12.63 31.34
CA ILE B 588 -0.79 13.14 32.51
C ILE B 588 0.47 12.33 32.74
N GLY B 589 0.49 11.06 32.36
CA GLY B 589 1.72 10.29 32.41
C GLY B 589 2.76 10.79 31.43
N TRP B 590 2.32 11.24 30.26
CA TRP B 590 3.26 11.83 29.30
C TRP B 590 3.80 13.15 29.83
N VAL B 591 2.95 13.99 30.42
CA VAL B 591 3.44 15.28 30.89
C VAL B 591 4.35 15.10 32.11
N THR B 592 4.13 14.06 32.92
CA THR B 592 4.98 13.88 34.08
C THR B 592 6.22 13.06 33.79
N PHE B 593 6.19 12.16 32.80
CA PHE B 593 7.42 11.59 32.25
C PHE B 593 8.31 12.67 31.69
N TYR B 594 7.73 13.59 30.91
CA TYR B 594 8.52 14.65 30.30
C TYR B 594 9.06 15.63 31.34
N TRP B 595 8.23 15.99 32.33
CA TRP B 595 8.67 16.86 33.40
C TRP B 595 9.79 16.23 34.20
N HIS B 596 9.59 14.97 34.61
CA HIS B 596 10.55 14.27 35.43
C HIS B 596 11.87 14.05 34.72
N TRP B 597 11.83 13.69 33.44
CA TRP B 597 13.09 13.39 32.79
C TRP B 597 13.85 14.63 32.38
N LYS B 598 13.16 15.70 31.97
CA LYS B 598 13.86 16.94 31.70
C LYS B 598 14.43 17.54 32.97
N HIS B 599 13.74 17.35 34.10
CA HIS B 599 14.32 17.83 35.35
C HIS B 599 15.39 16.92 35.93
N LEU B 600 15.33 15.61 35.71
CA LEU B 600 16.43 14.74 36.13
C LEU B 600 17.71 15.07 35.38
N THR B 601 17.60 15.27 34.06
CA THR B 601 18.79 15.64 33.31
C THR B 601 19.24 17.07 33.61
N LEU B 602 18.32 17.94 34.04
CA LEU B 602 18.73 19.27 34.47
C LEU B 602 19.48 19.22 35.80
N TRP B 603 18.96 18.46 36.76
CA TRP B 603 19.55 18.37 38.09
C TRP B 603 20.87 17.62 38.07
N GLN B 604 21.02 16.64 37.17
CA GLN B 604 22.31 15.98 37.03
C GLN B 604 23.31 16.85 36.29
N GLY B 605 22.84 17.73 35.43
CA GLY B 605 23.72 18.63 34.71
C GLY B 605 23.69 18.44 33.21
N ASN B 606 23.54 17.19 32.77
CA ASN B 606 23.65 16.85 31.35
C ASN B 606 22.30 17.00 30.66
N VAL B 607 22.00 18.24 30.24
CA VAL B 607 20.80 18.46 29.43
C VAL B 607 20.98 17.94 28.02
N ALA B 608 22.22 17.74 27.58
CA ALA B 608 22.45 17.13 26.28
C ALA B 608 22.06 15.65 26.29
N GLN B 609 22.13 15.01 27.47
CA GLN B 609 21.75 13.61 27.58
C GLN B 609 20.25 13.43 27.38
N PHE B 610 19.47 14.45 27.74
CA PHE B 610 18.05 14.51 27.39
C PHE B 610 17.84 14.89 25.94
N ASP B 611 18.57 15.91 25.47
CA ASP B 611 18.33 16.46 24.13
C ASP B 611 18.70 15.47 23.03
N GLU B 612 19.64 14.56 23.30
CA GLU B 612 19.99 13.54 22.33
C GLU B 612 19.08 12.32 22.40
N SER B 613 18.46 12.07 23.56
CA SER B 613 17.72 10.84 23.76
C SER B 613 16.20 11.02 23.70
N SER B 614 15.69 12.21 23.99
CA SER B 614 14.23 12.40 24.00
C SER B 614 13.63 12.53 22.62
N THR B 615 14.43 12.43 21.57
CA THR B 615 13.94 12.53 20.21
C THR B 615 13.41 11.20 19.68
N TYR B 616 13.61 10.11 20.42
CA TYR B 616 13.25 8.79 19.94
C TYR B 616 12.87 7.93 21.14
N LEU B 617 11.85 7.08 20.95
CA LEU B 617 11.18 6.41 22.06
C LEU B 617 12.05 5.38 22.76
N MET B 618 13.08 4.89 22.08
CA MET B 618 14.03 4.04 22.78
C MET B 618 14.83 4.85 23.79
N GLY B 619 15.13 6.11 23.49
CA GLY B 619 15.77 6.97 24.46
C GLY B 619 14.89 7.26 25.66
N TRP B 620 13.57 7.28 25.47
CA TRP B 620 12.67 7.36 26.60
C TRP B 620 12.66 6.07 27.39
N LEU B 621 12.80 4.93 26.71
CA LEU B 621 12.71 3.67 27.41
C LEU B 621 13.96 3.34 28.22
N ARG B 622 15.14 3.54 27.63
CA ARG B 622 16.35 3.07 28.29
C ARG B 622 17.12 4.16 29.03
N ASP B 623 17.00 5.41 28.66
CA ASP B 623 17.71 6.47 29.37
C ASP B 623 16.89 7.11 30.46
N TYR B 624 15.59 6.85 30.51
CA TYR B 624 14.74 7.32 31.59
C TYR B 624 14.11 6.20 32.39
N LEU B 625 13.44 5.25 31.75
CA LEU B 625 12.75 4.22 32.53
C LEU B 625 13.72 3.14 33.01
N TRP B 626 14.58 2.64 32.11
CA TRP B 626 15.53 1.61 32.51
C TRP B 626 16.60 2.18 33.43
N LEU B 627 17.09 3.38 33.12
CA LEU B 627 18.27 3.91 33.80
C LEU B 627 17.96 4.37 35.21
N ASN B 628 16.88 5.11 35.39
CA ASN B 628 16.58 5.70 36.69
C ASN B 628 15.85 4.76 37.62
N SER B 629 15.45 3.58 37.15
CA SER B 629 14.87 2.57 38.01
C SER B 629 15.88 1.52 38.41
N SER B 630 17.12 1.92 38.69
CA SER B 630 18.13 1.02 39.23
C SER B 630 18.11 1.00 40.75
N GLN B 631 18.21 2.18 41.36
CA GLN B 631 18.20 2.27 42.81
C GLN B 631 16.80 2.09 43.37
N LEU B 632 15.78 2.25 42.55
CA LEU B 632 14.43 1.88 42.91
C LEU B 632 14.32 0.37 43.13
N ILE B 633 14.64 -0.42 42.10
CA ILE B 633 14.46 -1.86 42.21
C ILE B 633 15.50 -2.49 43.12
N ASN B 634 16.62 -1.82 43.36
CA ASN B 634 17.60 -2.26 44.34
C ASN B 634 17.28 -1.78 45.76
N GLY B 635 16.01 -1.44 46.03
CA GLY B 635 15.61 -1.12 47.38
C GLY B 635 15.75 -2.30 48.32
N TYR B 636 15.41 -3.50 47.83
CA TYR B 636 15.75 -4.71 48.54
C TYR B 636 16.27 -5.75 47.55
N ASN B 637 17.19 -6.56 48.05
CA ASN B 637 17.90 -7.55 47.27
C ASN B 637 18.35 -8.63 48.25
N PRO B 638 18.91 -9.75 47.78
CA PRO B 638 19.44 -10.72 48.75
C PRO B 638 20.66 -10.26 49.53
N PHE B 639 21.27 -9.13 49.17
CA PHE B 639 22.35 -8.58 49.97
C PHE B 639 21.83 -7.81 51.19
N GLY B 640 20.65 -7.23 51.10
CA GLY B 640 20.12 -6.48 52.22
C GLY B 640 18.96 -5.60 51.79
N MET B 641 18.85 -4.44 52.41
CA MET B 641 17.84 -3.46 52.07
C MET B 641 18.27 -2.09 52.55
N ASN B 642 17.59 -1.06 52.05
CA ASN B 642 17.88 0.31 52.44
C ASN B 642 16.55 1.05 52.55
N SER B 643 16.64 2.38 52.62
CA SER B 643 15.46 3.21 52.84
C SER B 643 14.57 3.33 51.62
N LEU B 644 15.04 2.92 50.45
CA LEU B 644 14.19 2.91 49.26
C LEU B 644 13.40 1.63 49.11
N SER B 645 13.48 0.71 50.06
CA SER B 645 12.81 -0.58 49.92
C SER B 645 11.30 -0.42 49.99
N VAL B 646 10.82 0.57 50.76
CA VAL B 646 9.38 0.86 50.79
C VAL B 646 8.93 1.41 49.45
N TRP B 647 9.82 1.99 48.68
CA TRP B 647 9.46 2.36 47.33
C TRP B 647 9.73 1.23 46.36
N ALA B 648 10.60 0.28 46.72
CA ALA B 648 10.78 -0.91 45.91
C ALA B 648 9.57 -1.82 46.01
N TRP B 649 8.96 -1.88 47.18
CA TRP B 649 7.78 -2.71 47.39
C TRP B 649 6.58 -2.13 46.66
N THR B 650 6.34 -0.82 46.85
CA THR B 650 5.17 -0.13 46.30
C THR B 650 5.21 -0.13 44.77
N PHE B 651 6.40 0.00 44.20
CA PHE B 651 6.60 -0.11 42.75
C PHE B 651 6.14 -1.46 42.22
N LEU B 652 6.32 -2.53 43.00
CA LEU B 652 5.74 -3.81 42.62
C LEU B 652 4.28 -3.88 43.00
N PHE B 653 3.93 -3.27 44.13
CA PHE B 653 2.56 -3.24 44.59
C PHE B 653 1.67 -2.52 43.59
N GLY B 654 2.13 -1.38 43.07
CA GLY B 654 1.46 -0.73 41.97
C GLY B 654 1.47 -1.54 40.69
N HIS B 655 2.51 -2.35 40.46
CA HIS B 655 2.46 -3.25 39.32
C HIS B 655 1.44 -4.36 39.52
N LEU B 656 1.13 -4.69 40.78
CA LEU B 656 0.20 -5.79 41.03
C LEU B 656 -1.26 -5.33 40.95
N ILE B 657 -1.55 -4.12 41.40
CA ILE B 657 -2.92 -3.61 41.34
C ILE B 657 -3.33 -3.36 39.91
N TYR B 658 -2.41 -2.77 39.14
CA TYR B 658 -2.60 -2.42 37.74
C TYR B 658 -3.05 -3.62 36.93
N ALA B 659 -2.29 -4.71 37.01
CA ALA B 659 -2.62 -5.94 36.33
C ALA B 659 -3.91 -6.55 36.83
N THR B 660 -4.20 -6.39 38.12
CA THR B 660 -5.45 -6.89 38.67
C THR B 660 -6.63 -6.14 38.08
N GLY B 661 -6.40 -4.86 37.73
CA GLY B 661 -7.41 -4.10 37.03
C GLY B 661 -7.76 -4.71 35.70
N PHE B 662 -6.78 -5.32 35.03
CA PHE B 662 -7.05 -5.92 33.74
C PHE B 662 -7.96 -7.13 33.87
N MET B 663 -7.97 -7.77 35.05
CA MET B 663 -8.87 -8.88 35.30
C MET B 663 -10.32 -8.42 35.27
N PHE B 664 -10.58 -7.20 35.71
CA PHE B 664 -11.93 -6.67 35.62
C PHE B 664 -12.16 -6.00 34.28
N LEU B 665 -11.09 -5.74 33.55
CA LEU B 665 -11.14 -5.04 32.28
C LEU B 665 -11.29 -5.98 31.10
N ILE B 666 -10.53 -7.07 31.09
CA ILE B 666 -10.59 -8.03 30.00
C ILE B 666 -11.67 -9.07 30.22
N SER B 667 -11.66 -9.72 31.38
CA SER B 667 -12.71 -10.66 31.74
C SER B 667 -13.95 -9.89 32.13
N TRP B 668 -15.09 -10.26 31.60
CA TRP B 668 -16.32 -9.55 31.87
C TRP B 668 -17.34 -10.50 32.50
N ARG B 669 -18.44 -9.92 32.99
CA ARG B 669 -19.33 -10.64 33.89
C ARG B 669 -20.23 -11.60 33.15
N GLY B 670 -20.19 -12.86 33.54
CA GLY B 670 -20.99 -13.87 32.92
C GLY B 670 -20.15 -15.11 32.78
N TYR B 671 -18.85 -14.92 32.60
CA TYR B 671 -17.90 -15.94 33.01
C TYR B 671 -17.95 -16.12 34.51
N TRP B 672 -17.95 -15.02 35.24
CA TRP B 672 -17.83 -15.05 36.68
C TRP B 672 -19.13 -15.44 37.35
N GLN B 673 -20.28 -15.15 36.74
CA GLN B 673 -21.53 -15.61 37.31
C GLN B 673 -21.67 -17.12 37.17
N GLU B 674 -21.18 -17.67 36.06
CA GLU B 674 -21.14 -19.11 35.89
C GLU B 674 -20.14 -19.77 36.83
N LEU B 675 -19.07 -19.06 37.20
CA LEU B 675 -18.16 -19.64 38.18
C LEU B 675 -18.75 -19.58 39.58
N ILE B 676 -19.42 -18.48 39.91
CA ILE B 676 -20.01 -18.29 41.22
C ILE B 676 -21.19 -19.23 41.43
N GLU B 677 -21.90 -19.62 40.36
CA GLU B 677 -22.95 -20.63 40.52
C GLU B 677 -22.39 -22.00 40.88
N THR B 678 -21.24 -22.38 40.33
CA THR B 678 -20.60 -23.62 40.74
C THR B 678 -20.08 -23.53 42.17
N LEU B 679 -19.64 -22.35 42.58
CA LEU B 679 -19.23 -22.18 43.97
C LEU B 679 -20.41 -22.23 44.94
N VAL B 680 -21.57 -21.72 44.51
CA VAL B 680 -22.80 -21.84 45.28
C VAL B 680 -23.21 -23.29 45.42
N TRP B 681 -23.07 -24.07 44.33
CA TRP B 681 -23.30 -25.51 44.39
C TRP B 681 -22.37 -26.18 45.39
N ALA B 682 -21.07 -25.87 45.31
CA ALA B 682 -20.09 -26.48 46.19
C ALA B 682 -20.31 -26.11 47.65
N HIS B 683 -20.81 -24.91 47.91
CA HIS B 683 -21.07 -24.57 49.30
C HIS B 683 -22.35 -25.20 49.80
N GLU B 684 -23.37 -25.29 48.94
CA GLU B 684 -24.63 -25.87 49.37
C GLU B 684 -24.67 -27.39 49.29
N LYS B 685 -23.58 -28.03 48.87
CA LYS B 685 -23.52 -29.47 48.95
C LYS B 685 -22.39 -29.97 49.84
N THR B 686 -21.58 -29.09 50.38
CA THR B 686 -20.52 -29.50 51.31
C THR B 686 -21.13 -29.90 52.64
N PRO B 687 -20.75 -31.06 53.19
CA PRO B 687 -21.18 -31.40 54.56
C PRO B 687 -20.58 -30.42 55.55
N LEU B 688 -21.43 -29.96 56.49
CA LEU B 688 -21.10 -29.15 57.66
C LEU B 688 -20.77 -27.70 57.29
N ALA B 689 -20.71 -27.38 56.00
CA ALA B 689 -20.77 -26.02 55.53
C ALA B 689 -22.16 -25.65 55.03
N ASN B 690 -23.10 -26.60 55.03
CA ASN B 690 -24.50 -26.29 54.80
C ASN B 690 -25.09 -25.49 55.94
N LEU B 691 -24.51 -25.63 57.14
CA LEU B 691 -24.97 -24.88 58.31
C LEU B 691 -24.77 -23.40 58.11
N VAL B 692 -23.65 -23.01 57.52
CA VAL B 692 -23.32 -21.62 57.28
C VAL B 692 -23.93 -21.20 55.95
N TYR B 693 -24.78 -20.20 55.98
CA TYR B 693 -25.48 -19.76 54.79
C TYR B 693 -25.47 -18.24 54.76
N TRP B 694 -25.47 -17.68 53.56
CA TRP B 694 -25.35 -16.24 53.41
C TRP B 694 -26.68 -15.55 53.64
N LYS B 695 -26.63 -14.23 53.79
CA LYS B 695 -27.82 -13.40 53.77
C LYS B 695 -28.02 -12.70 52.44
N ASP B 696 -26.94 -12.36 51.76
CA ASP B 696 -26.99 -11.82 50.40
C ASP B 696 -26.51 -12.89 49.44
N LYS B 697 -27.32 -13.15 48.41
CA LYS B 697 -26.99 -14.17 47.42
C LYS B 697 -25.77 -13.74 46.62
N PRO B 698 -24.73 -14.57 46.56
CA PRO B 698 -23.51 -14.17 45.86
C PRO B 698 -23.73 -14.13 44.35
N VAL B 699 -23.56 -12.95 43.77
CA VAL B 699 -23.55 -12.78 42.33
C VAL B 699 -22.23 -12.14 41.94
N ALA B 700 -21.92 -12.20 40.65
CA ALA B 700 -20.74 -11.51 40.16
C ALA B 700 -21.01 -10.02 40.09
N LEU B 701 -19.92 -9.25 40.00
CA LEU B 701 -20.01 -7.79 39.92
C LEU B 701 -20.68 -7.39 38.63
N SER B 702 -21.53 -6.37 38.69
CA SER B 702 -22.28 -5.98 37.50
C SER B 702 -21.35 -5.31 36.49
N ILE B 703 -21.92 -4.99 35.32
CA ILE B 703 -21.12 -4.55 34.18
C ILE B 703 -20.49 -3.19 34.45
N VAL B 704 -21.32 -2.21 34.81
CA VAL B 704 -20.85 -0.89 35.24
C VAL B 704 -19.90 -0.99 36.43
N GLN B 705 -20.20 -1.90 37.35
CA GLN B 705 -19.32 -2.11 38.49
C GLN B 705 -17.99 -2.70 38.08
N ALA B 706 -18.00 -3.60 37.09
CA ALA B 706 -16.74 -4.16 36.58
C ALA B 706 -15.87 -3.11 35.94
N ARG B 707 -16.50 -2.19 35.19
CA ARG B 707 -15.81 -1.02 34.66
C ARG B 707 -15.18 -0.20 35.78
N LEU B 708 -15.95 0.14 36.82
CA LEU B 708 -15.45 1.00 37.89
C LEU B 708 -14.35 0.33 38.69
N VAL B 709 -14.46 -0.97 38.95
CA VAL B 709 -13.43 -1.68 39.71
C VAL B 709 -12.16 -1.82 38.90
N GLY B 710 -12.28 -2.14 37.60
CA GLY B 710 -11.09 -2.21 36.77
C GLY B 710 -10.41 -0.88 36.57
N LEU B 711 -11.20 0.19 36.44
CA LEU B 711 -10.64 1.53 36.31
C LEU B 711 -10.01 1.98 37.61
N ALA B 712 -10.61 1.60 38.75
CA ALA B 712 -10.07 1.96 40.05
C ALA B 712 -8.74 1.27 40.29
N HIS B 713 -8.66 -0.03 40.00
CA HIS B 713 -7.39 -0.72 40.17
C HIS B 713 -6.35 -0.24 39.17
N PHE B 714 -6.77 0.06 37.93
CA PHE B 714 -5.89 0.61 36.90
C PHE B 714 -5.28 1.93 37.37
N SER B 715 -6.11 2.83 37.86
CA SER B 715 -5.65 4.14 38.29
C SER B 715 -4.81 4.06 39.57
N VAL B 716 -5.20 3.20 40.51
CA VAL B 716 -4.45 3.10 41.76
C VAL B 716 -3.08 2.47 41.52
N GLY B 717 -3.02 1.44 40.67
CA GLY B 717 -1.73 0.88 40.31
C GLY B 717 -0.89 1.81 39.49
N TYR B 718 -1.51 2.61 38.63
CA TYR B 718 -0.81 3.62 37.83
C TYR B 718 -0.16 4.66 38.73
N ILE B 719 -0.94 5.21 39.66
CA ILE B 719 -0.46 6.25 40.56
C ILE B 719 0.57 5.71 41.54
N PHE B 720 0.36 4.50 42.06
CA PHE B 720 1.32 3.96 43.02
C PHE B 720 2.63 3.55 42.37
N THR B 721 2.58 3.03 41.14
CA THR B 721 3.80 2.73 40.41
C THR B 721 4.59 3.99 40.13
N TYR B 722 3.93 5.03 39.62
CA TYR B 722 4.70 6.21 39.26
C TYR B 722 5.12 7.01 40.48
N ALA B 723 4.36 6.93 41.57
CA ALA B 723 4.78 7.61 42.80
C ALA B 723 6.01 6.93 43.39
N ALA B 724 6.02 5.59 43.43
CA ALA B 724 7.21 4.89 43.92
C ALA B 724 8.42 5.15 43.03
N PHE B 725 8.21 5.13 41.70
CA PHE B 725 9.30 5.41 40.78
C PHE B 725 9.79 6.85 40.89
N LEU B 726 8.87 7.81 41.01
CA LEU B 726 9.23 9.22 41.05
C LEU B 726 10.00 9.55 42.32
N ILE B 727 9.47 9.14 43.48
CA ILE B 727 10.11 9.46 44.75
C ILE B 727 11.45 8.74 44.87
N ALA B 728 11.52 7.46 44.48
CA ALA B 728 12.78 6.75 44.62
C ALA B 728 13.80 7.22 43.60
N SER B 729 13.39 7.47 42.36
CA SER B 729 14.28 7.93 41.31
C SER B 729 14.84 9.31 41.59
N THR B 730 14.09 10.16 42.28
CA THR B 730 14.63 11.46 42.58
C THR B 730 15.43 11.45 43.88
N SER B 731 14.87 10.89 44.96
CA SER B 731 15.52 10.94 46.26
C SER B 731 16.57 9.86 46.46
N GLY B 732 16.84 9.01 45.48
CA GLY B 732 17.90 8.03 45.66
C GLY B 732 19.26 8.61 45.37
N ARG B 733 19.38 9.32 44.26
CA ARG B 733 20.64 9.93 43.87
C ARG B 733 20.82 11.32 44.45
N PHE B 734 19.80 11.88 45.09
CA PHE B 734 19.84 13.25 45.59
C PHE B 734 19.62 13.28 47.10
N ALA C 2 -37.92 -5.30 39.58
CA ALA C 2 -38.39 -5.77 38.27
C ALA C 2 -38.02 -4.77 37.18
N HIS C 3 -37.87 -5.26 35.96
CA HIS C 3 -37.50 -4.43 34.84
C HIS C 3 -38.76 -3.83 34.22
N ILE C 4 -38.57 -2.77 33.45
CA ILE C 4 -39.66 -2.03 32.83
C ILE C 4 -39.66 -2.39 31.36
N VAL C 5 -40.66 -3.15 30.93
CA VAL C 5 -40.79 -3.56 29.53
C VAL C 5 -42.03 -2.90 28.97
N LYS C 6 -41.83 -1.88 28.16
CA LYS C 6 -42.89 -1.16 27.48
C LYS C 6 -42.82 -1.45 25.99
N ILE C 7 -43.98 -1.48 25.33
CA ILE C 7 -44.03 -1.55 23.89
C ILE C 7 -44.72 -0.28 23.38
N TYR C 8 -44.65 -0.08 22.07
CA TYR C 8 -45.08 1.18 21.47
C TYR C 8 -45.89 0.89 20.22
N ASP C 9 -46.60 1.90 19.74
CA ASP C 9 -47.58 1.69 18.67
C ASP C 9 -46.96 1.57 17.28
N THR C 10 -45.63 1.51 17.19
CA THR C 10 -44.93 1.21 15.96
C THR C 10 -44.90 -0.29 15.69
N CYS C 11 -45.46 -1.09 16.61
CA CYS C 11 -45.61 -2.54 16.46
C CYS C 11 -46.35 -2.92 15.18
N ILE C 12 -45.74 -3.81 14.40
CA ILE C 12 -46.39 -4.35 13.21
C ILE C 12 -47.07 -5.68 13.47
N GLY C 13 -46.99 -6.19 14.69
CA GLY C 13 -47.68 -7.42 15.03
C GLY C 13 -47.11 -8.67 14.41
N CYS C 14 -45.80 -8.69 14.15
CA CYS C 14 -45.18 -9.86 13.54
C CYS C 14 -44.74 -10.90 14.57
N THR C 15 -45.16 -10.72 15.82
CA THR C 15 -44.96 -11.58 17.01
C THR C 15 -43.58 -12.22 17.14
N GLN C 16 -42.53 -11.48 16.82
CA GLN C 16 -41.18 -12.02 16.96
C GLN C 16 -40.59 -11.82 18.34
N CYS C 17 -41.05 -10.82 19.09
CA CYS C 17 -40.56 -10.63 20.45
C CYS C 17 -41.05 -11.73 21.38
N VAL C 18 -42.23 -12.28 21.10
CA VAL C 18 -42.78 -13.32 21.95
C VAL C 18 -42.05 -14.63 21.72
N ARG C 19 -41.73 -14.94 20.46
CA ARG C 19 -40.92 -16.11 20.18
C ARG C 19 -39.49 -15.93 20.65
N ALA C 20 -38.99 -14.70 20.65
CA ALA C 20 -37.63 -14.46 21.12
C ALA C 20 -37.54 -14.43 22.63
N CYS C 21 -38.65 -14.24 23.33
CA CYS C 21 -38.65 -14.13 24.78
C CYS C 21 -38.30 -15.44 25.45
N PRO C 22 -37.23 -15.53 26.23
CA PRO C 22 -36.92 -16.77 26.94
C PRO C 22 -37.61 -16.94 28.27
N LEU C 23 -38.60 -16.11 28.59
CA LEU C 23 -39.21 -16.14 29.92
C LEU C 23 -40.71 -15.99 29.91
N ASP C 24 -41.34 -15.91 28.74
CA ASP C 24 -42.79 -15.69 28.57
C ASP C 24 -43.23 -14.44 29.31
N VAL C 25 -42.53 -13.34 29.06
CA VAL C 25 -43.00 -12.07 29.57
C VAL C 25 -44.00 -11.48 28.60
N LEU C 26 -43.86 -11.79 27.33
CA LEU C 26 -44.58 -11.09 26.28
C LEU C 26 -45.67 -11.99 25.70
N GLU C 27 -46.73 -11.35 25.20
CA GLU C 27 -47.84 -12.06 24.59
C GLU C 27 -48.57 -11.12 23.64
N MET C 28 -49.31 -11.70 22.70
CA MET C 28 -49.92 -10.94 21.61
C MET C 28 -51.39 -10.67 21.89
N VAL C 29 -51.78 -9.41 21.76
CA VAL C 29 -53.09 -8.90 22.17
C VAL C 29 -53.78 -8.34 20.93
N PRO C 30 -55.10 -8.47 20.79
CA PRO C 30 -55.80 -7.83 19.66
C PRO C 30 -55.68 -6.32 19.68
N TRP C 31 -55.66 -5.74 18.49
CA TRP C 31 -55.37 -4.32 18.28
C TRP C 31 -55.77 -4.00 16.85
N ASP C 32 -55.89 -2.71 16.55
CA ASP C 32 -56.38 -2.30 15.24
C ASP C 32 -55.53 -1.18 14.64
N GLY C 33 -54.24 -1.13 14.99
CA GLY C 33 -53.33 -0.14 14.45
C GLY C 33 -52.35 -0.65 13.41
N CYS C 34 -52.48 -1.90 12.96
CA CYS C 34 -51.60 -2.44 11.95
C CYS C 34 -52.37 -3.48 11.14
N LYS C 35 -51.72 -3.98 10.08
CA LYS C 35 -52.38 -4.94 9.18
C LYS C 35 -52.58 -6.29 9.84
N ALA C 36 -51.70 -6.67 10.76
CA ALA C 36 -51.79 -7.98 11.40
C ALA C 36 -52.86 -8.05 12.48
N SER C 37 -53.49 -6.91 12.81
CA SER C 37 -54.60 -6.81 13.77
C SER C 37 -54.22 -7.31 15.16
N GLN C 38 -52.95 -7.11 15.54
CA GLN C 38 -52.43 -7.66 16.77
C GLN C 38 -51.25 -6.82 17.23
N MET C 39 -51.08 -6.72 18.55
CA MET C 39 -49.98 -6.01 19.16
C MET C 39 -49.52 -6.79 20.37
N ALA C 40 -48.26 -6.63 20.73
CA ALA C 40 -47.69 -7.34 21.86
C ALA C 40 -48.23 -6.78 23.17
N SER C 41 -47.75 -7.33 24.28
CA SER C 41 -48.07 -6.85 25.61
C SER C 41 -47.02 -7.39 26.55
N ALA C 42 -46.88 -6.75 27.70
CA ALA C 42 -45.97 -7.22 28.74
C ALA C 42 -46.72 -7.37 30.06
N PRO C 43 -47.52 -8.43 30.21
CA PRO C 43 -48.23 -8.63 31.48
C PRO C 43 -47.37 -9.23 32.57
N ARG C 44 -46.20 -9.78 32.24
CA ARG C 44 -45.44 -10.63 33.15
C ARG C 44 -44.03 -10.10 33.33
N THR C 45 -43.90 -8.79 33.54
CA THR C 45 -42.60 -8.16 33.75
C THR C 45 -42.00 -8.45 35.11
N GLU C 46 -42.69 -9.19 35.98
CA GLU C 46 -42.04 -9.68 37.19
C GLU C 46 -41.04 -10.77 36.88
N ASP C 47 -41.26 -11.52 35.79
CA ASP C 47 -40.38 -12.61 35.41
C ASP C 47 -39.27 -12.17 34.48
N CYS C 48 -39.28 -10.93 34.01
CA CYS C 48 -38.26 -10.43 33.09
C CYS C 48 -36.89 -10.39 33.73
N VAL C 49 -35.89 -10.88 33.00
CA VAL C 49 -34.51 -10.66 33.43
C VAL C 49 -33.88 -9.45 32.77
N GLY C 50 -34.38 -9.01 31.63
CA GLY C 50 -33.79 -7.88 30.93
C GLY C 50 -32.80 -8.25 29.86
N CYS C 51 -32.84 -9.48 29.36
CA CYS C 51 -31.80 -9.96 28.45
C CYS C 51 -31.93 -9.39 27.05
N LYS C 52 -33.05 -8.71 26.75
CA LYS C 52 -33.24 -7.90 25.55
C LYS C 52 -33.20 -8.73 24.27
N ARG C 53 -33.53 -10.02 24.35
CA ARG C 53 -33.74 -10.80 23.14
C ARG C 53 -34.97 -10.35 22.37
N CYS C 54 -35.92 -9.74 23.07
CA CYS C 54 -37.12 -9.22 22.43
C CYS C 54 -36.78 -8.11 21.45
N GLU C 55 -35.86 -7.23 21.82
CA GLU C 55 -35.51 -6.11 20.96
C GLU C 55 -34.23 -6.37 20.18
N THR C 56 -33.80 -7.63 20.09
CA THR C 56 -32.98 -8.08 18.99
C THR C 56 -33.82 -8.61 17.86
N ALA C 57 -35.10 -8.88 18.11
CA ALA C 57 -35.98 -9.51 17.15
C ALA C 57 -37.02 -8.56 16.58
N CYS C 58 -37.18 -7.38 17.15
CA CYS C 58 -38.14 -6.41 16.63
C CYS C 58 -37.67 -5.83 15.31
N PRO C 59 -38.44 -5.92 14.24
CA PRO C 59 -37.98 -5.43 12.94
C PRO C 59 -38.13 -3.95 12.74
N THR C 60 -38.96 -3.29 13.55
CA THR C 60 -39.27 -1.89 13.32
C THR C 60 -38.07 -1.03 13.68
N ASP C 61 -37.76 -0.07 12.81
CA ASP C 61 -36.66 0.85 13.08
C ASP C 61 -36.99 1.67 14.31
N PHE C 62 -35.98 1.79 15.18
CA PHE C 62 -36.11 2.35 16.52
C PHE C 62 -37.17 1.59 17.30
N LEU C 63 -36.75 0.42 17.80
CA LEU C 63 -37.46 -0.76 18.26
C LEU C 63 -38.78 -0.48 18.96
N SER C 64 -39.80 -1.30 18.65
CA SER C 64 -41.11 -1.14 19.26
C SER C 64 -41.15 -1.68 20.67
N VAL C 65 -40.56 -2.84 20.91
CA VAL C 65 -40.35 -3.30 22.29
C VAL C 65 -39.14 -2.58 22.87
N ARG C 66 -39.16 -2.37 24.18
CA ARG C 66 -38.10 -1.58 24.79
C ARG C 66 -38.00 -1.96 26.25
N VAL C 67 -36.88 -2.54 26.66
CA VAL C 67 -36.66 -3.00 28.02
C VAL C 67 -35.85 -1.95 28.74
N TYR C 68 -36.31 -1.56 29.93
CA TYR C 68 -35.63 -0.58 30.76
C TYR C 68 -35.20 -1.30 32.04
N LEU C 69 -33.89 -1.39 32.26
CA LEU C 69 -33.35 -2.18 33.35
C LEU C 69 -33.64 -1.50 34.68
N GLY C 70 -34.51 -2.11 35.48
CA GLY C 70 -34.91 -1.53 36.74
C GLY C 70 -34.33 -2.23 37.94
N SER C 71 -35.13 -2.36 39.00
CA SER C 71 -34.69 -3.05 40.21
C SER C 71 -34.55 -4.54 39.93
N GLU C 72 -33.71 -5.20 40.72
CA GLU C 72 -33.41 -6.62 40.52
C GLU C 72 -33.88 -7.41 41.72
N SER C 73 -34.85 -8.28 41.49
CA SER C 73 -35.28 -9.27 42.47
C SER C 73 -34.49 -10.56 42.23
N THR C 74 -34.92 -11.64 42.87
CA THR C 74 -34.29 -12.94 42.63
C THR C 74 -34.72 -13.56 41.31
N ARG C 75 -35.80 -13.06 40.70
CA ARG C 75 -36.18 -13.50 39.37
C ARG C 75 -35.57 -12.63 38.28
N SER C 76 -35.35 -11.34 38.57
CA SER C 76 -34.71 -10.47 37.59
C SER C 76 -33.22 -10.75 37.46
N MET C 77 -32.60 -11.33 38.49
CA MET C 77 -31.20 -11.70 38.40
C MET C 77 -30.98 -13.08 37.80
N GLY C 78 -32.04 -13.82 37.53
CA GLY C 78 -31.95 -15.11 36.89
C GLY C 78 -31.22 -16.16 37.72
N LEU C 79 -31.63 -16.33 38.97
CA LEU C 79 -30.90 -17.16 39.91
C LEU C 79 -31.64 -18.48 40.13
N SER C 80 -30.90 -19.58 40.07
CA SER C 80 -31.39 -20.85 40.57
C SER C 80 -31.17 -21.01 42.06
N TYR C 81 -30.52 -20.04 42.69
CA TYR C 81 -30.24 -20.09 44.11
C TYR C 81 -30.76 -18.85 44.82
N ALA D 52 -63.79 -25.09 27.40
CA ALA D 52 -63.14 -26.39 27.60
C ALA D 52 -61.94 -26.25 28.53
N TRP D 53 -60.97 -25.44 28.11
CA TRP D 53 -59.76 -25.24 28.89
C TRP D 53 -59.91 -24.27 30.06
N THR D 54 -59.75 -24.78 31.28
CA THR D 54 -59.74 -23.89 32.44
C THR D 54 -58.73 -24.40 33.48
N VAL D 55 -57.51 -23.86 33.40
CA VAL D 55 -56.47 -23.80 34.44
C VAL D 55 -56.20 -25.17 35.09
N PRO D 56 -55.46 -26.05 34.43
CA PRO D 56 -55.25 -27.39 34.97
C PRO D 56 -54.42 -27.39 36.24
N THR D 57 -54.62 -28.42 37.06
CA THR D 57 -53.93 -28.59 38.32
C THR D 57 -52.85 -29.66 38.19
N LEU D 58 -52.14 -29.90 39.29
CA LEU D 58 -50.99 -30.79 39.28
C LEU D 58 -51.06 -31.76 40.44
N ASN D 59 -50.62 -32.99 40.17
CA ASN D 59 -50.26 -33.96 41.18
C ASN D 59 -48.80 -34.38 41.01
N PRO D 60 -48.09 -34.64 42.10
CA PRO D 60 -46.75 -35.22 41.99
C PRO D 60 -46.72 -36.69 41.65
N ASP D 61 -47.89 -37.32 41.47
CA ASP D 61 -47.97 -38.74 41.17
C ASP D 61 -47.46 -39.07 39.77
N THR D 62 -47.49 -38.11 38.85
CA THR D 62 -46.98 -38.34 37.50
C THR D 62 -45.46 -38.54 37.53
N PRO D 63 -44.94 -39.49 36.77
CA PRO D 63 -43.53 -39.86 36.91
C PRO D 63 -42.60 -38.80 36.34
N SER D 64 -41.35 -38.94 36.69
CA SER D 64 -40.31 -38.15 36.07
C SER D 64 -39.70 -38.92 34.91
N PRO D 65 -39.12 -38.23 33.94
CA PRO D 65 -38.32 -38.92 32.92
C PRO D 65 -37.10 -39.56 33.54
N ILE D 66 -36.66 -40.65 32.92
CA ILE D 66 -35.58 -41.47 33.49
C ILE D 66 -34.27 -40.71 33.38
N PHE D 67 -33.70 -40.35 34.52
CA PHE D 67 -32.54 -39.49 34.55
C PHE D 67 -31.74 -39.83 35.80
N GLY D 68 -30.46 -40.12 35.61
CA GLY D 68 -29.62 -40.58 36.71
C GLY D 68 -29.25 -39.53 37.72
N GLY D 69 -29.64 -38.28 37.51
CA GLY D 69 -29.35 -37.23 38.46
C GLY D 69 -28.09 -36.48 38.10
N SER D 70 -28.18 -35.17 38.02
CA SER D 70 -27.03 -34.33 37.74
C SER D 70 -26.75 -33.45 38.94
N THR D 71 -25.61 -32.77 38.88
CA THR D 71 -25.26 -31.75 39.87
C THR D 71 -25.86 -30.40 39.53
N GLY D 72 -26.61 -30.30 38.44
CA GLY D 72 -27.27 -29.09 38.02
C GLY D 72 -28.69 -28.94 38.48
N GLY D 73 -29.12 -29.74 39.46
CA GLY D 73 -30.50 -29.74 39.90
C GLY D 73 -30.88 -28.59 40.80
N LEU D 74 -31.75 -28.86 41.77
CA LEU D 74 -32.29 -27.84 42.63
C LEU D 74 -31.30 -27.46 43.73
N LEU D 75 -31.53 -26.30 44.32
CA LEU D 75 -30.71 -25.77 45.39
C LEU D 75 -31.61 -25.38 46.56
N ARG D 76 -31.08 -24.64 47.54
CA ARG D 76 -31.88 -24.27 48.70
C ARG D 76 -32.97 -23.25 48.38
N LYS D 77 -32.89 -22.58 47.23
CA LYS D 77 -33.97 -21.73 46.76
C LYS D 77 -35.24 -22.53 46.48
N ALA D 78 -35.09 -23.80 46.09
CA ALA D 78 -36.24 -24.66 45.87
C ALA D 78 -36.96 -24.97 47.17
N GLN D 79 -36.22 -25.08 48.27
CA GLN D 79 -36.81 -25.40 49.56
C GLN D 79 -37.25 -24.18 50.35
N THR D 80 -36.68 -23.01 50.07
CA THR D 80 -37.02 -21.82 50.83
C THR D 80 -37.87 -20.82 50.05
N GLU D 81 -37.52 -20.52 48.79
CA GLU D 81 -38.26 -19.51 48.05
C GLU D 81 -39.34 -20.08 47.15
N GLU D 82 -38.97 -20.88 46.15
CA GLU D 82 -39.86 -21.48 45.14
C GLU D 82 -39.06 -22.39 44.23
N PHE D 83 -39.78 -23.28 43.55
CA PHE D 83 -39.22 -24.12 42.50
C PHE D 83 -40.33 -24.37 41.50
N TYR D 84 -39.94 -24.65 40.26
CA TYR D 84 -40.88 -24.67 39.15
C TYR D 84 -40.92 -26.08 38.58
N VAL D 85 -42.13 -26.61 38.39
CA VAL D 85 -42.33 -27.95 37.86
C VAL D 85 -42.97 -27.85 36.48
N ILE D 86 -42.59 -28.76 35.59
CA ILE D 86 -43.09 -28.79 34.22
C ILE D 86 -43.76 -30.13 33.96
N THR D 87 -44.90 -30.10 33.28
CA THR D 87 -45.60 -31.30 32.85
C THR D 87 -45.76 -31.31 31.34
N TRP D 88 -45.67 -32.50 30.76
CA TRP D 88 -46.02 -32.71 29.37
C TRP D 88 -46.41 -34.16 29.17
N GLU D 89 -47.29 -34.40 28.22
CA GLU D 89 -47.69 -35.74 27.83
C GLU D 89 -46.90 -36.13 26.60
N ALA D 90 -46.10 -37.18 26.71
CA ALA D 90 -45.30 -37.68 25.60
C ALA D 90 -46.01 -38.83 24.92
N LYS D 91 -45.83 -38.93 23.61
CA LYS D 91 -46.42 -40.01 22.84
C LYS D 91 -45.55 -41.26 22.84
N LYS D 92 -44.24 -41.11 22.74
CA LYS D 92 -43.34 -42.26 22.70
C LYS D 92 -42.10 -41.95 23.52
N GLU D 93 -41.38 -43.02 23.85
CA GLU D 93 -40.19 -42.93 24.69
C GLU D 93 -39.01 -42.45 23.85
N GLN D 94 -38.48 -41.28 24.19
CA GLN D 94 -37.40 -40.69 23.41
C GLN D 94 -36.51 -39.83 24.30
N ILE D 95 -35.31 -39.56 23.80
CA ILE D 95 -34.25 -38.94 24.57
C ILE D 95 -34.29 -37.44 24.35
N PHE D 96 -34.24 -36.66 25.43
CA PHE D 96 -34.21 -35.21 25.33
C PHE D 96 -33.07 -34.68 26.20
N GLU D 97 -32.56 -33.52 25.81
CA GLU D 97 -31.47 -32.89 26.55
C GLU D 97 -32.04 -32.09 27.72
N MET D 98 -31.49 -32.32 28.90
CA MET D 98 -31.88 -31.53 30.06
C MET D 98 -31.35 -30.11 29.93
N PRO D 99 -32.11 -29.10 30.36
CA PRO D 99 -31.55 -27.75 30.49
C PRO D 99 -30.55 -27.62 31.62
N THR D 100 -30.44 -28.60 32.50
CA THR D 100 -29.45 -28.61 33.55
C THR D 100 -28.24 -29.48 33.21
N GLY D 101 -28.07 -29.84 31.95
CA GLY D 101 -26.97 -30.69 31.57
C GLY D 101 -27.30 -32.16 31.68
N GLY D 102 -27.06 -32.91 30.62
CA GLY D 102 -27.34 -34.32 30.59
C GLY D 102 -28.53 -34.64 29.72
N ALA D 103 -28.68 -35.93 29.43
CA ALA D 103 -29.78 -36.44 28.64
C ALA D 103 -30.70 -37.29 29.51
N ALA D 104 -31.99 -37.07 29.38
CA ALA D 104 -33.00 -37.90 30.01
C ALA D 104 -33.88 -38.48 28.93
N ILE D 105 -34.55 -39.59 29.25
CA ILE D 105 -35.49 -40.20 28.32
C ILE D 105 -36.89 -40.02 28.90
N MET D 106 -37.76 -39.38 28.13
CA MET D 106 -39.13 -39.21 28.57
C MET D 106 -39.90 -40.50 28.32
N ARG D 107 -40.93 -40.72 29.13
CA ARG D 107 -41.69 -41.94 29.04
C ARG D 107 -43.08 -41.65 28.49
N GLN D 108 -43.77 -42.70 28.06
CA GLN D 108 -45.07 -42.55 27.43
C GLN D 108 -46.12 -42.13 28.46
N GLY D 109 -46.80 -41.02 28.18
CA GLY D 109 -47.77 -40.49 29.09
C GLY D 109 -47.27 -39.24 29.78
N PRO D 110 -47.82 -38.95 30.96
CA PRO D 110 -47.47 -37.70 31.65
C PRO D 110 -46.09 -37.75 32.28
N ASN D 111 -45.39 -36.62 32.23
CA ASN D 111 -44.09 -36.45 32.83
C ASN D 111 -44.12 -35.29 33.81
N LEU D 112 -43.21 -35.30 34.76
CA LEU D 112 -43.09 -34.21 35.73
C LEU D 112 -41.62 -34.00 36.05
N LEU D 113 -41.15 -32.77 35.85
CA LEU D 113 -39.75 -32.46 36.03
C LEU D 113 -39.65 -31.10 36.68
N LYS D 114 -38.72 -30.94 37.62
CA LYS D 114 -38.68 -29.75 38.44
C LYS D 114 -37.37 -28.99 38.28
N PHE D 115 -37.48 -27.66 38.25
CA PHE D 115 -36.38 -26.77 37.96
C PHE D 115 -36.40 -25.61 38.95
N GLY D 116 -35.42 -24.73 38.84
CA GLY D 116 -35.30 -23.61 39.75
C GLY D 116 -35.53 -22.26 39.10
N LYS D 117 -35.59 -22.24 37.77
CA LYS D 117 -35.79 -21.00 37.03
C LYS D 117 -36.93 -21.17 36.05
N LYS D 118 -37.54 -20.04 35.69
CA LYS D 118 -38.54 -20.04 34.62
C LYS D 118 -37.87 -20.18 33.27
N GLU D 119 -36.62 -19.74 33.16
CA GLU D 119 -35.90 -19.89 31.91
C GLU D 119 -35.54 -21.34 31.64
N GLN D 120 -35.29 -22.13 32.68
CA GLN D 120 -35.03 -23.56 32.49
C GLN D 120 -36.28 -24.29 32.01
N CYS D 121 -37.43 -23.94 32.57
CA CYS D 121 -38.67 -24.59 32.18
C CYS D 121 -39.10 -24.16 30.79
N LEU D 122 -38.97 -22.87 30.46
CA LEU D 122 -39.35 -22.43 29.14
C LEU D 122 -38.35 -22.87 28.08
N ALA D 123 -37.08 -23.09 28.45
CA ALA D 123 -36.14 -23.70 27.51
C ALA D 123 -36.49 -25.15 27.24
N LEU D 124 -36.97 -25.85 28.26
CA LEU D 124 -37.42 -27.23 28.04
C LEU D 124 -38.67 -27.26 27.16
N THR D 125 -39.62 -26.34 27.39
CA THR D 125 -40.77 -26.25 26.49
C THR D 125 -40.37 -25.86 25.08
N THR D 126 -39.34 -25.03 24.94
CA THR D 126 -38.91 -24.59 23.63
C THR D 126 -38.32 -25.74 22.84
N GLN D 127 -37.58 -26.63 23.51
CA GLN D 127 -37.08 -27.77 22.76
C GLN D 127 -38.07 -28.92 22.68
N LEU D 128 -39.11 -28.94 23.50
CA LEU D 128 -40.15 -29.96 23.31
C LEU D 128 -41.12 -29.57 22.21
N ARG D 129 -41.45 -28.29 22.09
CA ARG D 129 -42.37 -27.83 21.07
C ARG D 129 -41.74 -27.79 19.69
N ASN D 130 -40.42 -27.64 19.60
CA ASN D 130 -39.76 -27.52 18.30
C ASN D 130 -39.24 -28.87 17.80
N LYS D 131 -38.45 -29.57 18.61
CA LYS D 131 -37.86 -30.81 18.17
C LYS D 131 -38.83 -31.97 18.22
N PHE D 132 -39.81 -31.93 19.12
CA PHE D 132 -40.63 -33.09 19.42
C PHE D 132 -42.12 -32.85 19.22
N LYS D 133 -42.53 -31.61 18.97
CA LYS D 133 -43.92 -31.21 18.70
C LYS D 133 -44.87 -31.54 19.85
N LEU D 134 -44.35 -31.54 21.08
CA LEU D 134 -45.18 -31.78 22.24
C LEU D 134 -45.79 -30.47 22.73
N THR D 135 -46.74 -30.58 23.66
CA THR D 135 -47.41 -29.42 24.24
C THR D 135 -47.23 -29.42 25.75
N PRO D 136 -46.14 -28.85 26.25
CA PRO D 136 -45.89 -28.84 27.69
C PRO D 136 -46.47 -27.59 28.36
N CYS D 137 -46.46 -27.62 29.68
CA CYS D 137 -46.91 -26.50 30.50
C CYS D 137 -46.20 -26.61 31.84
N PHE D 138 -45.73 -25.47 32.35
CA PHE D 138 -45.06 -25.49 33.64
C PHE D 138 -45.76 -24.58 34.64
N TYR D 139 -45.58 -24.89 35.92
CA TYR D 139 -46.28 -24.20 36.99
C TYR D 139 -45.24 -23.55 37.91
N ARG D 140 -45.70 -23.02 39.04
CA ARG D 140 -44.84 -22.43 40.06
C ARG D 140 -45.26 -22.95 41.43
N VAL D 141 -44.35 -23.60 42.14
CA VAL D 141 -44.66 -24.21 43.43
C VAL D 141 -43.84 -23.52 44.51
N PHE D 142 -44.53 -23.01 45.51
CA PHE D 142 -43.97 -22.44 46.72
C PHE D 142 -43.81 -23.52 47.78
N PRO D 143 -42.94 -23.34 48.78
CA PRO D 143 -42.74 -24.40 49.77
C PRO D 143 -43.91 -24.61 50.73
N ASP D 144 -44.89 -23.72 50.78
CA ASP D 144 -46.09 -23.96 51.57
C ASP D 144 -47.19 -24.65 50.77
N GLY D 145 -46.83 -25.30 49.65
CA GLY D 145 -47.77 -26.08 48.87
C GLY D 145 -48.59 -25.30 47.87
N LYS D 146 -48.46 -23.99 47.82
CA LYS D 146 -49.27 -23.18 46.92
C LYS D 146 -48.71 -23.30 45.51
N VAL D 147 -49.56 -23.66 44.56
CA VAL D 147 -49.13 -23.90 43.19
C VAL D 147 -49.79 -22.83 42.31
N GLN D 148 -49.05 -22.40 41.29
CA GLN D 148 -49.44 -21.27 40.46
C GLN D 148 -49.24 -21.64 38.99
N TYR D 149 -50.30 -21.52 38.20
CA TYR D 149 -50.21 -21.87 36.79
C TYR D 149 -49.55 -20.74 36.01
N LEU D 150 -48.47 -21.10 35.33
CA LEU D 150 -47.63 -20.06 34.79
C LEU D 150 -47.54 -19.89 33.32
N HIS D 151 -47.39 -20.98 32.59
CA HIS D 151 -47.21 -20.85 31.15
C HIS D 151 -48.45 -20.32 30.46
N PRO D 152 -49.00 -21.08 29.51
CA PRO D 152 -50.19 -20.65 28.77
C PRO D 152 -51.32 -20.31 29.74
N ALA D 153 -51.40 -19.03 30.12
CA ALA D 153 -52.40 -18.59 31.07
C ALA D 153 -53.77 -18.92 30.52
N ASP D 154 -54.00 -18.53 29.28
CA ASP D 154 -55.27 -18.77 28.65
C ASP D 154 -55.29 -20.06 27.85
N GLY D 155 -54.24 -20.89 27.94
CA GLY D 155 -54.33 -22.10 27.15
C GLY D 155 -53.62 -21.99 25.82
N VAL D 156 -53.76 -20.85 25.17
CA VAL D 156 -53.10 -20.57 23.92
C VAL D 156 -51.70 -20.05 24.21
N TYR D 157 -50.71 -20.57 23.48
CA TYR D 157 -49.34 -20.12 23.58
C TYR D 157 -49.24 -18.64 23.21
N PRO D 158 -48.34 -17.89 23.86
CA PRO D 158 -48.44 -16.42 23.82
C PRO D 158 -48.12 -15.78 22.49
N GLU D 159 -47.57 -16.51 21.52
CA GLU D 159 -47.31 -15.95 20.21
C GLU D 159 -48.52 -16.03 19.29
N LYS D 160 -49.66 -16.49 19.79
CA LYS D 160 -50.89 -16.52 19.01
C LYS D 160 -51.96 -15.77 19.80
N VAL D 161 -52.77 -15.00 19.08
CA VAL D 161 -53.81 -14.19 19.70
C VAL D 161 -54.94 -15.09 20.18
N ASN D 162 -55.35 -14.91 21.45
CA ASN D 162 -56.45 -15.66 22.01
C ASN D 162 -57.76 -14.88 22.03
N ALA D 163 -57.73 -13.58 21.68
CA ALA D 163 -58.91 -12.71 21.58
C ALA D 163 -59.66 -12.64 22.92
N GLY D 164 -59.04 -11.94 23.85
CA GLY D 164 -59.57 -11.85 25.20
C GLY D 164 -58.56 -11.68 26.30
N ARG D 165 -57.27 -11.74 25.97
CA ARG D 165 -56.25 -11.33 26.92
C ARG D 165 -56.03 -9.82 26.82
N VAL D 166 -55.58 -9.23 27.94
CA VAL D 166 -55.58 -7.77 28.11
C VAL D 166 -54.16 -7.25 27.92
N GLY D 167 -54.03 -6.15 27.17
CA GLY D 167 -52.76 -5.58 26.79
C GLY D 167 -52.06 -4.69 27.81
N ALA D 168 -51.38 -5.28 28.78
CA ALA D 168 -50.65 -4.50 29.77
C ALA D 168 -49.34 -3.96 29.21
N ASN D 169 -48.87 -2.87 29.82
CA ASN D 169 -47.58 -2.23 29.54
C ASN D 169 -47.43 -1.79 28.09
N GLN D 170 -48.50 -1.20 27.54
CA GLN D 170 -48.51 -0.69 26.18
C GLN D 170 -48.57 0.82 26.23
N ASN D 171 -47.78 1.46 25.37
CA ASN D 171 -47.78 2.91 25.25
C ASN D 171 -48.41 3.28 23.92
N MET D 172 -49.51 4.03 23.95
CA MET D 172 -50.24 4.38 22.74
C MET D 172 -49.67 5.66 22.13
N ARG D 173 -48.38 5.57 21.82
CA ARG D 173 -47.54 6.67 21.37
C ARG D 173 -46.23 6.06 20.91
N ARG D 174 -45.49 6.84 20.14
CA ARG D 174 -44.25 6.36 19.57
C ARG D 174 -43.11 6.58 20.57
N ILE D 175 -42.09 5.72 20.47
CA ILE D 175 -40.99 5.73 21.41
C ILE D 175 -40.10 6.96 21.24
N GLY D 176 -40.12 7.58 20.06
CA GLY D 176 -39.48 8.88 19.94
C GLY D 176 -40.24 10.03 20.57
N GLN D 177 -41.48 9.79 20.99
CA GLN D 177 -42.31 10.81 21.64
C GLN D 177 -42.24 10.74 23.15
N ASN D 178 -41.20 10.12 23.70
CA ASN D 178 -41.01 10.15 25.15
C ASN D 178 -40.62 11.54 25.59
N VAL D 179 -40.92 11.86 26.84
CA VAL D 179 -40.56 13.15 27.41
C VAL D 179 -39.08 13.17 27.74
N ASN D 180 -38.58 14.32 28.05
CA ASN D 180 -37.21 14.46 28.49
C ASN D 180 -37.10 14.07 29.97
N PRO D 181 -35.92 13.64 30.41
CA PRO D 181 -35.76 13.26 31.83
C PRO D 181 -35.88 14.42 32.81
N ILE D 182 -35.82 15.67 32.34
CA ILE D 182 -36.09 16.80 33.21
C ILE D 182 -37.56 16.87 33.59
N LYS D 183 -38.45 16.33 32.75
CA LYS D 183 -39.87 16.37 33.04
C LYS D 183 -40.30 15.33 34.05
N VAL D 184 -39.52 14.26 34.22
CA VAL D 184 -39.83 13.20 35.17
C VAL D 184 -38.97 13.28 36.41
N LYS D 185 -38.23 14.38 36.58
CA LYS D 185 -37.32 14.50 37.71
C LYS D 185 -38.11 14.74 39.00
N PHE D 186 -37.60 14.16 40.10
CA PHE D 186 -38.21 14.21 41.42
C PHE D 186 -39.62 13.62 41.41
N SER D 187 -39.74 12.41 40.84
CA SER D 187 -40.99 11.68 40.84
C SER D 187 -41.07 10.68 41.98
N GLY D 188 -40.45 11.01 43.12
CA GLY D 188 -40.40 10.10 44.24
C GLY D 188 -39.20 9.20 44.16
N ARG D 189 -39.25 8.22 43.26
CA ARG D 189 -38.13 7.35 42.96
C ARG D 189 -37.47 7.80 41.66
N MET D 190 -36.32 7.21 41.36
CA MET D 190 -35.72 7.45 40.05
C MET D 190 -36.53 6.70 39.00
N MET D 191 -36.75 7.36 37.87
CA MET D 191 -37.82 6.94 36.98
C MET D 191 -37.42 7.24 35.55
N SER D 192 -37.76 6.32 34.66
CA SER D 192 -37.51 6.54 33.25
C SER D 192 -38.58 7.45 32.66
N PRO D 193 -38.26 8.17 31.59
CA PRO D 193 -39.30 8.94 30.88
C PRO D 193 -40.35 8.09 30.21
N ALA D 194 -40.11 6.80 30.01
CA ALA D 194 -41.15 5.90 29.52
C ALA D 194 -42.14 5.51 30.59
N GLU D 195 -41.87 5.83 31.85
CA GLU D 195 -42.79 5.74 32.98
C GLU D 195 -43.25 4.31 33.26
N LYS E 79 -60.06 8.56 -2.43
CA LYS E 79 -58.91 8.34 -3.29
C LYS E 79 -57.76 7.69 -2.52
N GLU E 80 -56.66 7.42 -3.23
CA GLU E 80 -55.51 6.74 -2.64
C GLU E 80 -54.64 7.76 -1.93
N VAL E 81 -54.76 7.81 -0.60
CA VAL E 81 -53.98 8.75 0.19
C VAL E 81 -52.57 8.21 0.35
N GLY E 82 -51.60 9.12 0.41
CA GLY E 82 -50.21 8.77 0.53
C GLY E 82 -49.49 8.88 -0.80
N PRO E 83 -48.19 8.57 -0.81
CA PRO E 83 -47.45 8.53 -2.08
C PRO E 83 -47.88 7.35 -2.94
N LYS E 84 -47.32 7.30 -4.15
CA LYS E 84 -47.73 6.27 -5.09
C LYS E 84 -46.91 4.99 -4.84
N ARG E 85 -47.05 4.03 -5.74
CA ARG E 85 -46.59 2.66 -5.50
C ARG E 85 -45.07 2.55 -5.51
N GLY E 86 -44.37 3.44 -6.20
CA GLY E 86 -42.93 3.31 -6.31
C GLY E 86 -42.15 4.60 -6.25
N SER E 87 -42.72 5.63 -5.64
CA SER E 87 -42.09 6.94 -5.63
C SER E 87 -40.94 6.99 -4.62
N LEU E 88 -39.91 7.74 -4.97
CA LEU E 88 -38.86 8.07 -4.02
C LEU E 88 -39.41 9.03 -2.98
N VAL E 89 -38.83 8.99 -1.78
CA VAL E 89 -39.42 9.67 -0.63
C VAL E 89 -38.31 10.00 0.37
N LYS E 90 -38.59 10.94 1.26
CA LYS E 90 -37.64 11.35 2.29
C LYS E 90 -38.30 11.21 3.66
N ILE E 91 -37.53 10.71 4.62
CA ILE E 91 -38.04 10.35 5.93
C ILE E 91 -37.86 11.53 6.87
N LEU E 92 -38.91 11.88 7.61
CA LEU E 92 -38.85 12.96 8.58
C LEU E 92 -38.93 12.50 10.02
N ARG E 93 -38.91 11.20 10.27
CA ARG E 93 -38.91 10.68 11.63
C ARG E 93 -37.53 10.85 12.22
N PRO E 94 -37.35 11.69 13.25
CA PRO E 94 -36.00 11.99 13.73
C PRO E 94 -35.35 10.85 14.47
N GLU E 95 -36.13 9.94 15.06
CA GLU E 95 -35.61 8.79 15.77
C GLU E 95 -35.38 7.59 14.85
N SER E 96 -35.65 7.70 13.56
CA SER E 96 -35.41 6.62 12.63
C SER E 96 -33.93 6.55 12.25
N TYR E 97 -33.53 5.38 11.73
CA TYR E 97 -32.17 5.25 11.20
C TYR E 97 -32.01 5.99 9.89
N TRP E 98 -33.08 6.13 9.11
CA TRP E 98 -32.98 6.73 7.78
C TRP E 98 -33.48 8.16 7.77
N PHE E 99 -33.25 8.91 8.84
CA PHE E 99 -33.69 10.30 8.89
C PHE E 99 -32.92 11.15 7.89
N ASN E 100 -33.66 12.01 7.19
CA ASN E 100 -33.20 12.80 6.03
C ASN E 100 -32.59 11.91 4.93
N GLN E 101 -33.07 10.69 4.78
CA GLN E 101 -32.43 9.76 3.87
C GLN E 101 -33.49 9.12 2.99
N VAL E 102 -33.13 8.87 1.74
CA VAL E 102 -34.07 8.66 0.65
C VAL E 102 -34.29 7.17 0.42
N GLY E 103 -35.55 6.75 0.39
CA GLY E 103 -35.90 5.40 0.03
C GLY E 103 -37.08 5.38 -0.93
N LYS E 104 -37.47 4.17 -1.32
CA LYS E 104 -38.59 3.93 -2.23
C LYS E 104 -39.80 3.45 -1.45
N VAL E 105 -40.93 4.13 -1.64
CA VAL E 105 -42.21 3.59 -1.19
C VAL E 105 -42.49 2.33 -1.97
N VAL E 106 -42.91 1.28 -1.28
CA VAL E 106 -43.29 0.04 -1.94
C VAL E 106 -44.78 -0.27 -1.82
N SER E 107 -45.45 0.23 -0.78
CA SER E 107 -46.89 0.11 -0.63
C SER E 107 -47.36 1.10 0.42
N VAL E 108 -48.56 1.64 0.21
CA VAL E 108 -49.22 2.48 1.20
C VAL E 108 -50.51 1.79 1.58
N ASP E 109 -50.67 1.46 2.87
CA ASP E 109 -51.87 0.78 3.32
C ASP E 109 -53.02 1.76 3.37
N GLN E 110 -54.15 1.38 2.76
CA GLN E 110 -55.31 2.25 2.69
C GLN E 110 -56.32 1.81 3.74
N SER E 111 -56.05 2.18 4.98
CA SER E 111 -56.92 1.87 6.11
C SER E 111 -56.61 2.83 7.24
N GLY E 112 -57.10 2.53 8.44
CA GLY E 112 -56.85 3.37 9.60
C GLY E 112 -55.60 3.01 10.36
N VAL E 113 -54.63 2.40 9.67
CA VAL E 113 -53.35 2.05 10.26
C VAL E 113 -52.56 3.32 10.56
N ARG E 114 -51.92 3.36 11.74
CA ARG E 114 -51.15 4.52 12.16
C ARG E 114 -49.96 4.78 11.25
N TYR E 115 -49.33 3.72 10.76
CA TYR E 115 -48.08 3.84 9.98
C TYR E 115 -48.24 3.08 8.66
N PRO E 116 -48.90 3.69 7.67
CA PRO E 116 -49.27 2.94 6.47
C PRO E 116 -48.18 2.87 5.43
N VAL E 117 -47.32 3.87 5.38
CA VAL E 117 -46.38 4.04 4.27
C VAL E 117 -45.20 3.10 4.51
N VAL E 118 -45.03 2.13 3.62
CA VAL E 118 -43.96 1.14 3.71
C VAL E 118 -42.84 1.58 2.77
N VAL E 119 -41.65 1.83 3.30
CA VAL E 119 -40.54 2.33 2.52
C VAL E 119 -39.40 1.32 2.59
N ARG E 120 -38.84 0.95 1.44
CA ARG E 120 -37.69 0.06 1.37
C ARG E 120 -36.45 0.85 0.99
N PHE E 121 -35.33 0.54 1.63
CA PHE E 121 -34.09 1.28 1.49
C PHE E 121 -32.99 0.38 0.95
N GLU E 122 -31.95 1.00 0.38
CA GLU E 122 -30.73 0.28 0.08
C GLU E 122 -29.81 0.25 1.28
N ASN E 123 -29.78 1.36 2.02
CA ASN E 123 -29.17 1.47 3.33
C ASN E 123 -29.90 0.56 4.31
N GLN E 124 -29.23 -0.48 4.80
CA GLN E 124 -29.79 -1.28 5.88
C GLN E 124 -29.38 -0.67 7.21
N ASN E 125 -30.17 -0.95 8.24
CA ASN E 125 -29.89 -0.36 9.54
C ASN E 125 -28.92 -1.26 10.32
N TYR E 126 -28.79 -1.01 11.62
CA TYR E 126 -27.88 -1.81 12.42
C TYR E 126 -28.43 -3.20 12.69
N ALA E 127 -29.75 -3.33 12.70
CA ALA E 127 -30.38 -4.63 12.84
C ALA E 127 -30.46 -5.40 11.52
N GLY E 128 -29.93 -4.86 10.43
CA GLY E 128 -29.96 -5.55 9.16
C GLY E 128 -31.25 -5.45 8.40
N VAL E 129 -32.13 -4.54 8.77
CA VAL E 129 -33.45 -4.41 8.16
C VAL E 129 -33.42 -3.25 7.18
N THR E 130 -34.01 -3.44 6.00
CA THR E 130 -34.04 -2.41 4.97
C THR E 130 -35.40 -1.75 4.80
N THR E 131 -36.42 -2.19 5.54
CA THR E 131 -37.77 -1.66 5.37
C THR E 131 -38.33 -1.21 6.71
N ASN E 132 -39.28 -0.28 6.64
CA ASN E 132 -39.93 0.25 7.83
C ASN E 132 -41.27 0.86 7.43
N ASN E 133 -42.21 0.87 8.37
CA ASN E 133 -43.45 1.61 8.20
C ASN E 133 -43.28 3.04 8.69
N TYR E 134 -43.97 3.97 8.04
CA TYR E 134 -43.97 5.36 8.47
C TYR E 134 -45.37 5.93 8.35
N ALA E 135 -45.61 7.02 9.08
CA ALA E 135 -46.89 7.70 9.05
C ALA E 135 -46.92 8.66 7.86
N LEU E 136 -47.97 9.46 7.76
CA LEU E 136 -48.11 10.36 6.62
C LEU E 136 -47.40 11.69 6.83
N ASP E 137 -47.26 12.13 8.08
CA ASP E 137 -46.54 13.36 8.37
C ASP E 137 -45.03 13.15 8.44
N GLU E 138 -44.58 11.90 8.55
CA GLU E 138 -43.16 11.56 8.58
C GLU E 138 -42.62 11.25 7.20
N VAL E 139 -43.30 11.72 6.16
CA VAL E 139 -43.08 11.30 4.79
C VAL E 139 -43.19 12.52 3.88
N VAL E 140 -42.18 12.72 3.04
CA VAL E 140 -42.17 13.83 2.08
C VAL E 140 -41.44 13.36 0.83
N ALA E 141 -41.99 13.69 -0.33
CA ALA E 141 -41.46 13.20 -1.59
C ALA E 141 -40.12 13.85 -1.92
N ALA E 142 -39.30 13.10 -2.65
CA ALA E 142 -37.93 13.46 -3.07
C ALA E 142 -37.03 13.87 -1.91
N ASP F 63 22.64 30.01 11.98
CA ASP F 63 22.27 30.53 13.30
C ASP F 63 20.95 31.28 13.24
N ILE F 64 19.85 30.54 13.34
CA ILE F 64 18.54 31.17 13.41
C ILE F 64 18.09 31.24 14.86
N ALA F 65 18.01 30.09 15.52
CA ALA F 65 17.62 30.02 16.93
C ALA F 65 18.72 29.29 17.69
N GLY F 66 19.79 30.00 18.02
CA GLY F 66 20.94 29.44 18.70
C GLY F 66 21.68 28.35 17.96
N LEU F 67 21.38 28.16 16.67
CA LEU F 67 21.87 27.04 15.91
C LEU F 67 23.16 27.42 15.19
N THR F 68 23.58 26.57 14.26
CA THR F 68 24.81 26.76 13.51
C THR F 68 24.68 25.96 12.22
N PRO F 69 25.33 26.39 11.14
CA PRO F 69 25.36 25.55 9.94
C PRO F 69 26.13 24.27 10.20
N CYS F 70 25.68 23.19 9.55
CA CYS F 70 26.32 21.90 9.77
C CYS F 70 27.69 21.84 9.12
N SER F 71 27.92 22.62 8.07
CA SER F 71 29.25 22.76 7.51
C SER F 71 30.18 23.59 8.40
N GLU F 72 29.65 24.26 9.43
CA GLU F 72 30.45 25.01 10.37
C GLU F 72 30.71 24.28 11.68
N SER F 73 29.73 23.52 12.17
CA SER F 73 29.83 22.92 13.49
C SER F 73 30.80 21.75 13.49
N LYS F 74 31.43 21.52 14.65
CA LYS F 74 32.42 20.48 14.79
C LYS F 74 31.86 19.19 15.38
N ALA F 75 30.71 19.25 16.06
CA ALA F 75 30.06 18.03 16.52
C ALA F 75 29.53 17.22 15.35
N TYR F 76 29.11 17.89 14.28
CA TYR F 76 28.68 17.21 13.06
C TYR F 76 29.83 16.45 12.41
N ALA F 77 31.00 17.09 12.31
CA ALA F 77 32.16 16.41 11.74
C ALA F 77 32.68 15.33 12.66
N LYS F 78 32.56 15.52 13.98
CA LYS F 78 32.97 14.49 14.92
C LYS F 78 32.05 13.28 14.84
N LEU F 79 30.77 13.51 14.57
CA LEU F 79 29.84 12.39 14.44
C LEU F 79 30.03 11.67 13.12
N GLU F 80 30.40 12.40 12.06
CA GLU F 80 30.80 11.76 10.81
C GLU F 80 32.03 10.88 11.01
N LYS F 81 33.03 11.40 11.72
CA LYS F 81 34.22 10.61 11.99
C LYS F 81 33.92 9.43 12.91
N LYS F 82 32.92 9.57 13.79
CA LYS F 82 32.51 8.46 14.65
C LYS F 82 31.89 7.32 13.84
N GLU F 83 30.99 7.67 12.91
CA GLU F 83 30.38 6.64 12.07
C GLU F 83 31.39 5.99 11.15
N LEU F 84 32.29 6.79 10.56
CA LEU F 84 33.33 6.22 9.70
C LEU F 84 34.33 5.39 10.51
N LYS F 85 34.52 5.73 11.79
CA LYS F 85 35.41 4.95 12.64
C LYS F 85 34.80 3.59 12.96
N THR F 86 33.50 3.56 13.24
CA THR F 86 32.82 2.28 13.46
C THR F 86 32.84 1.41 12.20
N LEU F 87 32.59 2.03 11.04
CA LEU F 87 32.67 1.29 9.79
C LEU F 87 34.09 0.83 9.47
N GLU F 88 35.10 1.59 9.87
CA GLU F 88 36.48 1.21 9.59
C GLU F 88 36.93 0.05 10.46
N LYS F 89 36.63 0.10 11.76
CA LYS F 89 36.98 -1.01 12.63
C LYS F 89 36.12 -2.24 12.35
N ARG F 90 34.96 -2.05 11.73
CA ARG F 90 34.20 -3.19 11.21
C ARG F 90 34.82 -3.74 9.93
N LEU F 91 35.40 -2.87 9.10
CA LEU F 91 35.98 -3.28 7.83
C LEU F 91 37.30 -4.01 8.01
N LYS F 92 38.01 -3.74 9.10
CA LYS F 92 39.36 -4.30 9.31
C LYS F 92 39.41 -5.82 9.48
N GLN F 93 38.27 -6.51 9.53
CA GLN F 93 38.25 -7.96 9.69
C GLN F 93 38.31 -8.74 8.38
N TYR F 94 38.05 -8.11 7.25
CA TYR F 94 37.80 -8.84 6.01
C TYR F 94 38.92 -8.60 4.99
N GLU F 95 38.99 -9.50 4.02
CA GLU F 95 39.87 -9.33 2.88
C GLU F 95 39.38 -8.18 2.02
N ALA F 96 40.33 -7.43 1.43
CA ALA F 96 40.05 -6.14 0.83
C ALA F 96 39.18 -6.22 -0.42
N ASP F 97 39.07 -7.38 -1.05
CA ASP F 97 38.29 -7.53 -2.28
C ASP F 97 37.10 -8.47 -2.11
N SER F 98 36.83 -8.92 -0.89
CA SER F 98 35.73 -9.84 -0.66
C SER F 98 34.39 -9.11 -0.69
N ALA F 99 33.32 -9.90 -0.80
CA ALA F 99 31.97 -9.34 -0.86
C ALA F 99 31.51 -8.56 0.39
N PRO F 100 31.87 -8.89 1.64
CA PRO F 100 31.50 -7.97 2.72
C PRO F 100 32.23 -6.64 2.68
N ALA F 101 33.50 -6.64 2.25
CA ALA F 101 34.28 -5.40 2.25
C ALA F 101 33.78 -4.42 1.19
N VAL F 102 33.26 -4.94 0.08
CA VAL F 102 32.68 -4.08 -0.96
C VAL F 102 31.43 -3.38 -0.43
N ALA F 103 30.59 -4.13 0.28
CA ALA F 103 29.37 -3.56 0.85
C ALA F 103 29.68 -2.58 1.99
N LEU F 104 30.74 -2.85 2.77
CA LEU F 104 31.11 -1.92 3.82
C LEU F 104 31.69 -0.63 3.26
N LYS F 105 32.49 -0.71 2.19
CA LYS F 105 32.98 0.51 1.57
C LYS F 105 31.87 1.25 0.86
N ALA F 106 30.88 0.55 0.31
CA ALA F 106 29.71 1.21 -0.28
C ALA F 106 28.87 1.91 0.78
N THR F 107 28.79 1.32 1.98
CA THR F 107 28.13 1.98 3.10
C THR F 107 28.89 3.23 3.51
N MET F 108 30.23 3.18 3.50
CA MET F 108 31.03 4.37 3.76
C MET F 108 30.82 5.45 2.71
N GLU F 109 30.69 5.05 1.44
CA GLU F 109 30.50 6.04 0.38
C GLU F 109 29.15 6.70 0.47
N ARG F 110 28.10 5.91 0.75
CA ARG F 110 26.77 6.48 0.97
C ARG F 110 26.75 7.37 2.20
N THR F 111 27.50 7.00 3.24
CA THR F 111 27.58 7.80 4.46
C THR F 111 28.23 9.16 4.20
N LYS F 112 29.38 9.15 3.52
CA LYS F 112 30.09 10.39 3.24
C LYS F 112 29.32 11.27 2.26
N ALA F 113 28.62 10.65 1.29
CA ALA F 113 27.76 11.41 0.40
C ALA F 113 26.59 12.02 1.15
N ARG F 114 26.08 11.32 2.16
CA ARG F 114 24.98 11.85 2.97
C ARG F 114 25.43 13.04 3.80
N PHE F 115 26.63 12.96 4.39
CA PHE F 115 27.13 14.10 5.16
C PHE F 115 27.45 15.29 4.27
N ALA F 116 28.00 15.03 3.09
CA ALA F 116 28.31 16.12 2.16
C ALA F 116 27.04 16.79 1.66
N ASN F 117 25.99 16.01 1.39
CA ASN F 117 24.77 16.63 0.88
C ASN F 117 23.88 17.19 1.99
N TYR F 118 24.11 16.81 3.25
CA TYR F 118 23.44 17.54 4.32
C TYR F 118 24.17 18.83 4.66
N ALA F 119 25.49 18.86 4.53
CA ALA F 119 26.21 20.11 4.72
C ALA F 119 26.03 21.06 3.54
N LYS F 120 25.75 20.52 2.36
CA LYS F 120 25.62 21.34 1.16
C LYS F 120 24.30 22.10 1.15
N ALA F 121 23.21 21.48 1.62
CA ALA F 121 21.90 22.10 1.58
C ALA F 121 21.70 23.16 2.65
N GLY F 122 22.67 23.36 3.53
CA GLY F 122 22.54 24.40 4.54
C GLY F 122 21.61 24.04 5.67
N LEU F 123 21.56 22.78 6.06
CA LEU F 123 20.78 22.40 7.23
C LEU F 123 21.46 22.92 8.48
N LEU F 124 20.66 23.23 9.49
CA LEU F 124 21.18 23.78 10.73
C LEU F 124 21.41 22.68 11.75
N CYS F 125 22.63 22.61 12.25
CA CYS F 125 22.93 21.70 13.34
C CYS F 125 22.73 22.41 14.67
N GLY F 126 22.58 21.60 15.72
CA GLY F 126 22.52 22.09 17.08
C GLY F 126 23.81 21.84 17.81
N ASN F 127 23.74 21.86 19.14
CA ASN F 127 24.89 21.48 19.94
C ASN F 127 25.14 19.98 19.90
N ASP F 128 24.14 19.21 19.46
CA ASP F 128 24.28 17.77 19.35
C ASP F 128 24.97 17.34 18.06
N GLY F 129 25.05 18.24 17.08
CA GLY F 129 25.63 17.88 15.81
C GLY F 129 24.67 17.21 14.86
N LEU F 130 23.38 17.44 15.03
CA LEU F 130 22.38 16.80 14.21
C LEU F 130 21.58 17.85 13.44
N PRO F 131 21.19 17.57 12.20
CA PRO F 131 20.46 18.57 11.41
C PRO F 131 19.07 18.83 11.98
N HIS F 132 18.64 20.06 11.86
CA HIS F 132 17.35 20.48 12.36
C HIS F 132 16.48 21.01 11.22
N LEU F 133 15.19 21.12 11.51
CA LEU F 133 14.22 21.55 10.51
C LEU F 133 13.47 22.76 11.05
N ILE F 134 13.59 23.89 10.37
CA ILE F 134 12.89 25.11 10.73
C ILE F 134 11.53 25.05 10.05
N ALA F 135 10.49 24.77 10.83
CA ALA F 135 9.14 24.63 10.29
C ALA F 135 8.34 25.92 10.39
N ASP F 136 8.91 27.02 9.92
CA ASP F 136 8.15 28.25 9.82
C ASP F 136 8.51 29.02 8.56
N PRO F 137 7.54 29.26 7.69
CA PRO F 137 7.77 30.17 6.57
C PRO F 137 7.97 31.58 7.08
N GLY F 138 8.92 32.29 6.48
CA GLY F 138 9.36 33.57 6.99
C GLY F 138 10.61 33.48 7.82
N LEU F 139 10.91 32.31 8.37
CA LEU F 139 12.23 31.96 8.85
C LEU F 139 12.90 30.91 7.99
N ALA F 140 12.12 30.22 7.16
CA ALA F 140 12.64 29.31 6.14
C ALA F 140 12.77 30.00 4.79
N LEU F 141 11.82 30.88 4.46
CA LEU F 141 11.90 31.64 3.22
C LEU F 141 12.94 32.73 3.30
N LYS F 142 13.07 33.36 4.48
CA LYS F 142 14.03 34.45 4.63
C LYS F 142 15.45 33.92 4.71
N TYR F 143 15.65 32.76 5.33
CA TYR F 143 16.98 32.23 5.56
C TYR F 143 17.28 31.00 4.72
N GLY F 144 16.47 30.74 3.69
CA GLY F 144 16.79 29.70 2.73
C GLY F 144 16.62 28.29 3.23
N HIS F 145 15.54 28.02 3.98
CA HIS F 145 15.28 26.69 4.50
C HIS F 145 13.91 26.18 4.06
N ALA F 146 13.44 26.62 2.90
CA ALA F 146 12.10 26.26 2.45
C ALA F 146 12.01 24.80 2.01
N GLY F 147 13.13 24.20 1.63
CA GLY F 147 13.15 22.78 1.30
C GLY F 147 13.11 21.85 2.48
N GLU F 148 13.23 22.38 3.70
CA GLU F 148 13.11 21.56 4.89
C GLU F 148 11.66 21.10 5.08
N VAL F 149 10.75 22.05 5.27
CA VAL F 149 9.34 21.77 5.51
C VAL F 149 8.44 22.41 4.45
N PHE F 150 8.73 23.65 4.06
CA PHE F 150 7.78 24.47 3.31
C PHE F 150 7.63 24.01 1.86
N ILE F 151 8.65 23.41 1.27
CA ILE F 151 8.44 22.81 -0.04
C ILE F 151 7.78 21.43 0.08
N PRO F 152 8.20 20.49 0.97
CA PRO F 152 7.42 19.25 1.07
C PRO F 152 6.06 19.38 1.75
N THR F 153 5.71 20.51 2.35
CA THR F 153 4.33 20.64 2.84
C THR F 153 3.34 20.93 1.73
N PHE F 154 3.79 21.16 0.51
CA PHE F 154 2.91 21.17 -0.66
C PHE F 154 3.16 19.99 -1.58
N GLY F 155 4.39 19.48 -1.60
CA GLY F 155 4.66 18.21 -2.26
C GLY F 155 3.92 17.05 -1.64
N PHE F 156 3.64 17.12 -0.34
CA PHE F 156 2.74 16.14 0.23
C PHE F 156 1.30 16.42 -0.15
N LEU F 157 0.84 17.66 0.04
CA LEU F 157 -0.58 17.96 -0.04
C LEU F 157 -1.12 17.81 -1.46
N TYR F 158 -0.26 17.95 -2.48
CA TYR F 158 -0.68 17.62 -3.84
C TYR F 158 -1.06 16.15 -3.95
N VAL F 159 -0.23 15.26 -3.39
CA VAL F 159 -0.51 13.82 -3.47
C VAL F 159 -1.64 13.43 -2.52
N ALA F 160 -1.77 14.12 -1.40
CA ALA F 160 -2.85 13.83 -0.44
C ALA F 160 -4.20 14.20 -1.02
N GLY F 161 -4.35 15.44 -1.48
CA GLY F 161 -5.57 15.81 -2.17
C GLY F 161 -5.77 15.10 -3.48
N TYR F 162 -4.69 14.61 -4.10
CA TYR F 162 -4.79 13.75 -5.27
C TYR F 162 -5.54 12.48 -4.94
N ILE F 163 -5.07 11.75 -3.92
CA ILE F 163 -5.71 10.49 -3.53
C ILE F 163 -7.12 10.76 -2.99
N GLY F 164 -7.29 11.84 -2.25
CA GLY F 164 -8.60 12.21 -1.74
C GLY F 164 -9.57 12.67 -2.80
N TYR F 165 -9.07 13.09 -3.96
CA TYR F 165 -9.92 13.43 -5.08
C TYR F 165 -10.23 12.23 -5.96
N VAL F 166 -9.24 11.36 -6.17
CA VAL F 166 -9.43 10.16 -6.97
C VAL F 166 -10.42 9.22 -6.29
N GLY F 167 -10.28 9.02 -4.98
CA GLY F 167 -11.23 8.19 -4.25
C GLY F 167 -12.62 8.79 -4.18
N ARG F 168 -12.69 10.12 -4.02
CA ARG F 168 -13.97 10.83 -4.04
C ARG F 168 -14.69 10.63 -5.37
N GLN F 169 -13.99 10.84 -6.47
CA GLN F 169 -14.62 10.71 -7.78
C GLN F 169 -14.93 9.26 -8.10
N TYR F 170 -14.13 8.32 -7.59
CA TYR F 170 -14.47 6.91 -7.78
C TYR F 170 -15.73 6.52 -7.00
N LEU F 171 -15.94 7.13 -5.82
CA LEU F 171 -17.18 6.87 -5.10
C LEU F 171 -18.37 7.48 -5.81
N ILE F 172 -18.25 8.76 -6.21
CA ILE F 172 -19.38 9.47 -6.80
C ILE F 172 -19.72 8.89 -8.18
N ALA F 173 -18.73 8.41 -8.92
CA ALA F 173 -18.98 7.79 -10.20
C ALA F 173 -19.39 6.33 -10.08
N VAL F 174 -19.69 5.83 -8.88
CA VAL F 174 -20.12 4.45 -8.76
C VAL F 174 -21.38 4.40 -7.91
N LYS F 175 -21.76 5.55 -7.32
CA LYS F 175 -23.02 5.63 -6.57
C LYS F 175 -24.22 5.39 -7.48
N GLY F 176 -24.25 6.02 -8.65
CA GLY F 176 -25.39 5.89 -9.52
C GLY F 176 -25.34 4.66 -10.40
N GLU F 177 -25.41 3.48 -9.81
CA GLU F 177 -25.39 2.22 -10.56
C GLU F 177 -26.46 1.29 -9.99
N ALA F 178 -26.40 0.03 -10.40
CA ALA F 178 -27.37 -0.97 -9.94
C ALA F 178 -27.14 -1.29 -8.47
N LYS F 179 -25.97 -1.81 -8.14
CA LYS F 179 -25.59 -1.94 -6.74
C LYS F 179 -24.13 -1.50 -6.61
N PRO F 180 -23.86 -0.43 -5.85
CA PRO F 180 -22.51 0.13 -5.84
C PRO F 180 -21.50 -0.70 -5.10
N THR F 181 -21.94 -1.46 -4.09
CA THR F 181 -21.03 -2.13 -3.16
C THR F 181 -20.19 -3.19 -3.84
N ASP F 182 -20.72 -3.84 -4.88
CA ASP F 182 -19.95 -4.82 -5.63
C ASP F 182 -18.77 -4.19 -6.36
N LYS F 183 -18.86 -2.92 -6.72
CA LYS F 183 -17.71 -2.24 -7.29
C LYS F 183 -16.92 -1.47 -6.24
N GLU F 184 -17.04 -1.85 -4.97
CA GLU F 184 -16.13 -1.38 -3.94
C GLU F 184 -15.28 -2.48 -3.35
N ILE F 185 -15.73 -3.73 -3.40
CA ILE F 185 -14.86 -4.86 -3.11
C ILE F 185 -14.19 -5.36 -4.38
N ILE F 186 -14.80 -5.14 -5.54
CA ILE F 186 -14.25 -5.56 -6.83
C ILE F 186 -14.12 -4.28 -7.64
N ILE F 187 -12.96 -3.64 -7.57
CA ILE F 187 -12.82 -2.28 -8.07
C ILE F 187 -12.79 -2.30 -9.60
N ASP F 188 -13.60 -1.44 -10.20
CA ASP F 188 -13.67 -1.30 -11.67
C ASP F 188 -12.36 -0.68 -12.13
N VAL F 189 -11.45 -1.53 -12.60
CA VAL F 189 -10.09 -1.07 -12.91
C VAL F 189 -9.99 -0.07 -14.06
N PRO F 190 -10.71 -0.19 -15.19
CA PRO F 190 -10.64 0.90 -16.17
C PRO F 190 -11.22 2.23 -15.70
N LEU F 191 -12.26 2.20 -14.87
CA LEU F 191 -12.76 3.43 -14.27
C LEU F 191 -11.77 3.97 -13.25
N ALA F 192 -11.10 3.07 -12.52
CA ALA F 192 -10.11 3.48 -11.54
C ALA F 192 -8.89 4.11 -12.19
N THR F 193 -8.39 3.52 -13.28
CA THR F 193 -7.22 4.08 -13.96
C THR F 193 -7.57 5.33 -14.75
N LYS F 194 -8.81 5.45 -15.24
CA LYS F 194 -9.24 6.68 -15.86
C LYS F 194 -9.28 7.81 -14.84
N LEU F 195 -9.82 7.55 -13.65
CA LEU F 195 -9.80 8.57 -12.60
C LEU F 195 -8.42 8.75 -12.00
N ALA F 196 -7.53 7.77 -12.14
CA ALA F 196 -6.16 7.93 -11.68
C ALA F 196 -5.40 8.89 -12.57
N TRP F 197 -5.55 8.75 -13.89
CA TRP F 197 -4.86 9.65 -14.78
C TRP F 197 -5.49 11.03 -14.80
N GLN F 198 -6.83 11.11 -14.89
CA GLN F 198 -7.42 12.44 -15.07
C GLN F 198 -7.55 13.21 -13.76
N GLY F 199 -7.09 12.66 -12.64
CA GLY F 199 -7.07 13.39 -11.40
C GLY F 199 -5.82 14.24 -11.17
N ALA F 200 -5.01 14.46 -12.21
CA ALA F 200 -3.74 15.16 -12.04
C ALA F 200 -3.94 16.63 -11.72
N GLY F 201 -5.01 17.23 -12.21
CA GLY F 201 -5.30 18.62 -11.92
C GLY F 201 -6.32 18.76 -10.81
N TRP F 202 -6.17 17.99 -9.74
CA TRP F 202 -7.16 18.02 -8.66
C TRP F 202 -7.35 19.37 -7.94
N PRO F 203 -6.35 20.26 -7.70
CA PRO F 203 -6.69 21.49 -6.99
C PRO F 203 -7.53 22.42 -7.82
N LEU F 204 -7.26 22.42 -9.13
CA LEU F 204 -8.07 23.12 -10.11
C LEU F 204 -9.53 22.67 -10.05
N ALA F 205 -9.76 21.36 -10.17
CA ALA F 205 -11.11 20.84 -10.14
C ALA F 205 -11.74 20.97 -8.75
N ALA F 206 -10.91 21.00 -7.71
CA ALA F 206 -11.43 21.14 -6.35
C ALA F 206 -11.93 22.55 -6.10
N VAL F 207 -11.21 23.56 -6.57
CA VAL F 207 -11.71 24.92 -6.38
C VAL F 207 -12.86 25.22 -7.33
N GLN F 208 -12.87 24.60 -8.53
CA GLN F 208 -14.02 24.75 -9.41
C GLN F 208 -15.24 24.01 -8.90
N GLU F 209 -15.05 22.99 -8.07
CA GLU F 209 -16.17 22.30 -7.44
C GLU F 209 -16.62 23.03 -6.18
N LEU F 210 -15.70 23.69 -5.49
CA LEU F 210 -16.05 24.48 -4.32
C LEU F 210 -16.84 25.73 -4.70
N GLN F 211 -16.55 26.31 -5.87
CA GLN F 211 -17.28 27.50 -6.28
C GLN F 211 -18.74 27.20 -6.63
N ARG F 212 -19.07 25.96 -6.98
CA ARG F 212 -20.47 25.60 -7.19
C ARG F 212 -21.22 25.44 -5.88
N GLY F 213 -20.60 24.80 -4.90
CA GLY F 213 -21.33 24.18 -3.82
C GLY F 213 -21.56 22.70 -4.02
N THR F 214 -21.02 22.12 -5.10
CA THR F 214 -21.08 20.69 -5.36
C THR F 214 -19.96 19.93 -4.67
N LEU F 215 -19.10 20.61 -3.92
CA LEU F 215 -18.14 19.92 -3.07
C LEU F 215 -18.81 19.47 -1.78
N LEU F 216 -19.58 20.34 -1.16
CA LEU F 216 -20.33 20.02 0.03
C LEU F 216 -21.69 19.46 -0.31
N GLU F 217 -22.34 18.90 0.70
CA GLU F 217 -23.75 18.57 0.65
C GLU F 217 -24.46 19.39 1.73
N LYS F 218 -25.69 19.79 1.47
CA LYS F 218 -26.46 20.64 2.38
C LYS F 218 -27.01 19.80 3.53
N GLU F 219 -27.98 20.32 4.29
CA GLU F 219 -28.54 19.54 5.38
C GLU F 219 -29.60 18.54 4.91
N GLU F 220 -29.24 17.77 3.89
CA GLU F 220 -29.84 16.50 3.52
C GLU F 220 -29.15 15.36 4.26
N ASN F 221 -28.11 15.69 5.03
CA ASN F 221 -27.32 14.70 5.75
C ASN F 221 -28.11 14.14 6.92
N ILE F 222 -27.58 13.08 7.48
CA ILE F 222 -28.27 12.25 8.45
C ILE F 222 -27.82 12.62 9.86
N THR F 223 -28.76 13.01 10.71
CA THR F 223 -28.45 13.42 12.08
C THR F 223 -29.26 12.61 13.08
N VAL F 224 -29.18 12.94 14.35
CA VAL F 224 -29.89 12.14 15.35
C VAL F 224 -31.05 12.89 15.98
N SER F 225 -30.75 13.91 16.78
CA SER F 225 -31.74 14.65 17.53
C SER F 225 -31.16 16.00 17.99
N PRO F 226 -31.01 16.99 17.10
CA PRO F 226 -30.49 18.28 17.55
C PRO F 226 -31.48 19.07 18.38
N SER G 73 5.40 8.90 74.77
CA SER G 73 6.27 8.06 73.95
C SER G 73 5.64 6.70 73.71
N TRP G 74 4.65 6.34 74.53
CA TRP G 74 3.93 5.09 74.35
C TRP G 74 2.78 5.19 73.37
N ALA G 75 2.56 6.36 72.78
CA ALA G 75 1.43 6.54 71.87
C ALA G 75 1.51 5.73 70.57
N PRO G 76 2.63 5.63 69.83
CA PRO G 76 2.60 4.79 68.61
C PRO G 76 2.51 3.30 68.88
N SER G 77 2.80 2.84 70.09
CA SER G 77 2.66 1.44 70.42
C SER G 77 1.25 1.06 70.86
N VAL G 78 0.37 2.04 71.04
CA VAL G 78 -0.99 1.81 71.55
C VAL G 78 -2.04 2.29 70.56
N PHE G 79 -1.88 3.49 70.03
CA PHE G 79 -2.87 4.03 69.09
C PHE G 79 -2.88 3.32 67.76
N VAL G 80 -1.74 2.79 67.33
CA VAL G 80 -1.64 2.10 66.05
C VAL G 80 -2.25 0.69 66.09
N PRO G 81 -2.11 -0.13 67.16
CA PRO G 81 -2.92 -1.36 67.18
C PRO G 81 -4.41 -1.12 67.36
N LEU G 82 -4.81 -0.06 68.08
CA LEU G 82 -6.23 0.29 68.17
C LEU G 82 -6.77 0.74 66.83
N THR G 83 -5.99 1.51 66.09
CA THR G 83 -6.37 2.00 64.77
C THR G 83 -5.73 1.10 63.72
N GLY G 84 -6.40 -0.02 63.47
CA GLY G 84 -5.90 -1.01 62.54
C GLY G 84 -6.22 -2.43 62.97
N LEU G 85 -6.42 -2.64 64.27
CA LEU G 85 -6.78 -3.96 64.77
C LEU G 85 -7.98 -3.98 65.70
N VAL G 86 -8.31 -2.88 66.36
CA VAL G 86 -9.39 -2.83 67.34
C VAL G 86 -10.57 -2.02 66.84
N LEU G 87 -10.33 -0.77 66.45
CA LEU G 87 -11.41 0.09 65.96
C LEU G 87 -11.89 -0.29 64.57
N PRO G 88 -11.06 -0.75 63.63
CA PRO G 88 -11.62 -1.46 62.47
C PRO G 88 -12.32 -2.75 62.82
N ALA G 89 -11.91 -3.46 63.87
CA ALA G 89 -12.64 -4.66 64.27
C ALA G 89 -14.03 -4.32 64.81
N ILE G 90 -14.18 -3.13 65.40
CA ILE G 90 -15.52 -2.60 65.63
C ILE G 90 -16.18 -2.25 64.31
N ALA G 91 -15.43 -1.65 63.38
CA ALA G 91 -15.98 -1.26 62.10
C ALA G 91 -16.24 -2.46 61.18
N MET G 92 -15.48 -3.55 61.34
CA MET G 92 -15.82 -4.77 60.63
C MET G 92 -17.05 -5.45 61.22
N ALA G 93 -17.40 -5.12 62.46
CA ALA G 93 -18.54 -5.74 63.14
C ALA G 93 -19.79 -4.87 63.05
N THR G 94 -19.71 -3.65 63.56
CA THR G 94 -20.91 -2.82 63.70
C THR G 94 -21.42 -2.31 62.35
N LEU G 95 -20.52 -2.06 61.41
CA LEU G 95 -20.96 -1.68 60.08
C LEU G 95 -21.38 -2.87 59.23
N PHE G 96 -21.05 -4.09 59.65
CA PHE G 96 -21.57 -5.27 58.97
C PHE G 96 -22.95 -5.68 59.49
N VAL G 97 -23.17 -5.57 60.80
CA VAL G 97 -24.48 -5.89 61.39
C VAL G 97 -25.56 -4.99 60.81
N TYR G 98 -25.22 -3.74 60.50
CA TYR G 98 -26.17 -2.79 59.93
C TYR G 98 -26.61 -3.16 58.51
N ILE G 99 -25.85 -4.01 57.82
CA ILE G 99 -26.15 -4.32 56.42
C ILE G 99 -27.41 -5.17 56.31
N GLU G 100 -27.43 -6.31 56.99
CA GLU G 100 -28.47 -7.33 56.83
C GLU G 100 -29.64 -7.16 57.80
N LYS G 101 -29.88 -5.96 58.31
CA LYS G 101 -30.99 -5.75 59.22
C LYS G 101 -32.33 -5.87 58.48
N GLU G 102 -33.29 -6.54 59.12
CA GLU G 102 -34.62 -6.67 58.56
C GLU G 102 -35.37 -5.36 58.74
N ALA G 103 -35.84 -4.80 57.62
CA ALA G 103 -36.56 -3.53 57.67
C ALA G 103 -37.94 -3.75 58.27
N PRO G 104 -38.32 -2.99 59.31
CA PRO G 104 -39.65 -3.10 59.92
C PRO G 104 -40.74 -2.45 59.09
N MET H 1 -10.75 -16.10 -19.29
CA MET H 1 -10.12 -15.61 -18.06
C MET H 1 -10.72 -14.28 -17.63
N LYS H 2 -11.95 -14.02 -18.05
CA LYS H 2 -12.67 -12.83 -17.59
C LYS H 2 -12.95 -12.92 -16.09
N ASP H 3 -13.28 -14.11 -15.60
CA ASP H 3 -13.46 -14.31 -14.17
C ASP H 3 -12.14 -14.20 -13.42
N PHE H 4 -11.04 -14.59 -14.06
CA PHE H 4 -9.73 -14.41 -13.46
C PHE H 4 -9.35 -12.94 -13.38
N THR H 5 -9.78 -12.13 -14.35
CA THR H 5 -9.51 -10.70 -14.27
C THR H 5 -10.45 -9.98 -13.33
N THR H 6 -11.64 -10.52 -13.08
CA THR H 6 -12.46 -9.97 -12.01
C THR H 6 -11.91 -10.35 -10.64
N TYR H 7 -11.30 -11.53 -10.53
CA TYR H 7 -10.58 -11.89 -9.31
C TYR H 7 -9.37 -11.00 -9.09
N LEU H 8 -8.65 -10.68 -10.16
CA LEU H 8 -7.51 -9.76 -10.08
C LEU H 8 -7.93 -8.35 -9.72
N SER H 9 -9.21 -8.01 -9.91
CA SER H 9 -9.70 -6.69 -9.59
C SER H 9 -10.43 -6.64 -8.26
N THR H 10 -10.30 -7.68 -7.43
CA THR H 10 -10.89 -7.62 -6.10
C THR H 10 -10.06 -6.73 -5.18
N ALA H 11 -10.60 -6.47 -3.99
CA ALA H 11 -9.97 -5.53 -3.07
C ALA H 11 -8.60 -5.98 -2.55
N PRO H 12 -8.40 -7.20 -2.03
CA PRO H 12 -7.04 -7.53 -1.55
C PRO H 12 -6.02 -7.72 -2.65
N VAL H 13 -6.44 -8.14 -3.85
CA VAL H 13 -5.48 -8.36 -4.93
C VAL H 13 -5.01 -7.02 -5.50
N ILE H 14 -5.94 -6.08 -5.68
CA ILE H 14 -5.56 -4.72 -6.03
C ILE H 14 -4.74 -4.07 -4.94
N ALA H 15 -5.06 -4.37 -3.68
CA ALA H 15 -4.29 -3.83 -2.56
C ALA H 15 -2.86 -4.35 -2.58
N THR H 16 -2.66 -5.64 -2.82
CA THR H 16 -1.31 -6.18 -2.80
C THR H 16 -0.56 -5.95 -4.10
N ILE H 17 -1.22 -5.56 -5.19
CA ILE H 17 -0.49 -5.15 -6.37
C ILE H 17 -0.12 -3.68 -6.29
N TRP H 18 -1.05 -2.85 -5.82
CA TRP H 18 -0.82 -1.42 -5.74
C TRP H 18 0.15 -1.08 -4.62
N PHE H 19 0.15 -1.83 -3.52
CA PHE H 19 1.11 -1.57 -2.47
C PHE H 19 2.50 -2.07 -2.84
N THR H 20 2.60 -3.13 -3.62
CA THR H 20 3.92 -3.48 -4.16
C THR H 20 4.39 -2.48 -5.20
N PHE H 21 3.47 -1.90 -5.97
CA PHE H 21 3.84 -0.86 -6.92
C PHE H 21 4.33 0.39 -6.22
N THR H 22 3.57 0.90 -5.25
CA THR H 22 3.98 2.07 -4.51
C THR H 22 5.09 1.78 -3.51
N ALA H 23 5.35 0.51 -3.20
CA ALA H 23 6.51 0.18 -2.38
C ALA H 23 7.77 0.13 -3.23
N GLY H 24 7.75 -0.66 -4.30
CA GLY H 24 8.83 -0.77 -5.25
C GLY H 24 9.00 0.40 -6.18
N LEU H 25 8.19 1.46 -6.04
CA LEU H 25 8.56 2.73 -6.64
C LEU H 25 9.46 3.52 -5.70
N LEU H 26 9.01 3.65 -4.43
CA LEU H 26 9.77 4.38 -3.42
C LEU H 26 11.08 3.69 -3.10
N ILE H 27 11.13 2.37 -3.25
CA ILE H 27 12.34 1.61 -2.98
C ILE H 27 13.38 1.83 -4.08
N GLU H 28 12.95 1.84 -5.34
CA GLU H 28 13.87 2.19 -6.43
C GLU H 28 14.31 3.64 -6.35
N ILE H 29 13.42 4.53 -5.87
CA ILE H 29 13.80 5.93 -5.67
C ILE H 29 14.88 6.05 -4.60
N ASN H 30 14.68 5.40 -3.46
CA ASN H 30 15.68 5.44 -2.40
C ASN H 30 16.91 4.60 -2.71
N ARG H 31 16.89 3.78 -3.77
CA ARG H 31 18.15 3.24 -4.27
C ARG H 31 18.88 4.27 -5.12
N TYR H 32 18.19 4.84 -6.12
CA TYR H 32 18.87 5.77 -7.03
C TYR H 32 19.04 7.16 -6.44
N PHE H 33 18.32 7.51 -5.38
CA PHE H 33 18.48 8.79 -4.70
C PHE H 33 18.59 8.51 -3.21
N PRO H 34 19.78 8.20 -2.71
CA PRO H 34 19.91 7.79 -1.31
C PRO H 34 19.74 8.96 -0.36
N ASP H 35 19.10 8.66 0.77
CA ASP H 35 18.91 9.50 1.95
C ASP H 35 18.33 10.91 1.71
N PRO H 36 17.04 11.05 1.27
CA PRO H 36 16.47 12.40 1.12
C PRO H 36 15.82 13.01 2.36
N LEU H 37 16.63 13.62 3.23
CA LEU H 37 16.06 14.31 4.39
C LEU H 37 15.45 15.66 4.00
N VAL H 38 16.09 16.36 3.07
CA VAL H 38 15.69 17.72 2.73
C VAL H 38 15.55 17.79 1.21
N PHE H 39 14.61 18.63 0.76
CA PHE H 39 14.39 18.87 -0.65
C PHE H 39 15.57 19.66 -1.20
N SER H 40 16.46 18.97 -1.92
CA SER H 40 17.58 19.61 -2.57
C SER H 40 17.19 19.99 -3.99
N PHE H 41 18.18 20.35 -4.81
CA PHE H 41 17.92 20.68 -6.20
C PHE H 41 18.86 19.92 -7.12
N PHE I 76 25.00 -72.31 9.74
CA PHE I 76 23.78 -71.75 10.32
C PHE I 76 22.67 -72.78 10.36
N ILE I 77 22.58 -73.60 9.30
CA ILE I 77 21.55 -74.62 9.21
C ILE I 77 21.79 -75.69 10.26
N GLY I 78 20.83 -75.86 11.16
CA GLY I 78 20.97 -76.80 12.25
C GLY I 78 21.60 -76.22 13.50
N SER I 79 21.99 -74.95 13.48
CA SER I 79 22.58 -74.31 14.64
C SER I 79 21.50 -74.01 15.68
N SER I 80 21.93 -73.48 16.82
CA SER I 80 21.00 -73.27 17.94
C SER I 80 20.05 -72.11 17.70
N THR I 81 20.34 -71.24 16.72
CA THR I 81 19.41 -70.17 16.40
C THR I 81 18.44 -70.54 15.29
N ASN I 82 18.84 -71.44 14.39
CA ASN I 82 17.92 -71.93 13.37
C ASN I 82 16.84 -72.82 13.97
N LEU I 83 17.21 -73.62 14.96
CA LEU I 83 16.27 -74.55 15.59
C LEU I 83 15.25 -73.82 16.43
N ILE I 84 15.57 -72.63 16.93
CA ILE I 84 14.57 -71.82 17.62
C ILE I 84 13.61 -71.21 16.61
N MET I 85 14.15 -70.70 15.49
CA MET I 85 13.33 -69.95 14.53
C MET I 85 12.36 -70.84 13.78
N VAL I 86 12.81 -72.02 13.33
CA VAL I 86 11.90 -72.91 12.61
C VAL I 86 10.85 -73.49 13.54
N ALA I 87 11.26 -73.89 14.74
CA ALA I 87 10.29 -74.44 15.69
C ALA I 87 9.41 -73.37 16.32
N SER I 88 9.74 -72.09 16.18
CA SER I 88 8.84 -71.04 16.63
C SER I 88 7.94 -70.52 15.53
N THR I 89 8.34 -70.68 14.27
CA THR I 89 7.44 -70.31 13.18
C THR I 89 6.44 -71.42 12.90
N THR I 90 6.90 -72.67 12.85
CA THR I 90 5.99 -73.80 12.65
C THR I 90 5.05 -74.01 13.81
N ALA I 91 5.43 -73.57 15.02
CA ALA I 91 4.52 -73.64 16.16
C ALA I 91 3.32 -72.71 15.96
N THR I 92 3.56 -71.50 15.47
CA THR I 92 2.45 -70.59 15.20
C THR I 92 1.65 -71.01 13.99
N LEU I 93 2.32 -71.57 12.97
CA LEU I 93 1.61 -72.05 11.78
C LEU I 93 0.78 -73.28 12.07
N ALA I 94 1.16 -74.09 13.06
CA ALA I 94 0.31 -75.19 13.51
C ALA I 94 -0.67 -74.75 14.58
N ALA I 95 -0.42 -73.64 15.25
CA ALA I 95 -1.36 -73.13 16.25
C ALA I 95 -2.59 -72.55 15.59
N ALA I 96 -2.38 -71.74 14.55
CA ALA I 96 -3.53 -71.11 13.90
C ALA I 96 -4.33 -72.10 13.09
N ARG I 97 -3.69 -73.09 12.48
CA ARG I 97 -4.41 -74.09 11.71
C ARG I 97 -5.25 -74.99 12.60
N PHE I 98 -4.69 -75.46 13.72
CA PHE I 98 -5.38 -76.43 14.56
C PHE I 98 -6.07 -75.77 15.75
N GLY I 99 -6.62 -74.57 15.55
CA GLY I 99 -7.55 -73.99 16.49
C GLY I 99 -6.97 -73.50 17.80
N LEU I 100 -5.68 -73.19 17.83
CA LEU I 100 -5.02 -72.74 19.05
C LEU I 100 -4.51 -71.31 18.93
N ALA I 101 -4.93 -70.58 17.90
CA ALA I 101 -4.56 -69.20 17.65
C ALA I 101 -5.57 -68.61 16.68
N PRO I 102 -5.86 -67.31 16.77
CA PRO I 102 -6.85 -66.72 15.87
C PRO I 102 -6.37 -66.60 14.44
N THR I 103 -7.32 -66.66 13.51
CA THR I 103 -7.05 -66.60 12.07
C THR I 103 -7.85 -65.51 11.40
N VAL I 104 -7.88 -65.52 10.07
CA VAL I 104 -8.87 -64.73 9.34
C VAL I 104 -10.27 -65.22 9.65
N LYS I 105 -10.49 -66.53 9.54
CA LYS I 105 -11.82 -67.10 9.71
C LYS I 105 -12.29 -67.08 11.15
N LYS I 106 -11.39 -67.01 12.12
CA LYS I 106 -11.76 -67.15 13.52
C LYS I 106 -11.06 -66.09 14.38
N ASN I 107 -11.84 -65.41 15.21
CA ASN I 107 -11.37 -64.35 16.11
C ASN I 107 -11.61 -64.73 17.56
N THR I 108 -11.40 -63.76 18.46
CA THR I 108 -11.50 -63.97 19.90
C THR I 108 -12.50 -62.98 20.49
N THR I 109 -13.33 -63.46 21.41
CA THR I 109 -14.40 -62.69 22.03
C THR I 109 -13.86 -61.68 23.04
N ALA I 110 -14.78 -61.04 23.77
CA ALA I 110 -14.42 -60.11 24.83
C ALA I 110 -13.72 -60.83 25.98
N GLY I 111 -14.03 -62.10 26.19
CA GLY I 111 -13.21 -62.95 27.03
C GLY I 111 -12.04 -63.48 26.25
N LEU I 112 -11.78 -64.78 26.34
CA LEU I 112 -10.68 -65.39 25.62
C LEU I 112 -11.16 -66.68 24.94
N LYS I 113 -12.30 -66.56 24.26
CA LYS I 113 -12.96 -67.69 23.59
C LYS I 113 -12.86 -67.49 22.09
N LEU I 114 -12.63 -68.58 21.36
CA LEU I 114 -12.27 -68.54 19.95
C LEU I 114 -13.54 -68.68 19.11
N VAL I 115 -13.90 -67.61 18.38
CA VAL I 115 -15.22 -67.46 17.79
C VAL I 115 -15.08 -67.21 16.29
N ASP I 116 -16.16 -67.49 15.55
CA ASP I 116 -16.25 -67.29 14.11
C ASP I 116 -16.24 -65.80 13.77
N SER I 117 -15.83 -65.47 12.54
CA SER I 117 -15.63 -64.11 12.10
C SER I 117 -16.64 -63.72 11.01
N LYS I 118 -16.47 -62.50 10.49
CA LYS I 118 -17.24 -62.00 9.35
C LYS I 118 -16.40 -61.93 8.08
N ASN I 119 -15.09 -61.70 8.22
CA ASN I 119 -13.98 -61.79 7.29
C ASN I 119 -13.93 -60.63 6.30
N SER I 120 -15.00 -59.84 6.16
CA SER I 120 -15.09 -58.57 5.42
C SER I 120 -14.80 -58.64 3.92
N ALA I 121 -14.38 -59.79 3.41
CA ALA I 121 -14.24 -60.00 1.97
C ALA I 121 -14.70 -61.36 1.49
N GLY I 122 -14.69 -62.40 2.32
CA GLY I 122 -14.94 -63.75 1.88
C GLY I 122 -13.71 -64.37 1.25
N VAL I 123 -13.34 -65.58 1.67
CA VAL I 123 -12.15 -66.23 1.13
C VAL I 123 -12.56 -67.50 0.40
N ILE I 124 -11.77 -67.85 -0.62
CA ILE I 124 -12.05 -68.99 -1.47
C ILE I 124 -10.87 -69.94 -1.32
N SER I 125 -10.36 -70.04 -0.09
CA SER I 125 -9.26 -70.95 0.19
C SER I 125 -9.70 -72.41 0.04
N ASN I 126 -8.95 -73.16 -0.76
CA ASN I 126 -9.27 -74.58 -0.96
C ASN I 126 -8.91 -75.42 0.26
N ASP I 127 -8.08 -74.89 1.15
CA ASP I 127 -7.66 -75.60 2.35
C ASP I 127 -8.87 -75.89 3.24
N PRO I 128 -8.95 -77.07 3.85
CA PRO I 128 -10.21 -77.46 4.54
C PRO I 128 -10.54 -76.64 5.77
N ALA I 129 -9.57 -76.07 6.46
CA ALA I 129 -9.85 -75.20 7.59
C ALA I 129 -9.91 -73.73 7.20
N GLY I 130 -9.91 -73.43 5.91
CA GLY I 130 -9.93 -72.05 5.47
C GLY I 130 -8.66 -71.28 5.76
N PHE I 131 -7.54 -71.97 5.90
CA PHE I 131 -6.28 -71.36 6.31
C PHE I 131 -5.68 -70.66 5.10
N THR I 132 -5.88 -69.35 5.03
CA THR I 132 -5.48 -68.58 3.85
C THR I 132 -4.00 -68.20 3.95
N ILE I 133 -3.51 -67.59 2.87
CA ILE I 133 -2.13 -67.10 2.83
C ILE I 133 -1.97 -65.86 3.71
N VAL I 134 -3.07 -65.15 3.96
CA VAL I 134 -3.05 -64.06 4.94
C VAL I 134 -2.77 -64.59 6.35
N ASP I 135 -3.32 -65.77 6.67
CA ASP I 135 -2.96 -66.43 7.92
C ASP I 135 -1.50 -66.86 7.94
N VAL I 136 -0.97 -67.25 6.78
CA VAL I 136 0.44 -67.64 6.70
C VAL I 136 1.33 -66.46 6.99
N LEU I 137 1.02 -65.30 6.40
CA LEU I 137 1.80 -64.10 6.64
C LEU I 137 1.68 -63.63 8.08
N ALA I 138 0.47 -63.70 8.65
CA ALA I 138 0.25 -63.25 10.02
C ALA I 138 1.00 -64.13 11.01
N MET I 139 0.90 -65.44 10.86
CA MET I 139 1.53 -66.31 11.84
C MET I 139 3.01 -66.55 11.53
N GLY I 140 3.46 -66.27 10.32
CA GLY I 140 4.89 -66.24 10.08
C GLY I 140 5.53 -65.00 10.66
N ALA I 141 4.83 -63.87 10.62
CA ALA I 141 5.31 -62.67 11.28
C ALA I 141 5.29 -62.83 12.80
N ALA I 142 4.26 -63.50 13.33
CA ALA I 142 4.21 -63.78 14.76
C ALA I 142 5.28 -64.78 15.17
N GLY I 143 5.53 -65.80 14.35
CA GLY I 143 6.55 -66.78 14.68
C GLY I 143 7.95 -66.21 14.58
N HIS I 144 8.19 -65.35 13.59
CA HIS I 144 9.45 -64.61 13.52
C HIS I 144 9.60 -63.65 14.69
N GLY I 145 8.51 -63.05 15.17
CA GLY I 145 8.61 -62.19 16.35
C GLY I 145 8.96 -62.95 17.61
N LEU I 146 8.28 -64.09 17.83
CA LEU I 146 8.62 -64.95 18.97
C LEU I 146 10.01 -65.53 18.85
N GLY I 147 10.46 -65.83 17.63
CA GLY I 147 11.78 -66.40 17.47
C GLY I 147 12.89 -65.39 17.67
N VAL I 148 12.71 -64.17 17.16
CA VAL I 148 13.65 -63.08 17.42
C VAL I 148 13.70 -62.75 18.90
N GLY I 149 12.54 -62.76 19.57
CA GLY I 149 12.49 -62.50 20.99
C GLY I 149 13.21 -63.57 21.81
N ILE I 150 12.97 -64.85 21.49
CA ILE I 150 13.61 -65.93 22.24
C ILE I 150 15.11 -65.99 21.95
N VAL I 151 15.51 -65.81 20.69
CA VAL I 151 16.93 -65.89 20.32
C VAL I 151 17.73 -64.75 20.97
N LEU I 152 17.23 -63.53 20.87
CA LEU I 152 17.96 -62.41 21.45
C LEU I 152 17.87 -62.39 22.97
N GLY I 153 16.78 -62.91 23.55
CA GLY I 153 16.72 -63.01 24.99
C GLY I 153 17.62 -64.09 25.55
N LEU I 154 17.80 -65.18 24.81
CA LEU I 154 18.76 -66.19 25.21
C LEU I 154 20.19 -65.70 25.02
N LYS I 155 20.42 -64.85 24.02
CA LYS I 155 21.73 -64.22 23.91
C LYS I 155 21.98 -63.22 25.03
N GLY I 156 20.94 -62.57 25.53
CA GLY I 156 21.11 -61.62 26.61
C GLY I 156 21.16 -62.25 27.98
N ILE I 157 20.63 -63.46 28.12
CA ILE I 157 20.63 -64.15 29.40
C ILE I 157 21.90 -64.97 29.59
N GLY I 158 22.72 -65.10 28.55
CA GLY I 158 23.95 -65.86 28.64
C GLY I 158 23.82 -67.26 28.08
N ALA I 159 22.70 -67.93 28.37
CA ALA I 159 22.45 -69.28 27.88
C ALA I 159 22.13 -69.20 26.39
N LEU I 160 23.12 -69.49 25.55
CA LEU I 160 23.16 -69.20 24.11
C LEU I 160 22.94 -67.70 23.91
N VAL J 127 -20.10 -39.94 54.52
CA VAL J 127 -20.47 -41.15 55.24
C VAL J 127 -21.58 -40.83 56.25
N ALA J 128 -22.71 -41.54 56.13
CA ALA J 128 -23.84 -41.29 57.01
C ALA J 128 -23.60 -41.76 58.44
N THR J 129 -22.71 -42.72 58.64
CA THR J 129 -22.39 -43.17 59.98
C THR J 129 -21.37 -42.25 60.65
N TYR J 130 -20.36 -41.82 59.90
CA TYR J 130 -19.29 -41.01 60.48
C TYR J 130 -19.76 -39.58 60.77
N LEU J 131 -20.67 -39.04 59.97
CA LEU J 131 -21.17 -37.69 60.23
C LEU J 131 -22.16 -37.63 61.39
N SER J 132 -22.61 -38.76 61.90
CA SER J 132 -23.47 -38.79 63.08
C SER J 132 -22.67 -38.80 64.39
N ASN J 133 -21.41 -38.39 64.35
CA ASN J 133 -20.50 -38.43 65.49
C ASN J 133 -19.98 -37.07 65.89
N LEU J 134 -19.59 -36.24 64.94
CA LEU J 134 -18.94 -34.97 65.19
C LEU J 134 -19.99 -33.93 65.61
N PRO J 135 -19.63 -32.96 66.48
CA PRO J 135 -20.66 -32.24 67.26
C PRO J 135 -21.63 -31.38 66.47
N ALA J 136 -21.27 -30.93 65.27
CA ALA J 136 -22.13 -30.01 64.53
C ALA J 136 -23.39 -30.69 63.99
N TYR J 137 -23.42 -32.01 63.90
CA TYR J 137 -24.60 -32.74 63.45
C TYR J 137 -25.37 -33.43 64.57
N ARG J 138 -24.81 -33.53 65.77
CA ARG J 138 -25.50 -34.14 66.90
C ARG J 138 -26.58 -33.17 67.38
N THR J 139 -27.81 -33.39 66.93
CA THR J 139 -28.91 -32.47 67.25
C THR J 139 -29.34 -32.62 68.70
N GLY J 140 -29.26 -33.82 69.26
CA GLY J 140 -29.70 -34.07 70.62
C GLY J 140 -28.74 -33.68 71.72
N VAL J 141 -27.73 -32.87 71.41
CA VAL J 141 -26.81 -32.34 72.40
C VAL J 141 -26.85 -30.81 72.29
N ALA J 142 -26.51 -30.15 73.40
CA ALA J 142 -26.64 -28.71 73.50
C ALA J 142 -25.59 -28.00 72.64
N PRO J 143 -25.90 -26.80 72.15
CA PRO J 143 -24.88 -26.03 71.40
C PRO J 143 -23.72 -25.53 72.26
N VAL J 144 -23.87 -25.50 73.58
CA VAL J 144 -22.76 -25.11 74.46
C VAL J 144 -21.66 -26.17 74.40
N LEU J 145 -22.02 -27.44 74.63
CA LEU J 145 -21.05 -28.51 74.58
C LEU J 145 -20.55 -28.74 73.16
N ARG J 146 -21.37 -28.43 72.16
CA ARG J 146 -20.96 -28.47 70.76
C ARG J 146 -19.85 -27.45 70.50
N GLY J 147 -20.05 -26.21 70.95
CA GLY J 147 -19.04 -25.19 70.82
C GLY J 147 -17.79 -25.47 71.64
N VAL J 148 -17.94 -26.11 72.79
CA VAL J 148 -16.78 -26.48 73.61
C VAL J 148 -15.94 -27.55 72.92
N GLU J 149 -16.59 -28.58 72.34
CA GLU J 149 -15.82 -29.64 71.70
C GLU J 149 -15.20 -29.14 70.40
N ILE J 150 -15.90 -28.27 69.66
CA ILE J 150 -15.31 -27.66 68.47
C ILE J 150 -14.15 -26.74 68.84
N GLY J 151 -14.27 -26.02 69.96
CA GLY J 151 -13.20 -25.14 70.41
C GLY J 151 -11.94 -25.88 70.81
N LEU J 152 -12.09 -26.90 71.67
CA LEU J 152 -10.90 -27.68 72.04
C LEU J 152 -10.39 -28.54 70.89
N ALA J 153 -11.23 -28.88 69.91
CA ALA J 153 -10.75 -29.66 68.78
C ALA J 153 -10.12 -28.81 67.70
N HIS J 154 -10.32 -27.48 67.74
CA HIS J 154 -9.58 -26.60 66.84
C HIS J 154 -8.45 -25.84 67.51
N GLY J 155 -8.42 -25.78 68.85
CA GLY J 155 -7.42 -25.03 69.58
C GLY J 155 -5.99 -25.51 69.42
N PHE J 156 -5.73 -26.78 69.76
CA PHE J 156 -4.37 -27.30 69.60
C PHE J 156 -4.02 -27.58 68.15
N LEU J 157 -5.01 -27.57 67.25
CA LEU J 157 -4.73 -27.58 65.82
C LEU J 157 -4.19 -26.23 65.36
N LEU J 158 -4.95 -25.16 65.59
CA LEU J 158 -4.54 -23.85 65.12
C LEU J 158 -3.41 -23.25 65.92
N ALA J 159 -3.10 -23.80 67.11
CA ALA J 159 -1.93 -23.35 67.83
C ALA J 159 -0.65 -23.82 67.14
N GLY J 160 -0.72 -24.95 66.44
CA GLY J 160 0.39 -25.55 65.73
C GLY J 160 1.17 -24.68 64.75
N PRO J 161 0.50 -24.09 63.75
CA PRO J 161 1.24 -23.23 62.80
C PRO J 161 1.81 -21.96 63.41
N PHE J 162 1.28 -21.49 64.55
CA PHE J 162 1.92 -20.36 65.21
C PHE J 162 3.09 -20.80 66.09
N ILE J 163 3.04 -22.02 66.62
CA ILE J 163 4.06 -22.45 67.57
C ILE J 163 5.23 -23.16 66.90
N LYS J 164 5.03 -23.72 65.71
CA LYS J 164 6.07 -24.47 65.02
C LYS J 164 6.84 -23.64 64.00
N LEU J 165 6.18 -22.68 63.35
CA LEU J 165 6.81 -22.00 62.23
C LEU J 165 6.54 -20.49 62.20
N GLY J 166 6.15 -19.89 63.32
CA GLY J 166 5.83 -18.48 63.35
C GLY J 166 7.03 -17.57 63.27
N PRO J 167 6.83 -16.27 63.56
CA PRO J 167 7.93 -15.31 63.38
C PRO J 167 9.03 -15.42 64.41
N LEU J 168 8.78 -16.06 65.55
CA LEU J 168 9.70 -16.11 66.67
C LEU J 168 10.09 -17.55 66.98
N ARG J 169 10.38 -18.34 65.95
CA ARG J 169 10.55 -19.77 66.15
C ARG J 169 11.89 -20.10 66.83
N ASN J 170 12.97 -19.44 66.43
CA ASN J 170 14.29 -19.83 66.92
C ASN J 170 14.64 -19.14 68.24
N VAL J 171 13.71 -19.20 69.19
CA VAL J 171 13.93 -18.80 70.58
C VAL J 171 13.28 -19.88 71.43
N PRO J 172 14.05 -20.69 72.18
CA PRO J 172 13.40 -21.70 73.04
C PRO J 172 12.93 -21.16 74.39
N GLU J 173 12.36 -19.96 74.39
CA GLU J 173 11.55 -19.42 75.47
C GLU J 173 10.25 -18.81 74.96
N THR J 174 10.28 -18.13 73.82
CA THR J 174 9.21 -17.26 73.38
C THR J 174 8.37 -17.88 72.27
N ALA J 175 8.90 -18.90 71.58
CA ALA J 175 8.16 -19.55 70.49
C ALA J 175 6.89 -20.21 70.99
N GLU J 176 6.98 -20.92 72.11
CA GLU J 176 5.80 -21.53 72.71
C GLU J 176 4.93 -20.53 73.43
N ILE J 177 5.44 -19.33 73.72
CA ILE J 177 4.64 -18.26 74.31
C ILE J 177 3.91 -17.46 73.25
N ALA J 178 4.65 -17.01 72.22
CA ALA J 178 4.02 -16.23 71.15
C ALA J 178 3.10 -17.08 70.29
N GLY J 179 3.46 -18.34 70.06
CA GLY J 179 2.62 -19.25 69.31
C GLY J 179 1.33 -19.61 70.02
N SER J 180 1.27 -19.43 71.34
CA SER J 180 0.03 -19.60 72.07
C SER J 180 -0.73 -18.30 72.22
N LEU J 181 -0.03 -17.16 72.36
CA LEU J 181 -0.73 -15.89 72.56
C LEU J 181 -1.40 -15.45 71.26
N SER J 182 -0.72 -15.63 70.13
CA SER J 182 -1.34 -15.36 68.84
C SER J 182 -2.45 -16.34 68.52
N ALA J 183 -2.33 -17.60 68.97
CA ALA J 183 -3.40 -18.57 68.74
C ALA J 183 -4.63 -18.23 69.57
N ALA J 184 -4.45 -17.79 70.81
CA ALA J 184 -5.57 -17.37 71.63
C ALA J 184 -6.21 -16.10 71.10
N GLY J 185 -5.41 -15.19 70.52
CA GLY J 185 -5.98 -14.04 69.85
C GLY J 185 -6.77 -14.39 68.61
N LEU J 186 -6.32 -15.40 67.85
CA LEU J 186 -7.06 -15.84 66.67
C LEU J 186 -8.35 -16.55 67.08
N VAL J 187 -8.33 -17.28 68.20
CA VAL J 187 -9.55 -17.85 68.75
C VAL J 187 -10.51 -16.74 69.18
N LEU J 188 -9.99 -15.66 69.75
CA LEU J 188 -10.83 -14.52 70.12
C LEU J 188 -11.45 -13.84 68.90
N ILE J 189 -10.69 -13.74 67.81
CA ILE J 189 -11.20 -13.19 66.55
C ILE J 189 -12.32 -14.06 66.01
N LEU J 190 -12.10 -15.38 65.97
CA LEU J 190 -13.13 -16.30 65.50
C LEU J 190 -14.37 -16.31 66.39
N ALA J 191 -14.19 -16.10 67.69
CA ALA J 191 -15.32 -16.12 68.60
C ALA J 191 -16.14 -14.83 68.50
N LEU J 192 -15.48 -13.70 68.27
CA LEU J 192 -16.23 -12.48 67.97
C LEU J 192 -16.95 -12.62 66.63
N CYS J 193 -16.29 -13.26 65.67
CA CYS J 193 -16.82 -13.40 64.32
C CYS J 193 -18.01 -14.36 64.28
N LEU J 194 -18.06 -15.32 65.20
CA LEU J 194 -19.24 -16.17 65.35
C LEU J 194 -20.45 -15.39 65.83
N SER J 195 -20.28 -14.54 66.84
CA SER J 195 -21.38 -13.72 67.33
C SER J 195 -21.83 -12.72 66.28
N ILE J 196 -20.89 -12.25 65.46
CA ILE J 196 -21.22 -11.41 64.32
C ILE J 196 -22.09 -12.17 63.31
N TYR J 197 -21.72 -13.43 63.00
CA TYR J 197 -22.56 -14.27 62.15
C TYR J 197 -23.92 -14.55 62.78
N GLY J 198 -23.98 -14.68 64.10
CA GLY J 198 -25.25 -14.99 64.76
C GLY J 198 -26.20 -13.80 64.75
N SER J 199 -25.67 -12.60 64.96
CA SER J 199 -26.49 -11.41 64.79
C SER J 199 -26.83 -11.14 63.33
N ALA J 200 -26.03 -11.67 62.40
CA ALA J 200 -26.34 -11.54 60.98
C ALA J 200 -27.49 -12.47 60.56
N GLN J 201 -27.38 -13.75 60.91
CA GLN J 201 -28.26 -14.76 60.33
C GLN J 201 -29.62 -14.81 61.02
N PHE J 202 -29.65 -14.73 62.35
CA PHE J 202 -30.91 -14.82 63.07
C PHE J 202 -31.16 -13.59 63.93
N LEU J 223 -29.51 -25.04 67.57
CA LEU J 223 -28.39 -24.20 67.19
C LEU J 223 -28.83 -23.02 66.35
N PHE J 224 -29.80 -23.22 65.48
CA PHE J 224 -30.16 -22.24 64.46
C PHE J 224 -31.13 -21.21 65.01
N SER J 225 -30.66 -20.48 66.01
CA SER J 225 -31.42 -19.44 66.67
C SER J 225 -30.46 -18.35 67.11
N ALA J 226 -31.02 -17.20 67.51
CA ALA J 226 -30.18 -16.08 67.91
C ALA J 226 -29.48 -16.34 69.24
N ASP J 227 -30.11 -17.10 70.14
CA ASP J 227 -29.51 -17.40 71.43
C ASP J 227 -28.69 -18.68 71.39
N GLY J 228 -29.09 -19.66 70.56
CA GLY J 228 -28.32 -20.88 70.44
C GLY J 228 -26.97 -20.66 69.78
N TRP J 229 -26.91 -19.76 68.80
CA TRP J 229 -25.61 -19.46 68.20
C TRP J 229 -24.76 -18.60 69.11
N SER J 230 -25.38 -17.80 69.99
CA SER J 230 -24.62 -17.06 70.99
C SER J 230 -24.01 -18.00 72.03
N GLU J 231 -24.77 -19.01 72.45
CA GLU J 231 -24.22 -20.04 73.33
C GLU J 231 -23.13 -20.84 72.63
N PHE J 232 -23.28 -21.06 71.32
CA PHE J 232 -22.25 -21.71 70.53
C PHE J 232 -20.98 -20.87 70.47
N ALA J 233 -21.13 -19.55 70.33
CA ALA J 233 -19.98 -18.67 70.24
C ALA J 233 -19.25 -18.56 71.58
N ALA J 234 -19.99 -18.51 72.68
CA ALA J 234 -19.35 -18.43 73.99
C ALA J 234 -18.67 -19.75 74.36
N GLY J 235 -19.33 -20.88 74.03
CA GLY J 235 -18.69 -22.17 74.20
C GLY J 235 -17.46 -22.35 73.35
N PHE J 236 -17.47 -21.78 72.13
CA PHE J 236 -16.29 -21.84 71.29
C PHE J 236 -15.16 -20.95 71.82
N LEU J 237 -15.49 -19.80 72.41
CA LEU J 237 -14.45 -18.96 73.01
C LEU J 237 -13.76 -19.68 74.16
N VAL J 238 -14.57 -20.23 75.08
CA VAL J 238 -14.02 -20.94 76.23
C VAL J 238 -13.26 -22.19 75.79
N GLY J 239 -13.83 -22.94 74.84
CA GLY J 239 -13.20 -24.17 74.39
C GLY J 239 -11.95 -23.96 73.57
N GLY J 240 -11.93 -22.90 72.75
CA GLY J 240 -10.77 -22.64 71.93
C GLY J 240 -9.60 -22.08 72.73
N GLU J 241 -9.89 -21.22 73.71
CA GLU J 241 -8.82 -20.76 74.59
C GLU J 241 -8.33 -21.90 75.48
N ALA J 242 -9.23 -22.81 75.88
CA ALA J 242 -8.81 -24.00 76.62
C ALA J 242 -7.96 -24.92 75.74
N GLY J 243 -8.27 -25.00 74.45
CA GLY J 243 -7.47 -25.83 73.56
C GLY J 243 -6.10 -25.26 73.28
N VAL J 244 -6.00 -23.94 73.17
CA VAL J 244 -4.70 -23.30 73.01
C VAL J 244 -3.86 -23.46 74.28
N ALA J 245 -4.48 -23.34 75.45
CA ALA J 245 -3.77 -23.61 76.70
C ALA J 245 -3.37 -25.07 76.81
N TRP J 246 -4.21 -25.99 76.33
CA TRP J 246 -3.85 -27.41 76.33
C TRP J 246 -2.73 -27.71 75.34
N ALA J 247 -2.62 -26.93 74.27
CA ALA J 247 -1.48 -27.07 73.36
C ALA J 247 -0.21 -26.57 74.02
N TYR J 248 -0.31 -25.51 74.83
CA TYR J 248 0.85 -25.05 75.56
C TYR J 248 1.24 -26.02 76.67
N VAL J 249 0.27 -26.79 77.20
CA VAL J 249 0.58 -27.80 78.21
C VAL J 249 1.40 -28.94 77.60
N CYS J 250 0.95 -29.49 76.48
CA CYS J 250 1.59 -30.67 75.88
C CYS J 250 2.71 -30.25 74.92
N THR J 251 3.68 -29.53 75.47
CA THR J 251 4.84 -29.07 74.71
C THR J 251 5.96 -30.09 74.75
N LYS K 55 -26.97 56.40 -5.21
CA LYS K 55 -25.85 55.47 -5.22
C LYS K 55 -24.54 56.23 -5.32
N ALA K 56 -24.27 56.77 -6.52
CA ALA K 56 -23.07 57.55 -6.85
C ALA K 56 -21.79 56.77 -6.59
N GLY K 57 -21.62 55.69 -7.35
CA GLY K 57 -20.39 54.92 -7.32
C GLY K 57 -20.63 53.43 -7.11
N ASN K 58 -19.68 52.62 -7.61
CA ASN K 58 -19.83 51.18 -7.65
C ASN K 58 -18.61 50.44 -7.11
N TRP K 59 -17.53 51.16 -6.79
CA TRP K 59 -16.34 50.79 -6.02
C TRP K 59 -15.49 49.65 -6.60
N LEU K 60 -16.07 48.88 -7.49
CA LEU K 60 -15.56 47.78 -8.28
C LEU K 60 -16.62 47.62 -9.37
N PRO K 61 -16.45 48.23 -10.53
CA PRO K 61 -17.58 48.41 -11.45
C PRO K 61 -18.05 47.11 -12.07
N GLY K 62 -19.36 47.02 -12.26
CA GLY K 62 -19.98 45.82 -12.77
C GLY K 62 -20.42 44.83 -11.72
N SER K 63 -19.96 44.99 -10.48
CA SER K 63 -20.42 44.12 -9.40
C SER K 63 -21.81 44.56 -8.95
N ASP K 64 -22.54 43.61 -8.37
CA ASP K 64 -23.87 43.90 -7.87
C ASP K 64 -23.80 44.58 -6.50
N ALA K 65 -24.75 45.47 -6.26
CA ALA K 65 -24.81 46.12 -4.96
C ALA K 65 -25.49 45.20 -3.95
N PRO K 66 -24.99 45.14 -2.71
CA PRO K 66 -25.65 44.34 -1.69
C PRO K 66 -26.98 44.98 -1.29
N ALA K 67 -27.95 44.11 -0.98
CA ALA K 67 -29.32 44.56 -0.78
C ALA K 67 -29.52 45.31 0.53
N TRP K 68 -28.66 45.09 1.52
CA TRP K 68 -28.84 45.70 2.83
C TRP K 68 -28.25 47.09 2.94
N LEU K 69 -27.81 47.68 1.83
CA LEU K 69 -27.36 49.06 1.81
C LEU K 69 -28.41 49.88 1.07
N PRO K 70 -29.11 50.80 1.73
CA PRO K 70 -30.06 51.65 1.01
C PRO K 70 -29.34 52.63 0.09
N ASP K 71 -30.01 52.96 -1.02
CA ASP K 71 -29.42 53.89 -1.99
C ASP K 71 -29.39 55.31 -1.46
N ASP K 72 -30.32 55.67 -0.59
CA ASP K 72 -30.40 57.03 -0.05
C ASP K 72 -29.38 57.29 1.04
N LEU K 73 -28.62 56.28 1.44
CA LEU K 73 -27.68 56.43 2.55
C LEU K 73 -26.47 57.23 2.07
N PRO K 74 -26.05 58.25 2.81
CA PRO K 74 -24.91 59.07 2.35
C PRO K 74 -23.59 58.33 2.51
N GLY K 75 -22.74 58.46 1.49
CA GLY K 75 -21.49 57.76 1.46
C GLY K 75 -21.54 56.38 0.83
N ASN K 76 -22.55 56.11 0.00
CA ASN K 76 -22.81 54.77 -0.46
C ASN K 76 -21.97 54.43 -1.69
N TYR K 77 -21.44 53.21 -1.70
CA TYR K 77 -20.91 52.61 -2.91
C TYR K 77 -21.29 51.15 -3.08
N GLY K 78 -21.77 50.48 -2.04
CA GLY K 78 -21.94 49.05 -2.06
C GLY K 78 -20.77 48.27 -1.52
N PHE K 79 -19.75 48.95 -1.01
CA PHE K 79 -18.54 48.27 -0.53
C PHE K 79 -18.83 47.60 0.80
N ASP K 80 -19.12 46.30 0.75
CA ASP K 80 -19.15 45.45 1.94
C ASP K 80 -18.83 44.02 1.53
N PRO K 81 -17.55 43.71 1.28
CA PRO K 81 -17.20 42.37 0.80
C PRO K 81 -17.21 41.28 1.86
N LEU K 82 -17.45 41.62 3.12
CA LEU K 82 -17.54 40.63 4.18
C LEU K 82 -18.96 40.39 4.67
N SER K 83 -19.94 41.06 4.07
CA SER K 83 -21.34 41.11 4.55
C SER K 83 -21.38 41.53 6.01
N LEU K 84 -20.64 42.59 6.31
CA LEU K 84 -20.31 42.96 7.68
C LEU K 84 -21.37 43.85 8.31
N GLY K 85 -22.13 44.59 7.51
CA GLY K 85 -23.20 45.42 8.02
C GLY K 85 -24.57 44.98 7.50
N LYS K 86 -24.81 43.67 7.50
CA LYS K 86 -26.03 43.12 6.90
C LYS K 86 -27.27 43.45 7.72
N GLU K 87 -27.18 43.35 9.04
CA GLU K 87 -28.34 43.57 9.88
C GLU K 87 -28.59 45.07 10.08
N PRO K 88 -29.85 45.50 10.10
CA PRO K 88 -30.13 46.95 10.15
C PRO K 88 -29.76 47.60 11.47
N ALA K 89 -29.92 46.91 12.60
CA ALA K 89 -29.52 47.49 13.88
C ALA K 89 -28.01 47.63 13.99
N SER K 90 -27.26 46.72 13.37
CA SER K 90 -25.82 46.86 13.31
C SER K 90 -25.41 47.93 12.31
N LEU K 91 -26.13 48.02 11.19
CA LEU K 91 -25.79 48.95 10.13
C LEU K 91 -26.04 50.40 10.55
N LYS K 92 -27.09 50.62 11.34
CA LYS K 92 -27.36 51.97 11.84
C LYS K 92 -26.27 52.46 12.78
N ARG K 93 -25.76 51.57 13.63
CA ARG K 93 -24.67 51.94 14.52
C ARG K 93 -23.36 52.08 13.76
N PHE K 94 -23.19 51.34 12.67
CA PHE K 94 -22.01 51.50 11.84
C PHE K 94 -22.03 52.82 11.07
N THR K 95 -23.21 53.24 10.60
CA THR K 95 -23.33 54.56 9.98
C THR K 95 -23.12 55.66 11.01
N GLU K 96 -23.57 55.45 12.24
CA GLU K 96 -23.38 56.45 13.27
C GLU K 96 -21.93 56.51 13.76
N SER K 97 -21.17 55.43 13.63
CA SER K 97 -19.78 55.40 14.07
C SER K 97 -18.77 55.75 12.97
N GLU K 98 -19.13 55.52 11.70
CA GLU K 98 -18.21 55.85 10.61
C GLU K 98 -18.02 57.36 10.49
N VAL K 99 -19.11 58.11 10.68
CA VAL K 99 -19.03 59.57 10.59
C VAL K 99 -18.18 60.13 11.71
N ILE K 100 -18.26 59.53 12.90
CA ILE K 100 -17.53 60.06 14.04
C ILE K 100 -16.05 59.66 13.98
N HIS K 101 -15.75 58.45 13.50
CA HIS K 101 -14.37 58.12 13.13
C HIS K 101 -13.83 59.08 12.07
N GLY K 102 -14.69 59.48 11.13
CA GLY K 102 -14.26 60.43 10.11
C GLY K 102 -13.98 61.82 10.66
N ARG K 103 -14.82 62.30 11.58
CA ARG K 103 -14.61 63.62 12.17
C ARG K 103 -13.35 63.65 13.02
N TRP K 104 -13.18 62.64 13.89
CA TRP K 104 -11.99 62.59 14.72
C TRP K 104 -10.74 62.32 13.93
N ALA K 105 -10.84 61.66 12.76
CA ALA K 105 -9.65 61.49 11.94
C ALA K 105 -9.36 62.72 11.09
N MET K 106 -10.38 63.51 10.71
CA MET K 106 -10.11 64.80 10.09
C MET K 106 -9.43 65.75 11.06
N LEU K 107 -9.87 65.76 12.31
CA LEU K 107 -9.18 66.54 13.32
C LEU K 107 -7.79 65.97 13.61
N GLY K 108 -7.64 64.65 13.53
CA GLY K 108 -6.32 64.04 13.73
C GLY K 108 -5.34 64.34 12.62
N VAL K 109 -5.80 64.34 11.37
CA VAL K 109 -4.89 64.63 10.26
C VAL K 109 -4.60 66.13 10.21
N ALA K 110 -5.55 66.98 10.61
CA ALA K 110 -5.26 68.41 10.69
C ALA K 110 -4.26 68.71 11.80
N GLY K 111 -4.37 68.00 12.93
CA GLY K 111 -3.39 68.17 13.99
C GLY K 111 -2.04 67.55 13.68
N SER K 112 -2.03 66.48 12.89
CA SER K 112 -0.77 65.87 12.51
C SER K 112 -0.05 66.66 11.43
N LEU K 113 -0.79 67.41 10.60
CA LEU K 113 -0.15 68.17 9.53
C LEU K 113 0.19 69.60 9.92
N ALA K 114 -0.65 70.25 10.76
CA ALA K 114 -0.38 71.65 11.09
C ALA K 114 0.82 71.83 11.99
N VAL K 115 1.19 70.79 12.76
CA VAL K 115 2.37 70.87 13.60
C VAL K 115 3.63 70.91 12.74
N GLU K 116 3.72 70.04 11.73
CA GLU K 116 4.87 70.05 10.84
C GLU K 116 4.83 71.22 9.87
N LEU K 117 3.65 71.67 9.45
CA LEU K 117 3.57 72.84 8.58
C LEU K 117 3.85 74.14 9.32
N LEU K 118 3.66 74.16 10.64
CA LEU K 118 4.03 75.32 11.45
C LEU K 118 5.35 75.13 12.19
N GLY K 119 5.97 73.96 12.07
CA GLY K 119 7.27 73.72 12.63
C GLY K 119 7.31 73.55 14.14
N TYR K 120 6.70 72.50 14.65
CA TYR K 120 6.69 72.23 16.09
C TYR K 120 6.93 70.75 16.37
N GLY K 121 7.84 70.13 15.62
CA GLY K 121 7.96 68.69 15.69
C GLY K 121 6.89 68.01 14.84
N ASN K 122 6.45 66.83 15.28
CA ASN K 122 5.44 66.09 14.53
C ASN K 122 4.25 65.70 15.40
N TRP K 123 3.40 64.81 14.87
CA TRP K 123 2.34 64.23 15.70
C TRP K 123 2.90 63.21 16.68
N TYR K 124 4.04 62.61 16.36
CA TYR K 124 4.58 61.55 17.21
C TYR K 124 5.22 62.10 18.47
N ASP K 125 6.16 63.03 18.32
CA ASP K 125 6.95 63.55 19.45
C ASP K 125 6.22 64.61 20.26
N ALA K 126 4.97 64.92 19.94
CA ALA K 126 4.25 65.93 20.71
C ALA K 126 3.79 65.40 22.09
N PRO K 127 3.32 64.10 22.26
CA PRO K 127 3.23 63.52 23.61
C PRO K 127 4.49 62.76 24.02
N LEU K 128 5.65 63.40 23.89
CA LEU K 128 6.91 62.84 24.36
C LEU K 128 7.54 63.66 25.48
N TRP K 129 6.84 64.67 25.99
CA TRP K 129 7.31 65.40 27.16
C TRP K 129 6.91 64.71 28.46
N ALA K 130 6.00 63.72 28.40
CA ALA K 130 5.59 63.02 29.61
C ALA K 130 6.71 62.16 30.17
N VAL K 131 7.62 61.69 29.32
CA VAL K 131 8.84 61.02 29.74
C VAL K 131 10.02 61.91 29.36
N ASN K 132 11.03 61.94 30.22
CA ASN K 132 12.31 62.64 30.01
C ASN K 132 12.12 64.14 29.81
N GLY K 133 11.49 64.77 30.81
CA GLY K 133 11.32 66.21 30.83
C GLY K 133 9.85 66.61 30.96
N GLY K 134 9.48 67.66 30.23
CA GLY K 134 8.14 68.20 30.30
C GLY K 134 7.98 69.41 29.40
N LYS K 135 7.29 70.44 29.91
CA LYS K 135 7.14 71.76 29.27
C LYS K 135 6.45 71.64 27.90
N ALA K 136 5.19 71.23 27.95
CA ALA K 136 4.36 71.13 26.76
C ALA K 136 4.10 72.51 26.16
N THR K 137 3.95 72.55 24.84
CA THR K 137 3.68 73.78 24.12
C THR K 137 2.41 73.64 23.30
N TRP K 138 1.89 74.78 22.87
CA TRP K 138 0.78 74.88 21.93
C TRP K 138 0.83 76.29 21.37
N PHE K 139 1.08 76.41 20.06
CA PHE K 139 1.39 77.69 19.38
C PHE K 139 2.59 78.41 20.01
N GLY K 140 3.52 77.65 20.61
CA GLY K 140 4.61 78.23 21.36
C GLY K 140 4.31 78.55 22.81
N ILE K 141 3.03 78.65 23.18
CA ILE K 141 2.65 79.01 24.55
C ILE K 141 2.89 77.81 25.47
N GLU K 142 3.61 78.04 26.56
CA GLU K 142 3.96 76.97 27.48
C GLU K 142 2.75 76.52 28.29
N VAL K 143 2.78 75.24 28.70
CA VAL K 143 1.73 74.65 29.51
C VAL K 143 2.35 74.14 30.81
N PRO K 144 2.01 74.74 31.97
CA PRO K 144 2.58 74.29 33.25
C PRO K 144 1.79 73.16 33.91
N PHE K 145 1.44 72.13 33.14
CA PHE K 145 0.66 71.01 33.63
C PHE K 145 1.47 69.73 33.51
N ASP K 146 1.32 68.83 34.48
CA ASP K 146 1.96 67.53 34.43
C ASP K 146 1.06 66.53 33.70
N LEU K 147 1.41 65.25 33.77
CA LEU K 147 0.68 64.24 33.02
C LEU K 147 -0.66 63.88 33.66
N ASN K 148 -0.66 63.71 34.98
CA ASN K 148 -1.83 63.15 35.67
C ASN K 148 -3.00 64.13 35.71
N ALA K 149 -2.71 65.44 35.76
CA ALA K 149 -3.79 66.42 35.85
C ALA K 149 -4.57 66.53 34.54
N LEU K 150 -3.87 66.68 33.41
CA LEU K 150 -4.56 66.68 32.14
C LEU K 150 -5.09 65.31 31.75
N LEU K 151 -4.48 64.23 32.28
CA LEU K 151 -5.05 62.89 32.10
C LEU K 151 -6.41 62.77 32.75
N ALA K 152 -6.53 63.25 34.01
CA ALA K 152 -7.83 63.24 34.67
C ALA K 152 -8.79 64.24 34.05
N PHE K 153 -8.29 65.35 33.50
CA PHE K 153 -9.17 66.32 32.86
C PHE K 153 -9.72 65.79 31.55
N GLU K 154 -8.93 65.00 30.80
CA GLU K 154 -9.46 64.32 29.63
C GLU K 154 -10.37 63.17 30.03
N PHE K 155 -10.16 62.57 31.20
CA PHE K 155 -11.06 61.53 31.66
C PHE K 155 -12.42 62.09 32.06
N VAL K 156 -12.45 63.27 32.67
CA VAL K 156 -13.69 63.82 33.22
C VAL K 156 -14.40 64.75 32.23
N ALA K 157 -13.68 65.74 31.70
CA ALA K 157 -14.32 66.77 30.88
C ALA K 157 -14.76 66.27 29.51
N MET K 158 -14.21 65.16 29.04
CA MET K 158 -14.62 64.60 27.76
C MET K 158 -15.81 63.67 27.88
N ALA K 159 -15.94 62.96 29.01
CA ALA K 159 -17.09 62.10 29.23
C ALA K 159 -18.37 62.92 29.39
N ALA K 160 -18.25 64.17 29.85
CA ALA K 160 -19.39 65.09 29.91
C ALA K 160 -19.86 65.54 28.53
N ALA K 161 -19.08 65.29 27.48
CA ALA K 161 -19.52 65.48 26.11
C ALA K 161 -19.77 64.16 25.39
N GLU K 162 -18.93 63.16 25.60
CA GLU K 162 -19.11 61.86 24.97
C GLU K 162 -20.35 61.13 25.48
N GLY K 163 -20.47 60.95 26.80
CA GLY K 163 -21.62 60.24 27.33
C GLY K 163 -22.90 61.03 27.20
N GLN K 164 -22.78 62.36 27.13
CA GLN K 164 -23.95 63.20 26.86
C GLN K 164 -24.38 63.09 25.40
N ARG K 165 -23.43 62.88 24.50
CA ARG K 165 -23.75 62.63 23.10
C ARG K 165 -24.36 61.25 22.90
N GLY K 166 -23.67 60.22 23.34
CA GLY K 166 -23.94 58.84 22.96
C GLY K 166 -25.23 58.23 23.48
N ASP K 167 -25.35 58.10 24.79
CA ASP K 167 -26.48 57.39 25.38
C ASP K 167 -27.72 58.27 25.52
N ALA K 168 -27.75 59.45 24.90
CA ALA K 168 -28.95 60.28 24.78
C ALA K 168 -29.65 60.09 23.44
N GLY K 169 -29.60 58.88 22.89
CA GLY K 169 -30.18 58.60 21.59
C GLY K 169 -29.19 57.91 20.67
N GLY K 170 -29.26 58.22 19.38
CA GLY K 170 -28.31 57.71 18.42
C GLY K 170 -27.97 58.72 17.35
N VAL K 171 -28.06 60.01 17.68
CA VAL K 171 -28.05 61.08 16.67
C VAL K 171 -26.65 61.22 16.07
N VAL K 172 -26.62 61.53 14.77
CA VAL K 172 -25.36 61.76 14.07
C VAL K 172 -25.32 63.07 13.30
N TYR K 173 -26.46 63.67 12.93
CA TYR K 173 -26.50 65.01 12.34
C TYR K 173 -27.50 65.87 13.10
N PRO K 174 -27.10 66.43 14.26
CA PRO K 174 -28.07 67.22 15.06
C PRO K 174 -28.13 68.68 14.62
N GLY K 175 -29.30 69.11 14.16
CA GLY K 175 -29.48 70.51 13.83
C GLY K 175 -29.56 71.38 15.07
N GLY K 176 -29.21 72.66 14.91
CA GLY K 176 -29.32 73.60 15.99
C GLY K 176 -28.03 74.34 16.34
N ALA K 177 -27.49 74.07 17.53
CA ALA K 177 -26.31 74.78 18.01
C ALA K 177 -25.03 74.32 17.34
N PHE K 178 -25.00 73.12 16.76
CA PHE K 178 -23.80 72.65 16.07
C PHE K 178 -23.72 73.14 14.64
N ASP K 179 -24.69 73.94 14.19
CA ASP K 179 -24.65 74.60 12.88
C ASP K 179 -24.87 76.09 13.11
N PRO K 180 -23.83 76.83 13.51
CA PRO K 180 -24.05 78.27 13.77
C PRO K 180 -24.24 79.09 12.52
N LEU K 181 -23.49 78.81 11.46
CA LEU K 181 -23.63 79.60 10.25
C LEU K 181 -24.87 79.19 9.47
N GLY K 182 -25.16 77.90 9.43
CA GLY K 182 -26.31 77.38 8.74
C GLY K 182 -25.95 76.77 7.39
N PHE K 183 -25.80 75.45 7.36
CA PHE K 183 -25.51 74.76 6.12
C PHE K 183 -26.47 73.61 5.83
N ALA K 184 -26.82 72.82 6.84
CA ALA K 184 -27.64 71.62 6.65
C ALA K 184 -29.05 71.91 7.14
N LYS K 185 -29.85 72.51 6.26
CA LYS K 185 -31.26 72.75 6.54
C LYS K 185 -32.14 71.60 6.08
N ASP K 186 -31.54 70.53 5.54
CA ASP K 186 -32.23 69.32 5.06
C ASP K 186 -33.22 69.63 3.95
N SER K 187 -32.98 70.69 3.18
CA SER K 187 -33.92 71.09 2.13
C SER K 187 -33.52 70.52 0.78
N SER K 188 -32.35 70.91 0.28
CA SER K 188 -31.86 70.41 -1.00
C SER K 188 -30.43 69.88 -0.94
N LYS K 189 -29.58 70.50 -0.13
CA LYS K 189 -28.16 70.15 -0.06
C LYS K 189 -27.80 69.43 1.23
N SER K 190 -28.67 68.57 1.74
CA SER K 190 -28.31 67.76 2.90
C SER K 190 -27.32 66.67 2.49
N GLY K 191 -27.75 65.76 1.60
CA GLY K 191 -26.96 64.60 1.22
C GLY K 191 -25.68 64.92 0.48
N GLU K 192 -25.63 66.06 -0.21
CA GLU K 192 -24.42 66.47 -0.90
C GLU K 192 -23.30 66.79 0.09
N LEU K 193 -23.60 67.64 1.08
CA LEU K 193 -22.62 67.99 2.09
C LEU K 193 -22.31 66.82 3.00
N LYS K 194 -23.30 65.95 3.25
CA LYS K 194 -23.04 64.71 3.99
C LYS K 194 -22.09 63.80 3.23
N LEU K 195 -22.24 63.71 1.90
CA LEU K 195 -21.36 62.88 1.08
C LEU K 195 -19.95 63.45 1.04
N LYS K 196 -19.82 64.77 0.97
CA LYS K 196 -18.50 65.39 1.03
C LYS K 196 -17.84 65.15 2.38
N GLU K 197 -18.63 65.18 3.45
CA GLU K 197 -18.10 64.92 4.79
C GLU K 197 -17.63 63.48 4.93
N ILE K 198 -18.40 62.54 4.35
CA ILE K 198 -18.02 61.13 4.36
C ILE K 198 -16.73 60.91 3.58
N LYS K 199 -16.63 61.50 2.38
CA LYS K 199 -15.46 61.29 1.53
C LYS K 199 -14.19 61.87 2.15
N ASN K 200 -14.25 63.13 2.61
CA ASN K 200 -13.12 63.74 3.32
C ASN K 200 -12.76 62.99 4.59
N GLY K 201 -13.75 62.44 5.31
CA GLY K 201 -13.46 61.71 6.53
C GLY K 201 -12.82 60.37 6.29
N ARG K 202 -13.25 59.68 5.24
CA ARG K 202 -12.63 58.41 4.87
C ARG K 202 -11.20 58.61 4.40
N LEU K 203 -10.97 59.67 3.60
CA LEU K 203 -9.62 60.00 3.18
C LEU K 203 -8.74 60.37 4.36
N ALA K 204 -9.31 61.01 5.38
CA ALA K 204 -8.54 61.33 6.59
C ALA K 204 -8.22 60.09 7.41
N MET K 205 -9.15 59.13 7.47
CA MET K 205 -8.86 57.87 8.17
C MET K 205 -7.74 57.09 7.48
N VAL K 206 -7.78 57.05 6.15
CA VAL K 206 -6.70 56.41 5.39
C VAL K 206 -5.39 57.15 5.60
N ALA K 207 -5.45 58.49 5.68
CA ALA K 207 -4.26 59.29 5.93
C ALA K 207 -3.67 59.04 7.31
N PHE K 208 -4.52 58.84 8.32
CA PHE K 208 -3.99 58.62 9.66
C PHE K 208 -3.40 57.22 9.80
N LEU K 209 -4.02 56.21 9.17
CA LEU K 209 -3.40 54.89 9.18
C LEU K 209 -2.13 54.89 8.34
N GLY K 210 -2.05 55.76 7.34
CA GLY K 210 -0.81 55.95 6.62
C GLY K 210 0.26 56.59 7.47
N PHE K 211 -0.14 57.53 8.34
CA PHE K 211 0.80 58.12 9.29
C PHE K 211 1.36 57.06 10.23
N VAL K 212 0.47 56.18 10.73
CA VAL K 212 0.87 55.13 11.66
C VAL K 212 1.86 54.17 11.01
N ALA K 213 1.53 53.67 9.81
CA ALA K 213 2.41 52.71 9.16
C ALA K 213 3.69 53.37 8.64
N GLN K 214 3.60 54.62 8.19
CA GLN K 214 4.74 55.37 7.69
C GLN K 214 5.75 55.64 8.80
N HIS K 215 5.27 56.03 9.98
CA HIS K 215 6.18 56.24 11.09
C HIS K 215 6.66 54.94 11.70
N ALA K 216 5.86 53.88 11.66
CA ALA K 216 6.32 52.60 12.16
C ALA K 216 7.29 51.91 11.22
N ALA K 217 7.37 52.34 9.96
CA ALA K 217 8.30 51.77 9.01
C ALA K 217 9.55 52.61 8.77
N THR K 218 9.44 53.94 8.79
CA THR K 218 10.57 54.81 8.50
C THR K 218 11.02 55.65 9.70
N GLY K 219 10.22 55.74 10.75
CA GLY K 219 10.58 56.59 11.87
C GLY K 219 10.50 58.06 11.59
N LYS K 220 9.80 58.47 10.53
CA LYS K 220 9.72 59.86 10.12
C LYS K 220 8.27 60.32 10.15
N GLY K 221 8.09 61.63 10.02
CA GLY K 221 6.78 62.22 10.04
C GLY K 221 6.16 62.25 8.66
N PRO K 222 4.97 62.86 8.55
CA PRO K 222 4.31 62.99 7.24
C PRO K 222 5.07 63.83 6.23
N ILE K 223 5.35 65.09 6.57
CA ILE K 223 6.03 65.96 5.62
C ILE K 223 7.51 65.58 5.56
N ALA K 224 8.04 65.02 6.64
CA ALA K 224 9.43 64.60 6.72
C ALA K 224 9.76 63.43 5.79
N ALA K 225 8.76 62.71 5.29
CA ALA K 225 8.98 61.74 4.24
C ALA K 225 8.27 62.08 2.94
N LEU K 226 7.29 63.00 2.95
CA LEU K 226 6.75 63.51 1.70
C LEU K 226 7.78 64.35 0.96
N GLY K 227 8.62 65.09 1.69
CA GLY K 227 9.73 65.78 1.05
C GLY K 227 10.76 64.83 0.47
N GLU K 228 10.93 63.65 1.08
CA GLU K 228 11.86 62.67 0.54
C GLU K 228 11.29 61.93 -0.66
N HIS K 229 9.99 61.66 -0.66
CA HIS K 229 9.37 61.07 -1.84
C HIS K 229 9.30 62.08 -2.99
N LEU K 230 9.22 63.37 -2.69
CA LEU K 230 9.42 64.36 -3.73
C LEU K 230 10.89 64.52 -4.10
N ALA K 231 11.81 64.08 -3.23
CA ALA K 231 13.23 64.17 -3.54
C ALA K 231 13.68 63.00 -4.41
N ASN K 232 13.49 61.77 -3.91
CA ASN K 232 13.89 60.55 -4.61
C ASN K 232 12.64 59.72 -4.84
N PRO K 233 11.91 59.95 -5.95
CA PRO K 233 10.59 59.32 -6.12
C PRO K 233 10.63 57.83 -6.42
N TRP K 234 11.81 57.24 -6.64
CA TRP K 234 11.93 55.82 -6.90
C TRP K 234 12.76 55.11 -5.85
N GLY K 235 13.23 55.81 -4.83
CA GLY K 235 14.06 55.22 -3.81
C GLY K 235 13.57 55.55 -2.41
N ALA K 236 12.50 56.32 -2.33
CA ALA K 236 11.92 56.74 -1.06
C ALA K 236 10.45 56.37 -1.02
N ASN K 237 10.15 55.11 -1.33
CA ASN K 237 8.80 54.58 -1.24
C ASN K 237 8.79 53.32 -0.36
N PHE K 238 7.64 52.65 -0.33
CA PHE K 238 7.39 51.58 0.64
C PHE K 238 8.08 50.27 0.30
N ALA K 239 8.93 50.22 -0.73
CA ALA K 239 9.66 49.01 -1.06
C ALA K 239 11.13 49.09 -0.68
N THR K 240 11.69 50.29 -0.60
CA THR K 240 13.10 50.45 -0.31
C THR K 240 13.44 50.24 1.16
N ASN K 241 12.45 50.34 2.05
CA ASN K 241 12.65 49.89 3.41
C ASN K 241 12.52 48.37 3.49
N GLY K 242 13.16 47.79 4.50
CA GLY K 242 13.16 46.35 4.64
C GLY K 242 12.06 45.84 5.55
N ILE K 243 10.91 46.49 5.52
CA ILE K 243 9.82 46.19 6.46
C ILE K 243 8.57 45.76 5.70
N SER K 244 8.08 46.66 4.83
CA SER K 244 6.78 46.44 4.20
C SER K 244 6.84 45.34 3.15
N VAL K 245 7.88 45.37 2.31
CA VAL K 245 8.19 44.27 1.40
C VAL K 245 9.36 43.50 2.01
N PRO K 246 9.14 42.28 2.52
CA PRO K 246 10.22 41.58 3.23
C PRO K 246 11.34 41.08 2.34
N PHE K 247 11.17 41.05 1.03
CA PHE K 247 12.27 40.68 0.14
C PHE K 247 12.63 41.83 -0.79
N LYS L 55 -19.57 68.16 -42.08
CA LYS L 55 -18.48 67.23 -42.31
C LYS L 55 -17.19 68.00 -42.57
N ALA L 56 -16.99 68.38 -43.84
CA ALA L 56 -15.80 69.08 -44.34
C ALA L 56 -14.52 68.29 -44.03
N GLY L 57 -14.43 67.11 -44.64
CA GLY L 57 -13.25 66.27 -44.54
C GLY L 57 -13.56 64.82 -44.23
N ASN L 58 -12.65 63.94 -44.64
CA ASN L 58 -12.89 62.50 -44.61
C ASN L 58 -11.73 61.71 -44.00
N TRP L 59 -10.59 62.35 -43.76
CA TRP L 59 -9.39 61.93 -43.00
C TRP L 59 -8.65 60.71 -43.56
N LEU L 60 -9.31 59.95 -44.42
CA LEU L 60 -8.84 58.81 -45.19
C LEU L 60 -9.89 58.60 -46.28
N PRO L 61 -9.66 59.12 -47.48
CA PRO L 61 -10.73 59.15 -48.50
C PRO L 61 -11.15 57.76 -48.96
N GLY L 62 -12.43 57.64 -49.27
CA GLY L 62 -13.04 56.37 -49.56
C GLY L 62 -13.60 55.66 -48.35
N SER L 63 -13.11 55.95 -47.16
CA SER L 63 -13.64 55.32 -45.96
C SER L 63 -14.93 56.00 -45.52
N ASP L 64 -15.81 55.22 -44.91
CA ASP L 64 -17.11 55.71 -44.51
C ASP L 64 -17.03 56.47 -43.19
N ALA L 65 -17.96 57.41 -43.01
CA ALA L 65 -18.05 58.13 -41.76
C ALA L 65 -18.88 57.34 -40.76
N PRO L 66 -18.51 57.35 -39.49
CA PRO L 66 -19.29 56.62 -38.48
C PRO L 66 -20.62 57.30 -38.20
N ALA L 67 -21.59 56.49 -37.75
CA ALA L 67 -22.93 57.00 -37.51
C ALA L 67 -23.03 57.84 -36.24
N TRP L 68 -22.11 57.67 -35.31
CA TRP L 68 -22.19 58.34 -34.02
C TRP L 68 -21.44 59.66 -33.97
N LEU L 69 -21.00 60.19 -35.12
CA LEU L 69 -20.41 61.52 -35.17
C LEU L 69 -21.36 62.46 -35.91
N PRO L 70 -21.91 63.48 -35.24
CA PRO L 70 -22.82 64.41 -35.94
C PRO L 70 -22.07 65.27 -36.94
N ASP L 71 -22.72 65.53 -38.07
CA ASP L 71 -22.10 66.28 -39.15
C ASP L 71 -22.02 67.77 -38.86
N ASP L 72 -22.88 68.29 -37.98
CA ASP L 72 -22.84 69.69 -37.61
C ASP L 72 -21.85 69.97 -36.49
N LEU L 73 -21.19 68.96 -35.98
CA LEU L 73 -20.28 69.14 -34.87
C LEU L 73 -18.96 69.73 -35.39
N PRO L 74 -18.37 70.68 -34.67
CA PRO L 74 -17.16 71.34 -35.18
C PRO L 74 -15.93 70.45 -35.08
N GLY L 75 -15.11 70.50 -36.13
CA GLY L 75 -13.92 69.69 -36.18
C GLY L 75 -14.14 68.26 -36.60
N ASN L 76 -15.30 67.98 -37.20
CA ASN L 76 -15.65 66.61 -37.55
C ASN L 76 -14.89 66.17 -38.80
N TYR L 77 -14.39 64.94 -38.75
CA TYR L 77 -13.85 64.30 -39.95
C TYR L 77 -14.29 62.86 -40.07
N GLY L 78 -14.86 62.27 -39.02
CA GLY L 78 -15.13 60.86 -38.98
C GLY L 78 -14.04 60.04 -38.35
N PHE L 79 -12.98 60.68 -37.85
CA PHE L 79 -11.83 59.97 -37.31
C PHE L 79 -12.18 59.41 -35.94
N ASP L 80 -12.62 58.17 -35.91
CA ASP L 80 -12.71 57.40 -34.67
C ASP L 80 -12.48 55.93 -35.03
N PRO L 81 -11.21 55.52 -35.17
CA PRO L 81 -10.94 54.12 -35.51
C PRO L 81 -11.10 53.15 -34.35
N LEU L 82 -11.23 53.64 -33.11
CA LEU L 82 -11.43 52.76 -31.97
C LEU L 82 -12.88 52.64 -31.56
N SER L 83 -13.78 53.37 -32.23
CA SER L 83 -15.16 53.62 -31.79
C SER L 83 -15.17 54.10 -30.34
N LEU L 84 -14.28 55.05 -30.06
CA LEU L 84 -13.96 55.43 -28.69
C LEU L 84 -14.97 56.42 -28.13
N GLY L 85 -15.72 57.09 -28.99
CA GLY L 85 -16.80 57.96 -28.58
C GLY L 85 -18.12 57.50 -29.16
N LYS L 86 -18.36 56.18 -29.14
CA LYS L 86 -19.56 55.61 -29.75
C LYS L 86 -20.82 56.03 -29.00
N GLU L 87 -20.81 55.86 -27.68
CA GLU L 87 -21.96 56.24 -26.88
C GLU L 87 -22.06 57.76 -26.77
N PRO L 88 -23.27 58.32 -26.79
CA PRO L 88 -23.40 59.79 -26.87
C PRO L 88 -22.96 60.52 -25.61
N ALA L 89 -23.02 59.88 -24.44
CA ALA L 89 -22.55 60.54 -23.22
C ALA L 89 -21.03 60.68 -23.23
N SER L 90 -20.33 59.65 -23.72
CA SER L 90 -18.89 59.72 -23.85
C SER L 90 -18.47 60.69 -24.93
N LEU L 91 -19.22 60.76 -26.03
CA LEU L 91 -18.96 61.76 -27.06
C LEU L 91 -19.20 63.16 -26.54
N LYS L 92 -20.19 63.34 -25.66
CA LYS L 92 -20.44 64.65 -25.06
C LYS L 92 -19.33 65.04 -24.09
N ARG L 93 -18.76 64.07 -23.38
CA ARG L 93 -17.64 64.39 -22.49
C ARG L 93 -16.38 64.69 -23.29
N PHE L 94 -16.16 63.98 -24.38
CA PHE L 94 -14.94 64.13 -25.14
C PHE L 94 -14.97 65.37 -26.04
N THR L 95 -16.15 65.78 -26.53
CA THR L 95 -16.24 67.04 -27.26
C THR L 95 -15.98 68.25 -26.37
N GLU L 96 -16.22 68.11 -25.07
CA GLU L 96 -15.81 69.18 -24.16
C GLU L 96 -14.32 69.09 -23.84
N SER L 97 -13.78 67.89 -23.65
CA SER L 97 -12.40 67.78 -23.21
C SER L 97 -11.38 68.00 -24.32
N GLU L 98 -11.74 67.72 -25.58
CA GLU L 98 -10.83 67.99 -26.69
C GLU L 98 -10.59 69.47 -26.87
N VAL L 99 -11.65 70.27 -26.73
CA VAL L 99 -11.53 71.71 -26.87
C VAL L 99 -10.66 72.27 -25.77
N ILE L 100 -10.78 71.74 -24.55
CA ILE L 100 -9.99 72.28 -23.44
C ILE L 100 -8.52 71.85 -23.54
N HIS L 101 -8.26 70.61 -23.98
CA HIS L 101 -6.90 70.23 -24.33
C HIS L 101 -6.33 71.11 -25.45
N GLY L 102 -7.15 71.49 -26.42
CA GLY L 102 -6.68 72.35 -27.49
C GLY L 102 -6.39 73.77 -27.02
N ARG L 103 -7.25 74.31 -26.15
CA ARG L 103 -7.03 75.61 -25.53
C ARG L 103 -5.72 75.65 -24.75
N TRP L 104 -5.55 74.70 -23.82
CA TRP L 104 -4.36 74.71 -22.99
C TRP L 104 -3.11 74.33 -23.77
N ALA L 105 -3.27 73.59 -24.88
CA ALA L 105 -2.11 73.32 -25.71
C ALA L 105 -1.73 74.49 -26.60
N MET L 106 -2.71 75.28 -27.05
CA MET L 106 -2.37 76.52 -27.77
C MET L 106 -1.64 77.50 -26.86
N LEU L 107 -2.12 77.61 -25.61
CA LEU L 107 -1.39 78.44 -24.64
C LEU L 107 -0.02 77.86 -24.33
N GLY L 108 0.09 76.53 -24.29
CA GLY L 108 1.37 75.90 -24.02
C GLY L 108 2.38 76.07 -25.15
N VAL L 109 1.93 75.98 -26.40
CA VAL L 109 2.85 76.13 -27.51
C VAL L 109 3.21 77.61 -27.68
N ALA L 110 2.29 78.53 -27.36
CA ALA L 110 2.65 79.94 -27.40
C ALA L 110 3.65 80.28 -26.31
N GLY L 111 3.52 79.69 -25.12
CA GLY L 111 4.50 79.90 -24.08
C GLY L 111 5.83 79.22 -24.36
N SER L 112 5.81 78.06 -24.99
CA SER L 112 7.03 77.36 -25.29
C SER L 112 7.79 77.98 -26.46
N LEU L 113 7.09 78.70 -27.34
CA LEU L 113 7.77 79.36 -28.44
C LEU L 113 8.18 80.80 -28.11
N ALA L 114 7.39 81.51 -27.31
CA ALA L 114 7.70 82.91 -27.02
C ALA L 114 8.90 83.08 -26.11
N VAL L 115 9.22 82.06 -25.28
CA VAL L 115 10.42 82.12 -24.46
C VAL L 115 11.67 82.10 -25.35
N GLU L 116 11.69 81.25 -26.36
CA GLU L 116 12.84 81.18 -27.25
C GLU L 116 12.84 82.29 -28.28
N LEU L 117 11.67 82.76 -28.72
CA LEU L 117 11.64 83.91 -29.63
C LEU L 117 11.95 85.21 -28.92
N LEU L 118 11.83 85.24 -27.59
CA LEU L 118 12.24 86.38 -26.79
C LEU L 118 13.57 86.14 -26.08
N GLY L 119 14.12 84.93 -26.16
CA GLY L 119 15.44 84.64 -25.67
C GLY L 119 15.56 84.57 -24.16
N TYR L 120 14.87 83.63 -23.53
CA TYR L 120 14.91 83.44 -22.08
C TYR L 120 15.05 81.97 -21.73
N GLY L 121 15.92 81.25 -22.44
CA GLY L 121 15.99 79.82 -22.25
C GLY L 121 14.93 79.12 -23.07
N ASN L 122 14.44 77.99 -22.55
CA ASN L 122 13.40 77.24 -23.26
C ASN L 122 12.21 76.92 -22.36
N TRP L 123 11.30 76.07 -22.85
CA TRP L 123 10.18 75.63 -22.02
C TRP L 123 10.62 74.60 -20.99
N TYR L 124 11.69 73.86 -21.27
CA TYR L 124 12.12 72.81 -20.36
C TYR L 124 12.78 73.37 -19.12
N ASP L 125 13.76 74.27 -19.30
CA ASP L 125 14.54 74.80 -18.18
C ASP L 125 13.88 75.98 -17.48
N ALA L 126 12.66 76.34 -17.87
CA ALA L 126 11.98 77.44 -17.17
C ALA L 126 11.49 77.02 -15.78
N PRO L 127 11.00 75.73 -15.53
CA PRO L 127 10.91 75.24 -14.16
C PRO L 127 12.16 74.48 -13.69
N LEU L 128 13.33 75.11 -13.84
CA LEU L 128 14.58 74.54 -13.32
C LEU L 128 15.22 75.42 -12.27
N TRP L 129 14.57 76.50 -11.86
CA TRP L 129 15.11 77.31 -10.77
C TRP L 129 14.77 76.74 -9.40
N ALA L 130 13.77 75.87 -9.32
CA ALA L 130 13.35 75.31 -8.03
C ALA L 130 14.41 74.38 -7.45
N VAL L 131 15.24 73.77 -8.30
CA VAL L 131 16.42 73.05 -7.86
C VAL L 131 17.63 73.85 -8.31
N ASN L 132 18.68 73.80 -7.47
CA ASN L 132 19.99 74.41 -7.73
C ASN L 132 19.88 75.94 -7.91
N GLY L 133 19.33 76.59 -6.88
CA GLY L 133 19.24 78.03 -6.84
C GLY L 133 17.79 78.51 -6.77
N GLY L 134 17.50 79.60 -7.48
CA GLY L 134 16.18 80.19 -7.49
C GLY L 134 16.06 81.35 -8.45
N LYS L 135 15.34 82.40 -8.03
CA LYS L 135 15.21 83.68 -8.73
C LYS L 135 14.59 83.50 -10.13
N ALA L 136 13.33 83.09 -10.12
CA ALA L 136 12.56 82.98 -11.36
C ALA L 136 12.35 84.33 -12.00
N THR L 137 12.26 84.33 -13.33
CA THR L 137 12.06 85.54 -14.10
C THR L 137 10.78 85.44 -14.92
N TRP L 138 10.30 86.61 -15.37
CA TRP L 138 9.22 86.72 -16.34
C TRP L 138 9.36 88.07 -17.00
N PHE L 139 9.61 88.08 -18.31
CA PHE L 139 10.02 89.25 -19.10
C PHE L 139 11.29 89.91 -18.53
N GLY L 140 12.13 89.13 -17.84
CA GLY L 140 13.26 89.67 -17.12
C GLY L 140 12.97 90.17 -15.72
N ILE L 141 11.70 90.29 -15.35
CA ILE L 141 11.32 90.77 -14.03
C ILE L 141 11.43 89.61 -13.04
N GLU L 142 12.13 89.84 -11.93
CA GLU L 142 12.33 88.80 -10.93
C GLU L 142 11.06 88.52 -10.15
N VAL L 143 10.96 87.31 -9.61
CA VAL L 143 9.84 86.87 -8.81
C VAL L 143 10.38 86.37 -7.48
N PRO L 144 10.06 87.01 -6.34
CA PRO L 144 10.61 86.61 -5.05
C PRO L 144 9.80 85.52 -4.34
N PHE L 145 9.46 84.46 -5.07
CA PHE L 145 8.63 83.39 -4.54
C PHE L 145 9.39 82.08 -4.56
N ASP L 146 9.29 81.32 -3.47
CA ASP L 146 9.88 80.00 -3.38
C ASP L 146 8.90 78.98 -3.96
N LEU L 147 9.24 77.69 -3.86
CA LEU L 147 8.49 76.66 -4.56
C LEU L 147 7.13 76.41 -3.92
N ASN L 148 7.09 76.31 -2.59
CA ASN L 148 5.89 75.86 -1.91
C ASN L 148 4.78 76.90 -1.93
N ALA L 149 5.13 78.18 -1.94
CA ALA L 149 4.12 79.24 -1.94
C ALA L 149 3.38 79.31 -3.27
N LEU L 150 4.11 79.33 -4.38
CA LEU L 150 3.45 79.32 -5.68
C LEU L 150 2.82 77.98 -5.99
N LEU L 151 3.33 76.87 -5.42
CA LEU L 151 2.67 75.58 -5.59
C LEU L 151 1.31 75.58 -4.91
N ALA L 152 1.22 76.14 -3.71
CA ALA L 152 -0.07 76.25 -3.04
C ALA L 152 -0.98 77.25 -3.72
N PHE L 153 -0.43 78.32 -4.28
CA PHE L 153 -1.26 79.30 -4.98
C PHE L 153 -1.80 78.73 -6.29
N GLU L 154 -1.03 77.89 -6.97
CA GLU L 154 -1.55 77.21 -8.15
C GLU L 154 -2.56 76.13 -7.78
N PHE L 155 -2.38 75.48 -6.63
CA PHE L 155 -3.37 74.48 -6.20
C PHE L 155 -4.68 75.12 -5.80
N VAL L 156 -4.64 76.32 -5.21
CA VAL L 156 -5.85 76.96 -4.71
C VAL L 156 -6.51 77.83 -5.78
N ALA L 157 -5.76 78.79 -6.34
CA ALA L 157 -6.35 79.80 -7.21
C ALA L 157 -6.80 79.25 -8.56
N MET L 158 -6.29 78.09 -8.97
CA MET L 158 -6.79 77.46 -10.19
C MET L 158 -8.02 76.61 -9.92
N ALA L 159 -8.09 75.97 -8.75
CA ALA L 159 -9.26 75.18 -8.38
C ALA L 159 -10.51 76.04 -8.23
N ALA L 160 -10.35 77.31 -7.83
CA ALA L 160 -11.48 78.22 -7.71
C ALA L 160 -12.04 78.64 -9.06
N ALA L 161 -11.33 78.40 -10.15
CA ALA L 161 -11.83 78.59 -11.50
C ALA L 161 -12.14 77.28 -12.22
N GLU L 162 -11.35 76.24 -11.96
CA GLU L 162 -11.62 74.93 -12.56
C GLU L 162 -12.89 74.29 -11.99
N GLY L 163 -13.04 74.25 -10.67
CA GLY L 163 -14.26 73.74 -10.08
C GLY L 163 -15.47 74.61 -10.33
N GLN L 164 -15.24 75.90 -10.57
CA GLN L 164 -16.32 76.80 -10.96
C GLN L 164 -16.74 76.56 -12.41
N ARG L 165 -15.80 76.16 -13.26
CA ARG L 165 -16.13 75.79 -14.64
C ARG L 165 -16.82 74.44 -14.70
N GLY L 166 -16.16 73.40 -14.18
CA GLY L 166 -16.48 72.02 -14.47
C GLY L 166 -17.79 71.51 -13.93
N ASP L 167 -17.91 71.42 -12.61
CA ASP L 167 -19.09 70.83 -12.00
C ASP L 167 -20.26 71.82 -11.86
N ALA L 168 -20.20 72.94 -12.57
CA ALA L 168 -21.35 73.84 -12.73
C ALA L 168 -22.01 73.67 -14.08
N GLY L 169 -22.06 72.44 -14.60
CA GLY L 169 -22.64 72.17 -15.90
C GLY L 169 -21.72 71.36 -16.79
N GLY L 170 -21.81 71.59 -18.10
CA GLY L 170 -20.92 70.94 -19.03
C GLY L 170 -20.57 71.85 -20.19
N VAL L 171 -20.59 73.17 -19.92
CA VAL L 171 -20.49 74.15 -20.99
C VAL L 171 -19.07 74.22 -21.52
N VAL L 172 -18.95 74.41 -22.84
CA VAL L 172 -17.63 74.53 -23.48
C VAL L 172 -17.48 75.82 -24.27
N TYR L 173 -18.57 76.46 -24.74
CA TYR L 173 -18.51 77.79 -25.34
C TYR L 173 -19.46 78.72 -24.59
N PRO L 174 -19.05 79.29 -23.45
CA PRO L 174 -19.94 80.18 -22.71
C PRO L 174 -19.94 81.60 -23.26
N GLY L 175 -21.08 82.01 -23.80
CA GLY L 175 -21.20 83.37 -24.31
C GLY L 175 -21.35 84.38 -23.20
N GLY L 176 -20.98 85.62 -23.50
CA GLY L 176 -21.10 86.68 -22.53
C GLY L 176 -19.79 87.36 -22.18
N ALA L 177 -19.30 87.14 -20.96
CA ALA L 177 -18.08 87.79 -20.50
C ALA L 177 -16.83 87.24 -21.16
N PHE L 178 -16.85 85.99 -21.61
CA PHE L 178 -15.68 85.40 -22.25
C PHE L 178 -15.52 85.79 -23.71
N ASP L 179 -16.42 86.61 -24.24
CA ASP L 179 -16.26 87.21 -25.57
C ASP L 179 -16.37 88.73 -25.39
N PRO L 180 -15.28 89.39 -24.99
CA PRO L 180 -15.37 90.85 -24.80
C PRO L 180 -15.51 91.63 -26.10
N LEU L 181 -14.81 91.21 -27.16
CA LEU L 181 -14.92 91.93 -28.43
C LEU L 181 -16.25 91.63 -29.11
N GLY L 182 -16.65 90.37 -29.11
CA GLY L 182 -17.88 89.95 -29.76
C GLY L 182 -17.62 89.30 -31.09
N PHE L 183 -17.55 87.98 -31.10
CA PHE L 183 -17.39 87.19 -32.32
C PHE L 183 -18.48 86.16 -32.50
N ALA L 184 -18.84 85.43 -31.44
CA ALA L 184 -19.76 84.31 -31.54
C ALA L 184 -21.14 84.74 -31.03
N LYS L 185 -21.91 85.35 -31.92
CA LYS L 185 -23.32 85.58 -31.68
C LYS L 185 -24.18 84.40 -32.10
N ASP L 186 -23.55 83.30 -32.53
CA ASP L 186 -24.18 82.01 -32.84
C ASP L 186 -25.19 82.11 -33.98
N SER L 187 -25.03 83.09 -34.86
CA SER L 187 -25.95 83.28 -35.98
C SER L 187 -25.44 82.57 -37.23
N SER L 188 -24.29 82.97 -37.74
CA SER L 188 -23.75 82.37 -38.95
C SER L 188 -22.32 81.91 -38.80
N LYS L 189 -21.48 82.65 -38.06
CA LYS L 189 -20.05 82.36 -37.96
C LYS L 189 -19.70 81.67 -36.65
N SER L 190 -20.60 80.85 -36.12
CA SER L 190 -20.26 80.07 -34.94
C SER L 190 -19.38 78.88 -35.31
N GLY L 191 -19.87 78.04 -36.22
CA GLY L 191 -19.18 76.81 -36.56
C GLY L 191 -17.86 77.02 -37.28
N GLU L 192 -17.73 78.13 -38.02
CA GLU L 192 -16.48 78.41 -38.71
C GLU L 192 -15.37 78.76 -37.74
N LEU L 193 -15.67 79.64 -36.76
CA LEU L 193 -14.69 79.98 -35.74
C LEU L 193 -14.40 78.80 -34.82
N LYS L 194 -15.41 77.96 -34.56
CA LYS L 194 -15.17 76.76 -33.77
C LYS L 194 -14.29 75.77 -34.52
N LEU L 195 -14.46 75.68 -35.84
CA LEU L 195 -13.62 74.82 -36.67
C LEU L 195 -12.18 75.32 -36.70
N LYS L 196 -11.99 76.64 -36.79
CA LYS L 196 -10.63 77.19 -36.76
C LYS L 196 -9.99 76.99 -35.39
N GLU L 197 -10.79 77.09 -34.32
CA GLU L 197 -10.26 76.86 -32.97
C GLU L 197 -9.86 75.41 -32.77
N ILE L 198 -10.67 74.48 -33.29
CA ILE L 198 -10.36 73.06 -33.20
C ILE L 198 -9.13 72.70 -34.01
N LYS L 199 -9.05 73.23 -35.23
CA LYS L 199 -7.91 72.98 -36.10
C LYS L 199 -6.61 73.46 -35.44
N ASN L 200 -6.56 74.75 -35.12
CA ASN L 200 -5.38 75.32 -34.47
C ASN L 200 -5.04 74.61 -33.16
N GLY L 201 -6.06 74.16 -32.41
CA GLY L 201 -5.77 73.48 -31.15
C GLY L 201 -5.24 72.07 -31.34
N ARG L 202 -5.73 71.35 -32.36
CA ARG L 202 -5.19 70.04 -32.68
C ARG L 202 -3.76 70.13 -33.18
N LEU L 203 -3.47 71.14 -34.00
CA LEU L 203 -2.10 71.38 -34.42
C LEU L 203 -1.21 71.75 -33.25
N ALA L 204 -1.76 72.46 -32.26
CA ALA L 204 -0.97 72.79 -31.08
C ALA L 204 -0.71 71.57 -30.18
N MET L 205 -1.68 70.65 -30.09
CA MET L 205 -1.45 69.42 -29.34
C MET L 205 -0.38 68.56 -30.01
N VAL L 206 -0.42 68.46 -31.34
CA VAL L 206 0.63 67.77 -32.09
C VAL L 206 1.97 68.45 -31.89
N ALA L 207 1.97 69.79 -31.83
CA ALA L 207 3.20 70.54 -31.63
C ALA L 207 3.79 70.33 -30.25
N PHE L 208 2.94 70.24 -29.22
CA PHE L 208 3.47 70.02 -27.87
C PHE L 208 3.94 68.59 -27.68
N LEU L 209 3.27 67.61 -28.30
CA LEU L 209 3.78 66.26 -28.24
C LEU L 209 5.09 66.14 -29.03
N GLY L 210 5.24 66.94 -30.08
CA GLY L 210 6.51 67.02 -30.77
C GLY L 210 7.59 67.69 -29.95
N PHE L 211 7.21 68.68 -29.13
CA PHE L 211 8.15 69.29 -28.18
C PHE L 211 8.67 68.26 -27.19
N VAL L 212 7.76 67.45 -26.65
CA VAL L 212 8.13 66.47 -25.63
C VAL L 212 9.03 65.39 -26.23
N ALA L 213 8.66 64.87 -27.40
CA ALA L 213 9.47 63.83 -28.03
C ALA L 213 10.80 64.38 -28.54
N GLN L 214 10.80 65.60 -29.05
CA GLN L 214 12.02 66.23 -29.55
C GLN L 214 13.01 66.51 -28.43
N HIS L 215 12.52 66.94 -27.27
CA HIS L 215 13.44 67.15 -26.16
C HIS L 215 13.85 65.83 -25.51
N ALA L 216 13.00 64.81 -25.56
CA ALA L 216 13.38 63.52 -25.02
C ALA L 216 14.36 62.78 -25.93
N ALA L 217 14.44 63.16 -27.21
CA ALA L 217 15.33 62.51 -28.14
C ALA L 217 16.63 63.27 -28.38
N THR L 218 16.58 64.60 -28.44
CA THR L 218 17.76 65.40 -28.74
C THR L 218 18.23 66.27 -27.58
N GLY L 219 17.38 66.53 -26.59
CA GLY L 219 17.78 67.35 -25.47
C GLY L 219 17.88 68.83 -25.77
N LYS L 220 17.23 69.31 -26.83
CA LYS L 220 17.30 70.70 -27.23
C LYS L 220 15.91 71.30 -27.21
N GLY L 221 15.83 72.59 -27.53
CA GLY L 221 14.57 73.28 -27.60
C GLY L 221 13.94 73.19 -28.97
N PRO L 222 12.74 73.75 -29.11
CA PRO L 222 12.06 73.78 -30.42
C PRO L 222 12.81 74.56 -31.50
N ILE L 223 13.12 75.83 -31.22
CA ILE L 223 13.86 76.64 -32.17
C ILE L 223 15.30 76.16 -32.29
N ALA L 224 15.87 75.64 -31.19
CA ALA L 224 17.27 75.22 -31.16
C ALA L 224 17.55 74.00 -32.03
N ALA L 225 16.52 73.26 -32.45
CA ALA L 225 16.70 72.21 -33.43
C ALA L 225 15.91 72.43 -34.71
N LEU L 226 14.95 73.36 -34.72
CA LEU L 226 14.42 73.85 -36.00
C LEU L 226 15.52 74.56 -36.78
N GLY L 227 16.41 75.27 -36.08
CA GLY L 227 17.56 75.85 -36.74
C GLY L 227 18.54 74.81 -37.27
N GLU L 228 18.64 73.66 -36.61
CA GLU L 228 19.51 72.61 -37.12
C GLU L 228 18.88 71.90 -38.32
N HIS L 229 17.55 71.73 -38.30
CA HIS L 229 16.87 71.18 -39.47
C HIS L 229 16.94 72.13 -40.65
N LEU L 230 16.97 73.44 -40.40
CA LEU L 230 17.20 74.38 -41.48
C LEU L 230 18.68 74.46 -41.87
N ALA L 231 19.59 74.06 -40.98
CA ALA L 231 21.02 74.13 -41.26
C ALA L 231 21.47 72.92 -42.06
N ASN L 232 21.34 71.73 -41.49
CA ASN L 232 21.64 70.47 -42.16
C ASN L 232 20.31 69.74 -42.33
N PRO L 233 19.64 69.87 -43.48
CA PRO L 233 18.30 69.28 -43.62
C PRO L 233 18.30 67.77 -43.75
N TRP L 234 19.47 67.16 -43.93
CA TRP L 234 19.56 65.73 -44.17
C TRP L 234 20.44 65.04 -43.15
N GLY L 235 20.79 65.73 -42.06
CA GLY L 235 21.58 65.14 -41.00
C GLY L 235 21.12 65.58 -39.63
N ALA L 236 20.03 66.33 -39.58
CA ALA L 236 19.48 66.86 -38.34
C ALA L 236 17.97 66.63 -38.29
N ASN L 237 17.55 65.40 -38.54
CA ASN L 237 16.14 65.03 -38.46
C ASN L 237 15.96 63.97 -37.38
N PHE L 238 14.77 63.37 -37.32
CA PHE L 238 14.45 62.42 -36.27
C PHE L 238 15.10 61.06 -36.43
N ALA L 239 15.94 60.87 -37.44
CA ALA L 239 16.55 59.57 -37.68
C ALA L 239 18.03 59.52 -37.37
N THR L 240 18.74 60.65 -37.45
CA THR L 240 20.17 60.66 -37.21
C THR L 240 20.52 60.47 -35.74
N ASN L 241 19.59 60.76 -34.84
CA ASN L 241 19.78 60.35 -33.46
C ASN L 241 19.58 58.85 -33.33
N GLY L 242 20.12 58.28 -32.26
CA GLY L 242 20.03 56.85 -32.09
C GLY L 242 18.86 56.41 -31.24
N ILE L 243 17.72 57.08 -31.39
CA ILE L 243 16.59 56.82 -30.50
C ILE L 243 15.36 56.44 -31.31
N SER L 244 14.90 57.34 -32.19
CA SER L 244 13.60 57.16 -32.82
C SER L 244 13.62 56.07 -33.88
N VAL L 245 14.72 55.97 -34.63
CA VAL L 245 14.96 54.89 -35.58
C VAL L 245 16.03 53.99 -34.98
N PRO L 246 15.72 52.74 -34.64
CA PRO L 246 16.62 51.98 -33.75
C PRO L 246 17.86 51.40 -34.42
N PHE L 247 17.86 51.15 -35.72
CA PHE L 247 18.98 50.48 -36.36
C PHE L 247 19.73 51.35 -37.35
N PHE L 248 19.04 51.87 -38.36
CA PHE L 248 19.71 52.60 -39.43
C PHE L 248 19.90 54.06 -39.05
CA GLN M 44 -11.10 -69.58 -8.72
C GLN M 44 -9.74 -70.28 -8.69
N LEU M 45 -8.76 -69.65 -9.31
CA LEU M 45 -7.38 -70.13 -9.31
C LEU M 45 -6.53 -69.16 -8.49
N TYR M 46 -5.27 -69.52 -8.31
CA TYR M 46 -4.32 -68.67 -7.59
C TYR M 46 -4.76 -68.30 -6.20
N VAL M 47 -4.69 -69.26 -5.29
CA VAL M 47 -5.08 -69.01 -3.90
C VAL M 47 -4.36 -67.81 -3.31
N GLY M 48 -5.08 -67.06 -2.48
CA GLY M 48 -4.85 -65.66 -2.26
C GLY M 48 -5.95 -64.79 -2.84
N ALA M 49 -6.69 -65.33 -3.81
CA ALA M 49 -7.89 -64.66 -4.32
C ALA M 49 -8.99 -64.68 -3.27
N SER M 50 -9.86 -63.69 -3.33
CA SER M 50 -10.93 -63.54 -2.35
C SER M 50 -12.29 -63.54 -3.06
N GLN M 51 -13.34 -63.60 -2.26
CA GLN M 51 -14.70 -63.57 -2.81
C GLN M 51 -15.08 -62.17 -3.27
N SER M 52 -14.52 -61.14 -2.63
CA SER M 52 -14.84 -59.77 -3.00
C SER M 52 -14.26 -59.39 -4.35
N SER M 53 -13.14 -60.00 -4.73
CA SER M 53 -12.53 -59.78 -6.05
C SER M 53 -12.93 -60.87 -7.04
N LEU M 54 -14.11 -61.45 -6.87
CA LEU M 54 -14.54 -62.55 -7.72
C LEU M 54 -15.94 -62.37 -8.28
N ALA M 55 -16.78 -61.53 -7.65
CA ALA M 55 -18.15 -61.37 -8.12
C ALA M 55 -18.21 -60.62 -9.44
N TYR M 56 -17.56 -59.46 -9.51
CA TYR M 56 -17.52 -58.72 -10.76
C TYR M 56 -16.50 -59.30 -11.73
N LEU M 57 -15.41 -59.86 -11.22
CA LEU M 57 -14.27 -60.28 -12.02
C LEU M 57 -14.62 -61.61 -12.67
N ASP M 58 -15.12 -61.55 -13.90
CA ASP M 58 -15.93 -62.62 -14.48
C ASP M 58 -15.12 -63.72 -15.17
N GLY M 59 -14.05 -63.37 -15.89
CA GLY M 59 -13.34 -64.38 -16.65
C GLY M 59 -12.80 -63.86 -17.96
N SER M 60 -13.26 -62.68 -18.37
CA SER M 60 -12.66 -61.94 -19.47
C SER M 60 -11.41 -61.23 -18.95
N LEU M 61 -11.01 -60.14 -19.64
CA LEU M 61 -9.97 -59.21 -19.21
C LEU M 61 -8.63 -59.95 -19.06
N PRO M 62 -7.95 -60.26 -20.19
CA PRO M 62 -7.00 -61.39 -20.27
C PRO M 62 -5.89 -61.49 -19.24
N GLY M 63 -5.61 -62.70 -18.80
CA GLY M 63 -4.73 -62.93 -17.68
C GLY M 63 -5.44 -62.94 -16.35
N ASP M 64 -6.76 -63.05 -16.36
CA ASP M 64 -7.54 -63.01 -15.14
C ASP M 64 -7.41 -64.33 -14.39
N PHE M 65 -7.06 -64.24 -13.12
CA PHE M 65 -7.05 -65.41 -12.26
C PHE M 65 -7.65 -65.10 -10.89
N GLY M 66 -8.33 -63.97 -10.74
CA GLY M 66 -8.93 -63.60 -9.49
C GLY M 66 -7.99 -63.03 -8.46
N PHE M 67 -6.69 -63.03 -8.71
CA PHE M 67 -5.72 -62.57 -7.71
C PHE M 67 -5.75 -61.05 -7.66
N ASP M 68 -6.66 -60.52 -6.87
CA ASP M 68 -6.67 -59.10 -6.50
C ASP M 68 -6.97 -59.04 -5.02
N PRO M 69 -5.99 -59.32 -4.16
CA PRO M 69 -6.27 -59.37 -2.71
C PRO M 69 -6.51 -58.02 -2.09
N LEU M 70 -6.16 -56.93 -2.77
CA LEU M 70 -6.48 -55.59 -2.28
C LEU M 70 -7.70 -54.99 -2.95
N GLY M 71 -8.05 -55.46 -4.15
CA GLY M 71 -9.21 -54.94 -4.81
C GLY M 71 -8.99 -53.58 -5.45
N LEU M 72 -7.84 -53.37 -6.09
CA LEU M 72 -7.63 -52.13 -6.82
C LEU M 72 -8.56 -52.05 -8.02
N LEU M 73 -8.58 -53.10 -8.81
CA LEU M 73 -9.50 -53.22 -9.94
C LEU M 73 -10.87 -53.53 -9.35
N ASP M 74 -11.71 -52.52 -9.24
CA ASP M 74 -13.06 -52.64 -8.69
C ASP M 74 -13.88 -51.49 -9.26
N PRO M 75 -14.89 -51.77 -10.08
CA PRO M 75 -15.51 -50.70 -10.88
C PRO M 75 -16.41 -49.77 -10.09
N VAL M 76 -16.96 -50.19 -8.95
CA VAL M 76 -17.89 -49.36 -8.21
C VAL M 76 -17.11 -48.30 -7.43
N ASN M 77 -17.53 -47.04 -7.60
CA ASN M 77 -16.93 -45.85 -6.95
C ASN M 77 -15.44 -45.71 -7.25
N SER M 78 -15.01 -46.18 -8.42
CA SER M 78 -13.62 -46.04 -8.83
C SER M 78 -13.39 -44.66 -9.42
N GLY M 79 -12.14 -44.37 -9.75
CA GLY M 79 -11.83 -43.09 -10.35
C GLY M 79 -10.35 -42.86 -10.48
N GLY M 80 -9.96 -41.94 -11.36
CA GLY M 80 -8.55 -41.61 -11.51
C GLY M 80 -7.79 -42.73 -12.18
N PHE M 81 -6.59 -42.98 -11.69
CA PHE M 81 -5.70 -44.00 -12.21
C PHE M 81 -6.01 -45.38 -11.65
N ILE M 82 -7.00 -45.50 -10.78
CA ILE M 82 -7.43 -46.79 -10.26
C ILE M 82 -8.66 -47.29 -11.03
N GLU M 83 -8.92 -46.70 -12.19
CA GLU M 83 -9.92 -47.24 -13.10
C GLU M 83 -9.44 -48.60 -13.63
N PRO M 84 -10.33 -49.57 -13.80
CA PRO M 84 -9.88 -50.90 -14.27
C PRO M 84 -9.29 -50.90 -15.66
N LYS M 85 -9.73 -49.98 -16.53
CA LYS M 85 -9.20 -49.91 -17.88
C LYS M 85 -7.74 -49.44 -17.87
N TRP M 86 -7.43 -48.42 -17.07
CA TRP M 86 -6.06 -47.96 -16.92
C TRP M 86 -5.19 -49.00 -16.23
N LEU M 87 -5.75 -49.77 -15.30
CA LEU M 87 -4.95 -50.76 -14.60
C LEU M 87 -4.60 -51.93 -15.51
N GLN M 88 -5.55 -52.40 -16.31
CA GLN M 88 -5.26 -53.46 -17.28
C GLN M 88 -4.28 -52.99 -18.33
N TYR M 89 -4.45 -51.74 -18.75
CA TYR M 89 -3.59 -51.14 -19.76
C TYR M 89 -2.17 -50.98 -19.27
N SER M 90 -1.99 -50.51 -18.03
CA SER M 90 -0.65 -50.37 -17.49
C SER M 90 -0.02 -51.70 -17.12
N GLU M 91 -0.82 -52.73 -16.79
CA GLU M 91 -0.23 -54.05 -16.61
C GLU M 91 0.34 -54.57 -17.92
N VAL M 92 -0.39 -54.35 -19.01
CA VAL M 92 0.08 -54.75 -20.33
C VAL M 92 1.34 -53.98 -20.73
N ILE M 93 1.38 -52.67 -20.44
CA ILE M 93 2.53 -51.85 -20.82
C ILE M 93 3.77 -52.21 -20.00
N HIS M 94 3.61 -52.27 -18.67
CA HIS M 94 4.66 -52.81 -17.80
C HIS M 94 5.10 -54.20 -18.21
N ALA M 95 4.18 -55.04 -18.69
CA ALA M 95 4.50 -56.40 -19.07
C ALA M 95 5.44 -56.45 -20.27
N ARG M 96 5.09 -55.73 -21.34
CA ARG M 96 5.91 -55.86 -22.53
C ARG M 96 7.19 -55.02 -22.47
N TRP M 97 7.19 -53.89 -21.74
CA TRP M 97 8.48 -53.24 -21.46
C TRP M 97 9.38 -54.12 -20.62
N ALA M 98 8.81 -54.81 -19.64
CA ALA M 98 9.64 -55.65 -18.79
C ALA M 98 10.11 -56.89 -19.50
N MET M 99 9.38 -57.37 -20.50
CA MET M 99 9.90 -58.54 -21.17
C MET M 99 10.93 -58.19 -22.23
N LEU M 100 10.83 -56.98 -22.83
CA LEU M 100 11.96 -56.48 -23.60
C LEU M 100 13.19 -56.29 -22.71
N GLY M 101 13.00 -55.75 -21.51
CA GLY M 101 14.13 -55.57 -20.61
C GLY M 101 14.67 -56.86 -20.05
N ALA M 102 13.81 -57.86 -19.86
CA ALA M 102 14.25 -59.14 -19.33
C ALA M 102 15.01 -59.93 -20.36
N ALA M 103 14.66 -59.81 -21.64
CA ALA M 103 15.53 -60.36 -22.67
C ALA M 103 16.80 -59.54 -22.82
N GLY M 104 16.72 -58.22 -22.65
CA GLY M 104 17.84 -57.35 -22.99
C GLY M 104 18.89 -57.19 -21.92
N CYS M 105 18.58 -57.49 -20.67
CA CYS M 105 19.62 -57.53 -19.66
C CYS M 105 20.42 -58.82 -19.77
N ILE M 106 19.76 -59.92 -20.11
CA ILE M 106 20.43 -61.20 -20.16
C ILE M 106 21.12 -61.43 -21.50
N ALA M 107 20.72 -60.70 -22.55
CA ALA M 107 21.27 -60.97 -23.89
C ALA M 107 22.74 -60.62 -24.13
N PRO M 108 23.30 -59.47 -23.70
CA PRO M 108 24.74 -59.26 -23.97
C PRO M 108 25.63 -60.19 -23.19
N GLU M 109 25.23 -60.59 -21.98
CA GLU M 109 26.07 -61.46 -21.18
C GLU M 109 26.02 -62.90 -21.68
N VAL M 110 24.85 -63.35 -22.15
CA VAL M 110 24.75 -64.68 -22.75
C VAL M 110 25.49 -64.72 -24.09
N LEU M 111 25.27 -63.71 -24.93
CA LEU M 111 25.94 -63.71 -26.24
C LEU M 111 27.42 -63.41 -26.13
N GLY M 112 27.89 -62.84 -25.02
CA GLY M 112 29.32 -62.78 -24.78
C GLY M 112 29.87 -64.03 -24.15
N ALA M 113 29.02 -64.80 -23.46
CA ALA M 113 29.45 -66.11 -22.98
C ALA M 113 29.67 -67.07 -24.14
N ALA M 114 28.91 -66.92 -25.23
CA ALA M 114 29.15 -67.69 -26.44
C ALA M 114 30.26 -67.10 -27.31
N GLY M 115 30.70 -65.89 -27.02
CA GLY M 115 31.73 -65.24 -27.82
C GLY M 115 31.23 -64.67 -29.12
N LEU M 116 29.92 -64.61 -29.34
CA LEU M 116 29.39 -64.11 -30.60
C LEU M 116 29.53 -62.60 -30.71
N ILE M 117 29.56 -61.91 -29.57
CA ILE M 117 29.85 -60.48 -29.52
C ILE M 117 31.21 -60.36 -28.82
N PRO M 118 32.00 -59.33 -29.08
CA PRO M 118 33.30 -59.23 -28.41
C PRO M 118 33.14 -58.87 -26.94
N ASP M 119 34.27 -58.94 -26.23
CA ASP M 119 34.26 -58.72 -24.79
C ASP M 119 34.07 -57.25 -24.42
N ALA M 120 34.19 -56.34 -25.39
CA ALA M 120 33.90 -54.93 -25.10
C ALA M 120 32.42 -54.70 -24.86
N THR M 121 31.56 -55.42 -25.59
CA THR M 121 30.12 -55.33 -25.41
C THR M 121 29.57 -56.46 -24.56
N ASN M 122 30.42 -57.14 -23.78
CA ASN M 122 30.01 -58.22 -22.88
C ASN M 122 29.69 -57.68 -21.48
N ILE M 123 29.26 -56.43 -21.39
CA ILE M 123 29.12 -55.78 -20.09
C ILE M 123 27.80 -56.17 -19.45
N LYS M 124 27.73 -55.96 -18.14
CA LYS M 124 26.49 -56.14 -17.38
C LYS M 124 25.52 -55.03 -17.72
N TRP M 125 24.24 -55.28 -17.41
CA TRP M 125 23.19 -54.35 -17.84
C TRP M 125 23.22 -53.04 -17.07
N PHE M 126 23.64 -53.08 -15.82
CA PHE M 126 23.69 -51.85 -15.02
C PHE M 126 24.99 -51.07 -15.22
N GLU M 127 25.93 -51.59 -16.00
CA GLU M 127 27.13 -50.86 -16.37
C GLU M 127 27.07 -50.34 -17.80
N SER M 128 25.87 -50.26 -18.38
CA SER M 128 25.72 -49.81 -19.75
C SER M 128 25.83 -48.29 -19.89
N GLY M 129 25.75 -47.56 -18.79
CA GLY M 129 25.59 -46.12 -18.82
C GLY M 129 24.25 -45.66 -18.32
N VAL M 130 23.34 -46.59 -18.00
CA VAL M 130 22.06 -46.25 -17.42
C VAL M 130 22.24 -45.73 -15.99
N ILE M 131 23.24 -46.26 -15.29
CA ILE M 131 23.65 -45.85 -13.95
C ILE M 131 25.16 -45.62 -14.03
N PRO M 132 25.60 -44.42 -14.38
CA PRO M 132 27.04 -44.13 -14.47
C PRO M 132 27.80 -44.22 -13.15
N PRO M 133 27.18 -44.07 -11.96
CA PRO M 133 27.89 -44.53 -10.76
C PRO M 133 28.21 -46.02 -10.74
N ALA M 134 27.34 -46.85 -11.32
CA ALA M 134 27.65 -48.27 -11.40
C ALA M 134 28.63 -48.58 -12.51
N GLY M 135 28.82 -47.67 -13.46
CA GLY M 135 29.68 -47.90 -14.59
C GLY M 135 29.05 -47.40 -15.87
N SER M 136 29.84 -46.78 -16.74
CA SER M 136 29.35 -46.29 -18.01
C SER M 136 30.23 -46.80 -19.13
N TYR M 137 29.60 -47.34 -20.16
CA TYR M 137 30.31 -47.76 -21.36
C TYR M 137 30.58 -46.54 -22.22
N ASN M 138 31.84 -46.25 -22.46
CA ASN M 138 32.24 -45.05 -23.18
C ASN M 138 32.44 -45.27 -24.67
N GLY M 139 32.17 -46.47 -25.17
CA GLY M 139 32.41 -46.77 -26.56
C GLY M 139 31.20 -46.67 -27.47
N TYR M 140 30.23 -45.84 -27.10
CA TYR M 140 29.12 -45.60 -28.00
C TYR M 140 29.51 -44.53 -29.02
N TRP M 141 28.63 -44.28 -29.97
CA TRP M 141 28.88 -43.27 -30.98
C TRP M 141 28.66 -41.85 -30.47
N ALA M 142 28.12 -41.68 -29.27
CA ALA M 142 27.91 -40.34 -28.75
C ALA M 142 28.00 -40.34 -27.23
N ASP M 143 27.94 -39.12 -26.69
CA ASP M 143 27.63 -38.89 -25.29
C ASP M 143 26.31 -39.59 -24.94
N PRO M 144 26.20 -40.23 -23.78
CA PRO M 144 24.88 -40.74 -23.37
C PRO M 144 23.79 -39.68 -23.20
N TYR M 145 24.14 -38.39 -23.10
CA TYR M 145 23.12 -37.36 -23.05
C TYR M 145 22.64 -36.95 -24.44
N THR M 146 23.49 -37.09 -25.46
CA THR M 146 23.04 -36.98 -26.84
C THR M 146 22.03 -38.07 -27.17
N ILE M 147 22.40 -39.32 -26.85
CA ILE M 147 21.52 -40.47 -27.01
C ILE M 147 20.26 -40.31 -26.19
N PHE M 148 20.38 -39.71 -25.01
CA PHE M 148 19.20 -39.50 -24.18
C PHE M 148 18.28 -38.44 -24.76
N PHE M 149 18.81 -37.38 -25.39
CA PHE M 149 17.91 -36.42 -26.03
C PHE M 149 17.23 -37.01 -27.26
N VAL M 150 17.93 -37.87 -27.99
CA VAL M 150 17.30 -38.61 -29.09
C VAL M 150 16.18 -39.48 -28.56
N GLU M 151 16.42 -40.14 -27.43
CA GLU M 151 15.40 -40.93 -26.75
C GLU M 151 14.24 -40.07 -26.27
N ILE M 152 14.53 -38.86 -25.78
CA ILE M 152 13.47 -37.94 -25.34
C ILE M 152 12.54 -37.60 -26.48
N VAL M 153 13.09 -37.18 -27.62
CA VAL M 153 12.26 -36.79 -28.76
C VAL M 153 11.47 -38.00 -29.28
N ALA M 154 12.17 -39.13 -29.44
CA ALA M 154 11.56 -40.34 -29.96
C ALA M 154 10.48 -40.89 -29.03
N MET M 155 10.64 -40.72 -27.73
CA MET M 155 9.65 -41.25 -26.80
C MET M 155 8.53 -40.27 -26.45
N GLN M 156 8.73 -38.95 -26.58
CA GLN M 156 7.58 -38.05 -26.54
C GLN M 156 6.68 -38.34 -27.72
N PHE M 157 7.27 -38.52 -28.92
CA PHE M 157 6.48 -38.92 -30.07
C PHE M 157 5.94 -40.34 -29.95
N ALA M 158 6.62 -41.24 -29.26
CA ALA M 158 6.10 -42.59 -29.16
C ALA M 158 5.01 -42.72 -28.12
N GLU M 159 5.06 -41.91 -27.07
CA GLU M 159 4.26 -42.10 -25.87
C GLU M 159 3.07 -41.16 -25.80
N LEU M 160 3.20 -39.90 -26.24
CA LEU M 160 2.05 -39.03 -26.24
C LEU M 160 1.04 -39.47 -27.29
N ARG M 161 1.53 -39.96 -28.43
CA ARG M 161 0.66 -40.63 -29.40
C ARG M 161 0.02 -41.87 -28.80
N ARG M 162 0.76 -42.58 -27.95
CA ARG M 162 0.27 -43.81 -27.35
C ARG M 162 -0.86 -43.50 -26.37
N LEU M 163 -0.74 -42.40 -25.65
CA LEU M 163 -1.77 -41.93 -24.72
C LEU M 163 -2.98 -41.32 -25.41
N GLN M 164 -2.78 -40.66 -26.56
CA GLN M 164 -3.92 -40.02 -27.21
C GLN M 164 -4.85 -41.00 -27.91
N ASP M 165 -4.52 -42.28 -27.97
CA ASP M 165 -5.52 -43.27 -28.35
C ASP M 165 -6.18 -43.93 -27.14
N PHE M 166 -5.54 -43.87 -25.97
CA PHE M 166 -6.26 -44.26 -24.77
C PHE M 166 -7.31 -43.22 -24.42
N ARG M 167 -6.94 -41.94 -24.46
CA ARG M 167 -7.88 -40.87 -24.15
C ARG M 167 -8.93 -40.72 -25.23
N TYR M 168 -8.50 -40.80 -26.49
CA TYR M 168 -9.34 -40.48 -27.64
C TYR M 168 -9.22 -41.67 -28.59
N PRO M 169 -10.08 -42.69 -28.42
CA PRO M 169 -9.89 -43.94 -29.15
C PRO M 169 -10.10 -43.82 -30.66
N GLY M 170 -10.93 -42.89 -31.10
CA GLY M 170 -11.09 -42.70 -32.53
C GLY M 170 -10.01 -41.90 -33.20
N SER M 171 -9.05 -41.39 -32.44
CA SER M 171 -8.04 -40.47 -32.95
C SER M 171 -6.94 -41.23 -33.67
N MET M 172 -5.84 -40.52 -33.96
CA MET M 172 -4.53 -41.02 -34.39
C MET M 172 -4.52 -41.52 -35.83
N GLY M 173 -5.68 -41.64 -36.46
CA GLY M 173 -5.78 -41.85 -37.87
C GLY M 173 -6.35 -40.66 -38.60
N GLN M 174 -6.56 -39.54 -37.90
CA GLN M 174 -7.23 -38.37 -38.44
C GLN M 174 -6.25 -37.34 -38.98
N GLN M 175 -5.25 -36.94 -38.18
CA GLN M 175 -4.34 -35.93 -38.69
C GLN M 175 -3.28 -36.56 -39.58
N TYR M 176 -2.60 -35.70 -40.34
CA TYR M 176 -1.53 -36.14 -41.20
C TYR M 176 -0.30 -36.43 -40.37
N PHE M 177 0.19 -37.67 -40.45
CA PHE M 177 1.43 -38.09 -39.82
C PHE M 177 2.22 -38.90 -40.82
N LEU M 178 2.49 -38.28 -41.97
CA LEU M 178 3.36 -38.77 -43.05
C LEU M 178 2.70 -39.93 -43.81
N GLY M 179 1.37 -40.00 -43.79
CA GLY M 179 0.67 -41.13 -44.35
C GLY M 179 0.53 -42.32 -43.43
N LEU M 180 1.34 -42.37 -42.37
CA LEU M 180 1.46 -43.44 -41.39
C LEU M 180 0.30 -43.49 -40.41
N GLU M 181 -0.63 -42.54 -40.47
CA GLU M 181 -1.76 -42.55 -39.55
C GLU M 181 -2.77 -43.66 -39.85
N ALA M 182 -2.70 -44.28 -41.04
CA ALA M 182 -3.56 -45.41 -41.33
C ALA M 182 -3.22 -46.63 -40.47
N ILE M 183 -1.99 -46.71 -39.98
CA ILE M 183 -1.61 -47.73 -39.00
C ILE M 183 -2.32 -47.50 -37.69
N PHE M 184 -2.41 -46.25 -37.28
CA PHE M 184 -2.64 -45.87 -35.91
C PHE M 184 -4.13 -45.77 -35.56
N LYS M 185 -4.99 -46.37 -36.37
CA LYS M 185 -6.42 -46.32 -36.09
C LYS M 185 -6.77 -47.14 -34.86
N GLY M 186 -5.99 -48.18 -34.58
CA GLY M 186 -6.17 -48.95 -33.37
C GLY M 186 -7.44 -49.78 -33.40
N SER M 187 -8.01 -49.97 -32.21
CA SER M 187 -9.25 -50.69 -32.07
C SER M 187 -9.99 -50.10 -30.87
N GLY M 188 -10.98 -50.83 -30.36
CA GLY M 188 -11.67 -50.37 -29.17
C GLY M 188 -10.78 -50.45 -27.93
N ASP M 189 -9.97 -51.49 -27.83
CA ASP M 189 -9.11 -51.66 -26.66
C ASP M 189 -7.79 -50.95 -26.90
N ALA M 190 -7.37 -50.16 -25.91
CA ALA M 190 -6.17 -49.35 -26.06
C ALA M 190 -4.89 -50.16 -25.94
N ALA M 191 -4.93 -51.28 -25.21
CA ALA M 191 -3.73 -52.06 -25.04
C ALA M 191 -3.37 -52.88 -26.26
N TYR M 192 -4.28 -53.02 -27.21
CA TYR M 192 -4.09 -53.87 -28.38
C TYR M 192 -4.62 -53.15 -29.60
N PRO M 193 -3.81 -52.24 -30.19
CA PRO M 193 -4.27 -51.53 -31.40
C PRO M 193 -4.45 -52.45 -32.58
N GLY M 194 -3.37 -53.13 -32.94
CA GLY M 194 -3.40 -54.12 -34.00
C GLY M 194 -3.69 -53.58 -35.38
N GLY M 195 -2.86 -52.68 -35.86
CA GLY M 195 -3.00 -52.18 -37.21
C GLY M 195 -2.32 -53.10 -38.19
N PRO M 196 -1.97 -52.58 -39.36
CA PRO M 196 -1.09 -53.33 -40.25
C PRO M 196 0.34 -53.44 -39.77
N PHE M 197 0.78 -52.62 -38.80
CA PHE M 197 2.12 -52.77 -38.24
C PHE M 197 2.09 -53.53 -36.92
N PHE M 198 1.26 -53.10 -35.97
CA PHE M 198 1.22 -53.71 -34.65
C PHE M 198 0.68 -55.14 -34.67
N ASN M 199 0.01 -55.53 -35.76
CA ASN M 199 -0.43 -56.90 -35.97
C ASN M 199 -0.04 -57.31 -37.40
N LEU M 200 1.27 -57.17 -37.69
CA LEU M 200 1.90 -57.49 -38.98
C LEU M 200 1.40 -58.78 -39.62
N PHE M 201 1.62 -59.89 -38.92
CA PHE M 201 1.36 -61.20 -39.49
C PHE M 201 -0.06 -61.68 -39.22
N ASN M 202 -0.90 -60.81 -38.64
CA ASN M 202 -2.31 -61.05 -38.37
C ASN M 202 -2.51 -62.30 -37.52
N LEU M 203 -1.66 -62.44 -36.51
CA LEU M 203 -1.69 -63.62 -35.66
C LEU M 203 -2.86 -63.49 -34.68
N GLY M 204 -3.60 -64.57 -34.52
CA GLY M 204 -4.83 -64.51 -33.76
C GLY M 204 -5.98 -63.98 -34.59
N LYS M 205 -6.31 -64.68 -35.67
CA LYS M 205 -7.47 -64.31 -36.47
C LYS M 205 -8.77 -64.59 -35.73
N THR M 206 -8.94 -65.83 -35.28
CA THR M 206 -10.14 -66.21 -34.55
C THR M 206 -10.13 -65.63 -33.14
N GLU M 207 -11.29 -65.65 -32.50
CA GLU M 207 -11.43 -65.02 -31.20
C GLU M 207 -10.76 -65.85 -30.10
N ALA M 208 -10.86 -67.18 -30.18
CA ALA M 208 -10.31 -68.02 -29.13
C ALA M 208 -8.79 -68.04 -29.15
N ALA M 209 -8.20 -68.06 -30.36
CA ALA M 209 -6.76 -67.96 -30.47
C ALA M 209 -6.26 -66.58 -30.05
N MET M 210 -7.06 -65.55 -30.28
CA MET M 210 -6.69 -64.21 -29.82
C MET M 210 -6.75 -64.11 -28.30
N LYS M 211 -7.73 -64.77 -27.67
CA LYS M 211 -7.76 -64.80 -26.21
C LYS M 211 -6.61 -65.60 -25.64
N GLU M 212 -6.21 -66.68 -26.30
CA GLU M 212 -5.06 -67.45 -25.83
C GLU M 212 -3.77 -66.66 -25.99
N LEU M 213 -3.64 -65.89 -27.07
CA LEU M 213 -2.44 -65.07 -27.25
C LEU M 213 -2.40 -63.92 -26.26
N LYS M 214 -3.55 -63.29 -25.99
CA LYS M 214 -3.61 -62.26 -24.97
C LYS M 214 -3.32 -62.82 -23.58
N LEU M 215 -3.67 -64.09 -23.35
CA LEU M 215 -3.31 -64.74 -22.10
C LEU M 215 -1.80 -64.97 -22.01
N LYS M 216 -1.21 -65.54 -23.06
CA LYS M 216 0.19 -65.95 -23.02
C LYS M 216 1.13 -64.75 -22.99
N GLU M 217 0.70 -63.62 -23.57
CA GLU M 217 1.46 -62.39 -23.48
C GLU M 217 1.56 -61.89 -22.05
N ILE M 218 0.42 -61.82 -21.36
CA ILE M 218 0.40 -61.46 -19.95
C ILE M 218 1.15 -62.47 -19.09
N LYS M 219 1.11 -63.76 -19.44
CA LYS M 219 1.82 -64.77 -18.66
C LYS M 219 3.34 -64.57 -18.71
N ASN M 220 3.91 -64.51 -19.93
CA ASN M 220 5.34 -64.19 -20.01
C ASN M 220 5.66 -62.77 -19.57
N GLY M 221 4.71 -61.83 -19.60
CA GLY M 221 4.98 -60.50 -19.11
C GLY M 221 5.04 -60.36 -17.60
N ARG M 222 4.17 -61.09 -16.91
CA ARG M 222 4.24 -61.13 -15.45
C ARG M 222 5.49 -61.87 -14.98
N LEU M 223 5.82 -62.97 -15.67
CA LEU M 223 7.07 -63.68 -15.39
C LEU M 223 8.29 -62.79 -15.62
N ALA M 224 8.23 -61.92 -16.62
CA ALA M 224 9.36 -61.05 -16.91
C ALA M 224 9.38 -59.78 -16.09
N MET M 225 8.23 -59.31 -15.58
CA MET M 225 8.24 -58.27 -14.56
C MET M 225 8.92 -58.77 -13.30
N LEU M 226 8.59 -60.00 -12.88
CA LEU M 226 9.30 -60.60 -11.76
C LEU M 226 10.77 -60.84 -12.08
N ALA M 227 11.08 -61.12 -13.35
CA ALA M 227 12.48 -61.26 -13.75
C ALA M 227 13.22 -59.94 -13.70
N MET M 228 12.56 -58.83 -14.00
CA MET M 228 13.23 -57.54 -13.87
C MET M 228 13.43 -57.16 -12.41
N LEU M 229 12.45 -57.50 -11.57
CA LEU M 229 12.61 -57.29 -10.13
C LEU M 229 13.76 -58.13 -9.58
N GLY M 230 13.91 -59.36 -10.07
CA GLY M 230 15.01 -60.23 -9.75
C GLY M 230 16.24 -60.06 -10.62
N TYR M 231 16.27 -59.05 -11.47
CA TYR M 231 17.53 -58.57 -11.99
C TYR M 231 18.03 -57.41 -11.15
N GLY M 232 17.13 -56.50 -10.80
CA GLY M 232 17.53 -55.33 -10.03
C GLY M 232 17.91 -55.65 -8.60
N ALA M 233 17.03 -56.36 -7.88
CA ALA M 233 17.30 -56.67 -6.49
C ALA M 233 18.39 -57.72 -6.32
N GLN M 234 18.67 -58.47 -7.36
CA GLN M 234 19.71 -59.48 -7.37
C GLN M 234 21.03 -58.95 -7.91
N ALA M 235 21.01 -57.82 -8.62
CA ALA M 235 22.25 -57.15 -9.00
C ALA M 235 22.68 -56.09 -8.00
N VAL M 236 21.75 -55.59 -7.17
CA VAL M 236 22.17 -54.75 -6.06
C VAL M 236 22.89 -55.57 -5.01
N MET M 237 22.33 -56.73 -4.66
CA MET M 237 22.86 -57.51 -3.56
C MET M 237 24.14 -58.25 -3.94
N THR M 238 24.21 -58.77 -5.17
CA THR M 238 25.39 -59.53 -5.58
C THR M 238 26.46 -58.64 -6.19
N GLY M 239 26.08 -57.74 -7.08
CA GLY M 239 27.04 -56.95 -7.82
C GLY M 239 27.49 -57.60 -9.10
N LYS M 240 26.88 -58.71 -9.50
CA LYS M 240 27.21 -59.45 -10.71
C LYS M 240 25.98 -59.49 -11.61
N GLY M 241 26.18 -59.91 -12.85
CA GLY M 241 25.11 -59.96 -13.81
C GLY M 241 24.17 -61.10 -13.53
N PRO M 242 23.01 -61.11 -14.20
CA PRO M 242 22.04 -62.20 -13.97
C PRO M 242 22.52 -63.54 -14.48
N PHE M 243 23.23 -63.55 -15.62
CA PHE M 243 23.76 -64.81 -16.13
C PHE M 243 24.89 -65.33 -15.27
N GLN M 244 25.69 -64.44 -14.68
CA GLN M 244 26.73 -64.89 -13.77
C GLN M 244 26.13 -65.42 -12.48
N ASN M 245 25.00 -64.84 -12.04
CA ASN M 245 24.27 -65.40 -10.92
C ASN M 245 23.71 -66.79 -11.23
N LEU M 246 23.25 -66.99 -12.47
CA LEU M 246 22.74 -68.30 -12.86
C LEU M 246 23.86 -69.33 -12.93
N VAL M 247 25.02 -68.94 -13.46
CA VAL M 247 26.16 -69.84 -13.54
C VAL M 247 26.68 -70.18 -12.14
N GLU M 248 26.71 -69.20 -11.25
CA GLU M 248 27.16 -69.47 -9.88
C GLU M 248 26.15 -70.28 -9.09
N HIS M 249 24.86 -70.17 -9.39
CA HIS M 249 23.90 -71.04 -8.74
C HIS M 249 23.94 -72.45 -9.30
N LEU M 250 24.25 -72.60 -10.59
CA LEU M 250 24.36 -73.94 -11.15
C LEU M 250 25.69 -74.60 -10.83
N ALA M 251 26.68 -73.84 -10.37
CA ALA M 251 27.95 -74.44 -9.96
C ALA M 251 27.83 -75.08 -8.58
N ASP M 252 27.54 -74.29 -7.56
CA ASP M 252 27.27 -74.80 -6.21
C ASP M 252 25.92 -74.25 -5.77
N PRO M 253 24.87 -75.07 -5.81
CA PRO M 253 23.53 -74.54 -5.49
C PRO M 253 23.33 -74.22 -4.03
N VAL M 254 23.90 -74.99 -3.12
CA VAL M 254 23.70 -74.72 -1.69
C VAL M 254 24.61 -73.59 -1.24
N ASN M 255 25.91 -73.68 -1.56
CA ASN M 255 26.87 -72.71 -1.07
C ASN M 255 26.88 -71.40 -1.86
N ASN M 256 26.12 -71.31 -2.95
CA ASN M 256 26.02 -70.05 -3.71
C ASN M 256 24.55 -69.91 -4.09
N ASN M 257 23.80 -69.23 -3.23
CA ASN M 257 22.37 -68.99 -3.43
C ASN M 257 22.04 -67.65 -2.76
N ILE M 258 20.75 -67.43 -2.50
CA ILE M 258 20.32 -66.22 -1.78
C ILE M 258 20.86 -66.20 -0.36
N LEU M 259 20.93 -67.38 0.29
CA LEU M 259 21.32 -67.42 1.69
C LEU M 259 22.80 -67.14 1.86
N THR M 260 23.64 -67.72 1.01
CA THR M 260 25.07 -67.44 1.05
C THR M 260 25.41 -66.37 0.01
N ASN M 261 24.72 -65.23 0.14
CA ASN M 261 25.05 -64.05 -0.66
C ASN M 261 24.91 -62.79 0.19
N PHE M 262 24.64 -62.93 1.48
CA PHE M 262 24.59 -61.82 2.41
C PHE M 262 25.98 -61.39 2.89
N ALA M 263 27.05 -61.81 2.18
CA ALA M 263 28.45 -61.53 2.48
C ALA M 263 28.83 -62.04 3.87
N GLY M 264 28.77 -63.36 4.01
CA GLY M 264 29.18 -64.01 5.23
C GLY M 264 30.65 -64.38 5.23
N ASP N 81 -8.53 22.80 -64.04
CA ASP N 81 -9.64 21.88 -64.23
C ASP N 81 -10.29 22.18 -65.58
N ALA N 82 -9.47 22.51 -66.56
CA ALA N 82 -9.91 22.83 -67.92
C ALA N 82 -8.77 22.49 -68.88
N ALA N 83 -8.83 23.05 -70.08
CA ALA N 83 -7.74 22.95 -71.06
C ALA N 83 -6.73 24.09 -70.92
N LEU N 84 -6.58 24.64 -69.72
CA LEU N 84 -5.60 25.68 -69.44
C LEU N 84 -4.18 25.12 -69.57
N PRO N 85 -3.19 26.00 -69.83
CA PRO N 85 -1.80 25.57 -69.72
C PRO N 85 -1.46 25.22 -68.29
N SER N 86 -0.67 24.16 -68.12
CA SER N 86 -0.40 23.60 -66.80
C SER N 86 1.09 23.50 -66.57
N TRP N 87 1.47 23.56 -65.30
CA TRP N 87 2.88 23.41 -64.93
C TRP N 87 3.34 21.98 -65.08
N MET N 88 2.44 21.02 -64.84
CA MET N 88 2.65 19.61 -65.13
C MET N 88 1.53 19.20 -66.06
N PRO N 89 1.77 19.15 -67.37
CA PRO N 89 0.69 18.79 -68.31
C PRO N 89 0.25 17.35 -68.18
N GLY N 90 -0.98 17.16 -67.70
CA GLY N 90 -1.52 15.84 -67.54
C GLY N 90 -2.14 15.61 -66.19
N ALA N 91 -1.54 16.18 -65.15
CA ALA N 91 -2.02 15.97 -63.79
C ALA N 91 -3.32 16.74 -63.56
N ASP N 92 -3.99 16.38 -62.47
CA ASP N 92 -5.17 17.13 -62.07
C ASP N 92 -4.77 18.49 -61.52
N LEU N 93 -5.72 19.43 -61.57
CA LEU N 93 -5.52 20.73 -60.97
C LEU N 93 -6.69 20.99 -60.05
N PRO N 94 -6.48 21.71 -58.93
CA PRO N 94 -7.52 21.75 -57.89
C PRO N 94 -8.76 22.55 -58.26
N GLY N 95 -8.76 23.32 -59.34
CA GLY N 95 -9.97 23.90 -59.89
C GLY N 95 -10.17 25.37 -59.60
N TYR N 96 -9.65 25.87 -58.49
CA TYR N 96 -9.79 27.29 -58.18
C TYR N 96 -8.76 28.16 -58.89
N LEU N 97 -8.02 27.60 -59.85
CA LEU N 97 -7.03 28.34 -60.62
C LEU N 97 -7.40 28.26 -62.09
N ASN N 98 -8.67 28.58 -62.38
CA ASN N 98 -9.26 28.36 -63.69
C ASN N 98 -8.65 29.23 -64.78
N GLY N 99 -8.25 30.45 -64.47
CA GLY N 99 -7.72 31.33 -65.49
C GLY N 99 -8.10 32.77 -65.32
N THR N 100 -8.92 33.07 -64.30
CA THR N 100 -9.31 34.45 -64.05
C THR N 100 -8.15 35.26 -63.49
N LEU N 101 -7.27 34.63 -62.73
CA LEU N 101 -6.09 35.33 -62.26
C LEU N 101 -4.99 35.27 -63.32
N PRO N 102 -4.23 36.35 -63.50
CA PRO N 102 -3.35 36.43 -64.67
C PRO N 102 -2.13 35.53 -64.56
N GLY N 103 -1.90 34.75 -65.61
CA GLY N 103 -0.75 33.90 -65.70
C GLY N 103 -0.75 32.75 -64.72
N ASP N 104 -1.86 32.05 -64.62
CA ASP N 104 -1.93 30.89 -63.75
C ASP N 104 -1.77 29.60 -64.53
N PHE N 105 -1.16 28.61 -63.90
CA PHE N 105 -0.91 27.33 -64.51
C PHE N 105 -1.24 26.18 -63.56
N GLY N 106 -1.98 26.49 -62.49
CA GLY N 106 -2.37 25.48 -61.54
C GLY N 106 -1.31 25.11 -60.54
N PHE N 107 -0.18 25.81 -60.49
CA PHE N 107 0.89 25.46 -59.58
C PHE N 107 0.57 26.01 -58.20
N ASP N 108 -0.07 25.15 -57.40
CA ASP N 108 -0.21 25.39 -55.97
C ASP N 108 -0.34 24.03 -55.28
N PRO N 109 0.77 23.29 -55.17
CA PRO N 109 0.69 21.93 -54.65
C PRO N 109 0.47 21.86 -53.15
N LEU N 110 0.77 22.93 -52.43
CA LEU N 110 0.49 22.96 -50.99
C LEU N 110 -0.94 23.35 -50.68
N TYR N 111 -1.74 23.68 -51.71
CA TYR N 111 -3.15 24.04 -51.59
C TYR N 111 -3.34 25.25 -50.67
N LEU N 112 -2.57 26.30 -50.93
CA LEU N 112 -2.62 27.49 -50.09
C LEU N 112 -3.86 28.34 -50.38
N GLY N 113 -4.22 28.50 -51.65
CA GLY N 113 -5.29 29.40 -52.02
C GLY N 113 -6.68 28.80 -52.03
N GLN N 114 -6.98 27.94 -51.06
CA GLN N 114 -8.31 27.33 -50.99
C GLN N 114 -9.38 28.36 -50.66
N ASP N 115 -9.16 29.15 -49.61
CA ASP N 115 -10.04 30.28 -49.35
C ASP N 115 -9.71 31.39 -50.34
N PRO N 116 -10.69 31.87 -51.12
CA PRO N 116 -10.38 32.93 -52.11
C PRO N 116 -10.07 34.27 -51.48
N VAL N 117 -10.47 34.49 -50.22
CA VAL N 117 -10.05 35.70 -49.52
C VAL N 117 -8.57 35.68 -49.18
N LYS N 118 -7.95 34.50 -49.14
CA LYS N 118 -6.50 34.42 -49.10
C LYS N 118 -5.91 34.55 -50.49
N LEU N 119 -6.64 34.10 -51.51
CA LEU N 119 -6.10 34.08 -52.87
C LEU N 119 -6.01 35.48 -53.46
N LYS N 120 -6.95 36.36 -53.11
CA LYS N 120 -6.88 37.74 -53.59
C LYS N 120 -5.68 38.48 -53.00
N TRP N 121 -5.44 38.27 -51.71
CA TRP N 121 -4.26 38.82 -51.04
C TRP N 121 -2.99 38.24 -51.63
N TYR N 122 -3.00 36.95 -51.95
CA TYR N 122 -1.81 36.33 -52.54
C TYR N 122 -1.55 36.83 -53.96
N ALA N 123 -2.61 37.16 -54.71
CA ALA N 123 -2.42 37.74 -56.03
C ALA N 123 -1.80 39.12 -55.95
N GLN N 124 -2.29 39.95 -55.03
CA GLN N 124 -1.68 41.27 -54.85
C GLN N 124 -0.27 41.17 -54.31
N ALA N 125 0.00 40.19 -53.46
CA ALA N 125 1.34 40.01 -52.91
C ALA N 125 2.31 39.51 -53.97
N GLU N 126 1.84 38.66 -54.90
CA GLU N 126 2.71 38.22 -55.99
C GLU N 126 3.01 39.36 -56.93
N LEU N 127 2.02 40.22 -57.19
CA LEU N 127 2.27 41.43 -57.99
C LEU N 127 3.28 42.35 -57.32
N MET N 128 3.20 42.53 -56.00
CA MET N 128 4.08 43.50 -55.35
C MET N 128 5.50 42.97 -55.18
N ASN N 129 5.65 41.74 -54.68
CA ASN N 129 6.96 41.08 -54.63
C ASN N 129 7.56 40.95 -56.03
N ALA N 130 6.74 40.76 -57.07
CA ALA N 130 7.24 40.62 -58.43
C ALA N 130 7.71 41.94 -59.00
N ARG N 131 6.97 43.02 -58.78
CA ARG N 131 7.38 44.32 -59.34
C ARG N 131 8.61 44.86 -58.62
N PHE N 132 8.68 44.69 -57.29
CA PHE N 132 9.90 45.07 -56.59
C PHE N 132 11.08 44.17 -56.95
N ALA N 133 10.84 42.90 -57.27
CA ALA N 133 11.94 42.06 -57.69
C ALA N 133 12.39 42.38 -59.10
N MET N 134 11.48 42.80 -59.98
CA MET N 134 11.88 43.23 -61.31
C MET N 134 12.71 44.51 -61.25
N LEU N 135 12.30 45.46 -60.39
CA LEU N 135 13.16 46.62 -60.13
C LEU N 135 14.48 46.23 -59.49
N ALA N 136 14.48 45.19 -58.65
CA ALA N 136 15.72 44.74 -58.01
C ALA N 136 16.70 44.16 -59.02
N VAL N 137 16.21 43.31 -59.91
CA VAL N 137 17.11 42.68 -60.87
C VAL N 137 17.58 43.71 -61.90
N ALA N 138 16.71 44.64 -62.28
CA ALA N 138 17.14 45.72 -63.18
C ALA N 138 18.10 46.68 -62.49
N GLY N 139 18.06 46.79 -61.16
CA GLY N 139 18.98 47.64 -60.45
C GLY N 139 20.20 46.94 -59.90
N ILE N 140 20.29 45.63 -60.06
CA ILE N 140 21.51 44.90 -59.73
C ILE N 140 22.32 44.57 -60.98
N LEU N 141 21.67 44.14 -62.07
CA LEU N 141 22.42 43.73 -63.25
C LEU N 141 22.98 44.94 -64.01
N VAL N 142 22.15 45.95 -64.25
CA VAL N 142 22.51 47.09 -65.09
C VAL N 142 23.62 47.95 -64.50
N PRO N 143 23.67 48.26 -63.18
CA PRO N 143 24.91 48.85 -62.65
C PRO N 143 26.12 47.94 -62.75
N GLU N 144 25.96 46.62 -62.61
CA GLU N 144 27.12 45.75 -62.78
C GLU N 144 27.47 45.56 -64.24
N LEU N 145 26.49 45.64 -65.14
CA LEU N 145 26.79 45.60 -66.57
C LEU N 145 27.57 46.83 -67.00
N LEU N 146 27.16 48.00 -66.53
CA LEU N 146 27.89 49.21 -66.89
C LEU N 146 29.14 49.42 -66.03
N SER N 147 29.31 48.63 -64.97
CA SER N 147 30.58 48.63 -64.25
C SER N 147 31.61 47.74 -64.94
N ASN N 148 31.19 46.56 -65.40
CA ASN N 148 32.12 45.67 -66.09
C ASN N 148 32.41 46.16 -67.50
N ILE N 149 31.47 46.86 -68.14
CA ILE N 149 31.84 47.61 -69.34
C ILE N 149 32.70 48.82 -68.96
N GLY N 150 32.26 49.57 -67.96
CA GLY N 150 33.04 50.66 -67.43
C GLY N 150 32.59 52.05 -67.87
N PHE N 151 31.83 52.71 -67.00
CA PHE N 151 31.58 54.13 -67.06
C PHE N 151 32.28 54.80 -65.88
N SER N 152 32.08 56.11 -65.74
CA SER N 152 32.62 56.86 -64.62
C SER N 152 31.44 57.29 -63.74
N TRP N 153 31.02 56.41 -62.87
CA TRP N 153 30.04 56.72 -61.85
C TRP N 153 30.74 56.96 -60.53
N PRO N 154 30.13 57.73 -59.61
CA PRO N 154 30.63 57.74 -58.24
C PRO N 154 30.53 56.38 -57.57
N GLY N 155 29.43 55.67 -57.80
CA GLY N 155 29.34 54.27 -57.43
C GLY N 155 29.38 53.38 -58.66
N ALA N 156 30.52 52.75 -58.91
CA ALA N 156 30.69 51.87 -60.05
C ALA N 156 31.63 50.75 -59.63
N GLY N 157 31.17 49.52 -59.77
CA GLY N 157 31.91 48.37 -59.29
C GLY N 157 31.60 47.98 -57.87
N VAL N 158 30.87 48.82 -57.13
CA VAL N 158 30.47 48.44 -55.77
C VAL N 158 29.38 47.38 -55.85
N ALA N 159 29.43 46.45 -54.91
CA ALA N 159 28.47 45.35 -54.91
C ALA N 159 27.11 45.84 -54.44
N TRP N 160 26.06 45.15 -54.90
CA TRP N 160 24.72 45.47 -54.44
C TRP N 160 24.53 45.11 -52.98
N TYR N 161 25.28 44.12 -52.49
CA TYR N 161 25.33 43.82 -51.07
C TYR N 161 26.35 44.67 -50.32
N ASP N 162 26.98 45.63 -51.00
CA ASP N 162 27.89 46.57 -50.37
C ASP N 162 27.53 48.03 -50.62
N ALA N 163 26.40 48.30 -51.28
CA ALA N 163 25.99 49.68 -51.53
C ALA N 163 25.46 50.38 -50.28
N GLY N 164 25.11 49.62 -49.25
CA GLY N 164 24.68 50.24 -48.01
C GLY N 164 25.81 50.91 -47.26
N LYS N 165 27.01 50.31 -47.33
CA LYS N 165 28.18 50.92 -46.71
C LYS N 165 28.67 52.14 -47.47
N PHE N 166 28.33 52.25 -48.75
CA PHE N 166 28.77 53.37 -49.57
C PHE N 166 28.10 54.66 -49.08
N GLU N 167 28.88 55.72 -48.99
CA GLU N 167 28.37 56.97 -48.44
C GLU N 167 27.76 57.85 -49.53
N TYR N 168 26.87 58.73 -49.12
CA TYR N 168 26.10 59.55 -50.04
C TYR N 168 26.07 60.98 -49.52
N PHE N 169 25.17 61.79 -50.08
CA PHE N 169 24.99 63.15 -49.61
C PHE N 169 24.37 63.20 -48.22
N ALA N 170 23.68 62.14 -47.79
CA ALA N 170 23.09 62.06 -46.48
C ALA N 170 23.39 60.69 -45.88
N PRO N 171 23.48 60.60 -44.54
CA PRO N 171 23.59 59.28 -43.92
C PRO N 171 22.30 58.48 -44.10
N ALA N 172 22.44 57.15 -43.94
CA ALA N 172 21.39 56.21 -44.33
C ALA N 172 20.16 56.27 -43.44
N SER N 173 20.26 56.86 -42.26
CA SER N 173 19.10 56.97 -41.38
C SER N 173 18.07 57.93 -41.96
N SER N 174 18.52 59.08 -42.47
CA SER N 174 17.62 60.03 -43.11
C SER N 174 17.01 59.46 -44.38
N LEU N 175 17.82 58.68 -45.11
CA LEU N 175 17.35 57.95 -46.28
C LEU N 175 16.21 57.00 -45.92
N PHE N 176 16.40 56.24 -44.83
CA PHE N 176 15.39 55.29 -44.40
C PHE N 176 14.14 55.99 -43.88
N GLY N 177 14.29 57.14 -43.22
CA GLY N 177 13.12 57.86 -42.74
C GLY N 177 12.29 58.47 -43.85
N VAL N 178 12.96 59.07 -44.85
CA VAL N 178 12.26 59.62 -46.00
C VAL N 178 11.57 58.50 -46.79
N GLN N 179 12.24 57.35 -46.92
CA GLN N 179 11.64 56.18 -47.55
C GLN N 179 10.41 55.70 -46.80
N MET N 180 10.50 55.58 -45.48
CA MET N 180 9.40 55.06 -44.68
C MET N 180 8.32 56.10 -44.41
N LEU N 181 8.48 57.33 -44.89
CA LEU N 181 7.34 58.25 -44.95
C LEU N 181 6.69 58.31 -46.32
N LEU N 182 7.49 58.31 -47.39
CA LEU N 182 6.92 58.34 -48.74
C LEU N 182 6.18 57.05 -49.05
N PHE N 183 6.76 55.90 -48.69
CA PHE N 183 6.03 54.65 -48.85
C PHE N 183 4.91 54.50 -47.84
N ALA N 184 4.95 55.22 -46.72
CA ALA N 184 3.81 55.22 -45.81
C ALA N 184 2.63 55.94 -46.42
N TRP N 185 2.90 56.95 -47.24
CA TRP N 185 1.83 57.52 -48.06
C TRP N 185 1.34 56.51 -49.11
N VAL N 186 2.27 56.01 -49.93
CA VAL N 186 1.91 55.30 -51.16
C VAL N 186 1.26 53.95 -50.87
N GLU N 187 1.78 53.22 -49.89
CA GLU N 187 1.26 51.89 -49.58
C GLU N 187 -0.13 51.95 -48.98
N ILE N 188 -0.42 52.98 -48.16
CA ILE N 188 -1.76 53.09 -47.60
C ILE N 188 -2.73 53.55 -48.68
N ARG N 189 -2.26 54.38 -49.63
CA ARG N 189 -3.07 54.71 -50.80
C ARG N 189 -3.40 53.47 -51.63
N ARG N 190 -2.45 52.55 -51.75
CA ARG N 190 -2.68 51.32 -52.50
C ARG N 190 -3.59 50.36 -51.73
N TYR N 191 -3.44 50.31 -50.40
CA TYR N 191 -4.21 49.39 -49.59
C TYR N 191 -5.66 49.82 -49.48
N GLN N 192 -5.92 51.13 -49.54
CA GLN N 192 -7.30 51.58 -49.51
C GLN N 192 -8.02 51.21 -50.80
N ASP N 193 -7.30 51.13 -51.91
CA ASP N 193 -7.88 50.59 -53.13
C ASP N 193 -7.95 49.07 -53.11
N PHE N 194 -7.13 48.41 -52.29
CA PHE N 194 -7.32 46.97 -52.12
C PHE N 194 -8.60 46.67 -51.34
N VAL N 195 -8.86 47.42 -50.26
CA VAL N 195 -10.02 47.10 -49.44
C VAL N 195 -11.30 47.71 -49.97
N LYS N 196 -11.21 48.68 -50.88
CA LYS N 196 -12.38 49.19 -51.60
C LYS N 196 -11.87 49.69 -52.94
N PRO N 197 -12.07 48.92 -54.01
CA PRO N 197 -11.54 49.33 -55.31
C PRO N 197 -12.30 50.49 -55.92
N GLY N 198 -11.56 51.35 -56.61
CA GLY N 198 -12.12 52.54 -57.20
C GLY N 198 -12.33 53.70 -56.26
N SER N 199 -11.82 53.62 -55.02
CA SER N 199 -12.09 54.62 -54.01
C SER N 199 -10.87 55.45 -53.63
N ALA N 200 -9.78 55.33 -54.39
CA ALA N 200 -8.59 56.15 -54.15
C ALA N 200 -8.16 56.89 -55.41
N ASN N 201 -9.05 57.00 -56.39
CA ASN N 201 -8.72 57.62 -57.67
C ASN N 201 -9.11 59.10 -57.71
N GLN N 202 -8.54 59.86 -56.79
CA GLN N 202 -8.74 61.30 -56.71
C GLN N 202 -7.61 61.90 -55.88
N ASP N 203 -7.06 63.05 -56.32
CA ASP N 203 -5.93 63.52 -55.55
C ASP N 203 -6.42 64.23 -54.29
N PRO N 204 -5.61 64.25 -53.25
CA PRO N 204 -5.93 65.10 -52.10
C PRO N 204 -5.91 66.60 -52.42
N ILE N 205 -4.79 67.09 -52.95
CA ILE N 205 -4.63 68.54 -53.07
C ILE N 205 -5.14 69.07 -54.42
N PHE N 206 -5.02 68.31 -55.50
CA PHE N 206 -5.53 68.73 -56.80
C PHE N 206 -6.74 67.87 -57.13
N THR N 207 -7.92 68.29 -56.67
CA THR N 207 -9.12 67.48 -56.84
C THR N 207 -9.77 67.69 -58.20
N ASN N 208 -8.97 67.62 -59.26
CA ASN N 208 -9.44 67.59 -60.63
C ASN N 208 -8.78 66.47 -61.42
N ASN N 209 -7.63 65.98 -60.97
CA ASN N 209 -6.95 64.84 -61.56
C ASN N 209 -7.49 63.56 -60.92
N LYS N 210 -7.64 62.53 -61.75
CA LYS N 210 -8.21 61.28 -61.27
C LYS N 210 -7.71 60.13 -62.14
N LEU N 211 -7.76 58.98 -61.58
CA LEU N 211 -7.60 57.81 -62.43
C LEU N 211 -8.95 57.45 -63.02
N PRO N 212 -9.00 56.85 -64.22
CA PRO N 212 -10.29 56.45 -64.78
C PRO N 212 -10.90 55.29 -64.00
N ASP N 213 -12.22 55.36 -63.86
CA ASP N 213 -12.97 54.39 -63.06
C ASP N 213 -13.00 53.05 -63.78
N GLY N 214 -13.26 51.99 -63.01
CA GLY N 214 -13.31 50.66 -63.55
C GLY N 214 -12.01 49.90 -63.48
N ASN N 215 -11.05 50.36 -62.69
CA ASN N 215 -9.79 49.66 -62.54
C ASN N 215 -9.87 48.63 -61.42
N GLU N 216 -9.04 47.62 -61.53
CA GLU N 216 -8.89 46.56 -60.56
C GLU N 216 -7.70 46.86 -59.66
N PRO N 217 -7.69 46.31 -58.43
CA PRO N 217 -6.50 46.48 -57.59
C PRO N 217 -5.31 45.72 -58.14
N GLY N 218 -4.13 46.32 -58.01
CA GLY N 218 -2.94 45.85 -58.66
C GLY N 218 -2.65 46.53 -59.98
N TYR N 219 -3.65 47.09 -60.63
CA TYR N 219 -3.49 47.75 -61.92
C TYR N 219 -4.28 49.04 -61.88
N PRO N 220 -3.68 50.13 -61.38
CA PRO N 220 -4.44 51.38 -61.30
C PRO N 220 -4.70 52.04 -62.64
N GLY N 221 -3.72 52.07 -63.53
CA GLY N 221 -3.90 52.75 -64.80
C GLY N 221 -3.73 54.25 -64.65
N GLY N 222 -4.31 54.97 -65.61
CA GLY N 222 -4.28 56.43 -65.59
C GLY N 222 -2.91 57.02 -65.80
N ILE N 223 -2.40 57.73 -64.80
CA ILE N 223 -1.06 58.29 -64.89
C ILE N 223 -0.02 57.19 -64.71
N PHE N 224 -0.38 56.05 -64.10
CA PHE N 224 0.52 54.92 -64.02
C PHE N 224 0.60 54.16 -65.34
N ASP N 225 -0.26 54.47 -66.30
CA ASP N 225 -0.14 54.03 -67.68
C ASP N 225 -0.12 55.27 -68.58
N PRO N 226 1.02 55.99 -68.63
CA PRO N 226 1.04 57.21 -69.44
C PRO N 226 1.25 56.96 -70.92
N PHE N 227 1.84 55.83 -71.30
CA PHE N 227 2.17 55.55 -72.69
C PHE N 227 1.04 54.88 -73.46
N GLY N 228 -0.17 54.89 -72.90
CA GLY N 228 -1.33 54.46 -73.65
C GLY N 228 -1.44 52.97 -73.88
N TRP N 229 -0.82 52.16 -73.02
CA TRP N 229 -0.96 50.71 -73.14
C TRP N 229 -2.26 50.28 -72.46
N SER N 230 -2.44 48.97 -72.34
CA SER N 230 -3.59 48.31 -71.69
C SER N 230 -4.94 48.70 -72.30
N LYS N 231 -4.95 49.20 -73.54
CA LYS N 231 -6.16 49.57 -74.25
C LYS N 231 -6.52 48.53 -75.30
N GLY N 232 -6.30 47.26 -74.96
CA GLY N 232 -6.42 46.16 -75.89
C GLY N 232 -5.30 45.19 -75.66
N ASP N 233 -5.63 43.89 -75.63
CA ASP N 233 -4.71 42.79 -75.32
C ASP N 233 -4.07 43.00 -73.94
N ILE N 234 -4.93 43.03 -72.93
CA ILE N 234 -4.48 43.28 -71.57
C ILE N 234 -4.16 41.99 -70.83
N LYS N 235 -4.82 40.88 -71.20
CA LYS N 235 -4.56 39.60 -70.54
C LYS N 235 -3.17 39.07 -70.88
N SER N 236 -2.77 39.22 -72.14
CA SER N 236 -1.43 38.82 -72.54
C SER N 236 -0.36 39.68 -71.89
N LEU N 237 -0.65 40.98 -71.72
CA LEU N 237 0.31 41.86 -71.04
C LEU N 237 0.42 41.52 -69.56
N LYS N 238 -0.69 41.18 -68.91
CA LYS N 238 -0.64 40.76 -67.51
C LYS N 238 0.11 39.44 -67.36
N LEU N 239 -0.05 38.54 -68.33
CA LEU N 239 0.69 37.29 -68.29
C LEU N 239 2.18 37.51 -68.53
N LYS N 240 2.53 38.46 -69.41
CA LYS N 240 3.93 38.83 -69.60
C LYS N 240 4.53 39.44 -68.34
N GLU N 241 3.74 40.29 -67.66
CA GLU N 241 4.20 40.92 -66.43
C GLU N 241 4.43 39.90 -65.34
N ILE N 242 3.51 38.94 -65.19
CA ILE N 242 3.67 37.98 -64.13
C ILE N 242 4.76 36.96 -64.46
N LYS N 243 5.02 36.69 -65.75
CA LYS N 243 6.08 35.74 -66.07
C LYS N 243 7.47 36.36 -65.88
N ASN N 244 7.68 37.58 -66.41
CA ASN N 244 8.91 38.32 -66.12
C ASN N 244 9.07 38.56 -64.61
N GLY N 245 7.96 38.73 -63.88
CA GLY N 245 8.06 38.96 -62.45
C GLY N 245 8.44 37.72 -61.66
N ARG N 246 7.87 36.56 -62.02
CA ARG N 246 8.25 35.30 -61.38
C ARG N 246 9.69 34.94 -61.69
N LEU N 247 10.11 35.20 -62.93
CA LEU N 247 11.50 34.99 -63.30
C LEU N 247 12.43 35.91 -62.52
N ALA N 248 12.04 37.16 -62.30
CA ALA N 248 12.88 38.08 -61.55
C ALA N 248 12.86 37.81 -60.05
N MET N 249 11.78 37.25 -59.52
CA MET N 249 11.79 36.83 -58.12
C MET N 249 12.74 35.65 -57.91
N LEU N 250 12.71 34.68 -58.83
CA LEU N 250 13.72 33.62 -58.81
C LEU N 250 15.12 34.17 -59.00
N ALA N 251 15.26 35.22 -59.80
CA ALA N 251 16.57 35.83 -60.02
C ALA N 251 17.07 36.52 -58.76
N PHE N 252 16.18 37.14 -57.99
CA PHE N 252 16.63 37.81 -56.78
C PHE N 252 16.94 36.81 -55.67
N ALA N 253 16.17 35.72 -55.59
CA ALA N 253 16.55 34.63 -54.70
C ALA N 253 17.88 34.02 -55.12
N GLY N 254 18.14 33.99 -56.43
CA GLY N 254 19.44 33.60 -56.91
C GLY N 254 20.53 34.56 -56.51
N PHE N 255 20.22 35.86 -56.53
CA PHE N 255 21.19 36.87 -56.12
C PHE N 255 21.57 36.71 -54.66
N ILE N 256 20.58 36.42 -53.81
CA ILE N 256 20.84 36.17 -52.39
C ILE N 256 21.67 34.91 -52.19
N GLY N 257 21.18 33.78 -52.70
CA GLY N 257 21.84 32.51 -52.45
C GLY N 257 23.15 32.34 -53.20
N GLN N 258 23.35 33.11 -54.25
CA GLN N 258 24.50 33.05 -55.11
C GLN N 258 25.49 34.19 -54.82
N ALA N 259 25.12 35.11 -53.93
CA ALA N 259 26.09 36.02 -53.34
C ALA N 259 26.44 35.63 -51.92
N TYR N 260 25.68 34.73 -51.30
CA TYR N 260 25.98 34.27 -49.95
C TYR N 260 26.94 33.09 -49.93
N THR N 261 26.95 32.26 -50.97
CA THR N 261 27.85 31.11 -50.99
C THR N 261 29.23 31.46 -51.53
N THR N 262 29.30 31.92 -52.78
CA THR N 262 30.59 32.21 -53.38
C THR N 262 31.10 33.62 -53.09
N GLY N 263 30.22 34.53 -52.67
CA GLY N 263 30.62 35.86 -52.27
C GLY N 263 31.15 36.74 -53.38
N THR N 264 30.61 36.62 -54.59
CA THR N 264 31.04 37.44 -55.71
C THR N 264 29.84 38.17 -56.31
N THR N 265 30.12 38.95 -57.35
CA THR N 265 29.09 39.62 -58.13
C THR N 265 28.28 38.59 -58.90
N PRO N 266 26.95 38.72 -58.95
CA PRO N 266 26.13 37.77 -59.73
C PRO N 266 26.37 37.84 -61.23
N LEU N 267 26.99 38.89 -61.76
CA LEU N 267 27.42 38.87 -63.14
C LEU N 267 28.80 38.24 -63.29
N LYS N 268 29.63 38.34 -62.26
CA LYS N 268 30.90 37.61 -62.24
C LYS N 268 30.74 36.15 -61.84
N ASN N 269 29.51 35.70 -61.58
CA ASN N 269 29.21 34.27 -61.53
C ASN N 269 28.85 33.74 -62.91
N LEU N 270 28.13 34.56 -63.68
CA LEU N 270 27.89 34.24 -65.09
C LEU N 270 29.20 34.25 -65.87
N SER N 271 30.13 35.12 -65.50
CA SER N 271 31.44 35.15 -66.14
C SER N 271 32.21 33.86 -65.91
N THR N 272 32.13 33.29 -64.71
CA THR N 272 32.83 32.03 -64.45
C THR N 272 32.11 30.84 -65.08
N HIS N 273 30.77 30.84 -65.05
CA HIS N 273 30.03 29.76 -65.71
C HIS N 273 30.10 29.86 -67.24
N LEU N 274 30.53 30.99 -67.79
CA LEU N 274 30.87 31.03 -69.20
C LEU N 274 32.35 30.84 -69.47
N ALA N 275 33.19 30.94 -68.44
CA ALA N 275 34.61 30.64 -68.61
C ALA N 275 34.84 29.15 -68.82
N ASP N 276 34.26 28.33 -67.96
CA ASP N 276 34.29 26.88 -68.11
C ASP N 276 33.00 26.31 -67.54
N PRO N 277 31.98 26.08 -68.39
CA PRO N 277 30.64 25.76 -67.88
C PRO N 277 30.54 24.43 -67.16
N TRP N 278 31.49 23.54 -67.39
CA TRP N 278 31.47 22.18 -66.87
C TRP N 278 32.21 22.09 -65.56
N SER N 279 33.30 22.84 -65.44
CA SER N 279 34.14 22.86 -64.25
C SER N 279 33.63 23.80 -63.17
N THR N 280 32.50 24.47 -63.39
CA THR N 280 31.80 25.14 -62.28
C THR N 280 30.29 24.98 -62.46
N THR N 281 29.77 23.88 -61.93
CA THR N 281 28.36 23.78 -61.64
C THR N 281 28.17 24.22 -60.20
N VAL N 282 26.92 24.21 -59.72
CA VAL N 282 26.69 24.50 -58.32
C VAL N 282 27.23 23.37 -57.45
N TRP N 283 27.29 22.15 -58.01
CA TRP N 283 27.72 21.00 -57.23
C TRP N 283 29.22 21.02 -56.97
N GLN N 284 30.02 21.45 -57.94
CA GLN N 284 31.46 21.51 -57.70
C GLN N 284 31.83 22.67 -56.78
N ASN N 285 31.10 23.78 -56.84
CA ASN N 285 31.35 24.85 -55.88
C ASN N 285 30.92 24.46 -54.48
N ASP N 286 29.83 23.71 -54.37
CA ASP N 286 29.40 23.15 -53.09
C ASP N 286 30.44 22.17 -52.52
N LEU N 287 30.94 21.25 -53.36
CA LEU N 287 31.89 20.26 -52.88
C LEU N 287 33.26 20.85 -52.60
N ALA N 288 33.66 21.89 -53.34
CA ALA N 288 34.89 22.60 -53.00
C ALA N 288 34.71 23.43 -51.73
N ARG N 289 33.51 23.95 -51.49
CA ARG N 289 33.24 24.69 -50.28
C ARG N 289 33.01 23.76 -49.09
N LEU N 290 32.58 22.53 -49.32
CA LEU N 290 32.38 21.56 -48.25
C LEU N 290 33.74 21.08 -47.74
N ASP O 48 -3.07 -60.61 -57.50
CA ASP O 48 -2.63 -60.03 -56.23
C ASP O 48 -2.18 -61.11 -55.27
N ARG O 49 -2.65 -62.34 -55.51
CA ARG O 49 -2.54 -63.44 -54.57
C ARG O 49 -1.08 -63.86 -54.36
N LYS O 50 -0.91 -64.80 -53.43
CA LYS O 50 0.39 -65.17 -52.85
C LYS O 50 1.07 -63.92 -52.27
N LEU O 51 0.48 -63.46 -51.16
CA LEU O 51 0.89 -62.25 -50.48
C LEU O 51 2.25 -62.43 -49.79
N TRP O 52 2.68 -61.39 -49.09
CA TRP O 52 4.02 -61.34 -48.52
C TRP O 52 4.20 -62.28 -47.34
N ALA O 53 3.11 -62.73 -46.73
CA ALA O 53 3.13 -63.65 -45.61
C ALA O 53 1.88 -64.50 -45.74
N PRO O 54 1.87 -65.73 -45.21
CA PRO O 54 0.74 -66.64 -45.50
C PRO O 54 -0.58 -66.20 -44.89
N GLY O 55 -0.59 -65.67 -43.68
CA GLY O 55 -1.86 -65.41 -43.02
C GLY O 55 -2.23 -63.95 -42.90
N VAL O 56 -2.04 -63.17 -43.96
CA VAL O 56 -2.24 -61.73 -43.90
C VAL O 56 -3.36 -61.36 -44.86
N VAL O 57 -4.26 -60.47 -44.41
CA VAL O 57 -5.27 -59.88 -45.28
C VAL O 57 -4.69 -58.65 -45.93
N ALA O 58 -4.88 -58.53 -47.24
CA ALA O 58 -4.36 -57.39 -48.00
C ALA O 58 -5.12 -56.11 -47.64
N PRO O 59 -4.48 -54.96 -47.79
CA PRO O 59 -5.19 -53.68 -47.64
C PRO O 59 -6.16 -53.46 -48.79
N GLU O 60 -7.03 -52.47 -48.60
CA GLU O 60 -8.10 -52.24 -49.56
C GLU O 60 -7.58 -51.63 -50.86
N TYR O 61 -6.54 -50.81 -50.77
CA TYR O 61 -5.97 -50.11 -51.91
C TYR O 61 -4.95 -50.94 -52.69
N LEU O 62 -4.86 -52.23 -52.43
CA LEU O 62 -3.88 -53.12 -53.04
C LEU O 62 -4.55 -54.31 -53.68
N LYS O 63 -5.54 -54.07 -54.53
CA LYS O 63 -6.32 -55.13 -55.14
C LYS O 63 -5.67 -55.72 -56.39
N GLY O 64 -4.36 -55.57 -56.57
CA GLY O 64 -3.67 -56.22 -57.67
C GLY O 64 -3.69 -55.46 -58.98
N ASP O 65 -4.05 -54.18 -58.96
CA ASP O 65 -3.97 -53.38 -60.18
C ASP O 65 -2.53 -53.11 -60.57
N LEU O 66 -1.71 -52.65 -59.63
CA LEU O 66 -0.30 -52.49 -59.90
C LEU O 66 0.40 -53.85 -59.87
N ALA O 67 1.59 -53.88 -60.45
CA ALA O 67 2.37 -55.10 -60.58
C ALA O 67 3.32 -55.24 -59.42
N GLY O 68 3.61 -56.48 -59.04
CA GLY O 68 4.37 -56.73 -57.84
C GLY O 68 3.59 -56.46 -56.58
N ASP O 69 2.27 -56.59 -56.64
CA ASP O 69 1.39 -56.26 -55.53
C ASP O 69 1.22 -57.49 -54.66
N TYR O 70 1.65 -57.39 -53.39
CA TYR O 70 1.67 -58.52 -52.48
C TYR O 70 0.95 -58.24 -51.18
N GLY O 71 -0.06 -57.37 -51.20
CA GLY O 71 -0.84 -57.07 -50.01
C GLY O 71 -0.03 -56.44 -48.90
N TRP O 72 1.01 -55.72 -49.28
CA TRP O 72 2.07 -55.29 -48.40
C TRP O 72 1.72 -53.91 -47.86
N ASP O 73 2.72 -53.10 -47.59
CA ASP O 73 2.71 -51.81 -46.92
C ASP O 73 2.24 -51.95 -45.48
N PRO O 74 3.05 -52.54 -44.59
CA PRO O 74 2.67 -52.53 -43.17
C PRO O 74 3.15 -51.28 -42.47
N LEU O 75 3.05 -50.14 -43.13
CA LEU O 75 3.36 -48.87 -42.49
C LEU O 75 2.42 -47.81 -43.03
N GLY O 76 1.44 -48.20 -43.85
CA GLY O 76 0.32 -47.36 -44.23
C GLY O 76 0.61 -46.30 -45.24
N LEU O 77 1.76 -46.36 -45.91
CA LEU O 77 2.22 -45.23 -46.70
C LEU O 77 1.45 -45.07 -48.01
N GLY O 78 0.94 -46.15 -48.57
CA GLY O 78 0.21 -46.07 -49.81
C GLY O 78 -1.27 -45.86 -49.67
N ALA O 79 -1.76 -45.44 -48.49
CA ALA O 79 -3.20 -45.35 -48.26
C ALA O 79 -3.84 -44.20 -49.00
N ASP O 80 -3.10 -43.15 -49.31
CA ASP O 80 -3.57 -42.07 -50.17
C ASP O 80 -3.24 -42.38 -51.63
N PRO O 81 -4.17 -42.17 -52.56
CA PRO O 81 -3.90 -42.54 -53.95
C PRO O 81 -2.86 -41.67 -54.63
N THR O 82 -2.90 -40.36 -54.37
CA THR O 82 -1.90 -39.46 -54.93
C THR O 82 -0.53 -39.70 -54.32
N ALA O 83 -0.49 -40.15 -53.07
CA ALA O 83 0.77 -40.57 -52.48
C ALA O 83 1.22 -41.91 -53.05
N LEU O 84 0.27 -42.79 -53.37
CA LEU O 84 0.63 -44.11 -53.88
C LEU O 84 1.21 -44.02 -55.29
N LYS O 85 0.71 -43.08 -56.11
CA LYS O 85 1.28 -42.92 -57.45
C LYS O 85 2.71 -42.40 -57.42
N TRP O 86 2.98 -41.45 -56.51
CA TRP O 86 4.33 -40.92 -56.35
C TRP O 86 5.27 -41.96 -55.76
N TYR O 87 4.78 -42.76 -54.82
CA TYR O 87 5.62 -43.80 -54.26
C TYR O 87 5.86 -44.93 -55.26
N ARG O 88 4.91 -45.14 -56.16
CA ARG O 88 5.11 -46.04 -57.29
C ARG O 88 6.20 -45.55 -58.22
N GLN O 89 6.16 -44.25 -58.53
CA GLN O 89 7.20 -43.67 -59.36
C GLN O 89 8.56 -43.73 -58.70
N SER O 90 8.63 -43.49 -57.39
CA SER O 90 9.91 -43.55 -56.71
C SER O 90 10.41 -44.99 -56.56
N GLU O 91 9.49 -45.96 -56.47
CA GLU O 91 9.93 -47.36 -56.47
C GLU O 91 10.48 -47.74 -57.83
N LEU O 92 9.87 -47.26 -58.91
CA LEU O 92 10.40 -47.50 -60.25
C LEU O 92 11.75 -46.83 -60.44
N GLN O 93 11.93 -45.62 -59.90
CA GLN O 93 13.20 -44.93 -60.02
C GLN O 93 14.31 -45.64 -59.25
N HIS O 94 14.05 -45.98 -57.97
CA HIS O 94 15.02 -46.71 -57.19
C HIS O 94 15.31 -48.08 -57.78
N ALA O 95 14.30 -48.73 -58.37
CA ALA O 95 14.49 -50.05 -58.96
C ALA O 95 15.39 -49.99 -60.18
N ARG O 96 15.15 -49.02 -61.07
CA ARG O 96 15.93 -48.96 -62.29
C ARG O 96 17.34 -48.46 -62.04
N TRP O 97 17.50 -47.45 -61.17
CA TRP O 97 18.84 -47.01 -60.85
C TRP O 97 19.60 -48.03 -60.02
N ALA O 98 18.89 -48.86 -59.25
CA ALA O 98 19.57 -49.91 -58.50
C ALA O 98 19.98 -51.06 -59.38
N MET O 99 19.20 -51.38 -60.42
CA MET O 99 19.65 -52.35 -61.41
C MET O 99 20.87 -51.86 -62.17
N LEU O 100 20.91 -50.55 -62.49
CA LEU O 100 22.13 -49.98 -63.07
C LEU O 100 23.28 -50.01 -62.08
N GLY O 101 23.01 -49.83 -60.79
CA GLY O 101 24.07 -49.87 -59.80
C GLY O 101 24.67 -51.25 -59.64
N VAL O 102 23.82 -52.28 -59.60
CA VAL O 102 24.31 -53.65 -59.50
C VAL O 102 25.06 -54.06 -60.76
N ALA O 103 24.47 -53.81 -61.93
CA ALA O 103 25.14 -54.14 -63.18
C ALA O 103 26.29 -53.21 -63.51
N GLY O 104 26.58 -52.20 -62.69
CA GLY O 104 27.82 -51.48 -62.83
C GLY O 104 28.88 -51.99 -61.90
N VAL O 105 28.49 -52.27 -60.65
CA VAL O 105 29.45 -52.67 -59.63
C VAL O 105 30.00 -54.06 -59.93
N LEU O 106 29.13 -55.01 -60.31
CA LEU O 106 29.64 -56.34 -60.61
C LEU O 106 30.02 -56.53 -62.08
N VAL O 107 30.26 -55.45 -62.81
CA VAL O 107 30.79 -55.56 -64.17
C VAL O 107 32.11 -54.79 -64.25
N GLN O 108 32.25 -53.74 -63.43
CA GLN O 108 33.50 -52.97 -63.47
C GLN O 108 34.65 -53.75 -62.85
N GLU O 109 34.35 -54.69 -61.95
CA GLU O 109 35.39 -55.58 -61.44
C GLU O 109 35.56 -56.83 -62.28
N ILE O 110 34.58 -57.15 -63.13
CA ILE O 110 34.81 -58.16 -64.16
C ILE O 110 35.80 -57.65 -65.19
N VAL O 111 35.62 -56.41 -65.65
CA VAL O 111 36.50 -55.89 -66.70
C VAL O 111 37.85 -55.46 -66.11
N LYS O 112 37.89 -55.06 -64.83
CA LYS O 112 39.13 -54.75 -64.14
C LYS O 112 38.98 -54.91 -62.63
N PRO O 113 39.46 -56.03 -62.07
CA PRO O 113 39.36 -56.21 -60.61
C PRO O 113 40.50 -55.55 -59.86
N ASP O 114 40.86 -54.33 -60.24
CA ASP O 114 41.83 -53.52 -59.52
C ASP O 114 41.24 -52.20 -59.08
N VAL O 115 40.54 -51.51 -59.98
CA VAL O 115 39.83 -50.29 -59.62
C VAL O 115 38.62 -50.66 -58.80
N TYR O 116 38.54 -50.14 -57.58
CA TYR O 116 37.53 -50.54 -56.61
C TYR O 116 36.35 -49.57 -56.66
N PHE O 117 35.14 -50.11 -56.56
CA PHE O 117 33.94 -49.34 -56.92
C PHE O 117 33.60 -48.27 -55.90
N TYR O 118 34.09 -48.40 -54.66
CA TYR O 118 33.82 -47.39 -53.66
C TYR O 118 34.56 -46.10 -53.98
N GLU O 119 35.87 -46.19 -54.18
CA GLU O 119 36.68 -45.06 -54.58
C GLU O 119 36.79 -44.91 -56.09
N ALA O 120 35.87 -45.49 -56.85
CA ALA O 120 35.87 -45.28 -58.29
C ALA O 120 35.39 -43.90 -58.68
N GLY O 121 34.77 -43.16 -57.75
CA GLY O 121 34.39 -41.79 -57.99
C GLY O 121 35.50 -40.79 -57.78
N LEU O 122 36.62 -41.20 -57.21
CA LEU O 122 37.75 -40.31 -57.03
C LEU O 122 38.41 -40.04 -58.38
N PRO O 123 38.91 -38.82 -58.61
CA PRO O 123 39.51 -38.49 -59.91
C PRO O 123 40.77 -39.27 -60.23
N GLN O 124 41.44 -39.81 -59.21
CA GLN O 124 42.63 -40.62 -59.43
C GLN O 124 42.26 -41.96 -60.07
N ASN O 125 41.04 -42.43 -59.83
CA ASN O 125 40.62 -43.76 -60.27
C ASN O 125 39.81 -43.72 -61.57
N LEU O 126 39.56 -42.54 -62.15
CA LEU O 126 38.92 -42.47 -63.44
C LEU O 126 39.84 -43.01 -64.54
N PRO O 127 39.27 -43.51 -65.65
CA PRO O 127 40.11 -44.04 -66.74
C PRO O 127 40.92 -42.99 -67.47
N GLU O 128 41.69 -43.44 -68.46
CA GLU O 128 42.77 -42.69 -69.10
C GLU O 128 42.35 -41.41 -69.84
N PRO O 129 41.25 -41.34 -70.61
CA PRO O 129 40.87 -40.02 -71.15
C PRO O 129 40.17 -39.11 -70.16
N PHE O 130 39.96 -39.55 -68.91
CA PHE O 130 39.28 -38.73 -67.92
C PHE O 130 40.04 -38.65 -66.59
N THR O 131 41.30 -39.06 -66.56
CA THR O 131 42.05 -39.10 -65.31
C THR O 131 42.37 -37.69 -64.85
N ASN O 132 42.06 -37.41 -63.57
CA ASN O 132 42.24 -36.12 -62.92
C ASN O 132 41.52 -35.00 -63.67
N ILE O 133 40.28 -35.29 -64.07
CA ILE O 133 39.43 -34.27 -64.63
C ILE O 133 38.96 -33.34 -63.52
N ASN O 134 38.64 -32.10 -63.89
CA ASN O 134 37.97 -31.21 -62.96
C ASN O 134 36.56 -31.76 -62.72
N MET O 135 36.29 -32.16 -61.48
CA MET O 135 34.99 -32.73 -61.14
C MET O 135 33.89 -31.69 -61.13
N GLY O 136 34.23 -30.40 -61.07
CA GLY O 136 33.23 -29.37 -61.15
C GLY O 136 32.56 -29.29 -62.51
N GLY O 137 33.36 -29.36 -63.58
CA GLY O 137 32.78 -29.33 -64.92
C GLY O 137 31.99 -30.59 -65.23
N LEU O 138 32.47 -31.74 -64.74
CA LEU O 138 31.75 -32.99 -64.88
C LEU O 138 30.43 -32.94 -64.11
N LEU O 139 30.45 -32.36 -62.92
CA LEU O 139 29.24 -32.19 -62.13
C LEU O 139 28.29 -31.20 -62.80
N ALA O 140 28.83 -30.23 -63.54
CA ALA O 140 27.98 -29.29 -64.27
C ALA O 140 27.27 -29.96 -65.43
N TRP O 141 28.02 -30.78 -66.19
CA TRP O 141 27.43 -31.60 -67.24
C TRP O 141 26.30 -32.48 -66.71
N GLU O 142 26.58 -33.20 -65.62
CA GLU O 142 25.57 -34.10 -65.06
C GLU O 142 24.38 -33.33 -64.50
N PHE O 143 24.64 -32.19 -63.85
CA PHE O 143 23.58 -31.40 -63.25
C PHE O 143 22.59 -30.89 -64.28
N ILE O 144 23.09 -30.30 -65.37
CA ILE O 144 22.16 -29.76 -66.35
C ILE O 144 21.51 -30.87 -67.16
N LEU O 145 22.28 -31.89 -67.56
CA LEU O 145 21.70 -32.97 -68.36
C LEU O 145 20.76 -33.86 -67.57
N MET O 146 20.81 -33.82 -66.24
CA MET O 146 19.80 -34.50 -65.44
C MET O 146 18.66 -33.58 -65.00
N HIS O 147 18.91 -32.28 -64.83
CA HIS O 147 17.82 -31.38 -64.49
C HIS O 147 16.90 -31.16 -65.67
N TRP O 148 17.36 -31.43 -66.89
CA TRP O 148 16.42 -31.52 -67.99
C TRP O 148 15.52 -32.74 -67.85
N VAL O 149 16.15 -33.93 -67.83
CA VAL O 149 15.46 -35.22 -67.95
C VAL O 149 14.52 -35.46 -66.79
N GLU O 150 14.99 -35.18 -65.58
CA GLU O 150 14.19 -35.40 -64.39
C GLU O 150 13.01 -34.44 -64.30
N VAL O 151 13.15 -33.21 -64.79
CA VAL O 151 12.00 -32.30 -64.75
C VAL O 151 11.00 -32.64 -65.85
N ARG O 152 11.46 -33.20 -66.98
CA ARG O 152 10.54 -33.75 -67.97
C ARG O 152 9.74 -34.92 -67.40
N ARG O 153 10.42 -35.82 -66.68
CA ARG O 153 9.74 -36.94 -66.03
C ARG O 153 8.83 -36.48 -64.90
N TRP O 154 9.23 -35.43 -64.19
CA TRP O 154 8.41 -34.87 -63.12
C TRP O 154 7.14 -34.25 -63.67
N GLN O 155 7.23 -33.59 -64.81
CA GLN O 155 6.02 -33.01 -65.40
C GLN O 155 5.19 -34.07 -66.10
N ASP O 156 5.78 -35.22 -66.44
CA ASP O 156 4.94 -36.37 -66.75
C ASP O 156 4.17 -36.85 -65.53
N TYR O 157 4.77 -36.77 -64.33
CA TYR O 157 4.02 -37.11 -63.13
C TYR O 157 2.91 -36.11 -62.85
N LYS O 158 3.24 -34.81 -62.89
CA LYS O 158 2.31 -33.79 -62.44
C LYS O 158 1.14 -33.62 -63.40
N ASN O 159 1.37 -33.84 -64.69
CA ASN O 159 0.31 -33.74 -65.69
C ASN O 159 0.59 -34.82 -66.73
N PHE O 160 -0.05 -35.97 -66.55
CA PHE O 160 0.20 -37.13 -67.40
C PHE O 160 -0.36 -36.90 -68.80
N GLY O 161 0.49 -37.04 -69.80
CA GLY O 161 0.09 -36.90 -71.18
C GLY O 161 0.48 -35.56 -71.79
N SER O 162 0.79 -34.57 -70.96
CA SER O 162 1.17 -33.27 -71.49
C SER O 162 2.63 -33.22 -71.92
N VAL O 163 3.45 -34.15 -71.43
CA VAL O 163 4.85 -34.22 -71.85
C VAL O 163 5.04 -35.52 -72.62
N ASN O 164 4.86 -35.44 -73.93
CA ASN O 164 5.17 -36.54 -74.85
C ASN O 164 5.87 -36.10 -76.11
N GLU O 165 5.81 -34.84 -76.48
CA GLU O 165 6.33 -34.38 -77.76
C GLU O 165 7.79 -33.95 -77.62
N ASP O 166 8.55 -34.21 -78.66
CA ASP O 166 9.89 -33.66 -78.77
C ASP O 166 9.76 -32.15 -78.96
N PRO O 167 10.23 -31.32 -78.03
CA PRO O 167 9.92 -29.89 -78.09
C PRO O 167 10.69 -29.13 -79.16
N ILE O 168 11.93 -29.57 -79.45
CA ILE O 168 12.67 -28.99 -80.56
C ILE O 168 12.05 -29.40 -81.88
N PHE O 169 11.89 -30.71 -82.07
CA PHE O 169 11.38 -31.27 -83.32
C PHE O 169 9.91 -31.59 -83.09
N LYS O 170 9.04 -30.63 -83.41
CA LYS O 170 7.60 -30.76 -83.18
C LYS O 170 7.00 -31.78 -84.13
N GLY O 171 7.27 -33.05 -83.86
CA GLY O 171 6.88 -34.15 -84.72
C GLY O 171 6.33 -35.31 -83.92
N ASN O 172 7.03 -36.44 -84.06
CA ASN O 172 6.70 -37.68 -83.38
C ASN O 172 6.69 -37.55 -81.86
N LYS O 173 5.70 -38.19 -81.24
CA LYS O 173 5.50 -38.18 -79.81
C LYS O 173 6.13 -39.42 -79.20
N VAL O 174 5.84 -39.67 -77.93
CA VAL O 174 6.13 -40.94 -77.26
C VAL O 174 4.79 -41.54 -76.83
N PRO O 175 4.42 -42.72 -77.32
CA PRO O 175 3.18 -43.34 -76.84
C PRO O 175 3.33 -43.87 -75.43
N ASN O 176 2.76 -43.16 -74.46
CA ASN O 176 2.96 -43.42 -73.03
C ASN O 176 1.73 -44.11 -72.47
N PRO O 177 1.73 -45.45 -72.33
CA PRO O 177 0.49 -46.13 -71.94
C PRO O 177 0.11 -45.93 -70.49
N GLU O 178 1.07 -45.99 -69.57
CA GLU O 178 0.82 -45.71 -68.18
C GLU O 178 2.05 -45.04 -67.59
N MET O 179 1.86 -44.44 -66.42
CA MET O 179 2.86 -43.56 -65.84
C MET O 179 4.07 -44.36 -65.36
N GLY O 180 5.26 -43.83 -65.65
CA GLY O 180 6.49 -44.51 -65.35
C GLY O 180 6.98 -45.45 -66.43
N TYR O 181 6.21 -45.60 -67.51
CA TYR O 181 6.57 -46.49 -68.62
C TYR O 181 6.38 -45.72 -69.91
N PRO O 182 7.31 -44.82 -70.26
CA PRO O 182 7.13 -44.01 -71.48
C PRO O 182 7.17 -44.81 -72.78
N GLY O 183 8.22 -45.58 -73.04
CA GLY O 183 8.26 -46.35 -74.26
C GLY O 183 8.59 -45.52 -75.49
N GLY O 184 8.19 -46.05 -76.64
CA GLY O 184 8.28 -45.32 -77.89
C GLY O 184 9.70 -45.31 -78.42
N ILE O 185 10.53 -44.43 -77.85
CA ILE O 185 11.96 -44.45 -78.13
C ILE O 185 12.71 -45.11 -76.98
N PHE O 186 12.06 -45.26 -75.82
CA PHE O 186 12.60 -46.06 -74.74
C PHE O 186 12.33 -47.55 -74.92
N ASP O 187 11.63 -47.92 -76.00
CA ASP O 187 11.58 -49.30 -76.50
C ASP O 187 12.14 -49.33 -77.90
N PRO O 188 13.47 -49.31 -78.06
CA PRO O 188 14.03 -49.46 -79.41
C PRO O 188 13.92 -50.87 -79.94
N PHE O 189 13.75 -51.86 -79.07
CA PHE O 189 13.64 -53.25 -79.49
C PHE O 189 12.20 -53.75 -79.48
N GLY O 190 11.27 -52.98 -78.92
CA GLY O 190 9.87 -53.33 -78.96
C GLY O 190 9.49 -54.54 -78.15
N PHE O 191 10.14 -54.76 -77.01
CA PHE O 191 9.80 -55.90 -76.16
C PHE O 191 8.46 -55.71 -75.46
N SER O 192 7.95 -54.48 -75.44
CA SER O 192 6.58 -54.21 -75.01
C SER O 192 5.62 -54.49 -76.16
N LYS O 193 4.38 -54.00 -76.03
CA LYS O 193 3.26 -54.29 -76.94
C LYS O 193 2.99 -55.79 -77.02
N GLY O 194 3.21 -56.47 -75.90
CA GLY O 194 2.88 -57.87 -75.73
C GLY O 194 2.17 -58.03 -74.41
N ASN O 195 2.71 -58.87 -73.52
CA ASN O 195 2.19 -58.99 -72.16
C ASN O 195 2.99 -58.01 -71.30
N LEU O 196 2.48 -56.79 -71.17
CA LEU O 196 3.18 -55.75 -70.44
C LEU O 196 3.11 -55.99 -68.93
N LYS O 197 2.07 -56.68 -68.46
CA LYS O 197 1.95 -57.00 -67.04
C LYS O 197 3.02 -57.99 -66.61
N GLU O 198 3.32 -58.98 -67.47
CA GLU O 198 4.32 -60.00 -67.19
C GLU O 198 5.71 -59.38 -67.05
N LEU O 199 6.14 -58.64 -68.07
CA LEU O 199 7.43 -57.97 -68.04
C LEU O 199 7.48 -56.88 -66.98
N GLN O 200 6.33 -56.32 -66.63
CA GLN O 200 6.28 -55.32 -65.58
C GLN O 200 6.55 -55.94 -64.21
N THR O 201 5.94 -57.10 -63.93
CA THR O 201 6.26 -57.85 -62.72
C THR O 201 7.71 -58.31 -62.71
N LYS O 202 8.24 -58.71 -63.87
CA LYS O 202 9.64 -59.10 -63.96
C LYS O 202 10.57 -57.94 -63.64
N GLU O 203 10.25 -56.74 -64.14
CA GLU O 203 11.05 -55.55 -63.90
C GLU O 203 11.03 -55.17 -62.44
N ILE O 204 9.87 -55.23 -61.81
CA ILE O 204 9.75 -54.82 -60.42
C ILE O 204 10.43 -55.83 -59.50
N LYS O 205 10.36 -57.12 -59.82
CA LYS O 205 10.99 -58.11 -58.94
C LYS O 205 12.50 -58.08 -59.06
N ASN O 206 13.04 -58.04 -60.30
CA ASN O 206 14.48 -57.86 -60.48
C ASN O 206 14.94 -56.52 -59.91
N GLY O 207 14.08 -55.49 -59.96
CA GLY O 207 14.47 -54.19 -59.43
C GLY O 207 14.55 -54.15 -57.92
N ARG O 208 13.58 -54.76 -57.24
CA ARG O 208 13.61 -54.84 -55.78
C ARG O 208 14.78 -55.68 -55.29
N LEU O 209 15.02 -56.81 -55.98
CA LEU O 209 16.17 -57.63 -55.66
C LEU O 209 17.47 -56.88 -55.89
N ALA O 210 17.52 -56.02 -56.91
CA ALA O 210 18.71 -55.21 -57.12
C ALA O 210 18.83 -54.05 -56.15
N MET O 211 17.72 -53.55 -55.59
CA MET O 211 17.81 -52.54 -54.54
C MET O 211 18.44 -53.13 -53.29
N ILE O 212 17.94 -54.30 -52.87
CA ILE O 212 18.53 -55.00 -51.73
C ILE O 212 19.95 -55.43 -52.04
N ALA O 213 20.22 -55.79 -53.29
CA ALA O 213 21.58 -56.15 -53.68
C ALA O 213 22.52 -54.96 -53.64
N TYR O 214 22.06 -53.77 -54.01
CA TYR O 214 22.99 -52.65 -54.03
C TYR O 214 23.21 -52.09 -52.63
N MET O 215 22.17 -52.05 -51.80
CA MET O 215 22.41 -51.71 -50.41
C MET O 215 23.12 -52.80 -49.65
N ALA O 216 23.12 -54.02 -50.18
CA ALA O 216 24.07 -55.01 -49.70
C ALA O 216 25.48 -54.63 -50.11
N PHE O 217 25.71 -54.43 -51.43
CA PHE O 217 27.03 -54.11 -52.02
C PHE O 217 27.74 -52.96 -51.33
N ILE O 218 26.98 -51.98 -50.84
CA ILE O 218 27.62 -50.94 -50.05
C ILE O 218 27.99 -51.44 -48.66
N LEU O 219 27.11 -52.22 -48.01
CA LEU O 219 27.38 -52.59 -46.63
C LEU O 219 28.35 -53.76 -46.49
N GLN O 220 28.52 -54.56 -47.52
CA GLN O 220 29.58 -55.56 -47.55
C GLN O 220 30.86 -54.96 -48.12
N ALA O 221 30.89 -53.65 -48.27
CA ALA O 221 32.07 -52.89 -48.65
C ALA O 221 32.46 -51.85 -47.64
N GLN O 222 31.56 -51.48 -46.73
CA GLN O 222 31.92 -50.61 -45.63
C GLN O 222 32.53 -51.40 -44.48
N ALA O 223 32.07 -52.63 -44.28
CA ALA O 223 32.54 -53.43 -43.16
C ALA O 223 33.93 -53.99 -43.43
N THR O 224 34.19 -54.46 -44.63
CA THR O 224 35.43 -55.14 -44.93
C THR O 224 36.27 -54.47 -46.01
N GLY O 225 35.73 -53.49 -46.73
CA GLY O 225 36.50 -52.78 -47.73
C GLY O 225 36.83 -53.65 -48.93
N LYS O 226 35.81 -54.31 -49.46
CA LYS O 226 36.03 -55.37 -50.43
C LYS O 226 34.80 -55.45 -51.34
N GLY O 227 35.04 -55.70 -52.62
CA GLY O 227 33.98 -55.70 -53.60
C GLY O 227 33.09 -56.92 -53.47
N PRO O 228 31.93 -56.90 -54.14
CA PRO O 228 30.92 -57.95 -53.93
C PRO O 228 31.32 -59.34 -54.38
N LEU O 229 31.87 -59.46 -55.60
CA LEU O 229 32.45 -60.73 -56.00
C LEU O 229 33.70 -61.05 -55.19
N ALA O 230 34.44 -60.02 -54.78
CA ALA O 230 35.62 -60.25 -53.97
C ALA O 230 35.25 -60.64 -52.55
N ALA O 231 34.15 -60.09 -52.00
CA ALA O 231 33.67 -60.56 -50.72
C ALA O 231 33.04 -61.93 -50.81
N LEU O 232 32.46 -62.28 -51.97
CA LEU O 232 31.98 -63.64 -52.18
C LEU O 232 33.13 -64.63 -52.22
N SER O 233 34.24 -64.26 -52.86
CA SER O 233 35.42 -65.11 -52.85
C SER O 233 36.05 -65.18 -51.47
N ALA O 234 35.98 -64.10 -50.69
CA ALA O 234 36.48 -64.14 -49.32
C ALA O 234 35.63 -65.02 -48.42
N HIS O 235 34.31 -65.06 -48.66
CA HIS O 235 33.47 -66.03 -47.95
C HIS O 235 33.80 -67.45 -48.38
N LEU O 236 33.96 -67.68 -49.68
CA LEU O 236 34.27 -69.02 -50.16
C LEU O 236 35.67 -69.49 -49.78
N SER O 237 36.56 -68.59 -49.38
CA SER O 237 37.85 -68.99 -48.85
C SER O 237 37.69 -69.63 -47.48
N ASN O 238 37.16 -68.88 -46.52
CA ASN O 238 36.96 -69.35 -45.14
C ASN O 238 35.55 -68.96 -44.73
N PRO O 239 34.57 -69.87 -44.85
CA PRO O 239 33.19 -69.46 -44.56
C PRO O 239 32.81 -69.51 -43.10
N PHE O 240 33.72 -69.14 -42.20
CA PHE O 240 33.41 -69.06 -40.77
C PHE O 240 34.06 -67.89 -40.07
N GLY O 241 35.04 -67.22 -40.67
CA GLY O 241 35.65 -66.04 -40.09
C GLY O 241 35.57 -64.87 -41.04
N ASN O 242 35.03 -65.12 -42.23
CA ASN O 242 34.83 -64.09 -43.24
C ASN O 242 33.34 -63.96 -43.53
N ASN O 243 32.55 -63.86 -42.48
CA ASN O 243 31.10 -63.71 -42.55
C ASN O 243 30.68 -62.38 -41.92
N ILE O 244 29.37 -62.23 -41.72
CA ILE O 244 28.81 -61.09 -41.00
C ILE O 244 29.38 -61.00 -39.58
N LEU O 245 29.70 -62.12 -38.97
CA LEU O 245 30.34 -62.10 -37.66
C LEU O 245 31.78 -61.63 -37.79
N LYS O 246 32.24 -60.85 -36.81
CA LYS O 246 33.59 -60.29 -36.72
C LYS O 246 33.96 -59.39 -37.89
N ASN O 247 32.97 -58.93 -38.65
CA ASN O 247 33.13 -57.90 -39.67
C ASN O 247 32.22 -56.72 -39.43
N ILE O 248 30.99 -56.96 -38.97
CA ILE O 248 30.18 -55.87 -38.44
C ILE O 248 30.87 -55.31 -37.21
N GLY O 249 30.80 -53.99 -37.05
CA GLY O 249 31.47 -53.31 -35.96
C GLY O 249 32.72 -52.55 -36.38
N THR O 250 33.27 -52.85 -37.55
CA THR O 250 34.37 -52.06 -38.09
C THR O 250 33.93 -51.38 -39.38
N CYS O 251 34.41 -50.17 -39.58
CA CYS O 251 34.05 -49.31 -40.72
C CYS O 251 35.35 -48.93 -41.40
N THR O 252 35.65 -49.58 -42.53
CA THR O 252 36.87 -49.33 -43.29
C THR O 252 36.79 -48.04 -44.10
N VAL O 253 35.68 -47.34 -44.07
CA VAL O 253 35.53 -46.05 -44.74
C VAL O 253 36.34 -45.01 -43.99
N PRO O 254 37.21 -44.25 -44.64
CA PRO O 254 37.90 -43.15 -43.97
C PRO O 254 36.93 -41.99 -43.73
N HIS O 255 37.31 -41.12 -42.78
CA HIS O 255 36.40 -40.05 -42.39
C HIS O 255 36.34 -38.96 -43.44
N SER O 256 37.42 -38.72 -44.18
CA SER O 256 37.42 -37.68 -45.19
C SER O 256 38.39 -38.04 -46.30
N VAL O 257 38.04 -37.70 -47.53
CA VAL O 257 38.93 -37.84 -48.67
C VAL O 257 38.93 -36.51 -49.42
N ASP O 258 40.12 -35.92 -49.56
CA ASP O 258 40.24 -34.66 -50.27
C ASP O 258 40.11 -34.91 -51.76
N VAL O 259 39.00 -34.47 -52.34
CA VAL O 259 38.78 -34.55 -53.78
C VAL O 259 39.08 -33.16 -54.32
N GLN O 260 40.34 -32.96 -54.72
CA GLN O 260 40.84 -31.77 -55.41
C GLN O 260 40.62 -30.48 -54.62
N GLY O 261 40.49 -30.57 -53.31
CA GLY O 261 40.23 -29.42 -52.46
C GLY O 261 38.99 -29.52 -51.59
N LEU O 262 38.11 -30.49 -51.83
CA LEU O 262 36.89 -30.65 -51.02
C LEU O 262 36.99 -31.86 -50.11
N THR O 263 36.49 -31.72 -48.90
CA THR O 263 36.43 -32.80 -47.92
C THR O 263 34.99 -33.29 -47.81
N ILE O 264 34.78 -34.57 -48.08
CA ILE O 264 33.45 -35.18 -48.10
C ILE O 264 33.29 -35.97 -46.80
N PRO O 265 32.13 -35.91 -46.14
CA PRO O 265 32.03 -36.45 -44.76
C PRO O 265 32.09 -37.97 -44.63
N LEU O 266 31.64 -38.75 -45.63
CA LEU O 266 31.99 -40.16 -45.83
C LEU O 266 31.64 -41.05 -44.63
N THR O 267 30.34 -41.21 -44.40
CA THR O 267 29.87 -41.94 -43.23
C THR O 267 29.46 -43.37 -43.60
N CYS O 268 29.67 -44.31 -42.67
CA CYS O 268 29.05 -45.63 -42.75
C CYS O 268 27.58 -45.54 -42.35
N LEU O 269 26.86 -46.66 -42.44
CA LEU O 269 25.44 -46.67 -42.06
C LEU O 269 25.21 -47.19 -40.66
N TRP O 270 26.24 -47.71 -40.01
CA TRP O 270 26.26 -48.09 -38.61
C TRP O 270 27.46 -47.45 -37.93
N PRO O 271 27.41 -47.26 -36.62
CA PRO O 271 28.58 -46.75 -35.90
C PRO O 271 29.63 -47.81 -35.61
N GLY O 272 30.87 -47.35 -35.50
CA GLY O 272 31.95 -48.25 -35.09
C GLY O 272 32.97 -48.48 -36.18
N SER O 273 34.16 -47.91 -36.02
CA SER O 273 35.23 -48.07 -37.01
C SER O 273 36.13 -49.23 -36.61
N SER P 89 -3.86 -22.49 -75.54
CA SER P 89 -2.96 -23.47 -76.14
C SER P 89 -1.69 -22.80 -76.65
N ARG P 90 -1.31 -21.71 -76.00
CA ARG P 90 -0.07 -21.03 -76.32
C ARG P 90 1.10 -21.79 -75.72
N PRO P 91 2.32 -21.61 -76.26
CA PRO P 91 3.49 -22.20 -75.61
C PRO P 91 3.77 -21.56 -74.27
N LEU P 92 4.27 -22.36 -73.35
CA LEU P 92 4.45 -21.95 -71.97
C LEU P 92 5.90 -22.08 -71.57
N TRP P 93 6.21 -21.54 -70.39
CA TRP P 93 7.56 -21.62 -69.85
C TRP P 93 7.89 -23.02 -69.39
N LEU P 94 6.87 -23.79 -69.05
CA LEU P 94 6.93 -25.18 -68.64
C LEU P 94 5.76 -25.84 -69.33
N PRO P 95 5.99 -26.75 -70.29
CA PRO P 95 4.93 -27.12 -71.24
C PRO P 95 3.73 -27.85 -70.65
N GLY P 96 3.93 -28.66 -69.62
CA GLY P 96 2.78 -29.34 -69.05
C GLY P 96 1.93 -28.50 -68.13
N SER P 97 2.40 -27.31 -67.76
CA SER P 97 1.78 -26.53 -66.71
C SER P 97 0.48 -25.88 -67.17
N THR P 98 -0.22 -25.31 -66.22
CA THR P 98 -1.33 -24.43 -66.48
C THR P 98 -0.93 -23.02 -66.12
N PRO P 99 -1.16 -22.04 -66.99
CA PRO P 99 -0.81 -20.66 -66.67
C PRO P 99 -1.76 -20.11 -65.63
N PRO P 100 -1.35 -19.09 -64.88
CA PRO P 100 -2.25 -18.49 -63.90
C PRO P 100 -3.39 -17.73 -64.57
N ALA P 101 -4.44 -17.48 -63.79
CA ALA P 101 -5.67 -16.92 -64.34
C ALA P 101 -5.50 -15.48 -64.79
N HIS P 102 -4.55 -14.75 -64.19
CA HIS P 102 -4.27 -13.38 -64.60
C HIS P 102 -3.39 -13.31 -65.83
N LEU P 103 -2.82 -14.42 -66.28
CA LEU P 103 -2.01 -14.47 -67.49
C LEU P 103 -2.77 -15.27 -68.54
N LYS P 104 -3.42 -14.57 -69.46
CA LYS P 104 -4.30 -15.21 -70.43
C LYS P 104 -3.80 -15.06 -71.85
N GLY P 105 -2.50 -14.81 -72.03
CA GLY P 105 -1.93 -14.69 -73.36
C GLY P 105 -2.22 -13.38 -74.05
N ASP P 106 -2.79 -12.40 -73.35
CA ASP P 106 -3.13 -11.13 -73.97
C ASP P 106 -1.87 -10.32 -74.28
N LEU P 107 -1.02 -10.16 -73.29
CA LEU P 107 0.20 -9.37 -73.44
C LEU P 107 1.22 -10.15 -74.27
N PRO P 108 2.11 -9.45 -74.97
CA PRO P 108 3.20 -10.15 -75.65
C PRO P 108 4.24 -10.67 -74.67
N GLY P 109 4.81 -11.82 -74.99
CA GLY P 109 5.70 -12.49 -74.07
C GLY P 109 5.02 -13.20 -72.93
N ASP P 110 3.70 -13.30 -72.95
CA ASP P 110 2.94 -13.98 -71.90
C ASP P 110 3.04 -15.47 -72.12
N PHE P 111 3.99 -16.10 -71.43
CA PHE P 111 4.16 -17.54 -71.47
C PHE P 111 3.72 -18.20 -70.18
N GLY P 112 2.85 -17.55 -69.42
CA GLY P 112 2.32 -18.16 -68.22
C GLY P 112 3.28 -18.23 -67.06
N PHE P 113 4.38 -17.49 -67.10
CA PHE P 113 5.36 -17.51 -66.02
C PHE P 113 5.07 -16.37 -65.07
N ASP P 114 4.39 -16.68 -63.97
CA ASP P 114 4.39 -15.83 -62.79
C ASP P 114 4.07 -16.71 -61.59
N PRO P 115 5.06 -17.44 -61.07
CA PRO P 115 4.78 -18.37 -59.97
C PRO P 115 4.56 -17.69 -58.64
N LEU P 116 5.06 -16.49 -58.45
CA LEU P 116 4.87 -15.78 -57.18
C LEU P 116 3.61 -14.95 -57.15
N GLY P 117 2.80 -14.96 -58.20
CA GLY P 117 1.55 -14.24 -58.16
C GLY P 117 1.64 -12.74 -58.27
N LEU P 118 2.77 -12.23 -58.77
CA LEU P 118 3.01 -10.79 -58.77
C LEU P 118 2.15 -10.04 -59.78
N GLY P 119 1.68 -10.72 -60.82
CA GLY P 119 0.86 -10.07 -61.83
C GLY P 119 -0.62 -10.29 -61.63
N ALA P 120 -1.01 -10.57 -60.38
CA ALA P 120 -2.42 -10.81 -60.10
C ALA P 120 -3.22 -9.51 -60.14
N ASN P 121 -2.69 -8.44 -59.56
CA ASN P 121 -3.38 -7.16 -59.57
C ASN P 121 -3.29 -6.55 -60.96
N ALA P 122 -4.42 -6.04 -61.45
CA ALA P 122 -4.45 -5.49 -62.81
C ALA P 122 -3.77 -4.14 -62.88
N GLU P 123 -3.87 -3.34 -61.82
CA GLU P 123 -3.23 -2.03 -61.81
C GLU P 123 -1.72 -2.16 -61.69
N SER P 124 -1.26 -3.13 -60.90
CA SER P 124 0.17 -3.32 -60.71
C SER P 124 0.83 -3.99 -61.90
N LEU P 125 0.07 -4.75 -62.69
CA LEU P 125 0.63 -5.43 -63.84
C LEU P 125 1.00 -4.46 -64.95
N LYS P 126 0.33 -3.30 -65.02
CA LYS P 126 0.70 -2.28 -65.99
C LYS P 126 2.06 -1.68 -65.68
N TRP P 127 2.27 -1.35 -64.40
CA TRP P 127 3.57 -0.87 -63.93
C TRP P 127 4.65 -1.91 -64.14
N PHE P 128 4.30 -3.19 -63.92
CA PHE P 128 5.29 -4.25 -64.11
C PHE P 128 5.62 -4.48 -65.57
N LYS P 129 4.63 -4.31 -66.46
CA LYS P 129 4.89 -4.41 -67.89
C LYS P 129 5.78 -3.28 -68.36
N GLU P 130 5.52 -2.06 -67.87
CA GLU P 130 6.37 -0.93 -68.22
C GLU P 130 7.79 -1.12 -67.71
N SER P 131 7.94 -1.59 -66.47
CA SER P 131 9.29 -1.79 -65.94
C SER P 131 9.99 -2.97 -66.59
N GLU P 132 9.26 -3.97 -67.08
CA GLU P 132 9.91 -5.04 -67.84
C GLU P 132 10.39 -4.52 -69.18
N LEU P 133 9.58 -3.70 -69.84
CA LEU P 133 10.00 -3.10 -71.11
C LEU P 133 11.19 -2.17 -70.94
N VAL P 134 11.21 -1.38 -69.87
CA VAL P 134 12.29 -0.41 -69.69
C VAL P 134 13.58 -1.11 -69.23
N HIS P 135 13.48 -2.04 -68.27
CA HIS P 135 14.60 -2.91 -67.93
C HIS P 135 15.15 -3.67 -69.13
N SER P 136 14.26 -4.15 -70.00
CA SER P 136 14.70 -4.93 -71.16
C SER P 136 15.40 -4.05 -72.19
N ARG P 137 14.89 -2.84 -72.42
CA ARG P 137 15.51 -1.96 -73.41
C ARG P 137 16.84 -1.43 -72.92
N TRP P 138 16.92 -1.03 -71.65
CA TRP P 138 18.21 -0.62 -71.08
C TRP P 138 19.19 -1.78 -71.06
N ALA P 139 18.72 -3.00 -70.85
CA ALA P 139 19.63 -4.14 -70.85
C ALA P 139 20.10 -4.50 -72.24
N MET P 140 19.23 -4.37 -73.25
CA MET P 140 19.68 -4.62 -74.62
C MET P 140 20.70 -3.60 -75.07
N ALA P 141 20.44 -2.31 -74.77
CA ALA P 141 21.41 -1.27 -75.10
C ALA P 141 22.71 -1.46 -74.34
N ALA P 142 22.64 -1.92 -73.09
CA ALA P 142 23.84 -2.14 -72.30
C ALA P 142 24.64 -3.34 -72.78
N VAL P 143 23.97 -4.44 -73.15
CA VAL P 143 24.66 -5.62 -73.63
C VAL P 143 25.33 -5.34 -74.97
N ALA P 144 24.62 -4.65 -75.88
CA ALA P 144 25.24 -4.23 -77.12
C ALA P 144 26.38 -3.26 -76.88
N GLY P 145 26.27 -2.41 -75.87
CA GLY P 145 27.35 -1.49 -75.57
C GLY P 145 28.59 -2.16 -75.04
N ILE P 146 28.42 -3.12 -74.13
CA ILE P 146 29.57 -3.82 -73.57
C ILE P 146 30.23 -4.70 -74.63
N LEU P 147 29.43 -5.33 -75.49
CA LEU P 147 30.02 -6.18 -76.54
C LEU P 147 30.72 -5.34 -77.61
N VAL P 148 30.12 -4.25 -78.07
CA VAL P 148 30.77 -3.42 -79.08
C VAL P 148 31.97 -2.68 -78.49
N GLN P 149 31.87 -2.25 -77.23
CA GLN P 149 32.96 -1.62 -76.52
C GLN P 149 34.13 -2.59 -76.29
N GLU P 150 33.85 -3.88 -76.20
CA GLU P 150 34.94 -4.83 -76.13
C GLU P 150 35.53 -5.14 -77.50
N ILE P 151 34.69 -5.20 -78.55
CA ILE P 151 35.22 -5.56 -79.86
C ILE P 151 35.87 -4.39 -80.59
N VAL P 152 35.75 -3.16 -80.09
CA VAL P 152 36.48 -2.05 -80.67
C VAL P 152 37.58 -1.51 -79.76
N ARG P 153 37.51 -1.75 -78.45
CA ARG P 153 38.55 -1.31 -77.53
C ARG P 153 38.88 -2.44 -76.57
N PRO P 154 39.73 -3.38 -76.99
CA PRO P 154 40.10 -4.49 -76.09
C PRO P 154 41.04 -4.06 -74.97
N ASP P 155 41.63 -2.86 -75.06
CA ASP P 155 42.53 -2.39 -74.02
C ASP P 155 41.77 -2.11 -72.73
N VAL P 156 40.69 -1.37 -72.82
CA VAL P 156 39.98 -0.89 -71.64
C VAL P 156 38.84 -1.86 -71.30
N PHE P 157 38.51 -1.90 -70.02
CA PHE P 157 37.61 -2.88 -69.45
C PHE P 157 36.34 -2.19 -68.96
N TRP P 158 35.18 -2.80 -69.29
CA TRP P 158 33.91 -2.08 -69.22
C TRP P 158 33.46 -1.80 -67.80
N TYR P 159 33.86 -2.65 -66.85
CA TYR P 159 33.59 -2.37 -65.45
C TYR P 159 34.40 -1.16 -64.98
N ASN P 160 35.59 -0.97 -65.54
CA ASN P 160 36.46 0.15 -65.24
C ASN P 160 36.24 1.33 -66.19
N ALA P 161 35.33 1.20 -67.15
CA ALA P 161 35.15 2.22 -68.19
C ALA P 161 34.55 3.52 -67.67
N GLY P 162 34.02 3.53 -66.45
CA GLY P 162 33.57 4.79 -65.90
C GLY P 162 34.64 5.47 -65.09
N LYS P 163 35.82 4.88 -65.05
CA LYS P 163 36.90 5.40 -64.21
C LYS P 163 38.03 6.02 -65.01
N GLU P 164 38.25 5.54 -66.23
CA GLU P 164 39.40 5.96 -67.04
C GLU P 164 38.97 6.67 -68.32
N VAL P 165 37.72 7.14 -68.40
CA VAL P 165 37.22 7.72 -69.64
C VAL P 165 37.87 9.09 -69.91
N GLU P 166 38.15 9.84 -68.84
CA GLU P 166 38.89 11.12 -68.87
C GLU P 166 38.27 12.13 -69.83
N SER P 167 37.00 12.43 -69.59
CA SER P 167 36.27 13.38 -70.42
C SER P 167 36.76 14.80 -70.16
N PRO P 168 36.76 15.66 -71.19
CA PRO P 168 37.10 17.07 -70.97
C PRO P 168 36.00 17.84 -70.27
N LEU P 169 34.78 17.30 -70.21
CA LEU P 169 33.63 18.03 -69.70
C LEU P 169 33.40 17.77 -68.21
N GLY P 170 34.43 17.35 -67.48
CA GLY P 170 34.35 17.25 -66.04
C GLY P 170 33.61 16.02 -65.55
N PRO P 171 33.85 15.65 -64.29
CA PRO P 171 33.09 14.52 -63.72
C PRO P 171 31.65 14.87 -63.40
N LEU P 172 31.39 16.03 -62.81
CA LEU P 172 30.05 16.37 -62.36
C LEU P 172 29.20 17.07 -63.42
N GLY P 173 29.81 17.59 -64.47
CA GLY P 173 29.03 18.23 -65.52
C GLY P 173 28.27 17.22 -66.33
N LEU P 174 28.90 16.06 -66.55
CA LEU P 174 28.24 14.92 -67.15
C LEU P 174 27.05 14.47 -66.32
N LEU P 175 27.22 14.39 -65.00
CA LEU P 175 26.14 13.93 -64.16
C LEU P 175 25.03 14.96 -64.05
N ALA P 176 25.36 16.25 -64.16
CA ALA P 176 24.32 17.28 -64.15
C ALA P 176 23.50 17.28 -65.42
N VAL P 177 24.17 17.18 -66.58
CA VAL P 177 23.45 17.11 -67.85
C VAL P 177 22.62 15.84 -67.93
N GLU P 178 23.18 14.71 -67.48
CA GLU P 178 22.43 13.47 -67.46
C GLU P 178 21.24 13.54 -66.50
N PHE P 179 21.42 14.21 -65.36
CA PHE P 179 20.35 14.33 -64.38
C PHE P 179 19.18 15.12 -64.95
N PHE P 180 19.44 16.28 -65.53
CA PHE P 180 18.33 17.08 -66.07
C PHE P 180 17.72 16.44 -67.31
N LEU P 181 18.56 15.91 -68.21
CA LEU P 181 18.08 15.36 -69.47
C LEU P 181 17.35 14.04 -69.27
N MET P 182 17.63 13.30 -68.20
CA MET P 182 16.89 12.09 -67.86
C MET P 182 15.70 12.37 -66.96
N HIS P 183 15.78 13.37 -66.08
CA HIS P 183 14.64 13.73 -65.26
C HIS P 183 13.54 14.34 -66.10
N TRP P 184 13.88 14.89 -67.26
CA TRP P 184 12.84 15.26 -68.22
C TRP P 184 12.14 14.03 -68.77
N VAL P 185 12.90 13.15 -69.43
CA VAL P 185 12.37 12.04 -70.21
C VAL P 185 11.61 11.04 -69.34
N GLU P 186 12.15 10.78 -68.15
CA GLU P 186 11.53 9.82 -67.26
C GLU P 186 10.21 10.32 -66.68
N VAL P 187 10.12 11.61 -66.37
CA VAL P 187 8.85 12.17 -65.90
C VAL P 187 7.83 12.22 -67.04
N ARG P 188 8.30 12.43 -68.28
CA ARG P 188 7.41 12.32 -69.44
C ARG P 188 6.84 10.91 -69.57
N ARG P 189 7.70 9.91 -69.46
CA ARG P 189 7.26 8.51 -69.56
C ARG P 189 6.37 8.11 -68.39
N TRP P 190 6.67 8.61 -67.20
CA TRP P 190 5.86 8.34 -66.02
C TRP P 190 4.48 8.97 -66.12
N GLN P 191 4.41 10.17 -66.68
CA GLN P 191 3.13 10.83 -66.86
C GLN P 191 2.35 10.20 -68.00
N ASP P 192 3.04 9.56 -68.96
CA ASP P 192 2.35 8.69 -69.90
C ASP P 192 1.75 7.49 -69.19
N LEU P 193 2.46 6.95 -68.20
CA LEU P 193 1.95 5.79 -67.48
C LEU P 193 0.74 6.15 -66.64
N ARG P 194 0.75 7.33 -66.01
CA ARG P 194 -0.31 7.66 -65.07
C ARG P 194 -1.60 8.07 -65.78
N LYS P 195 -1.49 8.95 -66.76
CA LYS P 195 -2.61 9.33 -67.62
C LYS P 195 -2.18 9.11 -69.07
N PRO P 196 -2.66 8.06 -69.71
CA PRO P 196 -2.18 7.77 -71.07
C PRO P 196 -2.65 8.76 -72.12
N GLY P 197 -3.86 9.29 -71.97
CA GLY P 197 -4.36 10.27 -72.91
C GLY P 197 -4.05 11.70 -72.51
N SER P 198 -2.83 11.93 -72.02
CA SER P 198 -2.41 13.24 -71.56
C SER P 198 -1.19 13.77 -72.29
N VAL P 199 -0.15 12.94 -72.43
CA VAL P 199 1.17 13.40 -72.85
C VAL P 199 1.44 12.81 -74.24
N ASP P 200 1.18 13.62 -75.27
CA ASP P 200 1.52 13.26 -76.64
C ASP P 200 2.24 14.40 -77.35
N GLN P 201 1.90 15.63 -76.99
CA GLN P 201 2.21 16.77 -77.85
C GLN P 201 3.56 17.38 -77.49
N ASP P 202 4.32 17.73 -78.53
CA ASP P 202 5.56 18.48 -78.40
C ASP P 202 5.23 19.85 -77.83
N PRO P 203 5.74 20.21 -76.65
CA PRO P 203 5.31 21.48 -76.02
C PRO P 203 5.87 22.72 -76.70
N ILE P 204 6.97 22.62 -77.44
CA ILE P 204 7.57 23.79 -78.07
C ILE P 204 7.45 23.77 -79.58
N PHE P 205 6.92 22.71 -80.16
CA PHE P 205 6.68 22.60 -81.59
C PHE P 205 5.28 22.05 -81.84
N SER P 206 4.29 22.73 -81.25
CA SER P 206 2.89 22.31 -81.07
C SER P 206 2.19 21.68 -82.28
N GLN P 207 2.68 21.94 -83.49
CA GLN P 207 2.15 21.26 -84.67
C GLN P 207 2.48 19.76 -84.67
N TYR P 208 3.44 19.31 -83.86
CA TYR P 208 3.84 17.91 -83.81
C TYR P 208 3.24 17.24 -82.59
N LYS P 209 2.42 16.22 -82.81
CA LYS P 209 1.75 15.49 -81.75
C LYS P 209 1.92 14.00 -81.98
N LEU P 210 2.12 13.26 -80.90
CA LEU P 210 2.31 11.82 -81.01
C LEU P 210 0.96 11.13 -81.18
N PRO P 211 0.86 10.15 -82.07
CA PRO P 211 -0.44 9.51 -82.34
C PRO P 211 -0.91 8.68 -81.16
N PRO P 212 -2.24 8.41 -81.05
CA PRO P 212 -2.77 7.77 -79.82
C PRO P 212 -2.35 6.31 -79.68
N HIS P 213 -1.17 6.12 -79.12
CA HIS P 213 -0.49 4.84 -79.07
C HIS P 213 -0.91 4.02 -77.84
N GLU P 214 -0.14 2.98 -77.56
CA GLU P 214 -0.32 2.09 -76.43
C GLU P 214 0.75 2.39 -75.38
N VAL P 215 0.41 2.14 -74.12
CA VAL P 215 1.30 2.51 -73.01
C VAL P 215 2.52 1.59 -73.02
N GLY P 216 3.70 2.20 -73.03
CA GLY P 216 4.94 1.47 -73.21
C GLY P 216 5.42 1.42 -74.64
N TYR P 217 4.57 1.78 -75.60
CA TYR P 217 4.85 1.63 -77.02
C TYR P 217 4.56 2.96 -77.71
N PRO P 218 5.49 3.94 -77.60
CA PRO P 218 5.22 5.29 -78.13
C PRO P 218 5.05 5.38 -79.63
N GLY P 219 6.05 4.95 -80.40
CA GLY P 219 5.95 4.94 -81.84
C GLY P 219 5.93 6.33 -82.47
N GLY P 220 5.45 6.38 -83.71
CA GLY P 220 5.23 7.63 -84.41
C GLY P 220 6.50 8.29 -84.90
N VAL P 221 7.28 8.83 -83.97
CA VAL P 221 8.57 9.43 -84.28
C VAL P 221 9.72 8.65 -83.66
N PHE P 222 9.48 8.00 -82.51
CA PHE P 222 10.43 7.02 -82.01
C PHE P 222 10.54 5.80 -82.92
N ALA P 223 9.48 5.52 -83.70
CA ALA P 223 9.46 4.37 -84.60
C ALA P 223 9.20 4.80 -86.04
N PRO P 224 10.25 5.09 -86.81
CA PRO P 224 10.12 5.11 -88.27
C PRO P 224 10.54 3.78 -88.90
N PHE P 225 9.98 3.54 -90.09
CA PHE P 225 10.18 2.35 -90.94
C PHE P 225 10.15 1.02 -90.17
N ILE P 226 8.99 0.74 -89.58
CA ILE P 226 8.81 -0.49 -88.81
C ILE P 226 8.61 -1.68 -89.77
N PRO P 227 9.45 -2.72 -89.67
CA PRO P 227 9.36 -3.82 -90.63
C PRO P 227 8.39 -4.93 -90.24
N GLY P 228 7.41 -5.20 -91.09
CA GLY P 228 6.55 -6.35 -90.87
C GLY P 228 5.52 -6.14 -89.78
N ASP P 229 5.17 -7.25 -89.12
CA ASP P 229 4.09 -7.23 -88.13
C ASP P 229 4.58 -6.56 -86.86
N LEU P 230 3.75 -5.67 -86.31
CA LEU P 230 4.11 -4.93 -85.11
C LEU P 230 3.94 -5.80 -83.87
N ALA P 231 3.03 -6.78 -83.89
CA ALA P 231 2.92 -7.71 -82.79
C ALA P 231 4.05 -8.72 -82.78
N GLU P 232 4.54 -9.11 -83.95
CA GLU P 232 5.68 -10.01 -84.03
C GLU P 232 6.95 -9.34 -83.53
N LEU P 233 7.17 -8.08 -83.92
CA LEU P 233 8.28 -7.33 -83.36
C LEU P 233 8.08 -7.06 -81.88
N LYS P 234 6.83 -6.94 -81.44
CA LYS P 234 6.52 -6.72 -80.04
C LYS P 234 6.81 -7.97 -79.20
N VAL P 235 6.77 -9.15 -79.81
CA VAL P 235 7.20 -10.36 -79.12
C VAL P 235 8.72 -10.50 -79.18
N LYS P 236 9.33 -10.19 -80.33
CA LYS P 236 10.78 -10.32 -80.49
C LYS P 236 11.54 -9.37 -79.59
N GLU P 237 10.99 -8.17 -79.36
CA GLU P 237 11.64 -7.20 -78.48
C GLU P 237 11.68 -7.71 -77.05
N ILE P 238 10.60 -8.33 -76.59
CA ILE P 238 10.57 -8.81 -75.23
C ILE P 238 11.43 -10.06 -75.08
N LYS P 239 11.52 -10.91 -76.11
CA LYS P 239 12.36 -12.10 -76.01
C LYS P 239 13.85 -11.75 -76.00
N ASN P 240 14.31 -10.94 -76.99
CA ASN P 240 15.68 -10.44 -76.97
C ASN P 240 15.95 -9.60 -75.72
N GLY P 241 14.93 -8.92 -75.17
CA GLY P 241 15.15 -8.10 -73.99
C GLY P 241 15.30 -8.91 -72.71
N ARG P 242 14.52 -9.98 -72.57
CA ARG P 242 14.69 -10.87 -71.43
C ARG P 242 16.03 -11.59 -71.50
N LEU P 243 16.44 -11.99 -72.70
CA LEU P 243 17.75 -12.60 -72.87
C LEU P 243 18.86 -11.62 -72.53
N ALA P 244 18.69 -10.34 -72.86
CA ALA P 244 19.72 -9.37 -72.54
C ALA P 244 19.70 -8.96 -71.07
N MET P 245 18.54 -9.01 -70.41
CA MET P 245 18.49 -8.81 -68.97
C MET P 245 19.24 -9.91 -68.24
N LEU P 246 19.11 -11.15 -68.70
CA LEU P 246 19.93 -12.21 -68.12
C LEU P 246 21.39 -12.06 -68.50
N ALA P 247 21.65 -11.53 -69.69
CA ALA P 247 23.02 -11.37 -70.16
C ALA P 247 23.77 -10.28 -69.40
N PHE P 248 23.09 -9.22 -68.95
CA PHE P 248 23.80 -8.19 -68.21
C PHE P 248 24.23 -8.68 -66.83
N VAL P 249 23.37 -9.44 -66.16
CA VAL P 249 23.76 -10.03 -64.89
C VAL P 249 24.82 -11.09 -65.11
N GLY P 250 24.80 -11.75 -66.28
CA GLY P 250 25.92 -12.60 -66.65
C GLY P 250 27.22 -11.86 -66.83
N PHE P 251 27.16 -10.65 -67.39
CA PHE P 251 28.35 -9.83 -67.58
C PHE P 251 28.90 -9.39 -66.23
N VAL P 252 28.01 -8.97 -65.33
CA VAL P 252 28.43 -8.49 -64.01
C VAL P 252 29.03 -9.62 -63.20
N MET P 253 28.37 -10.78 -63.18
CA MET P 253 28.86 -11.87 -62.35
C MET P 253 30.02 -12.61 -62.99
N ALA P 254 30.24 -12.45 -64.29
CA ALA P 254 31.53 -12.85 -64.84
C ALA P 254 32.62 -11.90 -64.38
N ALA P 255 32.42 -10.60 -64.62
CA ALA P 255 33.44 -9.59 -64.36
C ALA P 255 33.73 -9.36 -62.88
N GLN P 256 32.93 -9.91 -61.97
CA GLN P 256 33.28 -9.87 -60.56
C GLN P 256 33.97 -11.14 -60.10
N VAL P 257 33.97 -12.20 -60.90
CA VAL P 257 34.57 -13.46 -60.55
C VAL P 257 35.86 -13.71 -61.33
N THR P 258 35.86 -13.44 -62.64
CA THR P 258 37.10 -13.53 -63.40
C THR P 258 37.74 -12.17 -63.66
N GLY P 259 36.99 -11.08 -63.51
CA GLY P 259 37.54 -9.76 -63.76
C GLY P 259 37.84 -9.45 -65.19
N LYS P 260 37.22 -10.15 -66.14
CA LYS P 260 37.47 -9.92 -67.54
C LYS P 260 36.15 -9.74 -68.28
N GLY P 261 36.23 -9.06 -69.42
CA GLY P 261 35.07 -8.73 -70.21
C GLY P 261 34.46 -9.96 -70.85
N PRO P 262 33.24 -9.84 -71.34
CA PRO P 262 32.52 -11.03 -71.78
C PRO P 262 32.82 -11.50 -73.19
N ILE P 263 34.10 -11.45 -73.58
CA ILE P 263 34.59 -12.30 -74.66
C ILE P 263 35.80 -13.02 -74.08
N ALA P 264 36.48 -12.34 -73.15
CA ALA P 264 37.62 -12.96 -72.49
C ALA P 264 37.18 -14.03 -71.51
N ALA P 265 36.01 -13.86 -70.89
CA ALA P 265 35.42 -14.97 -70.14
C ALA P 265 34.96 -16.07 -71.07
N LEU P 266 34.46 -15.71 -72.25
CA LEU P 266 34.14 -16.71 -73.25
C LEU P 266 35.39 -17.37 -73.80
N GLN P 267 36.51 -16.63 -73.86
CA GLN P 267 37.75 -17.28 -74.26
C GLN P 267 38.31 -18.19 -73.17
N GLU P 268 38.02 -17.88 -71.91
CA GLU P 268 38.31 -18.84 -70.84
C GLU P 268 37.48 -20.10 -70.99
N HIS P 269 36.18 -19.95 -71.30
CA HIS P 269 35.33 -21.13 -71.39
C HIS P 269 35.56 -21.90 -72.68
N LEU P 270 36.14 -21.29 -73.71
CA LEU P 270 36.48 -22.02 -74.92
C LEU P 270 37.90 -22.56 -74.90
N ALA P 271 38.78 -22.00 -74.08
CA ALA P 271 40.14 -22.52 -73.97
C ALA P 271 40.23 -23.71 -73.03
N ASP P 272 39.33 -23.81 -72.07
CA ASP P 272 39.30 -24.89 -71.11
C ASP P 272 37.89 -24.99 -70.51
N PRO P 273 36.97 -25.70 -71.17
CA PRO P 273 35.58 -25.68 -70.70
C PRO P 273 35.37 -26.38 -69.39
N TRP P 274 36.08 -27.48 -69.15
CA TRP P 274 35.85 -28.32 -67.98
C TRP P 274 36.34 -27.68 -66.69
N GLY P 275 37.20 -26.68 -66.77
CA GLY P 275 37.77 -26.11 -65.57
C GLY P 275 37.48 -24.63 -65.39
N THR P 276 36.71 -24.05 -66.30
CA THR P 276 36.35 -22.64 -66.23
C THR P 276 34.84 -22.43 -66.14
N THR P 277 34.15 -23.30 -65.41
CA THR P 277 32.76 -23.10 -65.09
C THR P 277 32.65 -22.46 -63.71
N ILE P 278 31.42 -22.18 -63.27
CA ILE P 278 31.24 -21.74 -61.90
C ILE P 278 31.30 -22.92 -60.95
N PHE P 279 30.95 -24.12 -61.42
CA PHE P 279 31.08 -25.29 -60.56
C PHE P 279 32.53 -25.74 -60.44
N SER P 280 33.39 -25.31 -61.37
CA SER P 280 34.82 -25.54 -61.22
C SER P 280 35.44 -24.55 -60.25
N LYS P 281 35.01 -23.30 -60.29
CA LYS P 281 35.60 -22.28 -59.42
C LYS P 281 35.12 -22.41 -57.98
N ALA P 282 33.92 -22.96 -57.77
CA ALA P 282 33.29 -22.90 -56.47
C ALA P 282 32.52 -24.18 -56.19
N ALA P 283 32.43 -24.51 -54.90
CA ALA P 283 31.59 -25.58 -54.40
C ALA P 283 31.45 -25.38 -52.91
N VAL P 284 30.27 -25.66 -52.38
CA VAL P 284 30.03 -25.66 -50.94
C VAL P 284 29.59 -27.06 -50.56
N VAL P 285 30.31 -27.65 -49.61
CA VAL P 285 30.06 -28.98 -49.07
C VAL P 285 29.66 -28.71 -47.62
N PRO P 286 28.91 -29.57 -46.95
CA PRO P 286 28.65 -29.33 -45.53
C PRO P 286 29.86 -29.55 -44.65
N GLY P 287 30.64 -28.49 -44.47
CA GLY P 287 31.84 -28.51 -43.66
C GLY P 287 32.92 -27.57 -44.15
N GLN P 288 32.86 -27.17 -45.42
CA GLN P 288 33.64 -26.04 -45.90
C GLN P 288 33.00 -25.47 -47.16
N ALA P 289 33.24 -24.19 -47.38
CA ALA P 289 32.70 -23.48 -48.53
C ALA P 289 33.85 -22.82 -49.27
N VAL P 290 34.10 -23.25 -50.49
CA VAL P 290 35.15 -22.69 -51.33
C VAL P 290 34.49 -21.68 -52.27
N ALA P 291 34.57 -20.41 -51.91
CA ALA P 291 34.08 -19.33 -52.75
C ALA P 291 35.14 -18.93 -53.76
N PRO P 292 34.76 -18.32 -54.89
CA PRO P 292 35.76 -17.77 -55.78
C PRO P 292 36.33 -16.49 -55.20
N PRO P 293 37.59 -16.16 -55.48
CA PRO P 293 38.14 -14.89 -55.02
C PRO P 293 37.61 -13.74 -55.85
N CYS P 294 37.63 -12.56 -55.23
CA CYS P 294 37.25 -11.34 -55.94
C CYS P 294 38.29 -10.98 -56.98
N LYS P 295 37.83 -10.35 -58.06
CA LYS P 295 38.72 -9.71 -59.01
C LYS P 295 38.37 -8.23 -59.17
N ILE P 296 37.69 -7.66 -58.18
CA ILE P 296 37.37 -6.25 -58.13
C ILE P 296 37.96 -5.69 -56.85
N PRO P 297 38.68 -4.57 -56.89
CA PRO P 297 39.17 -3.96 -55.65
C PRO P 297 38.02 -3.40 -54.82
N ALA P 298 38.30 -3.21 -53.54
CA ALA P 298 37.29 -2.68 -52.63
C ALA P 298 37.06 -1.19 -52.80
N SER P 299 37.94 -0.49 -53.52
CA SER P 299 37.76 0.93 -53.83
C SER P 299 38.58 1.25 -55.06
N VAL P 300 38.23 2.37 -55.69
CA VAL P 300 39.04 2.99 -56.74
C VAL P 300 39.29 4.43 -56.34
N SER P 301 40.38 5.00 -56.88
CA SER P 301 40.82 6.32 -56.40
C SER P 301 39.94 7.43 -56.96
N TYR P 302 40.03 7.67 -58.27
CA TYR P 302 39.18 8.56 -59.05
C TYR P 302 39.11 9.98 -58.48
N LYS P 303 40.23 10.69 -58.64
CA LYS P 303 40.30 12.15 -58.52
C LYS P 303 40.02 12.62 -57.10
N GLY P 304 40.74 12.07 -56.14
CA GLY P 304 40.51 12.44 -54.76
C GLY P 304 39.60 11.49 -54.01
N ILE P 305 38.32 11.81 -53.93
CA ILE P 305 37.37 11.01 -53.16
C ILE P 305 37.19 9.64 -53.81
N GLU P 306 37.24 8.60 -52.99
CA GLU P 306 37.26 7.23 -53.47
C GLU P 306 35.86 6.63 -53.47
N ILE P 307 35.56 5.86 -54.50
CA ILE P 307 34.25 5.21 -54.65
C ILE P 307 34.40 3.78 -54.17
N PRO P 308 33.62 3.34 -53.17
CA PRO P 308 33.59 1.93 -52.84
C PRO P 308 32.91 1.14 -53.95
N THR P 309 33.51 0.00 -54.30
CA THR P 309 32.95 -0.92 -55.28
C THR P 309 32.56 -2.20 -54.57
N PRO P 310 31.30 -2.35 -54.14
CA PRO P 310 30.86 -3.58 -53.48
C PRO P 310 30.81 -4.73 -54.47
N CYS P 311 31.62 -5.76 -54.20
CA CYS P 311 31.67 -6.93 -55.08
C CYS P 311 30.36 -7.67 -54.93
N PHE P 312 29.29 -6.96 -55.27
CA PHE P 312 27.93 -7.47 -55.18
C PHE P 312 27.62 -8.25 -53.92
N LEU P 313 27.60 -9.58 -54.01
CA LEU P 313 27.20 -10.34 -52.82
C LEU P 313 28.28 -11.33 -52.41
N GLN P 314 29.54 -10.86 -52.38
CA GLN P 314 30.69 -11.61 -51.89
C GLN P 314 30.45 -12.14 -50.49
N GLY P 315 30.83 -13.39 -50.27
CA GLY P 315 30.47 -14.06 -49.04
C GLY P 315 29.21 -14.90 -49.19
N LEU P 316 28.18 -14.31 -49.76
CA LEU P 316 26.98 -15.07 -50.10
C LEU P 316 27.16 -15.87 -51.38
N TRP P 317 28.27 -15.65 -52.10
CA TRP P 317 28.62 -16.46 -53.26
C TRP P 317 28.83 -17.92 -52.88
N PRO P 318 28.65 -18.84 -53.84
CA PRO P 318 29.06 -20.20 -53.55
C PRO P 318 30.56 -20.36 -53.57
N VAL Q 29 -10.79 -31.91 -37.72
CA VAL Q 29 -10.56 -32.22 -39.12
C VAL Q 29 -9.39 -31.35 -39.60
N ARG Q 30 -9.10 -30.28 -38.86
CA ARG Q 30 -7.91 -29.53 -39.21
C ARG Q 30 -6.74 -29.95 -38.33
N PRO Q 31 -5.50 -29.75 -38.78
CA PRO Q 31 -4.35 -30.14 -37.95
C PRO Q 31 -4.21 -29.26 -36.71
N VAL Q 32 -3.87 -29.92 -35.60
CA VAL Q 32 -3.76 -29.28 -34.29
C VAL Q 32 -2.31 -29.50 -33.83
N TRP Q 33 -1.85 -28.63 -32.94
CA TRP Q 33 -0.49 -28.69 -32.40
C TRP Q 33 -0.22 -29.99 -31.63
N PHE Q 34 -1.28 -30.58 -31.09
CA PHE Q 34 -1.21 -31.76 -30.23
C PHE Q 34 -2.33 -32.64 -30.72
N PRO Q 35 -2.02 -33.67 -31.52
CA PRO Q 35 -3.08 -34.48 -32.13
C PRO Q 35 -3.88 -35.24 -31.10
N GLY Q 36 -5.15 -35.45 -31.39
CA GLY Q 36 -6.06 -35.99 -30.41
C GLY Q 36 -6.87 -34.95 -29.68
N ASN Q 37 -6.22 -33.99 -29.01
CA ASN Q 37 -6.98 -32.99 -28.27
C ASN Q 37 -7.74 -32.08 -29.22
N PRO Q 38 -9.00 -31.78 -28.92
CA PRO Q 38 -9.76 -30.87 -29.78
C PRO Q 38 -9.28 -29.45 -29.61
N PRO Q 39 -9.43 -28.61 -30.62
CA PRO Q 39 -9.08 -27.20 -30.46
C PRO Q 39 -10.08 -26.51 -29.56
N PRO Q 40 -9.67 -25.44 -28.87
CA PRO Q 40 -10.59 -24.73 -27.99
C PRO Q 40 -11.64 -23.96 -28.77
N ALA Q 41 -12.67 -23.51 -28.05
CA ALA Q 41 -13.87 -22.96 -28.69
C ALA Q 41 -13.61 -21.62 -29.34
N HIS Q 42 -12.73 -20.81 -28.76
CA HIS Q 42 -12.44 -19.48 -29.27
C HIS Q 42 -11.46 -19.48 -30.43
N LEU Q 43 -11.15 -20.64 -31.00
CA LEU Q 43 -10.00 -20.74 -31.87
C LEU Q 43 -10.33 -21.61 -33.08
N ASP Q 44 -11.46 -21.33 -33.71
CA ASP Q 44 -11.83 -22.00 -34.95
C ASP Q 44 -10.87 -21.60 -36.08
N GLY Q 45 -10.87 -22.40 -37.14
CA GLY Q 45 -9.86 -22.17 -38.15
C GLY Q 45 -10.26 -21.11 -39.13
N SER Q 46 -9.86 -19.88 -38.81
CA SER Q 46 -9.97 -18.74 -39.71
C SER Q 46 -8.74 -17.86 -39.70
N LEU Q 47 -7.94 -17.89 -38.65
CA LEU Q 47 -6.70 -17.14 -38.60
C LEU Q 47 -5.62 -17.84 -39.42
N ALA Q 48 -4.62 -17.07 -39.81
CA ALA Q 48 -3.48 -17.63 -40.50
C ALA Q 48 -2.60 -18.37 -39.51
N GLY Q 49 -2.25 -19.61 -39.84
CA GLY Q 49 -1.39 -20.40 -38.97
C GLY Q 49 -2.06 -20.88 -37.69
N ASP Q 50 -3.35 -21.17 -37.75
CA ASP Q 50 -4.07 -21.64 -36.58
C ASP Q 50 -3.83 -23.12 -36.38
N TYR Q 51 -3.43 -23.50 -35.17
CA TYR Q 51 -3.25 -24.91 -34.83
C TYR Q 51 -3.78 -25.24 -33.44
N GLY Q 52 -4.63 -24.39 -32.89
CA GLY Q 52 -5.26 -24.69 -31.62
C GLY Q 52 -4.37 -24.59 -30.42
N PHE Q 53 -3.23 -23.91 -30.51
CA PHE Q 53 -2.29 -23.87 -29.40
C PHE Q 53 -2.62 -22.69 -28.49
N ASP Q 54 -3.49 -22.93 -27.52
CA ASP Q 54 -3.69 -22.00 -26.41
C ASP Q 54 -4.07 -22.83 -25.19
N PRO Q 55 -3.09 -23.46 -24.53
CA PRO Q 55 -3.40 -24.19 -23.29
C PRO Q 55 -3.74 -23.29 -22.13
N LEU Q 56 -3.25 -22.06 -22.11
CA LEU Q 56 -3.48 -21.17 -20.99
C LEU Q 56 -4.69 -20.26 -21.18
N PHE Q 57 -5.38 -20.40 -22.32
CA PHE Q 57 -6.62 -19.67 -22.65
C PHE Q 57 -6.43 -18.16 -22.58
N LEU Q 58 -5.29 -17.68 -23.07
CA LEU Q 58 -4.98 -16.26 -22.98
C LEU Q 58 -5.79 -15.43 -23.96
N GLY Q 59 -6.10 -15.98 -25.13
CA GLY Q 59 -6.88 -15.26 -26.11
C GLY Q 59 -8.32 -15.72 -26.15
N GLN Q 60 -8.90 -15.97 -24.98
CA GLN Q 60 -10.26 -16.48 -24.92
C GLN Q 60 -11.26 -15.40 -25.30
N GLU Q 61 -11.04 -14.17 -24.85
CA GLU Q 61 -11.85 -13.05 -25.28
C GLU Q 61 -11.52 -12.70 -26.73
N PRO Q 62 -12.50 -12.29 -27.53
CA PRO Q 62 -12.22 -11.97 -28.94
C PRO Q 62 -11.37 -10.74 -29.15
N GLN Q 63 -11.41 -9.77 -28.24
CA GLN Q 63 -10.62 -8.56 -28.42
C GLN Q 63 -9.19 -8.71 -27.92
N THR Q 64 -8.98 -9.45 -26.83
CA THR Q 64 -7.61 -9.76 -26.44
C THR Q 64 -6.95 -10.68 -27.46
N LEU Q 65 -7.71 -11.60 -28.06
CA LEU Q 65 -7.17 -12.37 -29.18
C LEU Q 65 -6.90 -11.50 -30.39
N LYS Q 66 -7.75 -10.49 -30.62
CA LYS Q 66 -7.53 -9.54 -31.70
C LYS Q 66 -6.23 -8.76 -31.50
N TRP Q 67 -5.89 -8.50 -30.24
CA TRP Q 67 -4.63 -7.85 -29.91
C TRP Q 67 -3.44 -8.80 -29.99
N TYR Q 68 -3.63 -10.06 -29.60
CA TYR Q 68 -2.49 -10.99 -29.66
C TYR Q 68 -2.20 -11.46 -31.07
N VAL Q 69 -3.17 -11.43 -31.99
CA VAL Q 69 -2.86 -11.70 -33.39
C VAL Q 69 -1.93 -10.64 -33.95
N GLN Q 70 -2.22 -9.38 -33.63
CA GLN Q 70 -1.37 -8.24 -33.97
C GLN Q 70 0.01 -8.39 -33.35
N ALA Q 71 0.07 -8.85 -32.09
CA ALA Q 71 1.35 -8.99 -31.39
C ALA Q 71 2.18 -10.12 -31.98
N GLU Q 72 1.55 -11.27 -32.27
CA GLU Q 72 2.27 -12.39 -32.87
C GLU Q 72 2.79 -12.04 -34.24
N LEU Q 73 1.98 -11.31 -35.01
CA LEU Q 73 2.41 -10.83 -36.31
C LEU Q 73 3.64 -9.94 -36.20
N VAL Q 74 3.58 -8.86 -35.41
CA VAL Q 74 4.68 -7.90 -35.42
C VAL Q 74 5.94 -8.45 -34.73
N HIS Q 75 5.80 -9.33 -33.73
CA HIS Q 75 6.95 -10.07 -33.23
C HIS Q 75 7.54 -10.97 -34.31
N GLY Q 76 6.68 -11.60 -35.13
CA GLY Q 76 7.18 -12.39 -36.23
C GLY Q 76 7.85 -11.56 -37.30
N ARG Q 77 7.35 -10.34 -37.55
CA ARG Q 77 7.95 -9.47 -38.56
C ARG Q 77 9.34 -9.04 -38.13
N PHE Q 78 9.46 -8.56 -36.89
CA PHE Q 78 10.77 -8.17 -36.38
C PHE Q 78 11.70 -9.36 -36.22
N ALA Q 79 11.16 -10.55 -35.92
CA ALA Q 79 12.03 -11.70 -35.78
C ALA Q 79 12.49 -12.23 -37.12
N MET Q 80 11.67 -12.11 -38.17
CA MET Q 80 12.11 -12.49 -39.50
C MET Q 80 13.18 -11.53 -40.01
N LEU Q 81 12.99 -10.22 -39.77
CA LEU Q 81 14.02 -9.24 -40.11
C LEU Q 81 15.31 -9.49 -39.33
N GLY Q 82 15.17 -9.80 -38.04
CA GLY Q 82 16.34 -10.04 -37.22
C GLY Q 82 17.06 -11.32 -37.58
N ALA Q 83 16.32 -12.40 -37.84
CA ALA Q 83 16.95 -13.67 -38.19
C ALA Q 83 17.66 -13.58 -39.53
N ALA Q 84 17.04 -12.91 -40.51
CA ALA Q 84 17.74 -12.66 -41.76
C ALA Q 84 18.95 -11.77 -41.55
N GLY Q 85 18.87 -10.84 -40.59
CA GLY Q 85 20.02 -10.01 -40.26
C GLY Q 85 21.19 -10.78 -39.69
N ILE Q 86 20.94 -11.62 -38.68
CA ILE Q 86 21.98 -12.44 -38.07
C ILE Q 86 22.58 -13.42 -39.08
N ILE Q 87 21.72 -14.07 -39.87
CA ILE Q 87 22.21 -15.08 -40.81
C ILE Q 87 23.02 -14.44 -41.93
N LEU Q 88 22.61 -13.26 -42.41
CA LEU Q 88 23.39 -12.63 -43.47
C LEU Q 88 24.69 -12.05 -42.94
N THR Q 89 24.67 -11.44 -41.76
CA THR Q 89 25.92 -10.90 -41.22
C THR Q 89 26.84 -11.98 -40.66
N SER Q 90 26.36 -13.20 -40.50
CA SER Q 90 27.22 -14.31 -40.12
C SER Q 90 27.70 -15.14 -41.31
N ILE Q 91 26.99 -15.05 -42.45
CA ILE Q 91 27.60 -15.45 -43.71
C ILE Q 91 28.69 -14.46 -44.07
N GLY Q 92 28.52 -13.18 -43.70
CA GLY Q 92 29.57 -12.20 -43.90
C GLY Q 92 30.82 -12.51 -43.08
N ALA Q 93 30.65 -12.92 -41.83
CA ALA Q 93 31.76 -13.46 -41.08
C ALA Q 93 32.09 -14.87 -41.57
N LYS Q 94 33.29 -15.34 -41.20
CA LYS Q 94 33.80 -16.70 -41.34
C LYS Q 94 34.13 -17.07 -42.80
N VAL Q 95 33.73 -16.23 -43.76
CA VAL Q 95 34.07 -16.44 -45.15
C VAL Q 95 35.30 -15.59 -45.46
N GLY Q 96 35.39 -14.44 -44.82
CA GLY Q 96 36.59 -13.64 -44.95
C GLY Q 96 36.33 -12.15 -45.02
N LEU Q 97 35.06 -11.77 -44.98
CA LEU Q 97 34.72 -10.36 -45.05
C LEU Q 97 34.94 -9.70 -43.69
N GLY Q 98 34.89 -8.37 -43.68
CA GLY Q 98 35.14 -7.62 -42.47
C GLY Q 98 33.95 -7.46 -41.56
N PHE Q 99 32.88 -8.22 -41.77
CA PHE Q 99 31.70 -8.10 -40.92
C PHE Q 99 31.97 -8.67 -39.53
N PRO Q 100 31.40 -8.06 -38.50
CA PRO Q 100 31.51 -8.61 -37.15
C PRO Q 100 30.48 -9.69 -36.91
N GLU Q 101 30.36 -10.15 -35.67
CA GLU Q 101 29.23 -10.99 -35.31
C GLU Q 101 28.06 -10.09 -34.94
N TRP Q 102 26.90 -10.69 -34.68
CA TRP Q 102 25.71 -9.89 -34.40
C TRP Q 102 25.74 -9.31 -32.99
N TYR Q 103 26.39 -9.99 -32.05
CA TYR Q 103 26.55 -9.44 -30.71
C TYR Q 103 27.66 -8.40 -30.63
N ASP Q 104 28.47 -8.26 -31.67
CA ASP Q 104 29.51 -7.25 -31.71
C ASP Q 104 29.19 -6.09 -32.64
N ALA Q 105 28.10 -6.17 -33.40
CA ALA Q 105 27.79 -5.13 -34.38
C ALA Q 105 27.23 -3.87 -33.75
N GLY Q 106 26.81 -3.91 -32.49
CA GLY Q 106 26.39 -2.70 -31.83
C GLY Q 106 27.56 -1.78 -31.54
N LYS Q 107 28.67 -2.34 -31.08
CA LYS Q 107 29.82 -1.54 -30.71
C LYS Q 107 30.56 -1.03 -31.95
N VAL Q 108 30.68 -1.87 -32.97
CA VAL Q 108 31.62 -1.58 -34.05
C VAL Q 108 31.09 -0.50 -34.99
N VAL Q 109 29.79 -0.25 -35.02
CA VAL Q 109 29.25 0.76 -35.92
C VAL Q 109 29.03 2.09 -35.18
N VAL Q 110 28.98 2.07 -33.85
CA VAL Q 110 29.01 3.33 -33.11
C VAL Q 110 30.45 3.76 -32.80
N GLU Q 111 31.42 2.88 -33.01
CA GLU Q 111 32.81 3.27 -32.84
C GLU Q 111 33.56 3.45 -34.15
N LYS Q 112 33.31 2.61 -35.16
CA LYS Q 112 33.94 2.82 -36.46
C LYS Q 112 33.34 4.03 -37.15
N ASN Q 113 32.02 4.14 -37.15
CA ASN Q 113 31.34 5.35 -37.56
C ASN Q 113 31.10 6.20 -36.32
N ASN Q 114 31.47 7.48 -36.39
CA ASN Q 114 31.40 8.36 -35.23
C ASN Q 114 29.95 8.73 -34.97
N ILE Q 115 29.24 7.80 -34.33
CA ILE Q 115 27.81 7.93 -34.04
C ILE Q 115 27.67 8.08 -32.54
N ASP Q 116 27.10 9.19 -32.11
CA ASP Q 116 26.71 9.33 -30.72
C ASP Q 116 25.53 8.39 -30.47
N PHE Q 117 25.61 7.62 -29.42
CA PHE Q 117 24.64 6.55 -29.25
C PHE Q 117 23.25 6.95 -28.73
N PRO Q 118 23.09 7.77 -27.66
CA PRO Q 118 21.72 8.07 -27.21
C PRO Q 118 20.92 8.89 -28.21
N THR Q 119 21.56 9.62 -29.12
CA THR Q 119 20.77 10.26 -30.16
C THR Q 119 20.30 9.28 -31.21
N LEU Q 120 21.06 8.21 -31.48
CA LEU Q 120 20.58 7.17 -32.37
C LEU Q 120 19.40 6.43 -31.74
N MET Q 121 19.47 6.20 -30.43
CA MET Q 121 18.35 5.59 -29.72
C MET Q 121 17.11 6.49 -29.73
N VAL Q 122 17.29 7.80 -29.55
CA VAL Q 122 16.13 8.69 -29.50
C VAL Q 122 15.54 8.90 -30.89
N ILE Q 123 16.35 8.87 -31.95
CA ILE Q 123 15.82 8.96 -33.31
C ILE Q 123 15.04 7.69 -33.66
N GLN Q 124 15.55 6.54 -33.22
CA GLN Q 124 14.80 5.29 -33.35
C GLN Q 124 13.48 5.35 -32.62
N PHE Q 125 13.48 5.85 -31.38
CA PHE Q 125 12.24 5.93 -30.63
C PHE Q 125 11.29 6.97 -31.19
N TYR Q 126 11.78 8.04 -31.81
CA TYR Q 126 10.88 9.01 -32.45
C TYR Q 126 10.20 8.41 -33.67
N LEU Q 127 11.00 7.86 -34.60
CA LEU Q 127 10.44 7.33 -35.83
C LEU Q 127 9.53 6.14 -35.55
N MET Q 128 9.94 5.26 -34.65
CA MET Q 128 9.10 4.11 -34.42
C MET Q 128 7.98 4.41 -33.45
N GLY Q 129 8.07 5.44 -32.61
CA GLY Q 129 6.90 5.87 -31.85
C GLY Q 129 5.83 6.43 -32.74
N TRP Q 130 6.24 7.13 -33.81
CA TRP Q 130 5.28 7.56 -34.82
C TRP Q 130 4.62 6.37 -35.50
N ALA Q 131 5.44 5.46 -36.05
CA ALA Q 131 4.95 4.33 -36.81
C ALA Q 131 4.17 3.33 -35.96
N GLU Q 132 4.44 3.30 -34.66
CA GLU Q 132 3.77 2.40 -33.73
C GLU Q 132 2.48 2.99 -33.21
N THR Q 133 2.44 4.30 -32.90
CA THR Q 133 1.19 4.88 -32.43
C THR Q 133 0.15 5.00 -33.53
N LYS Q 134 0.59 5.12 -34.80
CA LYS Q 134 -0.33 4.98 -35.92
C LYS Q 134 -1.04 3.63 -35.90
N ARG Q 135 -0.27 2.56 -35.68
CA ARG Q 135 -0.84 1.22 -35.58
C ARG Q 135 -1.66 1.04 -34.31
N TRP Q 136 -1.28 1.70 -33.23
CA TRP Q 136 -1.95 1.56 -31.95
C TRP Q 136 -3.28 2.25 -31.95
N TYR Q 137 -3.46 3.28 -32.76
CA TYR Q 137 -4.78 3.86 -32.94
C TYR Q 137 -5.48 3.38 -34.21
N ASP Q 138 -4.84 2.52 -35.00
CA ASP Q 138 -5.64 1.71 -35.90
C ASP Q 138 -6.32 0.58 -35.16
N PHE Q 139 -5.67 0.00 -34.15
CA PHE Q 139 -6.31 -1.07 -33.40
C PHE Q 139 -7.50 -0.56 -32.62
N LYS Q 140 -7.38 0.63 -32.02
CA LYS Q 140 -8.46 1.20 -31.24
C LYS Q 140 -9.61 1.69 -32.12
N ASN Q 141 -9.35 1.97 -33.37
CA ASN Q 141 -10.38 2.44 -34.31
C ASN Q 141 -9.93 2.02 -35.70
N PRO Q 142 -10.54 0.98 -36.28
CA PRO Q 142 -10.02 0.42 -37.54
C PRO Q 142 -10.21 1.33 -38.75
N GLY Q 143 -11.28 2.10 -38.80
CA GLY Q 143 -11.46 3.01 -39.91
C GLY Q 143 -10.67 4.29 -39.82
N SER Q 144 -9.92 4.48 -38.75
CA SER Q 144 -9.19 5.73 -38.54
C SER Q 144 -7.86 5.69 -39.27
N GLN Q 145 -7.00 6.67 -38.98
CA GLN Q 145 -5.66 6.88 -39.55
C GLN Q 145 -5.68 7.05 -41.05
N ALA Q 146 -6.84 7.38 -41.62
CA ALA Q 146 -7.04 7.36 -43.05
C ALA Q 146 -7.80 8.59 -43.53
N ASP Q 147 -8.07 9.55 -42.65
CA ASP Q 147 -8.86 10.71 -42.98
C ASP Q 147 -8.03 11.87 -43.49
N GLY Q 148 -6.81 11.62 -43.97
CA GLY Q 148 -5.97 12.68 -44.47
C GLY Q 148 -5.40 13.60 -43.42
N SER Q 149 -5.45 13.19 -42.14
CA SER Q 149 -4.82 13.96 -41.08
C SER Q 149 -3.31 13.97 -41.22
N PHE Q 150 -2.76 12.92 -41.81
CA PHE Q 150 -1.33 12.82 -42.17
C PHE Q 150 -1.13 13.63 -43.45
N LEU Q 151 -0.01 13.47 -44.13
CA LEU Q 151 0.42 14.43 -45.15
C LEU Q 151 -0.38 14.42 -46.45
N GLY Q 152 -1.58 13.85 -46.44
CA GLY Q 152 -2.46 13.88 -47.58
C GLY Q 152 -2.71 12.49 -48.12
N PHE Q 153 -2.56 11.48 -47.26
CA PHE Q 153 -2.71 10.09 -47.64
C PHE Q 153 -3.99 9.57 -47.03
N THR Q 154 -4.88 9.06 -47.88
CA THR Q 154 -6.20 8.63 -47.46
C THR Q 154 -6.36 7.11 -47.48
N GLU Q 155 -6.19 6.48 -48.64
CA GLU Q 155 -6.39 5.05 -48.74
C GLU Q 155 -5.15 4.25 -48.40
N GLU Q 156 -3.98 4.90 -48.35
CA GLU Q 156 -2.74 4.18 -48.15
C GLU Q 156 -2.54 3.71 -46.72
N PHE Q 157 -3.20 4.34 -45.75
CA PHE Q 157 -3.17 3.89 -44.36
C PHE Q 157 -4.53 3.40 -43.91
N LYS Q 158 -5.31 2.84 -44.84
CA LYS Q 158 -6.67 2.40 -44.52
C LYS Q 158 -6.65 1.17 -43.63
N GLY Q 159 -5.82 0.18 -43.94
CA GLY Q 159 -5.77 -1.03 -43.16
C GLY Q 159 -6.78 -2.03 -43.67
N LEU Q 160 -6.31 -3.21 -44.09
CA LEU Q 160 -7.22 -4.19 -44.65
C LEU Q 160 -7.87 -5.03 -43.56
N GLU Q 161 -7.06 -5.58 -42.66
CA GLU Q 161 -7.56 -6.32 -41.51
C GLU Q 161 -6.50 -6.23 -40.42
N ASN Q 162 -6.70 -7.02 -39.35
CA ASN Q 162 -5.84 -6.93 -38.19
C ASN Q 162 -4.46 -7.49 -38.50
N GLY Q 163 -3.45 -6.64 -38.40
CA GLY Q 163 -2.08 -7.05 -38.66
C GLY Q 163 -1.72 -7.16 -40.12
N TYR Q 164 -2.61 -6.77 -41.02
CA TYR Q 164 -2.38 -6.85 -42.46
C TYR Q 164 -2.84 -5.53 -43.05
N PRO Q 165 -2.01 -4.47 -42.97
CA PRO Q 165 -2.47 -3.13 -43.38
C PRO Q 165 -2.68 -2.96 -44.88
N GLY Q 166 -1.68 -3.29 -45.70
CA GLY Q 166 -1.86 -3.23 -47.14
C GLY Q 166 -1.80 -1.81 -47.69
N GLY Q 167 -2.49 -1.62 -48.81
CA GLY Q 167 -2.47 -0.34 -49.48
C GLY Q 167 -1.30 -0.20 -50.43
N ARG Q 168 -1.04 1.04 -50.82
CA ARG Q 168 -0.01 1.33 -51.79
C ARG Q 168 1.39 1.36 -51.18
N PHE Q 169 1.50 1.55 -49.87
CA PHE Q 169 2.81 1.56 -49.23
C PHE Q 169 3.18 0.23 -48.61
N PHE Q 170 2.29 -0.38 -47.85
CA PHE Q 170 2.64 -1.62 -47.17
C PHE Q 170 2.51 -2.82 -48.07
N ASP Q 171 1.92 -2.65 -49.26
CA ASP Q 171 1.92 -3.68 -50.29
C ASP Q 171 2.11 -2.99 -51.64
N PRO Q 172 3.35 -2.62 -51.98
CA PRO Q 172 3.57 -2.01 -53.29
C PRO Q 172 3.54 -3.00 -54.43
N MET Q 173 3.89 -4.27 -54.18
CA MET Q 173 3.72 -5.30 -55.19
C MET Q 173 2.26 -5.64 -55.40
N GLY Q 174 1.41 -5.37 -54.42
CA GLY Q 174 -0.01 -5.61 -54.58
C GLY Q 174 -0.41 -7.06 -54.51
N LEU Q 175 0.15 -7.80 -53.56
CA LEU Q 175 -0.13 -9.23 -53.44
C LEU Q 175 -1.31 -9.53 -52.54
N SER Q 176 -1.87 -8.53 -51.89
CA SER Q 176 -3.06 -8.73 -51.07
C SER Q 176 -4.35 -8.64 -51.86
N ARG Q 177 -4.25 -8.42 -53.16
CA ARG Q 177 -5.41 -8.27 -54.02
C ARG Q 177 -5.07 -8.92 -55.35
N GLY Q 178 -6.06 -9.58 -55.94
CA GLY Q 178 -5.81 -10.52 -57.01
C GLY Q 178 -6.44 -11.86 -56.69
N ASP Q 179 -5.63 -12.90 -56.51
CA ASP Q 179 -6.14 -14.18 -56.07
C ASP Q 179 -6.16 -14.20 -54.55
N ALA Q 180 -7.35 -14.37 -53.97
CA ALA Q 180 -7.49 -14.32 -52.52
C ALA Q 180 -7.02 -15.62 -51.86
N ALA Q 181 -7.10 -16.74 -52.57
CA ALA Q 181 -6.67 -18.01 -51.99
C ALA Q 181 -5.16 -18.06 -51.85
N LYS Q 182 -4.45 -17.50 -52.83
CA LYS Q 182 -3.01 -17.40 -52.72
C LYS Q 182 -2.61 -16.38 -51.68
N TYR Q 183 -3.45 -15.36 -51.45
CA TYR Q 183 -3.19 -14.44 -50.36
C TYR Q 183 -3.37 -15.09 -48.99
N GLN Q 184 -4.34 -15.99 -48.85
CA GLN Q 184 -4.45 -16.76 -47.61
C GLN Q 184 -3.27 -17.71 -47.44
N GLU Q 185 -2.78 -18.26 -48.55
CA GLU Q 185 -1.56 -19.07 -48.52
C GLU Q 185 -0.37 -18.25 -48.04
N TYR Q 186 -0.20 -17.04 -48.58
CA TYR Q 186 0.87 -16.15 -48.13
C TYR Q 186 0.70 -15.74 -46.67
N LYS Q 187 -0.54 -15.58 -46.20
CA LYS Q 187 -0.77 -15.26 -44.79
C LYS Q 187 -0.27 -16.39 -43.89
N GLN Q 188 -0.58 -17.63 -44.27
CA GLN Q 188 -0.15 -18.75 -43.44
C GLN Q 188 1.37 -18.96 -43.53
N LYS Q 189 1.95 -18.75 -44.72
CA LYS Q 189 3.40 -18.86 -44.86
C LYS Q 189 4.14 -17.78 -44.09
N GLU Q 190 3.59 -16.57 -44.04
CA GLU Q 190 4.15 -15.50 -43.22
C GLU Q 190 4.14 -15.86 -41.76
N VAL Q 191 3.03 -16.43 -41.30
CA VAL Q 191 2.94 -16.80 -39.88
C VAL Q 191 3.87 -17.96 -39.55
N LYS Q 192 4.04 -18.92 -40.47
CA LYS Q 192 4.95 -20.04 -40.24
C LYS Q 192 6.40 -19.60 -40.15
N ASN Q 193 6.87 -18.87 -41.17
CA ASN Q 193 8.23 -18.32 -41.15
C ASN Q 193 8.44 -17.37 -39.97
N GLY Q 194 7.38 -16.67 -39.54
CA GLY Q 194 7.51 -15.80 -38.39
C GLY Q 194 7.66 -16.54 -37.07
N ARG Q 195 6.92 -17.65 -36.91
CA ARG Q 195 7.08 -18.52 -35.75
C ARG Q 195 8.48 -19.09 -35.67
N LEU Q 196 8.99 -19.66 -36.76
CA LEU Q 196 10.31 -20.24 -36.59
C LEU Q 196 11.42 -19.20 -36.63
N ALA Q 197 11.14 -17.97 -37.07
CA ALA Q 197 12.12 -16.92 -36.86
C ALA Q 197 12.11 -16.40 -35.43
N MET Q 198 10.95 -16.39 -34.76
CA MET Q 198 10.94 -16.10 -33.33
C MET Q 198 11.68 -17.16 -32.54
N ILE Q 199 11.52 -18.43 -32.94
CA ILE Q 199 12.26 -19.51 -32.28
C ILE Q 199 13.76 -19.40 -32.57
N ALA Q 200 14.12 -19.02 -33.79
CA ALA Q 200 15.51 -18.82 -34.13
C ALA Q 200 16.12 -17.65 -33.37
N CYS Q 201 15.39 -16.55 -33.20
CA CYS Q 201 15.93 -15.42 -32.46
C CYS Q 201 15.98 -15.70 -30.97
N LEU Q 202 15.11 -16.58 -30.47
CA LEU Q 202 15.27 -17.07 -29.11
C LEU Q 202 16.45 -18.04 -29.02
N GLY Q 203 16.83 -18.68 -30.12
CA GLY Q 203 17.92 -19.61 -30.16
C GLY Q 203 19.29 -19.02 -30.38
N PHE Q 204 19.36 -17.88 -31.10
CA PHE Q 204 20.64 -17.20 -31.27
C PHE Q 204 21.15 -16.68 -29.94
N ALA Q 205 20.24 -16.14 -29.11
CA ALA Q 205 20.60 -15.69 -27.78
C ALA Q 205 21.06 -16.84 -26.89
N ALA Q 206 20.48 -18.03 -27.06
CA ALA Q 206 20.90 -19.14 -26.23
C ALA Q 206 22.18 -19.80 -26.72
N GLN Q 207 22.41 -19.69 -28.03
CA GLN Q 207 23.64 -20.19 -28.62
C GLN Q 207 24.78 -19.26 -28.21
N TYR Q 208 24.47 -17.97 -28.00
CA TYR Q 208 25.49 -17.03 -27.59
C TYR Q 208 25.72 -17.04 -26.08
N ALA Q 209 24.67 -17.18 -25.28
CA ALA Q 209 24.82 -17.27 -23.85
C ALA Q 209 25.35 -18.61 -23.40
N ALA Q 210 25.35 -19.62 -24.27
CA ALA Q 210 25.90 -20.93 -23.95
C ALA Q 210 27.32 -21.09 -24.48
N THR Q 211 27.51 -20.88 -25.78
CA THR Q 211 28.81 -21.11 -26.39
C THR Q 211 29.68 -19.86 -26.32
N GLY Q 212 29.16 -18.73 -26.77
CA GLY Q 212 29.92 -17.50 -26.78
C GLY Q 212 30.50 -17.12 -28.12
N LYS Q 213 30.11 -17.78 -29.21
CA LYS Q 213 30.61 -17.43 -30.53
C LYS Q 213 29.47 -17.29 -31.52
N GLY Q 214 29.80 -17.15 -32.80
CA GLY Q 214 28.82 -16.90 -33.83
C GLY Q 214 27.90 -18.08 -34.09
N PRO Q 215 26.70 -17.78 -34.61
CA PRO Q 215 25.73 -18.86 -34.87
C PRO Q 215 26.13 -19.76 -36.02
N LEU Q 216 26.70 -19.21 -37.08
CA LEU Q 216 27.19 -20.04 -38.17
C LEU Q 216 28.60 -20.57 -37.91
N ASP Q 217 29.19 -20.21 -36.77
CA ASP Q 217 30.30 -20.99 -36.26
C ASP Q 217 29.79 -22.17 -35.45
N ASN Q 218 28.67 -21.99 -34.75
CA ASN Q 218 28.03 -23.11 -34.06
C ASN Q 218 27.49 -24.13 -35.04
N LEU Q 219 27.00 -23.69 -36.19
CA LEU Q 219 26.53 -24.62 -37.22
C LEU Q 219 27.68 -25.44 -37.79
N ALA Q 220 28.80 -24.79 -38.10
CA ALA Q 220 29.95 -25.54 -38.61
C ALA Q 220 30.62 -26.37 -37.54
N ASP Q 221 30.47 -26.02 -36.27
CA ASP Q 221 30.94 -26.88 -35.20
C ASP Q 221 30.06 -28.12 -35.06
N HIS Q 222 28.75 -27.97 -35.26
CA HIS Q 222 27.87 -29.12 -35.28
C HIS Q 222 28.04 -29.95 -36.56
N LEU Q 223 28.52 -29.36 -37.64
CA LEU Q 223 28.70 -30.11 -38.88
C LEU Q 223 30.06 -30.78 -38.99
N ALA Q 224 31.10 -30.20 -38.39
CA ALA Q 224 32.43 -30.83 -38.44
C ALA Q 224 32.47 -32.10 -37.60
N ASP Q 225 31.71 -32.14 -36.53
CA ASP Q 225 31.50 -33.34 -35.74
C ASP Q 225 30.03 -33.34 -35.32
N PRO Q 226 29.20 -34.22 -35.89
CA PRO Q 226 27.77 -34.20 -35.54
C PRO Q 226 27.52 -34.61 -34.12
N ASN Q 227 28.27 -35.60 -33.66
CA ASN Q 227 28.28 -35.93 -32.25
C ASN Q 227 29.18 -34.96 -31.51
N HIS Q 228 29.01 -34.91 -30.19
CA HIS Q 228 29.94 -34.31 -29.23
C HIS Q 228 30.10 -32.79 -29.31
N VAL Q 229 29.54 -32.13 -30.31
CA VAL Q 229 29.61 -30.67 -30.37
C VAL Q 229 28.16 -30.19 -30.46
N ASN Q 230 27.28 -30.94 -29.81
CA ASN Q 230 25.89 -30.54 -29.69
C ASN Q 230 25.66 -29.82 -28.35
N PHE Q 231 24.40 -29.62 -27.98
CA PHE Q 231 24.10 -28.85 -26.78
C PHE Q 231 24.36 -29.64 -25.52
N ALA Q 232 24.29 -30.98 -25.59
CA ALA Q 232 24.47 -31.81 -24.41
C ALA Q 232 25.91 -31.94 -23.99
N THR Q 233 26.86 -31.47 -24.82
CA THR Q 233 28.28 -31.50 -24.49
C THR Q 233 28.83 -30.08 -24.32
N ASN Q 234 27.95 -29.10 -24.16
CA ASN Q 234 28.37 -27.73 -23.96
C ASN Q 234 28.65 -27.43 -22.49
N GLY Q 235 28.28 -28.32 -21.58
CA GLY Q 235 28.45 -28.10 -20.16
C GLY Q 235 27.44 -27.19 -19.50
N VAL Q 236 26.65 -26.44 -20.28
CA VAL Q 236 25.73 -25.48 -19.72
C VAL Q 236 24.28 -25.93 -19.82
N SER Q 237 23.91 -26.64 -20.90
CA SER Q 237 22.51 -27.00 -21.13
C SER Q 237 22.04 -28.06 -20.16
N ILE Q 238 22.84 -29.10 -19.98
CA ILE Q 238 22.62 -30.11 -18.95
C ILE Q 238 23.69 -29.93 -17.87
N PRO Q 239 23.32 -29.81 -16.60
CA PRO Q 239 24.32 -29.71 -15.53
C PRO Q 239 24.87 -31.03 -15.03
N ILE Q 240 24.46 -32.16 -15.62
CA ILE Q 240 24.76 -33.47 -15.07
C ILE Q 240 25.83 -34.09 -15.98
N ALA Q 241 26.66 -33.23 -16.57
CA ALA Q 241 27.72 -33.67 -17.47
C ALA Q 241 28.83 -34.41 -16.73
N ARG R 56 -12.34 15.79 -36.45
CA ARG R 56 -12.42 17.22 -36.69
C ARG R 56 -11.02 17.86 -36.63
N GLN R 57 -10.05 17.18 -37.24
CA GLN R 57 -8.61 17.49 -37.18
C GLN R 57 -8.13 17.47 -35.72
N SER R 58 -8.12 16.26 -35.17
CA SER R 58 -7.76 16.02 -33.79
C SER R 58 -6.25 15.89 -33.62
N TRP R 59 -5.82 15.92 -32.35
CA TRP R 59 -4.40 15.86 -32.02
C TRP R 59 -3.84 14.46 -32.16
N LEU R 60 -4.69 13.45 -31.91
CA LEU R 60 -4.52 12.07 -32.30
C LEU R 60 -5.69 11.66 -33.18
N PRO R 61 -5.44 11.16 -34.39
CA PRO R 61 -6.54 10.86 -35.31
C PRO R 61 -7.43 9.70 -34.90
N GLY R 62 -6.94 8.79 -34.06
CA GLY R 62 -7.71 7.63 -33.68
C GLY R 62 -8.33 7.68 -32.30
N SER R 63 -8.23 8.79 -31.59
CA SER R 63 -8.72 8.87 -30.23
C SER R 63 -10.20 9.25 -30.21
N GLN R 64 -10.90 8.74 -29.20
CA GLN R 64 -12.19 9.31 -28.84
C GLN R 64 -11.94 10.67 -28.19
N ILE R 65 -12.37 11.72 -28.86
CA ILE R 65 -12.29 13.08 -28.30
C ILE R 65 -13.21 13.15 -27.10
N PRO R 66 -12.80 13.78 -25.99
CA PRO R 66 -13.71 13.97 -24.85
C PRO R 66 -14.95 14.76 -25.25
N ALA R 67 -16.10 14.31 -24.75
CA ALA R 67 -17.39 14.78 -25.22
C ALA R 67 -17.65 16.24 -24.87
N HIS R 68 -16.98 16.76 -23.85
CA HIS R 68 -17.12 18.17 -23.51
C HIS R 68 -16.25 19.07 -24.37
N LEU R 69 -15.39 18.49 -25.22
CA LEU R 69 -14.72 19.23 -26.28
C LEU R 69 -15.40 19.02 -27.62
N ASP R 70 -16.54 18.33 -27.66
CA ASP R 70 -17.33 18.16 -28.87
C ASP R 70 -18.69 18.82 -28.77
N THR R 71 -18.94 19.58 -27.72
CA THR R 71 -20.16 20.37 -27.63
C THR R 71 -20.09 21.53 -28.62
N PRO R 72 -21.24 22.09 -29.03
CA PRO R 72 -21.20 23.29 -29.89
C PRO R 72 -20.65 24.52 -29.20
N ALA R 73 -20.61 24.54 -27.87
CA ALA R 73 -19.90 25.62 -27.18
C ALA R 73 -18.40 25.46 -27.31
N ALA R 74 -17.90 24.23 -27.34
CA ALA R 74 -16.47 23.98 -27.36
C ALA R 74 -15.92 23.72 -28.77
N GLN R 75 -16.74 23.25 -29.70
CA GLN R 75 -16.25 23.09 -31.07
C GLN R 75 -16.08 24.42 -31.77
N ALA R 76 -16.86 25.43 -31.39
CA ALA R 76 -16.74 26.76 -31.95
C ALA R 76 -15.71 27.62 -31.20
N LEU R 77 -14.76 26.98 -30.54
CA LEU R 77 -13.76 27.64 -29.72
C LEU R 77 -12.44 27.60 -30.48
N ALA R 78 -11.58 28.56 -30.18
CA ALA R 78 -10.38 28.77 -30.98
C ALA R 78 -9.34 27.69 -30.70
N GLY R 79 -8.92 26.99 -31.74
CA GLY R 79 -7.85 26.02 -31.62
C GLY R 79 -8.23 24.72 -30.98
N ASN R 80 -9.49 24.31 -31.10
CA ASN R 80 -9.97 23.06 -30.50
C ASN R 80 -9.50 21.90 -31.36
N PHE R 81 -8.47 21.19 -30.89
CA PHE R 81 -8.00 19.97 -31.53
C PHE R 81 -8.33 18.74 -30.72
N GLY R 82 -9.28 18.84 -29.80
CA GLY R 82 -9.72 17.68 -29.06
C GLY R 82 -8.75 17.18 -28.01
N PHE R 83 -7.91 18.06 -27.47
CA PHE R 83 -6.82 17.67 -26.58
C PHE R 83 -7.18 18.05 -25.15
N ASP R 84 -7.71 17.07 -24.40
CA ASP R 84 -7.80 17.17 -22.95
C ASP R 84 -7.73 15.77 -22.36
N PRO R 85 -6.56 15.13 -22.38
CA PRO R 85 -6.48 13.74 -21.90
C PRO R 85 -6.56 13.60 -20.39
N LEU R 86 -6.59 14.70 -19.64
CA LEU R 86 -6.72 14.63 -18.19
C LEU R 86 -8.00 15.27 -17.70
N GLY R 87 -8.93 15.59 -18.59
CA GLY R 87 -10.28 16.00 -18.23
C GLY R 87 -10.37 17.29 -17.45
N LEU R 88 -9.48 18.25 -17.72
CA LEU R 88 -9.41 19.44 -16.89
C LEU R 88 -10.53 20.42 -17.15
N GLY R 89 -11.22 20.33 -18.28
CA GLY R 89 -12.25 21.30 -18.58
C GLY R 89 -13.64 20.70 -18.66
N LYS R 90 -13.91 19.68 -17.85
CA LYS R 90 -15.16 18.94 -17.95
C LYS R 90 -16.35 19.79 -17.52
N ASP R 91 -16.17 20.63 -16.53
CA ASP R 91 -17.16 21.67 -16.28
C ASP R 91 -17.06 22.73 -17.37
N PRO R 92 -18.20 23.21 -17.89
CA PRO R 92 -18.15 24.20 -18.98
C PRO R 92 -17.61 25.55 -18.55
N VAL R 93 -17.79 25.93 -17.29
CA VAL R 93 -17.25 27.19 -16.80
C VAL R 93 -15.79 27.04 -16.39
N ALA R 94 -15.37 25.82 -16.02
CA ALA R 94 -13.94 25.55 -15.91
C ALA R 94 -13.23 25.71 -17.25
N LEU R 95 -13.86 25.20 -18.32
CA LEU R 95 -13.32 25.39 -19.66
C LEU R 95 -13.36 26.86 -20.07
N ARG R 96 -14.40 27.57 -19.66
CA ARG R 96 -14.51 29.00 -19.95
C ARG R 96 -13.43 29.81 -19.24
N TRP R 97 -13.05 29.39 -18.04
CA TRP R 97 -11.96 30.03 -17.32
C TRP R 97 -10.61 29.66 -17.93
N TYR R 98 -10.45 28.40 -18.33
CA TYR R 98 -9.14 27.96 -18.81
C TYR R 98 -8.89 28.40 -20.25
N GLN R 99 -9.95 28.76 -20.97
CA GLN R 99 -9.76 29.36 -22.29
C GLN R 99 -9.15 30.74 -22.15
N GLN R 100 -9.59 31.49 -21.14
CA GLN R 100 -8.97 32.77 -20.80
C GLN R 100 -7.55 32.59 -20.33
N ALA R 101 -7.32 31.58 -19.50
CA ALA R 101 -5.97 31.29 -19.01
C ALA R 101 -5.03 30.90 -20.15
N GLU R 102 -5.54 30.18 -21.16
CA GLU R 102 -4.71 29.81 -22.30
C GLU R 102 -4.40 31.02 -23.17
N LEU R 103 -5.40 31.88 -23.38
CA LEU R 103 -5.17 33.09 -24.17
C LEU R 103 -4.14 34.01 -23.52
N ILE R 104 -4.18 34.13 -22.20
CA ILE R 104 -3.28 35.08 -21.59
C ILE R 104 -1.90 34.49 -21.30
N HIS R 105 -1.82 33.21 -20.90
CA HIS R 105 -0.55 32.49 -20.94
C HIS R 105 0.06 32.41 -22.32
N CYS R 106 -0.71 32.53 -23.41
CA CYS R 106 -0.09 32.47 -24.72
C CYS R 106 0.27 33.84 -25.27
N ARG R 107 -0.50 34.88 -24.94
CA ARG R 107 -0.14 36.23 -25.38
C ARG R 107 1.06 36.77 -24.64
N THR R 108 1.13 36.55 -23.30
CA THR R 108 2.33 36.95 -22.58
C THR R 108 3.54 36.14 -23.02
N ALA R 109 3.34 34.88 -23.42
CA ALA R 109 4.47 34.10 -23.90
C ALA R 109 4.92 34.54 -25.27
N MET R 110 3.98 34.96 -26.14
CA MET R 110 4.40 35.49 -27.44
C MET R 110 5.17 36.79 -27.29
N ALA R 111 4.73 37.65 -26.37
CA ALA R 111 5.48 38.88 -26.11
C ALA R 111 6.84 38.58 -25.49
N GLY R 112 6.91 37.63 -24.57
CA GLY R 112 8.18 37.32 -23.94
C GLY R 112 9.16 36.62 -24.87
N VAL R 113 8.68 35.66 -25.65
CA VAL R 113 9.54 34.94 -26.57
C VAL R 113 9.96 35.82 -27.74
N ALA R 114 9.12 36.77 -28.15
CA ALA R 114 9.58 37.78 -29.09
C ALA R 114 10.65 38.66 -28.48
N GLY R 115 10.47 39.07 -27.22
CA GLY R 115 11.50 39.84 -26.55
C GLY R 115 12.73 39.07 -26.15
N ILE R 116 12.74 37.76 -26.35
CA ILE R 116 13.96 36.99 -26.18
C ILE R 116 14.65 36.81 -27.54
N LEU R 117 13.94 36.28 -28.53
CA LEU R 117 14.64 35.85 -29.73
C LEU R 117 14.65 36.88 -30.85
N ILE R 118 13.87 37.95 -30.81
CA ILE R 118 14.08 39.03 -31.78
C ILE R 118 15.33 39.79 -31.39
N PRO R 119 15.57 40.26 -30.15
CA PRO R 119 16.91 40.80 -29.86
C PRO R 119 18.00 39.76 -29.75
N GLY R 120 17.68 38.48 -29.59
CA GLY R 120 18.72 37.47 -29.63
C GLY R 120 19.27 37.28 -31.04
N LEU R 121 18.37 37.17 -32.00
CA LEU R 121 18.79 37.10 -33.40
C LEU R 121 19.33 38.42 -33.92
N LEU R 122 18.93 39.54 -33.33
CA LEU R 122 19.53 40.83 -33.66
C LEU R 122 20.75 41.16 -32.82
N THR R 123 21.13 40.27 -31.90
CA THR R 123 22.42 40.35 -31.23
C THR R 123 23.46 39.48 -31.91
N LYS R 124 23.10 38.24 -32.28
CA LYS R 124 24.04 37.37 -32.96
C LYS R 124 24.34 37.81 -34.39
N ALA R 125 23.47 38.63 -35.00
CA ALA R 125 23.71 39.19 -36.32
C ALA R 125 24.19 40.63 -36.26
N GLY R 126 24.48 41.15 -35.08
CA GLY R 126 24.95 42.51 -34.94
C GLY R 126 23.83 43.52 -34.99
N ALA R 127 24.23 44.78 -34.75
CA ALA R 127 23.39 45.98 -34.65
C ALA R 127 22.41 45.94 -33.48
N LEU R 128 22.66 45.08 -32.50
CA LEU R 128 22.20 45.26 -31.13
C LEU R 128 23.22 44.62 -30.20
N ASN R 129 23.18 45.03 -28.93
CA ASN R 129 23.97 44.41 -27.88
C ASN R 129 23.08 44.09 -26.69
N VAL R 130 21.93 43.50 -26.98
CA VAL R 130 21.05 43.00 -25.93
C VAL R 130 21.65 41.73 -25.35
N PRO R 131 21.79 41.62 -24.03
CA PRO R 131 22.37 40.41 -23.44
C PRO R 131 21.43 39.23 -23.44
N GLU R 132 21.82 38.16 -22.76
CA GLU R 132 20.95 37.01 -22.60
C GLU R 132 19.74 37.36 -21.76
N TRP R 133 18.65 36.63 -21.96
CA TRP R 133 17.42 36.89 -21.23
C TRP R 133 17.57 36.54 -19.75
N TYR R 134 18.46 35.61 -19.43
CA TYR R 134 18.81 35.29 -18.06
C TYR R 134 19.96 36.13 -17.54
N ASP R 135 20.36 37.16 -18.27
CA ASP R 135 21.31 38.13 -17.79
C ASP R 135 20.78 39.55 -17.81
N ALA R 136 19.61 39.78 -18.42
CA ALA R 136 19.07 41.13 -18.56
C ALA R 136 18.39 41.64 -17.30
N GLY R 137 18.41 40.88 -16.22
CA GLY R 137 17.98 41.39 -14.94
C GLY R 137 19.18 41.80 -14.11
N LYS R 138 20.30 41.09 -14.30
CA LYS R 138 21.55 41.49 -13.66
C LYS R 138 22.03 42.83 -14.20
N VAL R 139 22.11 42.96 -15.52
CA VAL R 139 22.26 44.26 -16.15
C VAL R 139 20.88 44.89 -16.24
N ALA R 140 20.83 46.16 -16.63
CA ALA R 140 19.65 47.03 -16.72
C ALA R 140 18.99 47.31 -15.37
N ILE R 141 19.58 46.86 -14.26
CA ILE R 141 19.26 47.42 -12.96
C ILE R 141 20.32 48.44 -12.54
N GLU R 142 21.50 48.40 -13.16
CA GLU R 142 22.45 49.49 -13.00
C GLU R 142 22.07 50.67 -13.89
N ASN R 143 21.74 50.38 -15.15
CA ASN R 143 21.17 51.38 -16.06
C ASN R 143 19.68 51.46 -15.80
N SER R 144 19.35 52.01 -14.63
CA SER R 144 17.97 52.03 -14.16
C SER R 144 17.79 53.16 -13.16
N PHE R 145 16.68 53.87 -13.28
CA PHE R 145 16.35 54.92 -12.33
C PHE R 145 15.93 54.37 -10.97
N ALA R 146 15.55 53.11 -10.89
CA ALA R 146 15.01 52.52 -9.68
C ALA R 146 15.64 51.17 -9.40
N PRO R 147 15.63 50.72 -8.15
CA PRO R 147 15.91 49.30 -7.86
C PRO R 147 14.74 48.41 -8.25
N TRP R 148 14.90 47.09 -8.11
CA TRP R 148 13.86 46.19 -8.62
C TRP R 148 12.63 46.15 -7.71
N GLY R 149 12.78 46.44 -6.42
CA GLY R 149 11.66 46.30 -5.51
C GLY R 149 10.59 47.35 -5.72
N SER R 150 11.01 48.61 -5.86
CA SER R 150 10.09 49.69 -6.16
C SER R 150 9.48 49.52 -7.54
N LEU R 151 10.28 49.03 -8.48
CA LEU R 151 9.82 48.81 -9.84
C LEU R 151 8.77 47.70 -9.89
N LEU R 152 8.98 46.62 -9.12
CA LEU R 152 7.99 45.56 -9.02
C LEU R 152 6.74 46.02 -8.28
N ALA R 153 6.87 46.93 -7.33
CA ALA R 153 5.69 47.43 -6.64
C ALA R 153 4.82 48.28 -7.56
N VAL R 154 5.45 49.17 -8.34
CA VAL R 154 4.73 49.96 -9.34
C VAL R 154 4.15 49.04 -10.42
N GLN R 155 4.90 47.98 -10.76
CA GLN R 155 4.44 46.98 -11.72
C GLN R 155 3.18 46.27 -11.23
N LEU R 156 3.18 45.82 -9.98
CA LEU R 156 2.02 45.14 -9.44
C LEU R 156 0.83 46.06 -9.24
N PHE R 157 1.05 47.35 -9.01
CA PHE R 157 -0.12 48.24 -8.97
C PHE R 157 -0.71 48.47 -10.35
N LEU R 158 0.13 48.82 -11.32
CA LEU R 158 -0.35 49.11 -12.67
C LEU R 158 -0.91 47.88 -13.36
N CYS R 159 -0.34 46.70 -13.06
CA CYS R 159 -0.86 45.47 -13.64
C CYS R 159 -2.04 44.93 -12.88
N GLY R 160 -2.12 45.12 -11.56
CA GLY R 160 -3.27 44.66 -10.82
C GLY R 160 -4.51 45.44 -11.13
N PHE R 161 -4.37 46.74 -11.44
CA PHE R 161 -5.52 47.52 -11.86
C PHE R 161 -6.08 47.02 -13.19
N VAL R 162 -5.24 46.49 -14.07
CA VAL R 162 -5.70 45.90 -15.31
C VAL R 162 -6.31 44.53 -15.07
N GLU R 163 -5.59 43.69 -14.33
CA GLU R 163 -5.94 42.30 -14.15
C GLU R 163 -7.19 42.11 -13.30
N ALA R 164 -7.48 43.05 -12.39
CA ALA R 164 -8.71 42.94 -11.63
C ALA R 164 -9.92 43.36 -12.46
N LYS R 165 -9.74 44.32 -13.38
CA LYS R 165 -10.81 44.64 -14.32
C LYS R 165 -11.08 43.48 -15.26
N ARG R 166 -10.02 42.77 -15.65
CA ARG R 166 -10.20 41.59 -16.47
C ARG R 166 -10.85 40.45 -15.69
N TRP R 167 -10.48 40.29 -14.42
CA TRP R 167 -11.14 39.35 -13.50
C TRP R 167 -12.63 39.60 -13.41
N GLN R 168 -13.01 40.87 -13.22
CA GLN R 168 -14.42 41.21 -13.08
C GLN R 168 -15.17 41.08 -14.40
N ASP R 169 -14.48 41.28 -15.53
CA ASP R 169 -15.14 41.06 -16.81
C ASP R 169 -15.31 39.58 -17.12
N ILE R 170 -14.39 38.73 -16.66
CA ILE R 170 -14.55 37.30 -16.86
C ILE R 170 -15.67 36.76 -15.98
N ARG R 171 -15.73 37.20 -14.72
CA ARG R 171 -16.79 36.72 -13.83
C ARG R 171 -18.17 37.25 -14.21
N LYS R 172 -18.24 38.35 -14.92
CA LYS R 172 -19.50 38.86 -15.46
C LYS R 172 -19.21 39.70 -16.69
N PRO R 173 -19.63 39.28 -17.87
CA PRO R 173 -19.27 39.99 -19.11
C PRO R 173 -20.00 41.31 -19.24
N GLY R 174 -19.32 42.27 -19.87
CA GLY R 174 -19.87 43.60 -20.00
C GLY R 174 -19.93 44.40 -18.71
N SER R 175 -19.16 43.98 -17.71
CA SER R 175 -19.20 44.64 -16.40
C SER R 175 -18.63 46.04 -16.47
N GLN R 176 -17.49 46.20 -17.14
CA GLN R 176 -16.79 47.46 -17.17
C GLN R 176 -17.42 48.47 -18.11
N GLY R 177 -18.43 48.08 -18.87
CA GLY R 177 -19.14 48.97 -19.74
C GLY R 177 -20.31 49.71 -19.13
N GLU R 178 -20.54 49.54 -17.83
CA GLU R 178 -21.67 50.23 -17.21
C GLU R 178 -21.33 51.71 -17.02
N PRO R 179 -22.27 52.62 -17.29
CA PRO R 179 -21.92 54.04 -17.38
C PRO R 179 -21.63 54.64 -16.01
N GLY R 180 -20.75 55.65 -16.03
CA GLY R 180 -20.29 56.28 -14.81
C GLY R 180 -19.07 55.66 -14.17
N SER R 181 -18.52 54.59 -14.77
CA SER R 181 -17.35 53.95 -14.19
C SER R 181 -16.10 54.80 -14.41
N PHE R 182 -15.72 54.98 -15.67
CA PHE R 182 -14.63 55.88 -16.02
C PHE R 182 -15.18 57.23 -16.45
N LEU R 183 -14.30 58.07 -16.96
CA LEU R 183 -14.67 59.43 -17.37
C LEU R 183 -14.97 59.46 -18.85
N GLY R 184 -16.00 58.71 -19.22
CA GLY R 184 -16.36 58.52 -20.61
C GLY R 184 -15.59 57.41 -21.30
N PHE R 185 -14.60 56.82 -20.67
CA PHE R 185 -13.81 55.80 -21.34
C PHE R 185 -14.44 54.43 -21.23
N GLU R 186 -15.33 54.21 -20.26
CA GLU R 186 -15.89 52.90 -19.98
C GLU R 186 -16.82 52.38 -21.07
N ALA R 187 -17.26 53.23 -22.00
CA ALA R 187 -18.21 52.81 -23.02
C ALA R 187 -17.60 51.85 -24.02
N SER R 188 -16.28 51.87 -24.19
CA SER R 188 -15.58 50.98 -25.09
C SER R 188 -14.96 49.79 -24.36
N LEU R 189 -15.52 49.42 -23.21
CA LEU R 189 -14.94 48.39 -22.36
C LEU R 189 -15.89 47.22 -22.14
N LYS R 190 -16.96 47.11 -22.92
CA LYS R 190 -17.81 45.93 -22.86
C LYS R 190 -17.14 44.72 -23.49
N GLY R 191 -16.14 44.93 -24.32
CA GLY R 191 -15.56 43.85 -25.09
C GLY R 191 -16.47 43.47 -26.24
N THR R 192 -16.16 42.32 -26.83
CA THR R 192 -17.02 41.77 -27.86
C THR R 192 -18.05 40.85 -27.20
N SER R 193 -18.84 40.15 -28.03
CA SER R 193 -19.88 39.26 -27.51
C SER R 193 -19.28 38.04 -26.82
N GLU R 194 -18.04 37.69 -27.13
CA GLU R 194 -17.33 36.62 -26.48
C GLU R 194 -16.18 37.19 -25.65
N LEU R 195 -15.84 36.49 -24.57
CA LEU R 195 -14.83 36.94 -23.65
C LEU R 195 -13.47 36.38 -24.04
N GLY R 196 -12.43 37.14 -23.71
CA GLY R 196 -11.08 36.84 -24.14
C GLY R 196 -10.63 37.66 -25.33
N TYR R 197 -11.57 38.23 -26.07
CA TYR R 197 -11.27 39.00 -27.27
C TYR R 197 -12.00 40.33 -27.14
N PRO R 198 -11.45 41.29 -26.40
CA PRO R 198 -12.17 42.54 -26.14
C PRO R 198 -12.32 43.47 -27.34
N GLY R 199 -11.25 43.70 -28.08
CA GLY R 199 -11.33 44.69 -29.14
C GLY R 199 -11.42 46.10 -28.58
N GLY R 200 -12.18 46.94 -29.27
CA GLY R 200 -12.37 48.32 -28.88
C GLY R 200 -11.09 49.12 -28.98
N PRO R 201 -10.55 49.54 -27.83
CA PRO R 201 -9.22 50.15 -27.83
C PRO R 201 -8.10 49.17 -28.11
N PHE R 202 -8.35 47.87 -27.98
CA PHE R 202 -7.32 46.87 -28.20
C PHE R 202 -7.33 46.32 -29.62
N ASP R 203 -8.12 46.91 -30.51
CA ASP R 203 -8.04 46.65 -31.94
C ASP R 203 -7.90 47.99 -32.65
N PRO R 204 -6.70 48.60 -32.65
CA PRO R 204 -6.56 49.87 -33.38
C PRO R 204 -6.58 49.72 -34.88
N LEU R 205 -5.95 48.69 -35.42
CA LEU R 205 -5.94 48.51 -36.87
C LEU R 205 -7.27 48.00 -37.41
N GLY R 206 -8.17 47.53 -36.55
CA GLY R 206 -9.51 47.19 -36.95
C GLY R 206 -9.63 45.89 -37.73
N LEU R 207 -9.07 44.82 -37.19
CA LEU R 207 -9.12 43.51 -37.85
C LEU R 207 -10.33 42.68 -37.42
N SER R 208 -11.16 43.19 -36.51
CA SER R 208 -12.32 42.44 -36.05
C SER R 208 -13.59 42.79 -36.80
N LYS R 209 -13.59 43.86 -37.59
CA LYS R 209 -14.80 44.28 -38.29
C LYS R 209 -14.94 43.57 -39.63
N GLU R 210 -14.79 42.25 -39.61
CA GLU R 210 -14.84 41.44 -40.83
C GLU R 210 -15.95 40.42 -40.80
N ALA R 211 -16.02 39.60 -39.73
CA ALA R 211 -16.95 38.49 -39.46
C ALA R 211 -16.75 37.30 -40.40
N ASP R 212 -15.89 37.46 -41.40
CA ASP R 212 -15.25 36.38 -42.14
C ASP R 212 -13.78 36.47 -41.83
N LYS R 213 -13.07 35.34 -42.02
CA LYS R 213 -11.67 35.09 -41.63
C LYS R 213 -11.37 35.45 -40.16
N TRP R 214 -12.38 35.50 -39.30
CA TRP R 214 -12.16 35.83 -37.90
C TRP R 214 -11.69 34.63 -37.10
N ALA R 215 -12.24 33.45 -37.39
CA ALA R 215 -11.73 32.22 -36.82
C ALA R 215 -10.32 31.93 -37.32
N ASP R 216 -9.98 32.41 -38.52
CA ASP R 216 -8.60 32.33 -38.99
C ASP R 216 -7.66 33.12 -38.09
N TRP R 217 -8.02 34.35 -37.74
CA TRP R 217 -7.16 35.15 -36.86
C TRP R 217 -7.09 34.56 -35.46
N LYS R 218 -8.22 34.04 -34.96
CA LYS R 218 -8.24 33.33 -33.67
C LYS R 218 -7.26 32.17 -33.66
N LEU R 219 -7.35 31.32 -34.67
CA LEU R 219 -6.55 30.10 -34.69
C LEU R 219 -5.09 30.40 -34.95
N LYS R 220 -4.78 31.46 -35.70
CA LYS R 220 -3.40 31.89 -35.86
C LYS R 220 -2.82 32.39 -34.53
N GLU R 221 -3.63 33.13 -33.76
CA GLU R 221 -3.19 33.60 -32.45
C GLU R 221 -2.95 32.44 -31.50
N VAL R 222 -3.86 31.46 -31.51
CA VAL R 222 -3.76 30.35 -30.57
C VAL R 222 -2.59 29.45 -30.92
N LYS R 223 -2.33 29.23 -32.21
CA LYS R 223 -1.24 28.33 -32.58
C LYS R 223 0.13 28.98 -32.40
N ASN R 224 0.29 30.25 -32.82
CA ASN R 224 1.52 30.98 -32.51
C ASN R 224 1.72 31.10 -31.00
N GLY R 225 0.64 31.19 -30.22
CA GLY R 225 0.79 31.30 -28.79
C GLY R 225 1.19 30.02 -28.11
N ARG R 226 0.62 28.89 -28.53
CA ARG R 226 1.03 27.59 -28.01
C ARG R 226 2.46 27.27 -28.39
N LEU R 227 2.88 27.68 -29.59
CA LEU R 227 4.26 27.50 -29.98
C LEU R 227 5.20 28.37 -29.17
N ALA R 228 4.77 29.58 -28.81
CA ALA R 228 5.62 30.43 -27.98
C ALA R 228 5.67 29.97 -26.53
N MET R 229 4.58 29.38 -26.01
CA MET R 229 4.63 28.80 -24.67
C MET R 229 5.60 27.63 -24.61
N LEU R 230 5.56 26.77 -25.63
CA LEU R 230 6.56 25.72 -25.73
C LEU R 230 7.97 26.29 -25.91
N ALA R 231 8.08 27.44 -26.59
CA ALA R 231 9.39 28.06 -26.77
C ALA R 231 9.95 28.60 -25.47
N PHE R 232 9.10 29.14 -24.59
CA PHE R 232 9.62 29.65 -23.33
C PHE R 232 9.97 28.51 -22.38
N LEU R 233 9.14 27.45 -22.33
CA LEU R 233 9.51 26.26 -21.57
C LEU R 233 10.80 25.65 -22.08
N GLY R 234 11.01 25.71 -23.40
CA GLY R 234 12.28 25.48 -24.03
C GLY R 234 13.36 26.32 -23.42
N PHE R 235 13.32 27.65 -23.63
CA PHE R 235 14.34 28.60 -23.17
C PHE R 235 14.81 28.35 -21.74
N VAL R 236 13.86 28.09 -20.83
CA VAL R 236 14.18 27.71 -19.46
C VAL R 236 14.93 26.38 -19.41
N ALA R 237 14.44 25.37 -20.13
CA ALA R 237 15.05 24.05 -20.03
C ALA R 237 16.40 23.96 -20.72
N GLN R 238 16.55 24.60 -21.88
CA GLN R 238 17.81 24.57 -22.61
C GLN R 238 18.82 25.53 -22.01
N LYS R 239 18.37 26.40 -21.09
CA LYS R 239 19.28 27.10 -20.19
C LYS R 239 19.77 26.18 -19.07
N TYR R 240 18.85 25.46 -18.43
CA TYR R 240 19.24 24.55 -17.35
C TYR R 240 20.15 23.42 -17.82
N ALA R 241 19.97 22.97 -19.06
CA ALA R 241 20.65 21.74 -19.49
C ALA R 241 22.11 22.00 -19.87
N THR R 242 22.38 23.14 -20.49
CA THR R 242 23.73 23.38 -21.01
C THR R 242 24.28 24.77 -20.73
N GLY R 243 23.51 25.66 -20.10
CA GLY R 243 24.05 26.92 -19.66
C GLY R 243 24.35 27.95 -20.72
N ALA R 244 24.01 27.70 -21.97
CA ALA R 244 24.23 28.65 -23.04
C ALA R 244 22.94 29.38 -23.38
N GLY R 245 22.99 30.24 -24.39
CA GLY R 245 21.83 30.97 -24.83
C GLY R 245 21.04 30.21 -25.87
N PRO R 246 19.83 30.68 -26.17
CA PRO R 246 18.98 29.94 -27.12
C PRO R 246 19.47 29.99 -28.56
N VAL R 247 19.93 31.15 -29.03
CA VAL R 247 20.45 31.22 -30.39
C VAL R 247 21.82 30.55 -30.45
N ASP R 248 22.56 30.58 -29.34
CA ASP R 248 23.81 29.83 -29.23
C ASP R 248 23.55 28.32 -29.28
N ASN R 249 22.45 27.87 -28.66
CA ASN R 249 22.08 26.47 -28.75
C ASN R 249 21.60 26.11 -30.15
N LEU R 250 20.94 27.04 -30.84
CA LEU R 250 20.54 26.78 -32.22
C LEU R 250 21.75 26.67 -33.13
N ALA R 251 22.76 27.51 -32.92
CA ALA R 251 23.99 27.40 -33.70
C ALA R 251 24.74 26.11 -33.37
N ALA R 252 24.73 25.70 -32.11
CA ALA R 252 25.39 24.45 -31.72
C ALA R 252 24.69 23.23 -32.30
N HIS R 253 23.37 23.27 -32.41
CA HIS R 253 22.67 22.19 -33.11
C HIS R 253 22.94 22.25 -34.60
N LEU R 254 22.94 23.43 -35.20
CA LEU R 254 23.10 23.51 -36.65
C LEU R 254 24.52 23.23 -37.12
N LYS R 255 25.53 23.31 -36.25
CA LYS R 255 26.86 22.95 -36.69
C LYS R 255 27.17 21.47 -36.53
N ASP R 256 26.48 20.76 -35.64
CA ASP R 256 26.66 19.33 -35.47
C ASP R 256 25.37 18.76 -34.91
N PRO R 257 24.39 18.45 -35.78
CA PRO R 257 23.09 18.01 -35.27
C PRO R 257 23.12 16.62 -34.67
N TRP R 258 23.90 15.73 -35.24
CA TRP R 258 23.87 14.33 -34.88
C TRP R 258 24.73 14.01 -33.67
N HIS R 259 25.34 15.03 -33.05
CA HIS R 259 26.11 14.86 -31.83
C HIS R 259 25.83 15.89 -30.76
N VAL R 260 25.30 17.06 -31.10
CA VAL R 260 25.05 18.12 -30.12
C VAL R 260 23.55 18.29 -30.03
N ASN R 261 22.94 17.65 -29.04
CA ASN R 261 21.51 17.72 -28.81
C ASN R 261 21.24 17.36 -27.35
N TYR R 262 19.99 17.04 -27.04
CA TYR R 262 19.64 16.73 -25.66
C TYR R 262 19.91 15.28 -25.29
N ALA R 263 20.57 14.53 -26.15
CA ALA R 263 21.09 13.21 -25.82
C ALA R 263 22.58 13.24 -25.52
N THR R 264 23.18 14.42 -25.43
CA THR R 264 24.59 14.60 -25.11
C THR R 264 24.71 15.52 -23.90
N ASN R 265 23.83 15.31 -22.92
CA ASN R 265 23.91 15.97 -21.63
C ASN R 265 23.30 15.03 -20.59
N GLY R 266 23.23 15.49 -19.36
CA GLY R 266 22.68 14.65 -18.31
C GLY R 266 21.22 14.88 -18.01
N VAL R 267 20.33 14.75 -19.00
CA VAL R 267 18.92 14.98 -18.70
C VAL R 267 18.03 13.93 -19.35
N SER R 268 18.59 13.23 -20.34
CA SER R 268 18.05 11.96 -20.82
C SER R 268 18.86 10.81 -20.24
N LEU R 269 18.92 10.76 -18.91
CA LEU R 269 19.87 9.78 -18.39
C LEU R 269 19.18 8.44 -18.17
N PRO R 270 19.83 7.33 -18.56
CA PRO R 270 19.23 5.99 -18.42
C PRO R 270 19.15 5.54 -16.97
MG CLA S . 8.01 -4.18 29.34
CHA CLA S . 7.42 -7.49 28.71
CHB CLA S . 4.68 -3.56 29.10
CHC CLA S . 8.56 -1.12 30.80
CHD CLA S . 11.38 -4.93 29.79
NA CLA S . 6.36 -5.31 28.80
C1A CLA S . 6.31 -6.70 28.64
C2A CLA S . 4.89 -7.13 28.26
C3A CLA S . 4.23 -5.78 27.92
C4A CLA S . 5.11 -4.80 28.66
CMA CLA S . 4.37 -5.58 26.44
CAA CLA S . 4.12 -7.81 29.36
CBA CLA S . 2.97 -8.55 28.73
CGA CLA S . 1.99 -9.01 29.75
O1A CLA S . 0.80 -9.26 29.60
O2A CLA S . 2.55 -9.16 30.98
NB CLA S . 6.84 -2.64 29.88
C1B CLA S . 5.49 -2.60 29.76
C2B CLA S . 4.99 -1.36 30.41
C3B CLA S . 6.08 -0.67 30.88
C4B CLA S . 7.27 -1.47 30.52
CMB CLA S . 3.59 -0.98 30.47
CAB CLA S . 6.16 0.59 31.53
CBB CLA S . 6.27 1.76 30.92
NC CLA S . 9.70 -3.15 29.97
C1C CLA S . 9.70 -1.89 30.49
C2C CLA S . 11.05 -1.49 30.85
C3C CLA S . 11.85 -2.60 30.63
C4C CLA S . 10.99 -3.64 30.09
CMC CLA S . 11.42 -0.20 31.41
CAC CLA S . 13.29 -2.71 30.84
CBC CLA S . 14.04 -2.26 29.61
ND CLA S . 9.24 -5.70 28.87
C1D CLA S . 10.58 -5.90 29.27
C2D CLA S . 10.97 -7.29 29.02
C3D CLA S . 9.80 -7.95 28.77
C4D CLA S . 8.74 -6.92 28.79
CMD CLA S . 12.32 -7.79 29.15
CAD CLA S . 9.16 -9.18 28.37
OBD CLA S . 9.65 -10.17 27.85
CBD CLA S . 7.66 -8.99 28.71
CGD CLA S . 6.74 -9.84 27.90
O1D CLA S . 6.28 -9.58 26.79
O2D CLA S . 6.39 -11.01 28.50
CED CLA S . 5.98 -11.03 29.87
C1 CLA S . 2.59 -10.50 31.49
C2 CLA S . 3.47 -10.40 32.68
C3 CLA S . 3.97 -11.46 33.32
C4 CLA S . 3.69 -12.84 32.90
C5 CLA S . 4.84 -11.25 34.50
C6 CLA S . 6.27 -11.54 34.14
C7 CLA S . 7.21 -10.60 34.85
C8 CLA S . 7.40 -10.97 36.32
C9 CLA S . 8.40 -10.01 36.94
C10 CLA S . 7.90 -12.39 36.46
C11 CLA S . 7.47 -13.03 37.76
C12 CLA S . 7.51 -14.53 37.63
C13 CLA S . 7.31 -15.25 38.94
C14 CLA S . 7.67 -16.71 38.79
C15 CLA S . 5.90 -15.11 39.48
C16 CLA S . 4.81 -15.65 38.60
C17 CLA S . 3.47 -15.20 39.13
C18 CLA S . 2.30 -15.40 38.20
C19 CLA S . 1.70 -16.77 38.31
C20 CLA S . 2.61 -15.03 36.77
MG CLA T . -6.82 4.76 21.98
CHA CLA T . -8.76 6.97 20.11
CHB CLA T . -4.48 4.76 19.53
CHC CLA T . -4.88 2.65 23.85
CHD CLA T . -9.45 4.39 24.20
NA CLA T . -6.66 5.75 20.16
C1A CLA T . -7.54 6.64 19.56
C2A CLA T . -7.01 7.09 18.22
C3A CLA T . -5.83 6.14 17.97
C4A CLA T . -5.61 5.53 19.33
CMA CLA T . -6.20 5.09 16.97
CAA CLA T . -6.50 8.51 18.37
CBA CLA T . -6.12 9.11 17.05
CGA CLA T . -4.66 8.87 16.78
O1A CLA T . -3.73 9.08 17.53
O2A CLA T . -4.46 8.28 15.56
NB CLA T . -4.98 3.96 21.78
C1B CLA T . -4.19 4.08 20.70
C2B CLA T . -2.92 3.37 20.88
C3B CLA T . -3.01 2.76 22.12
C4B CLA T . -4.35 3.10 22.69
CMB CLA T . -1.94 3.36 19.80
CAB CLA T . -2.09 1.88 22.78
CBB CLA T . -0.77 1.90 22.70
NC CLA T . -7.11 3.72 23.74
C1C CLA T . -6.18 2.92 24.34
C2C CLA T . -6.75 2.37 25.55
C3C CLA T . -8.06 2.83 25.64
C4C CLA T . -8.28 3.69 24.49
CMC CLA T . -6.07 1.46 26.47
CAC CLA T . -9.03 2.52 26.68
CBC CLA T . -9.98 1.49 26.12
ND CLA T . -8.70 5.42 22.13
C1D CLA T . -9.67 5.19 23.11
C2D CLA T . -10.87 5.94 22.78
C3D CLA T . -10.58 6.69 21.66
C4D CLA T . -9.21 6.31 21.28
CMD CLA T . -12.04 5.83 23.62
CAD CLA T . -11.08 7.58 20.64
OBD CLA T . -12.19 8.03 20.47
CBD CLA T . -9.88 7.87 19.67
CGD CLA T . -10.21 7.77 18.22
O1D CLA T . -10.70 6.82 17.62
O2D CLA T . -9.88 8.88 17.51
CED CLA T . -10.34 8.99 16.16
C1 CLA T . -3.10 7.88 15.26
C2 CLA T . -3.05 6.42 15.02
C3 CLA T . -2.18 5.64 15.67
C4 CLA T . -1.26 6.17 16.67
C5 CLA T . -2.11 4.17 15.42
C6 CLA T . -1.86 3.82 13.98
C7 CLA T . -0.63 2.94 13.85
C8 CLA T . -0.06 2.96 12.44
C9 CLA T . 0.20 4.40 12.04
C10 CLA T . -1.01 2.32 11.46
C11 CLA T . -0.31 1.68 10.29
C12 CLA T . 0.78 0.71 10.72
C13 CLA T . 1.00 -0.42 9.72
C14 CLA T . 1.09 0.08 8.29
C15 CLA T . -0.10 -1.46 9.84
C16 CLA T . 0.40 -2.85 9.53
C17 CLA T . -0.51 -3.89 10.12
C18 CLA T . -0.39 -5.26 9.48
C19 CLA T . -0.51 -5.16 7.97
C20 CLA T . 0.89 -5.95 9.86
MG CLA U . 0.18 -10.85 36.18
CHA CLA U . 2.31 -8.17 36.55
CHB CLA U . 1.27 -12.09 39.12
CHC CLA U . -2.20 -13.25 35.95
CHD CLA U . -0.80 -9.62 33.03
NA CLA U . 1.61 -10.24 37.55
C1A CLA U . 2.42 -9.11 37.53
C2A CLA U . 3.34 -9.08 38.74
C3A CLA U . 3.22 -10.51 39.30
C4A CLA U . 1.95 -10.99 38.64
CMA CLA U . 4.38 -11.37 38.90
CAA CLA U . 2.83 -8.09 39.75
CBA CLA U . 3.95 -7.54 40.59
CGA CLA U . 3.93 -8.23 41.90
O1A CLA U . 3.26 -9.19 42.26
O2A CLA U . 4.81 -7.67 42.78
NB CLA U . -0.27 -12.48 37.26
C1B CLA U . 0.10 -12.60 38.54
C2B CLA U . -0.88 -13.38 39.29
C3B CLA U . -1.87 -13.72 38.41
C4B CLA U . -1.50 -13.14 37.11
CMB CLA U . -0.67 -13.66 40.69
CAB CLA U . -3.09 -14.46 38.55
CBB CLA U . -3.54 -15.22 39.55
NC CLA U . -1.18 -11.41 34.70
C1C CLA U . -2.02 -12.48 34.79
C2C CLA U . -2.79 -12.62 33.56
C3C CLA U . -2.40 -11.56 32.75
C4C CLA U . -1.38 -10.81 33.47
CMC CLA U . -3.76 -13.66 33.29
CAC CLA U . -2.86 -11.30 31.38
CBC CLA U . -2.03 -12.08 30.39
ND CLA U . 0.57 -9.26 35.03
C1D CLA U . 0.10 -8.87 33.76
C2D CLA U . 0.62 -7.54 33.45
C3D CLA U . 1.43 -7.19 34.53
C4D CLA U . 1.43 -8.33 35.44
CMD CLA U . 0.18 -6.81 32.28
CAD CLA U . 2.22 -6.17 35.19
OBD CLA U . 2.22 -4.97 35.06
CBD CLA U . 2.99 -6.85 36.35
CGD CLA U . 4.45 -7.03 36.07
O1D CLA U . 5.01 -8.04 35.68
O2D CLA U . 5.19 -5.92 36.32
CED CLA U . 6.61 -6.09 36.34
C1 CLA U . 4.89 -8.20 44.11
C2 CLA U . 3.84 -7.53 44.91
C3 CLA U . 4.06 -6.90 46.06
C4 CLA U . 5.42 -6.80 46.66
C5 CLA U . 2.93 -6.27 46.79
C6 CLA U . 2.09 -7.36 47.41
C7 CLA U . 0.98 -6.80 48.26
C8 CLA U . 0.16 -7.90 48.92
C9 CLA U . -0.41 -8.84 47.89
C10 CLA U . -0.98 -7.32 49.73
C11 CLA U . -0.48 -6.50 50.90
C12 CLA U . -1.58 -6.28 51.91
C13 CLA U . -1.23 -5.14 52.86
C14 CLA U . 0.05 -5.47 53.59
C15 CLA U . -2.41 -4.86 53.80
C16 CLA U . -2.01 -4.20 55.11
C17 CLA U . -2.03 -2.69 55.02
C18 CLA U . -2.99 -2.09 56.04
C19 CLA U . -3.14 -0.61 55.82
C20 CLA U . -2.51 -2.38 57.45
MG CLA V . -9.09 -10.91 1.72
CHA CLA V . -10.11 -7.66 2.34
CHB CLA V . -6.40 -10.45 3.71
CHC CLA V . -8.10 -14.11 1.04
CHD CLA V . -11.79 -11.28 -0.52
NA CLA V . -8.42 -9.32 2.88
C1A CLA V . -8.98 -8.04 3.02
C2A CLA V . -8.17 -7.19 3.97
C3A CLA V . -6.93 -8.06 4.24
C4A CLA V . -7.27 -9.39 3.60
CMA CLA V . -5.73 -7.48 3.56
CAA CLA V . -8.91 -7.01 5.27
CBA CLA V . -8.84 -5.57 5.75
CGA CLA V . -7.39 -5.24 5.89
O1A CLA V . -6.54 -5.91 6.48
O2A CLA V . -7.05 -4.10 5.24
NB CLA V . -7.55 -12.07 2.29
C1B CLA V . -6.54 -11.70 3.11
C2B CLA V . -5.57 -12.81 3.25
C3B CLA V . -6.04 -13.84 2.50
C4B CLA V . -7.32 -13.39 1.88
CMB CLA V . -4.35 -12.72 4.05
CAB CLA V . -5.47 -15.15 2.31
CBB CLA V . -4.96 -15.64 1.19
NC CLA V . -9.83 -12.42 0.50
C1C CLA V . -9.26 -13.64 0.38
C2C CLA V . -10.02 -14.44 -0.56
C3C CLA V . -11.07 -13.65 -1.02
C4C CLA V . -10.93 -12.37 -0.34
CMC CLA V . -9.67 -15.81 -0.93
CAC CLA V . -12.10 -14.01 -2.00
CBC CLA V . -13.23 -14.81 -1.42
ND CLA V . -10.66 -9.81 1.09
C1D CLA V . -11.68 -10.08 0.14
C2D CLA V . -12.52 -8.88 0.00
C3D CLA V . -11.96 -7.92 0.81
C4D CLA V . -10.79 -8.55 1.45
CMD CLA V . -13.68 -8.80 -0.87
CAD CLA V . -12.03 -6.56 1.28
OBD CLA V . -12.84 -5.68 1.03
CBD CLA V . -10.83 -6.35 2.25
CGD CLA V . -9.99 -5.17 1.83
O1D CLA V . -10.25 -3.99 1.99
O2D CLA V . -8.83 -5.49 1.20
CED CLA V . -7.84 -4.47 1.14
C1 CLA V . -6.08 -3.19 5.81
C2 CLA V . -4.71 -3.61 5.41
C3 CLA V . -4.18 -3.45 4.18
C4 CLA V . -4.93 -2.83 3.06
C5 CLA V . -2.81 -3.92 3.89
C6 CLA V . -2.78 -4.86 2.70
C7 CLA V . -1.37 -5.33 2.45
C8 CLA V . -1.28 -6.26 1.25
C9 CLA V . -2.09 -7.52 1.49
C10 CLA V . 0.17 -6.61 0.95
C11 CLA V . 0.97 -5.37 0.68
C12 CLA V . 2.47 -5.64 0.66
C13 CLA V . 3.24 -4.41 1.11
C14 CLA V . 4.00 -3.80 -0.05
C15 CLA V . 4.20 -4.77 2.23
C16 CLA V . 4.20 -3.70 3.31
C17 CLA V . 3.61 -4.20 4.61
C18 CLA V . 2.77 -3.15 5.33
C19 CLA V . 1.40 -3.02 4.69
C20 CLA V . 3.45 -1.80 5.38
MG CLA W . -8.31 -20.03 2.55
CHA CLA W . -11.06 -20.41 0.51
CHB CLA W . -7.33 -23.18 1.78
CHC CLA W . -5.44 -19.53 4.36
CHD CLA W . -9.43 -16.79 3.40
NA CLA W . -9.08 -21.53 1.33
C1A CLA W . -10.24 -21.50 0.55
C2A CLA W . -10.43 -22.83 -0.18
C3A CLA W . -9.37 -23.73 0.47
C4A CLA W . -8.50 -22.75 1.22
CMA CLA W . -9.99 -24.67 1.45
CAA CLA W . -10.19 -22.67 -1.68
CBA CLA W . -8.95 -23.37 -2.20
CGA CLA W . -8.52 -22.79 -3.51
O1A CLA W . -9.22 -22.24 -4.35
O2A CLA W . -7.18 -22.92 -3.73
NB CLA W . -6.72 -21.16 3.02
C1B CLA W . -6.47 -22.38 2.53
C2B CLA W . -5.13 -22.85 2.93
C3B CLA W . -4.58 -21.83 3.66
C4B CLA W . -5.58 -20.72 3.72
CMB CLA W . -4.66 -24.16 2.53
CAB CLA W . -3.31 -21.72 4.31
CBB CLA W . -2.74 -22.67 5.05
NC CLA W . -7.58 -18.45 3.70
C1C CLA W . -6.39 -18.46 4.37
C2C CLA W . -6.22 -17.20 5.06
C3C CLA W . -7.35 -16.44 4.80
C4C CLA W . -8.20 -17.23 3.94
CMC CLA W . -5.07 -16.84 5.89
CAC CLA W . -7.64 -15.09 5.31
CBC CLA W . -8.36 -15.13 6.63
ND CLA W . -9.84 -18.81 2.08
C1D CLA W . -10.19 -17.51 2.51
C2D CLA W . -11.46 -17.12 1.86
C3D CLA W . -11.84 -18.20 1.07
C4D CLA W . -10.80 -19.23 1.26
CMD CLA W . -12.12 -15.83 2.05
CAD CLA W . -12.80 -18.73 0.14
OBD CLA W . -13.79 -18.20 -0.34
CBD CLA W . -12.37 -20.18 -0.19
CGD CLA W . -13.30 -21.19 0.41
O1D CLA W . -13.22 -21.69 1.53
O2D CLA W . -14.33 -21.58 -0.39
CED CLA W . -15.14 -22.64 0.11
C1 CLA W . -6.68 -22.56 -5.02
C2 CLA W . -5.86 -21.33 -4.86
C3 CLA W . -4.54 -21.28 -5.10
C4 CLA W . -3.78 -20.01 -4.93
C5 CLA W . -3.78 -22.48 -5.55
C6 CLA W . -2.45 -22.64 -4.84
C7 CLA W . -1.31 -22.66 -5.84
MG CLA X . -7.10 -29.30 9.48
CHA CLA X . -4.97 -31.52 10.99
CHB CLA X . -4.45 -27.67 8.11
CHC CLA X . -9.24 -26.98 8.13
CHD CLA X . -9.82 -30.90 11.05
NA CLA X . -5.05 -29.61 9.51
C1A CLA X . -4.36 -30.59 10.21
C2A CLA X . -2.87 -30.49 9.92
C3A CLA X . -2.75 -29.16 9.18
C4A CLA X . -4.18 -28.79 8.87
CMA CLA X . -2.12 -28.15 10.08
CAA CLA X . -2.57 -31.43 8.78
CBA CLA X . -1.98 -32.77 9.15
CGA CLA X . -0.60 -32.59 9.70
O1A CLA X . 0.00 -33.34 10.46
O2A CLA X . 0.02 -31.45 9.29
NB CLA X . -6.89 -27.69 8.30
C1B CLA X . -5.73 -27.19 7.82
C2B CLA X . -5.98 -26.00 6.97
C3B CLA X . -7.34 -25.80 6.98
C4B CLA X . -7.92 -26.86 7.83
CMB CLA X . -4.89 -25.25 6.36
CAB CLA X . -8.19 -24.80 6.40
CBB CLA X . -8.05 -24.17 5.22
NC CLA X . -9.15 -29.02 9.57
C1C CLA X . -9.81 -27.99 8.95
C2C CLA X . -11.21 -28.05 9.27
C3C CLA X . -11.39 -29.16 10.07
C4C CLA X . -10.09 -29.76 10.26
CMC CLA X . -12.21 -27.10 8.83
CAC CLA X . -12.67 -29.57 10.63
CBC CLA X . -12.81 -29.15 12.07
ND CLA X . -7.41 -30.87 10.70
C1D CLA X . -8.57 -31.43 11.27
C2D CLA X . -8.20 -32.58 12.09
C3D CLA X . -6.82 -32.63 12.07
C4D CLA X . -6.39 -31.54 11.19
CMD CLA X . -9.13 -33.43 12.79
CAD CLA X . -5.65 -33.33 12.52
OBD CLA X . -5.56 -34.30 13.26
CBD CLA X . -4.43 -32.61 11.88
CGD CLA X . -3.54 -32.01 12.93
O1D CLA X . -2.39 -31.59 12.80
O2D CLA X . -4.12 -31.93 14.16
CED CLA X . -3.32 -31.38 15.21
C1 CLA X . 1.12 -30.99 10.11
C2 CLA X . 2.37 -31.38 9.41
C3 CLA X . 3.28 -32.23 9.91
C4 CLA X . 3.14 -32.86 11.24
C5 CLA X . 4.51 -32.59 9.15
C6 CLA X . 4.69 -31.82 7.86
C7 CLA X . 5.34 -32.72 6.83
C8 CLA X . 6.72 -32.25 6.41
C9 CLA X . 6.58 -31.39 5.19
C10 CLA X . 7.62 -33.44 6.09
C11 CLA X . 8.99 -33.01 5.62
C12 CLA X . 9.45 -33.88 4.47
C13 CLA X . 10.20 -35.09 4.96
C14 CLA X . 11.52 -34.65 5.57
C15 CLA X . 10.45 -36.11 3.87
C16 CLA X . 9.16 -36.51 3.19
C17 CLA X . 9.03 -38.02 3.09
C18 CLA X . 9.47 -38.59 1.75
C19 CLA X . 9.11 -40.06 1.69
C20 CLA X . 8.81 -37.87 0.60
MG CLA Y . -0.13 -23.88 9.81
CHA CLA Y . -2.68 -21.82 8.77
CHB CLA Y . -2.14 -25.21 12.19
CHC CLA Y . 2.46 -25.89 10.83
CHD CLA Y . 2.06 -22.21 7.60
NA CLA Y . -2.12 -23.59 10.31
C1A CLA Y . -3.03 -22.69 9.75
C2A CLA Y . -4.38 -22.81 10.46
C3A CLA Y . -4.12 -23.79 11.61
C4A CLA Y . -2.70 -24.27 11.35
CMA CLA Y . -4.15 -23.07 12.93
CAA CLA Y . -5.37 -23.45 9.51
CBA CLA Y . -6.75 -23.55 10.08
CGA CLA Y . -7.48 -22.26 10.04
O1A CLA Y . -7.99 -21.69 9.08
O2A CLA Y . -7.58 -21.70 11.28
NB CLA Y . 0.10 -25.34 11.18
C1B CLA Y . -0.83 -25.70 12.10
C2B CLA Y . -0.27 -26.73 13.00
C3B CLA Y . 1.03 -26.92 12.62
C4B CLA Y . 1.28 -26.03 11.46
CMB CLA Y . -1.01 -27.32 14.11
CAB CLA Y . 2.04 -27.75 13.20
CBB CLA Y . 2.51 -28.85 12.64
NC CLA Y . 1.88 -24.05 9.28
C1C CLA Y . 2.75 -24.95 9.82
C2C CLA Y . 4.06 -24.78 9.22
C3C CLA Y . 3.96 -23.72 8.33
C4C CLA Y . 2.59 -23.27 8.38
CMC CLA Y . 5.22 -25.58 9.57
CAC CLA Y . 5.04 -23.18 7.51
CBC CLA Y . 5.62 -21.95 8.17
ND CLA Y . -0.21 -22.39 8.46
C1D CLA Y . 0.76 -21.79 7.63
C2D CLA Y . 0.13 -20.70 6.88
C3D CLA Y . -1.18 -20.67 7.26
C4D CLA Y . -1.35 -21.74 8.26
CMD CLA Y . 0.81 -19.84 5.90
CAD CLA Y . -2.45 -20.01 7.11
OBD CLA Y . -2.75 -19.08 6.39
CBD CLA Y . -3.45 -20.73 8.07
CGD CLA Y . -4.12 -19.76 9.00
O1D CLA Y . -5.21 -19.21 8.86
O2D CLA Y . -3.40 -19.51 10.14
CED CLA Y . -3.87 -18.47 10.99
C1 CLA Y . -7.44 -20.28 11.38
C2 CLA Y . -6.81 -19.99 12.69
C3 CLA Y . -7.51 -19.91 13.83
C4 CLA Y . -8.97 -20.10 13.88
C5 CLA Y . -6.86 -19.62 15.14
C6 CLA Y . -5.48 -19.00 15.02
C7 CLA Y . -4.46 -20.03 15.41
C8 CLA Y . -3.13 -19.41 15.84
C9 CLA Y . -2.53 -18.64 14.69
C10 CLA Y . -2.23 -20.53 16.35
C11 CLA Y . -0.75 -20.26 16.24
C12 CLA Y . 0.10 -21.51 16.24
C13 CLA Y . -0.43 -22.61 15.32
C14 CLA Y . 0.17 -23.95 15.67
C15 CLA Y . -0.24 -22.33 13.83
C16 CLA Y . 1.11 -21.75 13.47
C17 CLA Y . 1.19 -21.47 11.99
C18 CLA Y . 1.15 -19.99 11.66
C19 CLA Y . -0.25 -19.52 11.37
C20 CLA Y . 2.02 -19.72 10.45
MG CLA Z . 13.03 -16.37 -0.47
CHA CLA Z . 14.95 -13.57 -1.20
CHB CLA Z . 11.86 -14.88 2.33
CHC CLA Z . 11.05 -19.10 0.08
CHD CLA Z . 14.15 -17.82 -3.49
NA CLA Z . 13.37 -14.52 0.41
C1A CLA Z . 14.18 -13.47 -0.05
C2A CLA Z . 14.10 -12.28 0.89
C3A CLA Z . 13.21 -12.78 2.05
C4A CLA Z . 12.75 -14.15 1.58
CMA CLA Z . 13.99 -12.88 3.32
CAA CLA Z . 13.39 -11.10 0.22
CBA CLA Z . 12.20 -11.48 -0.62
CGA CLA Z . 11.67 -10.26 -1.33
O1A CLA Z . 12.12 -9.12 -1.29
O2A CLA Z . 10.57 -10.48 -2.09
NB CLA Z . 11.73 -16.90 0.95
C1B CLA Z . 11.37 -16.16 2.03
C2B CLA Z . 10.42 -16.92 2.88
C3B CLA Z . 10.20 -18.12 2.24
C4B CLA Z . 11.01 -18.11 1.00
CMB CLA Z . 9.87 -16.39 4.12
CAB CLA Z . 9.37 -19.25 2.57
CBB CLA Z . 8.08 -19.23 2.88
NC CLA Z . 12.69 -18.15 -1.50
C1C CLA Z . 11.83 -19.13 -1.10
C2C CLA Z . 11.81 -20.21 -2.07
C3C CLA Z . 12.69 -19.84 -3.08
C4C CLA Z . 13.23 -18.55 -2.72
CMC CLA Z . 10.99 -21.42 -2.01
CAC CLA Z . 13.01 -20.60 -4.29
CBC CLA Z . 12.16 -20.13 -5.45
ND CLA Z . 14.25 -15.88 -2.00
C1D CLA Z . 14.64 -16.57 -3.18
C2D CLA Z . 15.61 -15.76 -3.94
C3D CLA Z . 15.81 -14.63 -3.17
C4D CLA Z . 14.93 -14.74 -2.01
CMD CLA Z . 16.23 -16.13 -5.20
CAD CLA Z . 16.47 -13.35 -3.11
OBD CLA Z . 17.27 -12.84 -3.88
CBD CLA Z . 15.98 -12.66 -1.81
CGD CLA Z . 17.13 -12.52 -0.86
O1D CLA Z . 17.29 -13.15 0.19
O2D CLA Z . 18.09 -11.63 -1.23
CED CLA Z . 19.29 -11.59 -0.45
C1 CLA Z . 10.64 -9.94 -3.43
C2 CLA Z . 9.34 -9.32 -3.77
C3 CLA Z . 8.44 -9.86 -4.60
C4 CLA Z . 8.67 -11.15 -5.30
C5 CLA Z . 7.15 -9.17 -4.89
MG CLA AA . 13.69 -13.17 9.26
CHA CLA AA . 14.36 -16.55 9.60
CHB CLA AA . 12.10 -13.78 6.33
CHC CLA AA . 12.66 -9.93 9.23
CHD CLA AA . 15.38 -12.61 12.29
NA CLA AA . 13.36 -14.89 8.14
C1A CLA AA . 13.68 -16.20 8.46
C2A CLA AA . 13.21 -17.14 7.37
C3A CLA AA . 12.83 -16.19 6.22
C4A CLA AA . 12.73 -14.84 6.93
CMA CLA AA . 13.90 -16.17 5.18
CAA CLA AA . 11.98 -17.92 7.80
CBA CLA AA . 11.02 -17.24 8.75
CGA CLA AA . 9.62 -17.57 8.33
O1A CLA AA . 9.25 -18.41 7.51
O2A CLA AA . 8.69 -16.81 8.97
NB CLA AA . 12.61 -12.06 8.00
C1B CLA AA . 12.00 -12.50 6.88
C2B CLA AA . 11.22 -11.41 6.27
C3B CLA AA . 11.36 -10.31 7.09
C4B CLA AA . 12.26 -10.71 8.19
CMB CLA AA . 10.46 -11.59 5.03
CAB CLA AA . 10.81 -8.99 6.99
CBB CLA AA . 10.93 -8.16 5.94
NC CLA AA . 14.03 -11.54 10.51
C1C CLA AA . 13.52 -10.30 10.31
C2C CLA AA . 13.93 -9.42 11.39
C3C CLA AA . 14.70 -10.18 12.25
C4C CLA AA . 14.76 -11.51 11.69
CMC CLA AA . 13.57 -8.00 11.52
CAC CLA AA . 15.37 -9.76 13.48
CBC CLA AA . 16.82 -9.43 13.24
ND CLA AA . 14.74 -14.25 10.61
C1D CLA AA . 15.36 -13.89 11.82
C2D CLA AA . 15.92 -15.10 12.45
C3D CLA AA . 15.57 -16.15 11.64
C4D CLA AA . 14.82 -15.57 10.52
CMD CLA AA . 16.66 -15.09 13.71
CAD CLA AA . 15.63 -17.57 11.42
OBD CLA AA . 16.17 -18.44 12.10
CBD CLA AA . 14.83 -17.89 10.13
CGD CLA AA . 15.68 -18.69 9.17
O1D CLA AA . 15.93 -19.89 9.23
O2D CLA AA . 16.20 -18.00 8.12
CED CLA AA . 16.45 -18.72 6.92
C1 CLA AA . 7.31 -17.12 8.73
C2 CLA AA . 6.50 -16.21 9.58
C3 CLA AA . 5.16 -16.27 9.65
C4 CLA AA . 4.37 -17.26 8.88
C5 CLA AA . 4.38 -15.34 10.52
C6 CLA AA . 3.38 -14.52 9.73
C7 CLA AA . 4.06 -13.45 8.91
C8 CLA AA . 3.14 -12.90 7.84
C9 CLA AA . 2.86 -13.96 6.80
C10 CLA AA . 3.72 -11.65 7.19
C11 CLA AA . 2.71 -10.98 6.27
C12 CLA AA . 3.20 -9.59 5.92
C13 CLA AA . 2.15 -8.79 5.15
C14 CLA AA . 2.82 -7.89 4.13
C15 CLA AA . 1.32 -7.94 6.11
C16 CLA AA . -0.09 -8.48 6.23
C17 CLA AA . -0.84 -8.39 4.93
C18 CLA AA . -2.35 -8.48 5.14
C19 CLA AA . -2.72 -9.79 5.81
C20 CLA AA . -2.86 -7.32 5.95
MG CLA BA . 13.23 -3.70 5.43
CHA CLA BA . 13.92 -6.72 3.88
CHB CLA BA . 12.14 -2.45 2.48
CHC CLA BA . 12.48 -0.77 7.02
CHD CLA BA . 14.35 -5.06 8.48
NA CLA BA . 13.05 -4.48 3.50
C1A CLA BA . 13.36 -5.77 3.05
C2A CLA BA . 13.06 -5.91 1.55
C3A CLA BA . 12.53 -4.51 1.15
C4A CLA BA . 12.56 -3.75 2.47
CMA CLA BA . 13.42 -3.87 0.12
CAA CLA BA . 12.00 -6.94 1.17
CBA CLA BA . 10.95 -7.24 2.22
CGA CLA BA . 9.89 -8.12 1.64
O1A CLA BA . 8.84 -7.78 1.10
O2A CLA BA . 10.15 -9.45 1.71
NB CLA BA . 12.43 -1.95 4.86
C1B CLA BA . 12.13 -1.61 3.59
C2B CLA BA . 11.76 -0.18 3.53
C3B CLA BA . 11.84 0.30 4.80
C4B CLA BA . 12.27 -0.81 5.68
CMB CLA BA . 11.37 0.49 2.30
CAB CLA BA . 11.55 1.63 5.26
CBB CLA BA . 10.56 1.97 6.08
NC CLA BA . 13.37 -3.06 7.40
C1C CLA BA . 12.98 -1.82 7.84
C2C CLA BA . 13.17 -1.73 9.28
C3C CLA BA . 13.73 -2.94 9.69
C4C CLA BA . 13.85 -3.75 8.50
CMC CLA BA . 12.83 -0.57 10.09
CAC CLA BA . 14.13 -3.34 11.05
CBC CLA BA . 13.07 -4.14 11.77
ND CLA BA . 13.98 -5.45 6.09
C1D CLA BA . 14.42 -5.85 7.36
C2D CLA BA . 14.93 -7.22 7.26
C3D CLA BA . 14.76 -7.61 5.95
C4D CLA BA . 14.15 -6.47 5.26
CMD CLA BA . 15.49 -7.95 8.39
CAD CLA BA . 14.92 -8.67 4.99
OBD CLA BA . 15.37 -9.80 5.13
CBD CLA BA . 14.40 -8.12 3.64
CGD CLA BA . 15.47 -8.10 2.60
O1D CLA BA . 16.24 -7.17 2.35
O2D CLA BA . 15.55 -9.23 1.87
CED CLA BA . 16.68 -9.41 1.03
C1 CLA BA . 9.02 -10.33 1.85
C2 CLA BA . 8.68 -10.88 0.51
C3 CLA BA . 8.55 -12.19 0.26
C4 CLA BA . 8.72 -13.23 1.31
C5 CLA BA . 8.21 -12.68 -1.10
MG CLA CA . -3.66 -39.60 -3.81
CHA CLA CA . -5.42 -41.69 -5.92
CHB CLA CA . -5.16 -41.04 -1.12
CHC CLA CA . -1.41 -38.02 -1.77
CHD CLA CA . -2.12 -38.15 -6.62
NA CLA CA . -5.12 -41.06 -3.58
C1A CLA CA . -5.67 -41.88 -4.59
C2A CLA CA . -6.67 -42.86 -3.98
C3A CLA CA . -6.81 -42.36 -2.53
C4A CLA CA . -5.60 -41.44 -2.36
CMA CLA CA . -8.10 -41.61 -2.39
CAA CLA CA . -6.08 -44.27 -4.01
CBA CLA CA . -4.58 -44.34 -3.85
CGA CLA CA . -3.98 -45.70 -3.83
O1A CLA CA . -4.52 -46.80 -3.78
O2A CLA CA . -2.61 -45.65 -3.85
NB CLA CA . -3.38 -39.52 -1.82
C1B CLA CA . -4.08 -40.20 -0.89
C2B CLA CA . -3.54 -39.91 0.46
C3B CLA CA . -2.48 -39.05 0.29
C4B CLA CA . -2.36 -38.80 -1.17
CMB CLA CA . -4.10 -40.50 1.67
CAB CLA CA . -1.59 -38.47 1.26
CBB CLA CA . -1.96 -37.69 2.26
NC CLA CA . -2.10 -38.27 -4.14
C1C CLA CA . -1.29 -37.77 -3.15
C2C CLA CA . -0.25 -36.94 -3.74
C3C CLA CA . -0.47 -36.95 -5.11
C4C CLA CA . -1.63 -37.80 -5.35
CMC CLA CA . 0.78 -36.26 -2.97
CAC CLA CA . 0.31 -36.25 -6.15
CBC CLA CA . 1.54 -37.02 -6.57
ND CLA CA . -3.81 -39.71 -5.81
C1D CLA CA . -3.12 -39.05 -6.86
C2D CLA CA . -3.65 -39.52 -8.15
C3D CLA CA . -4.52 -40.55 -7.85
C4D CLA CA . -4.56 -40.64 -6.38
CMD CLA CA . -3.22 -39.00 -9.45
CAD CLA CA . -5.46 -41.52 -8.37
OBD CLA CA . -5.80 -41.72 -9.52
CBD CLA CA . -5.99 -42.33 -7.16
CGD CLA CA . -7.50 -42.38 -7.15
O1D CLA CA . -8.25 -43.34 -7.01
O2D CLA CA . -8.07 -41.16 -7.32
CED CLA CA . -8.66 -40.56 -6.16
C1 CLA CA . -1.92 -46.86 -3.52
C2 CLA CA . -0.49 -46.71 -3.91
C3 CLA CA . -0.05 -46.80 -5.17
C4 CLA CA . -0.93 -47.07 -6.32
C5 CLA CA . 1.40 -46.64 -5.46
C6 CLA CA . 1.78 -45.24 -5.88
C7 CLA CA . 3.27 -45.17 -6.17
C8 CLA CA . 4.01 -44.21 -5.25
C9 CLA CA . 4.54 -43.04 -6.05
C10 CLA CA . 5.14 -44.92 -4.52
C11 CLA CA . 4.95 -44.92 -3.02
C12 CLA CA . 5.18 -43.55 -2.41
C13 CLA CA . 5.80 -43.64 -1.03
C14 CLA CA . 4.78 -43.28 0.03
C15 CLA CA . 7.02 -42.74 -0.91
C16 CLA CA . 8.06 -43.04 -1.96
C17 CLA CA . 8.89 -44.26 -1.61
C18 CLA CA . 10.30 -44.13 -2.16
C19 CLA CA . 11.03 -43.01 -1.47
C20 CLA CA . 11.05 -45.44 -2.01
MG CLA DA . -10.24 -25.15 -5.82
CHA CLA DA . -13.13 -24.57 -4.02
CHB CLA DA . -11.47 -23.31 -8.40
CHC CLA DA . -7.15 -25.22 -7.31
CHD CLA DA . -8.95 -26.91 -3.06
NA CLA DA . -12.04 -24.19 -6.16
C1A CLA DA . -13.10 -24.00 -5.26
C2A CLA DA . -14.20 -23.17 -5.89
C3A CLA DA . -13.78 -23.10 -7.37
C4A CLA DA . -12.31 -23.53 -7.33
CMA CLA DA . -14.61 -24.03 -8.19
CAA CLA DA . -14.18 -21.75 -5.31
CBA CLA DA . -12.83 -21.26 -4.77
CGA CLA DA . -12.74 -19.83 -4.34
O1A CLA DA . -13.59 -19.09 -3.87
O2A CLA DA . -11.48 -19.34 -4.53
NB CLA DA . -9.47 -24.47 -7.55
C1B CLA DA . -10.13 -23.69 -8.44
C2B CLA DA . -9.20 -23.28 -9.54
C3B CLA DA . -7.97 -23.82 -9.24
C4B CLA DA . -8.14 -24.58 -7.97
CMB CLA DA . -9.63 -22.42 -10.63
CAB CLA DA . -6.71 -23.75 -9.91
CBB CLA DA . -6.10 -22.65 -10.37
NC CLA DA . -8.41 -25.97 -5.30
C1C CLA DA . -7.28 -25.87 -6.05
C2C CLA DA . -6.17 -26.46 -5.35
C3C CLA DA . -6.66 -26.96 -4.15
C4C CLA DA . -8.08 -26.64 -4.13
CMC CLA DA . -4.80 -26.46 -5.85
CAC CLA DA . -5.92 -27.59 -3.07
CBC CLA DA . -5.53 -26.60 -1.99
ND CLA DA . -10.88 -25.76 -4.01
C1D CLA DA . -10.26 -26.52 -3.00
C2D CLA DA . -11.22 -26.70 -1.89
C3D CLA DA . -12.32 -25.93 -2.20
C4D CLA DA . -12.05 -25.36 -3.53
CMD CLA DA . -10.94 -27.50 -0.70
CAD CLA DA . -13.64 -25.49 -1.80
OBD CLA DA . -14.26 -25.73 -0.79
CBD CLA DA . -14.18 -24.58 -2.93
CGD CLA DA . -15.52 -25.03 -3.42
O1D CLA DA . -15.80 -25.72 -4.40
O2D CLA DA . -16.54 -24.57 -2.64
CED CLA DA . -17.81 -25.23 -2.76
C1 CLA DA . -11.02 -18.27 -3.69
C2 CLA DA . -10.07 -18.90 -2.74
C3 CLA DA . -8.74 -18.73 -2.74
C4 CLA DA . -8.04 -17.86 -3.71
C5 CLA DA . -7.92 -19.44 -1.72
C6 CLA DA . -6.60 -18.81 -1.36
C7 CLA DA . -5.94 -19.63 -0.27
C8 CLA DA . -4.73 -20.41 -0.76
C9 CLA DA . -5.11 -21.78 -1.27
C10 CLA DA . -3.74 -20.60 0.37
C11 CLA DA . -3.26 -19.28 0.90
C12 CLA DA . -1.75 -19.25 0.89
C13 CLA DA . -1.19 -18.00 1.57
C14 CLA DA . 0.32 -18.11 1.66
C15 CLA DA . -1.79 -17.78 2.95
C16 CLA DA . -1.98 -16.30 3.21
C17 CLA DA . -1.03 -15.79 4.27
C18 CLA DA . -0.22 -14.60 3.76
C19 CLA DA . 1.24 -14.98 3.56
C20 CLA DA . -0.33 -13.42 4.70
MG CLA EA . -2.64 -49.71 1.61
CHA CLA EA . -5.89 -48.60 1.12
CHB CLA EA . -3.79 -52.73 2.62
CHC CLA EA . 0.59 -50.76 1.99
CHD CLA EA . -1.48 -46.55 0.56
NA CLA EA . -4.55 -50.50 1.84
C1A CLA EA . -5.77 -49.89 1.58
C2A CLA EA . -6.93 -50.86 1.87
C3A CLA EA . -6.21 -52.11 2.41
C4A CLA EA . -4.74 -51.78 2.28
CMA CLA EA . -6.57 -52.38 3.84
CAA CLA EA . -7.73 -51.24 0.64
CBA CLA EA . -6.90 -51.97 -0.40
CGA CLA EA . -6.36 -51.04 -1.43
O1A CLA EA . -6.99 -50.26 -2.13
O2A CLA EA . -5.00 -51.11 -1.55
NB CLA EA . -1.78 -51.41 2.22
C1B CLA EA . -2.41 -52.55 2.54
C2B CLA EA . -1.43 -53.62 2.85
C3B CLA EA . -0.17 -53.06 2.67
C4B CLA EA . -0.39 -51.65 2.27
CMB CLA EA . -1.85 -54.97 3.21
CAB CLA EA . 1.16 -53.59 2.80
CBB CLA EA . 1.59 -54.81 2.48
NC CLA EA . -0.79 -48.82 1.31
C1C CLA EA . 0.41 -49.44 1.52
C2C CLA EA . 1.49 -48.52 1.20
C3C CLA EA . 0.90 -47.32 0.81
C4C CLA EA . -0.53 -47.53 0.89
CMC CLA EA . 2.91 -48.84 1.26
CAC CLA EA . 1.59 -46.10 0.39
CBC CLA EA . 1.83 -46.07 -1.10
ND CLA EA . -3.43 -47.97 0.94
C1D CLA EA . -2.83 -46.74 0.57
C2D CLA EA . -3.89 -45.78 0.21
C3D CLA EA . -5.07 -46.44 0.38
C4D CLA EA . -4.73 -47.80 0.84
CMD CLA EA . -3.63 -44.41 -0.22
CAD CLA EA . -6.51 -46.37 0.28
OBD CLA EA . -7.22 -45.45 -0.11
CBD CLA EA . -7.07 -47.72 0.81
CGD CLA EA . -7.90 -47.53 2.04
O1D CLA EA . -7.72 -48.02 3.15
O2D CLA EA . -8.96 -46.70 1.88
CED CLA EA . -10.13 -47.03 2.63
C1 CLA EA . -4.29 -50.02 -2.20
C2 CLA EA . -2.88 -50.11 -1.76
C3 CLA EA . -1.82 -50.34 -2.54
C4 CLA EA . -1.93 -50.52 -4.00
C5 CLA EA . -0.45 -50.42 -1.99
C6 CLA EA . 0.14 -51.80 -2.16
C7 CLA EA . 1.43 -51.94 -1.37
C8 CLA EA . 1.84 -53.40 -1.22
C9 CLA EA . 3.34 -53.51 -1.12
MG CLA FA . -2.98 -40.62 5.09
CHA CLA FA . -3.33 -37.31 6.00
CHB CLA FA . 0.40 -40.26 5.06
CHC CLA FA . -2.70 -43.86 4.10
CHD CLA FA . -6.51 -40.93 5.03
NA CLA FA . -1.70 -39.03 5.50
C1A CLA FA . -2.03 -37.73 5.88
C2A CLA FA . -0.77 -36.89 6.07
C3A CLA FA . 0.37 -37.85 5.66
C4A CLA FA . -0.34 -39.15 5.40
CMA CLA FA . 1.05 -37.35 4.42
CAA CLA FA . -0.57 -36.52 7.53
CBA CLA FA . 0.31 -35.29 7.63
CGA CLA FA . 1.73 -35.70 7.83
O1A CLA FA . 2.21 -36.36 8.75
O2A CLA FA . 2.55 -35.28 6.84
NB CLA FA . -1.45 -41.84 4.67
C1B CLA FA . -0.13 -41.52 4.75
C2B CLA FA . 0.71 -42.70 4.42
C3B CLA FA . -0.16 -43.73 4.14
C4B CLA FA . -1.54 -43.18 4.28
CMB CLA FA . 2.16 -42.63 4.43
CAB CLA FA . 0.07 -45.09 3.74
CBB CLA FA . 0.92 -45.94 4.31
NC CLA FA . -4.37 -42.13 4.70
C1C CLA FA . -4.02 -43.38 4.33
C2C CLA FA . -5.19 -44.20 4.13
C3C CLA FA . -6.29 -43.38 4.38
C4C CLA FA . -5.76 -42.07 4.73
CMC CLA FA . -5.15 -45.60 3.75
CAC CLA FA . -7.71 -43.74 4.29
CBC CLA FA . -8.29 -44.49 5.46
ND CLA FA . -4.60 -39.47 5.47
C1D CLA FA . -5.99 -39.71 5.38
C2D CLA FA . -6.70 -38.47 5.67
C3D CLA FA . -5.74 -37.51 5.90
C4D CLA FA . -4.45 -38.19 5.76
CMD CLA FA . -8.15 -38.32 5.67
CAD CLA FA . -5.48 -36.12 6.19
OBD CLA FA . -6.27 -35.20 6.33
CBD CLA FA . -3.94 -35.97 6.30
CGD CLA FA . -3.39 -34.93 5.37
O1D CLA FA . -2.58 -34.05 5.64
O2D CLA FA . -3.84 -35.05 4.10
CED CLA FA . -3.12 -34.33 3.11
C1 CLA FA . 3.74 -36.07 6.64
C2 CLA FA . 4.27 -35.73 5.30
C3 CLA FA . 4.89 -36.62 4.50
C4 CLA FA . 5.07 -38.03 4.90
C5 CLA FA . 5.39 -36.18 3.17
C6 CLA FA . 5.47 -37.29 2.15
C7 CLA FA . 4.27 -37.27 1.25
C8 CLA FA . 3.92 -38.64 0.67
C9 CLA FA . 4.64 -38.88 -0.63
C10 CLA FA . 2.43 -38.72 0.46
C11 CLA FA . 1.84 -39.62 1.53
C12 CLA FA . 1.91 -41.06 1.09
C13 CLA FA . 0.70 -41.36 0.24
C14 CLA FA . -0.43 -41.91 1.08
C15 CLA FA . 1.06 -42.37 -0.84
C16 CLA FA . 0.04 -42.26 -1.94
C17 CLA FA . 0.69 -41.80 -3.23
C18 CLA FA . -0.34 -41.39 -4.26
C19 CLA FA . -1.48 -42.37 -4.35
C20 CLA FA . 0.30 -41.20 -5.61
MG CLA GA . 18.45 -39.45 2.36
CHA CLA GA . 20.56 -37.21 0.80
CHB CLA GA . 16.74 -36.87 3.71
CHC CLA GA . 16.14 -41.69 3.58
CHD CLA GA . 20.29 -42.10 0.95
NA CLA GA . 18.67 -37.38 2.30
C1A CLA GA . 19.59 -36.62 1.56
C2A CLA GA . 19.39 -35.12 1.80
C3A CLA GA . 18.34 -35.10 2.94
C4A CLA GA . 17.86 -36.54 2.99
CMA CLA GA . 18.97 -34.68 4.23
CAA CLA GA . 18.90 -34.35 0.59
CBA CLA GA . 17.85 -35.09 -0.22
CGA CLA GA . 17.63 -34.40 -1.52
O1A CLA GA . 18.43 -33.77 -2.20
O2A CLA GA . 16.36 -34.51 -2.01
NB CLA GA . 16.79 -39.31 3.50
C1B CLA GA . 16.21 -38.16 3.85
C2B CLA GA . 14.89 -38.42 4.46
C3B CLA GA . 14.71 -39.78 4.43
C4B CLA GA . 15.92 -40.37 3.81
CMB CLA GA . 14.02 -37.35 4.94
CAB CLA GA . 13.58 -40.55 4.88
CBB CLA GA . 13.15 -40.60 6.14
NC CLA GA . 18.28 -41.53 2.32
C1C CLA GA . 17.26 -42.24 2.89
C2C CLA GA . 17.46 -43.67 2.64
C3C CLA GA . 18.62 -43.77 1.89
C4C CLA GA . 19.14 -42.43 1.69
CMC CLA GA . 16.59 -44.74 3.08
CAC CLA GA . 19.22 -45.02 1.40
CBC CLA GA . 20.28 -45.53 2.34
ND CLA GA . 20.06 -39.68 1.18
C1D CLA GA . 20.74 -40.83 0.71
C2D CLA GA . 21.91 -40.40 -0.08
C3D CLA GA . 21.87 -39.02 -0.11
C4D CLA GA . 20.71 -38.63 0.70
CMD CLA GA . 22.86 -41.28 -0.74
CAD CLA GA . 22.52 -37.82 -0.58
OBD CLA GA . 23.48 -37.68 -1.30
CBD CLA GA . 21.70 -36.63 0.00
CGD CLA GA . 22.50 -35.72 0.87
O1D CLA GA . 22.45 -34.50 0.92
O2D CLA GA . 23.31 -36.34 1.75
CED CLA GA . 23.17 -35.84 3.07
C1 CLA GA . 16.20 -34.60 -3.44
C2 CLA GA . 15.87 -36.01 -3.73
C3 CLA GA . 16.15 -36.61 -4.90
C4 CLA GA . 16.84 -35.91 -6.02
C5 CLA GA . 15.79 -38.04 -5.13
MG CLA HA . 21.06 -50.98 4.84
CHA CLA HA . 23.69 -52.49 3.18
CHB CLA HA . 19.83 -49.86 1.87
CHC CLA HA . 18.33 -49.70 6.49
CHD CLA HA . 22.34 -52.19 7.90
NA CLA HA . 21.69 -51.15 2.86
C1A CLA HA . 22.79 -51.85 2.36
C2A CLA HA . 22.87 -51.72 0.85
C3A CLA HA . 21.73 -50.75 0.50
C4A CLA HA . 21.01 -50.57 1.82
CMA CLA HA . 22.28 -49.43 0.01
CAA CLA HA . 22.61 -53.03 0.12
CBA CLA HA . 21.54 -53.86 0.77
CGA CLA HA . 21.74 -55.28 0.37
O1A CLA HA . 22.78 -55.95 0.39
O2A CLA HA . 20.59 -55.86 -0.08
NB CLA HA . 19.40 -49.96 4.29
C1B CLA HA . 19.08 -49.61 3.02
C2B CLA HA . 17.78 -48.89 3.01
C3B CLA HA . 17.35 -48.84 4.32
C4B CLA HA . 18.38 -49.52 5.15
CMB CLA HA . 17.20 -48.41 1.76
CAB CLA HA . 16.18 -48.29 4.94
CBB CLA HA . 14.93 -48.22 4.47
NC CLA HA . 20.47 -50.94 6.83
C1C CLA HA . 19.31 -50.38 7.27
C2C CLA HA . 19.19 -50.56 8.71
C3C CLA HA . 20.32 -51.26 9.12
C4C CLA HA . 21.12 -51.50 7.92
CMC CLA HA . 18.06 -50.09 9.50
CAC CLA HA . 20.65 -51.69 10.47
CBC CLA HA . 20.13 -53.09 10.71
ND CLA HA . 22.66 -52.04 5.47
C1D CLA HA . 23.08 -52.46 6.76
C2D CLA HA . 24.37 -53.16 6.63
C3D CLA HA . 24.65 -53.20 5.29
C4D CLA HA . 23.55 -52.52 4.61
CMD CLA HA . 25.14 -53.69 7.75
CAD CLA HA . 25.59 -53.61 4.27
OBD CLA HA . 26.69 -54.14 4.37
CBD CLA HA . 24.99 -53.20 2.90
CGD CLA HA . 25.93 -52.31 2.16
O1D CLA HA . 26.77 -52.62 1.33
O2D CLA HA . 25.80 -51.00 2.51
CED CLA HA . 26.82 -50.08 2.08
MG CLA IA . 22.67 -39.12 -5.27
CHA CLA IA . 24.52 -36.36 -6.33
CHB CLA IA . 20.54 -37.08 -3.61
CHC CLA IA . 20.98 -41.88 -4.12
CHD CLA IA . 24.76 -41.21 -7.19
NA CLA IA . 22.55 -37.05 -5.05
C1A CLA IA . 23.41 -36.06 -5.56
C2A CLA IA . 22.93 -34.67 -5.15
C3A CLA IA . 21.62 -34.96 -4.37
C4A CLA IA . 21.55 -36.47 -4.33
CMA CLA IA . 21.60 -34.38 -2.99
CAA CLA IA . 22.54 -33.81 -6.34
CBA CLA IA . 21.68 -34.59 -7.32
CGA CLA IA . 21.23 -33.72 -8.44
O1A CLA IA . 21.65 -32.61 -8.76
O2A CLA IA . 20.22 -34.27 -9.17
NB CLA IA . 21.12 -39.43 -4.03
C1B CLA IA . 20.34 -38.47 -3.49
C2B CLA IA . 19.20 -39.08 -2.74
C3B CLA IA . 19.33 -40.45 -2.89
C4B CLA IA . 20.54 -40.67 -3.72
CMB CLA IA . 18.21 -38.27 -2.07
CAB CLA IA . 18.55 -41.58 -2.47
CBB CLA IA . 17.73 -41.69 -1.42
NC CLA IA . 22.84 -41.17 -5.60
C1C CLA IA . 22.05 -42.11 -5.02
C2C CLA IA . 22.45 -43.44 -5.44
C3C CLA IA . 23.50 -43.26 -6.33
C4C CLA IA . 23.74 -41.83 -6.45
CMC CLA IA . 21.81 -44.67 -4.97
CAC CLA IA . 24.23 -44.33 -7.02
CBC CLA IA . 23.50 -44.71 -8.28
ND CLA IA . 24.22 -38.91 -6.56
C1D CLA IA . 25.03 -39.86 -7.22
C2D CLA IA . 26.13 -39.14 -7.91
C3D CLA IA . 25.99 -37.82 -7.58
C4D CLA IA . 24.79 -37.72 -6.74
CMD CLA IA . 27.19 -39.73 -8.72
CAD CLA IA . 26.53 -36.49 -7.75
OBD CLA IA . 27.51 -36.12 -8.40
CBD CLA IA . 25.64 -35.53 -6.93
CGD CLA IA . 26.49 -34.78 -5.95
O1D CLA IA . 27.51 -34.13 -6.19
O2D CLA IA . 26.08 -34.85 -4.66
CED CLA IA . 26.84 -35.65 -3.75
MG CLA JA . 18.06 -53.48 19.54
CHA CLA JA . 20.64 -53.91 21.83
CHB CLA JA . 20.20 -54.15 17.00
CHC CLA JA . 15.42 -53.35 17.37
CHD CLA JA . 15.86 -52.93 22.23
NA CLA JA . 20.10 -53.95 19.46
C1A CLA JA . 20.99 -54.11 20.52
C2A CLA JA . 22.37 -54.49 20.02
C3A CLA JA . 22.22 -54.47 18.49
C4A CLA JA . 20.74 -54.18 18.28
CMA CLA JA . 23.14 -53.45 17.87
CAA CLA JA . 22.68 -55.94 20.44
CBA CLA JA . 21.56 -56.92 20.13
CGA CLA JA . 20.85 -57.37 21.36
O1A CLA JA . 21.23 -58.19 22.20
O2A CLA JA . 19.62 -56.79 21.56
NB CLA JA . 17.88 -53.55 17.55
C1B CLA JA . 18.85 -53.95 16.69
C2B CLA JA . 18.28 -54.21 15.35
C3B CLA JA . 16.92 -53.99 15.44
C4B CLA JA . 16.65 -53.59 16.85
CMB CLA JA . 19.15 -54.67 14.27
CAB CLA JA . 15.82 -54.17 14.52
CBB CLA JA . 15.84 -54.23 13.18
NC CLA JA . 16.03 -53.15 19.76
C1C CLA JA . 15.12 -53.15 18.74
C2C CLA JA . 13.78 -52.93 19.27
C3C CLA JA . 13.90 -52.83 20.64
C4C CLA JA . 15.32 -52.97 20.94
CMC CLA JA . 12.55 -52.89 18.50
CAC CLA JA . 12.79 -52.66 21.59
CBC CLA JA . 12.67 -51.25 22.11
ND CLA JA . 18.14 -53.48 21.56
C1D CLA JA . 17.17 -53.15 22.53
C2D CLA JA . 17.81 -53.12 23.86
C3D CLA JA . 19.14 -53.40 23.66
C4D CLA JA . 19.29 -53.61 22.21
CMD CLA JA . 17.09 -52.82 25.10
CAD CLA JA . 20.44 -53.59 24.26
OBD CLA JA . 20.76 -53.58 25.44
CBD CLA JA . 21.45 -53.86 23.11
CGD CLA JA . 22.49 -52.79 23.02
O1D CLA JA . 22.56 -51.89 22.18
O2D CLA JA . 23.46 -52.87 23.96
CED CLA JA . 24.79 -52.56 23.55
C1 CLA JA . 18.51 -57.05 20.67
C2 CLA JA . 17.30 -56.83 21.50
C3 CLA JA . 16.02 -56.70 21.10
C4 CLA JA . 14.96 -56.48 22.10
C5 CLA JA . 15.55 -56.75 19.69
C6 CLA JA . 14.29 -57.57 19.51
C7 CLA JA . 13.18 -56.76 18.86
C8 CLA JA . 11.78 -57.27 19.21
C9 CLA JA . 11.28 -58.22 18.16
C10 CLA JA . 10.82 -56.11 19.37
C11 CLA JA . 9.39 -56.53 19.63
C12 CLA JA . 8.39 -55.58 18.99
C13 CLA JA . 7.16 -55.36 19.87
C14 CLA JA . 7.50 -54.44 21.03
C15 CLA JA . 6.56 -56.66 20.39
MG CLA KA . 14.65 -43.59 22.48
CHA CLA KA . 15.16 -40.26 23.24
CHB CLA KA . 17.97 -44.01 21.97
CHC CLA KA . 14.05 -46.88 21.77
CHD CLA KA . 11.19 -43.12 23.04
NA CLA KA . 16.28 -42.32 22.60
C1A CLA KA . 16.31 -40.95 22.93
C2A CLA KA . 17.74 -40.41 22.89
C3A CLA KA . 18.55 -41.59 22.35
C4A CLA KA . 17.55 -42.74 22.30
CMA CLA KA . 19.05 -41.28 20.97
CAA CLA KA . 18.25 -40.00 24.26
CBA CLA KA . 19.63 -40.49 24.64
CGA CLA KA . 19.52 -41.68 25.53
O1A CLA KA . 20.37 -42.18 26.25
O2A CLA KA . 18.28 -42.27 25.50
NB CLA KA . 15.79 -45.14 21.92
C1B CLA KA . 17.14 -45.13 21.86
C2B CLA KA . 17.62 -46.50 21.56
C3B CLA KA . 16.53 -47.30 21.50
C4B CLA KA . 15.33 -46.46 21.74
CMB CLA KA . 19.00 -46.90 21.36
CAB CLA KA . 16.48 -48.71 21.30
CBB CLA KA . 16.64 -49.59 22.29
NC CLA KA . 12.93 -44.77 22.40
C1C CLA KA . 12.91 -46.09 22.06
C2C CLA KA . 11.54 -46.59 22.06
C3C CLA KA . 10.74 -45.53 22.46
C4C CLA KA . 11.62 -44.39 22.66
CMC CLA KA . 11.14 -47.94 21.74
CAC CLA KA . 9.28 -45.51 22.61
CBC CLA KA . 8.83 -45.97 23.97
ND CLA KA . 13.42 -42.12 23.07
C1D CLA KA . 12.02 -42.05 23.25
C2D CLA KA . 11.64 -40.69 23.64
C3D CLA KA . 12.81 -39.96 23.64
C4D CLA KA . 13.89 -40.89 23.27
CMD CLA KA . 10.28 -40.26 23.93
CAD CLA KA . 13.40 -38.68 23.88
OBD CLA KA . 12.87 -37.64 24.24
CBD CLA KA . 14.91 -38.82 23.57
CGD CLA KA . 15.31 -37.96 22.42
O1D CLA KA . 15.18 -38.21 21.22
O2D CLA KA . 15.86 -36.77 22.77
CED CLA KA . 16.09 -35.81 21.75
C1 CLA KA . 18.26 -43.69 25.72
C2 CLA KA . 16.88 -44.15 25.45
C3 CLA KA . 16.04 -44.55 26.41
C4 CLA KA . 16.42 -44.57 27.84
C5 CLA KA . 14.68 -45.01 26.08
C6 CLA KA . 14.63 -46.51 26.07
C7 CLA KA . 13.19 -46.97 25.92
C8 CLA KA . 13.02 -48.48 25.85
C9 CLA KA . 14.01 -49.10 24.88
C10 CLA KA . 11.59 -48.79 25.41
C11 CLA KA . 11.27 -50.26 25.51
C12 CLA KA . 9.77 -50.50 25.57
C13 CLA KA . 9.18 -50.73 24.18
C14 CLA KA . 8.24 -51.91 24.18
MG CLA LA . 12.92 -38.95 15.00
CHA CLA LA . 15.42 -36.77 14.06
CHB CLA LA . 13.86 -38.62 18.24
CHC CLA LA . 10.25 -40.88 15.95
CHD CLA LA . 11.77 -39.06 11.66
NA CLA LA . 14.45 -37.92 15.97
C1A CLA LA . 15.38 -37.05 15.40
C2A CLA LA . 16.27 -36.48 16.49
C3A CLA LA . 15.93 -37.32 17.73
C4A CLA LA . 14.65 -38.02 17.31
CMA CLA LA . 17.02 -38.30 18.07
CAA CLA LA . 15.87 -35.02 16.71
CBA CLA LA . 15.09 -34.68 17.97
CGA CLA LA . 13.63 -34.89 17.79
O1A CLA LA . 13.05 -35.33 16.79
O2A CLA LA . 12.88 -34.56 18.88
NB CLA LA . 12.24 -39.69 16.74
C1B CLA LA . 12.68 -39.30 17.96
C2B CLA LA . 11.71 -39.72 19.00
C3B CLA LA . 10.70 -40.37 18.37
C4B CLA LA . 11.02 -40.37 16.92
CMB CLA LA . 11.97 -39.39 20.38
CAB CLA LA . 9.50 -41.00 18.86
CBB CLA LA . 9.38 -41.74 19.96
NC CLA LA . 11.37 -39.87 13.97
C1C CLA LA . 10.43 -40.65 14.57
C2C CLA LA . 9.53 -41.18 13.58
C3C CLA LA . 9.88 -40.60 12.36
C4C CLA LA . 11.05 -39.78 12.62
CMC CLA LA . 8.45 -42.07 13.95
CAC CLA LA . 9.25 -40.80 11.05
CBC CLA LA . 8.36 -39.65 10.65
ND CLA LA . 13.48 -38.20 13.22
C1D CLA LA . 12.91 -38.32 11.92
C2D CLA LA . 13.71 -37.50 10.99
C3D CLA LA . 14.71 -36.92 11.76
C4D CLA LA . 14.50 -37.36 13.14
CMD CLA LA . 13.45 -37.37 9.57
CAD CLA LA . 15.84 -36.01 11.76
OBD CLA LA . 16.32 -35.37 10.85
CBD CLA LA . 16.35 -35.93 13.22
CGD CLA LA . 17.76 -36.43 13.33
O1D CLA LA . 18.22 -37.45 12.83
O2D CLA LA . 18.59 -35.66 14.08
CED CLA LA . 19.67 -36.32 14.75
C1 CLA LA . 12.52 -35.61 19.78
C2 CLA LA . 11.09 -35.93 19.56
C3 CLA LA . 10.25 -36.24 20.58
C4 CLA LA . 10.69 -36.26 21.99
C5 CLA LA . 8.82 -36.57 20.34
C6 CLA LA . 8.62 -37.45 19.12
C7 CLA LA . 7.17 -37.48 18.71
C8 CLA LA . 6.78 -38.83 18.10
C9 CLA LA . 6.51 -38.69 16.62
C10 CLA LA . 5.56 -39.41 18.79
C11 CLA LA . 5.89 -40.77 19.37
C12 CLA LA . 4.72 -41.39 20.09
C13 CLA LA . 5.15 -42.66 20.82
C14 CLA LA . 3.95 -43.46 21.25
C15 CLA LA . 6.02 -42.32 22.02
C16 CLA LA . 5.29 -41.42 22.99
C17 CLA LA . 6.24 -40.88 24.03
C18 CLA LA . 6.08 -39.40 24.26
C19 CLA LA . 6.34 -38.63 22.98
C20 CLA LA . 7.05 -38.93 25.31
MG CLA MA . 1.38 -55.80 6.56
CHA CLA MA . -2.08 -56.08 6.81
CHB CLA MA . 1.68 -59.15 6.83
CHC CLA MA . 4.78 -55.46 6.22
CHD CLA MA . 1.02 -52.32 6.34
NA CLA MA . 0.01 -57.34 6.78
C1A CLA MA . -1.39 -57.27 6.85
C2A CLA MA . -1.99 -58.66 6.99
C3A CLA MA . -0.77 -59.56 7.16
C4A CLA MA . 0.40 -58.64 6.88
CMA CLA MA . -0.65 -60.00 8.58
CAA CLA MA . -2.79 -59.04 5.76
CBA CLA MA . -2.01 -59.78 4.68
CGA CLA MA . -1.82 -58.88 3.50
O1A CLA MA . -2.61 -58.58 2.62
O2A CLA MA . -0.55 -58.37 3.45
NB CLA MA . 2.94 -57.08 6.51
C1B CLA MA . 2.85 -58.41 6.64
C2B CLA MA . 4.21 -59.01 6.58
C3B CLA MA . 5.09 -57.98 6.40
C4B CLA MA . 4.30 -56.73 6.37
CMB CLA MA . 4.45 -60.44 6.70
CAB CLA MA . 6.53 -58.02 6.30
CBB CLA MA . 7.24 -57.72 5.21
NC CLA MA . 2.65 -54.17 6.32
C1C CLA MA . 4.00 -54.26 6.19
C2C CLA MA . 4.58 -52.95 6.04
C3C CLA MA . 3.53 -52.04 6.09
C4C CLA MA . 2.32 -52.83 6.26
CMC CLA MA . 6.00 -52.67 5.88
CAC CLA MA . 3.64 -50.57 5.98
CBC CLA MA . 3.07 -49.98 4.73
ND CLA MA . -0.13 -54.47 6.58
C1D CLA MA . -0.13 -53.06 6.48
C2D CLA MA . -1.51 -52.57 6.55
C3D CLA MA . -2.30 -53.68 6.70
C4D CLA MA . -1.39 -54.84 6.70
CMD CLA MA . -1.87 -51.16 6.47
CAD CLA MA . -3.65 -54.18 6.84
OBD CLA MA . -4.71 -53.58 6.88
CBD CLA MA . -3.55 -55.73 6.94
CGD CLA MA . -4.14 -56.23 8.21
O1D CLA MA . -5.31 -56.57 8.44
O2D CLA MA . -3.25 -56.31 9.24
CED CLA MA . -3.75 -56.18 10.56
C1 CLA MA . 0.27 -58.78 2.33
C2 CLA MA . 1.67 -58.81 2.81
C3 CLA MA . 2.72 -58.44 2.06
C4 CLA MA . 2.56 -57.96 0.67
C5 CLA MA . 4.10 -58.50 2.60
C6 CLA MA . 4.83 -57.18 2.48
C7 CLA MA . 6.15 -57.36 1.76
C8 CLA MA . 6.71 -56.04 1.25
MG CLA NA . -1.84 -46.73 19.97
CHA CLA NA . -4.98 -47.51 21.22
CHB CLA NA . -3.02 -43.72 18.91
CHC CLA NA . 1.35 -45.86 19.06
CHD CLA NA . -0.68 -49.88 21.03
NA CLA NA . -3.70 -45.80 20.04
C1A CLA NA . -4.88 -46.27 20.64
C2A CLA NA . -6.00 -45.26 20.46
C3A CLA NA . -5.39 -44.18 19.56
C4A CLA NA . -3.92 -44.57 19.50
CMA CLA NA . -6.02 -44.21 18.21
CAA CLA NA . -6.38 -44.64 21.80
CBA CLA NA . -5.20 -44.17 22.63
CGA CLA NA . -5.37 -44.52 24.06
O1A CLA NA . -5.53 -45.63 24.58
O2A CLA NA . -5.34 -43.43 24.87
NB CLA NA . -1.00 -45.13 19.10
C1B CLA NA . -1.65 -43.99 18.80
C2B CLA NA . -0.68 -42.98 18.31
C3B CLA NA . 0.56 -43.55 18.35
C4B CLA NA . 0.38 -44.94 18.86
CMB CLA NA . -1.12 -41.66 17.92
CAB CLA NA . 1.84 -43.00 18.01
CBB CLA NA . 2.18 -42.43 16.86
NC CLA NA . -0.01 -47.72 19.99
C1C CLA NA . 1.16 -47.17 19.57
C2C CLA NA . 2.24 -48.12 19.74
C3C CLA NA . 1.68 -49.26 20.29
C4C CLA NA . 0.26 -49.00 20.45
CMC CLA NA . 3.64 -47.85 19.39
CAC CLA NA . 2.37 -50.52 20.63
CBC CLA NA . 2.67 -50.68 22.11
ND CLA NA . -2.59 -48.36 20.87
C1D CLA NA . -1.99 -49.59 21.25
C2D CLA NA . -3.03 -50.45 21.86
C3D CLA NA . -4.19 -49.70 21.88
C4D CLA NA . -3.86 -48.41 21.25
CMD CLA NA . -2.77 -51.79 22.37
CAD CLA NA . -5.60 -49.67 22.21
OBD CLA NA . -6.31 -50.53 22.68
CBD CLA NA . -6.12 -48.26 21.84
CGD CLA NA . -7.33 -48.33 20.96
O1D CLA NA . -7.42 -48.81 19.84
O2D CLA NA . -8.43 -47.75 21.51
CED CLA NA . -9.69 -47.92 20.87
C1 CLA NA . -4.06 -42.98 25.33
C2 CLA NA . -4.28 -41.58 25.75
C3 CLA NA . -3.34 -40.78 26.27
C4 CLA NA . -1.94 -41.21 26.49
C5 CLA NA . -3.68 -39.38 26.64
C6 CLA NA . -5.17 -39.12 26.78
C7 CLA NA . -5.37 -37.71 27.27
C8 CLA NA . -6.80 -37.22 27.20
C9 CLA NA . -7.09 -36.63 25.85
C10 CLA NA . -7.03 -36.19 28.30
C11 CLA NA . -8.35 -35.46 28.22
C12 CLA NA . -8.58 -34.70 29.51
C13 CLA NA . -9.82 -33.83 29.43
C14 CLA NA . -9.74 -32.71 30.43
C15 CLA NA . -11.07 -34.66 29.67
C16 CLA NA . -12.31 -33.80 29.51
C17 CLA NA . -13.09 -34.21 28.28
C18 CLA NA . -14.57 -34.13 28.58
C19 CLA NA . -15.22 -32.96 27.89
C20 CLA NA . -15.25 -35.43 28.18
MG CLA OA . -4.30 -57.80 20.21
CHA CLA OA . -6.09 -60.35 18.67
CHB CLA OA . -5.82 -58.51 23.17
CHC CLA OA . -2.34 -55.42 21.72
CHD CLA OA . -2.70 -57.17 17.14
NA CLA OA . -5.72 -59.21 20.80
C1A CLA OA . -6.33 -60.21 20.02
C2A CLA OA . -7.27 -61.05 20.86
C3A CLA OA . -7.23 -60.37 22.25
C4A CLA OA . -6.17 -59.29 22.08
CMA CLA OA . -8.58 -59.79 22.58
CAA CLA OA . -6.74 -62.47 21.06
CBA CLA OA . -5.25 -62.56 21.32
NB CLA OA . -4.07 -57.15 22.09
C1B CLA OA . -4.86 -57.48 23.13
C2B CLA OA . -4.61 -56.58 24.29
C3B CLA OA . -3.63 -55.69 23.88
C4B CLA OA . -3.28 -56.05 22.48
CMB CLA OA . -5.32 -56.68 25.55
CAB CLA OA . -3.01 -54.62 24.60
CBB CLA OA . -1.97 -54.75 25.41
NC CLA OA . -2.82 -56.52 19.54
C1C CLA OA . -2.13 -55.63 20.34
C2C CLA OA . -1.11 -54.95 19.54
C3C CLA OA . -1.23 -55.44 18.25
C4C CLA OA . -2.29 -56.43 18.26
CMC CLA OA . -0.18 -53.96 20.06
CAC CLA OA . -0.39 -55.10 17.11
CBC CLA OA . 0.68 -56.15 16.94
ND CLA OA . -4.41 -58.46 18.31
C1D CLA OA . -3.69 -58.12 17.14
C2D CLA OA . -4.17 -58.92 16.01
C3D CLA OA . -5.12 -59.77 16.53
C4D CLA OA . -5.20 -59.47 17.98
CMD CLA OA . -3.69 -58.77 14.64
CAD CLA OA . -6.08 -60.81 16.26
OBD CLA OA . -6.42 -61.30 15.19
CBD CLA OA . -6.67 -61.26 17.62
CGD CLA OA . -8.16 -61.20 17.61
O1D CLA OA . -8.96 -62.13 17.60
O2D CLA OA . -8.65 -59.92 17.63
CED CLA OA . -10.06 -59.75 17.69
MG CLA PA . -8.24 -53.48 28.02
CHA CLA PA . -9.63 -55.84 25.89
CHB CLA PA . -10.19 -54.62 30.54
CHC CLA PA . -6.70 -51.27 30.13
CHD CLA PA . -6.21 -52.35 25.36
NA CLA PA . -9.67 -54.98 28.16
C1A CLA PA . -10.10 -55.86 27.16
C2A CLA PA . -11.17 -56.81 27.70
C3A CLA PA . -11.51 -56.19 29.06
C4A CLA PA . -10.37 -55.21 29.30
CMA CLA PA . -12.82 -55.49 28.91
CAA CLA PA . -10.56 -58.18 27.92
NB CLA PA . -8.46 -52.98 29.94
C1B CLA PA . -9.22 -53.66 30.85
C2B CLA PA . -8.89 -53.21 32.22
C3B CLA PA . -7.90 -52.26 32.11
C4B CLA PA . -7.62 -52.11 30.66
CMB CLA PA . -9.54 -53.75 33.42
CAB CLA PA . -7.21 -51.50 33.11
CBB CLA PA . -6.37 -52.02 34.01
NC CLA PA . -6.75 -52.04 27.76
C1C CLA PA . -6.29 -51.24 28.77
C2C CLA PA . -5.27 -50.35 28.27
C3C CLA PA . -5.09 -50.66 26.92
C4C CLA PA . -6.04 -51.73 26.62
CMC CLA PA . -4.56 -49.37 29.10
CAC CLA PA . -4.15 -50.04 25.98
CBC CLA PA . -4.63 -48.71 25.46
ND CLA PA . -7.91 -53.95 26.08
C1D CLA PA . -7.08 -53.38 25.09
C2D CLA PA . -7.32 -54.08 23.81
C3D CLA PA . -8.29 -55.02 24.06
C4D CLA PA . -8.64 -54.90 25.48
CMD CLA PA . -6.64 -53.79 22.56
CAD CLA PA . -9.11 -56.07 23.51
OBD CLA PA . -9.15 -56.53 22.37
CBD CLA PA . -10.02 -56.59 24.65
CGD CLA PA . -11.42 -56.25 24.29
O1D CLA PA . -11.91 -55.12 24.26
O2D CLA PA . -12.22 -57.30 23.95
CED CLA PA . -13.19 -57.08 22.93
MG CLA QA . -11.37 -43.46 28.63
CHA CLA QA . -9.46 -45.14 26.30
CHB CLA QA . -10.09 -45.43 31.09
CHC CLA QA . -12.92 -41.50 30.95
CHD CLA QA . -12.62 -41.37 26.08
NA CLA QA . -10.02 -45.05 28.66
C1A CLA QA . -9.29 -45.57 27.59
C2A CLA QA . -8.38 -46.70 28.07
C3A CLA QA . -8.82 -46.92 29.52
C4A CLA QA . -9.69 -45.70 29.80
CMA CLA QA . -9.61 -48.19 29.66
CAA CLA QA . -6.92 -46.20 28.00
CBA CLA QA . -6.30 -45.73 29.31
CGA CLA QA . -5.31 -44.62 29.12
O1A CLA QA . -4.50 -44.48 28.20
O2A CLA QA . -5.34 -43.67 30.11
NB CLA QA . -11.47 -43.46 30.63
C1B CLA QA . -10.92 -44.37 31.47
C2B CLA QA . -11.34 -44.11 32.87
C3B CLA QA . -12.14 -42.99 32.83
C4B CLA QA . -12.23 -42.56 31.41
CMB CLA QA . -10.91 -44.92 34.00
CAB CLA QA . -12.82 -42.29 33.89
CBB CLA QA . -12.39 -41.14 34.42
NC CLA QA . -12.58 -41.77 28.52
C1C CLA QA . -13.08 -41.13 29.61
C2C CLA QA . -13.82 -39.95 29.21
C3C CLA QA . -13.79 -39.91 27.82
C4C CLA QA . -12.97 -41.06 27.40
CMC CLA QA . -14.47 -39.05 30.16
CAC CLA QA . -14.40 -38.90 26.94
CBC CLA QA . -15.89 -39.05 26.76
ND CLA QA . -11.25 -43.33 26.63
C1D CLA QA . -11.79 -42.41 25.71
C2D CLA QA . -11.35 -42.79 24.35
C3D CLA QA . -10.49 -43.86 24.52
C4D CLA QA . -10.41 -44.12 25.96
CMD CLA QA . -11.79 -42.12 23.13
CAD CLA QA . -9.65 -44.83 23.86
OBD CLA QA . -9.54 -45.06 22.67
CBD CLA QA . -8.90 -45.61 24.98
CGD CLA QA . -9.06 -47.09 24.83
O1D CLA QA . -8.22 -47.99 24.98
O2D CLA QA . -10.32 -47.47 24.50
CED CLA QA . -11.05 -48.18 25.48
C1 CLA QA . -4.31 -42.65 30.15
C2 CLA QA . -4.61 -41.80 31.33
C3 CLA QA . -4.50 -40.46 31.40
C4 CLA QA . -4.00 -39.67 30.27
C5 CLA QA . -4.85 -39.67 32.62
C6 CLA QA . -5.88 -38.60 32.29
C7 CLA QA . -5.64 -37.31 33.06
C8 CLA QA . -6.95 -36.61 33.44
C9 CLA QA . -6.98 -35.19 32.92
C10 CLA QA . -7.19 -36.63 34.94
C11 CLA QA . -6.33 -35.65 35.72
C12 CLA QA . -7.14 -34.93 36.79
C13 CLA QA . -7.06 -35.62 38.14
C14 CLA QA . -8.37 -35.52 38.89
C15 CLA QA . -5.94 -35.02 38.99
C16 CLA QA . -5.00 -36.07 39.56
C17 CLA QA . -3.76 -36.23 38.72
C18 CLA QA . -2.48 -35.87 39.45
C19 CLA QA . -2.43 -36.42 40.86
C20 CLA QA . -1.28 -36.35 38.66
MG CLA RA . -6.60 -40.77 17.45
CHA CLA RA . -4.38 -39.93 14.90
CHB CLA RA . -4.66 -39.21 19.69
CHC CLA RA . -8.69 -41.89 19.94
CHD CLA RA . -8.65 -42.39 15.08
NA CLA RA . -4.83 -39.67 17.28
C1A CLA RA . -4.03 -39.42 16.15
C2A CLA RA . -2.82 -38.54 16.55
C3A CLA RA . -3.12 -38.16 18.02
C4A CLA RA . -4.29 -39.07 18.38
CMA CLA RA . -2.00 -38.32 19.02
CAA CLA RA . -2.67 -37.30 15.66
CBA CLA RA . -2.25 -36.00 16.30
CGA CLA RA . -1.20 -35.35 15.48
O2A CLA RA . -1.71 -34.74 14.37
NB CLA RA . -6.69 -40.54 19.43
C1B CLA RA . -5.72 -39.98 20.18
C2B CLA RA . -5.97 -40.26 21.62
C3B CLA RA . -7.12 -41.01 21.69
C4B CLA RA . -7.59 -41.19 20.30
CMB CLA RA . -5.06 -39.75 22.64
CAB CLA RA . -7.89 -41.58 22.78
CBB CLA RA . -7.76 -41.42 24.09
NC CLA RA . -8.37 -41.88 17.49
C1C CLA RA . -9.06 -42.20 18.60
C2C CLA RA . -10.22 -43.01 18.26
C3C CLA RA . -10.22 -43.15 16.89
C4C CLA RA . -9.06 -42.42 16.41
CMC CLA RA . -11.17 -43.57 19.23
CAC CLA RA . -11.18 -43.88 16.05
CBC CLA RA . -12.45 -43.15 15.72
ND CLA RA . -6.62 -41.05 15.46
C1D CLA RA . -7.51 -41.77 14.63
C2D CLA RA . -7.01 -41.77 13.27
C3D CLA RA . -5.79 -41.13 13.31
C4D CLA RA . -5.59 -40.69 14.71
CMD CLA RA . -7.70 -42.43 12.18
CAD CLA RA . -4.66 -40.70 12.55
OBD CLA RA . -4.39 -40.89 11.37
CBD CLA RA . -3.73 -39.94 13.53
CGD CLA RA . -2.36 -40.51 13.59
O1D CLA RA . -1.35 -40.12 12.99
O2D CLA RA . -2.24 -41.60 14.39
CED CLA RA . -1.09 -42.42 14.23
C1 CLA RA . -1.01 -34.98 13.14
C2 CLA RA . -1.96 -35.70 12.27
C3 CLA RA . -1.63 -36.78 11.56
C4 CLA RA . -0.27 -37.34 11.56
C5 CLA RA . -2.63 -37.49 10.70
C6 CLA RA . -3.86 -36.65 10.42
C7 CLA RA . -4.98 -37.52 9.90
C8 CLA RA . -6.36 -36.88 10.08
C9 CLA RA . -6.37 -35.44 9.64
C10 CLA RA . -6.83 -37.00 11.51
C11 CLA RA . -7.87 -38.08 11.70
C12 CLA RA . -8.97 -37.99 10.68
C13 CLA RA . -10.33 -38.43 11.19
C14 CLA RA . -10.23 -39.71 11.99
C15 CLA RA . -11.30 -38.55 10.01
C16 CLA RA . -12.49 -39.45 10.23
C17 CLA RA . -13.62 -38.74 10.95
C18 CLA RA . -14.38 -37.78 10.06
C19 CLA RA . -15.05 -38.48 8.91
C20 CLA RA . -15.40 -37.04 10.87
MG CLA SA . -0.08 -29.82 30.32
CHA CLA SA . 3.25 -30.54 30.93
CHB CLA SA . -0.88 -33.02 31.10
CHC CLA SA . -3.37 -29.00 30.05
CHD CLA SA . 0.83 -26.54 29.40
NA CLA SA . 1.03 -31.49 30.92
C1A CLA SA . 2.39 -31.58 31.13
C2A CLA SA . 2.77 -32.97 31.61
C3A CLA SA . 1.49 -33.79 31.39
C4A CLA SA . 0.44 -32.71 31.16
CMA CLA SA . 1.64 -34.73 30.23
CAA CLA SA . 2.94 -32.80 33.09
CBA CLA SA . 3.21 -34.07 33.84
CGA CLA SA . 3.39 -33.69 35.28
O1A CLA SA . 3.71 -32.58 35.73
O2A CLA SA . 3.17 -34.72 36.14
NB CLA SA . -1.80 -30.84 30.47
C1B CLA SA . -1.92 -32.12 30.87
C2B CLA SA . -3.34 -32.47 31.06
C3B CLA SA . -4.06 -31.34 30.76
C4B CLA SA . -3.08 -30.29 30.39
CMB CLA SA . -3.74 -33.80 31.50
CAB CLA SA . -5.47 -31.09 30.79
CBB CLA SA . -6.33 -31.43 31.75
NC CLA SA . -1.08 -28.08 29.82
C1C CLA SA . -2.44 -27.96 29.81
C2C CLA SA . -2.81 -26.60 29.47
C3C CLA SA . -1.63 -25.91 29.23
C4C CLA SA . -0.54 -26.84 29.46
CMC CLA SA . -4.19 -26.12 29.41
CAC CLA SA . -1.49 -24.50 28.84
CBC CLA SA . -1.09 -23.58 29.97
ND CLA SA . 1.60 -28.71 30.23
C1D CLA SA . 1.84 -27.40 29.78
C2D CLA SA . 3.30 -27.16 29.81
C3D CLA SA . 3.88 -28.31 30.27
C4D CLA SA . 2.78 -29.27 30.49
CMD CLA SA . 3.94 -25.91 29.44
CAD CLA SA . 5.10 -28.99 30.62
OBD CLA SA . 6.25 -28.57 30.61
CBD CLA SA . 4.75 -30.45 30.97
CGD CLA SA . 5.40 -31.37 30.01
O1D CLA SA . 4.87 -32.07 29.13
O2D CLA SA . 6.75 -31.41 30.13
CED CLA SA . 7.50 -31.85 29.00
C1 CLA SA . 3.89 -34.64 37.39
C2 CLA SA . 4.58 -35.94 37.58
C3 CLA SA . 4.00 -37.04 38.06
C4 CLA SA . 2.57 -37.08 38.47
C5 CLA SA . 4.78 -38.30 38.22
C6 CLA SA . 4.29 -39.42 37.33
C7 CLA SA . 5.42 -40.41 37.11
C8 CLA SA . 5.07 -41.48 36.08
C9 CLA SA . 4.61 -40.86 34.78
C10 CLA SA . 4.02 -42.43 36.64
C11 CLA SA . 4.60 -43.31 37.73
C12 CLA SA . 3.76 -44.54 37.99
C13 CLA SA . 4.34 -45.36 39.14
C14 CLA SA . 5.73 -45.85 38.81
MG CLA TA . 10.75 -36.95 29.79
CHA CLA TA . 7.47 -36.13 30.56
CHB CLA TA . 9.71 -39.90 28.49
CHC CLA TA . 14.00 -37.74 29.16
CHD CLA TA . 11.79 -33.93 31.29
NA CLA TA . 8.88 -37.83 29.54
C1A CLA TA . 7.63 -37.33 29.92
C2A CLA TA . 6.53 -38.33 29.56
C3A CLA TA . 7.29 -39.52 28.97
C4A CLA TA . 8.73 -39.06 28.97
CMA CLA TA . 7.17 -40.73 29.85
CAA CLA TA . 5.55 -37.82 28.52
CBA CLA TA . 4.18 -38.41 28.77
CGA CLA TA . 3.21 -37.79 27.83
O2A CLA TA . 2.83 -38.65 26.85
NB CLA TA . 11.69 -38.51 28.94
C1B CLA TA . 11.09 -39.62 28.47
C2B CLA TA . 12.11 -40.55 27.92
C3B CLA TA . 13.33 -39.94 28.10
C4B CLA TA . 13.07 -38.65 28.77
CMB CLA TA . 11.75 -41.84 27.35
CAB CLA TA . 14.66 -40.40 27.79
CBB CLA TA . 15.07 -40.84 26.60
NC CLA TA . 12.56 -35.99 30.15
C1C CLA TA . 13.77 -36.50 29.80
C2C CLA TA . 14.83 -35.58 30.19
C3C CLA TA . 14.21 -34.49 30.81
C4C CLA TA . 12.78 -34.76 30.76
CMC CLA TA . 16.22 -35.85 29.95
CAC CLA TA . 14.81 -33.28 31.37
CBC CLA TA . 14.96 -33.26 32.88
ND CLA TA . 9.91 -35.37 30.70
C1D CLA TA . 10.45 -34.20 31.28
C2D CLA TA . 9.36 -33.38 31.85
C3D CLA TA . 8.21 -34.09 31.61
C4D CLA TA . 8.60 -35.31 30.90
CMD CLA TA . 9.56 -32.11 32.53
CAD CLA TA . 6.79 -34.11 31.79
OBD CLA TA . 6.08 -33.30 32.36
CBD CLA TA . 6.27 -35.40 31.11
CGD CLA TA . 5.45 -36.24 32.04
O1D CLA TA . 4.49 -36.97 31.77
O2D CLA TA . 5.83 -36.17 33.35
CED CLA TA . 5.29 -37.15 34.22
C1 CLA TA . 1.91 -38.16 25.85
C2 CLA TA . 2.01 -39.13 24.74
C3 CLA TA . 1.91 -38.77 23.45
C4 CLA TA . 1.72 -37.36 23.05
C5 CLA TA . 2.01 -39.77 22.35
C6 CLA TA . 0.67 -40.35 21.92
C7 CLA TA . 0.35 -41.60 22.72
C8 CLA TA . -0.72 -42.46 22.10
C9 CLA TA . -1.96 -41.64 21.79
C10 CLA TA . -1.08 -43.60 23.03
C11 CLA TA . -0.35 -44.86 22.67
C12 CLA TA . -0.75 -46.00 23.58
C13 CLA TA . 0.37 -47.02 23.72
C14 CLA TA . 0.06 -48.00 24.84
C15 CLA TA . 1.73 -46.37 23.97
C16 CLA TA . 2.83 -47.40 23.88
C17 CLA TA . 4.17 -46.77 23.49
C18 CLA TA . 5.33 -47.42 24.21
C19 CLA TA . 5.50 -48.86 23.79
C20 CLA TA . 5.18 -47.33 25.70
MG CLA UA . 8.63 -19.12 16.30
CHA CLA UA . 10.31 -19.75 13.35
CHB CLA UA . 11.61 -18.94 17.94
CHC CLA UA . 6.97 -18.08 19.08
CHD CLA UA . 5.56 -19.32 14.56
NA CLA UA . 10.62 -19.38 15.73
C1A CLA UA . 11.11 -19.62 14.45
C2A CLA UA . 12.63 -19.76 14.49
C3A CLA UA . 12.93 -19.84 16.00
C4A CLA UA . 11.64 -19.35 16.63
CMA CLA UA . 13.27 -21.24 16.42
CAA CLA UA . 13.34 -18.56 13.86
CBA CLA UA . 12.85 -17.19 14.25
CGA CLA UA . 11.92 -16.64 13.23
O1A CLA UA . 12.12 -16.47 12.03
O2A CLA UA . 10.70 -16.29 13.74
NB CLA UA . 9.17 -18.72 18.19
C1B CLA UA . 10.45 -18.50 18.59
C2B CLA UA . 10.47 -17.69 19.83
C3B CLA UA . 9.16 -17.43 20.14
C4B CLA UA . 8.32 -18.10 19.12
CMB CLA UA . 11.74 -17.32 20.45
CAB CLA UA . 8.52 -16.71 21.21
CBB CLA UA . 8.98 -15.69 21.92
NC CLA UA . 6.62 -18.85 16.75
C1C CLA UA . 6.17 -18.46 17.98
C2C CLA UA . 4.71 -18.39 17.96
C3C CLA UA . 4.31 -18.72 16.67
C4C CLA UA . 5.52 -19.00 15.92
CMC CLA UA . 3.87 -18.01 19.09
CAC CLA UA . 2.94 -18.81 16.17
CBC CLA UA . 2.46 -17.54 15.50
ND CLA UA . 8.00 -19.47 14.41
C1D CLA UA . 6.71 -19.50 13.83
C2D CLA UA . 6.86 -19.78 12.39
C3D CLA UA . 8.21 -19.85 12.14
C4D CLA UA . 8.88 -19.67 13.44
CMD CLA UA . 5.75 -19.90 11.46
CAD CLA UA . 9.25 -20.07 11.17
OBD CLA UA . 9.14 -20.28 9.96
CBD CLA UA . 10.61 -19.99 11.89
CGD CLA UA . 11.38 -21.25 11.69
O1D CLA UA . 11.07 -22.39 11.98
O2D CLA UA . 12.58 -21.06 11.08
CED CLA UA . 12.56 -21.04 9.67
C1 CLA UA . 9.77 -15.65 12.84
C2 CLA UA . 10.09 -14.20 12.87
C3 CLA UA . 10.16 -13.44 11.78
C4 CLA UA . 9.93 -13.98 10.41
C5 CLA UA . 10.47 -12.00 11.89
C6 CLA UA . 9.57 -11.15 11.02
C7 CLA UA . 8.58 -10.37 11.85
C8 CLA UA . 8.19 -9.08 11.14
C9 CLA UA . 7.62 -9.39 9.77
C10 CLA UA . 9.40 -8.17 11.07
C11 CLA UA . 9.24 -7.02 10.10
C12 CLA UA . 10.58 -6.34 9.86
C13 CLA UA . 10.39 -4.98 9.19
C14 CLA UA . 9.51 -4.11 10.07
C15 CLA UA . 9.91 -5.15 7.75
C16 CLA UA . 8.90 -4.13 7.27
C17 CLA UA . 9.54 -3.02 6.47
C18 CLA UA . 8.78 -1.70 6.60
C19 CLA UA . 8.99 -1.08 7.95
C20 CLA UA . 7.29 -1.87 6.35
MG CLA VA . 9.13 -27.85 14.86
CHA CLA VA . 12.44 -28.72 14.39
CHB CLA VA . 9.66 -24.94 13.24
CHC CLA VA . 5.78 -27.17 15.07
CHD CLA VA . 8.60 -30.89 16.55
NA CLA VA . 10.81 -26.98 14.01
C1A CLA VA . 12.10 -27.50 13.88
C2A CLA VA . 13.02 -26.49 13.18
C3A CLA VA . 12.15 -25.23 13.11
C4A CLA VA . 10.76 -25.74 13.46
CMA CLA VA . 12.60 -24.24 14.15
CAA CLA VA . 13.49 -26.94 11.80
CBA CLA VA . 12.37 -27.35 10.88
CGA CLA VA . 12.71 -28.61 10.17
O1A CLA VA . 13.47 -28.77 9.22
O2A CLA VA . 12.07 -29.70 10.68
NB CLA VA . 7.96 -26.31 14.32
C1B CLA VA . 8.35 -25.29 13.54
C2B CLA VA . 7.17 -24.52 13.07
C3B CLA VA . 6.06 -25.15 13.58
C4B CLA VA . 6.55 -26.29 14.40
CMB CLA VA . 7.29 -23.36 12.21
CAB CLA VA . 4.66 -24.88 13.47
CBB CLA VA . 4.07 -23.71 13.67
NC CLA VA . 7.50 -28.85 15.69
C1C CLA VA . 6.23 -28.37 15.67
C2C CLA VA . 5.35 -29.31 16.33
C3C CLA VA . 6.12 -30.38 16.76
C4C CLA VA . 7.49 -30.08 16.35
CMC CLA VA . 3.93 -29.06 16.41
CAC CLA VA . 5.67 -31.57 17.50
CBC CLA VA . 5.57 -32.82 16.66
ND CLA VA . 10.21 -29.45 15.38
C1D CLA VA . 9.86 -30.63 16.07
C2D CLA VA . 11.06 -31.46 16.22
C3D CLA VA . 12.08 -30.79 15.58
C4D CLA VA . 11.50 -29.54 15.07
CMD CLA VA . 11.01 -32.73 16.90
CAD CLA VA . 13.48 -30.77 15.22
OBD CLA VA . 14.36 -31.59 15.46
CBD CLA VA . 13.75 -29.45 14.44
CGD CLA VA . 14.75 -28.60 15.15
O1D CLA VA . 14.74 -28.27 16.32
O2D CLA VA . 15.74 -28.14 14.34
CED CLA VA . 16.98 -27.86 14.98
C1 CLA VA . 12.94 -30.78 11.08
C2 CLA VA . 12.09 -31.94 11.41
C3 CLA VA . 12.56 -33.02 12.04
C4 CLA VA . 13.97 -33.12 12.47
C5 CLA VA . 11.69 -34.18 12.36
C6 CLA VA . 11.76 -34.58 13.80
C7 CLA VA . 11.12 -35.93 13.98
C8 CLA VA . 9.61 -35.86 14.16
C9 CLA VA . 9.31 -36.35 15.55
C10 CLA VA . 8.93 -36.69 13.08
C11 CLA VA . 7.50 -37.04 13.38
C12 CLA VA . 6.51 -36.17 12.65
C13 CLA VA . 5.13 -36.80 12.69
C14 CLA VA . 4.35 -36.44 11.46
C15 CLA VA . 4.37 -36.36 13.93
C16 CLA VA . 3.51 -37.47 14.51
C17 CLA VA . 2.51 -36.91 15.49
C18 CLA VA . 1.58 -37.95 16.07
C19 CLA VA . 0.95 -38.86 15.02
C20 CLA VA . 2.29 -38.79 17.11
MG CLA WA . -9.59 -23.28 15.23
CHA CLA WA . -12.56 -21.65 14.59
CHB CLA WA . -9.86 -24.95 12.32
CHC CLA WA . -6.37 -24.43 15.64
CHD CLA WA . -9.21 -21.35 18.14
NA CLA WA . -11.03 -23.34 13.73
C1A CLA WA . -12.16 -22.54 13.62
C2A CLA WA . -12.91 -22.87 12.33
C3A CLA WA . -12.15 -24.06 11.76
C4A CLA WA . -10.90 -24.13 12.64
CMA CLA WA . -12.96 -25.30 11.95
CAA CLA WA . -12.85 -21.72 11.32
CBA CLA WA . -11.52 -21.00 11.30
CGA CLA WA . -11.51 -19.93 10.27
O1A CLA WA . -12.27 -19.79 9.31
O2A CLA WA . -10.50 -19.02 10.43
NB CLA WA . -8.35 -24.47 14.20
C1B CLA WA . -8.69 -25.08 13.07
C2B CLA WA . -7.58 -25.97 12.69
C3B CLA WA . -6.57 -25.86 13.61
C4B CLA WA . -7.06 -24.88 14.58
CMB CLA WA . -7.71 -26.73 11.50
CAB CLA WA . -5.25 -26.45 13.70
CBB CLA WA . -4.87 -27.69 13.39
NC CLA WA . -8.11 -23.00 16.66
C1C CLA WA . -6.87 -23.53 16.59
C2C CLA WA . -6.04 -23.04 17.64
C3C CLA WA . -6.83 -22.18 18.41
C4C CLA WA . -8.13 -22.15 17.76
CMC CLA WA . -4.65 -23.44 17.77
CAC CLA WA . -6.43 -21.41 19.58
CBC CLA WA . -5.91 -20.05 19.16
ND CLA WA . -10.68 -21.97 16.28
C1D CLA WA . -10.39 -21.25 17.45
C2D CLA WA . -11.52 -20.39 17.77
C3D CLA WA . -12.41 -20.50 16.71
C4D CLA WA . -11.80 -21.47 15.79
CMD CLA WA . -11.53 -19.60 18.98
CAD CLA WA . -13.66 -20.10 16.12
OBD CLA WA . -14.54 -19.37 16.54
CBD CLA WA . -13.76 -20.77 14.73
CGD CLA WA . -15.02 -21.58 14.61
O1D CLA WA . -15.13 -22.80 14.53
O2D CLA WA . -16.16 -20.85 14.58
CED CLA WA . -17.34 -21.49 15.06
C1 CLA WA . -10.15 -18.26 9.27
C2 CLA WA . -8.85 -17.56 9.48
C3 CLA WA . -8.71 -16.42 10.16
C4 CLA WA . -9.84 -15.74 10.81
C5 CLA WA . -7.37 -15.78 10.33
C6 CLA WA . -6.97 -15.65 11.78
C7 CLA WA . -5.84 -14.66 11.95
C8 CLA WA . -5.04 -14.89 13.23
C9 CLA WA . -5.95 -15.01 14.43
C10 CLA WA . -4.05 -13.78 13.47
C11 CLA WA . -2.66 -14.34 13.65
C12 CLA WA . -1.95 -14.48 12.33
C13 CLA WA . -0.44 -14.46 12.47
C14 CLA WA . 0.06 -15.73 13.12
C15 CLA WA . 0.05 -13.25 13.26
C16 CLA WA . 1.07 -12.46 12.48
C17 CLA WA . 0.44 -11.83 11.26
C18 CLA WA . 1.23 -10.66 10.72
C19 CLA WA . 0.56 -10.10 9.49
C20 CLA WA . 1.36 -9.57 11.76
MG CLA XA . -15.49 -37.06 38.08
CHA CLA XA . -17.80 -39.64 38.25
CHB CLA XA . -16.17 -36.25 41.28
CHC CLA XA . -13.14 -34.57 37.87
CHD CLA XA . -14.85 -37.91 34.73
NA CLA XA . -16.78 -37.85 39.51
C1A CLA XA . -17.65 -38.94 39.41
C2A CLA XA . -18.43 -39.15 40.71
C3A CLA XA . -18.01 -37.93 41.56
C4A CLA XA . -16.89 -37.30 40.76
CMA CLA XA . -19.17 -36.97 41.66
CAA CLA XA . -18.08 -40.44 41.44
CBA CLA XA . -16.61 -40.77 41.37
CGA CLA XA . -16.27 -41.68 42.51
O1A CLA XA . -16.55 -41.54 43.71
O2A CLA XA . -15.56 -42.78 42.12
NB CLA XA . -14.82 -35.65 39.33
C1B CLA XA . -15.14 -35.55 40.63
C2B CLA XA . -14.25 -34.56 41.29
C3B CLA XA . -13.39 -34.08 40.33
C4B CLA XA . -13.75 -34.76 39.06
CMB CLA XA . -14.37 -34.27 42.71
CAB CLA XA . -12.33 -33.11 40.38
CBB CLA XA . -11.33 -33.10 41.25
NC CLA XA . -14.24 -36.36 36.57
C1C CLA XA . -13.36 -35.32 36.69
C2C CLA XA . -12.69 -35.08 35.43
C3C CLA XA . -13.15 -36.05 34.54
C4C CLA XA . -14.13 -36.85 35.27
CMC CLA XA . -11.70 -34.03 35.20
CAC CLA XA . -12.77 -36.21 33.13
CBC CLA XA . -11.57 -37.10 32.97
ND CLA XA . -16.09 -38.45 36.77
C1D CLA XA . -15.76 -38.67 35.41
C2D CLA XA . -16.58 -39.78 34.90
C3D CLA XA . -17.38 -40.19 35.94
C4D CLA XA . -17.03 -39.34 37.08
CMD CLA XA . -16.51 -40.27 33.54
CAD CLA XA . -18.42 -41.09 36.37
OBD CLA XA . -19.02 -41.94 35.72
CBD CLA XA . -18.71 -40.77 37.86
CGD CLA XA . -20.14 -40.39 38.04
O1D CLA XA . -20.93 -40.82 38.89
O2D CLA XA . -20.59 -39.49 37.13
CED CLA XA . -21.82 -38.82 37.41
C1 CLA XA . -14.65 -43.34 43.09
C2 CLA XA . -13.50 -42.41 43.19
C3 CLA XA . -12.28 -42.78 43.63
C4 CLA XA . -11.99 -44.17 44.04
C5 CLA XA . -11.16 -41.79 43.71
MG CLA YA . -14.79 -33.24 47.28
CHA CLA YA . -17.72 -34.82 46.39
CHB CLA YA . -16.57 -30.69 48.62
CHC CLA YA . -11.85 -31.71 48.14
CHD CLA YA . -12.97 -35.89 45.82
NA CLA YA . -16.83 -32.85 47.47
C1A CLA YA . -17.91 -33.64 47.06
C2A CLA YA . -19.24 -32.96 47.40
C3A CLA YA . -18.82 -31.63 48.03
C4A CLA YA . -17.30 -31.72 48.07
CMA CLA YA . -19.25 -30.46 47.19
CAA CLA YA . -20.09 -33.72 48.39
CBA CLA YA . -19.28 -34.28 49.54
CGA CLA YA . -20.16 -35.13 50.38
O1A CLA YA . -21.36 -34.97 50.65
O2A CLA YA . -19.51 -36.19 50.92
NB CLA YA . -14.30 -31.51 48.17
C1B CLA YA . -15.18 -30.63 48.70
C2B CLA YA . -14.45 -29.55 49.40
C3B CLA YA . -13.10 -29.83 49.28
C4B CLA YA . -12.99 -31.08 48.49
CMB CLA YA . -15.20 -28.48 50.07
CAB CLA YA . -11.89 -29.18 49.73
CBB CLA YA . -11.74 -27.95 50.23
NC CLA YA . -12.77 -33.72 47.02
C1C CLA YA . -11.75 -32.95 47.45
C2C CLA YA . -10.47 -33.57 47.10
C3C CLA YA . -10.79 -34.77 46.44
C4C CLA YA . -12.24 -34.85 46.40
CMC CLA YA . -9.16 -33.01 47.40
CAC CLA YA . -9.84 -35.75 45.90
CBC CLA YA . -9.41 -35.44 44.49
ND CLA YA . -15.18 -35.01 46.39
C1D CLA YA . -14.34 -35.98 45.79
C2D CLA YA . -15.18 -37.03 45.19
C3D CLA YA . -16.48 -36.63 45.39
C4D CLA YA . -16.43 -35.37 46.12
CMD CLA YA . -14.65 -38.21 44.52
CAD CLA YA . -17.87 -36.97 45.20
OBD CLA YA . -18.37 -37.98 44.73
CBD CLA YA . -18.70 -35.78 45.76
CGD CLA YA . -19.45 -35.07 44.69
O1D CLA YA . -19.09 -34.06 44.08
O2D CLA YA . -20.66 -35.60 44.38
CED CLA YA . -21.62 -34.74 43.78
MG CLA ZA . -2.54 -23.29 53.90
CHA CLA ZA . -5.70 -22.89 52.54
CHB CLA ZA . -2.34 -19.95 54.45
CHC CLA ZA . 0.48 -23.77 55.37
CHD CLA ZA . -2.75 -26.76 53.23
NA CLA ZA . -3.83 -21.70 53.55
C1A CLA ZA . -5.11 -21.72 52.97
C2A CLA ZA . -5.68 -20.31 52.88
C3A CLA ZA . -4.51 -19.42 53.31
C4A CLA ZA . -3.49 -20.41 53.83
CMA CLA ZA . -3.95 -18.59 52.19
CAA CLA ZA . -6.79 -20.11 53.89
CBA CLA ZA . -7.63 -18.90 53.52
CGA CLA ZA . -8.51 -19.30 52.39
O1A CLA ZA . -9.33 -20.22 52.36
O2A CLA ZA . -8.36 -18.53 51.27
NB CLA ZA . -1.13 -22.07 54.66
C1B CLA ZA . -1.33 -20.77 54.95
C2B CLA ZA . -0.31 -20.30 55.92
C3B CLA ZA . 0.50 -21.38 56.19
C4B CLA ZA . -0.01 -22.51 55.39
CMB CLA ZA . -0.27 -18.93 56.40
CAB CLA ZA . 1.63 -21.46 57.06
CBB CLA ZA . 2.87 -21.77 56.71
NC CLA ZA . -1.34 -24.96 54.20
C1C CLA ZA . -0.12 -24.92 54.79
C2C CLA ZA . 0.48 -26.24 54.84
C3C CLA ZA . -0.44 -27.09 54.25
C4C CLA ZA . -1.59 -26.28 53.85
CMC CLA ZA . 1.80 -26.53 55.40
CAC CLA ZA . -0.31 -28.55 54.04
CBC CLA ZA . 0.49 -28.86 52.81
ND CLA ZA . -3.89 -24.59 53.17
C1D CLA ZA . -3.84 -25.99 52.92
C2D CLA ZA . -5.10 -26.41 52.29
C3D CLA ZA . -5.85 -25.26 52.14
C4D CLA ZA . -5.04 -24.15 52.67
CMD CLA ZA . -5.42 -27.78 51.93
CAD CLA ZA . -7.10 -24.70 51.67
OBD CLA ZA . -8.08 -25.28 51.24
CBD CLA ZA . -7.00 -23.16 51.85
CGD CLA ZA . -7.01 -22.50 50.49
O1D CLA ZA . -6.23 -21.65 50.06
O2D CLA ZA . -8.01 -22.89 49.67
CED CLA ZA . -9.04 -21.93 49.40
C1 CLA ZA . -8.93 -17.21 51.32
C2 CLA ZA . -10.19 -17.26 50.53
C3 CLA ZA . -10.69 -16.18 49.90
C4 CLA ZA . -11.94 -16.25 49.12
C5 CLA ZA . -9.99 -14.86 49.95
C6 CLA ZA . -10.89 -13.68 50.23
C7 CLA ZA . -10.14 -12.64 51.03
C8 CLA ZA . -10.56 -11.21 50.71
C9 CLA ZA . -9.89 -10.22 51.65
C10 CLA ZA . -12.08 -11.05 50.72
C11 CLA ZA . -12.68 -10.94 52.11
C12 CLA ZA . -14.20 -11.01 52.03
C13 CLA ZA . -14.85 -9.76 52.58
C14 CLA ZA . -15.06 -9.92 54.07
C15 CLA ZA . -16.17 -9.46 51.85
C16 CLA ZA . -16.99 -8.39 52.54
C17 CLA ZA . -16.84 -7.02 51.91
C18 CLA ZA . -18.19 -6.40 51.56
C19 CLA ZA . -19.13 -6.38 52.76
C20 CLA ZA . -18.04 -5.01 51.03
MG CLA AB . 3.61 -15.40 55.37
CHA CLA AB . 4.99 -15.23 58.53
CHB CLA AB . 3.97 -18.79 55.38
CHC CLA AB . 1.97 -15.57 52.38
CHD CLA AB . 3.37 -11.89 55.30
NA CLA AB . 4.35 -16.77 56.76
C1A CLA AB . 4.87 -16.50 58.03
C2A CLA AB . 5.28 -17.80 58.71
C3A CLA AB . 5.17 -18.85 57.59
C4A CLA AB . 4.40 -18.11 56.50
CMA CLA AB . 6.52 -19.26 57.08
CAA CLA AB . 4.33 -18.11 59.85
CBA CLA AB . 2.87 -17.83 59.60
CGA CLA AB . 2.09 -18.08 60.86
O1A CLA AB . 2.05 -17.40 61.88
O2A CLA AB . 1.36 -19.22 60.81
NB CLA AB . 3.15 -16.88 54.09
C1B CLA AB . 3.28 -18.21 54.31
C2B CLA AB . 2.57 -19.01 53.28
C3B CLA AB . 2.00 -18.09 52.42
C4B CLA AB . 2.36 -16.75 52.93
CMB CLA AB . 2.55 -20.46 53.27
CAB CLA AB . 1.19 -18.28 51.25
CBB CLA AB . 0.05 -18.96 51.20
NC CLA AB . 2.83 -13.98 54.07
C1C CLA AB . 2.18 -14.28 52.92
C2C CLA AB . 1.74 -13.08 52.26
C3C CLA AB . 2.17 -12.01 53.05
C4C CLA AB . 2.86 -12.59 54.20
CMC CLA AB . 0.99 -13.12 51.01
CAC CLA AB . 2.01 -10.57 52.80
CBC CLA AB . 0.64 -10.03 53.02
ND CLA AB . 3.94 -13.87 56.64
C1D CLA AB . 3.86 -12.47 56.47
C2D CLA AB . 4.34 -11.82 57.69
C3D CLA AB . 4.79 -12.83 58.51
C4D CLA AB . 4.55 -14.09 57.80
CMD CLA AB . 4.32 -10.38 57.96
CAD CLA AB . 5.36 -13.17 59.80
OBD CLA AB . 5.61 -12.45 60.75
CBD CLA AB . 5.63 -14.70 59.79
CGD CLA AB . 7.13 -14.85 59.77
O1D CLA AB . 7.95 -14.11 60.28
O2D CLA AB . 7.65 -15.91 59.12
CED CLA AB . 8.65 -16.67 59.78
C1 CLA AB . -0.07 -19.09 60.96
C2 CLA AB . -0.65 -19.87 59.86
C3 CLA AB . -1.86 -20.45 59.90
C4 CLA AB . -2.75 -20.37 61.08
C5 CLA AB . -2.36 -21.22 58.71
C6 CLA AB . -2.93 -22.57 59.07
C7 CLA AB . -3.55 -23.20 57.84
C8 CLA AB . -3.45 -24.71 57.87
C9 CLA AB . -2.00 -25.14 57.81
C10 CLA AB . -4.26 -25.33 56.74
C11 CLA AB . -4.18 -26.83 56.75
C12 CLA AB . -5.45 -27.45 56.22
C13 CLA AB . -5.44 -28.97 56.34
C14 CLA AB . -4.22 -29.57 55.68
C15 CLA AB . -6.71 -29.57 55.76
C16 CLA AB . -6.97 -30.95 56.31
MG CLA BB . 12.02 -42.56 35.18
CHA CLA BB . 14.33 -44.39 33.38
CHB CLA BB . 11.70 -40.40 32.58
CHC CLA BB . 9.53 -40.94 36.91
CHD CLA BB . 12.31 -44.87 37.83
NA CLA BB . 12.90 -42.43 33.30
C1A CLA BB . 13.82 -43.32 32.71
C2A CLA BB . 14.18 -42.85 31.32
C3A CLA BB . 13.53 -41.47 31.23
C4A CLA BB . 12.61 -41.41 32.43
CMA CLA BB . 14.60 -40.43 31.43
CAA CLA BB . 13.61 -43.76 30.23
CBA CLA BB . 12.24 -44.32 30.59
CGA CLA BB . 11.66 -45.16 29.50
O1A CLA BB . 12.01 -46.28 29.13
O2A CLA BB . 10.59 -44.56 28.89
NB CLA BB . 10.83 -40.99 34.80
C1B CLA BB . 10.85 -40.23 33.68
C2B CLA BB . 9.86 -39.12 33.83
C3B CLA BB . 9.26 -39.28 35.04
C4B CLA BB . 9.88 -40.46 35.69
CMB CLA BB . 9.63 -38.12 32.81
CAB CLA BB . 8.25 -38.50 35.70
CBB CLA BB . 8.42 -37.24 36.08
NC CLA BB . 11.13 -42.83 37.04
C1C CLA BB . 10.12 -42.06 37.55
C2C CLA BB . 9.71 -42.54 38.85
C3C CLA BB . 10.48 -43.67 39.11
C4C CLA BB . 11.36 -43.85 37.97
CMC CLA BB . 8.67 -41.93 39.68
CAC CLA BB . 10.42 -44.54 40.28
CBC CLA BB . 9.42 -45.65 40.07
ND CLA BB . 13.13 -44.17 35.63
C1D CLA BB . 13.15 -45.04 36.75
C2D CLA BB . 14.17 -46.07 36.54
C3D CLA BB . 14.67 -45.86 35.28
C4D CLA BB . 13.96 -44.70 34.73
CMD CLA BB . 14.52 -47.08 37.54
CAD CLA BB . 15.63 -46.28 34.27
OBD CLA BB . 16.51 -47.12 34.33
CBD CLA BB . 15.37 -45.42 33.00
CGD CLA BB . 16.62 -44.78 32.49
O1D CLA BB . 17.15 -43.73 32.88
O2D CLA BB . 17.21 -45.45 31.46
CED CLA BB . 18.49 -45.02 31.01
C1 CLA BB . 9.98 -45.25 27.78
C2 CLA BB . 9.04 -44.29 27.15
C3 CLA BB . 7.80 -44.05 27.60
C4 CLA BB . 7.24 -44.75 28.78
C5 CLA BB . 6.94 -43.06 26.90
C6 CLA BB . 5.49 -43.01 27.33
C7 CLA BB . 4.56 -43.50 26.24
C8 CLA BB . 3.11 -43.47 26.66
C9 CLA BB . 2.68 -42.05 26.92
C10 CLA BB . 2.89 -44.30 27.91
C11 CLA BB . 1.90 -45.42 27.67
C12 CLA BB . 0.51 -45.09 28.18
C13 CLA BB . -0.30 -46.37 28.33
C14 CLA BB . -1.67 -46.23 27.70
C15 CLA BB . -0.39 -46.79 29.80
C16 CLA BB . -1.46 -46.06 30.58
C17 CLA BB . -2.40 -47.04 31.27
C18 CLA BB . -2.77 -46.58 32.67
C19 CLA BB . -3.83 -45.49 32.59
C20 CLA BB . -3.28 -47.74 33.49
MG CLA CB . 15.28 -51.68 33.49
CHA CLA CB . 16.91 -52.67 30.58
CHB CLA CB . 13.98 -49.00 31.87
CHC CLA CB . 13.65 -50.79 36.37
CHD CLA CB . 16.70 -54.45 35.16
NA CLA CB . 15.43 -50.97 31.53
C1A CLA CB . 16.16 -51.52 30.45
C2A CLA CB . 15.96 -50.65 29.20
C3A CLA CB . 15.12 -49.47 29.69
C4A CLA CB . 14.80 -49.83 31.13
CMA CLA CB . 15.85 -48.16 29.55
CAA CLA CB . 15.26 -51.37 28.06
CBA CLA CB . 13.77 -51.47 28.24
CGA CLA CB . 13.33 -52.91 28.19
O1A CLA CB . 12.23 -53.36 27.92
O2A CLA CB . 14.34 -53.77 28.52
NB CLA CB . 14.13 -50.13 34.04
C1B CLA CB . 13.60 -49.21 33.20
C2B CLA CB . 12.52 -48.44 33.88
C3B CLA CB . 12.43 -48.94 35.16
C4B CLA CB . 13.44 -50.03 35.28
CMB CLA CB . 11.77 -47.38 33.23
CAB CLA CB . 11.54 -48.56 36.22
CBB CLA CB . 10.52 -49.29 36.69
NC CLA CB . 15.21 -52.48 35.41
C1C CLA CB . 14.49 -51.94 36.44
C2C CLA CB . 14.68 -52.73 37.65
C3C CLA CB . 15.52 -53.77 37.30
C4C CLA CB . 15.86 -53.60 35.90
CMC CLA CB . 14.05 -52.44 38.94
CAC CLA CB . 16.01 -54.85 38.18
CBC CLA CB . 17.33 -54.49 38.83
ND CLA CB . 16.43 -53.28 33.02
C1D CLA CB . 16.98 -54.31 33.82
C2D CLA CB . 17.82 -55.17 32.99
C3D CLA CB . 17.80 -54.61 31.73
C4D CLA CB . 16.95 -53.41 31.81
CMD CLA CB . 18.51 -56.37 33.45
CAD CLA CB . 18.27 -54.73 30.37
OBD CLA CB . 18.91 -55.64 29.85
CBD CLA CB . 17.81 -53.45 29.62
CGD CLA CB . 19.05 -52.69 29.23
O1D CLA CB . 20.21 -53.09 29.35
O2D CLA CB . 18.87 -51.46 28.71
CED CLA CB . 19.52 -51.17 27.49
MG CLA DB . 10.32 -29.37 35.18
CHA CLA DB . 11.57 -32.21 36.71
CHB CLA DB . 7.17 -30.51 35.60
CHC CLA DB . 9.15 -26.66 33.46
CHD CLA DB . 13.61 -28.19 34.76
NA CLA DB . 9.52 -31.08 36.05
C1A CLA DB . 10.20 -32.15 36.66
C2A CLA DB . 9.20 -33.22 37.13
C3A CLA DB . 7.83 -32.62 36.76
C4A CLA DB . 8.19 -31.31 36.10
CMA CLA DB . 7.09 -33.49 35.79
CAA CLA DB . 9.20 -33.50 38.62
CBA CLA DB . 8.71 -34.92 38.81
CGA CLA DB . 8.44 -35.19 40.26
O1A CLA DB . 9.09 -34.83 41.23
O2A CLA DB . 7.31 -35.93 40.46
NB CLA DB . 8.51 -28.68 34.69
C1B CLA DB . 7.34 -29.31 34.93
C2B CLA DB . 6.21 -28.56 34.33
C3B CLA DB . 6.77 -27.45 33.72
C4B CLA DB . 8.23 -27.53 33.94
CMB CLA DB . 4.84 -29.04 34.45
CAB CLA DB . 6.26 -26.35 32.95
CBB CLA DB . 5.01 -25.93 32.85
NC CLA DB . 11.23 -27.73 34.28
C1C CLA DB . 10.55 -26.76 33.60
C2C CLA DB . 11.48 -25.81 33.04
C3C CLA DB . 12.75 -26.18 33.47
C4C CLA DB . 12.58 -27.39 34.25
CMC CLA DB . 11.08 -24.67 32.19
CAC CLA DB . 14.02 -25.50 33.17
CBC CLA DB . 14.77 -26.18 32.06
ND CLA DB . 12.18 -30.00 35.57
C1D CLA DB . 13.45 -29.42 35.36
C2D CLA DB . 14.49 -30.35 35.83
C3D CLA DB . 13.83 -31.46 36.31
C4D CLA DB . 12.40 -31.17 36.17
CMD CLA DB . 15.92 -30.12 35.71
CAD CLA DB . 13.96 -32.77 36.86
OBD CLA DB . 14.95 -33.45 37.02
CBD CLA DB . 12.53 -33.25 37.23
CGD CLA DB . 12.22 -34.58 36.64
O1D CLA DB . 11.75 -35.57 37.22
O2D CLA DB . 12.46 -34.68 35.31
CED CLA DB . 11.58 -35.52 34.57
C1 CLA DB . 7.43 -37.02 41.40
C2 CLA DB . 6.09 -37.64 41.56
C3 CLA DB . 5.90 -38.78 42.23
C4 CLA DB . 7.01 -39.54 42.87
C5 CLA DB . 4.54 -39.37 42.36
MG CLA EB . 3.68 -30.40 44.59
CHA CLA EB . 6.64 -31.29 43.08
CHB CLA EB . 2.25 -29.96 41.53
CHC CLA EB . 0.74 -29.63 46.13
CHD CLA EB . 5.19 -30.92 47.75
NA CLA EB . 4.37 -30.60 42.64
C1A CLA EB . 5.64 -30.98 42.21
C2A CLA EB . 5.71 -31.07 40.70
C3A CLA EB . 4.35 -30.49 40.25
C4A CLA EB . 3.58 -30.35 41.55
CMA CLA EB . 4.55 -29.16 39.55
CAA CLA EB . 5.80 -32.52 40.25
CBA CLA EB . 4.74 -33.48 40.78
CGA CLA EB . 5.04 -34.16 42.07
O1A CLA EB . 6.13 -34.31 42.64
O2A CLA EB . 3.93 -34.67 42.69
NB CLA EB . 1.86 -29.86 43.95
C1B CLA EB . 1.45 -29.79 42.66
C2B CLA EB . 0.01 -29.43 42.61
C3B CLA EB . -0.42 -29.34 43.90
C4B CLA EB . 0.74 -29.61 44.78
CMB CLA EB . -0.75 -29.25 41.38
CAB CLA EB . -1.73 -29.03 44.41
CBB CLA EB . -2.50 -29.87 45.09
NC CLA EB . 3.09 -30.29 46.58
C1C CLA EB . 1.83 -29.96 46.97
C2C CLA EB . 1.75 -29.97 48.42
C3C CLA EB . 3.01 -30.34 48.89
C4C CLA EB . 3.85 -30.54 47.72
CMC CLA EB . 0.54 -29.65 49.16
CAC CLA EB . 3.41 -30.49 50.29
CBC CLA EB . 4.11 -29.25 50.81
ND CLA EB . 5.47 -31.01 45.31
C1D CLA EB . 5.97 -31.13 46.64
C2D CLA EB . 7.38 -31.54 46.56
C3D CLA EB . 7.69 -31.63 45.22
C4D CLA EB . 6.47 -31.27 44.50
CMD CLA EB . 8.24 -31.80 47.73
CAD CLA EB . 8.69 -31.96 44.24
OBD CLA EB . 9.77 -32.49 44.36
CBD CLA EB . 8.09 -31.63 42.84
CGD CLA EB . 8.78 -30.49 42.16
O1D CLA EB . 8.74 -29.30 42.44
O2D CLA EB . 9.54 -30.87 41.09
CED CLA EB . 10.43 -29.88 40.54
C1 CLA EB . 3.28 -33.83 43.64
C2 CLA EB . 3.49 -34.40 44.98
C3 CLA EB . 2.59 -34.35 45.98
C4 CLA EB . 2.86 -34.95 47.31
C5 CLA EB . 1.28 -33.69 45.82
C6 CLA EB . 0.14 -34.65 46.07
C7 CLA EB . -1.19 -33.92 46.11
C8 CLA EB . -1.54 -33.49 47.52
C9 CLA EB . -1.71 -34.71 48.41
C10 CLA EB . -2.81 -32.65 47.53
MG CLA FB . -4.54 -31.83 38.86
CHA CLA FB . -1.28 -32.21 37.76
CHB CLA FB . -5.57 -31.38 35.66
CHC CLA FB . -7.76 -31.54 39.99
CHD CLA FB . -3.48 -32.50 42.15
NA CLA FB . -3.55 -31.79 37.02
C1A CLA FB . -2.19 -31.99 36.76
C2A CLA FB . -1.92 -31.86 35.26
C3A CLA FB . -3.29 -31.52 34.66
C4A CLA FB . -4.22 -31.57 35.85
CMA CLA FB . -3.34 -30.15 34.08
CAA CLA FB . -1.38 -33.14 34.61
CBA CLA FB . -2.04 -34.43 35.04
CGA CLA FB . -1.38 -35.53 34.26
O1A CLA FB . -0.67 -35.41 33.27
O2A CLA FB . -1.61 -36.79 34.72
NB CLA FB . -6.30 -31.39 37.99
C1B CLA FB . -6.53 -31.42 36.67
C2B CLA FB . -7.99 -31.51 36.40
C3B CLA FB . -8.61 -31.54 37.62
C4B CLA FB . -7.54 -31.47 38.65
CMB CLA FB . -8.53 -31.56 35.05
CAB CLA FB . -9.98 -31.66 37.99
CBB CLA FB . -11.00 -30.95 37.51
NC CLA FB . -5.44 -31.96 40.73
C1C CLA FB . -6.76 -31.79 40.96
C2C CLA FB . -7.06 -31.91 42.37
C3C CLA FB . -5.85 -32.25 43.00
C4C CLA FB . -4.84 -32.27 41.94
CMC CLA FB . -8.41 -31.79 42.94
CAC CLA FB . -5.62 -32.55 44.42
CBC CLA FB . -5.69 -31.38 45.36
ND CLA FB . -2.83 -32.34 39.79
C1D CLA FB . -2.52 -32.53 41.15
C2D CLA FB . -1.07 -32.75 41.28
C3D CLA FB . -0.56 -32.60 40.02
C4D CLA FB . -1.68 -32.35 39.12
CMD CLA FB . -0.38 -33.02 42.53
CAD CLA FB . 0.64 -32.64 39.21
OBD CLA FB . 1.79 -32.87 39.53
CBD CLA FB . 0.21 -32.32 37.75
CGD CLA FB . 0.80 -31.00 37.36
O1D CLA FB . 0.91 -30.00 38.05
O2D CLA FB . 1.23 -30.92 36.08
CED CLA FB . 1.17 -29.65 35.45
C1 CLA FB . -1.11 -37.87 33.91
C2 CLA FB . -1.14 -39.12 34.70
C3 CLA FB . -0.13 -40.01 34.72
C4 CLA FB . 1.11 -39.79 33.95
C5 CLA FB . -0.21 -41.25 35.54
C6 CLA FB . -0.42 -42.50 34.71
C7 CLA FB . -0.56 -43.74 35.57
MG CLA GB . -11.66 9.52 5.68
CHA CLA GB . -11.61 11.74 8.34
CHB CLA GB . -12.07 12.11 3.54
CHC CLA GB . -11.23 7.35 3.07
CHD CLA GB . -11.23 6.86 7.95
NA CLA GB . -11.87 11.57 5.93
C1A CLA GB . -11.78 12.31 7.12
C2A CLA GB . -11.97 13.80 6.82
C3A CLA GB . -12.44 13.81 5.35
C4A CLA GB . -12.09 12.41 4.88
CMA CLA GB . -13.91 14.03 5.28
CAA CLA GB . -10.68 14.59 7.05
CBA CLA GB . -9.55 14.29 6.09
CGA CLA GB . -8.53 13.36 6.67
O1A CLA GB . -7.52 13.66 7.29
O2A CLA GB . -8.78 12.04 6.47
NB CLA GB . -11.71 9.69 3.68
C1B CLA GB . -11.79 10.85 2.99
C2B CLA GB . -11.53 10.61 1.56
C3B CLA GB . -11.30 9.27 1.41
C4B CLA GB . -11.40 8.65 2.77
CMB CLA GB . -11.55 11.67 0.55
CAB CLA GB . -10.99 8.52 0.23
CBB CLA GB . -11.82 7.67 -0.37
NC CLA GB . -11.36 7.46 5.54
C1C CLA GB . -11.23 6.78 4.37
C2C CLA GB . -11.02 5.37 4.64
C3C CLA GB . -11.00 5.22 6.03
C4C CLA GB . -11.22 6.55 6.58
CMC CLA GB . -10.81 4.34 3.63
CAC CLA GB . -10.82 3.99 6.79
CBC CLA GB . -9.40 3.83 7.29
ND CLA GB . -11.54 9.27 7.68
C1D CLA GB . -11.35 8.13 8.48
C2D CLA GB . -11.29 8.54 9.89
C3D CLA GB . -11.38 9.91 9.90
C4D CLA GB . -11.53 10.32 8.49
CMD CLA GB . -11.11 7.60 11.00
CAD CLA GB . -11.44 11.10 10.72
OBD CLA GB . -11.41 11.22 11.93
CBD CLA GB . -11.53 12.31 9.74
CGD CLA GB . -12.71 13.19 10.02
O1D CLA GB . -13.86 12.86 10.33
O2D CLA GB . -12.43 14.51 9.89
CED CLA GB . -13.50 15.42 9.63
C1 CLA GB . -8.21 11.12 7.41
C2 CLA GB . -7.46 10.11 6.62
C3 CLA GB . -7.29 8.84 6.98
C4 CLA GB . -7.81 8.27 8.23
C5 CLA GB . -6.51 7.90 6.13
C6 CLA GB . -7.44 6.95 5.40
C7 CLA GB . -7.57 7.40 3.97
C8 CLA GB . -7.40 6.23 3.02
C9 CLA GB . -6.02 5.62 3.18
C10 CLA GB . -7.63 6.68 1.59
C11 CLA GB . -8.65 5.80 0.91
C12 CLA GB . -8.63 5.97 -0.60
C13 CLA GB . -9.22 4.77 -1.33
C14 CLA GB . -8.82 3.44 -0.73
C15 CLA GB . -8.81 4.79 -2.79
C16 CLA GB . -9.94 4.33 -3.68
C17 CLA GB . -9.68 4.74 -5.11
C18 CLA GB . -10.30 3.79 -6.11
C19 CLA GB . -9.94 2.34 -5.82
C20 CLA GB . -9.83 4.16 -7.50
MG CLA HB . -4.05 -5.26 13.42
CHA CLA HB . -6.05 -8.06 12.93
CHB CLA HB . -1.31 -7.24 13.64
CHC CLA HB . -2.10 -2.45 13.60
CHD CLA HB . -6.92 -3.23 13.18
NA CLA HB . -3.76 -7.33 13.32
C1A CLA HB . -4.71 -8.32 13.10
C2A CLA HB . -4.05 -9.70 13.11
C3A CLA HB . -2.59 -9.41 13.50
C4A CLA HB . -2.52 -7.88 13.48
CMA CLA HB . -2.28 -9.95 14.86
CAA CLA HB . -4.11 -10.41 11.76
CBA CLA HB . -2.96 -10.10 10.83
CGA CLA HB . -3.28 -9.01 9.86
O1A CLA HB . -2.55 -8.60 8.96
O2A CLA HB . -4.51 -8.43 10.04
NB CLA HB . -2.08 -4.92 13.65
C1B CLA HB . -1.11 -5.85 13.65
C2B CLA HB . 0.22 -5.20 13.66
C3B CLA HB . 0.01 -3.86 13.65
C4B CLA HB . -1.46 -3.65 13.64
CMB CLA HB . 1.48 -5.96 13.67
CAB CLA HB . 0.96 -2.78 13.63
CBB CLA HB . 1.19 -1.93 14.63
NC CLA HB . -4.45 -3.22 13.42
C1C CLA HB . -3.50 -2.24 13.51
C2C CLA HB . -4.13 -0.93 13.44
C3C CLA HB . -5.51 -1.14 13.34
C4C CLA HB . -5.69 -2.59 13.33
CMC CLA HB . -3.41 0.34 13.48
CAC CLA HB . -6.57 -0.14 13.24
CBC CLA HB . -7.34 0.12 14.52
ND CLA HB . -6.03 -5.51 13.13
C1D CLA HB . -7.09 -4.60 13.08
C2D CLA HB . -8.36 -5.32 12.89
C3D CLA HB . -8.02 -6.66 12.81
C4D CLA HB . -6.56 -6.72 12.99
CMD CLA HB . -9.64 -4.67 12.78
CAD CLA HB . -8.50 -8.02 12.66
OBD CLA HB . -9.63 -8.43 12.48
CBD CLA HB . -7.26 -8.94 12.76
CGD CLA HB . -7.35 -9.93 13.90
O1D CLA HB . -6.88 -9.81 15.03
O2D CLA HB . -8.03 -11.06 13.61
CED CLA HB . -8.26 -12.01 14.66
C1 CLA HB . -4.96 -7.40 9.12
C2 CLA HB . -4.36 -6.09 9.49
C3 CLA HB . -5.06 -4.96 9.69
C4 CLA HB . -6.53 -4.90 9.59
C5 CLA HB . -4.36 -3.70 10.05
C6 CLA HB . -4.79 -2.52 9.21
C7 CLA HB . -4.36 -1.20 9.82
C8 CLA HB . -4.26 -0.06 8.80
C9 CLA HB . -5.62 0.35 8.30
C10 CLA HB . -3.37 -0.47 7.63
C11 CLA HB . -3.24 0.62 6.58
C12 CLA HB . -2.37 0.17 5.43
C13 CLA HB . -1.34 1.21 5.09
C14 CLA HB . -2.01 2.51 4.68
C15 CLA HB . -0.40 0.73 3.99
C16 CLA HB . 0.71 1.73 3.73
C17 CLA HB . 1.99 1.05 3.30
C18 CLA HB . 1.96 0.67 1.83
C19 CLA HB . 2.63 1.74 0.99
C20 CLA HB . 2.65 -0.66 1.63
MG CLA IB . -16.29 -20.11 51.01
CHA CLA IB . -14.82 -22.42 48.89
CHB CLA IB . -17.06 -22.58 53.19
CHC CLA IB . -17.47 -17.74 53.17
CHD CLA IB . -15.55 -17.56 48.67
NA CLA IB . -15.98 -22.17 51.01
C1A CLA IB . -15.33 -22.95 50.06
C2A CLA IB . -15.34 -24.43 50.46
C3A CLA IB . -16.22 -24.44 51.72
C4A CLA IB . -16.43 -22.96 52.02
CMA CLA IB . -17.54 -25.11 51.45
CAA CLA IB . -13.94 -24.98 50.75
CBA CLA IB . -13.29 -24.48 52.01
CGA CLA IB . -12.11 -23.58 51.73
O1A CLA IB . -11.00 -23.62 52.25
O2A CLA IB . -12.35 -22.61 50.80
NB CLA IB . -17.14 -20.16 52.82
C1B CLA IB . -17.31 -21.26 53.58
C2B CLA IB . -17.84 -20.86 54.91
C3B CLA IB . -17.95 -19.50 54.91
C4B CLA IB . -17.51 -19.04 53.58
CMB CLA IB . -18.15 -21.83 55.95
CAB CLA IB . -18.38 -18.57 55.91
CBB CLA IB . -17.80 -18.42 57.10
NC CLA IB . -16.49 -18.04 50.91
C1C CLA IB . -17.01 -17.28 51.91
C2C CLA IB . -16.99 -15.88 51.55
C3C CLA IB . -16.46 -15.82 50.27
C4C CLA IB . -16.15 -17.18 49.87
CMC CLA IB . -17.44 -14.80 52.43
CAC CLA IB . -16.23 -14.61 49.46
CBC CLA IB . -14.92 -13.96 49.78
ND CLA IB . -15.41 -19.96 49.20
C1D CLA IB . -15.19 -18.85 48.35
C2D CLA IB . -14.52 -19.32 47.12
C3D CLA IB . -14.34 -20.68 47.28
C4D CLA IB . -14.92 -21.03 48.58
CMD CLA IB . -14.14 -18.43 46.03
CAD CLA IB . -13.85 -21.90 46.69
OBD CLA IB . -13.33 -22.12 45.61
CBD CLA IB . -14.11 -23.05 47.71
CGD CLA IB . -14.91 -24.17 47.12
O1D CLA IB . -16.00 -24.11 46.55
O2D CLA IB . -14.32 -25.39 47.25
CED CLA IB . -14.86 -26.49 46.52
C1 CLA IB . -12.21 -21.22 51.17
C2 CLA IB . -12.87 -20.99 52.49
C3 CLA IB . -13.31 -19.80 52.92
C4 CLA IB . -13.21 -18.56 52.11
C5 CLA IB . -13.96 -19.69 54.26
C6 CLA IB . -13.00 -19.34 55.38
C7 CLA IB . -13.39 -20.03 56.67
C8 CLA IB . -14.25 -19.16 57.58
C10 CLA IB . -13.61 -17.80 57.83
C11 CLA IB . -12.47 -17.89 58.83
C12 CLA IB . -11.17 -17.40 58.23
C13 CLA IB . -9.97 -17.75 59.10
C14 CLA IB . -8.71 -17.16 58.49
C15 CLA IB . -9.80 -19.26 59.26
C16 CLA IB . -9.76 -19.63 60.73
C17 CLA IB . -8.76 -20.73 61.03
C18 CLA IB . -9.34 -22.14 61.04
C19 CLA IB . -8.39 -23.11 61.71
C20 CLA IB . -10.69 -22.19 61.73
C1 PQN JB . -11.99 -0.80 19.13
O1 PQN JB . -11.05 -0.60 20.14
C2 PQN JB . -11.89 -0.10 17.94
C2M PQN JB . -10.74 0.89 17.73
C3 PQN JB . -12.85 -0.30 16.92
C4 PQN JB . -13.88 -1.20 17.12
O4 PQN JB . -14.83 -1.40 16.14
C5 PQN JB . -14.00 -1.92 18.36
C6 PQN JB . -15.07 -2.82 18.54
C7 PQN JB . -15.16 -3.51 19.74
C8 PQN JB . -14.20 -3.31 20.74
C9 PQN JB . -13.17 -2.42 20.56
C10 PQN JB . -13.07 -1.72 19.33
C11 PQN JB . -12.74 0.48 15.58
C12 PQN JB . -11.91 -0.34 14.56
C13 PQN JB . -12.42 -0.15 13.12
C14 PQN JB . -13.83 -0.65 13.08
C15 PQN JB . -11.51 -0.99 12.23
C16 PQN JB . -10.17 -0.23 12.06
C17 PQN JB . -9.93 0.12 10.57
C18 PQN JB . -9.83 -1.17 9.76
C19 PQN JB . -8.40 -1.66 9.80
C20 PQN JB . -10.24 -0.89 8.30
C21 PQN JB . -9.29 0.11 7.59
C22 PQN JB . -8.69 -0.47 6.27
C23 PQN JB . -9.73 -0.66 5.18
C24 PQN JB . -9.64 -2.07 4.66
C25 PQN JB . -9.43 0.35 4.05
C26 PQN JB . -8.04 0.12 3.43
C27 PQN JB . -7.62 1.30 2.50
C28 PQN JB . -6.19 1.14 1.94
C29 PQN JB . -6.13 0.01 0.93
C30 PQN JB . -5.17 0.95 3.06
MG CLA KB . -12.24 -50.77 37.18
CHA CLA KB . -13.50 -51.94 40.20
CHB CLA KB . -10.36 -48.49 38.83
CHC CLA KB . -10.88 -49.81 34.17
CHD CLA KB . -14.16 -53.21 35.51
NA CLA KB . -12.02 -50.28 39.19
C1A CLA KB . -12.60 -50.91 40.32
C2A CLA KB . -12.15 -50.22 41.60
C3A CLA KB . -11.29 -49.04 41.11
C4A CLA KB . -11.19 -49.27 39.60
CMA CLA KB . -11.93 -47.72 41.46
CAA CLA KB . -11.32 -51.13 42.52
CBA CLA KB . -9.87 -51.27 42.10
CGA CLA KB . -9.22 -52.37 42.88
O1A CLA KB . -9.09 -53.57 42.58
O2A CLA KB . -8.75 -51.95 44.09
NB CLA KB . -10.90 -49.39 36.61
C1B CLA KB . -10.18 -48.59 37.44
C2B CLA KB . -9.19 -47.81 36.65
C3B CLA KB . -9.33 -48.19 35.34
C4B CLA KB . -10.42 -49.18 35.29
CMB CLA KB . -8.27 -46.86 37.26
CAB CLA KB . -8.65 -47.75 34.14
CBB CLA KB . -7.34 -47.83 33.90
NC CLA KB . -12.51 -51.38 35.21
C1C CLA KB . -11.85 -50.84 34.14
C2C CLA KB . -12.28 -51.51 32.92
C3C CLA KB . -13.19 -52.48 33.28
C4C CLA KB . -13.33 -52.40 34.72
CMC CLA KB . -11.78 -51.19 31.58
CAC CLA KB . -13.87 -53.43 32.40
CBC CLA KB . -13.27 -54.82 32.49
ND CLA KB . -13.59 -52.20 37.66
C1D CLA KB . -14.29 -53.14 36.88
C2D CLA KB . -15.13 -53.97 37.74
C3D CLA KB . -14.88 -53.54 39.03
C4D CLA KB . -13.89 -52.45 38.92
CMD CLA KB . -16.04 -55.02 37.27
CAD CLA KB . -15.22 -53.71 40.42
OBD CLA KB . -16.05 -54.44 40.94
CBD CLA KB . -14.29 -52.75 41.22
CGD CLA KB . -15.06 -51.87 42.16
O1D CLA KB . -14.66 -51.34 43.20
O2D CLA KB . -16.34 -51.64 41.77
CED CLA KB . -17.30 -51.32 42.77
C1 CLA KB . -7.35 -52.20 44.38
C2 CLA KB . -7.20 -52.10 45.84
C3 CLA KB . -6.04 -51.83 46.46
C4 CLA KB . -4.77 -51.61 45.73
C5 CLA KB . -5.98 -51.76 47.95
O1 LHG LB . -22.63 -13.46 13.33
C1 LHG LB . -21.60 -14.45 13.22
C2 LHG LB . -20.57 -13.97 12.22
O2 LHG LB . -20.77 -14.58 10.97
C3 LHG LB . -19.16 -14.31 12.60
O3 LHG LB . -18.75 -13.12 13.25
P LHG LB . -18.56 -13.05 14.85
O4 LHG LB . -19.03 -14.34 15.41
O5 LHG LB . -18.85 -11.64 15.18
O6 LHG LB . -16.92 -13.23 14.83
C4 LHG LB . -16.13 -12.64 13.86
C5 LHG LB . -14.70 -12.66 14.43
C6 LHG LB . -14.49 -13.81 15.40
O7 LHG LB . -13.87 -12.87 13.33
C7 LHG LB . -12.89 -11.93 13.19
O9 LHG LB . -12.18 -11.57 14.10
C8 LHG LB . -12.59 -11.79 11.76
C9 LHG LB . -11.12 -11.83 11.54
C10 LHG LB . -10.87 -11.78 10.07
O8 LHG LB . -13.24 -14.40 15.06
C23 LHG LB . -13.28 -15.65 14.56
O10 LHG LB . -14.15 -15.94 13.78
C24 LHG LB . -12.50 -16.75 15.19
C11 LHG LB . -9.49 -11.23 9.97
C12 LHG LB . -9.26 -10.81 8.57
C13 LHG LB . -7.79 -10.58 8.38
C14 LHG LB . -7.02 -11.86 8.47
C15 LHG LB . -6.01 -11.78 7.37
C16 LHG LB . -4.66 -12.15 7.92
C17 LHG LB . -4.43 -13.64 7.77
C18 LHG LB . -3.18 -13.85 8.56
C19 LHG LB . -2.82 -15.30 8.75
C20 LHG LB . -1.37 -15.33 8.35
C21 LHG LB . -0.74 -16.59 8.82
C22 LHG LB . 0.61 -16.69 8.16
C25 LHG LB . -11.37 -17.27 14.36
C26 LHG LB . -10.02 -16.60 14.59
C27 LHG LB . -9.73 -16.87 16.03
C28 LHG LB . -9.34 -15.66 16.84
C29 LHG LB . -8.94 -16.18 18.19
C30 LHG LB . -7.45 -16.35 18.39
C31 LHG LB . -6.60 -15.13 18.20
C32 LHG LB . -5.29 -15.18 18.96
C33 LHG LB . -4.25 -15.69 18.00
C34 LHG LB . -3.24 -14.67 17.54
C35 LHG LB . -1.87 -14.94 18.09
C36 LHG LB . -0.88 -14.08 17.32
C37 LHG LB . 0.35 -14.89 17.14
C38 LHG LB . 1.18 -15.07 18.39
O1 LHG MB . -15.82 -46.73 31.70
C1 LHG MB . -14.53 -46.20 31.98
C2 LHG MB . -13.73 -47.26 32.68
O2 LHG MB . -13.24 -48.19 31.75
C3 LHG MB . -14.55 -48.04 33.66
O3 LHG MB . -13.82 -47.75 34.83
P LHG MB . -14.40 -48.10 36.27
O4 LHG MB . -13.37 -48.89 36.99
O5 LHG MB . -15.85 -48.26 36.07
O6 LHG MB . -14.18 -46.59 36.87
C4 LHG MB . -12.91 -46.04 36.95
C5 LHG MB . -13.01 -45.17 38.19
C6 LHG MB . -11.68 -45.07 38.89
O7 LHG MB . -13.34 -43.88 37.74
C7 LHG MB . -14.30 -43.28 38.47
O9 LHG MB . -14.78 -43.78 39.48
C8 LHG MB . -14.36 -41.84 38.14
C9 LHG MB . -13.01 -41.23 38.40
C10 LHG MB . -13.16 -39.76 38.68
O8 LHG MB . -10.97 -44.08 38.17
C23 LHG MB . -9.82 -43.66 38.73
O10 LHG MB . -8.80 -43.70 38.10
C24 LHG MB . -9.82 -42.97 40.09
C11 LHG MB . -12.90 -39.72 40.17
C12 LHG MB . -12.74 -38.30 40.58
C13 LHG MB . -11.67 -38.26 41.64
C14 LHG MB . -10.70 -37.15 41.36
C25 LHG MB . -9.18 -41.61 40.12
C26 LHG MB . -7.75 -41.52 40.63
C27 LHG MB . -7.05 -40.66 39.60
C1 BCR NB . 12.55 -33.26 0.18
C2 BCR NB . 12.40 -31.77 0.48
C3 BCR NB . 11.89 -31.58 1.89
C4 BCR NB . 12.87 -32.13 2.92
C5 BCR NB . 13.64 -33.33 2.43
C6 BCR NB . 13.39 -33.93 1.26
C7 BCR NB . 13.95 -35.27 0.96
C8 BCR NB . 13.36 -36.40 1.32
C9 BCR NB . 13.97 -37.70 0.99
C10 BCR NB . 13.33 -38.83 1.32
C11 BCR NB . 13.88 -40.14 1.03
C33 BCR NB . 14.74 -33.81 3.32
C31 BCR NB . 13.26 -33.43 -1.16
C32 BCR NB . 11.17 -33.88 0.10
C34 BCR NB . 15.29 -37.76 0.28
C12 BCR NB . 13.12 -41.19 1.37
C13 BCR NB . 13.56 -42.56 1.14
C14 BCR NB . 12.82 -43.54 1.67
C15 BCR NB . 13.14 -44.95 1.52
C16 BCR NB . 12.31 -45.84 2.06
C17 BCR NB . 12.59 -47.26 1.97
C18 BCR NB . 11.92 -48.13 2.74
C19 BCR NB . 12.24 -49.56 2.67
C20 BCR NB . 11.52 -50.44 3.36
C21 BCR NB . 11.89 -51.84 3.31
C22 BCR NB . 11.20 -52.79 3.96
C23 BCR NB . 11.65 -54.18 3.90
C24 BCR NB . 10.77 -55.18 3.85
C25 BCR NB . 11.22 -56.58 3.80
C26 BCR NB . 11.75 -57.13 4.90
C27 BCR NB . 12.94 -58.04 4.81
C28 BCR NB . 13.37 -58.18 3.36
C29 BCR NB . 12.18 -58.44 2.44
C30 BCR NB . 11.06 -57.43 2.56
C35 BCR NB . 14.79 -42.88 0.35
C36 BCR NB . 10.89 -47.65 3.71
C37 BCR NB . 9.98 -52.44 4.75
C38 BCR NB . 11.15 -56.87 6.25
C39 BCR NB . 9.74 -58.17 2.67
C40 BCR NB . 11.04 -56.56 1.31
C1 BCR OB . 7.92 -29.57 10.51
C2 BCR OB . 6.58 -28.84 10.57
C3 BCR OB . 6.00 -28.93 11.96
C4 BCR OB . 5.75 -30.38 12.33
C5 BCR OB . 7.04 -31.12 12.20
C6 BCR OB . 7.82 -30.94 11.13
C7 BCR OB . 8.62 -32.04 10.56
C8 BCR OB . 8.02 -33.09 10.01
C9 BCR OB . 8.81 -34.16 9.43
C10 BCR OB . 8.25 -35.36 9.25
C11 BCR OB . 8.99 -36.45 8.66
C33 BCR OB . 7.42 -32.05 13.32
C31 BCR OB . 8.96 -28.78 11.29
C32 BCR OB . 8.35 -29.64 9.05
C34 BCR OB . 10.23 -33.91 9.00
C12 BCR OB . 8.27 -37.23 7.85
C13 BCR OB . 8.87 -38.37 7.16
C14 BCR OB . 8.04 -39.21 6.54
C15 BCR OB . 8.54 -40.37 5.82
C16 BCR OB . 7.68 -41.16 5.19
C17 BCR OB . 8.22 -42.31 4.49
C18 BCR OB . 7.44 -43.20 3.87
C19 BCR OB . 8.11 -44.33 3.21
C20 BCR OB . 7.49 -45.06 2.31
C21 BCR OB . 8.25 -46.17 1.75
C22 BCR OB . 7.63 -47.13 1.04
C23 BCR OB . 8.42 -48.23 0.51
C24 BCR OB . 7.80 -49.35 0.12
C25 BCR OB . 8.55 -50.50 -0.43
C26 BCR OB . 9.49 -50.35 -1.37
C27 BCR OB . 10.83 -51.02 -1.16
C28 BCR OB . 10.70 -52.17 -0.16
C29 BCR OB . 9.34 -52.85 -0.26
C30 BCR OB . 8.21 -51.87 0.06
C35 BCR OB . 10.35 -38.55 7.12
C36 BCR OB . 5.95 -43.04 3.84
C37 BCR OB . 6.16 -47.06 0.80
C38 BCR OB . 9.23 -49.58 -2.63
C39 BCR OB . 7.99 -51.82 1.57
C40 BCR OB . 6.93 -52.32 -0.62
C1 BCR PB . -2.88 -48.49 41.42
C2 BCR PB . -2.27 -49.88 41.22
C3 BCR PB . -1.62 -50.08 39.85
C4 BCR PB . -0.62 -48.97 39.56
C5 BCR PB . -1.22 -47.62 39.86
C6 BCR PB . -2.47 -47.54 40.33
C7 BCR PB . -3.40 -46.50 39.84
C8 BCR PB . -3.86 -46.49 38.59
C9 BCR PB . -4.80 -45.43 38.18
C10 BCR PB . -5.01 -45.18 36.88
C11 BCR PB . -5.92 -44.15 36.41
C33 BCR PB . -0.41 -46.38 39.64
C31 BCR PB . -2.43 -47.92 42.76
C32 BCR PB . -4.41 -48.63 41.45
C34 BCR PB . -5.52 -44.63 39.22
C12 BCR PB . -6.18 -44.08 35.11
C13 BCR PB . -7.08 -43.06 34.52
C14 BCR PB . -7.24 -43.05 33.20
C15 BCR PB . -8.09 -42.07 32.52
C16 BCR PB . -8.08 -41.99 31.19
C17 BCR PB . -8.92 -41.01 30.52
C18 BCR PB . -8.85 -40.80 29.20
C19 BCR PB . -9.75 -39.79 28.62
C20 BCR PB . -9.70 -39.44 27.34
C21 BCR PB . -10.66 -38.42 26.92
C22 BCR PB . -10.82 -38.06 25.65
C23 BCR PB . -11.83 -37.02 25.34
C24 BCR PB . -12.15 -36.76 24.08
C25 BCR PB . -13.15 -35.75 23.71
C26 BCR PB . -12.96 -34.46 23.99
C27 BCR PB . -14.14 -33.61 24.35
C28 BCR PB . -15.12 -33.77 23.22
C29 BCR PB . -15.56 -35.21 23.12
C30 BCR PB . -14.40 -36.19 22.98
C35 BCR PB . -7.80 -42.07 35.39
C36 BCR PB . -7.91 -41.57 28.32
C37 BCR PB . -10.02 -38.67 24.55
C38 BCR PB . -11.62 -33.80 23.90
C39 BCR PB . -14.02 -36.34 21.52
C40 BCR PB . -14.87 -37.54 23.49
C1 BCR QB . -8.57 -29.00 27.81
C2 BCR QB . -10.01 -28.55 27.61
C3 BCR QB . -10.89 -29.79 27.75
C4 BCR QB . -10.67 -30.72 26.57
C5 BCR QB . -9.21 -30.78 26.20
C6 BCR QB . -8.26 -30.17 26.91
C7 BCR QB . -6.85 -30.62 26.82
C8 BCR QB . -6.42 -31.71 27.44
C9 BCR QB . -5.02 -32.13 27.32
C10 BCR QB . -4.71 -33.38 27.62
C11 BCR QB . -3.36 -33.90 27.52
C33 BCR QB . -8.88 -31.52 24.94
C31 BCR QB . -8.38 -29.33 29.27
C32 BCR QB . -7.61 -27.88 27.45
C34 BCR QB . -3.97 -31.17 26.84
C12 BCR QB . -3.16 -35.02 28.18
C13 BCR QB . -1.89 -35.73 28.23
C14 BCR QB . -1.78 -36.81 29.01
C15 BCR QB . -0.53 -37.56 29.09
C16 BCR QB . -0.52 -38.68 29.78
C17 BCR QB . 0.74 -39.44 29.87
C18 BCR QB . 0.76 -40.66 30.39
C19 BCR QB . 2.05 -41.35 30.45
C20 BCR QB . 2.18 -42.44 31.20
C21 BCR QB . 3.46 -43.10 31.27
C22 BCR QB . 3.77 -43.86 32.33
C23 BCR QB . 5.07 -44.54 32.43
C24 BCR QB . 5.64 -44.52 33.63
C25 BCR QB . 6.95 -45.13 33.96
C26 BCR QB . 6.97 -46.33 34.56
C27 BCR QB . 8.27 -46.95 34.97
C28 BCR QB . 9.08 -45.83 35.61
C29 BCR QB . 9.38 -44.75 34.58
C30 BCR QB . 8.22 -44.35 33.67
C35 BCR QB . -0.74 -35.27 27.40
C36 BCR QB . -0.49 -41.34 30.87
C37 BCR QB . 2.79 -44.02 33.45
C38 BCR QB . 5.70 -47.08 34.87
C39 BCR QB . 8.65 -44.56 32.23
C40 BCR QB . 7.95 -42.87 33.88
C1 BCR RB . 5.93 -14.46 15.25
C2 BCR RB . 6.68 -15.31 16.26
C3 BCR RB . 6.79 -14.53 17.55
C4 BCR RB . 7.61 -13.27 17.36
C5 BCR RB . 7.56 -12.77 15.94
C6 BCR RB . 6.55 -13.09 15.14
C7 BCR RB . 6.03 -12.16 14.10
C8 BCR RB . 5.61 -10.91 14.29
C9 BCR RB . 5.14 -10.16 13.12
C10 BCR RB . 4.96 -8.83 13.11
C11 BCR RB . 5.21 -7.94 14.25
C33 BCR RB . 8.72 -11.95 15.44
C31 BCR RB . 4.47 -14.33 15.67
C32 BCR RB . 5.99 -15.15 13.88
C34 BCR RB . 4.84 -10.90 11.85
C12 BCR RB . 5.09 -6.65 13.97
C13 BCR RB . 5.27 -5.56 14.97
C14 BCR RB . 4.99 -4.31 14.58
C15 BCR RB . 5.09 -3.14 15.46
C16 BCR RB . 4.68 -1.96 14.99
C17 BCR RB . 4.69 -0.74 15.80
C18 BCR RB . 4.37 0.43 15.23
C19 BCR RB . 4.03 0.51 13.81
C20 BCR RB . 4.29 1.67 13.24
C21 BCR RB . 3.98 1.92 11.86
C22 BCR RB . 3.79 3.17 11.46
C23 BCR RB . 3.47 3.41 10.06
C24 BCR RB . 3.58 4.64 9.58
C25 BCR RB . 3.24 4.93 8.17
C26 BCR RB . 3.68 4.21 7.13
C27 BCR RB . 2.72 3.84 6.05
C28 BCR RB . 1.59 4.86 5.93
C29 BCR RB . 1.98 6.22 6.47
C30 BCR RB . 2.36 6.13 7.94
C35 BCR RB . 5.73 -5.88 16.35
C36 BCR RB . 4.34 1.72 16.01
C37 BCR RB . 3.90 4.33 12.41
C38 BCR RB . 5.12 3.79 6.99
C39 BCR RB . 1.12 5.94 8.79
C40 BCR RB . 3.11 7.36 8.43
FE1 SF4 SB . -23.98 -5.68 27.65
FE2 SF4 SB . -21.60 -7.35 27.48
FE3 SF4 SB . -22.56 -5.91 25.12
FE4 SF4 SB . -24.04 -8.14 26.18
S1 SF4 SB . -22.07 -7.87 25.56
S2 SF4 SB . -24.46 -6.23 25.67
S3 SF4 SB . -23.60 -7.65 28.07
S4 SF4 SB . -22.02 -5.36 27.09
MG CLA TB . 0.93 4.04 24.65
CHA CLA TB . 3.58 1.86 25.24
CHB CLA TB . 2.70 5.47 22.19
CHC CLA TB . -1.86 5.79 23.80
CHD CLA TB . -0.77 2.63 27.38
NA CLA TB . 2.84 3.73 23.90
C1A CLA TB . 3.79 2.79 24.27
C2A CLA TB . 5.07 2.98 23.45
C3A CLA TB . 4.85 4.38 22.82
C4A CLA TB . 3.36 4.55 22.94
CMA CLA TB . 5.50 5.45 23.63
CAA CLA TB . 5.23 1.90 22.41
CBA CLA TB . 6.65 1.83 21.91
CGA CLA TB . 6.68 2.32 20.51
O1A CLA TB . 5.76 2.81 19.85
O2A CLA TB . 7.89 2.19 19.92
NB CLA TB . 0.54 5.51 23.34
C1B CLA TB . 1.32 5.71 22.26
C2B CLA TB . 0.54 6.23 21.12
C3B CLA TB . -0.76 6.32 21.56
C4B CLA TB . -0.78 5.86 22.97
CMB CLA TB . 1.18 6.53 19.84
CAB CLA TB . -1.95 6.74 20.91
CBB CLA TB . -2.15 7.55 19.87
NC CLA TB . -0.95 4.25 25.52
C1C CLA TB . -1.93 5.07 25.04
C2C CLA TB . -3.08 4.98 25.94
C3C CLA TB . -2.77 4.04 26.92
C4C CLA TB . -1.42 3.61 26.65
CMC CLA TB . -4.34 5.69 25.80
CAC CLA TB . -3.58 3.61 28.07
CBC CLA TB . -3.26 4.35 29.34
ND CLA TB . 1.24 2.58 26.00
C1D CLA TB . 0.47 2.13 27.09
C2D CLA TB . 1.15 1.01 27.73
C3D CLA TB . 2.31 0.81 27.01
C4D CLA TB . 2.35 1.86 25.98
CMD CLA TB . 0.56 0.27 28.84
CAD CLA TB . 3.50 0.01 26.82
OBD CLA TB . 3.75 -1.10 27.25
CBD CLA TB . 4.41 0.74 25.80
CGD CLA TB . 5.70 1.19 26.40
O1D CLA TB . 6.40 2.13 26.05
O2D CLA TB . 6.14 0.45 27.44
CED CLA TB . 7.56 0.36 27.55
C1 CLA TB . 8.16 3.08 18.81
C2 CLA TB . 9.25 2.54 17.98
C3 CLA TB . 9.05 1.57 17.07
C4 CLA TB . 7.72 0.99 16.88
C5 CLA TB . 10.16 1.04 16.25
C6 CLA TB . 9.84 -0.24 15.50
C7 CLA TB . 9.80 -0.01 14.01
C8 CLA TB . 8.71 -0.88 13.41
C9 CLA TB . 9.12 -2.34 13.49
C10 CLA TB . 8.43 -0.46 11.98
C11 CLA TB . 7.40 -1.37 11.34
C12 CLA TB . 6.33 -0.61 10.60
C13 CLA TB . 5.50 -1.55 9.77
C14 CLA TB . 4.69 -0.75 8.77
C15 CLA TB . 4.57 -2.42 10.62
C16 CLA TB . 4.89 -3.89 10.48
C17 CLA TB . 4.31 -4.49 9.21
C18 CLA TB . 4.91 -5.86 8.91
C19 CLA TB . 4.41 -6.40 7.59
C20 CLA TB . 4.60 -6.84 10.01
C1 BCR UB . 17.21 -2.71 -3.69
C2 BCR UB . 18.73 -2.66 -3.84
C3 BCR UB . 19.31 -3.58 -4.90
C4 BCR UB . 18.74 -4.97 -4.70
C5 BCR UB . 17.26 -4.85 -4.97
C6 BCR UB . 16.55 -3.82 -4.50
C7 BCR UB . 15.10 -3.74 -4.79
C8 BCR UB . 14.18 -4.17 -3.93
C9 BCR UB . 12.73 -4.10 -4.20
C10 BCR UB . 11.92 -4.65 -3.28
C11 BCR UB . 10.48 -4.68 -3.44
C33 BCR UB . 16.63 -5.92 -5.82
C31 BCR UB . 16.62 -1.40 -4.17
C32 BCR UB . 16.92 -2.83 -2.21
C34 BCR UB . 12.22 -3.43 -5.42
C12 BCR UB . 9.87 -5.52 -2.60
C13 BCR UB . 8.43 -5.77 -2.59
C14 BCR UB . 8.01 -6.74 -1.78
C15 BCR UB . 6.62 -7.16 -1.70
C16 BCR UB . 6.06 -7.68 -0.62
C17 BCR UB . 4.69 -8.09 -0.84
C18 BCR UB . 4.01 -8.91 -0.02
C19 BCR UB . 2.66 -9.28 -0.43
C20 BCR UB . 2.04 -10.32 0.10
C21 BCR UB . 0.73 -10.62 -0.45
C22 BCR UB . 0.18 -11.84 -0.31
C23 BCR UB . -1.12 -12.11 -0.94
C24 BCR UB . -2.14 -12.74 -0.34
C25 BCR UB . -3.40 -13.01 -1.09
C26 BCR UB . -3.54 -14.21 -1.67
C27 BCR UB . -4.72 -14.48 -2.54
C28 BCR UB . -5.94 -13.99 -1.80
C29 BCR UB . -5.87 -12.51 -1.53
C30 BCR UB . -4.49 -11.95 -1.15
C35 BCR UB . 7.49 -5.00 -3.46
C36 BCR UB . 4.63 -9.47 1.23
C37 BCR UB . 0.92 -12.92 0.40
C38 BCR UB . -2.54 -15.32 -1.46
C39 BCR UB . -4.57 -11.28 0.21
C40 BCR UB . -4.19 -10.88 -2.18
C1B LMU VB . 29.76 -53.95 -2.79
C2B LMU VB . 31.11 -53.26 -2.89
C3B LMU VB . 32.14 -54.14 -3.50
C4B LMU VB . 31.74 -54.63 -4.85
C5B LMU VB . 30.40 -55.37 -4.81
C6B LMU VB . 30.63 -56.80 -5.10
O1B LMU VB . 28.80 -53.10 -3.26
O2B LMU VB . 30.97 -52.09 -3.71
O3B LMU VB . 32.34 -55.30 -2.63
O4' LMU VB . 31.62 -53.50 -5.72
O5B LMU VB . 29.70 -55.27 -3.51
O6B LMU VB . 29.84 -57.54 -4.22
C1' LMU VB . 25.35 -51.75 -3.36
C2' LMU VB . 26.11 -51.94 -2.05
C3' LMU VB . 26.79 -53.28 -1.95
C4' LMU VB . 27.51 -53.73 -3.20
C5' LMU VB . 26.76 -53.46 -4.50
O1' LMU VB . 25.01 -50.44 -3.45
O2' LMU VB . 27.12 -50.93 -1.95
O3' LMU VB . 25.79 -54.27 -1.62
O5' LMU VB . 26.19 -52.09 -4.55
C1 LMU VB . 23.91 -50.17 -4.33
C2 LMU VB . 22.96 -49.12 -3.66
C3 LMU VB . 21.55 -49.18 -4.33
C4 LMU VB . 20.45 -48.93 -3.23
C5 LMU VB . 19.05 -49.32 -3.79
C6 LMU VB . 18.13 -49.75 -2.63
C7 LMU VB . 18.73 -51.01 -1.93
C8 LMU VB . 17.78 -51.48 -0.80
C9 LMU VB . 16.60 -52.28 -1.41
C10 LMU VB . 15.33 -52.02 -0.59
C11 LMU VB . 14.91 -50.54 -0.78
C12 LMU VB . 14.44 -50.30 -2.22
C1B LMU WB . 18.39 -10.82 -6.37
C2B LMU WB . 18.98 -9.46 -5.89
C3B LMU WB . 20.26 -9.50 -5.13
C4B LMU WB . 20.80 -10.85 -4.81
C5B LMU WB . 20.75 -11.75 -6.06
C6B LMU WB . 21.34 -13.08 -5.73
O1B LMU WB . 17.78 -10.60 -7.58
O2B LMU WB . 19.17 -8.62 -7.05
O4' LMU WB . 22.16 -10.71 -4.38
O5B LMU WB . 19.36 -11.95 -6.52
O6B LMU WB . 20.37 -14.07 -5.90
C1' LMU WB . 13.97 -12.42 -6.77
C2' LMU WB . 14.91 -13.02 -7.82
C3' LMU WB . 16.31 -12.57 -7.58
C4' LMU WB . 16.41 -11.07 -7.71
C5' LMU WB . 15.45 -10.35 -6.76
C6' LMU WB . 15.27 -8.98 -7.34
O1' LMU WB . 14.23 -12.95 -5.54
O2' LMU WB . 14.85 -14.46 -7.77
O3' LMU WB . 17.18 -13.18 -8.57
O5' LMU WB . 14.10 -10.92 -6.67
O6' LMU WB . 14.74 -9.10 -8.62
C1 LMU WB . 13.30 -12.52 -4.54
C2 LMU WB . 11.89 -13.15 -4.80
C3 LMU WB . 11.81 -14.58 -4.17
C4 LMU WB . 10.50 -14.68 -3.33
C5 LMU WB . 10.16 -16.17 -3.03
C6 LMU WB . 9.03 -16.21 -1.96
C7 LMU WB . 8.43 -17.63 -1.85
C8 LMU WB . 7.55 -17.94 -3.07
C9 LMU WB . 8.11 -19.18 -3.81
C10 LMU WB . 7.03 -19.81 -4.67
C11 LMU WB . 7.68 -20.81 -5.66
C12 LMU WB . 8.59 -20.04 -6.63
C1B LMU XB . 13.10 -21.59 59.95
C2B LMU XB . 14.41 -21.28 59.24
C3B LMU XB . 15.09 -20.05 59.72
C4B LMU XB . 14.17 -18.89 59.98
C5B LMU XB . 12.99 -19.26 60.89
C6B LMU XB . 11.72 -18.73 60.33
O1B LMU XB . 13.12 -22.87 60.43
O2B LMU XB . 15.31 -22.39 59.44
O3B LMU XB . 16.05 -19.64 58.69
O4' LMU XB . 14.93 -17.87 60.64
O5B LMU XB . 12.85 -20.71 61.14
O6B LMU XB . 10.69 -18.98 61.24
C1' LMU XB . 9.61 -24.77 58.76
C2' LMU XB . 9.62 -24.16 60.16
C3' LMU XB . 10.63 -23.10 60.27
C4' LMU XB . 12.00 -23.71 60.09
C5' LMU XB . 12.13 -24.25 58.66
C6' LMU XB . 13.40 -25.05 58.55
O1' LMU XB . 8.97 -23.91 57.91
O3' LMU XB . 10.45 -22.49 61.59
O5' LMU XB . 10.99 -25.11 58.24
O6' LMU XB . 13.68 -25.35 57.21
C1 LMU XB . 8.03 -24.57 57.05
C2 LMU XB . 7.06 -23.53 56.40
C3 LMU XB . 6.21 -24.29 55.32
C4 LMU XB . 5.29 -23.30 54.54
C5 LMU XB . 4.27 -24.11 53.69
C6 LMU XB . 4.81 -24.28 52.26
C7 LMU XB . 3.65 -24.21 51.24
C8 LMU XB . 2.97 -25.60 51.16
C9 LMU XB . 2.30 -25.76 49.77
C10 LMU XB . 3.38 -25.99 48.71
C11 LMU XB . 2.90 -25.44 47.34
C12 LMU XB . 1.57 -26.10 46.95
C1 LMG YB . -13.81 -21.98 -17.59
O1 LMG YB . -12.49 -21.96 -17.17
C2 LMG YB . -14.49 -23.15 -16.85
O2 LMG YB . -13.96 -24.29 -17.45
C3 LMG YB . -16.02 -23.09 -17.20
O3 LMG YB . -16.62 -24.01 -16.34
C4 LMG YB . -16.62 -21.65 -16.92
O4 LMG YB . -16.71 -21.46 -15.55
C5 LMG YB . -15.66 -20.58 -17.52
O5 LMG YB . -14.98 -18.55 -16.57
C6 LMG YB . -16.12 -19.19 -17.06
O6 LMG YB . -14.33 -20.77 -17.08
C7 LMG YB . -11.57 -21.60 -18.17
C8 LMG YB . -10.20 -21.63 -17.46
C9 LMG YB . -9.82 -23.11 -17.24
O7 LMG YB . -9.22 -21.09 -18.32
C10 LMG YB . -8.74 -19.87 -18.02
O9 LMG YB . -9.53 -18.95 -17.88
C11 LMG YB . -7.34 -19.91 -17.53
C12 LMG YB . -6.96 -18.58 -16.90
C13 LMG YB . -5.51 -18.21 -17.11
C14 LMG YB . -4.79 -18.42 -15.79
C15 LMG YB . -3.31 -18.18 -15.99
C16 LMG YB . -2.69 -17.80 -14.65
C17 LMG YB . -1.40 -17.07 -14.96
C18 LMG YB . -0.74 -16.76 -13.63
C19 LMG YB . -0.24 -15.32 -13.69
C20 LMG YB . -1.00 -14.55 -12.64
C21 LMG YB . 0.00 -13.76 -11.84
O8 LMG YB . -8.62 -23.09 -16.49
C28 LMG YB . -8.70 -23.40 -15.17
O10 LMG YB . -9.68 -23.06 -14.52
C29 LMG YB . -7.45 -23.99 -14.61
C30 LMG YB . -6.38 -22.92 -14.55
C31 LMG YB . -5.10 -23.60 -14.13
C32 LMG YB . -4.12 -22.48 -13.77
C33 LMG YB . -2.73 -23.05 -13.89
C34 LMG YB . -2.46 -23.90 -12.67
C35 LMG YB . -1.19 -23.33 -12.04
C36 LMG YB . -1.62 -22.45 -10.92
C1 BCR ZB . 6.98 13.28 0.32
C2 BCR ZB . 8.16 13.79 1.15
C3 BCR ZB . 9.25 12.75 1.30
C4 BCR ZB . 8.67 11.52 1.95
C5 BCR ZB . 7.55 11.00 1.09
C6 BCR ZB . 6.61 11.84 0.63
C7 BCR ZB . 5.22 11.38 0.38
C8 BCR ZB . 4.40 10.99 1.35
C9 BCR ZB . 3.02 10.54 1.10
C10 BCR ZB . 2.42 9.77 2.00
C11 BCR ZB . 1.06 9.24 1.94
C33 BCR ZB . 7.57 9.54 0.74
C31 BCR ZB . 7.30 13.36 -1.16
C32 BCR ZB . 5.82 14.20 0.62
C34 BCR ZB . 2.29 10.97 -0.15
C12 BCR ZB . 0.69 8.43 2.93
C13 BCR ZB . -0.65 7.83 3.07
C14 BCR ZB . -0.93 7.20 4.21
C15 BCR ZB . -2.22 6.58 4.52
C16 BCR ZB . -2.41 6.18 5.77
C17 BCR ZB . -3.65 5.58 6.26
C18 BCR ZB . -3.71 5.06 7.50
C19 BCR ZB . -4.99 4.50 7.99
C20 BCR ZB . -5.19 4.33 9.30
C21 BCR ZB . -6.47 3.82 9.80
C22 BCR ZB . -6.78 3.89 11.10
C23 BCR ZB . -8.08 3.40 11.60
C24 BCR ZB . -8.86 4.32 12.15
C25 BCR ZB . -10.20 4.16 12.77
C26 BCR ZB . -11.32 3.86 12.07
C27 BCR ZB . -12.60 3.57 12.79
C28 BCR ZB . -12.79 4.69 13.80
C29 BCR ZB . -11.69 4.60 14.83
C30 BCR ZB . -10.27 4.44 14.26
C35 BCR ZB . -1.66 7.94 1.97
C36 BCR ZB . -2.52 5.06 8.39
C37 BCR ZB . -5.83 4.49 12.09
C38 BCR ZB . -11.38 3.84 10.57
C39 BCR ZB . -9.59 3.28 14.96
C40 BCR ZB . -9.50 5.70 14.55
MG CLA AC . 6.61 -1.22 34.47
CHA CLA AC . 5.38 2.00 34.72
CHB CLA AC . 3.49 -2.33 33.75
CHC CLA AC . 7.99 -4.20 33.53
CHD CLA AC . 9.84 0.06 34.98
NA CLA AC . 4.73 -0.33 34.43
C1A CLA AC . 4.44 1.03 34.51
C2A CLA AC . 2.93 1.23 34.41
C3A CLA AC . 2.41 -0.19 34.62
C4A CLA AC . 3.60 -1.04 34.23
CMA CLA AC . 2.08 -0.37 36.07
CAA CLA AC . 2.59 1.74 33.03
CBA CLA AC . 1.11 1.91 32.89
CGA CLA AC . 0.80 2.64 31.62
O1A CLA AC . -0.27 2.75 31.04
O2A CLA AC . 1.89 3.27 31.11
NB CLA AC . 5.86 -2.96 33.84
C1B CLA AC . 4.58 -3.16 33.43
C2B CLA AC . 4.51 -4.42 32.65
C3B CLA AC . 5.77 -4.94 32.60
C4B CLA AC . 6.65 -4.03 33.37
CMB CLA AC . 3.30 -4.96 32.05
CAB CLA AC . 6.26 -6.14 32.00
CBB CLA AC . 5.94 -7.36 32.40
NC CLA AC . 8.55 -1.97 34.43
C1C CLA AC . 8.89 -3.24 34.06
C2C CLA AC . 10.32 -3.41 34.13
C3C CLA AC . 10.86 -2.18 34.50
C4C CLA AC . 9.73 -1.30 34.69
CMC CLA AC . 11.04 -4.62 33.77
CAC CLA AC . 12.27 -1.84 34.70
CBC CLA AC . 12.71 -1.96 36.14
ND CLA AC . 7.44 0.54 35.03
C1D CLA AC . 8.79 0.93 35.10
C2D CLA AC . 8.87 2.37 35.31
C3D CLA AC . 7.59 2.84 35.18
C4D CLA AC . 6.75 1.66 34.96
CMD CLA AC . 10.13 3.06 35.53
CAD CLA AC . 6.71 3.99 35.24
OBD CLA AC . 6.95 5.14 35.59
CBD CLA AC . 5.32 3.52 34.74
CGD CLA AC . 4.17 4.12 35.49
O1D CLA AC . 4.01 4.22 36.69
O2D CLA AC . 3.20 4.64 34.70
CED CLA AC . 2.94 6.03 34.81
C1 CLA AC . 1.65 4.54 30.47
C2 CLA AC . 2.97 4.90 29.90
C3 CLA AC . 3.12 5.29 28.64
C4 CLA AC . 1.99 5.41 27.69
C5 CLA AC . 4.45 5.64 28.11
C6 CLA AC . 5.36 4.42 28.09
C7 CLA AC . 6.80 4.84 28.17
C8 CLA AC . 7.25 5.69 26.99
C9 CLA AC . 8.22 4.91 26.14
C10 CLA AC . 7.91 6.97 27.46
C11 CLA AC . 7.02 8.18 27.29
C12 CLA AC . 6.62 8.41 25.85
C13 CLA AC . 6.80 9.86 25.42
C14 CLA AC . 6.20 10.83 26.42
C15 CLA AC . 6.24 10.18 24.04
C16 CLA AC . 5.27 9.17 23.47
C17 CLA AC . 4.28 9.88 22.58
C18 CLA AC . 3.58 9.00 21.57
C19 CLA AC . 4.57 8.46 20.56
C20 CLA AC . 2.55 9.84 20.85
MG CLA BC . -7.13 -13.41 37.33
CHA CLA BC . -8.68 -16.38 38.09
CHB CLA BC . -6.04 -13.13 40.52
CHC CLA BC . -5.11 -10.87 36.35
CHD CLA BC . -8.53 -13.56 34.12
NA CLA BC . -7.36 -14.57 39.03
C1A CLA BC . -8.00 -15.81 39.12
C2A CLA BC . -7.93 -16.29 40.55
C3A CLA BC . -7.48 -15.03 41.32
C4A CLA BC . -6.86 -14.18 40.23
CMA CLA BC . -8.65 -14.34 41.91
CAA CLA BC . -6.92 -17.43 40.60
CBA CLA BC . -5.78 -17.23 41.55
CGA CLA BC . -6.22 -17.60 42.90
O1A CLA BC . -7.35 -17.88 43.29
O2A CLA BC . -5.18 -17.61 43.78
NB CLA BC . -5.82 -12.21 38.26
C1B CLA BC . -5.46 -12.30 39.55
C2B CLA BC . -4.29 -11.43 39.82
C3B CLA BC . -4.02 -10.78 38.64
C4B CLA BC . -4.99 -11.27 37.64
CMB CLA BC . -3.71 -11.33 41.16
CAB CLA BC . -3.05 -9.79 38.28
CBB CLA BC . -1.79 -9.71 38.71
NC CLA BC . -6.92 -12.37 35.55
C1C CLA BC . -6.01 -11.38 35.39
C2C CLA BC . -6.11 -10.89 34.06
C3C CLA BC . -7.08 -11.60 33.37
C4C CLA BC . -7.59 -12.56 34.35
CMC CLA BC . -5.29 -9.81 33.58
CAC CLA BC . -7.47 -11.29 31.97
CBC CLA BC . -7.72 -12.39 30.98
ND CLA BC . -8.40 -14.59 36.32
C1D CLA BC . -8.89 -14.53 35.01
C2D CLA BC . -9.79 -15.65 34.77
C3D CLA BC . -9.69 -16.46 35.89
C4D CLA BC . -8.83 -15.73 36.84
CMD CLA BC . -10.48 -15.83 33.50
CAD CLA BC . -10.17 -17.64 36.59
OBD CLA BC . -10.96 -18.49 36.25
CBD CLA BC . -9.47 -17.67 37.98
CGD CLA BC . -10.42 -17.88 39.12
O1D CLA BC . -10.99 -17.04 39.79
O2D CLA BC . -10.61 -19.19 39.43
CED CLA BC . -9.73 -19.74 40.40
C1 CLA BC . -5.35 -16.91 45.02
C2 CLA BC . -5.17 -15.44 44.84
C3 CLA BC . -4.06 -14.79 44.44
C4 CLA BC . -2.78 -15.44 44.09
C5 CLA BC . -4.09 -13.31 44.36
C6 CLA BC . -3.07 -12.65 45.29
C7 CLA BC . -3.35 -12.94 46.76
C8 CLA BC . -2.08 -12.87 47.61
C9 CLA BC . -1.13 -13.96 47.16
C10 CLA BC . -2.33 -13.04 49.10
C11 CLA BC . -3.67 -12.51 49.58
C12 CLA BC . -3.57 -11.10 50.13
C13 CLA BC . -3.42 -11.10 51.64
C14 CLA BC . -4.44 -11.99 52.32
C15 CLA BC . -3.48 -9.68 52.20
C16 CLA BC . -4.89 -9.12 52.27
C17 CLA BC . -4.88 -7.70 52.80
C18 CLA BC . -6.21 -7.25 53.40
C19 CLA BC . -7.38 -7.55 52.48
C20 CLA BC . -6.18 -5.76 53.70
MG CLA CC . -21.38 9.48 52.81
CHA CLA CC . -24.74 8.94 53.51
CHB CLA CC . -21.74 12.74 53.65
CHC CLA CC . -18.00 9.90 52.33
CHD CLA CC . -21.06 6.07 52.01
NA CLA CC . -23.00 10.63 53.44
C1A CLA CC . -24.33 10.24 53.70
C2A CLA CC . -25.18 11.41 54.16
C3A CLA CC . -24.21 12.61 54.06
C4A CLA CC . -22.88 11.96 53.70
CMA CLA CC . -24.68 13.60 53.05
CAA CLA CC . -25.61 11.31 55.61
NB CLA CC . -20.12 11.03 52.93
C1B CLA CC . -20.46 12.27 53.32
C2B CLA CC . -19.27 13.14 53.38
C3B CLA CC . -18.20 12.35 53.02
C4B CLA CC . -18.72 10.99 52.72
CMB CLA CC . -19.35 14.53 53.80
CAB CLA CC . -16.80 12.66 52.90
CBB CLA CC . -16.29 13.72 52.27
NC CLA CC . -19.83 8.22 52.24
C1C CLA CC . -18.52 8.59 52.09
C2C CLA CC . -17.73 7.43 51.69
C3C CLA CC . -18.61 6.35 51.59
C4C CLA CC . -19.91 6.86 51.94
CMC CLA CC . -16.29 7.41 51.45
CAC CLA CC . -18.29 4.97 51.23
CBC CLA CC . -18.26 4.74 49.74
ND CLA CC . -22.57 7.86 52.71
C1D CLA CC . -22.30 6.51 52.38
C2D CLA CC . -23.54 5.73 52.50
C3D CLA CC . -24.52 6.62 52.92
C4D CLA CC . -23.86 7.92 53.06
CMD CLA CC . -23.63 4.30 52.21
CAD CLA CC . -25.91 6.78 53.29
OBD CLA CC . -26.81 5.95 53.34
CBD CLA CC . -26.09 8.28 53.67
CGD CLA CC . -27.12 8.95 52.83
O1D CLA CC . -26.92 9.73 51.89
O2D CLA CC . -28.40 8.65 53.16
CED CLA CC . -29.30 9.72 53.36
MG CLA DC . -20.41 19.34 46.17
CHA CLA DC . -18.59 22.16 45.32
CHB CLA DC . -17.98 18.41 48.34
CHC CLA DC . -22.18 16.48 46.85
CHD CLA DC . -22.73 20.14 43.64
NA CLA DC . -18.61 20.20 46.75
C1A CLA DC . -18.01 21.39 46.30
C2A CLA DC . -16.67 21.63 47.00
C3A CLA DC . -16.48 20.34 47.81
C4A CLA DC . -17.79 19.59 47.65
CMA CLA DC . -15.35 19.55 47.22
CAA CLA DC . -16.69 22.85 47.91
CBA CLA DC . -15.98 22.69 49.25
CGA CLA DC . -14.48 22.52 49.13
O1A CLA DC . -13.81 21.53 49.41
O2A CLA DC . -13.80 23.61 48.68
NB CLA DC . -20.17 17.80 47.41
C1B CLA DC . -19.11 17.59 48.24
C2B CLA DC . -19.29 16.33 49.01
C3B CLA DC . -20.48 15.78 48.57
C4B CLA DC . -21.04 16.70 47.56
CMB CLA DC . -18.29 15.87 49.96
CAB CLA DC . -21.17 14.55 48.88
CBB CLA DC . -21.15 13.84 50.00
NC CLA DC . -22.17 18.50 45.42
C1C CLA DC . -22.71 17.33 45.84
C2C CLA DC . -23.91 17.04 45.07
C3C CLA DC . -24.05 18.06 44.14
C4C CLA DC . -22.95 18.98 44.37
CMC CLA DC . -24.75 15.86 45.23
CAC CLA DC . -25.07 18.20 43.10
CBC CLA DC . -24.59 17.75 41.74
ND CLA DC . -20.70 20.82 44.83
C1D CLA DC . -21.70 21.02 43.85
C2D CLA DC . -21.42 22.25 43.13
C3D CLA DC . -20.23 22.72 43.63
C4D CLA DC . -19.81 21.78 44.68
CMD CLA DC . -22.26 22.79 42.07
CAD CLA DC . -19.22 23.76 43.56
OBD CLA DC . -19.17 24.73 42.83
CBD CLA DC . -18.14 23.41 44.61
CGD CLA DC . -16.81 23.18 43.96
O1D CLA DC . -15.70 23.52 44.35
O2D CLA DC . -16.90 22.49 42.79
CED CLA DC . -15.71 21.90 42.30
C1 CLA DC . -12.88 23.37 47.60
C2 CLA DC . -13.43 24.20 46.50
C3 CLA DC . -12.76 25.16 45.83
C4 CLA DC . -11.34 25.48 46.12
C5 CLA DC . -13.43 25.94 44.76
C6 CLA DC . -14.30 27.06 45.31
C7 CLA DC . -15.76 26.65 45.37
C8 CLA DC . -16.70 27.85 45.29
C9 CLA DC . -16.52 28.73 46.51
C10 CLA DC . -18.15 27.42 45.13
C11 CLA DC . -18.79 26.91 46.40
C12 CLA DC . -20.29 27.11 46.37
C13 CLA DC . -20.95 26.32 45.25
C14 CLA DC . -21.82 27.22 44.39
C15 CLA DC . -21.68 25.10 45.82
C16 CLA DC . -23.12 24.90 45.41
C17 CLA DC . -23.95 24.63 46.66
C18 CLA DC . -25.37 24.16 46.37
C19 CLA DC . -26.14 24.02 47.67
C20 CLA DC . -26.09 25.10 45.44
MG CLA EC . -12.54 15.61 48.39
CHA CLA EC . -14.76 12.98 48.78
CHB CLA EC . -14.07 16.46 45.50
CHC CLA EC . -10.30 18.19 48.02
CHD CLA EC . -10.76 14.49 51.21
NA CLA EC . -14.19 14.84 47.36
C1A CLA EC . -15.01 13.76 47.67
C2A CLA EC . -16.09 13.55 46.60
C3A CLA EC . -15.74 14.62 45.56
C4A CLA EC . -14.60 15.39 46.18
CMA CLA EC . -15.25 13.99 44.29
CAA CLA EC . -17.51 13.75 47.09
CBA CLA EC . -18.54 13.60 46.01
CGA CLA EC . -18.60 12.19 45.54
O1A CLA EC . -19.03 11.20 46.13
O2A CLA EC . -18.11 12.04 44.27
NB CLA EC . -12.28 17.08 47.05
C1B CLA EC . -12.99 17.25 45.92
C2B CLA EC . -12.46 18.39 45.14
C3B CLA EC . -11.39 18.88 45.85
C4B CLA EC . -11.26 18.05 47.07
CMB CLA EC . -13.02 18.81 43.87
CAB CLA EC . -10.49 19.96 45.57
CBB CLA EC . -10.85 21.23 45.41
NC CLA EC . -10.87 16.24 49.44
C1C CLA EC . -10.12 17.33 49.13
C2C CLA EC . -9.05 17.50 50.09
C3C CLA EC . -9.15 16.43 50.96
C4C CLA EC . -10.29 15.63 50.55
CMC CLA EC . -8.06 18.57 50.07
CAC CLA EC . -8.29 16.12 52.11
CBC CLA EC . -7.13 15.26 51.68
ND CLA EC . -12.70 14.13 49.74
C1D CLA EC . -11.88 13.78 50.85
C2D CLA EC . -12.45 12.57 51.48
C3D CLA EC . -13.55 12.25 50.74
C4D CLA EC . -13.66 13.23 49.65
CMD CLA EC . -11.91 11.90 52.65
CAD CLA EC . -14.64 11.31 50.58
OBD CLA EC . -14.92 10.36 51.30
CBD CLA EC . -15.44 11.74 49.32
CGD CLA EC . -15.55 10.65 48.29
O1D CLA EC . -14.70 10.25 47.51
O2D CLA EC . -16.80 10.08 48.24
CED CLA EC . -16.88 8.72 47.87
C1 CLA EC . -18.10 10.72 43.70
C2 CLA EC . -16.77 10.13 43.98
C3 CLA EC . -15.80 10.07 43.06
C4 CLA EC . -15.99 10.57 41.69
C5 CLA EC . -14.48 9.46 43.37
C6 CLA EC . -13.32 10.43 43.32
C7 CLA EC . -12.37 10.11 42.18
C8 CLA EC . -10.91 9.93 42.60
C9 CLA EC . -10.79 9.06 43.84
C10 CLA EC . -10.20 11.25 42.89
C11 CLA EC . -10.46 12.32 41.86
C12 CLA EC . -9.98 13.67 42.36
C13 CLA EC . -10.89 14.18 43.46
C14 CLA EC . -11.56 15.46 42.99
C15 CLA EC . -10.14 14.43 44.76
C16 CLA EC . -10.74 13.63 45.89
C17 CLA EC . -9.67 13.11 46.81
C18 CLA EC . -10.23 12.10 47.80
C19 CLA EC . -10.84 10.92 47.09
C20 CLA EC . -9.12 11.63 48.71
MG CLA FC . -2.56 10.76 63.50
CHA CLA FC . -0.73 8.10 64.70
CHB CLA FC . -2.24 9.55 60.34
CHC CLA FC . -4.67 13.21 62.42
CHD CLA FC . -2.85 11.99 66.80
NA CLA FC . -1.61 9.10 62.68
C1A CLA FC . -0.91 8.10 63.35
C2A CLA FC . -0.40 7.05 62.38
C3A CLA FC . -0.65 7.70 61.00
C4A CLA FC . -1.58 8.86 61.33
CMA CLA FC . 0.66 8.16 60.42
CAA CLA FC . -1.18 5.75 62.52
CBA CLA FC . -2.70 5.84 62.45
CGA CLA FC . -3.33 6.06 63.79
O1A CLA FC . -3.15 5.42 64.82
O2A CLA FC . -4.22 7.09 63.83
NB CLA FC . -3.23 11.34 61.70
C1B CLA FC . -3.11 10.63 60.55
C2B CLA FC . -4.02 11.15 59.51
C3B CLA FC . -4.71 12.18 60.09
C4B CLA FC . -4.24 12.32 61.49
CMB CLA FC . -4.12 10.58 58.18
CAB CLA FC . -5.74 13.01 59.53
CBB CLA FC . -7.04 12.87 59.79
NC CLA FC . -3.53 12.35 64.44
C1C CLA FC . -4.33 13.24 63.79
C2C CLA FC . -4.84 14.22 64.75
C3C CLA FC . -4.34 13.85 65.99
C4C CLA FC . -3.52 12.67 65.79
CMC CLA FC . -5.72 15.34 64.41
CAC CLA FC . -4.56 14.54 67.28
CBC CLA FC . -5.70 13.94 68.07
ND CLA FC . -1.99 10.21 65.36
C1D CLA FC . -2.14 10.82 66.62
C2D CLA FC . -1.42 10.02 67.63
C3D CLA FC . -0.87 8.97 66.96
C4D CLA FC . -1.24 9.13 65.54
CMD CLA FC . -1.36 10.34 69.05
CAD CLA FC . -0.07 7.77 67.04
OBD CLA FC . 0.43 7.25 68.03
CBD CLA FC . 0.09 7.21 65.61
CGD CLA FC . 1.51 7.30 65.17
O1D CLA FC . 2.28 8.25 65.36
O2D CLA FC . 1.97 6.24 64.47
CED CLA FC . 3.37 6.13 64.34
C1 CLA FC . -4.54 7.61 65.14
C2 CLA FC . -5.63 8.61 64.96
C3 CLA FC . -6.12 9.37 65.98
C4 CLA FC . -5.58 9.26 67.36
C5 CLA FC . -7.21 10.37 65.77
C6 CLA FC . -7.38 10.79 64.33
C7 CLA FC . -8.49 11.81 64.20
MG CLA GC . 2.24 8.61 55.38
CHA CLA GC . 2.50 12.02 54.83
CHB CLA GC . -0.60 9.13 57.19
CHC CLA GC . 1.72 5.25 55.47
CHD CLA GC . 5.04 8.11 53.29
NA CLA GC . 1.21 10.30 56.00
C1A CLA GC . 1.48 11.63 55.66
C2A CLA GC . 0.41 12.53 56.25
C3A CLA GC . -0.29 11.63 57.28
C4A CLA GC . 0.12 10.24 56.81
CMA CLA GC . 0.19 11.91 58.67
CAA CLA GC . -0.57 12.94 55.13
CBA CLA GC . -1.28 11.92 54.23
CGA CLA GC . -0.42 11.36 53.13
O1A CLA GC . 0.47 11.94 52.52
O2A CLA GC . -0.57 10.04 52.83
NB CLA GC . 0.87 7.41 56.22
C1B CLA GC . -0.29 7.82 56.82
C2B CLA GC . -1.17 6.66 57.08
C3B CLA GC . -0.52 5.56 56.60
C4B CLA GC . 0.79 6.03 56.06
CMB CLA GC . -2.47 6.79 57.74
CAB CLA GC . -0.95 4.19 56.62
CBB CLA GC . -1.17 3.41 55.55
NC CLA GC . 3.29 6.99 54.62
C1C CLA GC . 2.90 5.70 54.82
C2C CLA GC . 3.82 4.82 54.14
C3C CLA GC . 4.75 5.61 53.48
C4C CLA GC . 4.40 6.98 53.80
CMC CLA GC . 3.68 3.39 54.13
CAC CLA GC . 5.86 5.14 52.65
CBC CLA GC . 5.44 4.83 51.23
ND CLA GC . 3.61 9.75 54.42
C1D CLA GC . 4.67 9.40 53.56
C2D CLA GC . 5.25 10.63 53.00
C3D CLA GC . 4.44 11.67 53.44
C4D CLA GC . 3.42 11.06 54.30
CMD CLA GC . 6.37 10.64 52.09
CAD CLA GC . 4.19 13.10 53.40
OBD CLA GC . 4.80 13.97 52.81
CBD CLA GC . 2.93 13.36 54.26
CGD CLA GC . 3.19 14.45 55.26
O1D CLA GC . 3.45 15.63 55.03
O2D CLA GC . 3.14 14.07 56.57
CED CLA GC . 2.99 15.09 57.56
C1 CLA GC . 0.64 9.42 52.35
C2 CLA GC . 0.41 7.99 52.01
C3 CLA GC . 1.27 7.30 51.25
C4 CLA GC . 2.51 7.90 50.71
C5 CLA GC . 1.05 5.87 50.90
C6 CLA GC . 0.38 5.12 52.03
C7 CLA GC . -0.77 4.31 51.48
C8 CLA GC . -2.02 4.59 52.28
C9 CLA GC . -3.06 3.51 52.04
C10 CLA GC . -2.58 5.95 51.92
C11 CLA GC . -3.39 6.52 53.06
C12 CLA GC . -3.20 8.03 53.14
C13 CLA GC . -4.13 8.78 54.09
C14 CLA GC . -5.01 7.90 54.96
C15 CLA GC . -5.01 9.76 53.30
C16 CLA GC . -5.04 11.10 53.98
C17 CLA GC . -6.28 11.88 53.65
C18 CLA GC . -7.40 11.61 54.64
C19 CLA GC . -6.99 11.94 56.05
C20 CLA GC . -8.59 12.47 54.27
MG CLA HC . 4.07 -1.57 56.90
CHA CLA HC . 3.20 1.47 58.31
CHB CLA HC . 1.47 -3.05 58.49
CHC CLA HC . 4.75 -4.46 55.18
CHD CLA HC . 6.75 0.00 55.25
NA CLA HC . 2.64 -0.89 58.24
C1A CLA HC . 2.41 0.41 58.68
C2A CLA HC . 1.23 0.45 59.62
C3A CLA HC . 0.91 -1.03 59.88
C4A CLA HC . 1.71 -1.73 58.79
CMA CLA HC . 1.35 -1.46 61.25
CAA CLA HC . 0.06 1.05 58.87
CBA CLA HC . -0.54 2.21 59.61
CGA CLA HC . -1.92 1.83 60.05
O1A CLA HC . -2.39 0.71 60.20
O2A CLA HC . -2.72 2.92 60.28
NB CLA HC . 3.31 -3.43 56.88
C1B CLA HC . 2.17 -3.80 57.52
C2B CLA HC . 1.79 -5.16 57.07
C3B CLA HC . 2.72 -5.56 56.13
C4B CLA HC . 3.70 -4.46 56.03
CMB CLA HC . 0.61 -5.82 57.57
CAB CLA HC . 2.87 -6.76 55.36
CBB CLA HC . 2.74 -8.02 55.80
NC CLA HC . 5.52 -2.13 55.51
C1C CLA HC . 5.60 -3.36 54.94
C2C CLA HC . 6.70 -3.41 53.99
C3C CLA HC . 7.29 -2.16 54.02
C4C CLA HC . 6.54 -1.36 54.99
CMC CLA HC . 7.04 -4.58 53.19
CAC CLA HC . 8.45 -1.72 53.24
CBC CLA HC . 9.71 -1.71 54.06
ND CLA HC . 4.90 0.26 56.83
C1D CLA HC . 5.97 0.77 56.08
C2D CLA HC . 6.10 2.21 56.35
C3D CLA HC . 5.07 2.53 57.19
C4D CLA HC . 4.34 1.29 57.46
CMD CLA HC . 7.12 3.05 55.73
CAD CLA HC . 4.41 3.59 57.93
OBD CLA HC . 4.69 4.78 58.02
CBD CLA HC . 3.19 2.95 58.64
CGD CLA HC . 3.27 3.20 60.11
O1D CLA HC . 4.17 2.87 60.88
O2D CLA HC . 2.22 3.90 60.61
CED CLA HC . 1.90 3.66 61.98
C1 CLA HC . -4.06 2.84 59.76
C2 CLA HC . -3.94 2.82 58.27
C3 CLA HC . -4.96 3.16 57.46
C4 CLA HC . -6.28 3.59 57.98
C5 CLA HC . -4.80 3.13 55.98
C6 CLA HC . -5.77 2.20 55.30
C7 CLA HC . -6.41 2.88 54.11
C8 CLA HC . -7.56 2.06 53.54
C9 CLA HC . -7.06 0.70 53.11
C10 CLA HC . -8.22 2.80 52.38
C11 CLA HC . -9.60 2.26 52.07
C12 CLA HC . -10.69 2.98 52.85
C13 CLA HC . -11.70 2.00 53.41
C14 CLA HC . -13.02 2.08 52.67
C15 CLA HC . -11.93 2.23 54.90
C16 CLA HC . -11.19 1.21 55.75
C17 CLA HC . -11.65 1.27 57.19
C18 CLA HC . -12.90 0.43 57.44
C19 CLA HC . -13.99 1.24 58.10
C20 CLA HC . -12.56 -0.77 58.30
MG CLA IC . 0.17 -8.22 61.62
CHA CLA IC . 2.29 -10.63 62.91
CHB CLA IC . 0.68 -6.32 64.39
CHC CLA IC . -1.96 -5.88 60.33
CHD CLA IC . -0.47 -10.32 58.85
NA CLA IC . 1.36 -8.43 63.33
C1A CLA IC . 2.18 -9.51 63.68
C2A CLA IC . 2.85 -9.27 65.02
C3A CLA IC . 2.17 -7.98 65.53
C4A CLA IC . 1.37 -7.51 64.33
CMA CLA IC . 1.26 -8.27 66.70
CAA CLA IC . 4.32 -8.97 64.78
CBA CLA IC . 5.20 -9.75 65.72
CGA CLA IC . 5.56 -8.87 66.88
O1A CLA IC . 6.36 -7.92 66.91
O2A CLA IC . 4.88 -9.19 68.01
NB CLA IC . -0.58 -6.47 62.29
C1B CLA IC . -0.11 -5.80 63.36
C2B CLA IC . -0.53 -4.36 63.29
C3B CLA IC . -1.27 -4.24 62.14
C4B CLA IC . -1.31 -5.57 61.49
CMB CLA IC . -0.17 -3.38 64.29
CAB CLA IC . -1.90 -3.05 61.59
CBB CLA IC . -3.19 -2.89 61.35
NC CLA IC . -1.00 -8.14 59.91
C1C CLA IC . -1.83 -7.09 59.60
C2C CLA IC . -2.54 -7.37 58.36
C3C CLA IC . -2.09 -8.60 57.92
C4C CLA IC . -1.11 -9.08 58.90
CMC CLA IC . -3.52 -6.47 57.76
CAC CLA IC . -2.52 -9.33 56.72
CBC CLA IC . -1.81 -8.85 55.48
ND CLA IC . 0.83 -9.98 60.91
C1D CLA IC . 0.45 -10.75 59.78
C2D CLA IC . 1.13 -12.06 59.83
C3D CLA IC . 1.84 -12.07 61.02
C4D CLA IC . 1.60 -10.77 61.65
CMD CLA IC . 1.00 -13.09 58.81
CAD CLA IC . 2.69 -12.84 61.90
OBD CLA IC . 3.09 -13.99 61.78
CBD CLA IC . 2.99 -11.95 63.13
CGD CLA IC . 2.47 -12.59 64.39
O1D CLA IC . 3.07 -13.30 65.19
O2D CLA IC . 1.16 -12.32 64.64
CED CLA IC . 0.30 -13.46 64.65
C1 CLA IC . 5.57 -10.01 68.97
C2 CLA IC . 4.52 -10.64 69.82
C3 CLA IC . 3.87 -11.76 69.48
C4 CLA IC . 4.14 -12.49 68.22
C5 CLA IC . 2.84 -12.35 70.37
C6 CLA IC . 1.48 -12.43 69.70
C7 CLA IC . 0.82 -11.07 69.67
C8 CLA IC . -0.64 -11.18 69.26
C9 CLA IC . -0.74 -11.38 67.76
C10 CLA IC . -1.40 -9.93 69.67
C11 CLA IC . -2.90 -10.15 69.58
C12 CLA IC . -3.68 -9.09 70.31
C13 CLA IC . -4.80 -9.70 71.14
C14 CLA IC . -4.25 -10.67 72.15
C15 CLA IC . -5.84 -10.38 70.25
C16 CLA IC . -6.56 -9.40 69.36
C17 CLA IC . -7.87 -8.93 69.98
C18 CLA IC . -8.68 -8.09 69.01
C19 CLA IC . -7.89 -6.88 68.55
C20 CLA IC . -9.99 -7.65 69.64
MG CLA JC . -24.57 29.32 59.22
CHA CLA JC . -27.60 30.68 60.23
CHB CLA JC . -25.33 30.06 55.99
CHC CLA JC . -21.37 28.47 58.33
CHD CLA JC . -23.83 28.59 62.59
NA CLA JC . -26.24 30.17 58.28
C1A CLA JC . -27.39 30.72 58.87
C2A CLA JC . -28.35 31.23 57.80
C3A CLA JC . -27.70 30.73 56.49
C4A CLA JC . -26.31 30.30 56.92
CMA CLA JC . -28.47 29.57 55.93
CAA CLA JC . -28.49 32.75 57.79
CBA CLA JC . -27.20 33.48 58.12
CGA CLA JC . -27.48 34.80 58.77
O1A CLA JC . -28.13 35.04 59.79
O2A CLA JC . -26.90 35.85 58.11
NB CLA JC . -23.55 29.23 57.48
C1B CLA JC . -24.02 29.65 56.28
C2B CLA JC . -22.92 29.59 55.27
C3B CLA JC . -21.81 29.14 55.92
C4B CLA JC . -22.19 28.91 57.35
CMB CLA JC . -23.10 29.98 53.87
CAB CLA JC . -20.47 28.92 55.43
NC CLA JC . -22.93 28.60 60.26
C1C CLA JC . -21.72 28.30 59.70
C2C CLA JC . -20.79 27.86 60.72
C3C CLA JC . -21.48 27.88 61.93
C4C CLA JC . -22.83 28.35 61.63
CMC CLA JC . -19.41 27.48 60.47
CAC CLA JC . -20.98 27.52 63.26
CBC CLA JC . -20.47 28.72 64.01
ND CLA JC . -25.49 29.46 61.00
C1D CLA JC . -25.07 29.13 62.31
C2D CLA JC . -26.14 29.46 63.26
C3D CLA JC . -27.12 30.09 62.52
C4D CLA JC . -26.67 30.06 61.12
CMD CLA JC . -26.07 29.23 64.70
CAD CLA JC . -28.43 30.72 62.55
OBD CLA JC . -29.18 30.92 63.49
CBD CLA JC . -28.75 31.15 61.08
CGD CLA JC . -30.05 30.57 60.58
O1D CLA JC . -30.40 29.39 60.59
O2D CLA JC . -30.89 31.50 60.05
CED CLA JC . -31.82 32.15 60.93
C1 CLA JC . -25.85 36.56 58.80
C2 CLA JC . -25.62 37.80 58.01
C3 CLA JC . -24.68 38.71 58.29
C4 CLA JC . -24.51 39.91 57.45
C5 CLA JC . -23.77 38.56 59.47
C6 CLA JC . -22.32 38.87 59.14
C7 CLA JC . -21.60 39.49 60.32
C8 CLA JC . -20.13 39.78 60.03
C9 CLA JC . -19.45 40.36 61.25
C10 CLA JC . -19.97 40.73 58.85
MG CLA KC . -23.79 39.34 53.62
CHA CLA KC . -26.90 37.88 53.10
CHB CLA KC . -24.87 42.19 52.10
CHC CLA KC . -20.77 40.82 54.37
CHD CLA KC . -22.72 36.37 55.22
NA CLA KC . -25.59 39.90 52.73
C1A CLA KC . -26.78 39.16 52.63
C2A CLA KC . -27.85 39.97 51.90
C3A CLA KC . -27.11 41.24 51.44
C4A CLA KC . -25.75 41.13 52.14
CMA CLA KC . -26.95 41.27 49.94
CAA CLA KC . -29.02 40.37 52.81
CBA CLA KC . -28.58 40.82 54.18
CGA CLA KC . -28.85 39.75 55.19
NB CLA KC . -22.96 41.13 53.24
C1B CLA KC . -23.61 42.21 52.71
C2B CLA KC . -22.75 43.42 52.83
C3B CLA KC . -21.60 43.04 53.47
C4B CLA KC . -21.71 41.58 53.74
CMB CLA KC . -23.17 44.74 52.36
CAB CLA KC . -20.46 43.83 53.86
CBB CLA KC . -20.23 44.29 55.09
NC CLA KC . -22.05 38.69 54.58
C1C CLA KC . -20.93 39.45 54.75
C2C CLA KC . -19.89 38.68 55.44
C3C CLA KC . -20.46 37.43 55.71
C4C CLA KC . -21.81 37.44 55.17
CMC CLA KC . -18.56 39.15 55.78
CAC CLA KC . -19.80 36.29 56.37
CBC CLA KC . -20.16 36.13 57.83
ND CLA KC . -24.56 37.53 54.09
C1D CLA KC . -24.00 36.40 54.73
C2D CLA KC . -25.01 35.32 54.77
C3D CLA KC . -26.15 35.84 54.17
C4D CLA KC . -25.81 37.22 53.76
CMD CLA KC . -24.78 34.00 55.35
CAD CLA KC . -27.51 35.57 53.76
OBD CLA KC . -28.19 34.56 53.88
CBD CLA KC . -28.03 36.87 53.07
CGD CLA KC . -28.49 36.61 51.67
O1D CLA KC . -27.83 36.17 50.73
O2D CLA KC . -29.80 36.89 51.44
CED CLA KC . -30.13 37.69 50.31
MG CLA LC . -20.70 30.96 51.26
CHA CLA LC . -19.87 27.69 50.50
CHB CLA LC . -17.56 31.48 52.47
CHC CLA LC . -21.53 34.22 51.85
CHD CLA LC . -23.99 30.36 50.09
NA CLA LC . -19.01 29.75 51.46
C1A CLA LC . -18.85 28.42 51.06
C2A CLA LC . -17.44 27.94 51.38
C3A CLA LC . -16.83 29.09 52.21
C4A CLA LC . -17.85 30.21 52.02
CMA CLA LC . -16.68 28.71 53.66
CAA CLA LC . -16.61 27.81 50.12
CBA CLA LC . -15.78 26.55 50.13
CGA CLA LC . -14.38 26.80 49.66
O1A CLA LC . -13.36 26.18 49.97
O2A CLA LC . -14.25 27.83 48.78
NB CLA LC . -19.74 32.55 52.04
C1B CLA LC . -18.43 32.58 52.39
C2B CLA LC . -18.03 33.97 52.73
C3B CLA LC . -19.15 34.75 52.56
C4B CLA LC . -20.25 33.85 52.13
CMB CLA LC . -16.68 34.32 53.15
CAB CLA LC . -19.36 36.16 52.74
CBB CLA LC . -18.64 37.14 52.19
NC CLA LC . -22.45 32.07 51.01
C1C CLA LC . -22.56 33.40 51.31
C2C CLA LC . -23.90 33.87 51.02
C3C CLA LC . -24.61 32.79 50.53
C4C CLA LC . -23.69 31.66 50.52
CMC CLA LC . -24.34 35.25 51.23
CAC CLA LC . -26.03 32.79 50.10
CBC CLA LC . -26.32 33.34 48.74
ND CLA LC . -21.75 29.43 50.47
C1D CLA LC . -23.10 29.30 50.05
C2D CLA LC . -23.33 27.91 49.61
C3D CLA LC . -22.12 27.26 49.73
C4D CLA LC . -21.17 28.24 50.29
CMD CLA LC . -24.61 27.40 49.11
CAD CLA LC . -21.42 26.01 49.59
OBD CLA LC . -21.82 24.93 49.18
CBD CLA LC . -19.96 26.25 50.07
CGD CLA LC . -19.58 25.32 51.19
O1D CLA LC . -18.53 24.71 51.34
O2D CLA LC . -20.56 25.15 52.11
CED CLA LC . -20.25 25.50 53.46
C1 CLA LC . -13.15 28.74 49.01
C2 CLA LC . -12.03 28.44 48.07
C3 CLA LC . -10.77 28.86 48.28
C4 CLA LC . -10.41 29.66 49.48
C5 CLA LC . -9.64 28.55 47.34
C6 CLA LC . -9.73 29.23 45.97
C7 CLA LC . -9.06 30.58 45.97
C8 CLA LC . -8.08 30.85 44.82
C9 CLA LC . -8.80 31.43 43.62
C10 CLA LC . -7.27 29.63 44.44
C11 CLA LC . -5.78 29.91 44.33
C12 CLA LC . -5.20 30.52 45.59
C13 CLA LC . -5.12 29.54 46.73
C14 CLA LC . -5.98 29.99 47.90
C15 CLA LC . -3.70 29.35 47.22
C16 CLA LC . -3.67 28.24 48.25
C17 CLA LC . -2.40 28.19 49.06
C18 CLA LC . -2.58 27.37 50.31
C19 CLA LC . -3.78 27.84 51.12
C20 CLA LC . -2.73 25.91 49.98
MG CLA MC . -2.13 34.72 60.50
CHA CLA MC . -0.21 32.91 62.77
CHB CLA MC . -2.75 31.88 58.76
CHC CLA MC . -4.31 36.47 58.51
CHD CLA MC . -1.48 37.63 62.35
NA CLA MC . -1.53 32.74 60.72
C1A CLA MC . -0.76 32.17 61.75
C2A CLA MC . -0.59 30.67 61.52
C3A CLA MC . -1.20 30.46 60.13
C4A CLA MC . -1.90 31.78 59.84
CMA CLA MC . -0.15 30.27 59.08
CAA CLA MC . -1.36 29.85 62.56
CBA CLA MC . -2.76 30.38 62.84
CGA CLA MC . -3.00 30.58 64.30
O1A CLA MC . -2.22 31.00 65.16
O2A CLA MC . -4.27 30.25 64.67
NB CLA MC . -3.31 34.27 58.93
C1B CLA MC . -3.43 33.04 58.37
C2B CLA MC . -4.38 33.08 57.24
C3B CLA MC . -4.84 34.39 57.16
C4B CLA MC . -4.15 35.15 58.25
CMB CLA MC . -4.68 31.88 56.46
CAB CLA MC . -5.78 35.03 56.28
CBB CLA MC . -6.02 34.77 54.99
NC CLA MC . -2.72 36.71 60.41
C1C CLA MC . -3.62 37.21 59.51
C2C CLA MC . -3.81 38.63 59.75
C3C CLA MC . -3.02 38.98 60.84
C4C CLA MC . -2.33 37.76 61.25
CMC CLA MC . -4.70 39.50 58.97
CAC CLA MC . -2.88 40.34 61.40
CBC CLA MC . -3.41 40.55 62.80
ND CLA MC . -1.02 35.24 62.09
C1D CLA MC . -0.89 36.46 62.78
C2D CLA MC . -0.02 36.26 63.94
C3D CLA MC . 0.31 34.92 63.97
C4D CLA MC . -0.38 34.32 62.81
CMD CLA MC . 0.36 37.33 64.86
CAD CLA MC . 1.04 33.88 64.65
OBD CLA MC . 1.82 33.95 65.59
CBD CLA MC . 0.65 32.55 63.95
CGD CLA MC . 1.88 31.78 63.55
O1D CLA MC . 2.24 30.69 63.96
O2D CLA MC . 2.65 32.43 62.63
CED CLA MC . 4.05 32.44 62.88
C1 CLA MC . -4.72 30.74 65.95
C2 CLA MC . -5.60 31.90 65.69
C3 CLA MC . -6.00 32.75 66.65
C4 CLA MC . -5.59 32.62 68.06
C5 CLA MC . -6.89 33.91 66.32
C6 CLA MC . -7.66 33.75 65.02
C7 CLA MC . -8.83 34.70 64.96
C8 CLA MC . -10.05 34.11 64.24
C9 CLA MC . -10.42 32.75 64.80
C10 CLA MC . -9.82 34.05 62.75
C11 CLA MC . -11.05 33.56 62.01
C12 CLA MC . -10.71 32.44 61.05
C13 CLA MC . -11.91 31.53 60.80
C14 CLA MC . -12.36 30.87 62.08
C15 CLA MC . -11.59 30.46 59.74
C16 CLA MC . -12.60 30.48 58.62
C17 CLA MC . -13.52 29.27 58.68
C18 CLA MC . -14.81 29.58 59.43
C19 CLA MC . -15.81 30.28 58.52
MG CLA NC . -2.16 46.03 58.99
CHA CLA NC . -0.92 48.13 61.43
CHB CLA NC . -4.41 44.76 61.18
CHC CLA NC . -3.63 44.30 56.42
CHD CLA NC . 0.20 47.36 56.71
NA CLA NC . -2.54 46.36 61.00
C1A CLA NC . -1.95 47.32 61.85
C2A CLA NC . -2.56 47.21 63.26
C3A CLA NC . -3.50 45.99 63.16
C4A CLA NC . -3.51 45.68 61.67
CMA CLA NC . -2.99 44.83 63.96
CAA CLA NC . -3.34 48.45 63.67
CBA CLA NC . -4.19 49.00 62.55
CGA CLA NC . -4.65 50.39 62.88
NB CLA NC . -3.74 44.80 58.82
C1B CLA NC . -4.52 44.36 59.84
C2B CLA NC . -5.50 43.36 59.35
C3B CLA NC . -5.28 43.21 58.00
C4B CLA NC . -4.16 44.13 57.65
CMB CLA NC . -6.45 42.70 60.24
CAB CLA NC . -5.91 42.38 57.01
CBB CLA NC . -7.22 42.19 56.82
NC CLA NC . -1.75 45.83 56.95
C1C CLA NC . -2.49 45.08 56.09
C2C CLA NC . -1.98 45.22 54.75
C3C CLA NC . -0.88 46.07 54.82
C4C CLA NC . -0.74 46.45 56.21
CMC CLA NC . -2.56 44.58 53.58
CAC CLA NC . -0.02 46.53 53.72
CBC CLA NC . -0.48 47.85 53.16
ND CLA NC . -0.58 47.29 59.04
C1D CLA NC . 0.28 47.77 58.03
C2D CLA NC . 1.21 48.74 58.61
C3D CLA NC . 0.78 48.93 59.92
C4D CLA NC . -0.36 48.03 60.12
CMD CLA NC . 2.30 49.37 57.88
CAD CLA NC . 1.05 49.60 61.17
OBD CLA NC . 1.96 50.35 61.48
CBD CLA NC . -0.11 49.19 62.14
CGD CLA NC . 0.39 48.75 63.47
O1D CLA NC . -0.01 49.10 64.58
O2D CLA NC . 1.41 47.85 63.41
CED CLA NC . 1.37 46.77 64.34
MG CLA OC . 0.61 48.75 43.62
CHA CLA OC . 3.76 49.85 42.64
CHB CLA OC . 1.18 49.89 46.75
CHC CLA OC . -2.61 47.90 44.46
CHD CLA OC . 0.02 47.67 40.31
NA CLA OC . 2.23 49.69 44.52
C1A CLA OC . 3.46 50.10 43.95
C2A CLA OC . 4.34 50.77 45.00
C3A CLA OC . 3.52 50.66 46.30
C4A CLA OC . 2.20 50.05 45.85
CMA CLA OC . 4.18 49.81 47.34
CAA CLA OC . 4.62 52.24 44.68
CBA CLA OC . 3.36 53.08 44.64
CGA CLA OC . 3.43 54.08 43.53
O1A CLA OC . 4.33 54.89 43.27
O2A CLA OC . 2.32 54.06 42.74
NB CLA OC . -0.48 48.82 45.30
C1B CLA OC . -0.08 49.36 46.46
C2B CLA OC . -1.17 49.34 47.45
C3B CLA OC . -2.26 48.77 46.82
C4B CLA OC . -1.83 48.44 45.43
CMB CLA OC . -1.00 49.88 48.80
CAB CLA OC . -3.59 48.53 47.30
CBB CLA OC . -4.41 49.42 47.86
NC CLA OC . -0.99 47.91 42.57
C1C CLA OC . -2.22 47.66 43.11
C2C CLA OC . -3.11 47.10 42.09
C3C CLA OC . -2.36 47.02 40.92
C4C CLA OC . -1.04 47.54 41.24
CMC CLA OC . -4.50 46.72 42.30
CAC CLA OC . -2.81 46.50 39.62
CBC CLA OC . -3.26 47.58 38.68
ND CLA OC . 1.60 48.72 41.86
C1D CLA OC . 1.25 48.22 40.58
C2D CLA OC . 2.39 48.39 39.67
C3D CLA OC . 3.38 49.00 40.40
C4D CLA OC . 2.84 49.20 41.76
CMD CLA OC . 2.41 47.95 38.28
CAD CLA OC . 4.73 49.51 40.39
OBD CLA OC . 5.56 49.51 39.48
CBD CLA OC . 5.02 50.10 41.81
CGD CLA OC . 6.24 49.51 42.45
O1D CLA OC . 6.33 48.92 43.52
O2D CLA OC . 7.38 49.70 41.73
CED CLA OC . 8.62 49.71 42.44
C1 CLA OC . 2.14 52.90 41.89
C2 CLA OC . 0.72 52.50 42.03
C3 CLA OC . -0.01 52.04 40.99
C4 CLA OC . 0.55 51.89 39.62
C5 CLA OC . -1.44 51.64 41.16
C6 CLA OC . -1.96 51.84 42.58
C7 CLA OC . -3.46 52.06 42.56
C8 CLA OC . -4.25 50.76 42.54
C9 CLA OC . -5.07 50.67 41.27
C10 CLA OC . -5.16 50.67 43.75
MG CLA PC . 0.90 38.39 40.11
CHA CLA PC . 2.37 35.28 39.82
CHB CLA PC . 3.61 39.51 41.81
CHC CLA PC . -0.52 41.51 40.23
CHD CLA PC . -1.93 37.17 38.36
NA CLA PC . 2.69 37.51 40.69
C1A CLA PC . 3.13 36.21 40.46
C2A CLA PC . 4.53 36.01 41.04
C3A CLA PC . 4.79 37.33 41.80
C4A CLA PC . 3.63 38.21 41.39
CMA CLA PC . 4.76 37.14 43.28
CAA CLA PC . 5.52 35.95 39.89
CBA CLA PC . 6.84 36.65 40.19
CGA CLA PC . 7.60 36.96 38.94
O1A CLA PC . 8.73 36.60 38.64
O2A CLA PC . 6.92 37.75 38.06
NB CLA PC . 1.44 40.17 40.86
C1B CLA PC . 2.58 40.41 41.53
C2B CLA PC . 2.61 41.80 42.01
C3B CLA PC . 1.45 42.39 41.57
C4B CLA PC . 0.69 41.36 40.82
CMB CLA PC . 3.72 42.32 42.80
CAB CLA PC . 0.98 43.74 41.72
CBB CLA PC . 1.67 44.82 41.35
NC CLA PC . -0.90 39.18 39.43
C1C CLA PC . -1.26 40.49 39.57
C2C CLA PC . -2.54 40.72 38.94
C3C CLA PC . -2.97 39.50 38.44
C4C CLA PC . -1.92 38.53 38.74
CMC CLA PC . -3.19 42.02 38.91
CAC CLA PC . -4.21 39.23 37.71
CBC CLA PC . -4.02 39.39 36.21
ND CLA PC . 0.30 36.66 39.26
C1D CLA PC . -0.90 36.29 38.60
C2D CLA PC . -0.81 34.86 38.23
C3D CLA PC . 0.42 34.43 38.67
C4D CLA PC . 1.07 35.59 39.30
CMD CLA PC . -1.84 34.09 37.53
CAD CLA PC . 1.35 33.32 38.76
OBD CLA PC . 1.23 32.17 38.32
CBD CLA PC . 2.58 33.81 39.53
CGD CLA PC . 2.71 33.08 40.84
O1D CLA PC . 1.94 33.11 41.79
O2D CLA PC . 3.84 32.32 40.94
CED CLA PC . 3.76 31.15 41.75
C1 CLA PC . 7.72 38.70 37.32
C2 CLA PC . 6.81 39.73 36.76
C3 CLA PC . 6.23 39.64 35.56
C4 CLA PC . 6.45 38.49 34.66
C5 CLA PC . 5.33 40.74 35.08
C6 CLA PC . 3.95 40.30 34.62
C7 CLA PC . 3.11 39.65 35.71
C8 CLA PC . 2.88 40.53 36.93
C9 CLA PC . 3.47 39.88 38.15
C10 CLA PC . 1.39 40.75 37.15
C11 CLA PC . 0.84 41.85 36.27
C12 CLA PC . 0.88 43.20 36.95
C13 CLA PC . -0.05 44.19 36.26
C14 CLA PC . 0.75 45.15 35.41
MG CLA QC . -2.57 33.02 46.74
CHA CLA QC . -0.02 31.59 48.57
CHB CLA QC . -0.56 33.17 44.02
CHC CLA QC . -5.19 34.25 44.94
CHD CLA QC . -4.62 32.91 49.61
NA CLA QC . -0.60 32.47 46.38
C1A CLA QC . 0.31 31.89 47.27
C2A CLA QC . 1.64 31.63 46.58
C3A CLA QC . 1.49 32.36 45.22
C4A CLA QC . 0.00 32.68 45.18
CMA CLA QC . 2.30 33.63 45.12
CAA CLA QC . 1.81 30.13 46.37
CBA CLA QC . 1.73 29.63 44.94
CGA CLA QC . 0.31 29.37 44.57
O1A CLA QC . -0.70 29.65 45.22
O2A CLA QC . 0.17 28.77 43.35
NB CLA QC . -2.80 33.70 44.87
C1B CLA QC . -1.91 33.51 43.88
C2B CLA QC . -2.55 33.73 42.56
C3B CLA QC . -3.87 34.05 42.81
C4B CLA QC . -4.04 34.02 44.28
CMB CLA QC . -1.80 33.58 41.32
CAB CLA QC . -4.97 34.36 41.93
CBB CLA QC . -4.93 35.19 40.89
NC CLA QC . -4.53 33.52 47.20
C1C CLA QC . -5.42 34.04 46.31
C2C CLA QC . -6.69 34.28 46.98
C3C CLA QC . -6.53 33.90 48.29
C4C CLA QC . -5.17 33.43 48.44
CMC CLA QC . -7.89 34.81 46.32
CAC CLA QC . -7.52 33.96 49.36
CBC CLA QC . -8.24 32.65 49.56
ND CLA QC . -2.46 32.32 48.63
C1D CLA QC . -3.36 32.37 49.72
C2D CLA QC . -2.73 31.77 50.89
C3D CLA QC . -1.46 31.41 50.50
C4D CLA QC . -1.32 31.82 49.10
CMD CLA QC . -3.40 31.57 52.18
CAD CLA QC . -0.21 30.80 50.88
OBD CLA QC . 0.09 30.18 51.90
CBD CLA QC . 0.78 31.02 49.71
CGD CLA QC . 1.82 32.02 50.11
O1D CLA QC . 1.65 33.21 50.40
O2D CLA QC . 3.09 31.55 50.14
CED CLA QC . 3.94 32.09 51.16
C1 CLA QC . -0.09 29.63 42.22
C2 CLA QC . -1.54 29.91 42.18
C3 CLA QC . -2.25 30.04 41.05
C4 CLA QC . -1.58 29.90 39.73
C5 CLA QC . -3.72 30.32 41.12
C6 CLA QC . -4.48 30.46 39.81
C7 CLA QC . -4.60 31.91 39.35
C8 CLA QC . -5.97 32.40 38.86
C9 CLA QC . -7.12 31.66 39.51
C10 CLA QC . -6.11 32.35 37.34
C11 CLA QC . -5.57 33.62 36.72
C12 CLA QC . -4.86 33.37 35.40
C13 CLA QC . -4.87 34.60 34.51
C14 CLA QC . -4.25 35.79 35.20
C15 CLA QC . -6.29 34.95 34.04
MG CLA RC . -15.52 37.63 36.63
CHA CLA RC . -18.30 37.71 34.54
CHB CLA RC . -16.42 34.54 37.73
CHC CLA RC . -12.73 37.61 38.65
CHD CLA RC . -14.56 40.81 35.40
NA CLA RC . -17.11 36.34 36.18
C1A CLA RC . -18.16 36.55 35.27
C2A CLA RC . -19.10 35.33 35.25
C3A CLA RC . -18.50 34.39 36.32
C4A CLA RC . -17.24 35.12 36.79
CMA CLA RC . -19.47 34.13 37.44
CAA CLA RC . -19.12 34.61 33.91
CBA CLA RC . -17.76 34.03 33.53
CGA CLA RC . -17.56 34.02 32.05
O1A CLA RC . -18.40 33.97 31.15
O2A CLA RC . -16.23 34.06 31.70
NB CLA RC . -14.73 36.33 37.94
C1B CLA RC . -15.24 35.11 38.25
C2B CLA RC . -14.35 34.45 39.25
C3B CLA RC . -13.31 35.30 39.51
C4B CLA RC . -13.55 36.52 38.68
CMB CLA RC . -14.62 33.13 39.79
CAB CLA RC . -12.19 35.17 40.39
CBB CLA RC . -11.22 34.26 40.28
NC CLA RC . -13.96 38.97 36.98
C1C CLA RC . -12.93 38.76 37.85
C2C CLA RC . -12.01 39.89 37.84
C3C CLA RC . -12.51 40.80 36.91
C4C CLA RC . -13.73 40.21 36.37
CMC CLA RC . -10.82 39.97 38.66
CAC CLA RC . -11.92 42.10 36.53
CBC CLA RC . -12.42 43.28 37.34
ND CLA RC . -16.22 39.00 35.32
C1D CLA RC . -15.71 40.25 34.90
C2D CLA RC . -16.64 40.84 33.92
C3D CLA RC . -17.68 39.93 33.80
C4D CLA RC . -17.36 38.79 34.66
CMD CLA RC . -16.45 42.13 33.29
CAD CLA RC . -18.94 39.65 33.14
OBD CLA RC . -19.63 40.37 32.44
CBD CLA RC . -19.35 38.20 33.57
CGD CLA RC . -20.71 38.19 34.21
O1D CLA RC . -21.05 38.82 35.21
O2D CLA RC . -21.61 37.39 33.60
CED CLA RC . -22.97 37.85 33.55
C1 CLA RC . -15.69 32.87 31.10
C2 CLA RC . -14.22 32.90 31.33
C3 CLA RC . -13.33 32.25 30.55
C4 CLA RC . -13.74 31.45 29.38
C5 CLA RC . -11.87 32.33 30.85
C6 CLA RC . -11.17 33.44 30.08
C7 CLA RC . -9.93 33.89 30.82
C8 CLA RC . -8.95 34.61 29.89
C9 CLA RC . -7.61 34.79 30.58
C10 CLA RC . -9.49 35.95 29.44
MG CLA SC . -19.54 46.63 49.95
CHA CLA SC . -22.62 46.20 48.41
CHB CLA SC . -19.73 49.99 49.48
CHC CLA SC . -16.48 46.98 51.50
CHD CLA SC . -19.30 43.12 50.29
NA CLA SC . -20.98 47.88 49.11
C1A CLA SC . -22.21 47.51 48.51
C2A CLA SC . -22.95 48.77 48.01
C3A CLA SC . -21.95 49.91 48.29
C4A CLA SC . -20.81 49.24 49.03
CMA CLA SC . -21.47 50.54 47.00
CAA CLA SC . -24.22 49.05 48.80
CBA CLA SC . -24.09 48.75 50.28
CGA CLA SC . -24.72 49.82 51.11
O1A CLA SC . -25.78 50.42 50.92
O2A CLA SC . -24.00 50.10 52.24
NB CLA SC . -18.32 48.19 50.38
C1B CLA SC . -18.60 49.49 50.15
C2B CLA SC . -17.52 50.35 50.70
C3B CLA SC . -16.60 49.50 51.27
C4B CLA SC . -17.10 48.12 51.07
CMB CLA SC . -17.53 51.81 50.60
CAB CLA SC . -15.35 49.78 51.94
CBB CLA SC . -14.30 50.41 51.42
NC CLA SC . -18.16 45.29 50.76
C1C CLA SC . -16.97 45.65 51.35
C2C CLA SC . -16.27 44.45 51.81
C3C CLA SC . -17.08 43.36 51.45
C4C CLA SC . -18.25 43.90 50.79
CMC CLA SC . -14.98 44.47 52.50
CAC CLA SC . -16.85 41.93 51.66
CBC CLA SC . -17.46 41.43 52.95
ND CLA SC . -20.69 45.01 49.59
C1D CLA SC . -20.44 43.62 49.72
C2D CLA SC . -21.59 42.86 49.20
C3D CLA SC . -22.47 43.80 48.72
C4D CLA SC . -21.85 45.13 48.94
CMD CLA SC . -21.71 41.41 49.22
CAD CLA SC . -23.77 44.04 48.09
OBD CLA SC . -24.67 43.24 47.85
CBD CLA SC . -23.83 45.55 47.77
CGD CLA SC . -23.89 45.76 46.28
O1D CLA SC . -24.85 45.53 45.53
O2D CLA SC . -22.74 46.23 45.72
CED CLA SC . -22.85 47.25 44.73
C1 CLA SC . -24.12 49.19 53.35
C2 CLA SC . -23.33 49.75 54.48
C3 CLA SC . -23.79 50.71 55.30
C4 CLA SC . -22.96 51.25 56.40
C5 CLA SC . -25.16 51.29 55.15
MG CLA TC . -21.09 48.62 35.24
CHA CLA TC . -23.85 50.72 35.01
CHB CLA TC . -21.33 47.92 31.92
CHC CLA TC . -18.28 46.66 35.51
CHD CLA TC . -20.84 49.39 38.69
NA CLA TC . -22.39 49.24 33.74
C1A CLA TC . -23.48 50.13 33.83
C2A CLA TC . -24.15 50.31 32.46
C3A CLA TC . -23.41 49.31 31.55
C4A CLA TC . -22.28 48.78 32.44
CMA CLA TC . -24.33 48.21 31.08
CAA CLA TC . -23.96 51.73 31.91
CBA CLA TC . -22.52 52.21 32.02
CGA CLA TC . -22.42 53.67 32.28
O1A CLA TC . -23.06 54.37 33.07
O2A CLA TC . -21.47 54.28 31.51
NB CLA TC . -20.08 47.42 33.98
C1B CLA TC . -20.25 47.38 32.64
C2B CLA TC . -19.10 46.67 31.99
C3B CLA TC . -18.23 46.32 33.00
C4B CLA TC . -18.84 46.78 34.28
CMB CLA TC . -19.00 46.48 30.55
CAB CLA TC . -16.97 45.64 32.92
CBB CLA TC . -15.77 46.17 33.21
NC CLA TC . -19.82 48.11 36.82
C1C CLA TC . -18.73 47.29 36.70
C2C CLA TC . -18.05 47.15 37.98
C3C CLA TC . -18.76 47.93 38.89
C4C CLA TC . -19.88 48.53 38.15
CMC CLA TC . -16.83 46.36 38.20
CAC CLA TC . -18.45 48.13 40.31
ND CLA TC . -22.02 49.83 36.57
C1D CLA TC . -21.84 50.02 37.98
C2D CLA TC . -22.89 50.92 38.47
C3D CLA TC . -23.70 51.23 37.38
C4D CLA TC . -23.12 50.51 36.23
CMD CLA TC . -23.02 51.38 39.86
CAD CLA TC . -24.84 51.97 36.90
OBD CLA TC . -25.59 52.72 37.52
CBD CLA TC . -25.02 51.61 35.40
CGD CLA TC . -26.37 50.98 35.15
O1D CLA TC . -27.47 51.53 35.22
O2D CLA TC . -26.35 49.65 34.85
CED CLA TC . -27.27 49.18 33.86
C1 CLA TC . -20.10 53.92 31.78
C2 CLA TC . -19.32 54.21 30.55
MG CLA UC . -21.51 43.50 26.52
CHA CLA UC . -24.33 44.69 28.15
CHB CLA UC . -22.91 44.26 23.51
CHC CLA UC . -18.64 42.43 24.97
CHD CLA UC . -20.07 42.72 29.67
NA CLA UC . -23.34 44.34 25.95
C1A CLA UC . -24.38 44.78 26.77
C2A CLA UC . -25.53 45.34 25.93
C3A CLA UC . -25.10 45.05 24.48
C4A CLA UC . -23.68 44.53 24.63
CMA CLA UC . -26.01 44.07 23.77
CAA CLA UC . -25.68 46.84 26.10
CBA CLA UC . -26.89 47.39 25.38
NB CLA UC . -20.94 43.25 24.61
C1B CLA UC . -21.58 43.78 23.53
C2B CLA UC . -20.69 43.79 22.34
C3B CLA UC . -19.48 43.28 22.75
C4B CLA UC . -19.63 42.94 24.19
CMB CLA UC . -21.11 44.33 21.05
CAB CLA UC . -18.24 43.08 22.04
CBB CLA UC . -18.07 42.46 20.86
NC CLA UC . -19.70 42.70 27.21
C1C CLA UC . -18.67 42.32 26.39
C2C CLA UC . -17.57 41.78 27.18
C3C CLA UC . -17.95 41.89 28.52
C4C CLA UC . -19.30 42.46 28.52
CMC CLA UC . -16.32 41.29 26.62
CAC CLA UC . -17.18 41.49 29.70
CBC CLA UC . -17.27 40.02 30.02
ND CLA UC . -21.98 43.73 28.48
C1D CLA UC . -21.33 43.31 29.67
C2D CLA UC . -22.19 43.61 30.83
C3D CLA UC . -23.35 44.17 30.31
C4D CLA UC . -23.17 44.19 28.84
CMD CLA UC . -21.82 43.35 32.22
CAD CLA UC . -24.65 44.71 30.61
OBD CLA UC . -25.18 44.94 31.69
CBD CLA UC . -25.34 45.00 29.23
CGD CLA UC . -26.57 44.15 29.05
O1D CLA UC . -26.61 42.95 28.76
O2D CLA UC . -27.74 44.82 29.20
CED CLA UC . -28.47 45.19 28.03
MG CLA VC . -20.48 32.61 26.27
CHA CLA VC . -20.78 35.03 28.74
CHB CLA VC . -19.16 34.94 24.18
CHC CLA VC . -19.76 30.10 24.04
CHD CLA VC . -22.01 30.28 28.44
NA CLA VC . -20.09 34.65 26.44
C1A CLA VC . -20.23 35.47 27.57
C2A CLA VC . -19.79 36.90 27.25
C3A CLA VC . -19.61 36.88 25.73
C4A CLA VC . -19.59 35.39 25.40
CMA CLA VC . -20.80 37.55 25.10
CAA CLA VC . -18.46 37.24 27.91
CBA CLA VC . -17.50 36.08 28.08
CGA CLA VC . -16.15 36.57 28.51
O1A CLA VC . -15.70 36.72 29.65
O2A CLA VC . -15.35 36.90 27.45
NB CLA VC . -19.57 32.53 24.48
C1B CLA VC . -19.16 33.60 23.75
C2B CLA VC . -18.75 33.16 22.39
C3B CLA VC . -18.91 31.80 22.34
C4B CLA VC . -19.44 31.37 23.67
CMB CLA VC . -18.27 34.10 21.38
CAB CLA VC . -18.66 30.90 21.24
CBB CLA VC . -17.51 30.75 20.58
NC CLA VC . -20.83 30.56 26.25
C1C CLA VC . -20.41 29.72 25.27
C2C CLA VC . -20.73 28.35 25.64
C3C CLA VC . -21.44 28.40 26.84
C4C CLA VC . -21.50 29.80 27.22
CMC CLA VC . -20.39 27.16 24.87
CAC CLA VC . -21.98 27.26 27.60
CBC CLA VC . -21.00 26.76 28.64
ND CLA VC . -21.36 32.62 28.09
C1D CLA VC . -21.97 31.59 28.85
C2D CLA VC . -22.41 32.15 30.14
C3D CLA VC . -21.93 33.45 30.19
C4D CLA VC . -21.28 33.69 28.88
CMD CLA VC . -23.15 31.38 31.15
CAD CLA VC . -21.83 34.69 30.94
OBD CLA VC . -22.24 34.93 32.07
CBD CLA VC . -21.09 35.73 30.05
CGD CLA VC . -21.94 36.96 29.84
O1D CLA VC . -22.97 37.06 29.17
O2D CLA VC . -21.48 38.06 30.50
CED CLA VC . -21.01 39.15 29.71
MG CLA WC . -20.46 30.52 37.79
CHA CLA WC . -19.12 30.04 40.99
CHB CLA WC . -17.51 29.58 36.43
CHC CLA WC . -21.78 31.14 34.67
CHD CLA WC . -23.52 31.50 39.27
NA CLA WC . -18.64 29.86 38.60
C1A CLA WC . -18.26 29.73 39.95
C2A CLA WC . -16.82 29.18 40.06
C3A CLA WC . -16.41 29.01 38.58
C4A CLA WC . -17.60 29.50 37.80
CMA CLA WC . -15.22 29.86 38.22
CAA CLA WC . -16.76 27.83 40.73
CBA CLA WC . -15.37 27.27 40.88
CGA CLA WC . -14.57 28.05 41.87
O1A CLA WC . -14.95 28.95 42.64
O2A CLA WC . -13.26 27.69 41.90
NB CLA WC . -19.82 30.27 35.90
C1B CLA WC . -18.52 30.05 35.58
C2B CLA WC . -18.27 30.40 34.15
C3B CLA WC . -19.46 30.84 33.65
C4B CLA WC . -20.48 30.76 34.75
CMB CLA WC . -16.95 30.29 33.55
CAB CLA WC . -19.77 31.31 32.32
CBB CLA WC . -19.58 30.62 31.19
NC CLA WC . -22.32 31.17 37.11
C1C CLA WC . -22.65 31.34 35.78
C2C CLA WC . -24.04 31.79 35.69
C3C CLA WC . -24.52 31.91 36.98
C4C CLA WC . -23.44 31.51 37.87
CMC CLA WC . -24.73 32.08 34.44
CAC CLA WC . -25.87 32.33 37.39
CBC CLA WC . -26.79 31.17 37.67
ND CLA WC . -21.19 30.78 39.64
C1D CLA WC . -22.47 31.18 40.11
C2D CLA WC . -22.46 31.17 41.59
C3D CLA WC . -21.20 30.78 41.96
C4D CLA WC . -20.45 30.53 40.73
CMD CLA WC . -23.59 31.54 42.41
CAD CLA WC . -20.33 30.51 43.09
OBD CLA WC . -20.52 30.62 44.29
CBD CLA WC . -18.99 30.01 42.50
CGD CLA WC . -17.90 30.89 43.07
O1D CLA WC . -17.52 30.90 44.23
O2D CLA WC . -17.30 31.75 42.20
CED CLA WC . -16.78 32.94 42.78
C1 CLA WC . -12.30 28.73 41.64
C2 CLA WC . -12.29 28.97 40.18
C3 CLA WC . -11.50 29.90 39.60
C4 CLA WC . -10.60 30.74 40.41
C5 CLA WC . -11.48 30.14 38.13
C6 CLA WC . -11.91 31.56 37.79
C7 CLA WC . -11.48 31.95 36.39
C8 CLA WC . -12.50 32.86 35.70
C9 CLA WC . -13.79 32.10 35.45
C10 CLA WC . -11.93 33.40 34.41
C11 CLA WC . -11.01 34.58 34.62
C12 CLA WC . -11.78 35.82 35.07
C13 CLA WC . -11.47 37.05 34.21
C14 CLA WC . -11.77 36.79 32.74
C15 CLA WC . -10.04 37.54 34.37
C16 CLA WC . -9.69 37.82 35.82
C17 CLA WC . -8.40 37.10 36.20
C18 CLA WC . -8.44 36.58 37.63
C19 CLA WC . -7.07 36.73 38.28
C20 CLA WC . -8.87 35.14 37.66
MG CLA XC . -6.93 21.59 29.36
CHA CLA XC . -3.93 23.13 30.05
CHB CLA XC . -8.00 24.42 27.80
CHC CLA XC . -9.72 19.90 28.38
CHD CLA XC . -5.79 18.73 31.09
NA CLA XC . -6.09 23.46 29.02
C1A CLA XC . -4.83 23.90 29.35
C2A CLA XC . -4.59 25.30 28.87
C3A CLA XC . -6.00 25.78 28.50
C4A CLA XC . -6.76 24.47 28.38
CMA CLA XC . -6.56 26.65 29.59
CAA CLA XC . -3.82 25.10 27.58
CBA CLA XC . -3.58 26.37 26.81
CGA CLA XC . -2.63 26.07 25.69
O1A CLA XC . -1.78 25.18 25.63
O2A CLA XC . -2.77 26.90 24.62
NB CLA XC . -8.58 22.09 28.34
C1B CLA XC . -8.79 23.26 27.69
C2B CLA XC . -10.01 23.18 26.85
C3B CLA XC . -10.49 21.90 27.01
C4B CLA XC . -9.59 21.19 27.96
CMB CLA XC . -10.48 24.29 26.03
CAB CLA XC . -11.63 21.27 26.41
CBB CLA XC . -11.81 21.10 25.10
NC CLA XC . -7.63 19.65 29.69
C1C CLA XC . -8.79 19.17 29.17
C2C CLA XC . -8.94 17.78 29.57
C3C CLA XC . -7.85 17.45 30.36
C4C CLA XC . -7.02 18.64 30.44
CMC CLA XC . -10.05 16.90 29.19
CAC CLA XC . -7.55 16.15 30.97
CBC CLA XC . -6.56 15.35 30.16
ND CLA XC . -5.28 21.00 30.33
C1D CLA XC . -4.95 19.81 31.04
C2D CLA XC . -3.63 19.97 31.64
C3D CLA XC . -3.16 21.20 31.26
C4D CLA XC . -4.24 21.81 30.47
CMD CLA XC . -2.97 18.93 32.42
CAD CLA XC . -2.09 22.15 31.35
OBD CLA XC . -0.99 22.05 31.87
CBD CLA XC . -2.58 23.43 30.62
CGD CLA XC . -2.69 24.52 31.61
O1D CLA XC . -3.69 25.09 32.05
O2D CLA XC . -1.46 24.90 32.01
CED CLA XC . -1.44 25.95 32.97
C1 CLA XC . -1.58 27.20 23.87
C2 CLA XC . -2.00 27.43 22.46
C3 CLA XC . -1.71 28.53 21.74
C4 CLA XC . -0.92 29.64 22.31
C5 CLA XC . -2.15 28.69 20.33
C6 CLA XC . -3.17 27.65 19.88
C7 CLA XC . -4.58 28.13 20.08
C8 CLA XC . -5.61 27.23 19.42
C9 CLA XC . -5.90 27.69 18.00
C10 CLA XC . -6.88 27.19 20.26
C11 CLA XC . -8.01 26.43 19.60
C12 CLA XC . -8.84 25.70 20.64
C13 CLA XC . -10.32 26.06 20.65
C14 CLA XC . -10.54 27.57 20.52
C15 CLA XC . -10.97 25.51 21.92
C16 CLA XC . -12.40 25.95 22.13
C17 CLA XC . -12.56 26.64 23.47
MG CLA YC . 1.83 30.84 32.53
CHA CLA YC . -0.91 29.43 30.94
CHB CLA YC . 0.03 33.62 33.21
CHC CLA YC . 4.61 32.19 34.00
CHD CLA YC . 3.68 27.91 31.79
NA CLA YC . -0.14 31.40 32.15
C1A CLA YC . -1.15 30.67 31.48
C2A CLA YC . -2.44 31.48 31.43
C3A CLA YC . -2.08 32.80 32.13
C4A CLA YC . -0.63 32.61 32.54
CMA CLA YC . -2.24 33.98 31.19
CAA CLA YC . -3.59 30.84 32.20
CBA CLA YC . -4.81 30.68 31.32
CGA CLA YC . -5.96 30.17 32.10
O1A CLA YC . -5.98 29.38 33.04
O2A CLA YC . -7.15 30.70 31.66
NB CLA YC . 2.25 32.60 33.40
C1B CLA YC . 1.37 33.59 33.64
C2B CLA YC . 2.00 34.65 34.46
C3B CLA YC . 3.30 34.26 34.68
C4B CLA YC . 3.48 32.95 34.01
CMB CLA YC . 1.23 35.84 34.87
CAB CLA YC . 4.40 34.87 35.38
CBB CLA YC . 4.37 35.68 36.44
NC CLA YC . 3.78 30.16 32.82
C1C CLA YC . 4.75 30.90 33.43
C2C CLA YC . 5.98 30.14 33.44
C3C CLA YC . 5.73 28.91 32.86
C4C CLA YC . 4.33 28.93 32.48
CMC CLA YC . 7.21 30.66 33.99
CAC CLA YC . 6.66 27.79 32.64
CBC CLA YC . 7.23 27.71 31.25
ND CLA YC . 1.52 29.06 31.64
C1D CLA YC . 2.38 27.96 31.39
C2D CLA YC . 1.65 26.94 30.63
C3D CLA YC . 0.40 27.47 30.41
C4D CLA YC . 0.35 28.78 31.06
CMD CLA YC . 2.24 25.68 30.17
CAD CLA YC . -0.88 27.23 29.81
OBD CLA YC . -1.26 26.27 29.17
CBD CLA YC . -1.77 28.48 30.13
CGD CLA YC . -2.36 29.09 28.90
O1D CLA YC . -3.55 29.24 28.63
O2D CLA YC . -1.45 29.51 27.99
CED CLA YC . -1.92 29.76 26.67
C1 CLA YC . -8.24 30.71 32.61
C2 CLA YC . -9.16 29.64 32.17
C3 CLA YC . -9.94 28.95 33.02
C4 CLA YC . -9.92 29.19 34.48
C5 CLA YC . -10.85 27.89 32.52
C6 CLA YC . -12.30 28.14 32.87
C7 CLA YC . -13.20 27.36 31.94
C8 CLA YC . -14.63 27.88 31.97
C9 CLA YC . -15.54 26.92 32.70
C10 CLA YC . -15.16 28.14 30.57
MG CLA ZC . -1.10 12.66 45.78
CHA CLA ZC . -0.71 13.61 49.08
CHB CLA ZC . 2.24 13.00 45.29
CHC CLA ZC . -1.51 11.53 42.59
CHD CLA ZC . -4.55 12.30 46.35
NA CLA ZC . 0.48 13.26 47.00
C1A CLA ZC . 0.44 13.62 48.35
C2A CLA ZC . 1.83 13.96 48.84
C3A CLA ZC . 2.67 14.03 47.55
C4A CLA ZC . 1.76 13.37 46.52
CMA CLA ZC . 2.93 15.46 47.17
CAA CLA ZC . 2.31 12.83 49.73
CBA CLA ZC . 3.79 12.59 49.65
CGA CLA ZC . 4.08 11.33 48.90
O1A CLA ZC . 5.16 10.78 48.74
O2A CLA ZC . 2.97 10.75 48.35
NB CLA ZC . 0.12 12.42 44.21
C1B CLA ZC . 1.47 12.42 44.27
C2B CLA ZC . 2.04 11.77 43.07
C3B CLA ZC . 0.98 11.36 42.30
C4B CLA ZC . -0.25 11.77 43.01
CMB CLA ZC . 3.49 11.67 42.90
CAB CLA ZC . 0.88 10.67 41.05
CBB CLA ZC . 1.63 9.66 40.63
NC CLA ZC . -2.75 12.08 44.66
C1C CLA ZC . -2.70 11.68 43.35
C2C CLA ZC . -4.03 11.37 42.88
C3C CLA ZC . -4.89 11.56 43.97
C4C CLA ZC . -4.07 12.00 45.07
CMC CLA ZC . -4.35 10.94 41.52
CAC CLA ZC . -6.36 11.40 43.99
CBC CLA ZC . -6.82 10.13 44.65
ND CLA ZC . -2.38 12.85 47.33
C1D CLA ZC . -3.77 12.66 47.42
C2D CLA ZC . -4.21 12.95 48.80
C3D CLA ZC . -3.07 13.32 49.48
C4D CLA ZC . -1.97 13.25 48.52
CMD CLA ZC . -5.58 12.84 49.29
CAD CLA ZC . -2.53 13.74 50.75
OBD CLA ZC . -3.08 13.89 51.84
CBD CLA ZC . -1.01 13.97 50.51
CGD CLA ZC . -0.57 15.36 50.84
O1D CLA ZC . -1.06 16.41 50.45
O2D CLA ZC . 0.50 15.42 51.67
CED CLA ZC . 0.30 16.06 52.93
C1 CLA ZC . 3.21 9.62 47.49
C2 CLA ZC . 1.97 9.42 46.70
C3 CLA ZC . 1.38 8.23 46.52
C4 CLA ZC . 1.90 6.97 47.10
C5 CLA ZC . 0.15 8.13 45.71
C6 CLA ZC . -0.93 9.09 46.15
C7 CLA ZC . -1.94 8.40 47.03
C8 CLA ZC . -2.32 9.24 48.24
C9 CLA ZC . -1.09 9.57 49.05
C10 CLA ZC . -3.33 8.52 49.11
C11 CLA ZC . -4.71 8.55 48.52
C12 CLA ZC . -5.49 7.34 48.98
C13 CLA ZC . -7.00 7.58 49.01
C14 CLA ZC . -7.51 8.10 47.69
C15 CLA ZC . -7.42 8.52 50.14
C16 CLA ZC . -8.51 7.90 50.98
C17 CLA ZC . -9.64 8.87 51.25
MG CLA AD . -3.15 21.29 46.65
CHA CLA AD . -0.58 22.87 48.32
CHB CLA AD . -2.55 18.50 48.45
CHC CLA AD . -5.94 19.88 45.29
CHD CLA AD . -3.82 24.27 44.90
NA CLA AD . -1.73 20.77 48.09
C1A CLA AD . -0.77 21.58 48.70
C2A CLA AD . 0.05 20.80 49.72
C3A CLA AD . -0.43 19.35 49.48
C4A CLA AD . -1.67 19.53 48.63
CMA CLA AD . 0.61 18.59 48.69
CAA CLA AD . -0.16 21.26 51.16
CBA CLA AD . -1.44 20.82 51.85
CGA CLA AD . -2.46 21.92 51.84
O1A CLA AD . -2.74 22.68 50.90
O2A CLA AD . -3.14 22.09 53.01
NB CLA AD . -4.01 19.48 46.74
C1B CLA AD . -3.71 18.55 47.67
C2B CLA AD . -4.80 17.54 47.73
C3B CLA AD . -5.76 17.93 46.83
C4B CLA AD . -5.25 19.16 46.20
CMB CLA AD . -4.72 16.42 48.66
CAB CLA AD . -7.04 17.40 46.48
CBB CLA AD . -7.35 16.12 46.28
NC CLA AD . -4.57 21.94 45.29
C1C CLA AD . -5.61 21.19 44.86
C2C CLA AD . -6.43 21.93 43.94
C3C CLA AD . -5.85 23.20 43.84
C4C CLA AD . -4.68 23.19 44.70
CMC CLA AD . -7.63 21.39 43.32
CAC CLA AD . -6.35 24.33 43.06
CBC CLA AD . -7.29 25.13 43.94
ND CLA AD . -2.40 23.14 46.55
C1D CLA AD . -2.76 24.27 45.77
C2D CLA AD . -1.83 25.35 46.07
C3D CLA AD . -0.97 24.87 47.03
C4D CLA AD . -1.38 23.49 47.31
CMD CLA AD . -1.86 26.65 45.43
CAD CLA AD . 0.17 25.16 47.87
OBD CLA AD . 0.81 26.18 47.94
CBD CLA AD . 0.44 23.90 48.73
CGD CLA AD . 1.79 23.32 48.48
O1D CLA AD . 2.23 22.92 47.42
O2D CLA AD . 2.57 23.22 49.59
CED CLA AD . 3.97 23.22 49.37
C1 CLA AD . -4.52 22.53 52.93
C2 CLA AD . -4.55 23.97 53.25
C3 CLA AD . -5.64 24.65 53.67
C4 CLA AD . -6.96 24.00 53.89
C5 CLA AD . -5.57 26.11 53.97
C6 CLA AD . -6.69 26.92 53.37
C7 CLA AD . -6.47 28.38 53.67
C8 CLA AD . -7.49 29.27 52.97
C9 CLA AD . -7.22 29.34 51.49
C10 CLA AD . -7.51 30.67 53.59
C11 CLA AD . -8.85 31.00 54.21
C12 CLA AD . -8.67 31.64 55.57
C13 CLA AD . -9.89 32.45 55.98
C14 CLA AD . -10.09 33.59 55.00
C15 CLA AD . -9.80 32.91 57.44
C16 CLA AD . -9.48 34.38 57.68
C17 CLA AD . -10.63 35.10 58.37
C18 CLA AD . -10.57 36.61 58.18
C19 CLA AD . -9.33 37.20 58.80
C20 CLA AD . -10.66 36.97 56.72
MG CLA BD . -18.89 13.10 40.27
CHA CLA BD . -21.40 10.78 39.83
CHB CLA BD . -20.70 14.56 42.75
CHC CLA BD . -16.22 15.13 41.02
CHD CLA BD . -16.91 11.34 37.99
NA CLA BD . -20.78 12.77 41.09
C1A CLA BD . -21.64 11.70 40.82
C2A CLA BD . -22.89 11.80 41.69
C3A CLA BD . -22.71 13.12 42.44
C4A CLA BD . -21.29 13.52 42.10
CMA CLA BD . -23.70 14.13 41.95
CAA CLA BD . -22.93 10.63 42.66
CBA CLA BD . -21.76 10.51 43.60
CGA CLA BD . -21.39 9.07 43.78
O1A CLA BD . -21.62 8.15 43.00
O2A CLA BD . -20.75 8.82 44.96
NB CLA BD . -18.54 14.57 41.58
C1B CLA BD . -19.41 15.01 42.49
C2B CLA BD . -18.82 16.13 43.23
C3B CLA BD . -17.55 16.33 42.77
C4B CLA BD . -17.36 15.33 41.70
CMB CLA BD . -19.59 16.72 44.27
CAB CLA BD . -16.51 17.25 43.16
CBB CLA BD . -16.65 18.51 43.55
NC CLA BD . -16.94 13.25 39.57
C1C CLA BD . -16.03 14.14 40.03
C2C CLA BD . -14.75 13.94 39.39
C3C CLA BD . -14.91 12.84 38.56
C4C CLA BD . -16.30 12.40 38.68
CMC CLA BD . -13.55 14.72 39.66
CAC CLA BD . -13.85 12.21 37.78
CBC CLA BD . -13.16 11.12 38.56
ND CLA BD . -19.12 11.56 39.02
C1D CLA BD . -18.22 10.96 38.11
C2D CLA BD . -18.95 9.87 37.43
C3D CLA BD . -20.17 9.78 38.04
C4D CLA BD . -20.20 10.81 39.07
CMD CLA BD . -18.45 9.08 36.33
CAD CLA BD . -21.44 9.09 38.06
OBD CLA BD . -21.88 8.22 37.32
CBD CLA BD . -22.22 9.64 39.27
CGD CLA BD . -23.61 10.06 38.91
O1D CLA BD . -24.09 11.19 38.87
O2D CLA BD . -24.42 9.01 38.58
CED CLA BD . -25.30 9.19 37.47
C1 CLA BD . -20.29 7.48 45.25
C2 CLA BD . -18.87 7.40 44.84
C3 CLA BD . -18.03 6.40 45.15
C4 CLA BD . -18.43 5.24 45.98
C5 CLA BD . -16.61 6.44 44.68
C6 CLA BD . -16.03 5.09 44.35
C7 CLA BD . -14.63 4.97 44.92
C8 CLA BD . -13.60 5.59 44.00
C9 CLA BD . -13.44 4.75 42.75
C10 CLA BD . -12.26 5.78 44.71
C11 CLA BD . -11.49 4.51 44.92
C12 CLA BD . -10.03 4.77 45.20
C13 CLA BD . -9.48 3.88 46.32
C14 CLA BD . -10.27 4.12 47.60
C15 CLA BD . -8.00 4.13 46.56
C16 CLA BD . -7.47 3.29 47.71
C17 CLA BD . -6.09 2.73 47.45
C18 CLA BD . -5.83 1.54 48.36
C19 CLA BD . -4.63 0.73 47.91
C20 CLA BD . -5.64 1.99 49.79
MG CLA CD . -19.82 25.80 15.93
CHA CLA CD . -22.61 27.21 14.45
CHB CLA CD . -19.00 24.30 12.99
CHC CLA CD . -16.94 24.62 17.36
CHD CLA CD . -20.76 27.20 19.04
NA CLA CD . -20.69 25.78 14.03
C1A CLA CD . -21.84 26.45 13.60
C2A CLA CD . -22.13 26.15 12.13
C3A CLA CD . -21.07 25.08 11.78
C4A CLA CD . -20.16 25.05 13.00
CMA CLA CD . -21.73 23.74 11.59
CAA CLA CD . -22.02 27.35 11.19
CBA CLA CD . -20.66 28.02 11.18
CGA CLA CD . -20.50 28.80 9.91
NB CLA CD . -18.28 24.66 15.30
C1B CLA CD . -18.09 24.18 14.05
C2B CLA CD . -16.78 23.48 13.97
C3B CLA CD . -16.19 23.58 15.20
C4B CLA CD . -17.13 24.33 16.06
CMB CLA CD . -16.27 22.83 12.78
CAB CLA CD . -14.92 23.09 15.67
CBB CLA CD . -13.74 23.59 15.27
NC CLA CD . -19.03 25.87 17.86
C1C CLA CD . -17.83 25.31 18.21
C2C CLA CD . -17.54 25.51 19.61
C3C CLA CD . -18.62 26.26 20.13
C4C CLA CD . -19.55 26.48 19.01
CMC CLA CD . -16.31 24.97 20.20
CAC CLA CD . -18.86 26.70 21.52
CBC CLA CD . -17.82 27.58 22.18
ND CLA CD . -21.31 26.95 16.65
C1D CLA CD . -21.59 27.45 17.95
C2D CLA CD . -22.86 28.20 17.88
C3D CLA CD . -23.28 28.16 16.57
C4D CLA CD . -22.29 27.36 15.83
CMD CLA CD . -23.49 28.88 19.01
CAD CLA CD . -24.32 28.55 15.61
OBD CLA CD . -25.33 29.22 15.78
CBD CLA CD . -23.93 27.94 14.24
CGD CLA CD . -24.99 27.01 13.70
O1D CLA CD . -25.67 27.15 12.67
O2D CLA CD . -25.20 25.90 14.47
CED CLA CD . -25.14 24.62 13.84
MG CLA DD . -13.26 22.05 8.99
CHA CLA DD . -16.55 23.07 8.69
CHB CLA DD . -13.91 19.36 7.01
CHC CLA DD . -9.94 21.23 9.10
CHD CLA DD . -12.63 24.85 11.04
NA CLA DD . -14.99 21.32 8.05
C1A CLA DD . -16.26 21.90 8.03
C2A CLA DD . -17.23 21.03 7.22
C3A CLA DD . -16.40 19.78 6.89
C4A CLA DD . -14.99 20.15 7.34
CMA CLA DD . -16.92 18.55 7.59
CAA CLA DD . -17.67 21.71 5.93
CBA CLA DD . -16.52 22.25 5.09
CGA CLA DD . -16.75 23.70 4.76
O1A CLA DD . -17.77 24.36 4.88
O2A CLA DD . -15.63 24.30 4.25
NB CLA DD . -12.16 20.51 8.30
C1B CLA DD . -12.58 19.62 7.37
C2B CLA DD . -11.42 18.93 6.75
C3B CLA DD . -10.29 19.45 7.33
C4B CLA DD . -10.75 20.46 8.32
CMB CLA DD . -11.60 17.94 5.70
CAB CLA DD . -8.88 19.21 7.15
CBB CLA DD . -8.27 18.05 6.88
NC CLA DD . -11.61 22.88 9.92
C1C CLA DD . -10.35 22.37 9.84
C2C CLA DD . -9.43 23.18 10.61
C3C CLA DD . -10.18 24.21 11.17
C4C CLA DD . -11.55 24.02 10.73
CMC CLA DD . -8.00 22.90 10.73
CAC CLA DD . -9.68 25.29 12.05
CBC CLA DD . -9.47 26.60 11.33
ND CLA DD . -14.28 23.64 9.69
C1D CLA DD . -13.91 24.71 10.55
C2D CLA DD . -15.09 25.55 10.80
C3D CLA DD . -16.12 25.01 10.08
C4D CLA DD . -15.58 23.80 9.43
CMD CLA DD . -15.09 26.75 11.63
CAD CLA DD . -17.52 25.09 9.73
OBD CLA DD . -18.36 25.93 10.03
CBD CLA DD . -17.84 23.85 8.85
CGD CLA DD . -18.90 23.00 9.47
O1D CLA DD . -18.83 22.27 10.46
O2D CLA DD . -20.08 23.08 8.81
CED CLA DD . -20.76 21.86 8.53
C1 CLA DD . -15.52 24.40 2.82
C2 CLA DD . -14.13 24.07 2.45
C3 CLA DD . -13.19 24.97 2.15
C4 CLA DD . -13.46 26.43 2.17
C5 CLA DD . -11.81 24.56 1.77
C6 CLA DD . -10.71 25.41 2.38
C7 CLA DD . -9.35 24.86 2.04
C8 CLA DD . -8.28 25.94 2.11
C9 CLA DD . -6.95 25.43 1.59
C10 CLA DD . -8.11 26.43 3.55
C11 CLA DD . -7.34 27.73 3.61
C12 CLA DD . -7.66 28.51 4.87
C13 CLA DD . -9.14 28.87 4.94
C14 CLA DD . -9.46 30.06 4.06
C15 CLA DD . -9.57 29.13 6.38
C16 CLA DD . -10.92 28.52 6.68
C17 CLA DD . -11.08 28.29 8.18
C18 CLA DD . -12.33 28.93 8.78
C19 CLA DD . -12.25 28.90 10.29
C20 CLA DD . -12.53 30.35 8.31
MG CLA ED . 0.87 13.66 6.49
CHA CLA ED . -2.53 13.20 6.89
CHB CLA ED . 1.31 10.29 6.30
CHC CLA ED . 4.17 14.15 5.75
CHD CLA ED . 0.37 17.13 6.60
NA CLA ED . -0.42 12.03 6.62
C1A CLA ED . -1.81 12.04 6.76
C2A CLA ED . -2.36 10.61 6.79
C3A CLA ED . -1.09 9.74 6.78
C4A CLA ED . 0.02 10.74 6.54
CMA CLA ED . -0.87 8.99 8.05
CAA CLA ED . -3.20 10.31 5.55
CBA CLA ED . -2.56 10.86 4.30
CGA CLA ED . -3.41 10.81 3.07
O1A CLA ED . -3.04 10.98 1.91
O2A CLA ED . -4.73 10.58 3.30
NB CLA ED . 2.46 12.46 6.22
C1B CLA ED . 2.40 11.11 6.04
C2B CLA ED . 3.67 10.60 5.50
C3B CLA ED . 4.49 11.69 5.33
C4B CLA ED . 3.72 12.87 5.78
CMB CLA ED . 3.83 9.17 5.21
CAB CLA ED . 5.81 11.82 4.80
CBB CLA ED . 6.81 10.93 4.88
NC CLA ED . 2.06 15.34 6.28
C1C CLA ED . 3.39 15.31 5.99
C2C CLA ED . 3.90 16.67 5.92
C3C CLA ED . 2.82 17.50 6.13
C4C CLA ED . 1.67 16.67 6.36
CMC CLA ED . 5.29 17.02 5.62
CAC CLA ED . 2.81 18.97 6.18
CBC CLA ED . 3.03 19.48 7.58
ND CLA ED . -0.68 14.94 6.66
C1D CLA ED . -0.75 16.35 6.72
C2D CLA ED . -2.15 16.76 6.96
C3D CLA ED . -2.87 15.59 7.04
C4D CLA ED . -1.92 14.49 6.85
CMD CLA ED . -2.59 18.14 7.08
CAD CLA ED . -4.17 15.00 7.24
OBD CLA ED . -5.25 15.55 7.44
CBD CLA ED . -3.97 13.46 7.19
CGD CLA ED . -4.19 12.87 8.55
O1D CLA ED . -3.36 12.82 9.45
O2D CLA ED . -5.42 12.36 8.77
CED CLA ED . -6.00 12.66 10.04
C1 CLA ED . -5.55 10.44 2.13
C2 CLA ED . -6.17 11.76 1.89
C3 CLA ED . -7.41 12.05 2.30
C4 CLA ED . -8.25 11.08 3.01
C5 CLA ED . -8.00 13.39 2.05
C6 CLA ED . -6.96 14.48 1.91
C7 CLA ED . -6.97 15.38 3.13
C8 CLA ED . -5.72 16.25 3.20
C9 CLA ED . -5.76 17.11 4.45
C10 CLA ED . -5.57 17.12 1.96
C11 CLA ED . -6.60 18.22 1.89
C12 CLA ED . -6.23 19.28 0.88
C13 CLA ED . -6.84 20.63 1.26
C14 CLA ED . -7.80 21.12 0.20
C15 CLA ED . -5.75 21.67 1.49
MG CLA FD . 10.51 8.28 7.41
CHA CLA FD . 13.11 8.29 5.16
CHB CLA FD . 9.80 11.51 6.60
CHC CLA FD . 7.65 8.09 9.30
CHD CLA FD . 11.24 4.91 8.17
NA CLA FD . 11.35 9.66 6.10
C1A CLA FD . 12.41 9.46 5.22
C2A CLA FD . 12.65 10.70 4.39
C3A CLA FD . 11.79 11.76 5.07
C4A CLA FD . 10.88 10.94 5.96
CMA CLA FD . 12.67 12.70 5.84
CAA CLA FD . 11.96 10.42 3.07
CBA CLA FD . 12.86 10.22 1.88
CGA CLA FD . 12.12 9.61 0.74
O1A CLA FD . 11.73 8.44 0.61
O2A CLA FD . 11.89 10.49 -0.27
NB CLA FD . 9.01 9.56 7.86
C1B CLA FD . 8.92 10.85 7.47
C2B CLA FD . 7.74 11.49 8.10
C3B CLA FD . 7.12 10.53 8.86
C4B CLA FD . 7.92 9.28 8.72
CMB CLA FD . 7.40 12.89 7.86
CAB CLA FD . 5.94 10.60 9.66
CBB CLA FD . 4.71 10.91 9.21
NC CLA FD . 9.64 6.79 8.57
C1C CLA FD . 8.47 6.93 9.24
C2C CLA FD . 8.13 5.68 9.88
C3C CLA FD . 9.16 4.78 9.58
C4C CLA FD . 10.10 5.48 8.74
CMC CLA FD . 6.93 5.48 10.67
CAC CLA FD . 9.26 3.37 9.98
CBC CLA FD . 8.53 2.48 9.01
ND CLA FD . 11.89 6.92 6.92
C1D CLA FD . 12.10 5.56 7.31
C2D CLA FD . 13.31 5.05 6.64
C3D CLA FD . 13.75 6.06 5.82
C4D CLA FD . 12.81 7.18 5.99
CMD CLA FD . 13.89 3.72 6.85
CAD CLA FD . 14.76 6.48 4.88
OBD CLA FD . 15.78 5.91 4.51
CBD CLA FD . 14.34 7.90 4.39
CGD CLA FD . 15.43 8.90 4.62
O1D CLA FD . 16.23 9.35 3.81
O2D CLA FD . 15.51 9.36 5.89
CED CLA FD . 15.85 10.74 6.05
C1 CLA FD . 10.78 10.24 -1.16
C2 CLA FD . 10.72 11.43 -2.05
C3 CLA FD . 9.83 11.63 -3.03
C4 CLA FD . 9.91 12.88 -3.84
C5 CLA FD . 8.77 10.63 -3.35
C6 CLA FD . 7.62 11.16 -4.21
C7 CLA FD . 7.17 10.15 -5.24
C8 CLA FD . 7.24 10.65 -6.69
C9 CLA FD . 8.59 11.27 -7.00
C10 CLA FD . 6.12 11.64 -7.01
C11 CLA FD . 5.22 11.14 -8.11
C12 CLA FD . 5.87 11.22 -9.49
C13 CLA FD . 5.08 10.45 -10.55
C14 CLA FD . 3.81 11.19 -10.92
C15 CLA FD . 4.77 9.03 -10.10
C16 CLA FD . 4.47 8.11 -11.28
C17 CLA FD . 3.14 7.40 -11.12
C18 CLA FD . 3.09 6.06 -11.83
C19 CLA FD . 1.70 5.48 -11.80
C20 CLA FD . 3.58 6.15 -13.26
MG CLA GD . 3.89 36.15 27.21
CHA CLA GD . 4.85 38.48 29.58
CHB CLA GD . 3.17 33.93 29.68
CHC CLA GD . 2.64 34.03 24.84
CHD CLA GD . 4.82 38.44 24.68
NA CLA GD . 4.02 36.22 29.29
C1A CLA GD . 4.40 37.29 30.09
C2A CLA GD . 4.34 36.90 31.56
C3A CLA GD . 4.17 35.38 31.49
C4A CLA GD . 3.72 35.14 30.06
CMA CLA GD . 5.51 34.74 31.68
CAA CLA GD . 3.17 37.58 32.27
CBA CLA GD . 1.95 37.80 31.42
CGA CLA GD . 0.92 38.61 32.15
O1A CLA GD . -0.07 38.21 32.79
O2A CLA GD . 1.15 39.96 32.08
NB CLA GD . 3.13 34.30 27.25
C1B CLA GD . 2.79 33.62 28.37
C2B CLA GD . 1.94 32.45 28.02
C3B CLA GD . 1.80 32.47 26.66
C4B CLA GD . 2.54 33.64 26.14
CMB CLA GD . 1.43 31.52 29.01
CAB CLA GD . 1.07 31.58 25.80
CBB CLA GD . 1.64 30.69 24.98
NC CLA GD . 3.78 36.22 25.13
C1C CLA GD . 3.21 35.24 24.37
C2C CLA GD . 3.28 35.61 22.97
C3C CLA GD . 3.90 36.84 22.92
C4C CLA GD . 4.21 37.24 24.28
CMC CLA GD . 2.77 34.78 21.87
CAC CLA GD . 4.19 37.64 21.72
CBC CLA GD . 5.57 37.32 21.22
ND CLA GD . 4.61 38.03 27.08
C1D CLA GD . 5.00 38.84 25.98
C2D CLA GD . 5.58 40.10 26.50
C3D CLA GD . 5.49 40.03 27.87
C4D CLA GD . 4.92 38.72 28.18
CMD CLA GD . 6.08 41.22 25.72
CAD CLA GD . 5.77 40.70 29.12
OBD CLA GD . 6.20 41.84 29.34
CBD CLA GD . 5.42 39.70 30.26
CGD CLA GD . 6.64 39.33 31.04
O1D CLA GD . 7.30 38.30 30.99
O2D CLA GD . 7.01 40.30 31.92
CED CLA GD . 8.40 40.46 32.14
C1 CLA GD . 0.04 40.83 32.35
C2 CLA GD . -0.81 40.87 31.13
C3 CLA GD . -1.89 41.66 31.01
C4 CLA GD . -2.37 42.55 32.11
C5 CLA GD . -2.70 41.66 29.76
C6 CLA GD . -2.04 42.42 28.63
C7 CLA GD . -2.60 41.96 27.29
C8 CLA GD . -2.11 42.75 26.07
C9 CLA GD . -2.28 41.93 24.82
C10 CLA GD . -0.66 43.18 26.20
C11 CLA GD . -0.50 44.68 26.08
C12 CLA GD . 0.11 45.06 24.74
C13 CLA GD . 0.16 46.58 24.57
C14 CLA GD . 0.79 46.95 23.24
C15 CLA GD . 0.90 47.25 25.72
MG CLA HD . 3.49 44.69 26.58
CHA CLA HD . 4.06 47.03 29.10
CHB CLA HD . 2.40 42.45 28.89
CHC CLA HD . 2.91 42.42 24.05
CHD CLA HD . 4.56 47.06 24.20
NA CLA HD . 3.27 44.76 28.66
C1A CLA HD . 3.56 45.82 29.55
C2A CLA HD . 3.22 45.40 30.99
C3A CLA HD . 2.70 43.95 30.86
C4A CLA HD . 2.79 43.68 29.37
CMA CLA HD . 3.44 42.92 31.66
CAA CLA HD . 2.11 46.22 31.65
CBA CLA HD . 1.04 46.72 30.69
CGA CLA HD . -0.12 45.79 30.62
O1A CLA HD . -0.98 45.55 31.46
O2A CLA HD . -0.18 45.13 29.42
NB CLA HD . 2.86 42.78 26.50
C1B CLA HD . 2.41 42.06 27.54
C2B CLA HD . 1.85 40.76 27.08
C3B CLA HD . 1.99 40.74 25.71
C4B CLA HD . 2.63 42.03 25.32
CMB CLA HD . 1.28 39.79 28.02
CAB CLA HD . 1.60 39.74 24.74
CBB CLA HD . 0.40 39.21 24.61
NC CLA HD . 3.72 44.74 24.51
C1C CLA HD . 3.44 43.70 23.67
C2C CLA HD . 3.70 44.09 22.29
C3C CLA HD . 4.16 45.40 22.32
C4C CLA HD . 4.17 45.80 23.72
CMC CLA HD . 3.49 43.22 21.13
CAC CLA HD . 4.52 46.23 21.16
CBC CLA HD . 6.00 46.52 20.97
ND CLA HD . 4.12 46.61 26.57
C1D CLA HD . 4.54 47.45 25.52
C2D CLA HD . 4.95 48.76 26.08
C3D CLA HD . 4.78 48.65 27.45
C4D CLA HD . 4.27 47.29 27.71
CMD CLA HD . 5.41 49.89 25.29
CAD CLA HD . 4.86 49.34 28.72
OBD CLA HD . 5.18 50.50 28.95
CBD CLA HD . 4.47 48.31 29.81
CGD CLA HD . 5.64 48.10 30.72
O1D CLA HD . 6.46 47.17 30.68
O2D CLA HD . 5.84 49.06 31.67
CED CLA HD . 4.75 49.52 32.46
MG CLA ID . 4.79 23.45 28.10
CHA CLA ID . 5.77 26.38 26.56
CHB CLA ID . 1.67 23.87 26.87
CHC CLA ID . 3.81 20.67 29.85
CHD CLA ID . 7.96 23.28 29.67
NA CLA ID . 3.92 24.86 26.84
C1A CLA ID . 4.49 26.02 26.29
C2A CLA ID . 3.48 26.78 25.44
C3A CLA ID . 2.19 25.97 25.63
C4A CLA ID . 2.61 24.79 26.48
CMA CLA ID . 1.20 26.80 26.40
CAA CLA ID . 3.82 26.80 23.96
CBA CLA ID . 3.06 27.91 23.25
CGA CLA ID . 3.57 28.19 21.87
O1A CLA ID . 4.68 27.97 21.40
O2A CLA ID . 2.62 28.78 21.07
NB CLA ID . 3.09 22.41 28.26
C1B CLA ID . 1.91 22.78 27.72
C2B CLA ID . 0.82 21.92 28.23
C3B CLA ID . 1.41 20.99 29.08
C4B CLA ID . 2.87 21.31 29.10
CMB CLA ID . -0.55 22.14 27.79
CAB CLA ID . 0.89 19.92 29.88
CBB CLA ID . -0.36 19.48 30.03
NC CLA ID . 5.76 22.16 29.42
C1C CLA ID . 5.17 21.05 29.98
C2C CLA ID . 6.13 20.38 30.86
C3C CLA ID . 7.29 21.16 30.86
C4C CLA ID . 7.03 22.27 29.95
CMC CLA ID . 5.84 19.17 31.62
CAC CLA ID . 8.52 20.96 31.64
CBC CLA ID . 9.49 19.94 31.11
ND CLA ID . 6.55 24.45 28.04
C1D CLA ID . 7.75 24.29 28.77
C2D CLA ID . 8.65 25.40 28.45
C3D CLA ID . 7.94 26.23 27.60
C4D CLA ID . 6.62 25.61 27.40
CMD CLA ID . 10.00 25.54 28.97
CAD CLA ID . 7.96 27.45 26.83
OBD CLA ID . 8.86 28.22 26.66
CBD CLA ID . 6.54 27.63 26.21
CGD CLA ID . 5.83 28.83 26.77
O1D CLA ID . 5.29 29.75 26.15
O2D CLA ID . 5.77 28.87 28.13
CED CLA ID . 4.77 29.68 28.74
C1 CLA ID . 3.06 29.60 19.95
C2 CLA ID . 2.21 30.80 19.93
C3 CLA ID . 1.17 30.99 19.09
C4 CLA ID . 0.78 30.00 18.06
C5 CLA ID . 0.37 32.25 19.15
MG CLA JD . 2.38 22.43 16.23
CHA CLA JD . 4.29 24.04 18.63
CHB CLA JD . -0.02 21.84 18.55
CHC CLA JD . 0.48 20.92 13.80
CHD CLA JD . 4.94 23.00 13.88
NA CLA JD . 2.19 22.89 18.25
C1A CLA JD . 3.09 23.57 19.07
C2A CLA JD . 2.53 23.71 20.50
C3A CLA JD . 1.24 22.87 20.45
C4A CLA JD . 1.09 22.51 18.98
CMA CLA JD . 1.39 21.63 21.28
CAA CLA JD . 2.17 25.15 20.86
CBA CLA JD . 1.08 25.83 20.06
CGA CLA JD . 1.55 26.37 18.74
O1A CLA JD . 2.68 26.77 18.44
O2A CLA JD . 0.61 26.40 17.77
NB CLA JD . 0.59 21.51 16.20
C1B CLA JD . -0.26 21.45 17.23
C2B CLA JD . -1.57 20.89 16.80
C3B CLA JD . -1.45 20.63 15.46
C4B CLA JD . -0.07 21.02 15.06
CMB CLA JD . -2.67 20.71 17.73
CAB CLA JD . -2.41 20.08 14.55
CBB CLA JD . -3.64 20.52 14.32
NC CLA JD . 2.67 22.03 14.21
C1C CLA JD . 1.76 21.40 13.41
C2C CLA JD . 2.30 21.28 12.06
C3C CLA JD . 3.56 21.87 12.08
C4C CLA JD . 3.79 22.33 13.43
CMC CLA JD . 1.61 20.66 10.93
CAC CLA JD . 4.50 21.98 10.96
CBC CLA JD . 5.60 20.94 10.99
ND CLA JD . 4.17 23.35 16.16
C1D CLA JD . 5.14 23.47 15.14
C2D CLA JD . 6.31 24.19 15.69
C3D CLA JD . 6.02 24.45 17.00
C4D CLA JD . 4.69 23.89 17.27
CMD CLA JD . 7.50 24.53 14.92
CAD CLA JD . 6.48 25.06 18.23
OBD CLA JD . 7.45 25.74 18.45
CBD CLA JD . 5.42 24.73 19.32
CGD CLA JD . 6.03 23.87 20.38
O1D CLA JD . 6.59 22.78 20.24
O2D CLA JD . 5.95 24.39 21.64
CED CLA JD . 6.75 23.78 22.65
C1 CLA JD . 1.12 26.14 16.44
C2 CLA JD . -0.05 26.02 15.54
C3 CLA JD . 0.05 25.55 14.29
C4 CLA JD . 1.34 25.13 13.71
C5 CLA JD . -1.15 25.43 13.42
C6 CLA JD . -1.41 23.99 13.03
C7 CLA JD . -2.83 23.84 12.51
C8 CLA JD . -2.85 23.56 11.02
C9 CLA JD . -4.24 23.76 10.47
C10 CLA JD . -2.35 22.15 10.73
C11 CLA JD . -2.18 21.90 9.24
C12 CLA JD . -1.11 22.79 8.63
C13 CLA JD . -0.98 22.55 7.13
C14 CLA JD . 0.31 23.15 6.61
C15 CLA JD . -2.17 23.12 6.35
C16 CLA JD . -2.95 22.04 5.63
C17 CLA JD . -4.37 22.47 5.35
C18 CLA JD . -5.39 21.53 5.98
C19 CLA JD . -6.76 21.74 5.36
C20 CLA JD . -5.48 21.76 7.46
MG CLA KD . -7.42 22.51 19.59
CHA CLA KD . -4.90 23.24 21.83
CHB CLA KD . -9.50 21.70 22.14
CHC CLA KD . -9.91 21.93 17.31
CHD CLA KD . -5.25 23.37 16.95
NA CLA KD . -7.21 22.48 21.66
C1A CLA KD . -6.08 22.83 22.41
C2A CLA KD . -6.37 22.69 23.90
C3A CLA KD . -7.78 22.08 23.95
C4A CLA KD . -8.22 22.09 22.49
CMA CLA KD . -7.77 20.68 24.52
CAA CLA KD . -6.41 24.04 24.63
CBA CLA KD . -7.03 25.13 23.79
CGA CLA KD . -7.26 26.41 24.54
O1A CLA KD . -8.23 26.73 25.22
O2A CLA KD . -6.23 27.30 24.41
NB CLA KD . -9.29 21.80 19.70
C1B CLA KD . -10.00 21.68 20.84
C2B CLA KD . -11.45 21.57 20.52
C3B CLA KD . -11.57 21.64 19.16
C4B CLA KD . -10.21 21.80 18.63
CMB CLA KD . -12.47 21.43 21.57
CAB CLA KD . -12.72 21.64 18.30
CBB CLA KD . -13.69 20.73 18.26
NC CLA KD . -7.53 22.60 17.50
C1C CLA KD . -8.66 22.32 16.79
C2C CLA KD . -8.39 22.48 15.37
C3C CLA KD . -7.07 22.90 15.27
C4C CLA KD . -6.54 22.96 16.61
CMC CLA KD . -9.38 22.26 14.32
CAC CLA KD . -6.32 23.20 14.03
CBC CLA KD . -6.34 24.67 13.73
ND CLA KD . -5.57 23.26 19.38
C1D CLA KD . -4.78 23.54 18.23
C2D CLA KD . -3.44 23.98 18.66
C3D CLA KD . -3.43 23.86 20.03
C4D CLA KD . -4.76 23.39 20.43
CMD CLA KD . -2.40 24.40 17.74
CAD CLA KD . -2.65 24.02 21.24
OBD CLA KD . -1.51 24.39 21.39
CBD CLA KD . -3.56 23.59 22.42
CGD CLA KD . -2.98 22.44 23.17
O1D CLA KD . -3.44 21.30 23.26
O2D CLA KD . -1.83 22.73 23.82
CED CLA KD . -0.99 21.62 24.15
C1 CLA KD . -6.50 28.66 24.82
C2 CLA KD . -5.67 29.55 23.98
MG CLA LD . -20.28 -13.72 50.66
CHA CLA LD . -21.09 -13.99 54.00
CHB CLA LD . -20.13 -10.32 50.98
CHC CLA LD . -19.21 -13.51 47.42
CHD CLA LD . -20.33 -17.24 50.41
NA CLA LD . -20.59 -12.39 52.24
C1A CLA LD . -20.88 -12.71 53.57
C2A CLA LD . -20.97 -11.44 54.40
C3A CLA LD . -20.88 -10.32 53.38
C4A CLA LD . -20.49 -11.04 52.10
CMA CLA LD . -22.22 -9.66 53.24
CAA CLA LD . -19.77 -11.34 55.33
CBA CLA LD . -18.44 -11.77 54.76
CGA CLA LD . -17.73 -12.74 55.65
O1A CLA LD . -18.16 -13.75 56.20
O2A CLA LD . -16.40 -12.42 55.82
NB CLA LD . -19.75 -12.21 49.44
C1B CLA LD . -19.79 -10.90 49.75
C2B CLA LD . -19.42 -10.09 48.57
C3B CLA LD . -19.16 -10.97 47.55
C4B CLA LD . -19.37 -12.34 48.10
CMB CLA LD . -19.38 -8.64 48.63
CAB CLA LD . -18.78 -10.76 46.20
CBB CLA LD . -19.45 -10.02 45.32
NC CLA LD . -19.89 -15.13 49.18
C1C CLA LD . -19.45 -14.81 47.93
C2C CLA LD . -19.24 -16.03 47.17
C3C CLA LD . -19.55 -17.10 48.00
C4C CLA LD . -19.94 -16.52 49.28
CMC CLA LD . -18.78 -16.07 45.78
CAC CLA LD . -19.46 -18.53 47.69
CBC CLA LD . -20.80 -19.14 47.37
ND CLA LD . -20.72 -15.29 51.84
C1D CLA LD . -20.70 -16.68 51.62
C2D CLA LD . -21.10 -17.36 52.86
C3D CLA LD . -21.31 -16.38 53.80
C4D CLA LD . -21.01 -15.11 53.13
CMD CLA LD . -21.26 -18.80 53.02
CAD CLA LD . -21.67 -16.07 55.17
OBD CLA LD . -22.05 -16.81 56.06
CBD CLA LD . -21.51 -14.54 55.33
CGD CLA LD . -22.82 -13.93 55.72
O1D CLA LD . -23.62 -13.34 54.98
O2D CLA LD . -23.15 -14.08 57.02
CED CLA LD . -24.54 -14.18 57.31
C1 CLA LD . -15.51 -13.51 56.16
C2 CLA LD . -14.34 -13.42 55.24
C3 CLA LD . -13.83 -14.49 54.60
C4 CLA LD . -14.40 -15.86 54.74
C5 CLA LD . -12.66 -14.37 53.69
C6 CLA LD . -11.50 -15.24 54.12
C7 CLA LD . -10.82 -14.67 55.35
C8 CLA LD . -9.60 -13.83 54.99
C9 CLA LD . -8.42 -14.70 54.66
C10 CLA LD . -9.25 -12.84 56.11
C11 CLA LD . -8.78 -13.55 57.36
C12 CLA LD . -8.20 -12.58 58.36
C13 CLA LD . -7.88 -13.21 59.71
C14 CLA LD . -9.09 -13.89 60.31
C15 CLA LD . -7.33 -12.18 60.69
C16 CLA LD . -8.28 -11.02 60.87
C17 CLA LD . -7.78 -10.02 61.89
C18 CLA LD . -8.91 -9.24 62.53
C19 CLA LD . -9.58 -8.31 61.53
C20 CLA LD . -8.40 -8.45 63.72
MG CLA MD . -9.05 -5.27 44.90
CHA CLA MD . -11.28 -2.68 45.48
CHB CLA MD . -6.46 -3.28 45.84
CHC CLA MD . -6.94 -7.93 44.48
CHD CLA MD . -11.76 -7.31 43.96
NA CLA MD . -8.92 -3.29 45.55
C1A CLA MD . -9.96 -2.38 45.72
C2A CLA MD . -9.40 -1.04 46.21
C3A CLA MD . -7.87 -1.22 46.10
C4A CLA MD . -7.72 -2.71 45.82
CMA CLA MD . -7.34 -0.39 44.97
CAA CLA MD . -9.83 -0.72 47.63
CBA CLA MD . -8.83 -1.11 48.69
CGA CLA MD . -9.46 -1.04 50.04
O1A CLA MD . -10.49 -0.44 50.36
O2A CLA MD . -8.78 -1.73 51.01
NB CLA MD . -7.07 -5.53 45.03
C1B CLA MD . -6.20 -4.64 45.58
C2B CLA MD . -4.92 -5.31 45.87
C3B CLA MD . -5.03 -6.61 45.48
C4B CLA MD . -6.41 -6.78 44.96
CMB CLA MD . -3.78 -4.61 46.45
CAB CLA MD . -4.08 -7.68 45.57
CBB CLA MD . -3.54 -8.34 44.55
NC CLA MD . -9.31 -7.24 44.28
C1C CLA MD . -8.29 -8.14 44.16
C2C CLA MD . -8.80 -9.41 43.66
C3C CLA MD . -10.17 -9.26 43.54
C4C CLA MD . -10.49 -7.89 43.94
CMC CLA MD . -7.95 -10.56 43.38
CAC CLA MD . -11.13 -10.24 43.03
CBC CLA MD . -11.77 -11.00 44.16
ND CLA MD . -11.06 -5.11 44.77
C1D CLA MD . -12.04 -6.03 44.34
C2D CLA MD . -13.35 -5.37 44.36
C3D CLA MD . -13.12 -4.08 44.79
C4D CLA MD . -11.67 -3.98 45.03
CMD CLA MD . -14.61 -6.02 44.00
CAD CLA MD . -13.71 -2.80 45.10
OBD CLA MD . -14.88 -2.45 45.05
CBD CLA MD . -12.55 -1.87 45.51
CGD CLA MD . -12.45 -0.70 44.57
O1D CLA MD . -12.31 -0.72 43.35
O2D CLA MD . -12.54 0.51 45.17
CED CLA MD . -13.51 1.39 44.62
C1 CLA MD . -9.48 -1.97 52.25
C2 CLA MD . -9.98 -3.36 52.23
C3 CLA MD . -11.08 -3.74 52.90
C4 CLA MD . -11.87 -2.81 53.74
C5 CLA MD . -11.54 -5.16 52.84
C6 CLA MD . -11.65 -5.79 54.23
C7 CLA MD . -11.38 -7.27 54.18
C8 CLA MD . -11.06 -7.83 55.56
C9 CLA MD . -9.56 -7.98 55.73
C10 CLA MD . -11.78 -9.16 55.79
C11 CLA MD . -11.46 -9.77 57.13
C12 CLA MD . -12.37 -10.94 57.44
C13 CLA MD . -11.87 -11.71 58.66
C14 CLA MD . -12.68 -12.98 58.88
C15 CLA MD . -11.87 -10.84 59.90
C16 CLA MD . -13.27 -10.43 60.30
C17 CLA MD . -13.25 -9.23 61.21
C18 CLA MD . -14.46 -9.22 62.13
C19 CLA MD . -14.38 -10.37 63.09
C20 CLA MD . -15.74 -9.27 61.32
MG CLA ND . -20.71 41.68 17.52
CHA CLA ND . -20.79 38.98 19.67
CHB CLA ND . -17.84 40.50 16.13
CHC CLA ND . -20.62 44.47 15.52
CHD CLA ND . -23.70 42.89 19.03
NA CLA ND . -19.55 39.98 17.85
C1A CLA ND . -19.73 38.95 18.78
C2A CLA ND . -18.61 37.90 18.68
C3A CLA ND . -17.74 38.41 17.50
C4A CLA ND . -18.42 39.73 17.12
CMA CLA ND . -16.31 38.62 17.91
CAA CLA ND . -19.06 36.48 18.35
CBA CLA ND . -19.67 36.34 16.97
CGA CLA ND . -20.06 34.91 16.75
O2A CLA ND . -19.15 34.23 15.98
NB CLA ND . -19.49 42.34 16.07
C1B CLA ND . -18.33 41.74 15.70
C2B CLA ND . -17.60 42.60 14.73
C3B CLA ND . -18.38 43.72 14.55
C4B CLA ND . -19.60 43.57 15.39
CMB CLA ND . -16.31 42.21 14.17
CAB CLA ND . -18.13 44.88 13.73
CBB CLA ND . -17.96 44.86 12.41
NC CLA ND . -21.97 43.35 17.29
C1C CLA ND . -21.75 44.36 16.39
C2C CLA ND . -22.81 45.36 16.52
C3C CLA ND . -23.68 44.90 17.51
C4C CLA ND . -23.14 43.64 17.99
CMC CLA ND . -22.93 46.59 15.75
CAC CLA ND . -24.90 45.56 18.00
CBC CLA ND . -24.65 46.45 19.20
ND CLA ND . -22.01 41.11 18.96
C1D CLA ND . -23.17 41.71 19.52
C2D CLA ND . -23.67 40.90 20.64
C3D CLA ND . -22.77 39.85 20.76
C4D CLA ND . -21.76 40.02 19.69
CMD CLA ND . -24.84 41.24 21.44
CAD CLA ND . -22.42 38.64 21.49
OBD CLA ND . -22.99 38.12 22.43
CBD CLA ND . -21.13 38.08 20.83
CGD CLA ND . -19.95 38.09 21.75
O1D CLA ND . -19.16 37.18 21.94
O2D CLA ND . -19.74 39.26 22.42
CED CLA ND . -18.42 39.49 22.92
C1 PQN OD . -13.66 -10.26 37.85
O1 PQN OD . -12.45 -10.06 37.19
C2 PQN OD . -13.72 -10.94 39.06
C2M PQN OD . -12.41 -11.47 39.66
C3 PQN OD . -14.96 -11.12 39.69
C4 PQN OD . -16.12 -10.63 39.11
O4 PQN OD . -17.33 -10.82 39.74
C5 PQN OD . -16.06 -9.93 37.86
C6 PQN OD . -17.23 -9.42 37.27
C7 PQN OD . -17.12 -8.76 36.06
C8 PQN OD . -15.89 -8.58 35.42
C9 PQN OD . -14.74 -9.07 36.01
C10 PQN OD . -14.85 -9.75 37.25
C11 PQN OD . -15.07 -11.87 41.04
C12 PQN OD . -14.96 -10.86 42.20
C13 PQN OD . -15.84 -11.15 43.42
C14 PQN OD . -17.20 -11.64 42.99
C15 PQN OD . -16.03 -9.82 44.16
C16 PQN OD . -14.96 -9.53 45.25
C17 PQN OD . -14.80 -10.69 46.26
C18 PQN OD . -14.40 -10.15 47.65
C19 PQN OD . -15.56 -9.33 48.16
C20 PQN OD . -13.09 -9.37 47.52
C21 PQN OD . -13.10 -7.87 47.98
C22 PQN OD . -11.67 -7.30 48.20
C23 PQN OD . -11.59 -5.78 48.32
C24 PQN OD . -10.41 -5.44 49.19
C25 PQN OD . -12.88 -5.19 48.95
C26 PQN OD . -12.77 -3.67 49.24
C27 PQN OD . -14.13 -2.95 49.07
C28 PQN OD . -14.60 -2.32 50.40
C29 PQN OD . -13.72 -1.14 50.80
C30 PQN OD . -16.07 -1.90 50.31
C1 BCR PD . -19.68 54.39 37.45
C2 BCR PD . -20.25 54.57 36.04
C3 BCR PD . -20.89 53.29 35.52
C4 BCR PD . -19.82 52.21 35.42
C5 BCR PD . -19.03 52.12 36.70
C6 BCR PD . -19.32 52.94 37.72
C7 BCR PD . -19.31 52.48 39.15
C8 BCR PD . -18.24 52.56 39.93
C9 BCR PD . -18.29 52.11 41.34
C10 BCR PD . -17.22 51.50 41.87
C11 BCR PD . -17.19 51.06 43.26
C33 BCR PD . -17.91 51.12 36.75
C31 BCR PD . -20.72 54.87 38.45
C32 BCR PD . -18.43 55.26 37.57
C34 BCR PD . -19.52 52.37 42.16
C12 BCR PD . -16.16 50.34 43.69
C13 BCR PD . -16.06 49.91 45.09
C14 BCR PD . -14.85 49.59 45.55
C15 BCR PD . -14.58 49.20 46.93
C16 BCR PD . -13.30 49.23 47.29
C17 BCR PD . -12.80 48.92 48.63
C18 BCR PD . -11.48 48.85 48.87
C19 BCR PD . -11.00 48.60 50.23
C20 BCR PD . -9.70 48.61 50.52
C21 BCR PD . -9.26 48.40 51.90
C22 BCR PD . -7.96 48.45 52.26
C23 BCR PD . -7.61 48.27 53.69
C24 BCR PD . -6.36 48.05 54.10
C25 BCR PD . -6.02 47.90 55.54
C26 BCR PD . -6.61 47.01 56.33
C27 BCR PD . -6.90 47.40 57.75
C28 BCR PD . -5.54 47.63 58.37
C29 BCR PD . -4.76 48.71 57.63
C30 BCR PD . -4.96 48.80 56.11
C35 BCR PD . -17.27 49.87 45.98
C36 BCR PD . -10.50 49.07 47.75
C37 BCR PD . -6.90 48.69 51.25
C38 BCR PD . -6.96 45.62 55.89
C39 BCR PD . -3.64 48.48 55.42
C40 BCR PD . -5.36 50.23 55.81
C1 BCR QD . -11.66 41.96 58.12
C2 BCR QD . -10.89 42.65 57.00
C3 BCR QD . -11.57 43.93 56.52
C4 BCR QD . -12.96 43.62 56.01
C5 BCR QD . -13.73 42.88 57.09
C6 BCR QD . -13.15 41.91 57.81
C7 BCR QD . -14.01 40.84 58.38
C8 BCR QD . -14.48 39.78 57.69
C9 BCR QD . -15.33 38.82 58.41
C10 BCR QD . -15.43 37.52 58.08
C11 BCR QD . -14.70 36.89 56.99
C33 BCR QD . -15.15 43.29 57.35
C31 BCR QD . -11.48 42.74 59.42
C32 BCR QD . -11.08 40.57 58.32
C34 BCR QD . -16.14 39.32 59.57
C12 BCR QD . -14.88 35.58 56.80
C13 BCR QD . -14.20 34.81 55.74
C14 BCR QD . -14.25 33.47 55.75
C15 BCR QD . -13.57 32.66 54.75
C16 BCR QD . -13.43 31.35 54.91
C17 BCR QD . -12.72 30.58 53.88
C18 BCR QD . -12.55 29.25 53.93
C19 BCR QD . -11.80 28.61 52.84
C20 BCR QD . -11.51 27.31 52.82
C21 BCR QD . -10.74 26.82 51.68
C22 BCR QD . -10.33 25.56 51.54
C23 BCR QD . -9.54 25.21 50.33
C24 BCR QD . -8.63 24.24 50.42
C25 BCR QD . -7.74 23.80 49.31
C26 BCR QD . -6.53 24.34 49.12
C27 BCR QD . -5.32 23.45 48.99
C28 BCR QD . -5.75 22.00 49.18
C29 BCR QD . -6.92 21.70 48.25
C30 BCR QD . -8.10 22.67 48.38
C35 BCR QD . -13.45 35.54 54.66
C36 BCR QD . -13.10 28.43 55.07
C37 BCR QD . -10.64 24.53 52.59
C38 BCR QD . -6.33 25.82 49.00
C39 BCR QD . -9.32 21.92 48.90
C40 BCR QD . -8.44 23.28 47.03
C1 BCR RD . -8.88 47.29 62.03
C2 BCR RD . -10.11 47.36 61.11
C3 BCR RD . -11.14 46.28 61.41
C4 BCR RD . -11.61 46.36 62.85
C5 BCR RD . -10.42 46.51 63.78
C6 BCR RD . -9.18 46.51 63.30
C7 BCR RD . -8.12 45.81 64.04
C8 BCR RD . -8.05 44.47 64.09
C9 BCR RD . -6.96 43.86 64.87
C10 BCR RD . -6.60 42.58 64.68
C11 BCR RD . -7.24 41.71 63.69
C33 BCR RD . -10.66 46.69 65.25
C31 BCR RD . -8.45 48.69 62.44
C32 BCR RD . -7.74 46.62 61.27
C34 BCR RD . -6.24 44.66 65.89
C12 BCR RD . -6.85 40.45 63.66
C13 BCR RD . -7.38 39.44 62.74
C14 BCR RD . -6.74 38.25 62.67
C15 BCR RD . -7.20 37.18 61.80
C16 BCR RD . -6.46 36.09 61.59
C17 BCR RD . -6.96 35.03 60.72
C18 BCR RD . -6.44 33.80 60.74
C19 BCR RD . -7.04 32.76 59.87
C20 BCR RD . -6.53 31.54 59.75
C21 BCR RD . -7.21 30.58 58.88
C22 BCR RD . -6.63 29.46 58.42
C23 BCR RD . -5.22 29.15 58.73
C24 BCR RD . -4.77 27.92 58.43
C25 BCR RD . -3.38 27.42 58.64
C26 BCR RD . -2.86 27.18 59.86
C27 BCR RD . -1.39 26.88 60.04
C28 BCR RD . -0.89 26.07 58.86
C29 BCR RD . -1.12 26.86 57.61
C30 BCR RD . -2.61 27.08 57.37
C35 BCR RD . -8.58 39.73 61.90
C36 BCR RD . -5.30 33.46 61.64
C37 BCR RD . -7.41 28.54 57.55
C38 BCR RD . -3.65 27.18 61.14
C39 BCR RD . -3.20 25.79 56.81
C40 BCR RD . -2.75 28.19 56.35
C1 BCR SD . -13.74 46.53 20.95
C2 BCR SD . -13.63 47.85 21.70
C3 BCR SD . -12.18 48.26 21.92
C4 BCR SD . -11.51 47.20 22.77
C5 BCR SD . -11.60 45.89 22.05
C6 BCR SD . -12.74 45.49 21.46
C7 BCR SD . -12.97 44.05 21.26
C8 BCR SD . -13.39 43.21 22.22
C9 BCR SD . -13.56 41.77 21.92
C10 BCR SD . -14.30 41.00 22.72
C11 BCR SD . -14.46 39.58 22.45
C33 BCR SD . -10.36 45.05 21.97
C31 BCR SD . -13.43 46.75 19.48
C32 BCR SD . -15.18 46.05 21.09
C34 BCR SD . -12.87 41.19 20.72
C12 BCR SD . -14.78 38.75 23.44
C13 BCR SD . -14.93 37.30 23.20
C14 BCR SD . -15.20 36.50 24.24
C15 BCR SD . -15.36 35.05 24.06
C16 BCR SD . -15.80 34.29 25.06
C17 BCR SD . -15.91 32.85 24.83
C18 BCR SD . -16.44 32.01 25.73
C19 BCR SD . -16.49 30.58 25.37
C20 BCR SD . -16.92 29.61 26.18
C21 BCR SD . -16.85 28.28 25.60
C22 BCR SD . -17.05 27.13 26.25
C23 BCR SD . -16.91 25.89 25.48
C24 BCR SD . -16.70 24.71 26.08
C25 BCR SD . -16.54 23.48 25.25
C26 BCR SD . -15.43 23.37 24.53
C27 BCR SD . -15.50 22.84 23.12
C28 BCR SD . -16.45 21.65 23.08
C29 BCR SD . -17.77 21.98 23.76
C30 BCR SD . -17.56 22.38 25.22
C35 BCR SD . -14.77 36.74 21.82
C36 BCR SD . -16.95 32.49 27.05
C37 BCR SD . -17.36 27.11 27.72
C38 BCR SD . -14.12 23.75 25.14
C39 BCR SD . -17.06 21.16 25.98
C40 BCR SD . -18.85 22.86 25.85
C1 BCR TD . -2.51 37.00 28.29
C2 BCR TD . -1.15 36.85 28.97
C3 BCR TD . -0.07 36.36 28.02
C4 BCR TD . -0.47 35.04 27.38
C5 BCR TD . -1.80 35.24 26.71
C6 BCR TD . -2.79 35.82 27.38
C7 BCR TD . -4.17 35.33 27.19
C8 BCR TD . -4.54 34.15 27.68
C9 BCR TD . -5.91 33.65 27.48
C10 BCR TD . -6.23 32.45 27.97
C11 BCR TD . -7.55 31.88 27.80
C33 BCR TD . -1.97 34.80 25.28
C31 BCR TD . -2.53 38.24 27.42
C32 BCR TD . -3.59 37.14 29.36
C34 BCR TD . -6.91 34.46 26.73
C12 BCR TD . -7.72 30.59 28.01
C13 BCR TD . -9.04 29.97 27.87
C14 BCR TD . -9.23 28.75 28.38
C15 BCR TD . -10.51 28.08 28.29
C16 BCR TD . -10.68 26.88 28.82
C17 BCR TD . -12.00 26.29 28.69
C18 BCR TD . -12.31 25.11 29.22
C19 BCR TD . -13.67 24.61 29.04
C20 BCR TD . -14.04 23.40 29.43
C21 BCR TD . -15.43 23.08 29.19
C22 BCR TD . -16.04 22.06 29.79
C23 BCR TD . -17.45 21.85 29.48
C24 BCR TD . -18.24 21.21 30.33
C25 BCR TD . -19.65 21.05 29.91
C26 BCR TD . -19.94 20.23 28.89
C27 BCR TD . -21.00 20.61 27.91
C28 BCR TD . -22.06 21.50 28.55
C29 BCR TD . -22.09 21.40 30.08
C30 BCR TD . -20.73 21.83 30.61
C35 BCR TD . -10.14 30.70 27.17
C36 BCR TD . -11.30 24.29 29.98
C37 BCR TD . -15.34 21.13 30.73
C38 BCR TD . -19.27 18.90 28.73
C39 BCR TD . -20.64 21.60 32.11
C40 BCR TD . -20.57 23.33 30.37
C1 BCR UD . 1.63 -0.50 53.56
C2 BCR UD . 3.09 -0.18 53.73
C3 BCR UD . 3.86 -0.44 52.46
C4 BCR UD . 3.37 0.49 51.37
C5 BCR UD . 1.87 0.39 51.23
C6 BCR UD . 1.08 -0.09 52.22
C7 BCR UD . -0.40 -0.20 52.03
C8 BCR UD . -0.97 -1.27 51.48
C9 BCR UD . -2.43 -1.43 51.32
C10 BCR UD . -2.84 -2.55 50.74
C11 BCR UD . -4.22 -2.95 50.47
C33 BCR UD . 1.31 0.90 49.93
C31 BCR UD . 0.82 0.22 54.63
C32 BCR UD . 1.56 -2.01 53.80
C34 BCR UD . -3.38 -0.38 51.82
C12 BCR UD . -4.33 -4.19 50.02
C13 BCR UD . -5.59 -4.86 49.68
C14 BCR UD . -5.52 -6.14 49.29
C15 BCR UD . -6.70 -6.91 48.94
C16 BCR UD . -6.55 -8.16 48.50
C17 BCR UD . -7.75 -8.93 48.17
C18 BCR UD . -7.68 -10.19 47.76
C19 BCR UD . -8.93 -10.92 47.45
C20 BCR UD . -8.87 -12.18 47.02
C21 BCR UD . -10.09 -12.92 46.72
C22 BCR UD . -10.04 -14.08 46.07
C23 BCR UD . -11.28 -14.83 45.77
C24 BCR UD . -11.95 -14.50 44.67
C25 BCR UD . -13.21 -15.07 44.11
C26 BCR UD . -14.44 -14.87 44.63
C27 BCR UD . -15.69 -15.10 43.81
C28 BCR UD . -15.38 -15.30 42.34
C29 BCR UD . -14.31 -16.35 42.24
C30 BCR UD . -13.01 -15.82 42.81
C35 BCR UD . -6.90 -4.16 49.73
C36 BCR UD . -6.36 -10.87 47.58
C37 BCR UD . -8.73 -14.65 45.64
C38 BCR UD . -14.72 -14.41 46.02
C39 BCR UD . -12.40 -14.83 41.85
C40 BCR UD . -12.07 -16.98 43.02
C1A DGD VD . -20.36 0.10 41.51
C2A DGD VD . -20.09 -0.33 42.89
C3A DGD VD . -18.70 0.14 43.28
C4A DGD VD . -18.47 -0.07 44.75
C5A DGD VD . -17.26 0.74 45.17
C6A DGD VD . -16.79 0.32 46.54
C7A DGD VD . -16.52 1.60 47.30
C8A DGD VD . -15.55 1.33 48.43
C9A DGD VD . -14.35 2.25 48.23
CAA DGD VD . -14.78 3.66 48.47
CBA DGD VD . -13.69 4.40 49.23
CCA DGD VD . -13.80 5.85 48.85
CDA DGD VD . -12.78 6.62 49.69
CEA DGD VD . -12.45 7.89 48.98
O1A DGD VD . -19.55 0.39 40.66
C1B DGD VD . -21.05 3.77 39.52
C2B DGD VD . -20.77 4.46 40.80
C3B DGD VD . -20.51 5.90 40.58
C4B DGD VD . -19.34 6.34 41.41
C5B DGD VD . -18.95 7.65 40.79
C6B DGD VD . -18.07 7.27 39.62
C7B DGD VD . -16.70 7.21 40.19
C8B DGD VD . -15.79 7.44 39.04
C9B DGD VD . -14.48 7.77 39.64
CAB DGD VD . -13.48 7.09 38.77
CBB DGD VD . -12.38 6.81 39.72
CCB DGD VD . -11.22 6.37 38.91
CDB DGD VD . -10.39 5.71 39.96
CEB DGD VD . -9.64 6.74 40.72
CFB DGD VD . -8.76 5.88 41.61
CGB DGD VD . -8.01 6.81 42.51
CHB DGD VD . -6.61 6.94 41.96
CIB DGD VD . -5.65 6.91 43.12
O1B DGD VD . -20.21 3.43 38.71
O1G DGD VD . -21.64 0.51 41.37
C1G DGD VD . -22.03 1.03 40.13
C2G DGD VD . -22.76 2.36 40.38
O2G DGD VD . -22.32 3.31 39.45
C3G DGD VD . -24.24 2.07 40.12
O3G DGD VD . -24.57 3.12 39.24
C1D DGD VD . -25.87 3.54 39.41
C2D DGD VD . -26.09 4.71 38.40
O2D DGD VD . -26.58 5.77 39.15
C3D DGD VD . -27.22 4.26 37.41
O3D DGD VD . -26.76 3.16 36.70
C4D DGD VD . -28.47 3.75 38.16
O4D DGD VD . -29.33 3.16 37.27
C5D DGD VD . -28.02 2.63 39.16
O5D DGD VD . -30.03 1.55 38.80
C6D DGD VD . -28.66 1.26 38.89
O6D DGD VD . -26.64 2.40 39.07
C1E DGD VD . -30.89 0.48 38.89
C2E DGD VD . -32.16 0.76 38.01
O2E DGD VD . -31.72 1.10 36.75
C3E DGD VD . -32.96 1.94 38.61
O3E DGD VD . -34.17 1.96 37.92
C4E DGD VD . -33.26 1.68 40.10
O4E DGD VD . -33.96 0.50 40.23
C5E DGD VD . -31.93 1.47 40.82
O6E DGD VD . -31.22 0.39 40.26
C6E DGD VD . -32.14 1.02 42.25
O5E DGD VD . -32.51 2.16 42.94
C2 LHG WD . -23.60 42.16 11.56
O2 LHG WD . -24.90 41.70 11.90
C3 LHG WD . -22.95 42.57 12.86
O3 LHG WD . -23.52 41.63 13.75
P LHG WD . -22.61 40.65 14.66
O4 LHG WD . -21.84 41.49 15.61
O5 LHG WD . -23.47 39.45 14.85
O6 LHG WD . -21.50 40.32 13.47
C4 LHG WD . -21.60 39.11 12.76
C5 LHG WD . -20.44 39.16 11.78
C6 LHG WD . -19.09 39.04 12.48
O7 LHG WD . -20.60 38.04 10.94
C7 LHG WD . -20.26 38.27 9.65
O9 LHG WD . -20.27 39.39 9.15
C8 LHG WD . -19.62 37.07 9.07
C9 LHG WD . -18.46 37.51 8.21
C10 LHG WD . -17.22 37.62 9.06
O8 LHG WD . -19.22 37.84 13.25
C23 LHG WD . -18.17 36.97 13.23
O10 LHG WD . -18.29 35.88 12.71
C24 LHG WD . -16.91 37.26 14.05
C11 LHG WD . -16.18 37.03 8.13
C12 LHG WD . -14.85 37.04 8.82
C13 LHG WD . -14.69 35.72 9.55
C14 LHG WD . -13.23 35.31 9.63
C15 LHG WD . -13.07 34.64 10.97
C25 LHG WD . -15.94 36.10 14.20
C26 LHG WD . -15.55 35.72 15.62
C27 LHG WD . -15.80 34.22 15.66
C28 LHG WD . -15.85 33.61 17.04
C29 LHG WD . -14.44 33.78 17.62
C30 LHG WD . -14.35 34.16 19.08
C31 LHG WD . -14.57 33.05 20.10
C32 LHG WD . -14.10 31.66 19.68
C33 LHG WD . -13.78 30.88 20.94
C34 LHG WD . -13.83 29.37 20.79
FE1 SF4 XD . -36.72 -8.85 26.62
FE2 SF4 XD . -35.98 -11.19 28.25
FE3 SF4 XD . -38.48 -11.17 26.74
FE4 SF4 XD . -38.19 -9.46 29.12
S1 SF4 XD . -37.95 -11.48 28.75
S2 SF4 XD . -38.72 -9.13 27.10
S3 SF4 XD . -36.17 -9.15 28.57
S4 SF4 XD . -36.50 -10.89 26.25
FE1 SF4 YD . -41.33 -6.22 16.67
FE2 SF4 YD . -42.60 -7.53 18.94
FE3 SF4 YD . -43.73 -7.94 16.28
FE4 SF4 YD . -43.94 -5.31 17.61
S1 SF4 YD . -44.46 -7.29 18.10
S2 SF4 YD . -43.19 -5.95 15.80
S3 SF4 YD . -42.10 -5.58 18.50
S4 SF4 YD . -41.83 -8.20 17.13
MG CLA ZD . -13.96 1.91 4.53
CHA CLA ZD . -13.35 2.15 1.12
CHB CLA ZD . -13.29 -1.40 4.42
CHC CLA ZD . -14.32 1.80 7.95
CHD CLA ZD . -14.64 5.36 4.60
NA CLA ZD . -13.44 0.60 2.98
C1A CLA ZD . -13.21 0.88 1.63
C2A CLA ZD . -12.83 -0.38 0.87
C3A CLA ZD . -12.99 -1.50 1.91
C4A CLA ZD . -13.25 -0.73 3.22
CMA CLA ZD . -14.13 -2.43 1.57
CAA CLA ZD . -11.37 -0.35 0.47
CBA CLA ZD . -11.18 -0.75 -0.98
CGA CLA ZD . -9.75 -1.06 -1.26
O1A CLA ZD . -9.04 -1.93 -0.75
O2A CLA ZD . -9.20 -0.26 -2.21
NB CLA ZD . -13.86 0.47 5.91
C1B CLA ZD . -13.53 -0.82 5.67
C2B CLA ZD . -13.49 -1.54 6.95
C3B CLA ZD . -13.78 -0.66 7.95
C4B CLA ZD . -14.03 0.64 7.30
CMB CLA ZD . -13.15 -2.95 7.05
CAB CLA ZD . -13.88 -0.88 9.36
CBB CLA ZD . -14.79 -1.70 9.88
NC CLA ZD . -14.42 3.32 5.99
C1C CLA ZD . -14.50 3.06 7.33
C2C CLA ZD . -14.77 4.28 8.06
C3C CLA ZD . -14.90 5.28 7.12
C4C CLA ZD . -14.66 4.67 5.82
CMC CLA ZD . -14.91 4.39 9.51
CAC CLA ZD . -15.18 6.70 7.37
CBC CLA ZD . -16.62 7.04 7.12
ND CLA ZD . -14.05 3.43 3.21
C1D CLA ZD . -14.35 4.80 3.38
C2D CLA ZD . -14.26 5.45 2.07
C3D CLA ZD . -13.85 4.50 1.17
C4D CLA ZD . -13.74 3.24 1.93
CMD CLA ZD . -14.52 6.86 1.87
CAD CLA ZD . -13.51 4.22 -0.20
OBD CLA ZD . -13.46 4.97 -1.16
CBD CLA ZD . -13.19 2.71 -0.28
CGD CLA ZD . -14.14 2.06 -1.22
O1D CLA ZD . -15.06 1.28 -0.94
O2D CLA ZD . -13.94 2.39 -2.52
CED CLA ZD . -13.05 1.57 -3.29
C1 CLA ZD . -8.02 -0.75 -2.88
C2 CLA ZD . -7.53 0.31 -3.79
C3 CLA ZD . -6.23 0.53 -4.04
C4 CLA ZD . -5.17 -0.29 -3.40
C5 CLA ZD . -5.76 1.61 -4.95
C6 CLA ZD . -6.35 1.53 -6.35
C7 CLA ZD . -5.32 1.06 -7.36
C8 CLA ZD . -5.88 1.09 -8.79
C9 CLA ZD . -7.10 0.20 -8.91
C10 CLA ZD . -4.83 0.70 -9.82
C11 CLA ZD . -4.45 -0.77 -9.76
C12 CLA ZD . -3.55 -1.17 -10.92
MG CLA AE . -0.14 6.63 -3.45
CHA CLA AE . -0.81 7.68 -6.67
CHB CLA AE . 2.98 7.95 -3.66
CHC CLA AE . 0.49 5.50 -0.27
CHD CLA AE . -3.35 5.16 -3.32
NA CLA AE . 0.88 7.69 -4.93
C1A CLA AE . 0.44 8.02 -6.22
C2A CLA AE . 1.50 8.81 -6.98
C3A CLA AE . 2.72 8.78 -6.02
C4A CLA AE . 2.17 8.12 -4.76
CMA CLA AE . 3.85 8.00 -6.61
CAA CLA AE . 1.08 10.26 -7.12
CBA CLA AE . 0.91 10.69 -8.56
NB CLA AE . 1.47 6.62 -2.25
C1B CLA AE . 2.61 7.33 -2.46
C2B CLA AE . 3.42 7.38 -1.22
C3B CLA AE . 2.73 6.68 -0.25
C4B CLA AE . 1.48 6.20 -0.90
CMB CLA AE . 4.69 8.08 -1.11
CAB CLA AE . 3.06 6.45 1.12
CBB CLA AE . 3.44 5.27 1.62
NC CLA AE . -1.25 5.56 -2.05
C1C CLA AE . -0.79 5.21 -0.81
C2C CLA AE . -1.81 4.46 -0.11
C3C CLA AE . -2.89 4.35 -0.96
C4C CLA AE . -2.54 5.04 -2.19
CMC CLA AE . -1.66 3.94 1.26
CAC CLA AE . -4.15 3.65 -0.71
CBC CLA AE . -5.23 4.62 -0.31
ND CLA AE . -1.83 6.62 -4.58
C1D CLA AE . -3.05 5.90 -4.45
C2D CLA AE . -3.85 6.08 -5.67
C3D CLA AE . -3.05 6.77 -6.55
C4D CLA AE . -1.78 7.04 -5.84
CMD CLA AE . -5.21 5.57 -5.86
CAD CLA AE . -2.95 7.38 -7.86
OBD CLA AE . -3.81 7.55 -8.70
CBD CLA AE . -1.46 7.80 -8.03
CGD CLA AE . -0.74 6.91 -9.01
O1D CLA AE . 0.30 6.29 -8.85
O2D CLA AE . -1.38 6.80 -10.22
CED CLA AE . -1.32 7.91 -11.10
MG CLA BE . 5.34 33.43 11.24
CHA CLA BE . 7.80 35.91 11.26
CHB CLA BE . 5.81 32.96 14.56
CHC CLA BE . 2.71 31.23 11.24
CHD CLA BE . 4.85 34.01 7.79
NA CLA BE . 6.64 34.27 12.64
C1A CLA BE . 7.57 35.30 12.47
C2A CLA BE . 8.31 35.58 13.79
C3A CLA BE . 7.85 34.43 14.71
C4A CLA BE . 6.67 33.84 13.95
CMA CLA BE . 8.93 33.42 14.94
CAA CLA BE . 7.88 36.92 14.38
NB CLA BE . 4.49 32.24 12.62
C1B CLA BE . 4.71 32.33 13.96
C2B CLA BE . 3.63 31.65 14.70
C3B CLA BE . 2.76 31.15 13.76
C4B CLA BE . 3.29 31.51 12.42
CMB CLA BE . 3.61 31.57 16.16
CAB CLA BE . 1.54 30.41 13.92
CBB CLA BE . 1.44 29.21 14.50
NC CLA BE . 4.06 32.71 9.75
C1C CLA BE . 3.08 31.78 9.97
C2C CLA BE . 2.38 31.49 8.72
C3C CLA BE . 2.95 32.31 7.75
C4C CLA BE . 4.01 33.06 8.40
CMC CLA BE . 1.26 30.55 8.61
CAC CLA BE . 2.57 32.42 6.33
CBC CLA BE . 3.03 31.29 5.43
ND CLA BE . 6.13 34.62 9.80
C1D CLA BE . 5.83 34.73 8.42
C2D CLA BE . 6.73 35.75 7.84
C3D CLA BE . 7.47 36.26 8.88
C4D CLA BE . 7.06 35.52 10.09
CMD CLA BE . 6.74 36.12 6.43
CAD CLA BE . 8.50 37.20 9.27
OBD CLA BE . 9.12 38.00 8.59
CBD CLA BE . 8.73 37.01 10.81
CGD CLA BE . 10.19 36.75 11.10
O1D CLA BE . 11.04 36.31 10.33
O2D CLA BE . 10.58 37.07 12.37
CED CLA BE . 11.00 38.41 12.63
C1 BCR CE . 3.06 25.45 9.01
C2 BCR CE . 3.84 24.40 8.24
C3 BCR CE . 4.41 24.94 6.93
C4 BCR CE . 3.27 25.42 6.05
C5 BCR CE . 2.50 26.46 6.81
C6 BCR CE . 2.15 26.27 8.09
C7 BCR CE . 0.91 26.86 8.62
C8 BCR CE . -0.29 26.40 8.24
C9 BCR CE . -1.54 26.98 8.74
C10 BCR CE . -2.65 26.52 8.19
C11 BCR CE . -4.00 26.96 8.53
C33 BCR CE . 2.15 27.74 6.09
C31 BCR CE . 4.02 26.41 9.71
C32 BCR CE . 2.24 24.76 10.09
C34 BCR CE . -1.56 28.03 9.81
C12 BCR CE . -4.94 26.25 7.95
C13 BCR CE . -6.38 26.48 8.12
C14 BCR CE . -7.19 25.56 7.61
C15 BCR CE . -8.63 25.64 7.69
C16 BCR CE . -9.32 24.77 6.97
C17 BCR CE . -10.76 24.79 6.99
C18 BCR CE . -11.43 23.99 6.15
C19 BCR CE . -10.69 23.10 5.23
C20 BCR CE . -11.37 22.19 4.54
C21 BCR CE . -10.73 21.29 3.59
C22 BCR CE . -11.49 20.52 2.79
C23 BCR CE . -10.88 19.60 1.80
C24 BCR CE . -11.66 18.82 1.06
C25 BCR CE . -11.16 17.88 0.03
C26 BCR CE . -10.41 18.30 -0.99
C27 BCR CE . -9.21 17.50 -1.44
C28 BCR CE . -9.26 16.08 -0.87
C29 BCR CE . -10.70 15.57 -0.83
C30 BCR CE . -11.54 16.42 0.13
C35 BCR CE . -6.91 27.69 8.82
C36 BCR CE . -12.93 24.03 6.14
C37 BCR CE . -12.98 20.60 2.88
C38 BCR CE . -10.78 19.54 -1.75
C39 BCR CE . -11.33 15.96 1.55
C40 BCR CE . -13.01 16.30 -0.25
MG CLA DE . 12.64 -2.65 -10.21
CHA CLA DE . 15.58 -2.32 -12.04
CHB CLA DE . 11.55 0.34 -11.41
CHC CLA DE . 9.63 -3.18 -8.64
CHD CLA DE . 13.77 -5.80 -9.04
NA CLA DE . 13.48 -1.21 -11.46
C1A CLA DE . 14.70 -1.26 -12.15
C2A CLA DE . 14.89 0.01 -12.97
C3A CLA DE . 13.71 0.91 -12.54
C4A CLA DE . 12.82 -0.05 -11.75
CMA CLA DE . 14.15 2.09 -11.70
CAA CLA DE . 14.84 -0.23 -14.47
CBA CLA DE . 13.82 -1.27 -14.89
NB CLA DE . 10.93 -1.60 -10.03
C1B CLA DE . 10.64 -0.44 -10.67
C2B CLA DE . 9.21 -0.07 -10.45
C3B CLA DE . 8.68 -1.07 -9.67
C4B CLA DE . 9.76 -2.04 -9.38
CMB CLA DE . 8.59 1.13 -10.99
CAB CLA DE . 7.33 -1.20 -9.17
CBB CLA DE . 6.46 -2.16 -9.51
NC CLA DE . 11.88 -4.18 -9.01
C1C CLA DE . 10.63 -4.18 -8.46
C2C CLA DE . 10.41 -5.39 -7.69
C3C CLA DE . 11.57 -6.15 -7.80
C4C CLA DE . 12.49 -5.38 -8.65
CMC CLA DE . 9.17 -5.70 -6.96
CAC CLA DE . 11.84 -7.46 -7.20
CBC CLA DE . 12.30 -7.35 -5.77
ND CLA DE . 14.30 -3.79 -10.37
C1D CLA DE . 14.62 -5.08 -9.86
C2D CLA DE . 15.96 -5.47 -10.35
C3D CLA DE . 16.37 -4.45 -11.19
C4D CLA DE . 15.29 -3.44 -11.18
CMD CLA DE . 16.65 -6.71 -10.01
CAD CLA DE . 17.42 -3.98 -12.05
OBD CLA DE . 18.51 -4.48 -12.30
CBD CLA DE . 16.94 -2.63 -12.67
CGD CLA DE . 17.98 -1.57 -12.42
O1D CLA DE . 18.89 -1.60 -11.57
O2D CLA DE . 17.92 -0.48 -13.24
CED CLA DE . 18.61 -0.54 -14.49
C1 BCR EE . 4.70 -18.12 4.51
C2 BCR EE . 4.10 -19.35 3.84
C3 BCR EE . 4.52 -19.57 2.40
C4 BCR EE . 4.34 -18.28 1.63
C5 BCR EE . 5.32 -17.32 2.21
C6 BCR EE . 5.40 -17.16 3.55
C7 BCR EE . 6.17 -16.04 4.16
C8 BCR EE . 5.70 -14.79 4.20
C9 BCR EE . 6.43 -13.68 4.81
C10 BCR EE . 6.06 -12.44 4.46
C11 BCR EE . 6.66 -11.22 5.00
C33 BCR EE . 6.22 -16.60 1.24
C31 BCR EE . 5.72 -18.57 5.55
C32 BCR EE . 3.57 -17.41 5.23
C34 BCR EE . 7.55 -13.91 5.79
C12 BCR EE . 6.38 -10.11 4.32
C13 BCR EE . 6.87 -8.78 4.71
C14 BCR EE . 6.94 -7.83 3.77
C15 BCR EE . 7.39 -6.49 4.07
C16 BCR EE . 7.60 -5.63 3.09
C17 BCR EE . 8.01 -4.27 3.40
C18 BCR EE . 8.01 -3.29 2.50
C19 BCR EE . 8.41 -1.95 2.95
C20 BCR EE . 7.57 -0.94 2.78
C21 BCR EE . 7.93 0.37 3.28
C22 BCR EE . 7.41 1.50 2.79
C23 BCR EE . 7.84 2.77 3.40
C24 BCR EE . 7.94 3.90 2.69
C25 BCR EE . 8.38 5.17 3.33
C26 BCR EE . 7.57 5.83 4.15
C27 BCR EE . 8.18 6.70 5.20
C28 BCR EE . 8.91 7.73 4.39
C29 BCR EE . 10.04 7.09 3.59
C30 BCR EE . 9.75 5.71 2.99
C35 BCR EE . 7.25 -8.51 6.13
C36 BCR EE . 7.60 -3.54 1.07
C37 BCR EE . 6.40 1.48 1.69
C38 BCR EE . 6.08 5.80 4.01
C39 BCR EE . 10.82 4.75 3.49
C40 BCR EE . 9.86 5.79 1.47
C1A DGD FE . 13.03 15.49 -0.92
C2A DGD FE . 13.13 15.20 0.53
C3A DGD FE . 11.90 15.69 1.26
C4A DGD FE . 11.86 15.06 2.64
C5A DGD FE . 10.65 15.54 3.40
C6A DGD FE . 11.06 16.41 4.56
C7A DGD FE . 10.48 15.73 5.78
C8A DGD FE . 10.22 16.74 6.86
C9A DGD FE . 8.72 16.83 7.03
CAA DGD FE . 8.40 16.47 8.45
CBA DGD FE . 7.11 17.19 8.83
CCA DGD FE . 6.13 16.12 9.22
CDA DGD FE . 4.86 16.82 9.68
CEA DGD FE . 5.07 17.26 11.10
CFA DGD FE . 3.76 17.23 11.84
CGA DGD FE . 4.00 17.85 13.18
CHA DGD FE . 3.33 17.02 14.25
CIA DGD FE . 4.38 16.10 14.82
O1A DGD FE . 12.04 15.60 -1.62
C1B DGD FE . 14.71 13.57 -5.49
C2B DGD FE . 13.36 14.04 -5.98
C3B DGD FE . 12.87 13.21 -7.15
C4B DGD FE . 12.57 11.77 -6.75
C5B DGD FE . 13.05 10.99 -7.95
C6B DGD FE . 11.84 10.23 -8.50
C7B DGD FE . 11.52 10.91 -9.81
C8B DGD FE . 11.66 9.84 -10.86
C9B DGD FE . 10.50 8.89 -10.72
CAB DGD FE . 9.32 9.65 -11.25
O1B DGD FE . 15.54 13.03 -6.19
O1G DGD FE . 14.28 15.43 -1.44
C1G DGD FE . 14.44 15.45 -2.82
C2G DGD FE . 15.34 14.23 -3.17
O2G DGD FE . 14.69 13.37 -4.12
C3G DGD FE . 16.65 14.81 -3.75
O3G DGD FE . 17.47 13.68 -3.60
C1D DGD FE . 18.81 13.99 -3.37
C2D DGD FE . 19.23 13.12 -2.15
O2D DGD FE . 18.83 13.86 -1.04
C3D DGD FE . 20.78 13.03 -2.14
O3D DGD FE . 21.18 12.08 -1.19
C4D DGD FE . 21.33 12.55 -3.52
O4D DGD FE . 20.82 11.31 -3.86
C5D DGD FE . 20.81 13.55 -4.58
O5D DGD FE . 21.97 14.13 -6.50
C6D DGD FE . 21.14 13.12 -6.01
O6D DGD FE . 19.40 13.54 -4.57
C1E DGD FE . 21.60 14.73 -7.71
C2E DGD FE . 21.50 13.65 -8.84
O2E DGD FE . 22.75 13.08 -9.00
C3E DGD FE . 21.06 14.36 -10.15
O3E DGD FE . 19.76 14.85 -9.92
C4E DGD FE . 22.04 15.55 -10.49
O4E DGD FE . 21.40 16.43 -11.36
C5E DGD FE . 22.48 16.40 -9.23
O6E DGD FE . 22.61 15.64 -8.02
C6E DGD FE . 21.45 17.49 -8.85
O5E DGD FE . 21.95 18.08 -7.68
C1 LMG GE . -11.34 -5.32 -16.34
O1 LMG GE . -9.96 -5.44 -16.53
C2 LMG GE . -11.95 -6.71 -16.74
O2 LMG GE . -12.03 -6.65 -18.13
C3 LMG GE . -13.41 -6.80 -16.19
O3 LMG GE . -13.78 -8.14 -16.34
C4 LMG GE . -13.45 -6.44 -14.69
O4 LMG GE . -12.63 -7.30 -13.99
C5 LMG GE . -12.84 -5.04 -14.54
O5 LMG GE . -14.16 -5.03 -12.61
C6 LMG GE . -12.90 -4.63 -13.08
O6 LMG GE . -11.49 -5.08 -14.93
C7 LMG GE . -9.28 -6.24 -15.59
C8 LMG GE . -7.90 -5.56 -15.39
C9 LMG GE . -6.85 -6.66 -15.14
O7 LMG GE . -7.53 -4.97 -16.61
C10 LMG GE . -7.38 -3.61 -16.64
O9 LMG GE . -8.36 -2.89 -16.61
C11 LMG GE . -5.96 -3.20 -16.82
C12 LMG GE . -5.88 -1.69 -16.89
C13 LMG GE . -4.47 -1.17 -17.09
C14 LMG GE . -3.78 -1.23 -15.75
C15 LMG GE . -2.53 -0.38 -15.80
C16 LMG GE . -2.93 1.08 -15.98
C17 LMG GE . -1.70 1.93 -15.73
C18 LMG GE . -1.37 1.83 -14.25
C19 LMG GE . -2.42 2.61 -13.49
C20 LMG GE . -1.69 3.74 -12.81
C21 LMG GE . -2.39 4.99 -13.21
O8 LMG GE . -6.87 -6.89 -13.75
C28 LMG GE . -6.08 -6.09 -13.00
O10 LMG GE . -6.60 -5.20 -12.34
C29 LMG GE . -4.72 -6.66 -12.75
C30 LMG GE . -3.65 -5.79 -13.38
C31 LMG GE . -2.39 -5.90 -12.55
C32 LMG GE . -1.88 -7.33 -12.68
C33 LMG GE . -0.37 -7.26 -12.83
C34 LMG GE . 0.25 -7.92 -11.63
C35 LMG GE . 0.03 -9.42 -11.78
C36 LMG GE . 0.29 -10.03 -10.44
MG CLA HE . -3.09 -77.56 3.82
CHA CLA HE . -3.26 -74.89 1.56
CHB CLA HE . -5.08 -79.43 1.82
CHC CLA HE . -2.95 -80.10 6.15
CHD CLA HE . -0.89 -75.66 5.83
NA CLA HE . -4.01 -77.19 1.97
C1A CLA HE . -3.97 -76.03 1.18
C2A CLA HE . -4.78 -76.26 -0.11
C3A CLA HE . -5.15 -77.75 -0.05
C4A CLA HE . -4.74 -78.17 1.36
CMA CLA HE . -6.60 -78.07 -0.34
CAA CLA HE . -3.99 -76.07 -1.40
CBA CLA HE . -4.82 -75.37 -2.46
CGA CLA HE . -5.16 -76.31 -3.58
O1A CLA HE . -5.56 -76.03 -4.71
O2A CLA HE . -5.02 -77.62 -3.27
NB CLA HE . -3.80 -79.44 3.92
C1B CLA HE . -4.74 -79.95 3.09
C2B CLA HE . -5.34 -81.17 3.68
C3B CLA HE . -4.75 -81.36 4.90
C4B CLA HE . -3.76 -80.27 5.07
CMB CLA HE . -6.38 -81.96 3.02
CAB CLA HE . -4.95 -82.39 5.89
CBB CLA HE . -4.10 -83.37 6.17
NC CLA HE . -2.09 -77.83 5.63
C1C CLA HE . -2.16 -78.95 6.41
C2C CLA HE . -1.32 -78.80 7.59
C3C CLA HE . -0.76 -77.53 7.52
C4C CLA HE . -1.24 -76.93 6.29
CMC CLA HE . -1.16 -79.82 8.62
CAC CLA HE . 0.18 -76.90 8.48
CBC CLA HE . 1.63 -77.06 8.10
ND CLA HE . -2.31 -75.71 3.81
C1D CLA HE . -1.37 -75.11 4.68
C2D CLA HE . -1.05 -73.78 4.17
C3D CLA HE . -1.79 -73.60 3.02
C4D CLA HE . -2.53 -74.86 2.81
CMD CLA HE . -0.11 -72.94 4.89
CAD CLA HE . -2.09 -72.72 1.92
OBD CLA HE . -1.72 -71.57 1.75
CBD CLA HE . -2.98 -73.53 0.92
CGD CLA HE . -4.23 -72.79 0.49
O1D CLA HE . -5.39 -73.21 0.47
O2D CLA HE . -4.02 -71.52 0.06
CED CLA HE . -4.78 -70.48 0.67
C1 BCR IE . 17.97 -54.32 5.56
C2 BCR IE . 18.94 -54.25 4.39
C3 BCR IE . 18.67 -53.14 3.38
C4 BCR IE . 17.20 -53.16 3.03
C5 BCR IE . 16.45 -52.80 4.28
C6 BCR IE . 16.75 -53.39 5.44
C7 BCR IE . 15.95 -53.22 6.69
C8 BCR IE . 14.78 -53.83 6.85
C9 BCR IE . 13.94 -53.77 8.05
C10 BCR IE . 12.61 -53.89 7.92
C11 BCR IE . 11.74 -53.93 9.08
C33 BCR IE . 15.38 -51.75 4.12
C31 BCR IE . 18.71 -53.95 6.83
C32 BCR IE . 17.51 -55.77 5.66
C34 BCR IE . 14.58 -53.65 9.40
C12 BCR IE . 10.53 -54.42 8.89
C13 BCR IE . 9.58 -54.61 9.99
C14 BCR IE . 8.43 -55.25 9.73
C15 BCR IE . 7.48 -55.54 10.79
C16 BCR IE . 6.35 -56.17 10.50
C17 BCR IE . 5.44 -56.51 11.58
C18 BCR IE . 4.39 -57.31 11.37
C19 BCR IE . 3.53 -57.66 12.51
C20 BCR IE . 2.59 -58.58 12.40
C21 BCR IE . 1.83 -58.89 13.60
C22 BCR IE . 0.75 -59.68 13.61
C23 BCR IE . 0.09 -59.96 14.89
C24 BCR IE . -0.14 -61.22 15.25
C25 BCR IE . -0.78 -61.57 16.54
C26 BCR IE . -0.30 -61.11 17.70
C27 BCR IE . -1.28 -60.58 18.71
C28 BCR IE . -2.18 -61.76 19.03
C29 BCR IE . -2.87 -62.30 17.79
C30 BCR IE . -1.96 -62.51 16.58
C35 BCR IE . 9.92 -54.17 11.39
C36 BCR IE . 4.11 -57.87 10.00
C37 BCR IE . 0.22 -60.26 12.33
C38 BCR IE . 1.16 -61.18 18.04
C39 BCR IE . -2.79 -62.30 15.31
C40 BCR IE . -1.44 -63.94 16.57
MG CLA JE . 12.80 -60.80 25.80
CHA CLA JE . 14.45 -57.83 26.54
CHB CLA JE . 14.81 -62.47 27.95
CHC CLA JE . 11.23 -63.73 24.91
CHD CLA JE . 10.78 -59.04 23.48
NA CLA JE . 14.35 -60.21 27.08
C1A CLA JE . 14.90 -58.92 27.25
C2A CLA JE . 16.05 -58.97 28.28
C3A CLA JE . 16.04 -60.44 28.77
C4A CLA JE . 14.99 -61.11 27.88
CMA CLA JE . 17.39 -61.09 28.58
CAA CLA JE . 15.93 -58.05 29.51
CBA CLA JE . 14.52 -57.91 30.04
CGA CLA JE . 14.54 -57.10 31.31
O1A CLA JE . 15.04 -57.39 32.40
O2A CLA JE . 13.91 -55.89 31.19
NB CLA JE . 12.97 -62.73 26.34
C1B CLA JE . 13.90 -63.22 27.19
C2B CLA JE . 13.84 -64.72 27.21
C3B CLA JE . 12.83 -65.07 26.36
C4B CLA JE . 12.26 -63.81 25.80
CMB CLA JE . 14.72 -65.54 28.03
CAB CLA JE . 12.33 -66.37 26.01
CBB CLA JE . 11.78 -67.25 26.86
NC CLA JE . 11.24 -61.28 24.49
C1C CLA JE . 10.74 -62.54 24.30
C2C CLA JE . 9.65 -62.50 23.33
C3C CLA JE . 9.55 -61.19 22.89
C4C CLA JE . 10.56 -60.42 23.62
CMC CLA JE . 8.87 -63.66 22.90
CAC CLA JE . 8.61 -60.64 21.90
CBC CLA JE . 7.37 -60.04 22.52
ND CLA JE . 12.53 -58.89 25.20
C1D CLA JE . 11.70 -58.32 24.20
C2D CLA JE . 11.99 -56.88 24.10
C3D CLA JE . 13.02 -56.64 24.99
C4D CLA JE . 13.35 -57.93 25.62
CMD CLA JE . 11.30 -55.95 23.22
CAD CLA JE . 13.90 -55.64 25.54
OBD CLA JE . 13.91 -54.43 25.36
CBD CLA JE . 14.90 -56.39 26.47
CGD CLA JE . 16.31 -56.31 25.95
O1D CLA JE . 16.72 -56.70 24.86
O2D CLA JE . 17.20 -55.75 26.80
CED CLA JE . 18.59 -55.96 26.54
C1 CLA JE . 13.22 -55.40 32.36
C2 CLA JE . 12.86 -53.98 32.10
C3 CLA JE . 11.73 -53.41 32.54
C4 CLA JE . 10.73 -54.14 33.34
C5 CLA JE . 11.43 -51.97 32.24
C6 CLA JE . 10.12 -51.77 31.51
C7 CLA JE . 9.79 -50.29 31.38
C8 CLA JE . 9.38 -49.91 29.96
C9 CLA JE . 10.60 -49.54 29.14
C10 CLA JE . 8.38 -48.76 29.94
C11 CLA JE . 6.95 -49.24 29.89
C12 CLA JE . 6.02 -48.21 29.27
C13 CLA JE . 4.59 -48.38 29.77
C14 CLA JE . 4.50 -48.04 31.24
C15 CLA JE . 4.05 -49.78 29.52
C16 CLA JE . 2.62 -49.94 30.01
C17 CLA JE . 1.95 -51.16 29.43
C18 CLA JE . 2.14 -52.41 30.28
C19 CLA JE . 1.36 -52.30 31.59
C20 CLA JE . 1.70 -53.64 29.52
MG CLA KE . 12.72 -65.63 7.80
CHA CLA KE . 13.66 -68.84 8.72
CHB CLA KE . 10.43 -66.92 5.65
CHC CLA KE . 11.85 -62.45 6.88
CHD CLA KE . 15.14 -64.32 10.00
NA CLA KE . 12.14 -67.58 7.31
C1A CLA KE . 12.64 -68.79 7.81
C2A CLA KE . 11.90 -69.97 7.18
C3A CLA KE . 10.93 -69.31 6.18
C4A CLA KE . 11.15 -67.83 6.40
CMA CLA KE . 11.24 -69.69 4.75
CAA CLA KE . 11.07 -70.74 8.19
CBA CLA KE . 10.59 -72.06 7.61
CGA CLA KE . 9.69 -72.74 8.59
O1A CLA KE . 8.95 -72.23 9.44
O2A CLA KE . 9.71 -74.10 8.49
NB CLA KE . 11.37 -64.83 6.53
C1B CLA KE . 10.55 -65.52 5.70
C2B CLA KE . 9.81 -64.59 4.82
C3B CLA KE . 10.21 -63.32 5.16
C4B CLA KE . 11.20 -63.47 6.26
CMB CLA KE . 8.86 -65.03 3.81
CAB CLA KE . 9.82 -62.04 4.66
CBB CLA KE . 8.58 -61.54 4.73
NC CLA KE . 13.37 -63.74 8.37
C1C CLA KE . 12.86 -62.58 7.87
C2C CLA KE . 13.53 -61.44 8.49
C3C CLA KE . 14.47 -61.97 9.37
C4C CLA KE . 14.36 -63.41 9.30
CMC CLA KE . 13.24 -60.05 8.16
CAC CLA KE . 15.39 -61.22 10.23
CBC CLA KE . 14.77 -60.82 11.55
ND CLA KE . 14.09 -66.35 9.09
C1D CLA KE . 15.03 -65.69 9.92
C2D CLA KE . 15.84 -66.71 10.61
C3D CLA KE . 15.38 -67.93 10.17
C4D CLA KE . 14.28 -67.65 9.24
CMD CLA KE . 16.93 -66.41 11.53
CAD CLA KE . 15.53 -69.37 10.26
OBD CLA KE . 16.34 -70.03 10.89
CBD CLA KE . 14.43 -69.99 9.35
CGD CLA KE . 15.00 -70.91 8.31
O1D CLA KE . 14.56 -72.01 7.96
O2D CLA KE . 16.13 -70.45 7.70
CED CLA KE . 16.44 -70.97 6.41
C1 CLA KE . 8.80 -74.70 7.53
MG CLA LE . -2.59 -70.77 21.72
CHA CLA LE . -5.27 -71.81 23.66
CHB CLA LE . -4.01 -67.72 21.34
CHC CLA LE . 0.13 -69.79 19.86
CHD CLA LE . -1.17 -73.99 22.06
NA CLA LE . -4.35 -69.91 22.42
C1A CLA LE . -5.35 -70.50 23.22
C2A CLA LE . -6.46 -69.50 23.51
C3A CLA LE . -6.07 -68.26 22.67
C4A CLA LE . -4.70 -68.63 22.11
CMA CLA LE . -7.07 -67.97 21.58
CAA CLA LE . -6.51 -69.09 24.97
CBA CLA LE . -5.14 -68.79 25.56
CGA CLA LE . -4.96 -69.54 26.85
O1A CLA LE . -3.93 -70.02 27.32
O2A CLA LE . -6.10 -69.66 27.57
NB CLA LE . -2.08 -69.10 20.72
C1B CLA LE . -2.76 -67.93 20.76
C2B CLA LE . -1.98 -66.86 20.05
C3B CLA LE . -0.81 -67.45 19.62
C4B CLA LE . -0.85 -68.87 20.07
CMB CLA LE . -2.45 -65.49 19.92
CAB CLA LE . 0.31 -66.89 18.92
CBB CLA LE . 1.12 -65.94 19.40
NC CLA LE . -0.84 -71.72 21.10
C1C CLA LE . 0.15 -71.12 20.36
C2C CLA LE . 1.22 -72.06 20.11
C3C CLA LE . 0.85 -73.27 20.72
C4C CLA LE . -0.45 -73.04 21.32
CMC CLA LE . 2.44 -71.75 19.37
CAC CLA LE . 1.60 -74.53 20.74
CBC CLA LE . 2.39 -74.71 22.03
ND CLA LE . -2.99 -72.48 22.71
C1D CLA LE . -2.35 -73.75 22.72
C2D CLA LE . -3.15 -74.70 23.53
C3D CLA LE . -4.27 -73.99 23.93
C4D CLA LE . -4.14 -72.63 23.37
CMD CLA LE . -2.78 -76.08 23.82
CAD CLA LE . -5.50 -74.03 24.69
OBD CLA LE . -5.93 -74.92 25.42
CBD CLA LE . -6.22 -72.68 24.44
CGD CLA LE . -7.49 -72.94 23.68
O1D CLA LE . -7.79 -73.96 23.05
O2D CLA LE . -8.39 -71.93 23.71
CED CLA LE . -9.13 -71.67 22.52
C1 BCR ME . 10.38 -58.51 13.67
C2 BCR ME . 11.33 -57.66 14.47
C3 BCR ME . 12.75 -57.96 14.07
C4 BCR ME . 13.00 -57.55 12.63
C5 BCR ME . 11.80 -57.80 11.75
C6 BCR ME . 10.67 -58.39 12.20
C7 BCR ME . 9.65 -58.92 11.25
C8 BCR ME . 9.73 -60.11 10.66
C9 BCR ME . 8.67 -60.58 9.76
C10 BCR ME . 8.76 -61.82 9.28
C11 BCR ME . 7.77 -62.42 8.39
C33 BCR ME . 11.93 -57.35 10.33
C31 BCR ME . 8.95 -58.05 13.92
C32 BCR ME . 10.54 -59.95 14.11
C34 BCR ME . 7.52 -59.70 9.40
C12 BCR ME . 7.86 -63.74 8.25
C13 BCR ME . 6.97 -64.56 7.41
C14 BCR ME . 7.26 -65.86 7.29
C15 BCR ME . 6.45 -66.74 6.47
C16 BCR ME . 6.70 -68.04 6.45
C17 BCR ME . 5.87 -68.90 5.62
C18 BCR ME . 5.87 -70.23 5.77
C19 BCR ME . 5.01 -71.04 4.91
C20 BCR ME . 4.84 -72.34 5.15
C21 BCR ME . 3.97 -73.10 4.26
C22 BCR ME . 3.72 -74.40 4.47
C23 BCR ME . 2.84 -75.12 3.54
C24 BCR ME . 3.06 -76.39 3.24
C25 BCR ME . 2.17 -77.11 2.31
C26 BCR ME . 1.94 -76.67 1.07
C27 BCR ME . 0.54 -76.65 0.52
C28 BCR ME . -0.43 -77.33 1.48
C29 BCR ME . 0.16 -78.60 2.08
C30 BCR ME . 1.52 -78.39 2.76
C35 BCR ME . 5.80 -63.95 6.71
C36 BCR ME . 6.73 -70.89 6.81
C37 BCR ME . 4.33 -75.12 5.64
C38 BCR ME . 3.07 -76.23 0.17
C39 BCR ME . 2.43 -79.55 2.38
C40 BCR ME . 1.31 -78.39 4.27
C1B LMU NE . 24.99 -68.48 5.69
C2B LMU NE . 25.80 -69.74 5.42
C3B LMU NE . 26.73 -70.09 6.53
C4B LMU NE . 27.45 -68.93 7.16
C5B LMU NE . 26.50 -67.77 7.54
C6B LMU NE . 26.98 -66.53 6.88
O1B LMU NE . 23.67 -68.62 5.31
O2B LMU NE . 24.89 -70.84 5.21
O3B LMU NE . 27.73 -71.02 6.02
O4' LMU NE . 28.10 -69.37 8.35
O5B LMU NE . 25.10 -68.04 7.13
O6B LMU NE . 25.97 -65.56 6.91
C1' LMU NE . 20.22 -67.14 7.34
C2' LMU NE . 21.06 -66.15 6.53
C3' LMU NE . 22.34 -66.66 5.93
C4' LMU NE . 22.68 -68.11 6.23
C5' LMU NE . 21.42 -68.96 6.01
C6' LMU NE . 21.75 -70.42 6.21
O1' LMU NE . 18.93 -66.66 7.34
O2' LMU NE . 20.25 -65.60 5.48
O3' LMU NE . 23.39 -65.77 6.39
O5' LMU NE . 20.27 -68.57 6.86
O6' LMU NE . 21.42 -71.14 5.07
C1 LMU NE . 17.89 -67.63 7.19
C2 LMU NE . 16.71 -67.03 6.35
C3 LMU NE . 16.97 -65.51 6.07
C4 LMU NE . 15.62 -64.75 5.98
C5 LMU NE . 14.85 -65.16 4.69
C6 LMU NE . 15.25 -64.21 3.54
C7 LMU NE . 14.19 -63.07 3.40
C8 LMU NE . 13.21 -63.42 2.27
C9 LMU NE . 12.37 -62.17 1.93
C10 LMU NE . 11.20 -62.54 0.99
C11 LMU NE . 11.75 -62.82 -0.43
C12 LMU NE . 10.61 -62.69 -1.45
C1 BCR OE . -14.49 -26.99 55.33
C2 BCR OE . -15.69 -27.39 56.17
C3 BCR OE . -15.29 -27.23 57.62
C4 BCR OE . -14.29 -28.31 57.99
C5 BCR OE . -13.20 -28.42 56.94
C6 BCR OE . -13.24 -27.71 55.80
C7 BCR OE . -12.03 -27.66 54.94
C8 BCR OE . -11.05 -26.77 55.10
C9 BCR OE . -9.88 -26.80 54.21
C10 BCR OE . -8.96 -25.84 54.29
C11 BCR OE . -9.08 -24.72 55.22
C33 BCR OE . -12.10 -29.40 57.22
C31 BCR OE . -14.32 -25.48 55.44
C32 BCR OE . -14.74 -27.39 53.88
C34 BCR OE . -9.69 -27.92 53.25
C12 BCR OE . -8.01 -23.95 55.38
C13 BCR OE . -8.00 -22.79 56.28
C14 BCR OE . -6.83 -22.30 56.69
C15 BCR OE . -6.76 -21.14 57.59
C16 BCR OE . -5.72 -20.32 57.57
C17 BCR OE . -5.72 -19.20 58.50
C18 BCR OE . -4.87 -18.17 58.43
C19 BCR OE . -5.00 -17.10 59.42
C20 BCR OE . -4.01 -16.26 59.72
C21 BCR OE . -4.29 -15.25 60.73
C22 BCR OE . -3.35 -14.51 61.33
C23 BCR OE . -3.76 -13.52 62.34
C24 BCR OE . -2.84 -12.81 62.99
C25 BCR OE . -3.14 -11.78 64.03
C26 BCR OE . -3.59 -12.14 65.24
C27 BCR OE . -4.40 -11.19 66.09
C28 BCR OE . -3.81 -9.80 65.98
C29 BCR OE . -3.75 -9.40 64.53
C30 BCR OE . -2.84 -10.33 63.74
C35 BCR OE . -9.30 -22.15 56.70
C36 BCR OE . -3.83 -18.11 57.34
C37 BCR OE . -1.90 -14.70 61.00
C38 BCR OE . -3.25 -13.47 65.83
C39 BCR OE . -1.40 -10.11 64.16
C40 BCR OE . -3.02 -10.03 62.25
MG CLA PE . -14.53 -36.17 70.47
CHA CLA PE . -15.07 -35.02 73.71
CHB CLA PE . -11.83 -34.13 70.17
CHC CLA PE . -13.93 -37.48 67.33
CHD CLA PE . -17.29 -38.34 70.82
NA CLA PE . -13.63 -34.79 71.75
C1A CLA PE . -13.99 -34.46 73.07
C2A CLA PE . -13.02 -33.40 73.62
C3A CLA PE . -12.11 -33.06 72.41
C4A CLA PE . -12.54 -34.08 71.36
CMA CLA PE . -12.33 -31.69 71.87
CAA CLA PE . -12.18 -33.93 74.78
CBA CLA PE . -10.68 -33.99 74.53
CGA CLA PE . -10.26 -35.35 74.08
O1A CLA PE . -10.15 -36.38 74.74
O2A CLA PE . -9.97 -35.40 72.74
NB CLA PE . -13.16 -35.84 69.01
C1B CLA PE . -12.11 -35.00 69.10
C2B CLA PE . -11.27 -35.09 67.87
C3B CLA PE . -11.86 -36.04 67.06
C4B CLA PE . -13.07 -36.53 67.78
CMB CLA PE . -10.07 -34.29 67.65
CAB CLA PE . -11.47 -36.54 65.77
CBB CLA PE . -11.40 -35.82 64.65
NC CLA PE . -15.46 -37.61 69.29
C1C CLA PE . -15.05 -37.98 68.04
C2C CLA PE . -15.93 -39.02 67.51
C3C CLA PE . -16.88 -39.29 68.50
C4C CLA PE . -16.58 -38.40 69.61
CMC CLA PE . -15.76 -39.64 66.19
CAC CLA PE . -17.97 -40.26 68.46
CBC CLA PE . -17.51 -41.62 68.94
ND CLA PE . -15.92 -36.61 71.87
C1D CLA PE . -17.00 -37.52 71.88
C2D CLA PE . -17.70 -37.42 73.18
C3D CLA PE . -17.00 -36.48 73.92
C4D CLA PE . -15.89 -36.01 73.07
CMD CLA PE . -18.88 -38.19 73.56
CAD CLA PE . -16.91 -35.78 75.19
OBD CLA PE . -17.61 -35.88 76.19
CBD CLA PE . -15.68 -34.82 75.09
CGD CLA PE . -16.10 -33.40 75.32
O1D CLA PE . -16.78 -32.68 74.58
O2D CLA PE . -15.64 -32.89 76.50
CED CLA PE . -16.62 -32.55 77.49
MG CLA QE . -12.96 -28.03 61.48
CHA CLA QE . -14.78 -30.36 63.28
CHB CLA QE . -10.22 -30.03 61.63
CHC CLA QE . -11.25 -25.74 59.55
CHD CLA QE . -15.85 -26.02 61.30
NA CLA QE . -12.58 -29.89 62.34
C1A CLA QE . -13.48 -30.72 63.03
C2A CLA QE . -12.77 -32.00 63.49
C3A CLA QE . -11.29 -31.76 63.10
C4A CLA QE . -11.35 -30.48 62.28
CMA CLA QE . -10.41 -31.60 64.32
CAA CLA QE . -13.26 -33.25 62.78
CBA CLA QE . -13.69 -33.02 61.34
CGA CLA QE . -12.57 -33.24 60.38
O1A CLA QE . -11.54 -33.90 60.55
O2A CLA QE . -12.75 -32.61 59.19
NB CLA QE . -11.08 -27.87 60.79
C1B CLA QE . -10.14 -28.85 60.86
C2B CLA QE . -8.96 -28.50 60.03
C3B CLA QE . -9.25 -27.28 59.44
C4B CLA QE . -10.59 -26.87 59.92
CMB CLA QE . -7.78 -29.34 59.90
CAB CLA QE . -8.47 -26.49 58.53
CBB CLA QE . -7.84 -25.37 58.86
NC CLA QE . -13.45 -26.19 60.62
C1C CLA QE . -12.60 -25.41 59.88
C2C CLA QE . -13.28 -24.21 59.44
C3C CLA QE . -14.58 -24.29 59.90
C4C CLA QE . -14.69 -25.55 60.64
CMC CLA QE . -12.65 -23.15 58.64
CAC CLA QE . -15.66 -23.32 59.68
CBC CLA QE . -16.66 -23.81 58.65
ND CLA QE . -14.89 -28.11 62.10
C1D CLA QE . -15.96 -27.20 61.98
C2D CLA QE . -17.14 -27.72 62.70
C3D CLA QE . -16.75 -28.94 63.22
C4D CLA QE . -15.34 -29.14 62.81
CMD CLA QE . -18.43 -27.03 62.79
CAD CLA QE . -17.14 -30.10 64.00
OBD CLA QE . -18.21 -30.36 64.51
CBD CLA QE . -15.88 -31.03 64.07
CGD CLA QE . -15.40 -31.30 65.47
O1D CLA QE . -15.21 -30.49 66.37
O2D CLA QE . -15.17 -32.63 65.71
CED CLA QE . -14.28 -32.99 66.75
MG CLA RE . -0.41 -30.86 64.28
CHA CLA RE . 0.81 -32.40 67.16
CHB CLA RE . 2.17 -28.65 64.35
CHC CLA RE . -1.65 -29.42 61.41
CHD CLA RE . -3.05 -33.21 64.21
NA CLA RE . 1.22 -30.58 65.57
C1A CLA RE . 1.57 -31.33 66.71
C2A CLA RE . 2.86 -30.78 67.34
C3A CLA RE . 3.21 -29.56 66.44
C4A CLA RE . 2.13 -29.58 65.36
CMA CLA RE . 3.22 -28.28 67.22
CAA CLA RE . 4.02 -31.76 67.33
CBA CLA RE . 4.64 -31.94 65.95
CGA CLA RE . 5.09 -33.36 65.76
O1A CLA RE . 5.65 -34.12 66.56
O2A CLA RE . 4.84 -33.83 64.50
NB CLA RE . 0.12 -29.28 63.15
C1B CLA RE . 1.25 -28.56 63.29
C2B CLA RE . 1.40 -27.62 62.14
C3B CLA RE . 0.33 -27.83 61.31
C4B CLA RE . -0.50 -28.89 61.94
CMB CLA RE . 2.51 -26.69 61.98
CAB CLA RE . -0.01 -27.22 60.05
CBB CLA RE . 0.19 -27.81 58.86
NC CLA RE . -2.05 -31.25 63.04
C1C CLA RE . -2.37 -30.53 61.93
C2C CLA RE . -3.58 -31.07 61.31
C3C CLA RE . -3.97 -32.16 62.09
C4C CLA RE . -3.01 -32.26 63.18
CMC CLA RE . -4.19 -30.54 60.09
CAC CLA RE . -5.14 -33.04 61.84
CBC CLA RE . -6.31 -32.79 62.75
ND CLA RE . -1.00 -32.47 65.34
C1D CLA RE . -2.13 -33.31 65.23
C2D CLA RE . -2.14 -34.28 66.34
C3D CLA RE . -1.03 -33.98 67.11
C4D CLA RE . -0.36 -32.84 66.45
CMD CLA RE . -3.14 -35.33 66.53
CAD CLA RE . -0.27 -34.33 68.29
OBD CLA RE . -0.45 -35.23 69.10
CBD CLA RE . 0.90 -33.30 68.37
CGD CLA RE . 0.87 -32.53 69.67
O1D CLA RE . 1.28 -32.89 70.77
O2D CLA RE . 0.29 -31.30 69.57
CED CLA RE . 0.80 -30.26 70.42
C1 BCR SE . -17.90 1.16 54.35
C2 BCR SE . -18.51 2.53 54.11
C3 BCR SE . -19.62 2.88 55.10
C4 BCR SE . -20.71 1.84 54.93
C5 BCR SE . -20.13 0.47 55.24
C6 BCR SE . -18.83 0.20 55.08
C7 BCR SE . -18.20 -1.04 55.63
C8 BCR SE . -18.14 -2.25 55.07
C9 BCR SE . -17.46 -3.35 55.77
C10 BCR SE . -17.95 -4.60 55.70
C11 BCR SE . -17.29 -5.73 56.37
C33 BCR SE . -21.13 -0.54 55.74
C31 BCR SE . -16.65 1.34 55.20
C32 BCR SE . -17.48 0.59 53.00
C34 BCR SE . -16.21 -3.07 56.55
C12 BCR SE . -17.96 -6.86 56.54
C13 BCR SE . -17.34 -8.04 57.20
C14 BCR SE . -18.14 -9.01 57.68
C15 BCR SE . -17.63 -10.21 58.32
C16 BCR SE . -18.51 -11.16 58.64
C17 BCR SE . -18.13 -12.42 59.25
C18 BCR SE . -18.98 -13.46 59.28
C19 BCR SE . -18.51 -14.71 59.93
C20 BCR SE . -18.93 -15.95 59.71
C21 BCR SE . -18.26 -16.94 60.54
C22 BCR SE . -18.70 -18.19 60.69
C23 BCR SE . -17.95 -19.10 61.57
C24 BCR SE . -17.32 -20.22 61.22
C25 BCR SE . -16.60 -21.06 62.23
C26 BCR SE . -17.22 -22.14 62.73
C27 BCR SE . -16.52 -23.02 63.75
C28 BCR SE . -15.07 -23.16 63.32
C29 BCR SE . -14.38 -21.82 63.28
C30 BCR SE . -15.19 -20.69 62.65
C35 BCR SE . -15.84 -8.15 57.29
C36 BCR SE . -20.35 -13.37 58.72
C37 BCR SE . -19.96 -18.64 60.03
C38 BCR SE . -18.60 -22.54 62.32
C39 BCR SE . -14.44 -20.21 61.40
C40 BCR SE . -15.21 -19.56 63.67
MG CLA TE . -12.21 50.40 -6.16
CHA CLA TE . -11.05 48.89 -9.06
CHB CLA TE . -10.76 47.97 -4.30
CHC CLA TE . -13.43 51.93 -3.34
CHD CLA TE . -13.64 52.96 -8.13
NA CLA TE . -11.09 48.71 -6.63
C1A CLA TE . -10.69 48.24 -7.90
C2A CLA TE . -9.86 46.96 -7.77
C3A CLA TE . -9.80 46.71 -6.25
C4A CLA TE . -10.60 47.86 -5.66
CMA CLA TE . -10.35 45.36 -5.84
CAA CLA TE . -8.41 47.10 -8.25
CBA CLA TE . -7.77 48.38 -7.78
CGA CLA TE . -6.27 48.29 -7.88
O1A CLA TE . -5.58 47.33 -8.19
O2A CLA TE . -5.66 49.47 -7.54
NB CLA TE . -12.13 50.01 -4.19
C1B CLA TE . -11.47 48.97 -3.63
C2B CLA TE . -11.61 49.02 -2.15
C3B CLA TE . -12.36 50.14 -1.86
C4B CLA TE . -12.70 50.79 -3.17
CMB CLA TE . -11.00 48.03 -1.27
CAB CLA TE . -12.79 50.65 -0.60
CBB CLA TE . -12.47 51.83 -0.09
NC CLA TE . -13.30 52.14 -5.81
C1C CLA TE . -13.69 52.58 -4.58
C2C CLA TE . -14.46 53.82 -4.70
C3C CLA TE . -14.51 54.11 -6.06
C4C CLA TE . -13.79 53.06 -6.74
CMC CLA TE . -15.02 54.56 -3.58
CAC CLA TE . -15.18 55.25 -6.71
CBC CLA TE . -16.55 54.90 -7.26
ND CLA TE . -12.33 50.90 -8.11
C1D CLA TE . -12.98 51.96 -8.77
C2D CLA TE . -12.81 51.80 -10.23
C3D CLA TE . -12.10 50.62 -10.38
C4D CLA TE . -11.81 50.10 -9.03
CMD CLA TE . -13.34 52.70 -11.24
CAD CLA TE . -11.51 49.73 -11.32
OBD CLA TE . -11.53 49.79 -12.53
CBD CLA TE . -10.85 48.58 -10.52
CGD CLA TE . -11.46 47.27 -10.88
O1D CLA TE . -12.63 47.02 -11.19
O2D CLA TE . -10.58 46.24 -10.86
C1 CLA TE . -4.69 50.02 -8.46
C2 CLA TE . -4.41 51.42 -8.05
C3 CLA TE . -3.82 52.34 -8.84
C4 CLA TE . -3.39 52.03 -10.23
C5 CLA TE . -3.58 53.73 -8.36
C6 CLA TE . -2.11 54.13 -8.37
C7 CLA TE . -1.36 53.51 -7.20
C8 CLA TE . -0.64 54.55 -6.35
C9 CLA TE . -1.63 55.50 -5.70
C10 CLA TE . 0.40 55.33 -7.15
MG CLA UE . -16.70 52.43 5.68
CHA CLA UE . -19.35 51.59 3.63
CHB CLA UE . -18.57 51.69 8.42
CHC CLA UE . -14.02 53.21 7.66
CHD CLA UE . -14.77 53.15 2.80
NA CLA UE . -18.64 51.72 5.95
C1A CLA UE . -19.59 51.42 4.97
C2A CLA UE . -20.89 50.92 5.60
C3A CLA UE . -20.64 51.08 7.11
C4A CLA UE . -19.17 51.50 7.19
CMA CLA UE . -21.54 52.15 7.66
CAA CLA UE . -21.19 49.45 5.31
CBA CLA UE . -19.94 48.58 5.28
CGA CLA UE . -19.71 47.93 6.60
O1A CLA UE . -20.43 47.12 7.20
O2A CLA UE . -18.54 48.33 7.19
NB CLA UE . -16.36 52.43 7.67
C1B CLA UE . -17.25 52.11 8.63
C2B CLA UE . -16.64 52.32 9.97
C3B CLA UE . -15.36 52.75 9.75
C4B CLA UE . -15.15 52.82 8.28
CMB CLA UE . -17.35 52.08 11.23
CAB CLA UE . -14.32 53.08 10.69
CBB CLA UE . -13.67 52.17 11.42
NC CLA UE . -14.75 53.08 5.30
C1C CLA UE . -13.83 53.35 6.26
C2C CLA UE . -12.58 53.77 5.63
C3C CLA UE . -12.79 53.75 4.27
C4C CLA UE . -14.15 53.30 4.06
CMC CLA UE . -11.38 54.15 6.36
CAC CLA UE . -11.82 54.09 3.22
CBC CLA UE . -10.89 52.93 2.89
ND CLA UE . -16.93 52.38 3.68
C1D CLA UE . -16.06 52.72 2.62
C2D CLA UE . -16.77 52.55 1.34
C3D CLA UE . -18.06 52.16 1.67
C4D CLA UE . -18.09 52.05 3.14
CMD CLA UE . -16.16 52.81 0.04
CAD CLA UE . -19.35 51.73 1.18
OBD CLA UE . -19.75 51.57 0.04
CBD CLA UE . -20.25 51.46 2.42
CGD CLA UE . -21.30 52.52 2.50
O1D CLA UE . -22.43 52.53 2.00
O2D CLA UE . -20.92 53.61 3.20
CED CLA UE . -21.79 54.07 4.24
C1 CLA UE . -18.46 48.14 8.62
C2 CLA UE . -17.05 48.44 8.96
C3 CLA UE . -16.58 48.52 10.21
C4 CLA UE . -17.43 48.30 11.40
C5 CLA UE . -15.15 48.81 10.44
C6 CLA UE . -14.45 47.56 10.92
C7 CLA UE . -12.97 47.54 10.56
C8 CLA UE . -12.42 46.12 10.54
C9 CLA UE . -12.73 45.39 11.83
C10 CLA UE . -10.91 46.11 10.31
C11 CLA UE . -10.52 46.84 9.05
C12 CLA UE . -9.04 47.08 9.01
C13 CLA UE . -8.62 47.80 7.73
C14 CLA UE . -9.01 46.99 6.51
C15 CLA UE . -7.11 48.08 7.71
C16 CLA UE . -6.72 49.06 8.80
MG CLA VE . -11.94 52.64 16.17
CHA CLA VE . -14.95 51.72 17.66
CHB CLA VE . -12.27 50.16 13.89
CHC CLA VE . -8.86 53.49 14.86
CHD CLA VE . -11.53 55.13 18.65
NA CLA VE . -13.43 51.22 15.81
C1A CLA VE . -14.62 50.99 16.53
C2A CLA VE . -15.38 49.81 15.90
C3A CLA VE . -14.52 49.42 14.67
C4A CLA VE . -13.32 50.34 14.78
CMA CLA VE . -14.09 47.97 14.71
CAA CLA VE . -16.77 50.15 15.40
CBA CLA VE . -17.63 48.90 15.44
CGA CLA VE . -17.93 48.52 16.86
O1A CLA VE . -18.85 48.92 17.56
O2A CLA VE . -17.06 47.61 17.41
NB CLA VE . -10.83 52.03 14.60
C1B CLA VE . -11.08 50.90 13.88
C2B CLA VE . -9.88 50.54 13.08
C3B CLA VE . -8.91 51.47 13.35
C4B CLA VE . -9.51 52.43 14.32
CMB CLA VE . -9.81 49.36 12.21
CAB CLA VE . -7.56 51.57 12.87
CBB CLA VE . -7.08 52.50 12.05
NC CLA VE . -10.51 54.08 16.64
C1C CLA VE . -9.34 54.27 15.95
C2C CLA VE . -8.58 55.37 16.52
C3C CLA VE . -9.31 55.81 17.61
C4C CLA VE . -10.53 55.01 17.68
CMC CLA VE . -7.28 55.82 16.02
CAC CLA VE . -8.98 56.93 18.49
CBC CLA VE . -9.50 58.21 17.87
ND CLA VE . -12.96 53.33 17.78
C1D CLA VE . -12.66 54.34 18.73
C2D CLA VE . -13.74 54.37 19.74
C3D CLA VE . -14.64 53.40 19.38
C4D CLA VE . -14.11 52.77 18.16
CMD CLA VE . -13.78 55.27 20.89
CAD CLA VE . -15.88 52.74 19.72
OBD CLA VE . -16.62 52.95 20.65
CBD CLA VE . -16.11 51.64 18.64
CGD CLA VE . -16.20 50.29 19.30
O1D CLA VE . -17.19 49.77 19.84
O2D CLA VE . -15.03 49.62 19.29
C1 CLA VE . -16.81 46.40 16.68
C2 CLA VE . -16.54 45.30 17.65
C3 CLA VE . -15.50 44.45 17.51
C4 CLA VE . -15.26 43.35 18.48
C5 CLA VE . -14.54 44.57 16.37
C6 CLA VE . -13.09 44.31 16.73
C7 CLA VE . -12.38 43.59 15.61
C8 CLA VE . -11.83 42.24 16.06
C9 CLA VE . -10.35 42.15 15.76
C10 CLA VE . -12.58 41.09 15.40
MG CLA WE . -3.09 69.69 18.18
CHA CLA WE . -0.13 70.47 19.82
CHB CLA WE . -3.65 67.18 20.41
CHC CLA WE . -6.10 69.04 16.64
CHD CLA WE . -2.50 72.33 15.92
NA CLA WE . -2.03 68.95 19.83
C1A CLA WE . -0.83 69.42 20.37
C2A CLA WE . -0.44 68.59 21.60
C3A CLA WE . -1.51 67.48 21.66
C4A CLA WE . -2.49 67.89 20.56
CMA CLA WE . -0.91 66.13 21.39
CAA CLA WE . -0.44 69.37 22.91
CBA CLA WE . -1.80 69.94 23.28
CGA CLA WE . -1.65 71.33 23.81
O1A CLA WE . -0.77 71.78 24.55
O2A CLA WE . -2.65 72.16 23.40
NB CLA WE . -4.59 68.37 18.46
C1B CLA WE . -4.63 67.43 19.44
C2B CLA WE . -5.90 66.65 19.35
C3B CLA WE . -6.60 67.16 18.29
C4B CLA WE . -5.77 68.26 17.70
CMB CLA WE . -6.19 65.57 20.29
CAB CLA WE . -7.88 66.77 17.75
CBB CLA WE . -8.21 65.52 17.40
NC CLA WE . -4.10 70.52 16.56
C1C CLA WE . -5.32 70.10 16.12
C2C CLA WE . -5.73 70.91 14.97
C3C CLA WE . -4.73 71.85 14.76
C4C CLA WE . -3.70 71.60 15.77
CMC CLA WE . -6.99 70.72 14.24
CAC CLA WE . -4.71 72.88 13.71
CBC CLA WE . -5.36 74.17 14.14
ND CLA WE . -1.66 71.06 17.85
C1D CLA WE . -1.54 72.10 16.87
C2D CLA WE . -0.26 72.81 17.09
C3D CLA WE . 0.33 72.22 18.20
C4D CLA WE . -0.60 71.15 18.64
CMD CLA WE . 0.24 73.90 16.27
CAD CLA WE . 1.48 72.22 19.08
OBD CLA WE . 2.48 72.92 19.05
CBD CLA WE . 1.19 71.13 20.18
CGD CLA WE . 2.33 70.18 20.43
O1D CLA WE . 2.49 69.42 21.39
O2D CLA WE . 3.34 70.18 19.52
CED CLA WE . 4.65 70.05 20.06
C1 CLA WE . -3.80 72.28 24.27
C2 CLA WE . -4.36 73.64 24.03
C3 CLA WE . -5.68 73.89 23.96
C4 CLA WE . -6.71 72.84 24.12
MG CLA XE . -5.64 66.85 25.17
CHA CLA XE . -6.45 69.83 26.75
CHB CLA XE . -8.92 66.31 24.53
CHC CLA XE . -4.77 63.93 23.60
CHD CLA XE . -2.23 67.46 25.89
NA CLA XE . -7.38 67.91 25.58
C1A CLA XE . -7.52 69.14 26.26
C2A CLA XE . -8.97 69.57 26.35
C3A CLA XE . -9.74 68.41 25.67
C4A CLA XE . -8.62 67.46 25.21
CMA CLA XE . -10.69 67.74 26.61
NB CLA XE . -6.66 65.37 24.29
C1B CLA XE . -8.00 65.36 24.07
C2B CLA XE . -8.36 64.18 23.23
C3B CLA XE . -7.20 63.50 22.97
C4B CLA XE . -6.10 64.26 23.63
CMB CLA XE . -9.73 63.90 22.83
CAB CLA XE . -6.96 62.31 22.20
CBB CLA XE . -7.21 62.17 20.89
NC CLA XE . -3.83 65.88 24.82
C1C CLA XE . -3.70 64.68 24.16
C2C CLA XE . -2.31 64.28 24.11
C3C CLA XE . -1.58 65.28 24.76
C4C CLA XE . -2.55 66.28 25.20
CMC CLA XE . -1.81 63.05 23.48
CAC CLA XE . -0.13 65.33 24.97
CBC CLA XE . 0.29 64.77 26.30
ND CLA XE . -4.52 68.31 26.03
C1D CLA XE . -3.13 68.42 26.28
C2D CLA XE . -2.88 69.70 27.00
C3D CLA XE . -4.12 70.28 27.19
C4D CLA XE . -5.10 69.37 26.60
CMD CLA XE . -1.57 70.18 27.40
CAD CLA XE . -4.84 71.43 27.71
OBD CLA XE . -4.41 72.45 28.22
CBD CLA XE . -6.36 71.14 27.50
CGD CLA XE . -7.09 71.04 28.82
O2D CLA XE . -6.45 70.27 29.74
CED CLA XE . -6.14 70.85 31.02
MG CLA YE . -0.76 58.29 22.89
CHA CLA YE . 2.49 57.11 23.18
CHB CLA YE . -1.00 56.87 19.81
CHC CLA YE . -4.07 59.23 22.76
CHD CLA YE . -0.46 59.81 26.07
NA CLA YE . 0.56 57.19 21.70
C1A CLA YE . 1.87 56.77 22.00
C2A CLA YE . 2.47 55.97 20.84
C3A CLA YE . 1.40 56.11 19.72
C4A CLA YE . 0.21 56.76 20.45
CMA CLA YE . 1.89 56.94 18.58
CAA CLA YE . 2.63 54.50 21.18
NB CLA YE . -2.24 58.11 21.53
C1B CLA YE . -2.16 57.46 20.35
C2B CLA YE . -3.48 57.46 19.67
C3B CLA YE . -4.36 58.12 20.51
C4B CLA YE . -3.58 58.55 21.70
CMB CLA YE . -3.72 56.83 18.38
CAB CLA YE . -5.76 58.41 20.35
CBB CLA YE . -6.28 59.14 19.37
NC CLA YE . -2.01 59.35 24.18
C1C CLA YE . -3.33 59.61 23.93
C2C CLA YE . -3.92 60.33 25.05
C3C CLA YE . -2.90 60.52 25.98
C4C CLA YE . -1.70 59.90 25.43
CMC CLA YE . -5.32 60.74 25.13
CAC CLA YE . -3.01 61.18 27.30
CBC CLA YE . -2.78 62.67 27.22
ND CLA YE . 0.65 58.48 24.32
C1D CLA YE . 0.65 59.15 25.57
C2D CLA YE . 1.99 58.99 26.20
C3D CLA YE . 2.72 58.19 25.34
C4D CLA YE . 1.85 57.91 24.18
CMD CLA YE . 2.37 59.55 27.49
CAD CLA YE . 4.01 57.57 25.08
OBD CLA YE . 5.02 57.56 25.76
CBD CLA YE . 3.89 56.84 23.71
CGD CLA YE . 4.95 57.27 22.73
O1D CLA YE . 4.80 58.02 21.77
O2D CLA YE . 6.18 56.75 22.98
MG CLA ZE . -21.21 67.17 21.17
CHA CLA ZE . -19.49 66.23 18.29
CHB CLA ZE . -18.43 68.75 22.32
CHC CLA ZE . -23.01 68.21 23.91
CHD CLA ZE . -24.07 65.49 19.94
NA CLA ZE . -19.27 67.43 20.41
C1A CLA ZE . -18.75 66.97 19.18
C2A CLA ZE . -17.29 67.39 19.03
C3A CLA ZE . -16.95 68.02 20.40
C4A CLA ZE . -18.30 68.09 21.11
CMA CLA ZE . -15.94 67.19 21.14
CAA CLA ZE . -17.09 68.42 17.94
CBA CLA ZE . -18.19 69.47 17.91
CGA CLA ZE . -18.10 70.27 16.65
O1A CLA ZE . -17.23 70.24 15.79
O2A CLA ZE . -19.15 71.13 16.48
NB CLA ZE . -20.77 68.20 22.84
C1B CLA ZE . -19.61 68.87 23.06
C2B CLA ZE . -19.76 69.79 24.23
C3B CLA ZE . -21.06 69.64 24.69
C4B CLA ZE . -21.71 68.63 23.81
CMB CLA ZE . -18.68 70.65 24.72
CAB CLA ZE . -21.73 70.28 25.78
CBB CLA ZE . -21.39 70.17 27.06
NC CLA ZE . -23.17 66.87 21.81
C1C CLA ZE . -23.70 67.39 22.97
C2C CLA ZE . -25.09 66.97 23.09
C3C CLA ZE . -25.40 66.22 21.97
C4C CLA ZE . -24.19 66.16 21.16
CMC CLA ZE . -25.98 67.34 24.20
CAC CLA ZE . -26.69 65.59 21.63
CBC CLA ZE . -27.53 66.41 20.69
ND CLA ZE . -21.75 66.15 19.52
C1D CLA ZE . -22.94 65.47 19.16
C2D CLA ZE . -22.75 64.79 17.87
C3D CLA ZE . -21.45 65.06 17.48
C4D CLA ZE . -20.86 65.90 18.55
CMD CLA ZE . -23.77 63.99 17.17
CAD CLA ZE . -20.44 64.85 16.48
OBD CLA ZE . -20.54 64.23 15.44
CBD CLA ZE . -19.14 65.56 16.98
CGD CLA ZE . -17.99 64.61 17.16
O1D CLA ZE . -18.02 63.46 17.58
O2D CLA ZE . -16.78 65.15 16.81
MG CLA AF . -15.83 58.04 22.90
CHA CLA AF . -17.73 56.47 20.46
CHB CLA AF . -17.98 56.91 25.29
CHC CLA AF . -13.74 59.31 25.32
CHD CLA AF . -13.57 59.09 20.40
NA CLA AF . -17.59 56.91 22.86
C1A CLA AF . -18.22 56.33 21.74
C2A CLA AF . -19.48 55.58 22.17
C3A CLA AF . -19.63 55.94 23.67
C4A CLA AF . -18.30 56.63 23.98
CMA CLA AF . -20.80 56.86 23.93
CAA CLA AF . -19.31 54.08 22.08
NB CLA AF . -15.79 57.99 24.91
C1B CLA AF . -16.81 57.57 25.70
C2B CLA AF . -16.54 57.94 27.12
C3B CLA AF . -15.34 58.61 27.14
C4B CLA AF . -14.85 58.67 25.74
CMB CLA AF . -17.46 57.63 28.21
CAB CLA AF . -14.64 59.23 28.24
NC CLA AF . -14.03 59.11 22.85
C1C CLA AF . -13.37 59.55 23.96
C2C CLA AF . -12.14 60.23 23.56
C3C CLA AF . -12.08 60.15 22.17
C4C CLA AF . -13.26 59.43 21.73
CMC CLA AF . -11.21 60.85 24.50
CAC CLA AF . -11.03 60.69 21.28
CBC CLA AF . -9.85 59.75 21.20
ND CLA AF . -15.77 58.09 20.87
C1D CLA AF . -14.72 58.47 19.98
C2D CLA AF . -15.08 58.04 18.61
C3D CLA AF . -16.25 57.32 18.73
C4D CLA AF . -16.60 57.33 20.17
CMD CLA AF . -14.30 58.32 17.41
CAD CLA AF . -17.29 56.58 18.03
OBD CLA AF . -17.49 56.47 16.83
CBD CLA AF . -18.16 55.90 19.13
CGD CLA AF . -19.62 56.10 18.85
O1D CLA AF . -20.42 56.84 19.45
O2D CLA AF . -20.10 55.34 17.82
CED CLA AF . -20.66 54.06 18.14
MG CLA BF . -19.46 68.62 9.86
CHA CLA BF . -22.73 69.39 10.76
CHB CLA BF . -20.26 69.18 6.61
CHC CLA BF . -16.17 68.07 9.03
CHD CLA BF . -18.67 68.22 13.27
NA CLA BF . -21.22 69.15 8.87
C1A CLA BF . -22.47 69.46 9.43
C2A CLA BF . -23.48 69.82 8.35
C3A CLA BF . -22.71 69.53 7.05
C4A CLA BF . -21.30 69.28 7.52
CMA CLA BF . -23.27 68.27 6.45
NB CLA BF . -18.40 68.74 8.17
C1B CLA BF . -18.93 68.88 6.93
C2B CLA BF . -17.90 68.60 5.89
C3B CLA BF . -16.75 68.28 6.56
C4B CLA BF . -17.04 68.34 8.02
CMB CLA BF . -18.23 68.65 4.47
CAB CLA BF . -15.47 67.88 6.05
CBB CLA BF . -14.58 68.68 5.46
NC CLA BF . -17.75 68.17 10.95
C1C CLA BF . -16.51 67.96 10.41
C2C CLA BF . -15.54 67.68 11.47
C3C CLA BF . -16.25 67.76 12.69
C4C CLA BF . -17.63 68.07 12.34
CMC CLA BF . -14.12 67.41 11.27
CAC CLA BF . -15.71 67.57 14.04
ND CLA BF . -20.46 68.54 11.62
C1D CLA BF . -19.99 68.45 12.95
C2D CLA BF . -21.15 68.58 13.86
C3D CLA BF . -22.23 68.88 13.06
C4D CLA BF . -21.74 68.93 11.69
CMD CLA BF . -21.07 68.41 15.31
CAD CLA BF . -23.65 69.12 12.99
OBD CLA BF . -24.51 68.92 13.84
CBD CLA BF . -23.97 69.65 11.57
CGD CLA BF . -25.20 69.00 11.00
O1D CLA BF . -25.26 67.98 10.32
O2D CLA BF . -26.37 69.67 11.26
CED CLA BF . -27.59 69.03 10.88
MG CLA CF . -13.37 62.82 -6.44
CHA CLA CF . -15.71 64.75 -4.71
CHB CLA CF . -14.96 63.51 -9.35
CHC CLA CF . -10.98 61.03 -8.09
CHD CLA CF . -11.64 62.28 -3.40
NA CLA CF . -15.09 63.91 -6.92
C1A CLA CF . -15.94 64.64 -6.06
C2A CLA CF . -17.06 65.29 -6.88
C3A CLA CF . -16.89 64.70 -8.30
C4A CLA CF . -15.56 63.98 -8.20
CMA CLA CF . -18.02 63.77 -8.68
CAA CLA CF . -16.94 66.82 -6.93
CBA CLA CF . -15.53 67.27 -7.25
CGA CLA CF . -15.32 68.73 -6.98
O1A CLA CF . -16.04 69.69 -7.27
O2A CLA CF . -14.15 68.96 -6.33
NB CLA CF . -13.07 62.28 -8.34
C1B CLA CF . -13.74 62.82 -9.40
C2B CLA CF . -13.00 62.57 -10.65
C3B CLA CF . -11.86 61.87 -10.32
C4B CLA CF . -11.91 61.67 -8.85
CMB CLA CF . -13.47 63.03 -11.96
CAB CLA CF . -10.82 61.37 -11.18
CBB CLA CF . -9.52 61.65 -11.12
NC CLA CF . -11.67 61.78 -5.83
C1C CLA CF . -10.87 61.07 -6.67
C2C CLA CF . -9.81 60.42 -5.93
C3C CLA CF . -9.94 60.83 -4.60
C4C CLA CF . -11.13 61.67 -4.55
CMC CLA CF . -8.77 59.56 -6.51
CAC CLA CF . -9.11 60.41 -3.46
CBC CLA CF . -8.04 61.43 -3.16
ND CLA CF . -13.59 63.32 -4.49
C1D CLA CF . -12.77 63.07 -3.36
C2D CLA CF . -13.35 63.75 -2.19
C3D CLA CF . -14.49 64.37 -2.64
C4D CLA CF . -14.60 64.09 -4.09
CMD CLA CF . -12.76 63.73 -0.85
CAD CLA CF . -15.62 65.20 -2.27
OBD CLA CF . -15.94 65.63 -1.17
CBD CLA CF . -16.42 65.49 -3.58
CGD CLA CF . -17.89 65.19 -3.38
O1D CLA CF . -18.41 64.59 -2.45
O2D CLA CF . -18.73 65.67 -4.33
CED CLA CF . -19.86 64.88 -4.66
C1 CLA CF . -13.10 69.63 -7.07
C2 CLA CF . -13.01 71.00 -6.52
C3 CLA CF . -11.94 71.45 -5.84
C4 CLA CF . -11.90 72.83 -5.30
C5 CLA CF . -10.76 70.59 -5.56
C6 CLA CF . -10.71 70.06 -4.15
C7 CLA CF . -9.60 70.67 -3.33
C8 CLA CF . -9.94 70.90 -1.86
C9 CLA CF . -11.37 71.39 -1.67
C10 CLA CF . -8.98 71.91 -1.22
C11 CLA CF . -8.93 73.20 -2.01
C12 CLA CF . -9.23 74.42 -1.16
C13 CLA CF . -9.51 75.64 -2.03
C14 CLA CF . -9.50 76.90 -1.18
C15 CLA CF . -10.82 75.49 -2.78
C16 CLA CF . -11.15 76.70 -3.63
C17 CLA CF . -12.38 76.48 -4.47
C18 CLA CF . -13.67 76.59 -3.67
C19 CLA CF . -14.52 77.74 -4.18
C20 CLA CF . -14.45 75.29 -3.74
MG CLA DF . -11.32 68.31 0.91
CHA CLA DF . -14.30 69.31 -0.60
CHB CLA DF . -12.06 70.23 3.61
CHC CLA DF . -8.18 67.68 2.16
CHD CLA DF . -10.44 66.63 -2.05
NA CLA DF . -12.98 69.48 1.44
C1A CLA DF . -14.12 69.77 0.69
C2A CLA DF . -15.07 70.70 1.48
C3A CLA DF . -14.38 70.80 2.87
C4A CLA DF . -13.05 70.11 2.65
CMA CLA DF . -14.18 72.24 3.29
CAA CLA DF . -16.48 70.20 1.67
CBA CLA DF . -17.47 71.34 1.83
CGA CLA DF . -17.53 72.17 0.57
O1A CLA DF . -18.25 72.01 -0.41
O2A CLA DF . -16.67 73.23 0.58
NB CLA DF . -10.36 68.74 2.63
C1B CLA DF . -10.77 69.67 3.52
C2B CLA DF . -9.64 70.10 4.39
C3B CLA DF . -8.54 69.38 3.98
C4B CLA DF . -8.99 68.51 2.86
CMB CLA DF . -9.79 71.13 5.42
CAB CLA DF . -7.17 69.38 4.43
CBB CLA DF . -6.75 69.29 5.68
NC CLA DF . -9.68 67.21 0.25
C1C CLA DF . -8.53 67.03 0.94
C2C CLA DF . -7.61 66.20 0.18
C3C CLA DF . -8.20 65.97 -1.05
C4C CLA DF . -9.51 66.61 -1.00
CMC CLA DF . -6.28 65.77 0.65
CAC CLA DF . -7.66 65.18 -2.17
CBC CLA DF . -6.80 66.05 -3.07
ND CLA DF . -12.18 67.88 -0.86
C1D CLA DF . -11.66 67.23 -2.01
C2D CLA DF . -12.65 67.33 -3.11
C3D CLA DF . -13.69 68.09 -2.61
C4D CLA DF . -13.33 68.44 -1.22
CMD CLA DF . -12.45 66.75 -4.43
CAD CLA DF . -14.97 68.70 -2.89
OBD CLA DF . -15.67 68.64 -3.90
CBD CLA DF . -15.36 69.54 -1.66
CGD CLA DF . -15.48 70.99 -2.03
O1D CLA DF . -14.68 71.90 -1.80
O2D CLA DF . -16.61 71.28 -2.72
CED CLA DF . -16.50 71.90 -4.00
MG CLA EF . 1.97 55.96 2.59
CHA CLA EF . 5.42 55.76 2.35
CHB CLA EF . 1.97 58.76 0.68
CHC CLA EF . -1.48 55.94 2.64
CHD CLA EF . 1.99 52.95 4.45
NA CLA EF . 3.48 57.09 1.71
C1A CLA EF . 4.86 56.84 1.71
C2A CLA EF . 5.60 57.90 0.88
C3A CLA EF . 4.47 58.86 0.42
C4A CLA EF . 3.21 58.21 0.98
CMA CLA EF . 4.72 60.28 0.83
CAA CLA EF . 6.26 57.33 -0.37
CBA CLA EF . 5.31 56.80 -1.43
CGA CLA EF . 4.91 55.37 -1.16
O1A CLA EF . 5.58 54.45 -0.71
O2A CLA EF . 3.60 55.12 -1.44
NB CLA EF . 0.53 57.13 1.84
C1B CLA EF . 0.73 58.25 1.09
C2B CLA EF . -0.57 58.84 0.70
C3B CLA EF . -1.55 58.05 1.25
C4B CLA EF . -0.86 56.95 1.98
CMB CLA EF . -0.68 60.04 -0.13
CAB CLA EF . -2.98 58.15 1.18
CBB CLA EF . -3.70 59.16 1.65
NC CLA EF . 0.53 54.71 3.44
C1C CLA EF . -0.82 54.89 3.33
C2C CLA EF . -1.52 53.80 4.01
C3C CLA EF . -0.54 52.94 4.52
C4C CLA EF . 0.74 53.52 4.15
CMC CLA EF . -2.97 53.65 4.10
CAC CLA EF . -0.75 51.70 5.26
CBC CLA EF . -0.91 50.50 4.35
ND CLA EF . 3.33 54.70 3.37
C1D CLA EF . 3.20 53.48 4.09
C2D CLA EF . 4.54 52.93 4.35
C3D CLA EF . 5.43 53.75 3.70
C4D CLA EF . 4.63 54.83 3.08
CMD CLA EF . 4.82 51.72 5.11
CAD CLA EF . 6.83 54.00 3.41
OBD CLA EF . 7.82 53.39 3.80
CBD CLA EF . 6.85 55.24 2.47
CGD CLA EF . 7.83 56.29 2.89
O1D CLA EF . 7.62 57.45 3.23
O2D CLA EF . 9.13 55.84 2.86
CED CLA EF . 10.15 56.79 2.55
C1 CLA EF . 2.90 54.42 -0.40
C2 CLA EF . 1.68 53.83 -1.03
C3 CLA EF . 0.91 52.91 -0.45
C4 CLA EF . 1.22 52.40 0.89
C5 CLA EF . -0.29 52.36 -1.13
C6 CLA EF . -1.50 52.27 -0.21
C7 CLA EF . -2.21 53.61 -0.10
C8 CLA EF . -3.17 53.85 -1.26
C9 CLA EF . -2.70 55.02 -2.10
C10 CLA EF . -4.59 54.12 -0.77
C11 CLA EF . -5.08 53.08 0.21
C12 CLA EF . -6.58 53.14 0.40
C13 CLA EF . -7.24 51.89 -0.17
C14 CLA EF . -8.74 52.07 -0.29
C15 CLA EF . -6.88 50.66 0.66
C16 CLA EF . -7.57 50.64 1.99
C17 CLA EF . -7.17 49.42 2.81
C18 CLA EF . -7.59 48.11 2.15
C19 CLA EF . -7.02 46.93 2.91
C20 CLA EF . -9.10 48.00 2.07
MG CLA FF . 4.63 59.66 -6.02
CHA CLA FF . 4.32 56.20 -6.06
CHB CLA FF . 6.80 59.46 -8.63
CHC CLA FF . 4.68 63.07 -6.14
CHD CLA FF . 2.28 59.79 -3.39
NA CLA FF . 5.45 58.07 -7.10
C1A CLA FF . 5.20 56.71 -6.98
C2A CLA FF . 6.01 55.91 -8.00
C3A CLA FF . 7.00 56.95 -8.55
C4A CLA FF . 6.39 58.27 -8.08
CAA CLA FF . 5.10 55.50 -9.13
NB CLA FF . 5.65 61.02 -7.10
C1B CLA FF . 6.31 60.73 -8.25
C2B CLA FF . 6.49 61.95 -9.06
C3B CLA FF . 5.90 62.98 -8.36
C4B CLA FF . 5.36 62.39 -7.10
CMB CLA FF . 7.18 61.96 -10.35
CAB CLA FF . 5.78 64.37 -8.69
NC CLA FF . 3.72 61.15 -4.90
C1C CLA FF . 3.92 62.48 -5.09
C2C CLA FF . 3.16 63.26 -4.11
C3C CLA FF . 2.42 62.32 -3.37
C4C CLA FF . 2.79 61.01 -3.87
CMC CLA FF . 3.16 64.71 -4.01
CAC CLA FF . 1.49 62.60 -2.27
ND CLA FF . 3.55 58.36 -4.92
C1D CLA FF . 2.61 58.55 -3.88
C2D CLA FF . 2.10 57.24 -3.44
C3D CLA FF . 2.72 56.30 -4.24
C4D CLA FF . 3.62 57.05 -5.15
CMD CLA FF . 1.10 57.07 -2.40
CAD CLA FF . 2.88 54.89 -4.57
OBD CLA FF . 2.34 53.90 -4.10
CBD CLA FF . 3.88 54.79 -5.75
CGD CLA FF . 5.05 53.93 -5.40
O1D CLA FF . 6.24 54.26 -5.28
O2D CLA FF . 4.74 52.62 -5.20
MG CLA GF . 3.84 43.83 3.34
CHA CLA GF . 3.31 46.33 5.71
CHB CLA GF . 4.65 41.66 5.82
CHC CLA GF . 4.19 41.37 0.98
CHD CLA GF . 2.92 46.10 0.80
NA CLA GF . 3.99 44.01 5.42
C1A CLA GF . 3.72 45.13 6.23
C2A CLA GF . 3.97 44.81 7.70
C3A CLA GF . 4.57 43.38 7.67
C4A CLA GF . 4.40 42.97 6.21
CMA CLA GF . 6.01 43.37 8.12
CAA CLA GF . 2.71 44.79 8.55
CBA CLA GF . 1.50 44.24 7.83
CGA CLA GF . 0.31 45.06 8.17
O1A CLA GF . 0.11 46.25 7.93
O2A CLA GF . -0.66 44.36 8.84
NB CLA GF . 4.47 41.92 3.37
C1B CLA GF . 4.53 41.18 4.51
C2B CLA GF . 4.44 39.74 4.18
C3B CLA GF . 4.31 39.64 2.82
C4B CLA GF . 4.33 41.03 2.28
CMB CLA GF . 4.45 38.70 5.20
CAB CLA GF . 4.17 38.48 1.98
NC CLA GF . 3.65 43.77 1.27
C1C CLA GF . 3.88 42.66 0.49
C2C CLA GF . 3.69 42.98 -0.91
C3C CLA GF . 3.28 44.31 -0.97
C4C CLA GF . 3.26 44.79 0.41
CMC CLA GF . 3.85 42.03 -2.02
CAC CLA GF . 2.96 45.11 -2.17
ND CLA GF . 3.19 45.73 3.22
C1D CLA GF . 2.88 46.54 2.10
C2D CLA GF . 2.52 47.88 2.58
C3D CLA GF . 2.65 47.86 3.95
C4D CLA GF . 3.08 46.50 4.30
CMD CLA GF . 2.11 48.96 1.70
CAD CLA GF . 2.53 48.62 5.18
OBD CLA GF . 2.16 49.77 5.36
CBD CLA GF . 2.99 47.68 6.33
CGD CLA GF . 4.15 48.27 7.06
O1D CLA GF . 5.35 48.13 6.80
O2D CLA GF . 3.79 49.05 8.12
CED CLA GF . 4.80 49.44 9.05
C1 LUT HF . 0.55 63.37 2.86
C2 LUT HF . 2.01 62.92 2.88
C3 LUT HF . 2.30 61.50 3.30
C4 LUT HF . 1.35 61.04 4.38
C5 LUT HF . -0.05 61.18 3.88
C6 LUT HF . -0.44 62.27 3.22
C7 LUT HF . -1.85 62.43 2.82
C8 LUT HF . -2.73 63.05 3.60
C9 LUT HF . -4.15 63.22 3.23
C10 LUT HF . -4.89 63.91 4.08
C11 LUT HF . -6.31 64.18 3.89
C12 LUT HF . -6.83 64.94 4.83
C13 LUT HF . -8.23 65.37 4.84
C14 LUT HF . -8.54 66.29 5.75
C15 LUT HF . -9.86 66.87 5.90
C16 LUT HF . 0.21 63.85 1.45
C17 LUT HF . 0.44 64.57 3.80
C18 LUT HF . -0.98 60.03 4.14
C19 LUT HF . -4.70 62.65 1.97
C20 LUT HF . -9.23 64.79 3.89
O3 LUT HF . 3.64 61.42 3.82
C21 LUT HF . -18.43 75.08 10.31
C22 LUT HF . -19.80 75.70 10.07
C23 LUT HF . -20.93 75.13 10.92
C24 LUT HF . -20.84 73.64 11.05
C25 LUT HF . -19.66 73.02 11.08
C26 LUT HF . -18.52 73.54 10.25
C27 LUT HF . -17.21 72.94 10.70
C28 LUT HF . -16.59 72.11 9.86
C29 LUT HF . -15.30 71.49 10.20
C30 LUT HF . -14.53 71.14 9.17
C31 LUT HF . -13.22 70.53 9.31
C32 LUT HF . -12.83 69.84 8.25
C33 LUT HF . -11.53 69.17 8.16
C34 LUT HF . -11.31 68.36 7.13
C35 LUT HF . -10.03 67.69 6.93
C36 LUT HF . -17.86 75.55 11.64
C37 LUT HF . -17.51 75.55 9.20
C38 LUT HF . -19.51 71.80 11.94
C39 LUT HF . -14.88 71.24 11.62
C40 LUT HF . -10.47 69.42 9.21
O23 LUT HF . -22.18 75.47 10.32
C1 XAT IF . -2.19 62.37 18.20
C2 XAT IF . -1.29 63.35 18.92
C3 XAT IF . -0.69 64.32 17.93
C4 XAT IF . -1.82 65.25 17.54
C5 XAT IF . -2.90 64.50 16.78
C6 XAT IF . -3.12 63.01 17.14
C7 XAT IF . -4.59 62.60 17.17
C8 XAT IF . -5.01 61.79 16.20
C9 XAT IF . -6.38 61.28 16.09
C10 XAT IF . -6.62 60.43 15.09
C11 XAT IF . -7.91 59.80 14.85
C12 XAT IF . -7.85 58.77 14.01
C13 XAT IF . -8.98 57.92 13.62
C14 XAT IF . -8.69 56.91 12.80
C15 XAT IF . -9.64 55.92 12.32
C16 XAT IF . -2.99 61.61 19.26
C17 XAT IF . -1.30 61.36 17.49
C18 XAT IF . -4.20 65.28 16.52
C19 XAT IF . -7.45 61.68 17.06
C20 XAT IF . -10.36 58.15 14.16
O3 XAT IF . 0.38 65.07 18.53
O4 XAT IF . -2.55 63.43 15.89
C21 XAT IF . -13.65 45.84 5.25
C22 XAT IF . -14.69 44.93 4.60
C23 XAT IF . -16.09 45.18 5.12
C24 XAT IF . -16.44 46.57 4.65
C25 XAT IF . -15.62 47.59 5.44
C26 XAT IF . -14.16 47.21 5.73
C27 XAT IF . -13.18 48.37 5.66
C28 XAT IF . -12.65 48.76 6.80
C29 XAT IF . -11.68 49.85 6.91
C30 XAT IF . -11.41 50.31 8.14
C31 XAT IF . -10.45 51.37 8.42
C32 XAT IF . -10.74 52.23 9.39
C33 XAT IF . -9.83 53.32 9.77
C34 XAT IF . -10.12 54.03 10.87
C35 XAT IF . -9.26 55.10 11.35
C36 XAT IF . -12.52 46.02 4.25
C37 XAT IF . -13.09 45.11 6.46
C38 XAT IF . -15.84 49.07 5.08
C39 XAT IF . -11.01 50.42 5.70
C40 XAT IF . -8.60 53.62 8.96
O23 XAT IF . -17.01 44.23 4.57
O24 XAT IF . -15.16 47.25 6.75
C1 BCR JF . -27.75 68.34 33.60
C2 BCR JF . -28.39 66.96 33.75
C3 BCR JF . -27.36 65.83 33.88
C4 BCR JF . -26.42 66.07 35.06
C5 BCR JF . -25.96 67.51 35.07
C6 BCR JF . -26.32 68.36 34.12
C7 BCR JF . -25.35 69.36 33.60
C8 BCR JF . -24.28 68.98 32.90
C9 BCR JF . -23.33 69.97 32.40
C10 BCR JF . -22.18 69.55 31.85
C11 BCR JF . -21.17 70.46 31.33
C33 BCR JF . -25.10 67.96 36.22
C31 BCR JF . -28.54 69.36 34.39
C32 BCR JF . -27.77 68.73 32.13
C34 BCR JF . -23.63 71.45 32.49
C12 BCR JF . -20.16 69.92 30.65
C13 BCR JF . -19.06 70.72 30.08
C14 BCR JF . -18.21 70.09 29.25
C15 BCR JF . -17.08 70.76 28.62
C16 BCR JF . -16.43 70.08 27.67
C17 BCR JF . -15.27 70.64 26.99
C18 BCR JF . -14.76 70.04 25.90
C19 BCR JF . -13.58 70.63 25.25
C20 BCR JF . -13.01 70.03 24.21
C21 BCR JF . -11.83 70.64 23.61
C22 BCR JF . -11.14 70.05 22.62
C23 BCR JF . -9.95 70.73 22.09
C24 BCR JF . -9.41 70.33 20.92
C25 BCR JF . -8.20 70.96 20.33
C26 BCR JF . -6.99 70.70 20.83
C27 BCR JF . -5.85 71.65 20.64
C28 BCR JF . -5.80 71.95 19.14
C29 BCR JF . -7.09 72.62 18.72
C30 BCR JF . -8.37 71.87 19.11
C35 BCR JF . -18.88 72.16 30.44
C36 BCR JF . -15.38 68.79 25.36
C37 BCR JF . -11.57 68.72 22.08
C38 BCR JF . -6.70 69.42 21.58
C39 BCR JF . -8.83 70.99 17.96
C40 BCR JF . -9.45 72.92 19.35
O1 LHG KF . -17.65 59.58 -10.98
C1 LHG KF . -16.24 59.82 -11.01
C2 LHG KF . -15.58 59.02 -9.91
O2 LHG KF . -15.53 57.65 -10.26
C3 LHG KF . -16.33 59.09 -8.60
O3 LHG KF . -15.23 59.16 -7.73
P LHG KF . -15.27 60.10 -6.42
O4 LHG KF . -15.06 61.50 -6.86
O5 LHG KF . -16.30 59.45 -5.55
O6 LHG KF . -13.77 59.66 -5.88
C4 LHG KF . -13.36 58.34 -5.91
C5 LHG KF . -12.46 58.23 -4.70
C6 LHG KF . -13.08 58.88 -3.49
O7 LHG KF . -12.33 56.84 -4.43
C7 LHG KF . -11.07 56.36 -4.62
O9 LHG KF . -10.09 57.07 -4.71
C8 LHG KF . -11.05 54.89 -4.56
C9 LHG KF . -9.64 54.40 -4.41
C10 LHG KF . -9.57 52.92 -4.69
O8 LHG KF . -12.23 58.52 -2.40
C23 LHG KF . -12.79 58.54 -1.16
O10 LHG KF . -13.93 58.93 -1.02
C24 LHG KF . -12.19 57.66 -0.08
C11 LHG KF . -8.21 52.79 -5.32
C12 LHG KF . -7.88 51.35 -5.49
C13 LHG KF . -7.25 50.88 -4.21
C14 LHG KF . -7.14 49.37 -4.17
C15 LHG KF . -6.99 49.03 -2.70
C16 LHG KF . -7.02 47.53 -2.54
C17 LHG KF . -5.79 46.92 -3.17
C18 LHG KF . -6.13 45.45 -3.26
C19 LHG KF . -5.56 44.76 -4.48
C20 LHG KF . -4.06 44.81 -4.23
C21 LHG KF . -3.33 44.41 -5.47
C22 LHG KF . -1.85 44.33 -5.13
C25 LHG KF . -11.81 56.28 -0.54
C26 LHG KF . -10.55 55.68 0.10
C27 LHG KF . -9.46 56.62 -0.33
C28 LHG KF . -8.42 56.05 -1.25
C29 LHG KF . -7.21 56.96 -1.11
C30 LHG KF . -6.74 57.65 -2.37
C31 LHG KF . -5.24 57.77 -2.51
C32 LHG KF . -4.73 57.75 -3.93
C33 LHG KF . -3.50 58.63 -3.96
C34 LHG KF . -3.36 59.54 -5.18
C35 LHG KF . -4.33 60.71 -5.12
C36 LHG KF . -4.14 61.46 -3.82
C37 LHG KF . -4.59 62.87 -4.05
C38 LHG KF . -3.48 63.83 -4.39
MG CLA LF . -5.43 61.48 -43.05
CHA CLA LF . -4.35 59.75 -45.87
CHB CLA LF . -4.02 59.14 -41.06
CHC CLA LF . -6.47 63.27 -40.31
CHD CLA LF . -6.77 63.97 -45.15
NA CLA LF . -4.35 59.73 -43.43
C1A CLA LF . -3.98 59.19 -44.67
C2A CLA LF . -3.16 57.91 -44.46
C3A CLA LF . -3.12 57.73 -42.93
C4A CLA LF . -3.87 58.95 -42.41
CMA CLA LF . -3.76 56.44 -42.49
CAA CLA LF . -1.72 58.07 -44.92
CBA CLA LF . -1.15 59.43 -44.54
CGA CLA LF . 0.31 59.39 -44.22
O1A CLA LF . 0.99 58.47 -43.75
O2A CLA LF . 0.93 60.58 -44.49
NB CLA LF . -5.25 61.26 -41.06
C1B CLA LF . -4.68 60.20 -40.44
C2B CLA LF . -4.87 60.30 -38.97
C3B CLA LF . -5.56 61.47 -38.74
C4B CLA LF . -5.83 62.10 -40.07
CMB CLA LF . -4.36 59.31 -38.04
CAB CLA LF . -6.00 62.00 -37.49
CBB CLA LF . -5.66 63.19 -37.00
NC CLA LF . -6.42 63.30 -42.79
C1C CLA LF . -6.74 63.85 -41.58
C2C CLA LF . -7.44 65.11 -41.78
C3C CLA LF . -7.52 65.32 -43.16
C4C CLA LF . -6.86 64.18 -43.78
CMC CLA LF . -7.93 65.97 -40.70
CAC CLA LF . -8.14 66.45 -43.87
CBC CLA LF . -9.48 66.16 -44.48
ND CLA LF . -5.58 61.83 -45.03
C1D CLA LF . -6.18 62.88 -45.75
C2D CLA LF . -6.09 62.60 -47.18
C3D CLA LF . -5.42 61.39 -47.29
C4D CLA LF . -5.10 60.97 -45.91
CMD CLA LF . -6.65 63.46 -48.20
CAD CLA LF . -4.92 60.38 -48.19
OBD CLA LF . -5.03 60.32 -49.40
CBD CLA LF . -4.18 59.33 -47.30
CGD CLA LF . -4.72 57.94 -47.51
O1D CLA LF . -5.91 57.59 -47.62
O2D CLA LF . -3.77 56.98 -47.58
C1 CLA LF . 2.30 60.56 -44.96
C2 CLA LF . 2.73 61.98 -45.05
C3 CLA LF . 3.61 62.43 -45.97
C4 CLA LF . 4.24 61.55 -46.98
C5 CLA LF . 4.02 63.87 -45.99
C6 CLA LF . 5.51 64.08 -45.99
C7 CLA LF . 6.10 63.93 -44.60
C8 CLA LF . 6.68 65.22 -44.02
C9 CLA LF . 5.60 66.09 -43.41
C10 CLA LF . 7.48 66.01 -45.05
MG CLA MF . -9.62 64.36 -31.36
CHA CLA MF . -12.36 63.63 -33.34
CHB CLA MF . -11.52 63.85 -28.59
CHC CLA MF . -6.86 64.99 -29.43
CHD CLA MF . -7.71 64.87 -34.28
NA CLA MF . -11.62 63.81 -31.04
C1A CLA MF . -12.60 63.54 -32.00
C2A CLA MF . -13.93 63.18 -31.34
C3A CLA MF . -13.65 63.43 -29.85
C4A CLA MF . -12.15 63.70 -29.80
CMA CLA MF . -14.44 64.61 -29.42
CAA CLA MF . -14.36 61.73 -31.54
CBA CLA MF . -13.23 60.72 -31.38
CGA CLA MF . -13.15 60.22 -29.97
O1A CLA MF . -13.95 59.52 -29.35
O2A CLA MF . -12.01 60.63 -29.36
NB CLA MF . -9.26 64.42 -29.38
C1B CLA MF . -10.15 64.13 -28.41
C2B CLA MF . -9.50 64.27 -27.08
C3B CLA MF . -8.19 64.59 -27.31
C4B CLA MF . -8.01 64.70 -28.78
CMB CLA MF . -10.22 64.04 -25.82
CAB CLA MF . -7.11 64.81 -26.39
CBB CLA MF . -6.67 63.94 -25.49
NC CLA MF . -7.64 64.84 -31.79
C1C CLA MF . -6.68 65.05 -30.84
C2C CLA MF . -5.42 65.37 -31.49
C3C CLA MF . -5.65 65.33 -32.87
C4C CLA MF . -7.06 65.00 -33.04
CMC CLA MF . -4.16 65.65 -30.80
CAC CLA MF . -4.68 65.57 -33.94
CBC CLA MF . -3.80 64.39 -34.24
ND CLA MF . -9.88 64.23 -33.35
C1D CLA MF . -9.03 64.52 -34.44
C2D CLA MF . -9.78 64.36 -35.70
C3D CLA MF . -11.06 64.02 -35.34
C4D CLA MF . -11.08 63.96 -33.87
CMD CLA MF . -9.18 64.54 -37.01
CAD CLA MF . -12.39 63.65 -35.78
OBD CLA MF . -12.81 63.43 -36.90
CBD CLA MF . -13.29 63.51 -34.53
CGD CLA MF . -14.30 64.62 -34.45
O1D CLA MF . -15.46 64.63 -34.82
O2D CLA MF . -13.81 65.76 -33.89
CED CLA MF . -14.60 66.35 -32.85
C1 CLA MF . -11.83 60.30 -27.96
C2 CLA MF . -10.40 60.54 -27.69
C3 CLA MF . -9.80 60.26 -26.52
C4 CLA MF . -10.54 59.70 -25.38
C5 CLA MF . -8.34 60.52 -26.33
C6 CLA MF . -7.62 59.22 -26.01
C7 CLA MF . -6.12 59.37 -26.12
C8 CLA MF . -5.45 58.00 -26.03
C9 CLA MF . -5.72 57.36 -24.68
C10 CLA MF . -3.95 58.09 -26.27
C11 CLA MF . -3.63 58.59 -27.66
C12 CLA MF . -2.17 58.37 -28.01
C13 CLA MF . -1.74 59.29 -29.14
C14 CLA MF . -2.04 58.65 -30.48
C15 CLA MF . -0.27 59.65 -29.04
C16 CLA MF . 0.07 60.26 -27.70
MG CLA NF . -4.64 64.82 -20.96
CHA CLA NF . -7.70 64.13 -19.48
CHB CLA NF . -5.03 62.15 -23.01
CHC CLA NF . -1.55 65.47 -22.33
CHD CLA NF . -4.14 67.43 -18.63
NA CLA NF . -6.16 63.41 -21.22
C1A CLA NF . -7.37 63.30 -20.52
C2A CLA NF . -8.19 62.10 -21.05
C3A CLA NF . -7.27 61.49 -22.14
C4A CLA NF . -6.07 62.43 -22.15
CMA CLA NF . -6.82 60.11 -21.75
CAA CLA NF . -9.49 62.51 -21.71
CBA CLA NF . -10.32 61.29 -22.04
CGA CLA NF . -11.04 60.76 -20.84
O2A CLA NF . -10.27 59.97 -20.04
NB CLA NF . -3.55 64.04 -22.47
C1B CLA NF . -3.84 62.89 -23.11
C2B CLA NF . -2.68 62.46 -23.94
C3B CLA NF . -1.69 63.39 -23.75
C4B CLA NF . -2.23 64.40 -22.81
CMB CLA NF . -2.66 61.25 -24.74
CAB CLA NF . -0.36 63.41 -24.29
CBB CLA NF . 0.19 64.37 -25.03
NC CLA NF . -3.16 66.23 -20.58
C1C CLA NF . -1.98 66.34 -21.29
C2C CLA NF . -1.19 67.45 -20.80
C3C CLA NF . -1.90 67.98 -19.72
C4C CLA NF . -3.14 67.22 -19.60
CMC CLA NF . 0.11 67.84 -21.35
CAC CLA NF . -1.51 69.14 -18.93
CBC CLA NF . -1.97 70.40 -19.64
ND CLA NF . -5.64 65.64 -19.41
C1D CLA NF . -5.29 66.68 -18.51
C2D CLA NF . -6.40 66.84 -17.53
C3D CLA NF . -7.37 65.93 -17.89
C4D CLA NF . -6.84 65.18 -19.04
CMD CLA NF . -6.41 67.81 -16.45
CAD CLA NF . -8.67 65.38 -17.59
OBD CLA NF . -9.50 65.76 -16.78
CBD CLA NF . -8.90 64.18 -18.54
CGD CLA NF . -9.09 62.89 -17.78
O1D CLA NF . -10.12 62.48 -17.25
O2D CLA NF . -7.95 62.13 -17.68
CED CLA NF . -7.99 60.99 -16.82
C1 CLA NF . -10.03 58.62 -20.49
C2 CLA NF . -9.77 57.80 -19.28
C3 CLA NF . -8.96 56.72 -19.28
C4 CLA NF . -8.73 55.93 -18.06
C5 CLA NF . -8.26 56.29 -20.52
C6 CLA NF . -6.77 56.14 -20.28
C7 CLA NF . -6.09 55.48 -21.46
C8 CLA NF . -5.42 54.18 -21.06
C9 CLA NF . -4.12 54.03 -21.82
C10 CLA NF . -6.34 52.99 -21.32
MG CLA OF . 4.97 81.54 -19.88
CHA CLA OF . 7.96 82.31 -18.27
CHB CLA OF . 4.30 79.19 -17.52
CHC CLA OF . 1.90 81.01 -21.35
CHD CLA OF . 5.68 84.02 -22.30
NA CLA OF . 5.99 80.86 -18.19
C1A CLA OF . 7.20 81.32 -17.66
C2A CLA OF . 7.56 80.55 -16.38
C3A CLA OF . 6.47 79.47 -16.29
C4A CLA OF . 5.50 79.86 -17.40
CMA CLA OF . 7.03 78.09 -16.48
CAA CLA OF . 7.53 81.42 -15.14
CBA CLA OF . 6.18 82.06 -14.87
CGA CLA OF . 6.33 83.45 -14.31
O1A CLA OF . 7.11 83.84 -13.44
O2A CLA OF . 5.47 84.34 -14.87
NB CLA OF . 3.40 80.35 -19.50
C1B CLA OF . 3.33 79.45 -18.50
C2B CLA OF . 2.02 78.73 -18.56
C3B CLA OF . 1.34 79.23 -19.63
C4B CLA OF . 2.20 80.27 -20.25
CMB CLA OF . 1.69 77.70 -17.58
CAB CLA OF . 0.04 78.90 -20.16
CBB CLA OF . -0.41 77.67 -20.44
NC CLA OF . 4.00 82.34 -21.54
C1C CLA OF . 2.74 81.98 -21.96
C2C CLA OF . 2.37 82.74 -23.13
C3C CLA OF . 3.42 83.61 -23.40
C4C CLA OF . 4.45 83.36 -22.39
CMC CLA OF . 1.11 82.61 -23.85
CAC CLA OF . 3.49 84.59 -24.49
CBC CLA OF . 2.94 85.93 -24.07
ND CLA OF . 6.48 82.80 -20.32
C1D CLA OF . 6.65 83.78 -21.34
C2D CLA OF . 7.96 84.43 -21.16
C3D CLA OF . 8.50 83.91 -20.01
C4D CLA OF . 7.53 82.92 -19.50
CMD CLA OF . 8.51 85.43 -22.07
CAD CLA OF . 9.64 83.91 -19.12
OBD CLA OF . 10.70 84.52 -19.22
CBD CLA OF . 9.29 82.95 -17.94
CGD CLA OF . 10.39 81.99 -17.57
O1D CLA OF . 10.55 81.40 -16.49
O2D CLA OF . 11.35 81.81 -18.50
CED CLA OF . 12.69 82.05 -18.07
C1 CLA OF . 4.31 84.70 -14.08
C2 CLA OF . 3.85 86.01 -14.60
C3 CLA OF . 2.59 86.46 -14.53
C4 CLA OF . 1.51 85.67 -13.89
MG CLA PF . 2.43 79.19 -12.71
CHA CLA PF . 1.79 82.27 -11.26
CHB CLA PF . -0.89 78.78 -13.33
CHC CLA PF . 3.13 76.16 -14.19
CHD CLA PF . 5.87 79.61 -11.99
NA CLA PF . 0.75 80.36 -12.36
C1A CLA PF . 0.67 81.62 -11.74
C2A CLA PF . -0.77 82.10 -11.68
C3A CLA PF . -1.59 80.93 -12.26
C4A CLA PF . -0.52 79.95 -12.69
CMA CLA PF . -2.51 80.34 -11.22
CAA CLA PF . -1.02 83.32 -12.56
CBA CLA PF . -1.74 84.39 -11.78
CGA CLA PF . -2.32 85.40 -12.72
O1A CLA PF . -1.92 85.70 -13.85
O2A CLA PF . -3.42 86.04 -12.21
NB CLA PF . 1.33 77.73 -13.55
C1B CLA PF . -0.01 77.77 -13.76
C2B CLA PF . -0.44 76.58 -14.54
C3B CLA PF . 0.68 75.83 -14.78
C4B CLA PF . 1.82 76.56 -14.17
CMB CLA PF . -1.83 76.36 -14.93
CAB CLA PF . 0.84 74.60 -15.50
CBB CLA PF . 0.51 74.39 -16.79
NC CLA PF . 4.18 78.09 -13.02
C1C CLA PF . 4.23 76.87 -13.63
C2C CLA PF . 5.60 76.38 -13.67
C3C CLA PF . 6.39 77.35 -13.06
C4C CLA PF . 5.48 78.43 -12.65
CMC CLA PF . 6.02 75.11 -14.26
CAC CLA PF . 7.84 77.32 -12.86
CBC CLA PF . 8.23 76.61 -11.57
ND CLA PF . 3.62 80.60 -11.90
C1D CLA PF . 5.01 80.62 -11.64
C2D CLA PF . 5.34 81.89 -10.94
C3D CLA PF . 4.15 82.57 -10.78
C4D CLA PF . 3.11 81.71 -11.38
CMD CLA PF . 6.69 82.28 -10.54
CAD CLA PF . 3.50 83.76 -10.29
OBD CLA PF . 3.99 84.77 -9.79
CBD CLA PF . 1.97 83.58 -10.52
CGD CLA PF . 1.23 83.56 -9.21
O2D CLA PF . 1.83 82.78 -8.28
CED CLA PF . 2.08 83.34 -6.98
MG CLA QF . 6.70 70.30 -14.69
CHA CLA QF . 9.85 68.92 -14.32
CHB CLA QF . 6.41 68.84 -17.75
CHC CLA QF . 3.48 71.51 -14.90
CHD CLA QF . 7.04 71.81 -11.51
NA CLA QF . 7.96 69.11 -15.84
C1A CLA QF . 9.23 68.61 -15.50
C2A CLA QF . 9.80 67.75 -16.64
C3A CLA QF . 8.74 67.90 -17.76
C4A CLA QF . 7.60 68.65 -17.09
CMA CLA QF . 9.28 68.64 -18.96
CAA CLA QF . 9.93 66.28 -16.29
CBA CLA QF . 8.78 65.77 -15.45
CGA CLA QF . 9.02 64.36 -15.01
O1A CLA QF . 8.31 63.66 -14.29
O2A CLA QF . 10.18 63.81 -15.51
NB CLA QF . 5.24 70.22 -16.07
C1B CLA QF . 5.29 69.53 -17.24
C2B CLA QF . 3.98 69.63 -17.94
C3B CLA QF . 3.15 70.38 -17.14
C4B CLA QF . 3.95 70.78 -15.95
CMB CLA QF . 3.74 68.98 -19.23
CAB CLA QF . 1.79 70.79 -17.31
CBB CLA QF . 1.27 71.40 -18.38
NC CLA QF . 5.50 71.46 -13.44
C1C CLA QF . 4.22 71.84 -13.72
C2C CLA QF . 3.67 72.61 -12.62
C3C CLA QF . 4.68 72.72 -11.66
C4C CLA QF . 5.84 71.99 -12.19
CMC CLA QF . 2.31 73.15 -12.54
CAC CLA QF . 4.62 73.40 -10.37
CBC CLA QF . 5.03 74.84 -10.48
ND CLA QF . 8.09 70.42 -13.24
C1D CLA QF . 8.11 71.07 -11.97
C2D CLA QF . 9.39 70.81 -11.30
C3D CLA QF . 10.10 69.98 -12.15
C4D CLA QF . 9.24 69.77 -13.34
CMD CLA QF . 9.77 71.32 -9.98
CAD CLA QF . 11.34 69.25 -12.36
OBD CLA QF . 12.32 69.16 -11.65
CBD CLA QF . 11.20 68.53 -13.74
CGD CLA QF . 12.32 68.87 -14.68
O1D CLA QF . 12.34 69.73 -15.55
O2D CLA QF . 13.42 68.06 -14.53
CED CLA QF . 14.62 68.65 -14.05
MG CLA RF . -13.16 80.11 -16.76
CHA CLA RF . -11.26 79.09 -19.50
CHB CLA RF . -10.44 81.69 -15.49
CHC CLA RF . -15.14 81.32 -14.22
CHD CLA RF . -15.96 78.43 -18.12
NA CLA RF . -11.18 80.32 -17.40
C1A CLA RF . -10.59 79.85 -18.58
C2A CLA RF . -9.12 80.25 -18.66
C3A CLA RF . -8.85 80.90 -17.27
C4A CLA RF . -10.26 81.00 -16.67
CMA CLA RF . -7.93 80.06 -16.44
CAA CLA RF . -8.85 81.28 -19.74
CBA CLA RF . -9.92 82.35 -19.86
CGA CLA RF . -10.18 82.66 -21.31
O1A CLA RF . -9.57 82.26 -22.30
O2A CLA RF . -11.23 83.52 -21.49
NB CLA RF . -12.84 81.23 -15.12
C1B CLA RF . -11.68 81.86 -14.83
C2B CLA RF . -11.86 82.77 -13.67
C3B CLA RF . -13.19 82.68 -13.31
C4B CLA RF . -13.83 81.70 -14.23
CMB CLA RF . -10.76 83.59 -13.15
CAB CLA RF . -13.92 83.35 -12.27
CBB CLA RF . -13.56 83.44 -10.98
NC CLA RF . -15.17 79.88 -16.25
C1C CLA RF . -15.77 80.47 -15.17
C2C CLA RF . -17.18 80.10 -15.14
C3C CLA RF . -17.42 79.28 -16.24
C4C CLA RF . -16.14 79.15 -16.93
CMC CLA RF . -18.16 80.54 -14.14
CAC CLA RF . -18.70 78.67 -16.62
CBC CLA RF . -19.53 79.55 -17.52
ND CLA RF . -13.58 79.01 -18.40
C1D CLA RF . -14.76 78.34 -18.82
C2D CLA RF . -14.49 77.62 -20.09
C3D CLA RF . -13.17 77.90 -20.41
C4D CLA RF . -12.65 78.75 -19.32
CMD CLA RF . -15.46 76.82 -20.82
CAD CLA RF . -12.09 77.68 -21.34
OBD CLA RF . -12.08 77.06 -22.40
CBD CLA RF . -10.84 78.41 -20.78
CGD CLA RF . -9.71 77.46 -20.56
O1D CLA RF . -9.77 76.28 -20.20
O2D CLA RF . -8.47 77.98 -20.79
MG CLA SF . -8.40 70.82 -14.64
CHA CLA SF . -10.37 69.13 -16.93
CHB CLA SF . -10.58 69.99 -12.16
CHC CLA SF . -6.23 72.16 -12.33
CHD CLA SF . -6.13 71.58 -17.20
NA CLA SF . -10.21 69.76 -14.59
C1A CLA SF . -10.87 69.11 -15.65
C2A CLA SF . -12.16 68.45 -15.14
C3A CLA SF . -12.28 68.97 -13.69
C4A CLA SF . -10.93 69.62 -13.44
CMA CLA SF . -13.40 69.97 -13.55
CAA CLA SF . -12.10 66.93 -15.17
CBA CLA SF . -11.82 66.27 -13.82
CGA CLA SF . -10.85 65.15 -14.01
O1A CLA SF . -10.92 64.21 -14.79
O2A CLA SF . -9.76 65.21 -13.17
NB CLA SF . -8.36 70.94 -12.63
C1B CLA SF . -9.38 70.63 -11.80
C2B CLA SF . -9.07 71.05 -10.41
C3B CLA SF . -7.84 71.67 -10.45
C4B CLA SF . -7.38 71.62 -11.86
CMB CLA SF . -10.01 70.87 -9.30
CAB CLA SF . -7.07 72.32 -9.42
CBB CLA SF . -6.69 71.76 -8.27
NC CLA SF . -6.57 71.79 -14.76
C1C CLA SF . -5.87 72.28 -13.69
C2C CLA SF . -4.61 72.87 -14.15
C3C CLA SF . -4.57 72.69 -15.52
C4C CLA SF . -5.79 72.00 -15.91
CMC CLA SF . -3.63 73.49 -13.25
CAC CLA SF . -3.50 73.10 -16.45
CBC CLA SF . -2.33 72.14 -16.44
ND CLA SF . -8.35 70.69 -16.65
C1D CLA SF . -7.30 70.96 -17.57
C2D CLA SF . -7.68 70.45 -18.91
C3D CLA SF . -8.88 69.79 -18.73
C4D CLA SF . -9.22 69.91 -17.29
CMD CLA SF . -6.88 70.61 -20.12
CAD CLA SF . -9.94 69.03 -19.36
OBD CLA SF . -10.16 68.82 -20.55
CBD CLA SF . -10.83 68.47 -18.22
CGD CLA SF . -12.29 68.70 -18.46
O1D CLA SF . -12.95 69.71 -18.17
O2D CLA SF . -12.92 67.66 -19.06
CED CLA SF . -14.13 67.94 -19.78
C1 CLA SF . -8.47 64.94 -13.77
C2 CLA SF . -7.74 64.06 -12.82
C3 CLA SF . -6.51 63.57 -13.03
C4 CLA SF . -5.86 62.71 -12.02
C5 CLA SF . -5.73 63.87 -14.27
C6 CLA SF . -4.96 62.69 -14.82
C7 CLA SF . -3.68 63.12 -15.51
C8 CLA SF . -3.91 63.65 -16.92
C9 CLA SF . -4.65 62.64 -17.77
C10 CLA SF . -2.60 64.07 -17.58
C11 CLA SF . -1.75 62.88 -17.99
C12 CLA SF . -1.23 63.04 -19.41
C13 CLA SF . -0.67 61.73 -19.96
C14 CLA SF . 0.61 61.97 -20.72
C15 CLA SF . -1.69 61.03 -20.86
C16 CLA SF . -2.04 59.64 -20.35
C17 CLA SF . -1.05 58.59 -20.81
C18 CLA SF . -1.12 58.34 -22.31
C19 CLA SF . 0.20 58.65 -23.00
C20 CLA SF . -1.52 56.91 -22.59
MG CLA TF . -11.39 80.60 -28.24
CHA CLA TF . -14.60 81.58 -27.40
CHB CLA TF . -12.18 80.91 -31.54
CHC CLA TF . -8.10 80.06 -29.03
CHD CLA TF . -10.58 80.55 -24.82
NA CLA TF . -13.13 81.06 -29.28
C1A CLA TF . -14.35 81.51 -28.75
C2A CLA TF . -15.34 81.80 -29.87
C3A CLA TF . -14.64 81.22 -31.12
C4A CLA TF . -13.20 81.06 -30.64
CMA CLA TF . -15.26 79.90 -31.48
CAA CLA TF . -15.56 83.30 -30.04
CBA CLA TF . -14.37 84.20 -29.74
CGA CLA TF . -13.46 84.32 -30.93
O1A CLA TF . -13.75 84.12 -32.11
O2A CLA TF . -12.16 84.66 -30.63
NB CLA TF . -10.33 80.58 -29.94
C1B CLA TF . -10.84 80.70 -31.20
C2B CLA TF . -9.78 80.49 -32.20
C3B CLA TF . -8.62 80.25 -31.50
C4B CLA TF . -8.96 80.27 -30.05
CMB CLA TF . -10.04 80.54 -33.64
CAB CLA TF . -7.31 79.96 -31.98
CBB CLA TF . -6.54 80.84 -32.58
NC CLA TF . -9.67 80.26 -27.12
C1C CLA TF . -8.43 80.04 -27.64
C2C CLA TF . -7.46 79.84 -26.57
C3C CLA TF . -8.14 80.05 -25.38
C4C CLA TF . -9.53 80.32 -25.73
CMC CLA TF . -6.05 79.53 -26.75
CAC CLA TF . -7.59 79.97 -24.01
ND CLA TF . -12.38 80.67 -26.49
C1D CLA TF . -11.90 80.72 -25.16
C2D CLA TF . -13.03 80.95 -24.24
C3D CLA TF . -14.10 81.25 -25.06
C4D CLA TF . -13.62 81.15 -26.45
CMD CLA TF . -12.97 80.90 -22.79
CAD CLA TF . -15.52 81.55 -25.14
OBD CLA TF . -16.38 81.47 -24.27
CBD CLA TF . -15.80 82.00 -26.60
CGD CLA TF . -17.12 81.48 -27.12
O1D CLA TF . -17.29 80.47 -27.81
O2D CLA TF . -18.19 82.22 -26.77
CED CLA TF . -19.48 81.81 -27.23
C1 CLA TF . -11.29 84.85 -31.77
C2 CLA TF . -9.88 84.77 -31.33
C3 CLA TF . -8.84 84.99 -32.16
C4 CLA TF . -9.03 85.33 -33.59
C5 CLA TF . -7.43 84.90 -31.68
C6 CLA TF . -6.64 86.15 -31.98
C7 CLA TF . -5.14 85.89 -31.87
C8 CLA TF . -4.54 86.32 -30.53
C9 CLA TF . -4.96 87.72 -30.15
C10 CLA TF . -3.02 86.25 -30.60
C11 CLA TF . -2.43 85.41 -29.48
C12 CLA TF . -0.92 85.53 -29.46
C13 CLA TF . -0.31 84.69 -28.35
C14 CLA TF . -0.75 85.16 -26.98
C15 CLA TF . 1.23 84.69 -28.44
MG CLA UF . -5.80 73.78 -44.24
CHA CLA UF . -7.98 76.01 -42.73
CHB CLA UF . -7.43 74.18 -47.19
CHC CLA UF . -3.45 71.77 -45.75
CHD CLA UF . -4.05 73.48 -41.18
NA CLA UF . -7.47 74.88 -44.82
C1A CLA UF . -8.24 75.77 -44.05
C2A CLA UF . -9.36 76.36 -44.90
C3A CLA UF . -9.30 75.56 -46.21
C4A CLA UF . -7.97 74.82 -46.09
CMA CLA UF . -10.46 74.62 -46.36
CAA CLA UF . -9.07 77.82 -45.23
NB CLA UF . -5.53 73.06 -46.10
C1B CLA UF . -6.23 73.45 -47.20
C2B CLA UF . -5.56 72.97 -48.43
C3B CLA UF . -4.43 72.30 -48.03
C4B CLA UF . -4.41 72.33 -46.54
CMB CLA UF . -6.06 73.22 -49.77
CAB CLA UF . -3.43 71.63 -48.81
NC CLA UF . -4.11 72.74 -43.57
C1C CLA UF . -3.33 71.94 -44.35
C2C CLA UF . -2.27 71.35 -43.55
C3C CLA UF . -2.38 71.88 -42.27
C4C CLA UF . -3.56 72.74 -42.29
CMC CLA UF . -1.26 70.43 -44.07
CAC CLA UF . -1.54 71.58 -41.11
ND CLA UF . -5.98 74.46 -42.35
C1D CLA UF . -5.16 74.29 -41.20
C2D CLA UF . -5.72 75.11 -40.10
C3D CLA UF . -6.81 75.77 -40.62
C4D CLA UF . -6.92 75.35 -42.03
CMD CLA UF . -5.13 75.17 -38.76
CAD CLA UF . -7.89 76.69 -40.36
OBD CLA UF . -8.23 77.23 -39.31
CBD CLA UF . -8.63 76.92 -41.71
CGD CLA UF . -10.12 76.74 -41.62
O1D CLA UF . -10.76 75.95 -40.94
O2D CLA UF . -10.84 77.60 -42.39
MG CLA VF . -3.37 79.66 -37.23
CHA CLA VF . -6.25 80.67 -38.88
CHB CLA VF . -4.06 81.80 -34.72
CHC CLA VF . -0.32 78.90 -35.82
CHD CLA VF . -2.53 77.67 -40.03
NA CLA VF . -4.97 80.93 -36.83
C1A CLA VF . -6.09 81.23 -37.64
C2A CLA VF . -6.99 82.26 -36.93
C3A CLA VF . -6.31 82.48 -35.57
C4A CLA VF . -5.02 81.67 -35.69
CMA CLA VF . -5.99 83.94 -35.32
CAA CLA VF . -8.40 81.77 -36.68
CBA CLA VF . -9.37 82.90 -36.48
CGA CLA VF . -9.42 83.78 -37.69
O1A CLA VF . -10.05 83.61 -38.73
O2A CLA VF . -8.64 84.89 -37.57
NB CLA VF . -2.44 80.12 -35.50
C1B CLA VF . -2.82 81.16 -34.72
C2B CLA VF . -1.70 81.57 -33.81
C3B CLA VF . -0.64 80.75 -34.11
C4B CLA VF . -1.09 79.83 -35.20
CMB CLA VF . -1.85 82.68 -32.88
CAB CLA VF . 0.71 80.71 -33.60
CBB CLA VF . 1.08 80.77 -32.32
NC CLA VF . -1.78 78.41 -37.77
C1C CLA VF . -0.65 78.21 -37.03
C2C CLA VF . 0.24 77.28 -37.70
C3C CLA VF . -0.37 76.98 -38.92
C4C CLA VF . -1.63 77.69 -38.95
CMC CLA VF . 1.53 76.83 -37.19
CAC CLA VF . 0.15 76.09 -39.98
CBC CLA VF . 0.83 76.86 -41.08
ND CLA VF . -4.18 79.18 -39.01
C1D CLA VF . -3.70 78.38 -40.08
C2D CLA VF . -4.65 78.46 -41.21
C3D CLA VF . -5.65 79.33 -40.81
C4D CLA VF . -5.31 79.75 -39.44
CMD CLA VF . -4.47 77.76 -42.48
CAD CLA VF . -6.87 80.01 -41.19
OBD CLA VF . -7.49 79.97 -42.24
CBD CLA VF . -7.29 80.88 -39.98
CGD CLA VF . -7.44 82.32 -40.34
O1D CLA VF . -6.65 83.25 -40.10
O2D CLA VF . -8.59 82.60 -41.01
CED CLA VF . -8.50 83.18 -42.31
MG CLA WF . 9.08 66.84 -34.87
CHA CLA WF . 12.55 66.57 -35.02
CHB CLA WF . 9.19 69.47 -37.00
CHC CLA WF . 5.64 66.93 -34.86
CHD CLA WF . 9.00 64.00 -32.78
NA CLA WF . 10.65 67.87 -35.81
C1A CLA WF . 12.03 67.59 -35.77
C2A CLA WF . 12.79 68.59 -36.65
C3A CLA WF . 11.68 69.50 -37.23
C4A CLA WF . 10.40 68.93 -36.65
CMA CLA WF . 11.90 70.95 -36.91
CAA CLA WF . 13.51 67.95 -37.82
CBA CLA WF . 12.59 67.43 -38.91
CGA CLA WF . 12.22 66.01 -38.63
O1A CLA WF . 12.88 65.13 -38.09
O2A CLA WF . 10.95 65.70 -39.02
NB CLA WF . 7.69 68.01 -35.73
C1B CLA WF . 7.93 69.03 -36.58
C2B CLA WF . 6.64 69.61 -37.07
C3B CLA WF . 5.64 68.88 -36.47
C4B CLA WF . 6.29 67.86 -35.61
CMB CLA WF . 6.57 70.71 -38.02
CAB CLA WF . 4.22 69.00 -36.59
CBB CLA WF . 3.50 70.05 -36.20
NC CLA WF . 7.61 65.69 -33.95
C1C CLA WF . 6.27 65.90 -34.09
C2C CLA WF . 5.53 64.91 -33.34
C3C CLA WF . 6.47 64.08 -32.76
C4C CLA WF . 7.78 64.57 -33.15
CMC CLA WF . 4.07 64.82 -33.26
CAC CLA WF . 6.22 62.89 -31.92
CBC CLA WF . 6.13 61.63 -32.75
ND CLA WF . 10.41 65.60 -34.00
C1D CLA WF . 10.23 64.45 -33.16
C2D CLA WF . 11.56 63.90 -32.83
C3D CLA WF . 12.47 64.68 -33.50
C4D CLA WF . 11.71 65.71 -34.23
CMD CLA WF . 11.78 62.75 -31.96
CAD CLA WF . 13.88 64.90 -33.75
OBD CLA WF . 14.84 64.33 -33.27
CBD CLA WF . 13.97 66.05 -34.80
CGD CLA WF . 14.95 67.12 -34.43
O1D CLA WF . 14.72 68.33 -34.26
O2D CLA WF . 16.22 66.68 -34.30
CED CLA WF . 17.27 67.59 -34.63
C1 CLA WF . 10.12 65.30 -37.92
C2 CLA WF . 8.96 64.57 -38.48
C3 CLA WF . 8.23 63.70 -37.76
C4 CLA WF . 8.57 63.44 -36.35
C5 CLA WF . 7.07 62.99 -38.33
C6 CLA WF . 5.87 63.03 -37.43
C7 CLA WF . 5.17 64.38 -37.52
C8 CLA WF . 4.14 64.41 -38.64
C9 CLA WF . 4.53 65.41 -39.69
C10 CLA WF . 2.76 64.76 -38.08
C11 CLA WF . 2.24 63.69 -37.13
C12 CLA WF . 0.84 64.01 -36.66
C13 CLA WF . -0.11 62.89 -37.03
C14 CLA WF . -1.56 63.35 -37.11
C15 CLA WF . 0.03 61.71 -36.08
C16 CLA WF . -0.56 61.96 -34.70
C17 CLA WF . -0.64 60.69 -33.88
C18 CLA WF . -1.35 59.56 -34.62
C19 CLA WF . -0.91 58.20 -34.10
C20 CLA WF . -2.84 59.70 -34.53
MG CLA XF . 12.01 69.93 -43.71
CHA CLA XF . 11.64 66.48 -43.51
CHB CLA XF . 14.42 69.52 -46.06
CHC CLA XF . 12.18 73.33 -44.01
CHD CLA XF . 9.54 70.29 -41.20
NA CLA XF . 12.89 68.26 -44.60
C1A CLA XF . 12.60 66.90 -44.39
C2A CLA XF . 13.51 66.02 -45.25
C3A CLA XF . 14.53 67.02 -45.83
C4A CLA XF . 13.92 68.38 -45.50
CAA CLA XF . 12.75 65.32 -46.37
CBA CLA XF . 11.70 66.18 -47.01
CGA CLA XF . 10.50 65.35 -47.36
O1A CLA XF . 10.01 64.41 -46.73
O2A CLA XF . 9.90 65.74 -48.53
NB CLA XF . 13.19 71.19 -44.73
C1B CLA XF . 13.94 70.82 -45.80
C2B CLA XF . 14.20 71.98 -46.68
C3B CLA XF . 13.57 73.06 -46.12
C4B CLA XF . 12.92 72.57 -44.86
CMB CLA XF . 14.98 71.89 -47.92
CAB CLA XF . 13.48 74.42 -46.55
CBB CLA XF . 14.16 75.44 -46.01
NC CLA XF . 11.06 71.51 -42.75
C1C CLA XF . 11.30 72.83 -43.01
C2C CLA XF . 10.49 73.67 -42.14
C3C CLA XF . 9.72 72.81 -41.36
C4C CLA XF . 10.09 71.46 -41.75
CMC CLA XF . 10.50 75.13 -42.15
CAC CLA XF . 8.74 73.17 -40.33
CBC CLA XF . 7.32 73.16 -40.86
ND CLA XF . 10.78 68.73 -42.64
C1D CLA XF . 9.84 69.01 -41.61
C2D CLA XF . 9.28 67.74 -41.11
C3D CLA XF . 9.90 66.74 -41.84
C4D CLA XF . 10.86 67.41 -42.74
CMD CLA XF . 8.24 67.68 -40.10
CAD CLA XF . 10.02 65.32 -42.07
OBD CLA XF . 9.36 64.39 -41.62
CBD CLA XF . 11.19 65.11 -43.07
CGD CLA XF . 12.34 64.38 -42.46
O1D CLA XF . 13.50 64.79 -42.30
O2D CLA XF . 12.07 63.12 -42.04
CED CLA XF . 12.94 62.09 -42.53
C1 CLA XF . 10.03 64.84 -49.65
C2 CLA XF . 11.17 65.31 -50.47
C3 CLA XF . 11.24 65.15 -51.80
C4 CLA XF . 12.40 65.64 -52.59
C5 CLA XF . 10.15 64.47 -52.56
C6 CLA XF . 10.64 63.27 -53.34
C7 CLA XF . 9.58 62.80 -54.32
C8 CLA XF . 10.10 61.69 -55.24
C9 CLA XF . 11.25 62.19 -56.08
C10 CLA XF . 8.98 61.17 -56.13
MG CLA YF . 10.50 54.80 -33.59
CHA CLA YF . 10.02 57.29 -31.21
CHB CLA YF . 11.27 52.61 -31.13
CHC CLA YF . 10.77 52.36 -35.96
CHD CLA YF . 9.67 57.14 -36.11
NA CLA YF . 10.65 54.96 -31.51
C1A CLA YF . 10.40 56.08 -30.69
C2A CLA YF . 10.62 55.74 -29.21
C3A CLA YF . 11.21 54.31 -29.27
C4A CLA YF . 11.03 53.91 -30.73
CMA CLA YF . 12.65 54.28 -28.84
CAA CLA YF . 9.33 55.72 -28.41
CBA CLA YF . 8.15 55.15 -29.17
CGA CLA YF . 6.98 56.06 -29.07
O1A CLA YF . 6.87 57.23 -29.43
O2A CLA YF . 5.89 55.46 -28.50
NB CLA YF . 11.03 52.87 -33.56
C1B CLA YF . 11.14 52.11 -32.43
C2B CLA YF . 11.13 50.67 -32.78
C3B CLA YF . 10.98 50.59 -34.15
C4B CLA YF . 10.91 51.99 -34.66
CMB CLA YF . 11.23 49.60 -31.79
CAB CLA YF . 10.90 49.44 -35.01
CBB CLA YF . 11.85 49.05 -35.87
NC CLA YF . 10.30 54.77 -35.67
C1C CLA YF . 10.49 53.66 -36.44
C2C CLA YF . 10.31 54.00 -37.84
C3C CLA YF . 9.95 55.35 -37.89
C4C CLA YF . 9.97 55.82 -36.51
CMC CLA YF . 10.45 53.05 -38.95
CAC CLA YF . 9.69 56.15 -39.09
CBC CLA YF . 8.21 56.25 -39.42
ND CLA YF . 9.95 56.74 -33.70
C1D CLA YF . 9.65 57.57 -34.80
C2D CLA YF . 9.34 58.91 -34.31
C3D CLA YF . 9.47 58.88 -32.94
C4D CLA YF . 9.86 57.49 -32.61
CMD CLA YF . 8.96 60.02 -35.17
CAD CLA YF . 9.38 59.62 -31.70
OBD CLA YF . 9.09 60.79 -31.51
CBD CLA YF . 9.75 58.64 -30.56
CGD CLA YF . 10.96 59.11 -29.82
O1D CLA YF . 12.13 58.80 -30.03
O2D CLA YF . 10.69 59.98 -28.80
CED CLA YF . 11.76 60.34 -27.91
C1 LUT ZF . 8.41 74.18 -34.85
C2 LUT ZF . 9.84 73.72 -34.58
C3 LUT ZF . 10.04 72.31 -34.04
C4 LUT ZF . 8.94 71.92 -33.09
C5 LUT ZF . 7.62 72.07 -33.80
C6 LUT ZF . 7.33 73.18 -34.49
C7 LUT ZF . 5.93 73.42 -34.95
C8 LUT ZF . 5.06 74.02 -34.15
C9 LUT ZF . 3.66 74.30 -34.50
C10 LUT ZF . 2.99 75.11 -33.68
C11 LUT ZF . 1.60 75.50 -33.86
C12 LUT ZF . 1.09 76.25 -32.90
C13 LUT ZF . -0.29 76.75 -32.91
C14 LUT ZF . -0.57 77.75 -32.06
C15 LUT ZF . -1.86 78.40 -31.94
C16 LUT ZF . 8.26 74.48 -36.34
C17 LUT ZF . 8.25 75.49 -34.08
C18 LUT ZF . 6.68 70.90 -33.73
C19 LUT ZF . 3.01 73.69 -35.72
C20 LUT ZF . -1.31 76.16 -33.80
O3 LUT ZF . 11.29 72.25 -33.34
C21 LUT ZF . -9.99 87.18 -27.89
C22 LUT ZF . -11.31 87.83 -28.29
C23 LUT ZF . -12.52 87.40 -27.46
C24 LUT ZF . -12.48 85.93 -27.09
C25 LUT ZF . -11.32 85.29 -26.93
C26 LUT ZF . -10.13 85.66 -27.79
C27 LUT ZF . -8.85 85.05 -27.27
C28 LUT ZF . -8.26 84.16 -28.07
C29 LUT ZF . -7.00 83.49 -27.73
C30 LUT ZF . -6.29 83.05 -28.77
C31 LUT ZF . -5.00 82.37 -28.66
C32 LUT ZF . -4.71 81.53 -29.65
C33 LUT ZF . -3.45 80.78 -29.70
C34 LUT ZF . -3.21 80.06 -30.79
C35 LUT ZF . -1.97 79.31 -30.98
C36 LUT ZF . -9.47 87.77 -26.59
C37 LUT ZF . -8.99 87.54 -28.99
C38 LUT ZF . -11.21 84.20 -25.90
C39 LUT ZF . -6.53 83.34 -26.31
C40 LUT ZF . -2.46 80.85 -28.57
O23 LUT ZF . -13.70 87.66 -28.21
C1 XAT AG . 5.25 74.33 -19.39
C2 XAT AG . 6.26 75.28 -18.79
C3 XAT AG . 7.01 76.00 -19.90
C4 XAT AG . 6.03 77.01 -20.44
C5 XAT AG . 4.82 76.32 -21.10
C6 XAT AG . 4.41 74.94 -20.55
C7 XAT AG . 2.92 74.69 -20.52
C8 XAT AG . 2.47 73.79 -21.38
C9 XAT AG . 1.08 73.36 -21.53
C10 XAT AG . 0.84 72.43 -22.46
C11 XAT AG . -0.46 71.84 -22.73
C12 XAT AG . -0.38 70.74 -23.47
C13 XAT AG . -1.51 69.87 -23.86
C14 XAT AG . -1.22 68.86 -24.69
C15 XAT AG . -2.22 67.89 -25.11
C16 XAT AG . 4.35 73.83 -18.26
C17 XAT AG . 6.01 73.13 -19.93
C18 XAT AG . 3.64 77.24 -21.43
C19 XAT AG . -0.02 73.93 -20.70
C20 XAT AG . -2.88 70.09 -23.32
O3 XAT AG . 8.14 76.69 -19.36
O4 XAT AG . 5.04 75.12 -21.83
C21 XAT AG . -7.11 57.60 -31.28
C22 XAT AG . -8.24 56.77 -31.86
C23 XAT AG . -9.60 57.16 -31.31
C24 XAT AG . -9.86 58.55 -31.82
C25 XAT AG . -8.92 59.53 -31.13
C26 XAT AG . -7.49 59.04 -30.85
C27 XAT AG . -6.41 60.10 -30.98
C28 XAT AG . -5.83 60.48 -29.86
C29 XAT AG . -4.76 61.49 -29.81
C30 XAT AG . -4.49 62.05 -28.63
C31 XAT AG . -3.45 63.04 -28.44
C32 XAT AG . -3.66 64.03 -27.60
C33 XAT AG . -2.62 65.05 -27.35
C34 XAT AG . -2.86 65.95 -26.37
C35 XAT AG . -1.89 66.97 -26.00
C36 XAT AG . -5.99 57.65 -32.31
C37 XAT AG . -6.55 56.90 -30.06
C38 XAT AG . -8.97 60.97 -31.64
C39 XAT AG . -3.99 61.85 -31.05
C40 XAT AG . -1.37 65.06 -28.16
O23 XAT AG . -10.62 56.31 -31.85
O24 XAT AG . -8.46 59.22 -29.82
C1 BCR BG . -19.72 82.41 -4.35
C2 BCR BG . -20.45 81.10 -4.09
C3 BCR BG . -19.51 79.91 -3.86
C4 BCR BG . -18.57 80.16 -2.69
C5 BCR BG . -18.08 81.59 -2.69
C6 BCR BG . -18.32 82.38 -3.75
C7 BCR BG . -17.24 83.25 -4.27
C8 BCR BG . -16.16 82.72 -4.83
C9 BCR BG . -15.07 83.56 -5.37
C10 BCR BG . -14.13 82.98 -6.12
C11 BCR BG . -13.01 83.72 -6.69
C33 BCR BG . -17.36 82.13 -1.49
C31 BCR BG . -20.47 83.58 -3.72
C32 BCR BG . -19.61 82.63 -5.85
C34 BCR BG . -15.02 85.03 -5.06
C12 BCR BG . -12.09 83.03 -7.34
C13 BCR BG . -10.91 83.68 -7.97
C14 BCR BG . -10.16 82.93 -8.79
C15 BCR BG . -8.97 83.46 -9.46
C16 BCR BG . -8.44 82.74 -10.45
C17 BCR BG . -7.25 83.21 -11.15
C18 BCR BG . -6.79 82.53 -12.22
C19 BCR BG . -5.57 83.02 -12.91
C20 BCR BG . -5.15 82.46 -14.03
C21 BCR BG . -3.94 83.00 -14.64
C22 BCR BG . -3.28 82.36 -15.61
C23 BCR BG . -2.05 82.98 -16.16
C24 BCR BG . -1.43 82.48 -17.23
C25 BCR BG . -0.19 83.07 -17.79
C26 BCR BG . 0.99 82.82 -17.21
C27 BCR BG . 2.15 83.72 -17.45
C28 BCR BG . 2.29 83.84 -18.96
C29 BCR BG . 1.05 84.50 -19.52
C30 BCR BG . -0.28 83.92 -19.05
C35 BCR BG . -10.59 85.12 -7.69
C36 BCR BG . -7.47 81.28 -12.71
C37 BCR BG . -3.75 81.04 -16.14
C38 BCR BG . 1.21 81.62 -16.33
C39 BCR BG . -0.85 83.03 -20.15
C40 BCR BG . -1.23 85.09 -18.85
O1 LHG CG . -9.81 70.20 -48.41
C1 LHG CG . -8.50 70.72 -48.27
C2 LHG CG . -8.02 70.38 -46.89
O2 LHG CG . -7.61 69.02 -46.84
C3 LHG CG . -9.08 70.54 -45.83
O3 LHG CG . -8.31 70.23 -44.70
P LHG CG . -7.91 71.37 -43.63
O4 LHG CG . -7.67 72.63 -44.40
O5 LHG CG . -8.71 71.06 -42.42
O6 LHG CG . -6.36 70.82 -43.43
C4 LHG CG . -6.10 69.46 -43.30
C5 LHG CG . -5.18 69.38 -42.10
C6 LHG CG . -5.71 70.17 -40.92
O7 LHG CG . -5.16 68.03 -41.71
C7 LHG CG . -3.98 67.40 -41.94
O9 LHG CG . -2.99 67.97 -42.37
C8 LHG CG . -3.97 66.08 -41.32
C9 LHG CG . -2.58 65.52 -41.37
C10 LHG CG . -2.63 64.02 -41.22
O8 LHG CG . -4.83 69.84 -39.84
C23 LHG CG . -5.40 69.64 -38.61
O10 LHG CG . -6.59 69.78 -38.46
C24 LHG CG . -4.61 68.99 -37.50
C11 LHG CG . -1.42 63.61 -42.00
C12 LHG CG . -1.33 62.12 -42.00
C13 LHG CG . -0.69 61.69 -40.70
C14 LHG CG . -0.55 60.19 -40.67
C15 LHG CG . -0.11 59.84 -39.28
C16 LHG CG . -0.38 58.37 -39.03
C17 LHG CG . 0.46 57.51 -39.95
C18 LHG CG . -0.01 56.11 -39.65
C19 LHG CG . 0.63 55.03 -40.50
C20 LHG CG . 2.06 55.02 -40.00
C21 LHG CG . 2.91 54.12 -40.86
C22 LHG CG . 4.34 54.18 -40.36
C25 LHG CG . -4.03 67.64 -37.85
C26 LHG CG . -2.99 67.09 -36.87
C27 LHG CG . -1.70 67.71 -37.36
C28 LHG CG . -0.92 66.86 -38.33
C29 LHG CG . 0.41 67.58 -38.51
C30 LHG CG . 0.82 67.90 -39.93
C31 LHG CG . 2.24 68.36 -40.11
C32 LHG CG . 2.72 68.45 -41.54
C33 LHG CG . 4.04 69.19 -41.50
C34 LHG CG . 4.29 70.15 -42.65
C35 LHG CG . 3.26 71.26 -42.67
C36 LHG CG . 3.44 72.13 -41.43
C37 LHG CG . 3.17 73.54 -41.84
C38 LHG CG . 4.18 74.12 -42.81
MG CLA DG . -1.04 -57.86 -12.13
CHA CLA DG . -4.29 -58.96 -11.77
CHB CLA DG . -2.16 -54.71 -12.68
CHC CLA DG . 2.20 -56.78 -12.17
CHD CLA DG . 0.07 -61.12 -11.32
NA CLA DG . -2.92 -57.02 -12.26
C1A CLA DG . -4.16 -57.63 -12.03
C2A CLA DG . -5.29 -56.63 -12.17
C3A CLA DG . -4.59 -55.39 -12.74
C4A CLA DG . -3.11 -55.69 -12.53
CMA CLA DG . -4.94 -55.28 -14.17
CAA CLA DG . -5.93 -56.30 -10.83
CBA CLA DG . -4.98 -56.01 -9.67
CGA CLA DG . -4.60 -54.55 -9.64
O1A CLA DG . -5.29 -53.61 -10.01
O2A CLA DG . -3.33 -54.29 -9.22
NB CLA DG . -0.15 -56.07 -12.33
C1B CLA DG . -0.77 -54.89 -12.57
C2B CLA DG . 0.23 -53.82 -12.82
C3B CLA DG . 1.46 -54.41 -12.67
C4B CLA DG . 1.23 -55.85 -12.38
CMB CLA DG . -0.16 -52.45 -13.13
CAB CLA DG . 2.81 -53.91 -12.78
CBB CLA DG . 3.27 -52.74 -12.38
NC CLA DG . 0.80 -58.80 -11.86
C1C CLA DG . 1.99 -58.16 -11.94
C2C CLA DG . 3.06 -59.09 -11.68
C3C CLA DG . 2.48 -60.32 -11.40
C4C CLA DG . 1.05 -60.13 -11.51
CMC CLA DG . 4.48 -58.78 -11.67
CAC CLA DG . 3.18 -61.56 -11.07
CBC CLA DG . 3.33 -61.72 -9.59
ND CLA DG . -1.85 -59.68 -11.82
C1D CLA DG . -1.28 -60.93 -11.46
C2D CLA DG . -2.35 -61.91 -11.28
C3D CLA DG . -3.54 -61.22 -11.45
C4D CLA DG . -3.16 -59.82 -11.72
CMD CLA DG . -2.15 -63.32 -11.02
CAD CLA DG . -4.97 -61.30 -11.46
OBD CLA DG . -5.71 -62.26 -11.39
CBD CLA DG . -5.51 -59.84 -11.57
CGD CLA DG . -6.46 -59.71 -12.71
O1D CLA DG . -7.65 -59.37 -12.67
O2D CLA DG . -5.91 -60.00 -13.91
CED CLA DG . -6.12 -59.07 -14.97
C1 CLA DG . -2.78 -53.00 -9.56
C2 CLA DG . -1.34 -53.05 -9.23
C3 CLA DG . -0.61 -51.98 -8.87
C4 CLA DG . -1.18 -50.62 -8.77
C5 CLA DG . 0.83 -52.10 -8.53
C6 CLA DG . 1.13 -51.59 -7.14
C7 CLA DG . 2.35 -52.30 -6.59
C8 CLA DG . 2.89 -51.73 -5.29
C9 CLA DG . 3.02 -50.22 -5.34
C10 CLA DG . 4.23 -52.37 -4.93
C11 CLA DG . 4.12 -53.87 -4.86
C12 CLA DG . 5.24 -54.56 -5.62
C13 CLA DG . 6.37 -54.99 -4.70
C14 CLA DG . 7.42 -55.71 -5.49
C15 CLA DG . 5.86 -55.90 -3.58
MG CLA EG . 5.90 -48.67 -12.74
CHA CLA EG . 3.17 -46.70 -13.50
CHB CLA EG . 4.14 -50.19 -10.30
CHC CLA EG . 8.62 -50.69 -12.14
CHD CLA EG . 7.77 -46.95 -15.21
NA CLA EG . 3.95 -48.46 -12.04
C1A CLA EG . 2.94 -47.62 -12.51
C2A CLA EG . 1.66 -47.82 -11.72
C3A CLA EG . 2.07 -48.80 -10.61
C4A CLA EG . 3.48 -49.21 -11.01
CMA CLA EG . 2.11 -48.12 -9.27
CAA CLA EG . 0.64 -48.55 -12.57
CBA CLA EG . -0.55 -47.71 -12.94
CGA CLA EG . -1.34 -47.40 -11.72
O1A CLA EG . -1.79 -48.16 -10.88
O2A CLA EG . -1.52 -46.06 -11.53
NB CLA EG . 6.25 -50.25 -11.57
C1B CLA EG . 5.46 -50.62 -10.54
C2B CLA EG . 6.19 -51.54 -9.64
C3B CLA EG . 7.45 -51.69 -10.15
C4B CLA EG . 7.51 -50.86 -11.38
CMB CLA EG . 5.56 -52.07 -8.43
CAB CLA EG . 8.64 -52.39 -9.71
CBB CLA EG . 8.76 -53.44 -8.91
NC CLA EG . 7.83 -48.78 -13.52
C1C CLA EG . 8.78 -49.70 -13.14
C2C CLA EG . 9.98 -49.52 -13.92
C3C CLA EG . 9.74 -48.46 -14.78
C4C CLA EG . 8.38 -48.02 -14.54
CMC CLA EG . 11.19 -50.33 -13.76
CAC CLA EG . 10.64 -47.93 -15.79
CBC CLA EG . 10.40 -48.74 -17.04
ND CLA EG . 5.67 -47.06 -13.94
C1D CLA EG . 6.50 -46.49 -14.93
C2D CLA EG . 5.78 -45.38 -15.56
C3D CLA EG . 4.51 -45.42 -15.05
C4D CLA EG . 4.47 -46.51 -14.08
CMD CLA EG . 6.32 -44.46 -16.55
CAD CLA EG . 3.24 -44.78 -15.00
OBD CLA EG . 2.92 -43.70 -15.46
CBD CLA EG . 2.29 -45.67 -14.16
CGD CLA EG . 1.57 -44.81 -13.16
O1D CLA EG . 2.00 -44.38 -12.10
O2D CLA EG . 0.31 -44.49 -13.52
CED CLA EG . 0.08 -43.12 -13.85
C1 CLA EG . -0.73 -45.51 -10.46
C2 CLA EG . -1.68 -44.93 -9.50
C3 CLA EG . -1.38 -43.88 -8.73
C4 CLA EG . -2.36 -43.33 -7.79
C5 CLA EG . -0.04 -43.22 -8.81
C6 CLA EG . -0.11 -41.80 -9.33
C7 CLA EG . 1.28 -41.26 -9.56
C8 CLA EG . 1.29 -39.74 -9.68
C9 CLA EG . 0.73 -39.30 -11.02
C10 CLA EG . 2.69 -39.18 -9.49
MG CLA FG . 19.86 -54.18 -25.82
CHA CLA FG . 23.22 -53.51 -26.31
CHB CLA FG . 19.40 -51.03 -24.63
CHC CLA FG . 16.49 -54.80 -25.62
CHD CLA FG . 20.36 -57.41 -27.12
NA CLA FG . 21.13 -52.56 -25.50
C1A CLA FG . 22.49 -52.46 -25.80
C2A CLA FG . 23.02 -51.07 -25.43
C3A CLA FG . 21.83 -50.41 -24.71
C4A CLA FG . 20.67 -51.38 -24.97
CMA CLA FG . 22.11 -50.31 -23.25
CAA CLA FG . 23.41 -50.26 -26.67
CBA CLA FG . 22.27 -49.83 -27.56
CGA CLA FG . 22.71 -49.61 -28.97
O1A CLA FG . 23.85 -49.68 -29.44
O2A CLA FG . 21.68 -49.27 -29.80
NB CLA FG . 18.26 -53.14 -25.19
C1B CLA FG . 18.26 -51.84 -24.81
C2B CLA FG . 16.88 -51.37 -24.60
C3B CLA FG . 16.05 -52.42 -24.88
C4B CLA FG . 16.92 -53.57 -25.26
CMB CLA FG . 16.58 -50.00 -24.19
CAB CLA FG . 14.61 -52.52 -24.83
CBB CLA FG . 13.86 -52.25 -23.77
NC CLA FG . 18.67 -55.83 -26.24
C1C CLA FG . 17.31 -55.87 -26.06
C2C CLA FG . 16.79 -57.17 -26.46
C3C CLA FG . 17.88 -57.91 -26.92
C4C CLA FG . 19.06 -57.05 -26.78
CMC CLA FG . 15.39 -57.57 -26.39
CAC CLA FG . 17.85 -59.28 -27.43
CBC CLA FG . 17.77 -59.31 -28.94
ND CLA FG . 21.40 -55.28 -26.50
C1D CLA FG . 21.47 -56.60 -27.01
C2D CLA FG . 22.88 -56.92 -27.34
C3D CLA FG . 23.59 -55.77 -27.07
C4D CLA FG . 22.62 -54.77 -26.58
CMD CLA FG . 23.34 -58.20 -27.85
CAD CLA FG . 24.90 -55.14 -27.07
OBD CLA FG . 25.99 -55.61 -27.36
CBD CLA FG . 24.69 -53.66 -26.62
CGD CLA FG . 25.54 -53.27 -25.44
O1D CLA FG . 25.22 -53.29 -24.26
O2D CLA FG . 26.78 -52.83 -25.77
CED CLA FG . 27.36 -51.86 -24.91
C1 CLA FG . 21.75 -49.75 -31.15
C2 CLA FG . 20.70 -49.04 -31.91
C3 CLA FG . 19.90 -49.62 -32.83
C4 CLA FG . 20.01 -51.06 -33.17
C5 CLA FG . 18.87 -48.83 -33.54
C6 CLA FG . 18.94 -49.02 -35.04
C7 CLA FG . 17.99 -48.08 -35.75
C8 CLA FG . 18.75 -47.06 -36.59
C9 CLA FG . 18.94 -45.78 -35.79
C10 CLA FG . 18.05 -46.77 -37.91
C11 CLA FG . 17.87 -48.04 -38.71
C12 CLA FG . 17.48 -47.78 -40.15
C13 CLA FG . 17.06 -49.08 -40.83
C14 CLA FG . 15.75 -49.57 -40.25
C15 CLA FG . 18.14 -50.15 -40.72
C16 CLA FG . 17.69 -51.50 -41.22
C17 CLA FG . 18.69 -52.56 -40.83
C18 CLA FG . 18.70 -53.73 -41.81
C19 CLA FG . 19.76 -54.75 -41.44
C20 CLA FG . 17.34 -54.40 -41.86
MG CLA GG . 18.67 -46.28 -26.37
CHA CLA GG . 19.23 -45.83 -29.77
CHB CLA GG . 15.33 -45.99 -26.86
CHC CLA GG . 18.19 -46.65 -22.98
CHD CLA GG . 22.16 -46.48 -25.88
NA CLA GG . 17.49 -45.99 -28.07
C1A CLA GG . 17.89 -45.82 -29.41
C2A CLA GG . 16.69 -45.61 -30.32
C3A CLA GG . 15.49 -45.61 -29.34
C4A CLA GG . 16.14 -45.90 -27.99
CMA CLA GG . 14.78 -44.29 -29.29
CAA CLA GG . 16.51 -46.71 -31.34
CBA CLA GG . 15.40 -46.45 -32.34
CGA CLA GG . 15.60 -45.23 -33.19
O1A CLA GG . 16.09 -45.17 -34.31
O2A CLA GG . 15.17 -44.06 -32.63
NB CLA GG . 17.07 -46.25 -25.15
C1B CLA GG . 15.78 -46.24 -25.57
C2B CLA GG . 14.88 -46.52 -24.42
C3B CLA GG . 15.67 -46.72 -23.32
C4B CLA GG . 17.09 -46.54 -23.77
CMB CLA GG . 13.42 -46.57 -24.55
CAB CLA GG . 15.33 -47.03 -21.96
CBB CLA GG . 14.63 -48.10 -21.59
NC CLA GG . 19.94 -46.53 -24.74
C1C CLA GG . 19.53 -46.66 -23.44
C2C CLA GG . 20.68 -46.78 -22.57
C3C CLA GG . 21.81 -46.74 -23.38
C4C CLA GG . 21.33 -46.57 -24.75
CMC CLA GG . 20.59 -46.94 -21.13
CAC CLA GG . 23.22 -46.80 -22.95
CBC CLA GG . 23.76 -45.46 -22.54
ND CLA GG . 20.33 -46.33 -27.51
C1D CLA GG . 21.71 -46.37 -27.17
C2D CLA GG . 22.50 -46.24 -28.41
C3D CLA GG . 21.60 -46.03 -29.42
C4D CLA GG . 20.26 -46.06 -28.82
CMD CLA GG . 23.95 -46.27 -28.47
CAD CLA GG . 21.45 -45.79 -30.83
OBD CLA GG . 22.30 -45.73 -31.70
CBD CLA GG . 19.93 -45.58 -31.08
CGD CLA GG . 19.65 -44.20 -31.60
O1D CLA GG . 19.60 -43.81 -32.77
O2D CLA GG . 19.44 -43.30 -30.60
C1 CLA GG . 15.86 -42.86 -33.04
C2 CLA GG . 14.83 -41.85 -33.38
C3 CLA GG . 14.42 -41.59 -34.64
C4 CLA GG . 13.38 -40.57 -34.92
C5 CLA GG . 15.00 -42.31 -35.79
C6 CLA GG . 14.09 -43.39 -36.34
C7 CLA GG . 14.64 -43.96 -37.62
C8 CLA GG . 14.29 -43.09 -38.82
C9 CLA GG . 12.81 -43.17 -39.13
C10 CLA GG . 15.11 -43.51 -40.05
MG CLA HG . 20.06 -43.16 -14.84
CHA CLA HG . 19.04 -42.75 -18.12
CHB CLA HG . 22.40 -40.73 -15.28
CHC CLA HG . 20.85 -43.38 -11.52
CHD CLA HG . 17.44 -45.48 -14.37
NA CLA HG . 20.65 -41.98 -16.46
C1A CLA HG . 20.09 -41.94 -17.75
C2A CLA HG . 20.81 -40.91 -18.60
C3A CLA HG . 22.04 -40.54 -17.76
C4A CLA HG . 21.68 -41.10 -16.40
CMA CLA HG . 23.31 -41.13 -18.32
CAA CLA HG . 19.99 -39.64 -18.80
CBA CLA HG . 18.96 -39.33 -17.71
CGA CLA HG . 18.81 -37.86 -17.46
O1A CLA HG . 19.54 -36.93 -17.81
O2A CLA HG . 17.70 -37.56 -16.71
NB CLA HG . 21.45 -42.32 -13.66
C1B CLA HG . 22.16 -41.22 -13.99
C2B CLA HG . 22.74 -40.59 -12.77
C3B CLA HG . 22.30 -41.33 -11.70
C4B CLA HG . 21.48 -42.44 -12.25
CMB CLA HG . 23.56 -39.38 -12.82
CAB CLA HG . 22.53 -41.15 -10.29
NC CLA HG . 19.34 -44.30 -13.26
C1C CLA HG . 19.84 -44.26 -11.99
C2C CLA HG . 19.13 -45.20 -11.14
C3C CLA HG . 18.11 -45.75 -11.93
C4C CLA HG . 18.25 -45.17 -13.26
CMC CLA HG . 19.43 -45.44 -9.74
CAC CLA HG . 17.12 -46.76 -11.54
CBC CLA HG . 17.63 -48.17 -11.67
ND CLA HG . 18.58 -43.98 -15.94
C1D CLA HG . 17.57 -44.92 -15.62
C2D CLA HG . 16.78 -45.20 -16.84
C3D CLA HG . 17.33 -44.43 -17.85
C4D CLA HG . 18.43 -43.67 -17.22
CMD CLA HG . 15.67 -46.14 -16.93
CAD CLA HG . 17.28 -44.03 -19.24
OBD CLA HG . 16.54 -44.43 -20.13
CBD CLA HG . 18.36 -42.93 -19.44
CGD CLA HG . 19.41 -43.28 -20.45
O1D CLA HG . 20.50 -43.79 -20.24
O2D CLA HG . 19.11 -42.97 -21.75
CED CLA HG . 20.16 -43.10 -22.72
C1 CLA HG . 16.96 -36.35 -17.04
C2 CLA HG . 16.05 -36.07 -15.91
C3 CLA HG . 15.07 -35.14 -15.93
C4 CLA HG . 14.20 -34.92 -14.76
C5 CLA HG . 14.82 -34.30 -17.14
C6 CLA HG . 14.63 -32.82 -16.86
C7 CLA HG . 13.29 -32.32 -17.34
C8 CLA HG . 13.37 -31.18 -18.37
C9 CLA HG . 13.92 -31.67 -19.70
C10 CLA HG . 14.22 -30.01 -17.85
C11 CLA HG . 14.16 -28.84 -18.80
C12 CLA HG . 14.67 -27.56 -18.15
MG CLA IG . 3.49 -47.05 -30.33
CHA CLA IG . 4.32 -49.74 -28.35
CHB CLA IG . 6.74 -46.67 -31.20
CHC CLA IG . 2.57 -44.43 -32.33
CHD CLA IG . 0.08 -47.59 -29.55
NA CLA IG . 5.24 -48.05 -29.81
C1A CLA IG . 5.38 -49.18 -29.00
C2A CLA IG . 6.84 -49.60 -28.90
C3A CLA IG . 7.58 -48.52 -29.70
C4A CLA IG . 6.46 -47.68 -30.29
CMA CLA IG . 8.45 -47.71 -28.78
CAA CLA IG . 7.11 -50.95 -29.53
CBA CLA IG . 6.48 -51.08 -30.90
CGA CLA IG . 5.85 -52.41 -31.04
O1A CLA IG . 5.09 -52.98 -30.28
O2A CLA IG . 6.20 -53.05 -32.21
NB CLA IG . 4.47 -45.80 -31.54
C1B CLA IG . 5.79 -45.81 -31.78
C2B CLA IG . 6.13 -44.73 -32.72
C3B CLA IG . 4.97 -44.11 -33.05
C4B CLA IG . 3.88 -44.77 -32.29
CMB CLA IG . 7.47 -44.47 -33.20
CAB CLA IG . 4.74 -42.98 -33.91
CBB CLA IG . 5.03 -41.74 -33.56
NC CLA IG . 1.67 -46.16 -30.81
C1C CLA IG . 1.52 -45.09 -31.64
C2C CLA IG . 0.12 -44.72 -31.72
C3C CLA IG . -0.57 -45.67 -30.99
C4C CLA IG . 0.39 -46.57 -30.44
CMC CLA IG . -0.42 -43.59 -32.46
CAC CLA IG . -2.01 -45.77 -30.77
CBC CLA IG . -2.67 -46.73 -31.73
ND CLA IG . 2.40 -48.27 -29.17
C1D CLA IG . 1.01 -48.39 -28.94
C2D CLA IG . 0.78 -49.44 -27.94
C3D CLA IG . 2.01 -49.95 -27.67
C4D CLA IG . 2.99 -49.23 -28.49
CMD CLA IG . -0.50 -49.80 -27.35
CAD CLA IG . 2.73 -50.88 -26.89
OBD CLA IG . 2.27 -51.54 -26.00
CBD CLA IG . 4.21 -50.86 -27.35
CGD CLA IG . 5.12 -50.59 -26.19
O1D CLA IG . 5.50 -49.48 -25.79
O2D CLA IG . 5.57 -51.69 -25.56
CED CLA IG . 6.93 -51.68 -25.12
C1 CLA IG . 5.91 -54.45 -32.29
C2 CLA IG . 6.99 -55.08 -33.08
C3 CLA IG . 6.81 -55.48 -34.35
C4 CLA IG . 5.52 -55.32 -35.05
C5 CLA IG . 7.91 -56.11 -35.14
C6 CLA IG . 9.29 -55.70 -34.70
C7 CLA IG . 9.74 -54.46 -35.45
C8 CLA IG . 11.23 -54.45 -35.69
C9 CLA IG . 11.63 -55.59 -36.62
C10 CLA IG . 12.01 -54.58 -34.39
MG CLA JG . 6.29 -43.93 -20.48
CHA CLA JG . 3.46 -45.27 -19.03
CHB CLA JG . 4.60 -41.05 -21.10
CHC CLA JG . 9.20 -42.49 -21.61
CHD CLA JG . 8.09 -46.82 -19.63
NA CLA JG . 4.32 -43.32 -20.19
C1A CLA JG . 3.28 -44.01 -19.54
C2A CLA JG . 2.01 -43.15 -19.54
C3A CLA JG . 2.38 -41.95 -20.42
C4A CLA JG . 3.88 -42.09 -20.59
CMA CLA JG . 1.74 -42.06 -21.76
CAA CLA JG . 1.57 -42.68 -18.17
CBA CLA JG . 1.70 -41.20 -17.91
CGA CLA JG . 2.79 -40.95 -16.91
O1A CLA JG . 4.00 -40.91 -17.09
O2A CLA JG . 2.32 -40.77 -15.65
NB CLA JG . 6.83 -42.09 -21.09
C1B CLA JG . 5.97 -41.07 -21.34
C2B CLA JG . 6.66 -39.97 -22.03
C3B CLA JG . 7.97 -40.36 -22.18
C4B CLA JG . 8.08 -41.73 -21.61
CMB CLA JG . 5.94 -38.79 -22.46
CAB CLA JG . 9.08 -39.72 -22.82
CBB CLA JG . 10.12 -39.18 -22.20
NC CLA JG . 8.26 -44.59 -20.69
C1C CLA JG . 9.26 -43.85 -21.21
C2C CLA JG . 10.50 -44.58 -21.21
C3C CLA JG . 10.23 -45.81 -20.60
C4C CLA JG . 8.81 -45.80 -20.27
CMC CLA JG . 11.73 -44.00 -21.76
CAC CLA JG . 11.16 -46.93 -20.38
CBC CLA JG . 12.24 -46.65 -19.35
ND CLA JG . 5.86 -45.78 -19.82
C1D CLA JG . 6.73 -46.81 -19.39
C2D CLA JG . 5.93 -47.83 -18.67
C3D CLA JG . 4.67 -47.31 -18.55
C4D CLA JG . 4.69 -45.99 -19.20
CMD CLA JG . 6.44 -49.10 -18.16
CAD CLA JG . 3.34 -47.52 -18.03
OBD CLA JG . 2.83 -48.51 -17.54
CBD CLA JG . 2.57 -46.18 -18.20
CGD CLA JG . 1.26 -46.50 -18.83
O1D CLA JG . 0.26 -47.00 -18.32
O2D CLA JG . 1.21 -46.22 -20.15
CED CLA JG . -0.03 -45.73 -20.65
C1 CLA JG . 3.19 -40.03 -14.75
C2 CLA JG . 3.60 -40.97 -13.68
C3 CLA JG . 4.66 -40.74 -12.88
C4 CLA JG . 5.51 -39.54 -13.01
C5 CLA JG . 5.04 -41.71 -11.82
C6 CLA JG . 5.60 -43.01 -12.34
C7 CLA JG . 6.62 -43.60 -11.39
C8 CLA JG . 6.30 -45.01 -10.91
C9 CLA JG . 4.87 -45.10 -10.42
C10 CLA JG . 7.26 -45.40 -9.80
C11 CLA JG . 7.51 -46.89 -9.71
C12 CLA JG . 6.85 -47.51 -8.49
C13 CLA JG . 7.88 -47.99 -7.48
C14 CLA JG . 7.34 -49.17 -6.68
C15 CLA JG . 8.32 -46.88 -6.55
MG CLA KG . 2.38 -58.48 -28.20
CHA CLA KG . -0.25 -57.55 -30.23
CHB CLA KG . 1.16 -61.65 -28.10
CHC CLA KG . 5.24 -59.48 -26.64
CHD CLA KG . 3.66 -55.22 -28.48
NA CLA KG . 0.68 -59.39 -28.96
C1A CLA KG . -0.27 -58.86 -29.83
C2A CLA KG . -1.32 -59.90 -30.18
C3A CLA KG . -1.01 -61.04 -29.20
C4A CLA KG . 0.39 -60.70 -28.72
CMA CLA KG . -1.95 -60.92 -28.06
CAA CLA KG . -1.19 -60.35 -31.64
CBA CLA KG . -0.50 -61.68 -31.89
CGA CLA KG . 0.98 -61.52 -31.85
O1A CLA KG . 1.62 -60.50 -31.64
O2A CLA KG . 1.67 -62.68 -32.11
NB CLA KG . 3.10 -60.23 -27.57
C1B CLA KG . 2.43 -61.41 -27.58
C2B CLA KG . 3.22 -62.46 -26.88
C3B CLA KG . 4.37 -61.86 -26.46
C4B CLA KG . 4.31 -60.43 -26.86
CMB CLA KG . 2.74 -63.83 -26.72
CAB CLA KG . 5.46 -62.41 -25.70
CBB CLA KG . 6.23 -63.42 -26.10
NC CLA KG . 4.11 -57.50 -27.61
C1C CLA KG . 5.17 -58.10 -26.98
C2C CLA KG . 6.22 -57.13 -26.76
C3C CLA KG . 5.78 -55.92 -27.28
C4C CLA KG . 4.44 -56.17 -27.82
CMC CLA KG . 7.51 -57.40 -26.14
CAC CLA KG . 6.49 -54.65 -27.29
CBC CLA KG . 7.45 -54.51 -28.46
ND CLA KG . 1.75 -56.69 -28.89
C1D CLA KG . 2.42 -55.45 -29.00
C2D CLA KG . 1.54 -54.50 -29.73
C3D CLA KG . 0.51 -55.26 -30.20
C4D CLA KG . 0.72 -56.63 -29.71
CMD CLA KG . 1.81 -53.08 -29.92
CAD CLA KG . -0.75 -55.25 -30.93
OBD CLA KG . -1.41 -54.32 -31.33
CBD CLA KG . -1.14 -56.73 -31.12
CGD CLA KG . -2.59 -56.92 -30.83
O1D CLA KG . -3.08 -57.41 -29.82
O2D CLA KG . -3.41 -56.48 -31.80
CED CLA KG . -4.82 -56.64 -31.63
C1 CLA KG . 1.98 -63.56 -31.00
C2 CLA KG . 3.31 -63.19 -30.48
C3 CLA KG . 4.32 -64.08 -30.39
C4 CLA KG . 4.16 -65.49 -30.80
C5 CLA KG . 5.65 -63.68 -29.85
C6 CLA KG . 6.80 -64.22 -30.68
C7 CLA KG . 8.13 -63.88 -30.05
C8 CLA KG . 9.28 -64.08 -31.03
C9 CLA KG . 10.61 -63.98 -30.33
C10 CLA KG . 9.23 -63.05 -32.16
C11 CLA KG . 10.19 -63.44 -33.27
C12 CLA KG . 10.67 -62.25 -34.07
C13 CLA KG . 9.51 -61.44 -34.62
C14 CLA KG . 8.86 -62.18 -35.78
C15 CLA KG . 9.92 -60.01 -34.95
C16 CLA KG . 10.61 -59.90 -36.30
C17 CLA KG . 9.90 -58.88 -37.18
C18 CLA KG . 10.29 -58.99 -38.64
C19 CLA KG . 9.54 -57.95 -39.44
C20 CLA KG . 11.79 -58.80 -38.81
MG CLA LG . 2.60 -72.76 -16.77
CHA CLA LG . 1.28 -71.53 -19.75
CHB CLA LG . 0.40 -75.32 -16.83
CHC CLA LG . 4.10 -74.01 -13.93
CHD CLA LG . 4.85 -70.03 -16.71
NA CLA LG . 1.08 -73.31 -18.08
C1A CLA LG . 0.70 -72.69 -19.29
C2A CLA LG . -0.46 -73.45 -19.93
C3A CLA LG . -0.82 -74.51 -18.88
C4A CLA LG . 0.30 -74.40 -17.85
CMA CLA LG . -2.18 -74.21 -18.28
CAA CLA LG . -0.01 -74.17 -21.20
NB CLA LG . 2.31 -74.37 -15.61
C1B CLA LG . 1.37 -75.31 -15.80
C2B CLA LG . 1.48 -76.36 -14.74
C3B CLA LG . 2.52 -75.99 -13.92
C4B CLA LG . 3.07 -74.71 -14.46
CMB CLA LG . 0.59 -77.52 -14.66
CAB CLA LG . 3.05 -76.63 -12.75
NC CLA LG . 4.17 -72.12 -15.54
C1C CLA LG . 4.61 -72.78 -14.43
C2C CLA LG . 5.74 -72.06 -13.83
C3C CLA LG . 5.95 -70.93 -14.62
C4C CLA LG . 4.96 -70.98 -15.69
CMC CLA LG . 6.48 -72.47 -12.65
CAC CLA LG . 6.98 -69.90 -14.44
ND CLA LG . 2.98 -71.12 -17.88
C1D CLA LG . 3.96 -70.09 -17.74
C2D CLA LG . 3.81 -69.14 -18.86
C3D CLA LG . 2.81 -69.64 -19.67
C4D CLA LG . 2.33 -70.88 -19.02
CMD CLA LG . 4.64 -67.96 -19.02
CAD CLA LG . 2.02 -69.45 -20.86
OBD CLA LG . 2.05 -68.54 -21.67
CBD CLA LG . 1.05 -70.67 -20.98
CGD CLA LG . -0.39 -70.26 -21.16
O1D CLA LG . -1.17 -70.60 -22.06
O2D CLA LG . -0.86 -69.43 -20.19
MG CLA MG . 7.91 -68.08 -23.20
CHA CLA MG . 5.10 -69.63 -24.45
CHB CLA MG . 8.19 -66.31 -26.09
CHC CLA MG . 10.88 -66.78 -22.07
CHD CLA MG . 7.78 -70.19 -20.37
NA CLA MG . 6.74 -67.93 -24.93
C1A CLA MG . 5.60 -68.67 -25.27
C2A CLA MG . 5.09 -68.25 -26.64
C3A CLA MG . 6.09 -67.19 -27.11
C4A CLA MG . 7.08 -67.11 -25.97
CMA CLA MG . 6.81 -67.62 -28.36
CAA CLA MG . 3.74 -67.58 -26.59
CBA CLA MG . 3.07 -67.60 -27.95
CGA CLA MG . 3.24 -68.94 -28.58
NB CLA MG . 9.24 -66.75 -23.91
C1B CLA MG . 9.20 -66.17 -25.13
C2B CLA MG . 10.41 -65.36 -25.37
C3B CLA MG . 11.19 -65.48 -24.24
C4B CLA MG . 10.46 -66.36 -23.29
CMB CLA MG . 10.65 -64.64 -26.61
CAB CLA MG . 12.48 -64.86 -24.00
CBB CLA MG . 13.58 -65.43 -23.54
NC CLA MG . 9.06 -68.37 -21.49
C1C CLA MG . 10.23 -67.73 -21.22
C2C CLA MG . 10.77 -68.18 -19.96
C3C CLA MG . 9.92 -69.16 -19.49
C4C CLA MG . 8.84 -69.28 -20.46
CMC CLA MG . 12.02 -67.71 -19.37
CAC CLA MG . 10.06 -69.95 -18.25
CBC CLA MG . 10.93 -71.16 -18.45
ND CLA MG . 6.66 -69.45 -22.43
C1D CLA MG . 6.76 -70.29 -21.29
C2D CLA MG . 5.63 -71.24 -21.28
C3D CLA MG . 4.96 -71.03 -22.48
C4D CLA MG . 5.67 -69.94 -23.16
CMD CLA MG . 5.38 -72.22 -20.23
CAD CLA MG . 3.86 -71.44 -23.32
OBD CLA MG . 2.99 -72.27 -23.11
CBD CLA MG . 3.98 -70.62 -24.63
CGD CLA MG . 4.25 -71.52 -25.82
O1D CLA MG . 5.33 -71.75 -26.36
O2D CLA MG . 3.14 -72.14 -26.30
CED CLA MG . 3.19 -73.55 -26.49
MG CLA NG . 16.42 -64.43 -7.80
CHA CLA NG . 19.49 -65.12 -6.31
CHB CLA NG . 16.73 -67.15 -9.80
CHC CLA NG . 13.26 -63.83 -8.99
CHD CLA NG . 16.11 -61.61 -5.70
NA CLA NG . 17.91 -65.88 -8.02
C1A CLA NG . 19.09 -66.03 -7.27
C2A CLA NG . 19.86 -67.26 -7.76
C3A CLA NG . 19.00 -67.81 -8.91
C4A CLA NG . 17.78 -66.89 -8.92
CMA CLA NG . 19.76 -67.82 -10.21
CAA CLA NG . 20.00 -68.32 -6.68
CBA CLA NG . 18.69 -68.96 -6.26
CGA CLA NG . 18.11 -68.27 -5.07
O2A CLA NG . 16.89 -67.72 -5.35
NB CLA NG . 15.24 -65.30 -9.17
C1B CLA NG . 15.54 -66.39 -9.89
C2B CLA NG . 14.41 -66.71 -10.80
C3B CLA NG . 13.42 -65.78 -10.57
C4B CLA NG . 13.95 -64.88 -9.51
CMB CLA NG . 14.40 -67.84 -11.71
CAB CLA NG . 12.11 -65.65 -11.14
CBB CLA NG . 11.70 -64.66 -11.94
NC CLA NG . 14.97 -62.99 -7.42
C1C CLA NG . 13.73 -62.96 -7.99
C2C CLA NG . 12.95 -61.86 -7.45
C3C CLA NG . 13.77 -61.20 -6.54
C4C CLA NG . 15.02 -61.93 -6.52
CMC CLA NG . 11.58 -61.54 -7.81
CAC CLA NG . 13.44 -60.05 -5.70
CBC CLA NG . 12.95 -60.46 -4.34
ND CLA NG . 17.50 -63.53 -6.35
C1D CLA NG . 17.26 -62.35 -5.61
C2D CLA NG . 18.42 -62.07 -4.77
C3D CLA NG . 19.30 -63.11 -4.96
C4D CLA NG . 18.68 -63.99 -5.96
CMD CLA NG . 18.47 -60.87 -3.94
CAD CLA NG . 20.60 -63.67 -4.64
OBD CLA NG . 21.46 -63.26 -3.87
CBD CLA NG . 20.74 -65.00 -5.46
CGD CLA NG . 22.01 -65.05 -6.27
O1D CLA NG . 22.55 -64.12 -6.87
O2D CLA NG . 22.58 -66.28 -6.31
C1 CLA NG . 16.56 -66.47 -4.72
C2 CLA NG . 15.11 -66.22 -4.86
C3 CLA NG . 14.50 -65.21 -4.22
C4 CLA NG . 15.23 -64.29 -3.32
C5 CLA NG . 13.04 -64.95 -4.37
C6 CLA NG . 12.41 -65.64 -5.55
C7 CLA NG . 10.95 -65.25 -5.68
C8 CLA NG . 10.37 -65.62 -7.03
C9 CLA NG . 8.88 -65.31 -7.07
C10 CLA NG . 10.60 -67.09 -7.34
MG CLA OG . 17.74 -73.61 -7.37
CHA CLA OG . 16.59 -72.25 -4.38
CHB CLA OG . 19.15 -76.17 -5.65
CHC CLA OG . 18.73 -74.98 -10.36
CHD CLA OG . 16.11 -71.01 -9.12
NA CLA OG . 17.88 -74.08 -5.34
C1A CLA OG . 17.33 -73.40 -4.24
C2A CLA OG . 17.67 -74.12 -2.93
C3A CLA OG . 18.60 -75.27 -3.37
C4A CLA OG . 18.56 -75.18 -4.89
CMA CLA OG . 19.99 -75.10 -2.82
CAA CLA OG . 16.45 -74.75 -2.26
NB CLA OG . 18.80 -75.23 -7.90
C1B CLA OG . 19.22 -76.21 -7.05
C2B CLA OG . 19.80 -77.34 -7.83
C3B CLA OG . 19.68 -77.01 -9.15
C4B CLA OG . 19.05 -75.66 -9.22
CMB CLA OG . 20.33 -78.55 -7.20
CAB CLA OG . 20.05 -77.75 -10.33
CBB CLA OG . 19.20 -78.31 -11.19
NC CLA OG . 17.50 -73.07 -9.37
C1C CLA OG . 18.00 -73.76 -10.43
C2C CLA OG . 17.66 -73.09 -11.67
C3C CLA OG . 16.89 -71.99 -11.33
C4C CLA OG . 16.80 -71.97 -9.88
CMC CLA OG . 18.03 -73.56 -13.00
CAC CLA OG . 16.32 -71.00 -12.27
CBC CLA OG . 14.94 -71.42 -12.74
ND CLA OG . 16.63 -71.99 -6.93
C1D CLA OG . 16.01 -71.01 -7.74
C2D CLA OG . 15.30 -70.05 -6.88
C3D CLA OG . 15.51 -70.46 -5.59
C4D CLA OG . 16.34 -71.69 -5.67
CMD CLA OG . 14.55 -68.89 -7.37
CAD CLA OG . 15.25 -70.19 -4.19
OBD CLA OG . 14.64 -69.27 -3.67
CBD CLA OG . 15.92 -71.34 -3.38
CGD CLA OG . 16.90 -70.79 -2.37
O1D CLA OG . 18.13 -70.86 -2.40
O2D CLA OG . 16.30 -70.17 -1.32
MG CLA PG . 26.97 -55.63 -31.54
CHA CLA PG . 29.94 -53.83 -31.75
CHB CLA PG . 25.40 -52.95 -30.21
CHC CLA PG . 24.06 -57.47 -31.41
CHD CLA PG . 28.60 -58.39 -33.05
NA CLA PG . 27.60 -53.71 -31.05
C1A CLA PG . 28.87 -53.13 -31.22
C2A CLA PG . 28.87 -51.68 -30.73
C3A CLA PG . 27.45 -51.49 -30.16
C4A CLA PG . 26.74 -52.80 -30.49
CMA CLA PG . 27.48 -51.20 -28.69
CAA CLA PG . 29.07 -50.66 -31.84
CBA CLA PG . 28.30 -51.01 -33.10
NB CLA PG . 25.10 -55.29 -30.89
C1B CLA PG . 24.63 -54.10 -30.44
C2B CLA PG . 23.16 -54.21 -30.20
C3B CLA PG . 22.79 -55.48 -30.53
C4B CLA PG . 24.02 -56.18 -30.97
CMB CLA PG . 22.33 -53.11 -29.71
CAB CLA PG . 21.50 -56.12 -30.50
CBB CLA PG . 20.73 -56.33 -31.56
NC CLA PG . 26.46 -57.58 -32.09
C1C CLA PG . 25.22 -58.12 -31.93
C2C CLA PG . 25.19 -59.49 -32.40
C3C CLA PG . 26.47 -59.74 -32.90
C4C CLA PG . 27.25 -58.53 -32.70
CMC CLA PG . 24.04 -60.38 -32.37
CAC CLA PG . 26.93 -61.00 -33.49
ND CLA PG . 28.82 -56.08 -32.23
C1D CLA PG . 29.35 -57.25 -32.84
C2D CLA PG . 30.78 -57.02 -33.16
C3D CLA PG . 31.06 -55.74 -32.72
C4D CLA PG . 29.80 -55.19 -32.18
CMD CLA PG . 31.66 -58.01 -33.78
CAD CLA PG . 32.08 -54.71 -32.61
OBD CLA PG . 33.27 -54.76 -32.90
CBD CLA PG . 31.38 -53.46 -32.01
CGD CLA PG . 32.06 -52.94 -30.78
O1D CLA PG . 32.39 -51.78 -30.54
O2D CLA PG . 32.32 -53.88 -29.84
MG CLA QG . 7.61 -34.09 -21.78
CHA CLA QG . 7.10 -31.25 -23.66
CHB CLA QG . 10.98 -33.58 -21.98
CHC CLA QG . 8.07 -36.61 -19.51
CHD CLA QG . 4.11 -34.53 -21.56
NA CLA QG . 8.82 -32.68 -22.74
C1A CLA QG . 8.41 -31.55 -23.44
C2A CLA QG . 9.62 -30.78 -23.96
C3A CLA QG . 10.79 -31.74 -23.69
C4A CLA QG . 10.18 -32.74 -22.72
CMA CLA QG . 11.21 -32.40 -24.97
CAA CLA QG . 9.83 -29.51 -23.16
NB CLA QG . 9.22 -34.91 -20.90
C1B CLA QG . 10.51 -34.56 -21.08
C2B CLA QG . 11.39 -35.38 -20.22
C3B CLA QG . 10.58 -36.24 -19.52
C4B CLA QG . 9.18 -35.97 -19.95
CMB CLA QG . 12.84 -35.25 -20.21
CAB CLA QG . 10.90 -37.26 -18.57
CBB CLA QG . 11.04 -38.55 -18.86
NC CLA QG . 6.33 -35.39 -20.79
C1C CLA QG . 6.73 -36.36 -19.92
C2C CLA QG . 5.58 -37.07 -19.40
C3C CLA QG . 4.45 -36.48 -19.97
C4C CLA QG . 4.93 -35.42 -20.84
CMC CLA QG . 5.64 -38.18 -18.45
CAC CLA QG . 3.04 -36.85 -19.75
CBC CLA QG . 2.45 -36.11 -18.58
ND CLA QG . 5.95 -33.25 -22.56
C1D CLA QG . 4.58 -33.51 -22.37
C2D CLA QG . 3.79 -32.49 -23.10
C3D CLA QG . 4.70 -31.60 -23.59
C4D CLA QG . 6.04 -32.09 -23.21
CMD CLA QG . 2.34 -32.48 -23.17
CAD CLA QG . 4.91 -30.36 -24.33
OBD CLA QG . 4.09 -29.60 -24.82
CBD CLA QG . 6.45 -30.11 -24.40
CGD CLA QG . 6.94 -30.11 -25.82
O1D CLA QG . 7.01 -31.07 -26.57
O2D CLA QG . 7.35 -28.90 -26.27
C1 LUT RG . 17.56 -66.24 -14.73
C2 LUT RG . 18.84 -66.05 -13.93
C3 LUT RG . 18.77 -65.21 -12.66
C4 LUT RG . 17.90 -64.00 -12.86
C5 LUT RG . 16.55 -64.43 -13.35
C6 LUT RG . 16.40 -65.35 -14.30
C7 LUT RG . 15.07 -65.57 -14.92
C8 LUT RG . 14.65 -64.82 -15.94
C9 LUT RG . 13.34 -64.99 -16.59
C10 LUT RG . 13.13 -64.24 -17.68
C11 LUT RG . 11.93 -64.24 -18.49
C12 LUT RG . 11.99 -63.44 -19.54
C13 LUT RG . 10.89 -63.33 -20.51
C14 LUT RG . 11.14 -62.65 -21.63
C15 LUT RG . 10.15 -62.52 -22.67
C16 LUT RG . 17.11 -67.68 -14.56
C17 LUT RG . 17.95 -66.01 -16.19
C18 LUT RG . 15.38 -63.74 -12.69
C19 LUT RG . 12.31 -65.94 -16.06
C20 LUT RG . 9.57 -63.97 -20.25
O3 LUT RG . 20.08 -64.75 -12.35
C21 LUT RG . 5.08 -60.32 -34.03
C22 LUT RG . 3.90 -60.48 -34.98
C23 LUT RG . 3.13 -59.20 -35.22
C24 LUT RG . 2.85 -58.49 -33.93
C25 LUT RG . 3.69 -58.55 -32.89
C26 LUT RG . 4.64 -59.70 -32.71
C27 LUT RG . 5.83 -59.27 -31.88
C28 LUT RG . 6.05 -59.89 -30.73
C29 LUT RG . 7.20 -59.55 -29.89
C30 LUT RG . 7.58 -60.44 -28.98
C31 LUT RG . 8.69 -60.27 -28.07
C32 LUT RG . 8.65 -61.02 -26.97
C33 LUT RG . 9.70 -61.00 -25.93
C34 LUT RG . 9.52 -61.78 -24.86
C35 LUT RG . 10.48 -61.89 -23.79
C36 LUT RG . 6.18 -59.49 -34.69
C37 LUT RG . 5.64 -61.72 -33.79
C38 LUT RG . 3.64 -57.44 -31.91
C39 LUT RG . 7.91 -58.24 -30.06
C40 LUT RG . 10.93 -60.17 -26.10
O23 LUT RG . 1.88 -59.53 -35.84
C1 XAT SG . 18.26 -50.72 -19.60
C2 XAT SG . 19.66 -50.75 -20.20
C3 XAT SG . 20.24 -52.13 -20.13
C4 XAT SG . 19.48 -52.91 -21.18
C5 XAT SG . 18.03 -53.07 -20.75
C6 XAT SG . 17.38 -51.94 -19.92
C7 XAT SG . 15.89 -51.74 -20.16
C8 XAT SG . 15.12 -52.20 -19.19
C9 XAT SG . 13.65 -52.14 -19.13
C10 XAT SG . 13.08 -52.57 -17.99
C11 XAT SG . 11.66 -52.59 -17.69
C12 XAT SG . 11.36 -52.98 -16.46
C13 XAT SG . 10.01 -53.05 -15.90
C14 XAT SG . 9.81 -53.76 -14.78
C15 XAT SG . 8.51 -53.83 -14.13
C16 XAT SG . 17.58 -49.44 -20.04
C17 XAT SG . 18.42 -50.68 -18.09
C18 XAT SG . 17.09 -53.69 -21.78
C19 XAT SG . 12.82 -51.64 -20.28
C20 XAT SG . 8.87 -52.31 -16.54
O3 XAT SG . 21.63 -52.12 -20.44
O4 XAT SG . 17.76 -53.19 -19.36
C21 XAT SG . -0.76 -56.20 -5.66
C22 XAT SG . -2.08 -56.62 -5.07
C23 XAT SG . -3.18 -56.46 -6.10
C24 XAT SG . -2.94 -57.60 -7.05
C25 XAT SG . -1.65 -57.40 -7.84
C26 XAT SG . -0.51 -56.64 -7.13
C27 XAT SG . 0.89 -57.09 -7.47
C28 XAT SG . 1.67 -56.20 -8.08
C29 XAT SG . 3.05 -56.52 -8.46
C30 XAT SG . 3.71 -55.63 -9.20
C31 XAT SG . 5.09 -55.84 -9.63
C32 XAT SG . 5.43 -55.25 -10.76
C33 XAT SG . 6.78 -55.35 -11.32
C34 XAT SG . 7.07 -54.56 -12.35
C35 XAT SG . 8.37 -54.53 -13.01
C36 XAT SG . 0.33 -56.74 -4.75
C37 XAT SG . -0.70 -54.68 -5.61
C38 XAT SG . -1.13 -58.58 -8.66
C39 XAT SG . 3.71 -57.77 -7.99
C40 XAT SG . 7.76 -56.33 -10.73
O23 XAT SG . -4.45 -56.58 -5.46
O24 XAT SG . -1.28 -56.07 -8.19
C1 BCR TG . 4.54 -33.81 -38.85
C2 BCR TG . 3.74 -32.69 -38.20
C3 BCR TG . 4.60 -31.52 -37.73
C4 BCR TG . 5.65 -32.06 -36.78
C5 BCR TG . 6.49 -32.99 -37.60
C6 BCR TG . 5.90 -34.01 -38.20
C7 BCR TG . 6.62 -35.30 -38.26
C8 BCR TG . 6.90 -36.01 -37.15
C9 BCR TG . 7.64 -37.29 -37.20
C10 BCR TG . 7.88 -37.96 -36.06
C11 BCR TG . 8.62 -39.23 -36.06
C33 BCR TG . 7.95 -32.70 -37.77
C31 BCR TG . 4.67 -33.49 -40.33
C32 BCR TG . 3.72 -35.07 -38.79
C34 BCR TG . 8.16 -37.83 -38.50
C12 BCR TG . 8.77 -39.88 -34.91
C13 BCR TG . 9.52 -41.15 -34.86
C14 BCR TG . 9.98 -41.59 -33.69
C15 BCR TG . 10.73 -42.83 -33.54
C16 BCR TG . 10.74 -43.45 -32.36
C17 BCR TG . 11.49 -44.67 -32.14
C18 BCR TG . 11.43 -45.33 -30.98
C19 BCR TG . 12.25 -46.53 -30.80
C20 BCR TG . 12.39 -47.13 -29.63
C21 BCR TG . 13.28 -48.28 -29.50
C22 BCR TG . 13.30 -49.03 -28.40
C23 BCR TG . 14.24 -50.16 -28.26
C24 BCR TG . 15.06 -50.48 -29.25
C25 BCR TG . 16.06 -51.58 -29.18
C26 BCR TG . 17.30 -51.30 -28.76
C27 BCR TG . 18.26 -52.43 -28.49
C28 BCR TG . 18.23 -53.30 -29.72
C29 BCR TG . 16.84 -53.91 -29.88
C30 BCR TG . 15.65 -52.98 -29.62
C35 BCR TG . 9.73 -41.95 -36.12
C36 BCR TG . 10.58 -44.81 -29.85
C37 BCR TG . 12.33 -48.76 -27.29
C38 BCR TG . 17.79 -49.89 -28.61
C39 BCR TG . 14.76 -53.64 -28.58
C40 BCR TG . 14.85 -52.86 -30.91
C1 BCR UG . 10.05 -42.30 -16.96
C2 BCR UG . 8.92 -41.48 -17.57
C3 BCR UG . 7.86 -41.05 -16.57
C4 BCR UG . 8.48 -40.29 -15.40
C5 BCR UG . 9.71 -41.00 -14.89
C6 BCR UG . 10.15 -42.12 -15.45
C7 BCR UG . 10.83 -43.15 -14.66
C8 BCR UG . 10.27 -43.96 -13.74
C9 BCR UG . 11.16 -44.93 -13.07
C10 BCR UG . 10.68 -45.85 -12.21
C11 BCR UG . 11.63 -46.76 -11.59
C33 BCR UG . 10.47 -40.37 -13.75
C31 BCR UG . 11.38 -41.86 -17.53
C32 BCR UG . 9.87 -43.76 -17.30
C34 BCR UG . 12.64 -44.86 -13.36
C12 BCR UG . 11.35 -47.74 -10.72
C13 BCR UG . 12.51 -48.53 -10.23
C14 BCR UG . 12.46 -49.46 -9.28
C15 BCR UG . 11.28 -49.88 -8.53
C16 BCR UG . 11.48 -50.75 -7.55
C17 BCR UG . 10.36 -51.23 -6.76
C18 BCR UG . 10.49 -52.07 -5.72
C19 BCR UG . 11.78 -52.59 -5.22
C20 BCR UG . 11.73 -53.57 -4.32
C21 BCR UG . 12.90 -54.18 -3.71
C22 BCR UG . 12.76 -55.24 -2.88
C23 BCR UG . 13.93 -55.84 -2.23
C24 BCR UG . 13.75 -56.72 -1.23
C25 BCR UG . 14.84 -57.38 -0.46
C26 BCR UG . 15.43 -56.73 0.55
C27 BCR UG . 16.72 -57.23 1.13
C28 BCR UG . 16.52 -58.70 1.41
C29 BCR UG . 16.28 -59.43 0.10
C30 BCR UG . 15.20 -58.82 -0.79
C35 BCR UG . 13.86 -48.30 -10.85
C36 BCR UG . 9.23 -52.48 -5.02
C37 BCR UG . 11.40 -55.81 -2.62
C38 BCR UG . 14.82 -55.50 1.18
C39 BCR UG . 13.93 -59.65 -0.68
C40 BCR UG . 15.73 -58.90 -2.22
C1 BCR VG . 6.60 -47.20 -36.36
C2 BCR VG . 6.25 -45.95 -37.13
C3 BCR VG . 7.27 -45.78 -38.25
C4 BCR VG . 8.61 -45.44 -37.64
C5 BCR VG . 8.96 -46.44 -36.57
C6 BCR VG . 8.05 -47.19 -35.92
C7 BCR VG . 8.55 -47.97 -34.76
C8 BCR VG . 8.63 -49.29 -34.67
C9 BCR VG . 9.25 -49.87 -33.45
C10 BCR VG . 9.28 -51.20 -33.24
C11 BCR VG . 9.95 -51.67 -32.03
C33 BCR VG . 10.43 -46.56 -36.25
C31 BCR VG . 6.37 -48.37 -37.31
C32 BCR VG . 5.68 -47.33 -35.15
C34 BCR VG . 9.88 -48.92 -32.46
C12 BCR VG . 10.20 -52.94 -31.69
C13 BCR VG . 10.94 -53.13 -30.43
C14 BCR VG . 11.32 -54.33 -29.95
C15 BCR VG . 11.04 -55.62 -30.55
C16 BCR VG . 11.70 -56.67 -30.08
C17 BCR VG . 11.43 -57.99 -30.63
C18 BCR VG . 11.97 -59.16 -30.25
C19 BCR VG . 13.01 -59.31 -29.21
C20 BCR VG . 13.47 -60.54 -29.02
C21 BCR VG . 14.51 -60.95 -28.07
C22 BCR VG . 14.89 -62.24 -28.06
C23 BCR VG . 15.95 -62.70 -27.14
C24 BCR VG . 16.72 -63.71 -27.53
C25 BCR VG . 17.81 -64.23 -26.68
C26 BCR VG . 17.53 -64.84 -25.54
C27 BCR VG . 18.30 -64.49 -24.30
C28 BCR VG . 19.76 -64.68 -24.64
C29 BCR VG . 20.16 -63.90 -25.89
C30 BCR VG . 19.26 -64.13 -27.10
C35 BCR VG . 11.35 -51.93 -29.63
C36 BCR VG . 11.51 -60.37 -30.98
C37 BCR VG . 14.26 -63.23 -28.99
C38 BCR VG . 16.48 -65.92 -25.50
C39 BCR VG . 19.65 -65.41 -27.80
C40 BCR VG . 19.43 -62.96 -28.06
O1 LHG WG . 32.43 -44.88 -32.26
C1 LHG WG . 33.19 -43.68 -32.39
C2 LHG WG . 32.66 -42.88 -33.57
O2 LHG WG . 32.62 -41.50 -33.25
C3 LHG WG . 31.25 -43.26 -33.96
O3 LHG WG . 30.88 -42.10 -34.69
P LHG WG . 30.70 -42.15 -36.30
O4 LHG WG . 31.58 -41.10 -36.88
O5 LHG WG . 30.49 -43.59 -36.59
O6 LHG WG . 29.21 -41.39 -36.30
C4 LHG WG . 28.12 -41.96 -35.63
C5 LHG WG . 27.06 -42.06 -36.70
C6 LHG WG . 27.26 -43.30 -37.55
O7 LHG WG . 25.82 -42.18 -36.05
C7 LHG WG . 25.01 -41.08 -36.19
O9 LHG WG . 25.33 -40.10 -36.83
C8 LHG WG . 23.65 -41.36 -35.69
C9 LHG WG . 22.70 -40.35 -36.27
C10 LHG WG . 21.80 -39.80 -35.18
O8 LHG WG . 26.50 -43.02 -38.74
C23 LHG WG . 25.28 -43.61 -38.84
O10 LHG WG . 24.83 -44.23 -37.90
C24 LHG WG . 24.50 -43.53 -40.14
C11 LHG WG . 20.47 -40.41 -35.53
C12 LHG WG . 19.66 -39.41 -36.27
C13 LHG WG . 18.19 -39.73 -36.06
C14 LHG WG . 17.34 -38.48 -36.13
C15 LHG WG . 17.20 -38.13 -37.60
C16 LHG WG . 16.51 -36.81 -37.74
C17 LHG WG . 15.07 -36.90 -37.25
C18 LHG WG . 14.30 -36.09 -38.27
C19 LHG WG . 14.18 -34.61 -37.95
C20 LHG WG . 12.69 -34.39 -38.04
C21 LHG WG . 12.37 -32.92 -37.94
C22 LHG WG . 12.74 -32.27 -39.26
C25 LHG WG . 24.46 -42.19 -40.80
C26 LHG WG . 24.23 -42.19 -42.31
C27 LHG WG . 23.23 -41.08 -42.51
C28 LHG WG . 22.73 -40.90 -43.91
C29 LHG WG . 21.91 -39.63 -43.91
C30 LHG WG . 20.80 -39.54 -44.92
C31 LHG WG . 20.81 -38.33 -45.81
C32 LHG WG . 19.78 -37.27 -45.47
C33 LHG WG . 18.62 -37.46 -46.40
C34 LHG WG . 17.85 -36.20 -46.76
O1 LHG XG . -3.58 -74.01 -14.08
C1 LHG XG . -2.91 -73.01 -13.31
C2 LHG XG . -1.42 -73.16 -13.50
O2 LHG XG . -0.99 -74.48 -13.20
C3 LHG XG . -0.60 -72.26 -12.59
O3 LHG XG . 0.62 -72.23 -13.32
P LHG XG . 1.09 -70.92 -14.15
O4 LHG XG . 2.14 -71.34 -15.12
O5 LHG XG . -0.15 -70.13 -14.30
O6 LHG XG . 2.01 -70.27 -12.94
C4 LHG XG . 1.49 -69.27 -12.11
C5 LHG XG . 2.58 -69.02 -11.09
C6 LHG XG . 2.53 -67.57 -10.56
O7 LHG XG . 2.31 -69.88 -10.00
C7 LHG XG . 2.99 -71.07 -10.03
O9 LHG XG . 3.71 -71.41 -10.96
C8 LHG XG . 2.91 -71.74 -8.72
C9 LHG XG . 4.28 -72.25 -8.34
C10 LHG XG . 5.18 -71.10 -8.01
O8 LHG XG . 2.18 -66.75 -11.72
C23 LHG XG . 3.18 -66.13 -12.41
O10 LHG XG . 3.15 -66.10 -13.63
C24 LHG XG . 4.45 -65.72 -11.71
C11 LHG XG . 5.03 -70.96 -6.52
C12 LHG XG . 4.51 -69.59 -6.18
C13 LHG XG . 5.53 -68.57 -6.63
C14 LHG XG . 4.87 -67.30 -7.08
C15 LHG XG . 5.15 -66.29 -6.00
C16 LHG XG . 4.84 -64.92 -6.53
C17 LHG XG . 5.13 -63.88 -5.47
C18 LHG XG . 5.03 -62.59 -6.24
C19 LHG XG . 4.36 -61.46 -5.49
C20 LHG XG . 2.91 -61.88 -5.50
C21 LHG XG . 2.02 -60.70 -5.28
C22 LHG XG . 2.22 -60.19 -3.87
C25 LHG XG . 5.72 -66.39 -12.19
C26 LHG XG . 6.09 -67.70 -11.52
C27 LHG XG . 7.44 -67.43 -10.92
C28 LHG XG . 7.92 -68.44 -9.92
C29 LHG XG . 9.14 -69.10 -10.55
C30 LHG XG . 9.40 -70.52 -10.13
C31 LHG XG . 10.73 -70.78 -9.44
C32 LHG XG . 11.88 -71.06 -10.38
C33 LHG XG . 11.90 -72.55 -10.66
C34 LHG XG . 12.83 -73.37 -9.80
C35 LHG XG . 13.03 -74.75 -10.37
C36 LHG XG . 14.48 -74.87 -10.81
C37 LHG XG . 14.90 -76.29 -10.60
C38 LHG XG . 15.47 -76.56 -9.24
MG CLA YG . 6.56 22.52 -65.64
CHA CLA YG . 7.09 19.49 -67.21
CHB CLA YG . 7.73 21.21 -62.74
CHC CLA YG . 6.16 25.58 -64.17
CHD CLA YG . 5.21 23.80 -68.64
NA CLA YG . 7.32 20.66 -65.10
C1A CLA YG . 7.48 19.53 -65.91
C2A CLA YG . 8.09 18.36 -65.12
C3A CLA YG . 8.12 18.91 -63.68
C4A CLA YG . 7.73 20.37 -63.83
CMA CLA YG . 7.10 18.19 -62.85
CAA CLA YG . 9.48 17.99 -65.60
CBA CLA YG . 10.61 18.43 -64.71
CGA CLA YG . 11.57 19.28 -65.48
O1A CLA YG . 11.30 20.09 -66.37
O2A CLA YG . 12.88 19.10 -65.10
NB CLA YG . 6.79 23.23 -63.78
C1B CLA YG . 7.38 22.56 -62.76
C2B CLA YG . 7.64 23.50 -61.63
C3B CLA YG . 7.22 24.74 -62.03
C4B CLA YG . 6.68 24.59 -63.41
CMB CLA YG . 8.28 23.13 -60.38
CAB CLA YG . 7.30 25.99 -61.34
CBB CLA YG . 6.27 26.66 -60.85
NC CLA YG . 5.83 24.36 -66.30
C1C CLA YG . 5.77 25.48 -65.54
C2C CLA YG . 5.24 26.59 -66.31
C3C CLA YG . 4.95 26.09 -67.58
C4C CLA YG . 5.33 24.68 -67.56
CMC CLA YG . 5.07 27.94 -65.80
CAC CLA YG . 4.41 26.82 -68.74
CBC CLA YG . 2.96 26.52 -69.04
ND CLA YG . 6.34 21.91 -67.55
C1D CLA YG . 5.68 22.51 -68.65
C2D CLA YG . 5.59 21.54 -69.74
C3D CLA YG . 6.14 20.37 -69.25
C4D CLA YG . 6.55 20.65 -67.87
CMD CLA YG . 5.02 21.84 -71.05
CAD CLA YG . 6.45 18.99 -69.54
OBD CLA YG . 6.37 18.39 -70.59
CBD CLA YG . 6.99 18.37 -68.21
CGD CLA YG . 6.06 17.33 -67.64
O1D CLA YG . 5.24 17.46 -66.73
O2D CLA YG . 6.16 16.10 -68.20
CED CLA YG . 4.93 15.41 -68.40
C1 CLA YG . 13.88 19.04 -66.15
C2 CLA YG . 14.47 20.40 -66.30
C3 CLA YG . 15.12 20.81 -67.39
C4 CLA YG . 15.33 19.95 -68.58
C5 CLA YG . 15.67 22.19 -67.47
C6 CLA YG . 17.18 22.25 -67.31
C7 CLA YG . 17.55 23.18 -66.17
C8 CLA YG . 18.74 24.09 -66.45
C9 CLA YG . 18.70 25.24 -65.48
C10 CLA YG . 18.77 24.62 -67.88
C11 CLA YG . 19.95 25.54 -68.13
C12 CLA YG . 20.07 25.90 -69.59
C13 CLA YG . 21.29 26.75 -69.87
C14 CLA YG . 20.90 28.17 -70.23
C15 CLA YG . 22.14 26.17 -71.00
C16 CLA YG . 22.92 24.95 -70.55
C17 CLA YG . 22.56 23.73 -71.38
C18 CLA YG . 23.73 23.19 -72.18
C19 CLA YG . 23.56 21.71 -72.44
C20 CLA YG . 23.87 23.94 -73.49
MG CLA ZG . 3.45 32.33 -57.48
CHA CLA ZG . 0.62 30.76 -58.67
CHB CLA ZG . 1.57 33.89 -55.10
CHC CLA ZG . 6.29 33.69 -56.20
CHD CLA ZG . 5.37 30.59 -59.90
NA CLA ZG . 1.42 32.33 -57.00
C1A CLA ZG . 0.40 31.58 -57.60
C2A CLA ZG . -0.94 31.87 -56.93
C3A CLA ZG . -0.62 32.99 -55.92
C4A CLA ZG . 0.90 33.09 -55.98
CMA CLA ZG . -1.30 34.25 -56.36
CAA CLA ZG . -1.53 30.69 -56.18
CBA CLA ZG . -0.48 29.92 -55.42
CGA CLA ZG . -0.45 30.34 -54.00
O1A CLA ZG . -1.39 30.39 -53.20
O2A CLA ZG . 0.80 30.71 -53.58
NB CLA ZG . 3.85 33.53 -55.92
C1B CLA ZG . 2.96 34.09 -55.09
C2B CLA ZG . 3.64 35.04 -54.15
C3B CLA ZG . 4.98 34.97 -54.48
C4B CLA ZG . 5.13 34.02 -55.60
CMB CLA ZG . 2.87 35.78 -53.16
CAB CLA ZG . 6.16 35.62 -53.98
CBB CLA ZG . 6.31 36.36 -52.90
NC CLA ZG . 5.46 32.19 -57.99
C1C CLA ZG . 6.46 32.85 -57.33
C2C CLA ZG . 7.74 32.52 -57.94
C3C CLA ZG . 7.48 31.62 -58.97
C4C CLA ZG . 6.04 31.41 -58.98
CMC CLA ZG . 9.03 33.05 -57.54
CAC CLA ZG . 8.45 30.99 -59.86
CBC CLA ZG . 8.90 29.66 -59.30
ND CLA ZG . 3.13 31.06 -59.01
C1D CLA ZG . 4.00 30.43 -59.94
C2D CLA ZG . 3.19 29.61 -60.87
C3D CLA ZG . 1.90 29.73 -60.45
C4D CLA ZG . 1.91 30.62 -59.27
CMD CLA ZG . 3.71 28.86 -62.01
CAD CLA ZG . 0.53 29.34 -60.68
OBD CLA ZG . 0.05 28.66 -61.59
CBD CLA ZG . -0.32 29.98 -59.55
CGD CLA ZG . -1.22 31.02 -60.10
O1D CLA ZG . -0.90 31.97 -60.82
O2D CLA ZG . -2.52 30.93 -59.72
CED CLA ZG . -3.19 32.18 -59.56
C1 CLA ZG . 0.88 31.55 -52.43
C2 CLA ZG . 2.32 31.84 -52.22
C3 CLA ZG . 2.84 32.13 -51.02
C4 CLA ZG . 2.02 32.19 -49.79
C5 CLA ZG . 4.30 32.41 -50.86
C6 CLA ZG . 4.99 31.33 -50.06
C7 CLA ZG . 6.46 31.63 -49.88
C8 CLA ZG . 7.31 30.37 -49.79
C9 CLA ZG . 6.86 29.49 -48.64
C10 CLA ZG . 8.77 30.75 -49.62
C11 CLA ZG . 9.68 29.54 -49.76
C12 CLA ZG . 9.68 29.00 -51.17
C13 CLA ZG . 10.79 27.98 -51.35
C14 CLA ZG . 11.59 28.25 -52.61
C15 CLA ZG . 10.23 26.55 -51.37
MG CLA AH . 8.33 39.13 -49.56
CHA CLA AH . 5.09 39.45 -48.35
CHB CLA AH . 7.87 35.79 -49.93
CHC CLA AH . 11.60 38.81 -50.58
CHD CLA AH . 8.91 42.53 -48.84
NA CLA AH . 6.69 37.87 -49.26
C1A CLA AH . 5.43 38.19 -48.76
C2A CLA AH . 4.56 36.93 -48.68
C3A CLA AH . 5.48 35.80 -49.15
C4A CLA AH . 6.77 36.53 -49.50
CMA CLA AH . 5.71 34.82 -48.03
CAA CLA AH . 3.39 36.98 -49.64
CBA CLA AH . 2.39 35.88 -49.39
CGA CLA AH . 1.74 36.04 -48.05
O1A CLA AH . 0.80 36.78 -47.75
O2A CLA AH . 2.29 35.25 -47.08
NB CLA AH . 9.45 37.62 -50.29
C1B CLA AH . 9.13 36.31 -50.25
C2B CLA AH . 10.31 35.47 -50.57
C3B CLA AH . 11.36 36.32 -50.75
C4B CLA AH . 10.83 37.70 -50.57
CMB CLA AH . 10.30 34.02 -50.56
CAB CLA AH . 12.75 36.05 -51.01
NC CLA AH . 9.94 40.44 -49.72
C1C CLA AH . 11.18 40.09 -50.15
C2C CLA AH . 12.07 41.24 -50.10
C3C CLA AH . 11.31 42.30 -49.63
C4C CLA AH . 9.96 41.80 -49.41
CMC CLA AH . 13.49 41.18 -50.44
CAC CLA AH . 11.77 43.67 -49.41
CBC CLA AH . 11.57 44.42 -50.69
ND CLA AH . 7.31 40.67 -48.77
C1D CLA AH . 7.68 42.01 -48.51
C2D CLA AH . 6.54 42.69 -47.88
C3D CLA AH . 5.52 41.77 -47.80
C4D CLA AH . 6.04 40.52 -48.37
CMD CLA AH . 6.58 44.07 -47.40
CAD CLA AH . 4.17 41.50 -47.34
OBD CLA AH . 3.41 42.22 -46.72
CBD CLA AH . 3.83 40.04 -47.73
CGD CLA AH . 3.31 39.25 -46.56
O1D CLA AH . 2.13 38.98 -46.32
O2D CLA AH . 4.25 38.84 -45.69
CED CLA AH . 3.85 38.57 -44.34
MG CLA BH . 19.34 51.55 -58.05
CHA CLA BH . 22.26 53.14 -57.12
CHB CLA BH . 18.53 51.13 -54.76
CHC CLA BH . 16.38 50.13 -59.01
CHD CLA BH . 20.25 51.96 -61.43
NA CLA BH . 20.27 52.06 -56.25
C1A CLA BH . 21.47 52.75 -56.07
C2A CLA BH . 21.77 52.94 -54.58
C3A CLA BH . 20.64 52.15 -53.88
C4A CLA BH . 19.72 51.76 -55.03
CMA CLA BH . 21.18 50.94 -53.16
CAA CLA BH . 21.66 54.41 -54.18
CBA CLA BH . 20.47 55.11 -54.80
CGA CLA BH . 20.81 56.51 -55.20
O1A CLA BH . 21.91 56.96 -55.57
O2A CLA BH . 19.75 57.36 -55.14
NB CLA BH . 17.80 50.70 -57.07
C1B CLA BH . 17.61 50.72 -55.73
C2B CLA BH . 16.25 50.24 -55.40
C3B CLA BH . 15.64 49.95 -56.59
C4B CLA BH . 16.60 50.25 -57.68
CMB CLA BH . 15.73 50.16 -54.04
CAB CLA BH . 14.30 49.49 -56.82
NC CLA BH . 18.48 51.12 -59.89
C1C CLA BH . 17.25 50.56 -60.05
C2C CLA BH . 16.95 50.43 -61.47
C3C CLA BH . 18.05 50.93 -62.16
C4C CLA BH . 19.01 51.38 -61.16
CMC CLA BH . 15.72 49.86 -62.03
CAC CLA BH . 18.22 51.02 -63.61
ND CLA BH . 20.83 52.42 -59.10
C1D CLA BH . 21.11 52.46 -60.49
C2D CLA BH . 22.44 53.10 -60.68
C3D CLA BH . 22.91 53.39 -59.42
C4D CLA BH . 21.89 52.92 -58.47
CMD CLA BH . 23.05 53.35 -61.98
CAD CLA BH . 24.00 53.96 -58.65
OBD CLA BH . 25.02 54.51 -59.04
CBD CLA BH . 23.64 53.75 -57.16
CGD CLA BH . 24.61 52.85 -56.47
O1D CLA BH . 24.40 51.75 -55.95
O2D CLA BH . 25.88 53.32 -56.44
CED CLA BH . 26.54 53.26 -55.19
C1 CLA BH . 19.08 57.71 -56.38
C2 CLA BH . 18.55 59.09 -56.18
C3 CLA BH . 17.60 59.66 -56.92
C4 CLA BH . 17.15 61.05 -56.62
C5 CLA BH . 16.95 58.97 -58.07
C6 CLA BH . 15.43 58.99 -58.01
C7 CLA BH . 14.83 59.73 -59.19
C8 CLA BH . 14.79 58.92 -60.48
C9 CLA BH . 15.72 59.51 -61.52
C10 CLA BH . 13.36 58.85 -61.01
C11 CLA BH . 13.26 58.11 -62.33
MG CLA CH . 16.60 54.51 -51.40
CHA CLA CH . 16.18 57.76 -52.54
CHB CLA CH . 13.29 53.94 -51.75
CHC CLA CH . 17.09 51.30 -50.28
CHD CLA CH . 20.04 55.12 -51.05
NA CLA CH . 15.00 55.69 -52.03
C1A CLA CH . 15.02 57.02 -52.48
C2A CLA CH . 13.61 57.49 -52.85
C3A CLA CH . 12.71 56.28 -52.46
C4A CLA CH . 13.72 55.22 -52.06
CMA CLA CH . 11.79 56.64 -51.33
CAA CLA CH . 13.45 57.73 -54.33
CBA CLA CH . 12.45 58.85 -54.59
NB CLA CH . 15.41 52.95 -51.02
C1B CLA CH . 14.10 52.87 -51.35
C2B CLA CH . 13.60 51.48 -51.19
C3B CLA CH . 14.68 50.73 -50.76
C4B CLA CH . 15.84 51.65 -50.65
CMB CLA CH . 12.22 51.09 -51.46
CAB CLA CH . 14.81 49.33 -50.44
CBB CLA CH . 14.43 48.31 -51.21
NC CLA CH . 18.26 53.42 -50.77
C1C CLA CH . 18.23 52.13 -50.34
C2C CLA CH . 19.57 51.69 -49.95
C3C CLA CH . 20.41 52.77 -50.18
C4C CLA CH . 19.58 53.86 -50.69
CMC CLA CH . 19.92 50.37 -49.44
CAC CLA CH . 21.86 52.82 -49.93
ND CLA CH . 17.88 56.03 -51.75
C1D CLA CH . 19.27 56.16 -51.54
C2D CLA CH . 19.70 57.51 -51.93
C3D CLA CH . 18.55 58.17 -52.32
C4D CLA CH . 17.44 57.20 -52.17
CMD CLA CH . 21.07 58.00 -51.87
CAD CLA CH . 18.00 59.40 -52.82
OBD CLA CH . 18.56 60.44 -53.15
CBD CLA CH . 16.46 59.20 -52.92
CGD CLA CH . 15.71 60.13 -52.01
O1D CLA CH . 16.07 60.53 -50.90
O2D CLA CH . 14.51 60.53 -52.50
MG CLA DH . 20.41 47.06 -46.60
CHA CLA DH . 23.68 46.63 -45.54
CHB CLA DH . 20.30 43.83 -47.63
CHC CLA DH . 17.16 47.52 -47.57
CHD CLA DH . 20.56 50.42 -45.49
NA CLA DH . 21.78 45.49 -46.56
C1A CLA DH . 23.10 45.50 -46.06
C2A CLA DH . 23.72 44.10 -46.21
C3A CLA DH . 22.63 43.27 -46.91
C4A CLA DH . 21.47 44.25 -47.04
CMA CLA DH . 23.07 42.77 -48.25
CAA CLA DH . 23.98 43.45 -44.86
CBA CLA DH . 22.89 43.71 -43.84
CGA CLA DH . 22.16 42.46 -43.49
O1A CLA DH . 22.41 41.64 -42.60
O2A CLA DH . 21.08 42.22 -44.30
NB CLA DH . 19.00 45.90 -47.44
C1B CLA DH . 19.16 44.61 -47.83
C2B CLA DH . 17.93 44.13 -48.51
C3B CLA DH . 17.03 45.17 -48.50
C4B CLA DH . 17.70 46.31 -47.81
CMB CLA DH . 17.80 42.77 -49.03
CAB CLA DH . 15.69 45.26 -48.98
CBB CLA DH . 15.29 45.06 -50.23
NC CLA DH . 19.11 48.68 -46.54
C1C CLA DH . 17.82 48.63 -46.97
C2C CLA DH . 17.17 49.90 -46.74
C3C CLA DH . 18.13 50.75 -46.19
C4C CLA DH . 19.34 49.96 -46.04
CMC CLA DH . 15.79 50.16 -47.08
CAC CLA DH . 17.94 52.15 -45.77
CBC CLA DH . 18.14 53.13 -46.90
ND CLA DH . 21.75 48.29 -45.71
C1D CLA DH . 21.68 49.66 -45.34
C2D CLA DH . 22.99 50.04 -44.78
C3D CLA DH . 23.80 48.94 -44.85
C4D CLA DH . 22.97 47.86 -45.43
CMD CLA DH . 23.33 51.38 -44.28
CAD CLA DH . 25.11 48.39 -44.59
OBD CLA DH . 26.11 48.94 -44.12
CBD CLA DH . 25.07 46.90 -45.01
CGD CLA DH . 26.10 46.59 -46.06
O1D CLA DH . 26.05 46.82 -47.27
O2D CLA DH . 27.21 45.99 -45.56
CED CLA DH . 27.43 44.62 -45.90
MG CLA EH . 1.17 53.91 -56.32
CHA CLA EH . 3.07 51.22 -57.41
CHB CLA EH . 3.94 55.86 -56.27
CHC CLA EH . -0.79 56.57 -55.40
CHD CLA EH . -1.71 51.88 -56.50
NA CLA EH . 3.18 53.56 -56.74
C1A CLA EH . 3.79 52.37 -57.20
C2A CLA EH . 5.30 52.57 -57.38
C3A CLA EH . 5.54 54.02 -56.85
C4A CLA EH . 4.13 54.54 -56.60
CMA CLA EH . 6.36 54.01 -55.59
CAA CLA EH . 5.77 52.46 -58.82
CBA CLA EH . 5.65 53.73 -59.62
CGA CLA EH . 5.11 53.40 -60.99
O1A CLA EH . 4.10 52.77 -61.27
O2A CLA EH . 5.89 53.90 -62.00
NB CLA EH . 1.52 55.83 -55.86
C1B CLA EH . 2.71 56.47 -56.00
C2B CLA EH . 2.53 57.93 -55.79
C3B CLA EH . 1.19 58.14 -55.55
C4B CLA EH . 0.54 56.81 -55.58
CMB CLA EH . 3.64 58.88 -55.88
CAB CLA EH . 0.45 59.34 -55.28
CBB CLA EH . 0.71 60.23 -54.33
NC CLA EH . -0.86 54.16 -55.97
C1C CLA EH . -1.45 55.33 -55.57
C2C CLA EH . -2.89 55.13 -55.39
C3C CLA EH . -3.14 53.81 -55.74
C4C CLA EH . -1.88 53.21 -56.10
CMC CLA EH . -3.84 56.14 -54.96
CAC CLA EH . -4.43 53.12 -55.74
CBC CLA EH . -5.10 53.14 -57.08
ND CLA EH . 0.72 52.01 -56.79
C1D CLA EH . -0.51 51.31 -56.83
C2D CLA EH . -0.26 49.92 -57.24
C3D CLA EH . 1.10 49.82 -57.43
C4D CLA EH . 1.66 51.15 -57.17
CMD CLA EH . -1.29 48.89 -57.37
CAD CLA EH . 2.19 48.95 -57.79
OBD CLA EH . 2.17 47.74 -58.00
CBD CLA EH . 3.48 49.83 -57.84
CGD CLA EH . 4.56 49.32 -56.93
O1D CLA EH . 4.84 49.73 -55.80
O2D CLA EH . 5.32 48.33 -57.45
CED CLA EH . 6.73 48.48 -57.33
C1 CLA EH . 5.72 53.31 -63.30
C2 CLA EH . 6.46 54.18 -64.24
C3 CLA EH . 5.91 55.19 -64.93
C4 CLA EH . 6.70 56.03 -65.85
C5 CLA EH . 4.46 55.52 -64.79
C6 CLA EH . 4.24 56.85 -64.11
C7 CLA EH . 4.16 56.68 -62.60
C8 CLA EH . 4.96 57.77 -61.87
C9 CLA EH . 6.42 57.67 -62.23
C10 CLA EH . 4.79 57.64 -60.35
C11 CLA EH . 4.15 58.87 -59.75
C12 CLA EH . 2.69 59.02 -60.14
C13 CLA EH . 1.95 59.98 -59.22
C14 CLA EH . 0.56 59.45 -58.91
C15 CLA EH . 1.84 61.37 -59.82
C16 CLA EH . 2.86 62.31 -59.19
C17 CLA EH . 2.64 62.46 -57.71
C18 CLA EH . 3.67 63.39 -57.08
C19 CLA EH . 3.30 63.70 -55.65
C20 CLA EH . 5.05 62.76 -57.13
MG CLA FH . 4.75 47.76 -48.03
CHA CLA FH . 2.85 44.99 -48.90
CHB CLA FH . 2.31 48.75 -45.87
CHC CLA FH . 6.80 50.21 -46.89
CHD CLA FH . 7.26 46.68 -50.24
NA CLA FH . 2.87 46.99 -47.52
C1A CLA FH . 2.26 45.82 -47.98
C2A CLA FH . 0.89 45.64 -47.32
C3A CLA FH . 0.67 47.01 -46.62
C4A CLA FH . 2.05 47.64 -46.65
CMA CLA FH . -0.30 47.85 -47.38
CAA CLA FH . 0.89 44.50 -46.30
CBA CLA FH . 1.81 44.65 -45.10
CGA CLA FH . 1.86 43.40 -44.29
O1A CLA FH . 1.19 42.38 -44.42
O2A CLA FH . 2.78 43.44 -43.28
NB CLA FH . 4.61 49.16 -46.59
C1B CLA FH . 3.52 49.42 -45.84
C2B CLA FH . 3.79 50.57 -44.92
C3B CLA FH . 5.06 51.00 -45.19
C4B CLA FH . 5.60 50.13 -46.27
CMB CLA FH . 2.79 51.11 -44.02
CAB CLA FH . 5.72 52.11 -44.55
CBB CLA FH . 6.56 53.01 -45.06
NC CLA FH . 6.65 48.38 -48.55
C1C CLA FH . 7.28 49.44 -47.97
C2C CLA FH . 8.60 49.63 -48.55
C3C CLA FH . 8.77 48.61 -49.49
C4C CLA FH . 7.53 47.83 -49.48
CMC CLA FH . 9.48 50.73 -48.12
CAC CLA FH . 9.93 48.36 -50.35
CBC CLA FH . 11.16 47.88 -49.62
ND CLA FH . 4.96 46.33 -49.44
C1D CLA FH . 6.08 45.96 -50.25
C2D CLA FH . 5.77 44.70 -50.96
C3D CLA FH . 4.53 44.29 -50.48
C4D CLA FH . 4.09 45.32 -49.53
CMD CLA FH . 6.65 44.02 -51.90
CAD CLA FH . 3.52 43.27 -50.53
OBD CLA FH . 3.48 42.23 -51.17
CBD CLA FH . 2.42 43.68 -49.52
CGD CLA FH . 1.09 43.79 -50.21
O1D CLA FH . 0.37 44.79 -50.29
O2D CLA FH . 0.68 42.66 -50.81
CED CLA FH . -0.71 42.33 -50.67
C1 CLA FH . 4.17 43.57 -43.67
C2 CLA FH . 4.86 42.30 -43.33
C3 CLA FH . 6.20 42.18 -43.27
C4 CLA FH . 7.11 43.31 -43.53
C5 CLA FH . 6.83 40.88 -42.92
C6 CLA FH . 7.94 40.48 -43.88
C7 CLA FH . 7.36 39.95 -45.19
C8 CLA FH . 8.26 38.94 -45.89
C9 CLA FH . 8.31 37.65 -45.11
C10 CLA FH . 9.65 39.51 -46.10
C11 CLA FH . 10.53 38.54 -46.86
C12 CLA FH . 12.00 38.79 -46.58
C13 CLA FH . 12.89 37.80 -47.30
C14 CLA FH . 12.54 36.37 -46.91
C15 CLA FH . 14.36 38.07 -47.00
C16 CLA FH . 15.11 38.43 -48.27
MG CLA GH . 3.41 46.79 -65.32
CHA CLA GH . 0.38 48.36 -65.84
CHB CLA GH . 2.91 44.94 -68.14
CHC CLA GH . 6.62 45.62 -65.08
CHD CLA GH . 3.96 48.87 -62.54
NA CLA GH . 1.85 46.61 -66.68
C1A CLA GH . 0.69 47.39 -66.76
C2A CLA GH . -0.16 46.95 -67.93
C3A CLA GH . 0.49 45.63 -68.34
C4A CLA GH . 1.86 45.71 -67.69
CMA CLA GH . -0.29 44.51 -67.74
CAA CLA GH . -0.13 47.95 -69.07
CBA CLA GH . 1.19 48.70 -69.23
CGA CLA GH . 2.09 47.96 -70.15
O1A CLA GH . 1.80 47.40 -71.22
O2A CLA GH . 3.38 47.87 -69.72
NB CLA GH . 4.56 45.59 -66.44
C1B CLA GH . 4.18 44.92 -67.56
C2B CLA GH . 5.31 44.07 -68.05
C3B CLA GH . 6.35 44.25 -67.18
C4B CLA GH . 5.89 45.20 -66.14
CMB CLA GH . 5.18 43.20 -69.21
CAB CLA GH . 7.66 43.67 -67.12
CBB CLA GH . 8.57 43.73 -68.09
NC CLA GH . 4.96 47.10 -63.97
C1C CLA GH . 6.16 46.48 -64.04
C2C CLA GH . 7.01 46.91 -62.96
C3C CLA GH . 6.30 47.89 -62.26
C4C CLA GH . 5.00 48.01 -62.91
CMC CLA GH . 8.35 46.37 -62.78
CAC CLA GH . 6.74 48.63 -61.08
CBC CLA GH . 7.21 50.02 -61.43
ND CLA GH . 2.32 48.05 -64.18
C1D CLA GH . 2.71 48.90 -63.11
C2D CLA GH . 1.59 49.80 -62.79
C3D CLA GH . 0.66 49.63 -63.79
C4D CLA GH . 1.21 48.58 -64.68
CMD CLA GH . 1.54 50.71 -61.65
CAD CLA GH . -0.63 49.99 -64.31
OBD CLA GH . -1.51 50.69 -63.81
CBD CLA GH . -0.76 49.35 -65.72
CGD CLA GH . -2.13 48.78 -65.94
O1D CLA GH . -2.47 47.60 -65.91
O2D CLA GH . -3.08 49.72 -66.19
CED CLA GH . -4.45 49.30 -66.22
C1 CLA GH . 4.33 47.30 -70.63
C2 CLA GH . 5.67 47.36 -70.01
C3 CLA GH . 6.81 47.26 -70.72
C4 CLA GH . 6.80 47.08 -72.19
C5 CLA GH . 8.14 47.33 -70.06
C6 CLA GH . 9.02 48.41 -70.63
C7 CLA GH . 10.38 48.39 -69.95
C8 CLA GH . 11.38 49.26 -70.70
C9 CLA GH . 12.26 48.41 -71.60
C10 CLA GH . 12.24 50.04 -69.71
C11 CLA GH . 13.10 49.14 -68.86
C12 CLA GH . 14.38 49.84 -68.46
C13 CLA GH . 14.70 49.64 -66.99
C14 CLA GH . 13.54 50.04 -66.11
C15 CLA GH . 15.96 50.43 -66.60
C16 CLA GH . 17.18 49.90 -67.33
MG CLA HH . 8.76 31.33 -72.93
CHA CLA HH . 6.68 34.08 -73.17
CHB CLA HH . 7.32 30.00 -75.71
CHC CLA HH . 10.99 28.74 -72.76
CHD CLA HH . 10.25 32.78 -70.06
NA CLA HH . 7.23 31.95 -74.19
C1A CLA HH . 6.48 33.14 -74.14
C2A CLA HH . 5.47 33.19 -75.28
C3A CLA HH . 5.53 31.77 -75.88
C4A CLA HH . 6.79 31.19 -75.24
CMA CLA HH . 4.31 30.98 -75.51
CAA CLA HH . 5.89 34.19 -76.34
CBA CLA HH . 4.70 34.76 -77.08
NB CLA HH . 9.03 29.64 -73.97
C1B CLA HH . 8.45 29.37 -75.17
C2B CLA HH . 9.18 28.28 -75.85
C3B CLA HH . 10.22 27.92 -75.04
C4B CLA HH . 10.14 28.78 -73.82
CMB CLA HH . 8.78 27.77 -77.17
CAB CLA HH . 11.24 26.93 -75.21
CBB CLA HH . 12.50 27.20 -75.56
NC CLA HH . 10.28 30.82 -71.60
C1C CLA HH . 11.05 29.71 -71.71
C2C CLA HH . 12.01 29.64 -70.61
C3C CLA HH . 11.84 30.81 -69.87
C4C CLA HH . 10.75 31.54 -70.49
CMC CLA HH . 12.96 28.57 -70.43
CAC CLA HH . 12.58 31.21 -68.66
CBC CLA HH . 12.10 30.53 -67.40
ND CLA HH . 8.56 33.00 -71.82
C1D CLA HH . 9.24 33.48 -70.67
C2D CLA HH . 8.67 34.79 -70.28
C3D CLA HH . 7.65 35.04 -71.19
C4D CLA HH . 7.63 33.91 -72.12
CMD CLA HH . 9.16 35.57 -69.16
CAD CLA HH . 6.62 35.97 -71.62
OBD CLA HH . 6.29 37.04 -71.12
CBD CLA HH . 5.97 35.37 -72.88
CGD CLA HH . 4.52 35.03 -72.66
O1D CLA HH . 4.08 33.93 -72.34
O2D CLA HH . 3.66 36.05 -72.85
CED CLA HH . 2.75 35.96 -73.95
MG CLA IH . 11.79 39.97 -70.59
CHA CLA IH . 9.17 40.02 -72.88
CHB CLA IH . 11.39 43.30 -70.09
CHC CLA IH . 14.71 40.01 -68.76
CHD CLA IH . 12.36 36.59 -71.38
NA CLA IH . 10.42 41.39 -71.29
C1A CLA IH . 9.40 41.23 -72.26
C2A CLA IH . 8.67 42.56 -72.49
C3A CLA IH . 9.34 43.52 -71.49
C4A CLA IH . 10.46 42.69 -70.89
CMA CLA IH . 9.88 44.74 -72.19
CAA CLA IH . 7.18 42.55 -72.21
CBA CLA IH . 6.40 43.04 -73.42
NB CLA IH . 12.80 41.36 -69.54
C1B CLA IH . 12.50 42.68 -69.51
C2B CLA IH . 13.57 43.43 -68.81
C3B CLA IH . 14.52 42.50 -68.43
C4B CLA IH . 14.04 41.17 -68.90
CMB CLA IH . 13.53 44.88 -68.65
CAB CLA IH . 15.78 42.65 -67.76
CBB CLA IH . 16.03 43.35 -66.65
NC CLA IH . 13.18 38.52 -70.05
C1C CLA IH . 14.29 38.74 -69.28
C2C CLA IH . 15.06 37.52 -69.16
C3C CLA IH . 14.41 36.56 -69.91
C4C CLA IH . 13.24 37.19 -70.48
CMC CLA IH . 16.31 37.39 -68.41
CAC CLA IH . 14.82 35.16 -70.12
CBC CLA IH . 15.74 35.01 -71.30
ND CLA IH . 10.89 38.53 -71.69
C1D CLA IH . 11.29 37.21 -71.99
C2D CLA IH . 10.38 36.64 -72.99
C3D CLA IH . 9.52 37.67 -73.34
C4D CLA IH . 9.92 38.84 -72.54
CMD CLA IH . 10.48 35.28 -73.50
CAD CLA IH . 8.41 38.07 -74.18
OBD CLA IH . 7.69 37.38 -74.90
CBD CLA IH . 8.24 39.60 -73.99
CGD CLA IH . 8.56 40.34 -75.25
O1D CLA IH . 9.59 40.97 -75.52
O2D CLA IH . 7.58 40.28 -76.19
MG CLA JH . 21.99 30.23 -59.58
CHA CLA JH . 25.31 29.24 -59.55
CHB CLA JH . 22.25 31.01 -62.88
CHC CLA JH . 18.63 30.92 -59.63
CHD CLA JH . 21.78 29.48 -56.14
NA CLA JH . 23.55 30.14 -60.97
C1A CLA JH . 24.86 29.67 -60.77
C2A CLA JH . 25.67 29.78 -62.06
C3A CLA JH . 24.69 30.42 -63.07
C4A CLA JH . 23.40 30.53 -62.27
CMA CLA JH . 25.20 31.72 -63.64
CAA CLA JH . 26.11 28.44 -62.61
CBA CLA JH . 24.95 27.50 -62.88
CGA CLA JH . 24.89 26.46 -61.80
O1A CLA JH . 25.81 25.98 -61.17
O2A CLA JH . 23.62 26.03 -61.55
NB CLA JH . 20.70 30.90 -60.97
C1B CLA JH . 21.00 31.12 -62.27
C2B CLA JH . 19.75 31.45 -63.01
C3B CLA JH . 18.73 31.43 -62.10
C4B CLA JH . 19.32 31.07 -60.79
CMB CLA JH . 19.73 31.72 -64.45
CAB CLA JH . 17.32 31.67 -62.25
CBB CLA JH . 16.77 32.80 -62.67
NC CLA JH . 20.49 30.21 -58.14
C1C CLA JH . 19.18 30.49 -58.39
C2C CLA JH . 18.40 30.33 -57.17
C3C CLA JH . 19.29 29.96 -56.17
C4C CLA JH . 20.59 29.88 -56.79
CMC CLA JH . 16.96 30.55 -57.07
CAC CLA JH . 18.98 29.69 -54.75
CBC CLA JH . 18.81 28.22 -54.45
ND CLA JH . 23.19 29.51 -58.14
C1D CLA JH . 22.99 29.29 -56.75
C2D CLA JH . 24.24 28.84 -56.14
C3D CLA JH . 25.16 28.77 -57.17
C4D CLA JH . 24.47 29.22 -58.39
CMD CLA JH . 24.40 28.51 -54.73
CAD CLA JH . 26.52 28.48 -57.54
OBD CLA JH . 27.45 28.06 -56.84
CBD CLA JH . 26.66 28.79 -59.06
CGD CLA JH . 27.72 29.80 -59.34
O1D CLA JH . 27.70 31.00 -59.11
O2D CLA JH . 28.82 29.27 -59.95
CED CLA JH . 29.25 29.90 -61.15
C1 CLA JH . 22.94 26.67 -60.46
C2 CLA JH . 21.50 26.39 -60.69
C3 CLA JH . 20.56 26.42 -59.74
C4 CLA JH . 20.91 26.75 -58.35
C5 CLA JH . 19.14 26.13 -60.02
C6 CLA JH . 18.37 27.36 -60.47
C7 CLA JH . 16.91 27.01 -60.67
C8 CLA JH . 16.20 27.93 -61.65
C9 CLA JH . 15.27 28.87 -60.92
C10 CLA JH . 15.39 27.10 -62.65
C11 CLA JH . 15.89 27.30 -64.06
C12 CLA JH . 15.35 28.57 -64.68
C13 CLA JH . 15.06 28.42 -66.17
C14 CLA JH . 14.23 27.18 -66.46
C15 CLA JH . 16.32 28.41 -67.03
C16 CLA JH . 17.24 29.57 -66.69
C17 CLA JH . 17.78 30.26 -67.92
C18 CLA JH . 16.91 31.42 -68.39
C19 CLA JH . 16.47 32.31 -67.25
C20 CLA JH . 17.65 32.25 -69.42
MG CLA KH . 24.60 26.42 -67.79
CHA CLA KH . 23.48 24.14 -65.46
CHB CLA KH . 26.50 24.00 -69.25
CHC CLA KH . 25.57 28.69 -70.17
CHD CLA KH . 22.58 28.89 -66.28
NA CLA KH . 24.93 24.40 -67.38
C1A CLA KH . 24.37 23.63 -66.36
C2A CLA KH . 24.88 22.19 -66.43
C3A CLA KH . 25.94 22.23 -67.54
C4A CLA KH . 25.79 23.64 -68.12
CMA CLA KH . 27.33 21.95 -67.02
CAA CLA KH . 23.77 21.24 -66.86
CBA CLA KH . 22.86 21.81 -67.92
CGA CLA KH . 21.88 20.79 -68.41
O1A CLA KH . 21.42 19.82 -67.81
O2A CLA KH . 21.49 21.02 -69.71
NB CLA KH . 25.92 26.39 -69.32
C1B CLA KH . 26.41 25.26 -69.86
C2B CLA KH . 26.91 25.52 -71.24
C3B CLA KH . 26.65 26.84 -71.51
C4B CLA KH . 26.02 27.41 -70.28
CMB CLA KH . 27.51 24.49 -72.09
CAB CLA KH . 26.90 27.61 -72.69
CBB CLA KH . 25.96 27.94 -73.58
NC CLA KH . 24.17 28.43 -68.14
C1C CLA KH . 24.70 29.17 -69.16
C2C CLA KH . 24.21 30.53 -69.09
C3C CLA KH . 23.33 30.59 -68.00
C4C CLA KH . 23.33 29.26 -67.40
CMC CLA KH . 24.57 31.57 -70.04
CAC CLA KH . 22.58 31.75 -67.50
CBC CLA KH . 21.19 31.82 -68.09
ND CLA KH . 23.23 26.53 -66.32
C1D CLA KH . 22.52 27.62 -65.76
C2D CLA KH . 21.71 27.13 -64.62
C3D CLA KH . 22.03 25.80 -64.47
C4D CLA KH . 23.01 25.49 -65.52
CMD CLA KH . 20.76 27.92 -63.85
CAD CLA KH . 21.76 24.57 -63.75
OBD CLA KH . 20.90 24.29 -62.94
CBD CLA KH . 22.79 23.53 -64.25
CGD CLA KH . 23.80 23.20 -63.19
O1D CLA KH . 25.00 23.40 -63.23
O2D CLA KH . 23.26 22.62 -62.08
CED CLA KH . 23.92 21.48 -61.56
C1 CLA KH . 20.11 21.29 -69.94
C2 CLA KH . 19.94 21.22 -71.41
C3 CLA KH . 18.87 21.70 -72.07
C4 CLA KH . 18.78 21.59 -73.55
C5 CLA KH . 17.75 22.36 -71.34
C6 CLA KH . 16.94 23.35 -72.16
C7 CLA KH . 17.42 24.78 -71.98
C8 CLA KH . 16.29 25.77 -72.16
C9 CLA KH . 16.56 26.68 -73.35
C10 CLA KH . 16.10 26.60 -70.91
C11 CLA KH . 15.42 25.81 -69.82
MG CLA LH . 24.60 23.56 -51.38
CHA CLA LH . 25.07 25.72 -48.72
CHB CLA LH . 26.75 21.34 -49.95
CHC CLA LH . 23.72 21.27 -53.79
CHD CLA LH . 22.19 25.78 -52.67
NA CLA LH . 25.80 23.60 -49.67
C1A CLA LH . 25.82 24.57 -48.66
C2A CLA LH . 26.83 24.19 -47.59
C3A CLA LH . 27.56 22.97 -48.20
C4A CLA LH . 26.64 22.58 -49.36
CMA CLA LH . 28.94 23.32 -48.66
CAA CLA LH . 26.16 23.80 -46.27
CBA CLA LH . 24.86 23.05 -46.43
CGA CLA LH . 24.11 22.98 -45.14
O1A CLA LH . 23.68 23.91 -44.46
O2A CLA LH . 23.90 21.70 -44.72
NB CLA LH . 25.11 21.65 -51.77
C1B CLA LH . 25.98 20.90 -51.05
C2B CLA LH . 26.08 19.54 -51.65
C3B CLA LH . 25.23 19.52 -52.74
C4B CLA LH . 24.62 20.87 -52.84
CMB CLA LH . 26.95 18.49 -51.12
CAB CLA LH . 24.95 18.48 -53.68
NC CLA LH . 23.29 23.57 -52.99
C1C CLA LH . 23.11 22.54 -53.87
C2C CLA LH . 22.12 22.90 -54.88
C3C CLA LH . 21.65 24.16 -54.52
C4C CLA LH . 22.38 24.58 -53.35
CMC CLA LH . 21.70 22.06 -55.99
CAC CLA LH . 20.63 24.95 -55.22
ND CLA LH . 23.97 25.44 -51.01
C1D CLA LH . 22.92 26.21 -51.58
C2D CLA LH . 22.73 27.45 -50.81
C3D CLA LH . 23.54 27.31 -49.71
C4D CLA LH . 24.24 26.03 -49.85
CMD CLA LH . 21.80 28.51 -51.18
CAD CLA LH . 24.02 27.94 -48.50
OBD CLA LH . 23.82 29.07 -48.07
CBD CLA LH . 24.88 26.88 -47.75
CGD CLA LH . 26.17 27.46 -47.25
O1D CLA LH . 26.66 27.33 -46.12
O2D CLA LH . 26.85 28.21 -48.16
CED CLA LH . 27.47 29.40 -47.67
MG CLA MH . -1.57 63.95 -58.48
CHA CLA MH . -1.40 65.21 -61.71
CHB CLA MH . 0.29 66.55 -57.35
CHC CLA MH . -1.70 62.63 -55.30
CHD CLA MH . -3.30 61.14 -59.71
NA CLA MH . -0.75 65.64 -59.40
C1A CLA MH . -0.79 66.00 -60.75
C2A CLA MH . -0.05 67.31 -60.98
C3A CLA MH . 0.51 67.67 -59.59
C4A CLA MH . -0.02 66.56 -58.70
CMA CLA MH . 2.03 67.69 -59.59
CAA CLA MH . -1.00 68.44 -61.38
CBA CLA MH . -0.27 69.54 -62.14
NB CLA MH . -0.89 64.51 -56.66
C1B CLA MH . -0.10 65.59 -56.42
C2B CLA MH . 0.29 65.61 -54.98
C3B CLA MH . -0.27 64.50 -54.39
C4B CLA MH . -1.02 63.79 -55.46
CMB CLA MH . 1.15 66.63 -54.40
CAB CLA MH . -0.20 64.02 -53.05
NC CLA MH . -2.39 62.22 -57.66
C1C CLA MH . -2.33 61.90 -56.34
C2C CLA MH . -3.02 60.64 -56.11
C3C CLA MH . -3.44 60.17 -57.34
C4C CLA MH . -3.02 61.17 -58.34
CMC CLA MH . -3.17 60.04 -54.79
CAC CLA MH . -4.16 58.93 -57.62
CBC CLA MH . -3.22 57.88 -58.16
ND CLA MH . -2.27 63.30 -60.25
C1D CLA MH . -2.99 62.13 -60.62
C2D CLA MH . -3.25 62.16 -62.08
C3D CLA MH . -2.62 63.31 -62.55
C4D CLA MH . -2.03 63.98 -61.38
CMD CLA MH . -3.99 61.15 -62.82
CAD CLA MH . -2.33 64.13 -63.71
OBD CLA MH . -2.62 63.95 -64.89
CBD CLA MH . -1.54 65.36 -63.21
CGD CLA MH . -0.17 65.47 -63.85
O1D CLA MH . 0.86 64.89 -63.52
O2D CLA MH . -0.15 66.34 -64.90
C1 LUT NH . 22.04 35.85 -64.49
C2 LUT NH . 23.40 35.43 -63.94
C3 LUT NH . 23.42 34.75 -62.59
C4 LUT NH . 22.43 35.41 -61.65
C5 LUT NH . 21.07 35.27 -62.26
C6 LUT NH . 20.88 35.57 -63.56
C7 LUT NH . 19.51 35.58 -64.11
C8 LUT NH . 18.76 36.69 -64.10
C9 LUT NH . 17.39 36.70 -64.63
C10 LUT NH . 16.74 37.87 -64.56
C11 LUT NH . 15.39 38.14 -65.03
C12 LUT NH . 15.07 39.42 -64.94
C13 LUT NH . 13.77 39.98 -65.37
C14 LUT NH . 13.61 41.30 -65.20
C15 LUT NH . 12.42 42.01 -65.62
C16 LUT NH . 21.80 35.08 -65.78
C17 LUT NH . 22.15 37.34 -64.82
C18 LUT NH . 19.97 34.78 -61.38
C19 LUT NH . 16.78 35.48 -65.22
C20 LUT NH . 12.72 39.11 -65.99
O3 LUT NH . 24.72 34.85 -62.01
C21 LUT NH . 5.49 51.94 -69.07
C22 LUT NH . 4.27 52.21 -69.93
C23 LUT NH . 2.98 52.43 -69.17
C24 LUT NH . 2.86 51.58 -67.93
C25 LUT NH . 3.95 51.12 -67.28
C26 LUT NH . 5.22 50.85 -68.04
C27 LUT NH . 6.40 50.69 -67.12
C28 LUT NH . 6.94 49.47 -67.06
C29 LUT NH . 8.11 49.14 -66.23
C30 LUT NH . 8.74 48.02 -66.55
C31 LUT NH . 9.91 47.49 -65.88
C32 LUT NH . 10.09 46.19 -66.08
C33 LUT NH . 11.23 45.44 -65.55
C34 LUT NH . 11.30 44.14 -65.85
C35 LUT NH . 12.42 43.32 -65.42
C36 LUT NH . 5.98 53.22 -68.40
C37 LUT NH . 6.60 51.47 -70.01
C38 LUT NH . 3.88 50.91 -65.80
C39 LUT NH . 8.54 50.01 -65.09
C40 LUT NH . 12.28 46.11 -64.73
O23 LUT NH . 1.89 52.13 -70.04
C1 XAT OH . 18.95 46.62 -52.37
C2 XAT OH . 20.25 47.40 -52.52
C3 XAT OH . 21.00 47.04 -53.78
C4 XAT OH . 20.14 47.56 -54.91
C5 XAT OH . 18.87 46.72 -55.03
C6 XAT OH . 18.24 46.23 -53.69
C7 XAT OH . 16.72 46.24 -53.69
C8 XAT OH . 16.17 45.04 -53.65
C9 XAT OH . 14.72 44.77 -53.64
C10 XAT OH . 14.39 43.48 -53.59
C11 XAT OH . 13.07 42.89 -53.56
C12 XAT OH . 13.04 41.62 -53.91
C13 XAT OH . 11.84 40.78 -53.87
C14 XAT OH . 12.00 39.48 -54.16
C15 XAT OH . 10.89 38.53 -54.09
C16 XAT OH . 18.02 47.45 -51.51
C17 XAT OH . 19.27 45.33 -51.62
C18 XAT OH . 17.85 47.17 -56.06
C19 XAT OH . 13.70 45.86 -53.72
C20 XAT OH . 10.53 41.35 -53.43
O3 XAT OH . 22.26 47.71 -53.79
O4 XAT OH . 18.91 45.35 -54.60
C21 XAT OH . 5.17 27.03 -53.07
C22 XAT OH . 4.03 26.06 -53.33
C23 XAT OH . 2.72 26.80 -53.25
C24 XAT OH . 2.65 27.58 -54.53
C25 XAT OH . 3.76 28.64 -54.61
C26 XAT OH . 5.06 28.36 -53.83
C27 XAT OH . 6.33 28.90 -54.47
C28 XAT OH . 6.83 29.98 -53.87
C29 XAT OH . 8.05 30.66 -54.29
C30 XAT OH . 8.26 31.86 -53.73
C31 XAT OH . 9.43 32.69 -53.97
C32 XAT OH . 9.26 34.00 -53.98
C33 XAT OH . 10.39 34.93 -54.16
C34 XAT OH . 10.15 36.24 -54.04
C35 XAT OH . 11.20 37.24 -54.15
C36 XAT OH . 6.47 26.30 -53.40
C37 XAT OH . 5.18 27.35 -51.59
C38 XAT OH . 4.01 29.26 -55.98
C39 XAT OH . 9.00 30.04 -55.26
C40 XAT OH . 11.76 34.40 -54.43
O23 XAT OH . 1.64 25.89 -53.16
O24 XAT OH . 4.10 29.34 -53.41
C1 BCR PH . -2.56 66.98 -47.68
C2 BCR PH . -3.81 66.23 -47.23
C3 BCR PH . -3.78 65.92 -45.75
C4 BCR PH . -2.55 65.08 -45.40
C5 BCR PH . -1.34 65.82 -45.89
C6 BCR PH . -1.32 66.30 -47.13
C7 BCR PH . -0.08 66.17 -47.93
C8 BCR PH . 0.30 64.98 -48.36
C9 BCR PH . 1.53 64.81 -49.15
C10 BCR PH . 1.75 63.63 -49.76
C11 BCR PH . 2.95 63.38 -50.56
C33 BCR PH . -0.17 66.02 -44.97
C31 BCR PH . -2.60 68.41 -47.16
C32 BCR PH . -2.52 67.03 -49.21
C34 BCR PH . 2.53 65.93 -49.25
C12 BCR PH . 3.11 62.17 -51.09
C13 BCR PH . 4.30 61.85 -51.89
C14 BCR PH . 4.60 60.56 -52.12
C15 BCR PH . 5.78 60.20 -52.90
C16 BCR PH . 6.20 58.94 -52.86
C17 BCR PH . 7.39 58.55 -53.61
C18 BCR PH . 7.89 57.31 -53.54
C19 BCR PH . 9.10 57.01 -54.32
C20 BCR PH . 9.45 55.78 -54.69
C21 BCR PH . 10.70 55.74 -55.44
C22 BCR PH . 11.35 54.64 -55.83
C23 BCR PH . 12.61 54.86 -56.55
C24 BCR PH . 13.30 53.86 -57.13
C25 BCR PH . 14.58 54.12 -57.83
C26 BCR PH . 15.71 54.25 -57.11
C27 BCR PH . 16.93 54.88 -57.73
C28 BCR PH . 17.15 54.14 -59.04
C29 BCR PH . 15.97 54.42 -59.96
C30 BCR PH . 14.59 54.16 -59.35
C35 BCR PH . 5.16 62.96 -52.43
C36 BCR PH . 7.27 56.27 -52.67
C37 BCR PH . 10.85 53.26 -55.54
C38 BCR PH . 15.82 53.78 -55.70
C39 BCR PH . 14.08 52.82 -59.85
C40 BCR PH . 13.68 55.26 -59.88
O1 LHG QH . 4.02 26.65 -74.60
C1 LHG QH . 5.39 26.93 -74.94
C2 LHG QH . 6.19 27.00 -73.67
O2 LHG QH . 6.78 25.74 -73.38
C3 LHG QH . 5.37 27.35 -72.45
O3 LHG QH . 6.38 27.83 -71.61
P LHG QH . 6.50 29.39 -71.27
O4 LHG QH . 7.02 30.08 -72.49
O5 LHG QH . 5.35 29.63 -70.37
O6 LHG QH . 7.86 29.25 -70.34
C4 LHG QH . 7.93 28.24 -69.40
C5 LHG QH . 8.58 28.92 -68.20
C6 LHG QH . 7.82 30.20 -67.83
O7 LHG QH . 8.45 28.02 -67.13
C7 LHG QH . 9.45 27.10 -67.05
O9 LHG QH . 10.52 27.22 -67.61
C8 LHG QH . 9.20 26.21 -65.91
C9 LHG QH . 10.41 25.36 -65.64
C10 LHG QH . 10.06 24.35 -64.59
O8 LHG QH . 8.80 31.03 -67.20
C23 LHG QH . 8.48 31.56 -65.98
O10 LHG QH . 7.31 31.67 -65.70
C24 LHG QH . 9.47 31.43 -64.85
C11 LHG QH . 11.18 23.38 -64.69
C12 LHG QH . 12.32 23.86 -63.85
C13 LHG QH . 13.33 22.75 -63.76
C14 LHG QH . 14.71 23.27 -63.50
C15 LHG QH . 15.27 22.44 -62.37
C16 LHG QH . 15.02 23.16 -61.07
C17 LHG QH . 15.83 22.53 -59.96
C18 LHG QH . 15.53 23.41 -58.77
C19 LHG QH . 16.57 23.32 -57.69
C20 LHG QH . 15.79 23.70 -56.44
C21 LHG QH . 15.65 25.18 -56.34
C22 LHG QH . 15.13 25.52 -54.96
C25 LHG QH . 9.33 30.18 -64.01
C26 LHG QH . 10.52 29.22 -64.01
C27 LHG QH . 10.22 28.25 -62.88
C28 LHG QH . 11.40 27.45 -62.38
C29 LHG QH . 10.87 26.54 -61.29
C30 LHG QH . 11.75 26.35 -60.07
C31 LHG QH . 11.14 25.53 -58.95
C32 LHG QH . 11.17 26.18 -57.57
C33 LHG QH . 9.86 25.86 -56.88
C34 LHG QH . 9.88 24.70 -55.91
C35 LHG QH . 8.69 23.79 -56.12
C36 LHG QH . 8.98 22.44 -55.50
C37 LHG QH . 7.67 21.90 -54.98
C38 LHG QH . 6.95 20.98 -55.96
C1 LMG RH . -5.31 17.94 -49.55
O1 LMG RH . -4.48 16.97 -49.00
C2 LMG RH . -6.26 17.18 -50.54
O2 LMG RH . -5.45 16.79 -51.60
C3 LMG RH . -7.27 18.25 -51.06
O3 LMG RH . -8.16 17.56 -51.88
C4 LMG RH . -8.03 18.89 -49.86
O4 LMG RH . -8.77 17.91 -49.22
C5 LMG RH . -6.96 19.43 -48.85
O5 LMG RH . -6.95 19.46 -46.52
C6 LMG RH . -7.67 19.96 -47.60
O6 LMG RH . -6.06 18.42 -48.45
C7 LMG RH . -3.26 17.48 -48.50
C8 LMG RH . -2.34 17.66 -49.73
C9 LMG RH . -1.19 18.58 -49.34
O7 LMG RH . -1.75 16.41 -50.02
C10 LMG RH . -2.15 15.73 -51.13
O9 LMG RH . -3.33 15.78 -51.45
C11 LMG RH . -1.02 15.23 -51.96
C12 LMG RH . -1.50 14.23 -52.99
C13 LMG RH . -0.39 13.76 -53.90
C14 LMG RH . -0.92 12.55 -54.67
C15 LMG RH . 0.24 11.81 -55.27
C16 LMG RH . -0.16 10.37 -55.53
C17 LMG RH . 1.10 9.55 -55.60
C18 LMG RH . 0.79 8.30 -56.39
C19 LMG RH . 1.85 8.16 -57.45
C20 LMG RH . 2.49 6.81 -57.24
C21 LMG RH . 2.62 6.16 -58.60
O8 LMG RH . -0.50 17.94 -48.30
C28 LMG RH . -0.16 18.71 -47.24
O10 LMG RH . -1.04 19.17 -46.53
C29 LMG RH . 1.23 19.25 -47.33
C30 LMG RH . 2.21 18.38 -46.58
C31 LMG RH . 3.60 18.83 -46.93
C32 LMG RH . 3.80 20.23 -46.36
C33 LMG RH . 5.19 20.67 -46.74
C34 LMG RH . 5.59 21.80 -45.81
C35 LMG RH . 7.06 22.05 -46.05
C36 LMG RH . 7.18 23.42 -46.63
C1 LMG SH . -3.22 40.06 -43.72
O1 LMG SH . -2.29 41.09 -43.94
C2 LMG SH . -4.45 40.43 -44.57
O2 LMG SH . -5.00 41.55 -43.92
C3 LMG SH . -5.46 39.25 -44.42
O3 LMG SH . -6.48 39.52 -45.32
C4 LMG SH . -4.80 37.88 -44.78
O4 LMG SH . -4.59 37.83 -46.15
C5 LMG SH . -3.41 37.77 -44.06
O5 LMG SH . -3.59 35.52 -44.67
C6 LMG SH . -2.66 36.56 -44.62
O6 LMG SH . -2.62 38.91 -44.28
C7 LMG SH . -1.56 41.45 -42.79
C8 LMG SH . -2.35 42.62 -42.15
C9 LMG SH . -1.75 42.90 -40.77
O7 LMG SH . -2.11 43.78 -42.92
C10 LMG SH . -3.12 44.67 -43.09
O9 LMG SH . -4.28 44.30 -42.93
C11 LMG SH . -2.66 45.98 -43.65
C12 LMG SH . -1.75 46.71 -42.69
C13 LMG SH . -1.26 48.06 -43.23
C14 LMG SH . -0.02 48.46 -42.43
C15 LMG SH . 1.09 47.47 -42.68
C16 LMG SH . 2.38 47.97 -42.06
C17 LMG SH . 3.49 47.02 -42.47
C18 LMG SH . 4.72 47.84 -42.82
C19 LMG SH . 5.44 47.10 -43.93
C20 LMG SH . 6.92 47.14 -43.60
C21 LMG SH . 7.68 46.78 -44.84
O8 LMG SH . -0.91 44.02 -40.92
C28 LMG SH . 0.06 44.19 -39.99
O10 LMG SH . 1.10 43.55 -40.10
C29 LMG SH . -0.08 45.45 -39.21
C30 LMG SH . 1.25 45.81 -38.59
C31 LMG SH . 1.04 47.02 -37.72
C32 LMG SH . 2.15 47.01 -36.67
C33 LMG SH . 2.32 48.44 -36.20
C34 LMG SH . 3.72 48.58 -35.63
C35 LMG SH . 4.35 49.77 -36.34
C36 LMG SH . 4.13 50.95 -35.45
MG CLA TH . 7.48 -63.21 -46.80
CHA CLA TH . 8.68 -59.94 -46.98
CHB CLA TH . 7.96 -63.22 -43.47
CHC CLA TH . 6.25 -66.43 -46.70
CHD CLA TH . 7.17 -63.24 -50.33
NA CLA TH . 8.18 -61.78 -45.46
C1A CLA TH . 8.62 -60.47 -45.72
C2A CLA TH . 9.07 -59.79 -44.42
C3A CLA TH . 8.87 -60.89 -43.34
C4A CLA TH . 8.28 -62.05 -44.13
CMA CLA TH . 10.17 -61.27 -42.69
CAA CLA TH . 8.27 -58.57 -44.01
CBA CLA TH . 9.18 -57.52 -43.41
CGA CLA TH . 8.40 -56.56 -42.57
O1A CLA TH . 7.25 -56.68 -42.16
O2A CLA TH . 9.10 -55.43 -42.24
NB CLA TH . 7.14 -64.56 -45.36
C1B CLA TH . 7.43 -64.40 -44.05
C2B CLA TH . 7.13 -65.64 -43.30
C3B CLA TH . 6.65 -66.55 -44.21
C4B CLA TH . 6.64 -65.88 -45.53
CMB CLA TH . 7.36 -65.77 -41.86
CAB CLA TH . 6.22 -67.91 -44.00
CBB CLA TH . 6.85 -69.00 -44.43
NC CLA TH . 6.80 -64.57 -48.25
C1C CLA TH . 6.32 -65.82 -47.98
C2C CLA TH . 5.91 -66.47 -49.22
C3C CLA TH . 6.21 -65.58 -50.25
C4C CLA TH . 6.76 -64.39 -49.63
CMC CLA TH . 5.33 -67.81 -49.29
CAC CLA TH . 6.00 -65.78 -51.69
CBC CLA TH . 4.62 -65.35 -52.11
ND CLA TH . 7.78 -61.93 -48.33
C1D CLA TH . 7.65 -62.10 -49.73
C2D CLA TH . 8.09 -60.85 -50.38
C3D CLA TH . 8.45 -59.99 -49.38
C4D CLA TH . 8.26 -60.71 -48.12
CMD CLA TH . 8.13 -60.62 -51.81
CAD CLA TH . 8.95 -58.68 -49.07
OBD CLA TH . 9.20 -57.75 -49.82
CBD CLA TH . 9.14 -58.62 -47.53
CGD CLA TH . 10.56 -58.27 -47.14
O1D CLA TH . 10.92 -57.45 -46.29
O2D CLA TH . 11.51 -58.93 -47.84
CED CLA TH . 12.87 -58.65 -47.54
C1 CLA TH . 8.53 -54.57 -41.24
C2 CLA TH . 9.64 -53.72 -40.72
C3 CLA TH . 9.54 -52.39 -40.57
C4 CLA TH . 8.31 -51.64 -40.90
C5 CLA TH . 10.68 -51.58 -40.06
C6 CLA TH . 11.16 -50.55 -41.06
C7 CLA TH . 11.99 -49.48 -40.40
C8 CLA TH . 11.23 -48.18 -40.20
C9 CLA TH . 10.73 -47.64 -41.54
C10 CLA TH . 12.10 -47.13 -39.51
C11 CLA TH . 13.28 -46.72 -40.36
MG CLA UH . 8.12 -51.50 -52.37
CHA CLA UH . 4.79 -52.36 -52.50
CHB CLA UH . 7.31 -48.24 -52.79
CHC CLA UH . 11.44 -50.69 -52.08
CHD CLA UH . 8.91 -54.89 -51.76
NA CLA UH . 6.33 -50.49 -52.63
C1A CLA UH . 5.04 -51.03 -52.63
C2A CLA UH . 3.99 -49.94 -52.83
C3A CLA UH . 4.84 -48.69 -53.09
C4A CLA UH . 6.27 -49.14 -52.82
CMA CLA UH . 4.60 -48.29 -54.50
CAA CLA UH . 3.13 -49.68 -51.59
CBA CLA UH . 3.93 -49.51 -50.33
CGA CLA UH . 4.11 -48.06 -49.99
O1A CLA UH . 3.30 -47.15 -50.05
O2A CLA UH . 5.39 -47.77 -49.59
NB CLA UH . 9.19 -49.79 -52.45
C1B CLA UH . 8.66 -48.55 -52.58
C2B CLA UH . 9.75 -47.54 -52.52
C3B CLA UH . 10.93 -48.22 -52.33
C4B CLA UH . 10.58 -49.66 -52.29
CMB CLA UH . 9.46 -46.12 -52.65
CAB CLA UH . 12.30 -47.76 -52.19
CBB CLA UH . 12.75 -46.68 -51.55
NC CLA UH . 9.86 -52.60 -52.02
C1C CLA UH . 11.10 -52.06 -51.96
C2C CLA UH . 12.07 -53.12 -51.71
C3C CLA UH . 11.35 -54.29 -51.58
C4C CLA UH . 9.95 -53.97 -51.76
CMC CLA UH . 13.51 -52.95 -51.59
CAC CLA UH . 11.88 -55.63 -51.29
CBC CLA UH . 11.87 -55.83 -49.79
ND CLA UH . 7.15 -53.26 -52.20
C1D CLA UH . 7.59 -54.58 -51.97
C2D CLA UH . 6.44 -55.49 -52.01
C3D CLA UH . 5.33 -54.69 -52.26
C4D CLA UH . 5.83 -53.31 -52.34
CMD CLA UH . 6.53 -56.93 -51.84
CAD CLA UH . 3.92 -54.65 -52.46
OBD CLA UH . 3.10 -55.56 -52.50
CBD CLA UH . 3.52 -53.16 -52.63
CGD CLA UH . 2.99 -52.99 -54.01
O1D CLA UH . 3.58 -53.20 -55.06
O2D CLA UH . 1.71 -52.55 -54.07
CED CLA UH . 1.28 -52.03 -55.33
C1 CLA UH . 5.86 -46.43 -49.78
C2 CLA UH . 7.30 -46.43 -49.45
C3 CLA UH . 7.97 -45.34 -49.04
C4 CLA UH . 7.30 -44.03 -48.90
C5 CLA UH . 9.42 -45.43 -48.72
C6 CLA UH . 9.67 -45.52 -47.24
C7 CLA UH . 11.10 -45.97 -46.96
C8 CLA UH . 11.41 -45.94 -45.47
C9 CLA UH . 11.25 -44.55 -44.92
C10 CLA UH . 12.83 -46.40 -45.20
C11 CLA UH . 12.95 -47.90 -45.27
C12 CLA UH . 13.48 -48.48 -43.97
C13 CLA UH . 14.80 -49.21 -44.13
C14 CLA UH . 15.94 -48.23 -44.31
C15 CLA UH . 14.79 -50.21 -45.27
C16 CLA UH . 16.05 -51.05 -45.21
C17 CLA UH . 16.48 -51.58 -46.56
C18 CLA UH . 17.85 -52.24 -46.52
C19 CLA UH . 17.92 -53.30 -45.44
C20 CLA UH . 18.17 -52.90 -47.84
MG CLA VH . 16.22 -43.05 -51.68
CHA CLA VH . 13.73 -40.68 -52.13
CHB CLA VH . 14.37 -44.53 -49.27
CHC CLA VH . 18.70 -45.39 -51.32
CHD CLA VH . 18.14 -41.41 -54.15
NA CLA VH . 14.35 -42.65 -50.86
C1A CLA VH . 13.46 -41.63 -51.18
C2A CLA VH . 12.18 -41.73 -50.35
C3A CLA VH . 12.48 -42.87 -49.37
C4A CLA VH . 13.82 -43.41 -49.86
CMA CLA VH . 12.59 -42.35 -47.96
CAA CLA VH . 11.06 -42.21 -51.24
CBA CLA VH . 9.70 -41.91 -50.64
CGA CLA VH . 9.34 -40.46 -50.73
O1A CLA VH . 9.56 -39.67 -51.64
O2A CLA VH . 8.69 -40.02 -49.61
NB CLA VH . 16.46 -44.69 -50.55
C1B CLA VH . 15.60 -45.10 -49.60
C2B CLA VH . 16.18 -46.26 -48.88
C3B CLA VH . 17.39 -46.51 -49.45
C4B CLA VH . 17.61 -45.50 -50.52
CMB CLA VH . 15.52 -46.95 -47.78
CAB CLA VH . 18.35 -47.51 -49.10
NC CLA VH . 18.07 -43.35 -52.59
C1C CLA VH . 18.92 -44.38 -52.30
C2C CLA VH . 20.11 -44.29 -53.14
C3C CLA VH . 19.94 -43.15 -53.93
C4C CLA VH . 18.67 -42.57 -53.57
CMC CLA VH . 21.25 -45.18 -53.14
CAC CLA VH . 20.87 -42.64 -54.94
CBC CLA VH . 20.44 -43.11 -56.31
ND CLA VH . 16.07 -41.43 -52.85
C1D CLA VH . 16.94 -40.86 -53.81
C2D CLA VH . 16.32 -39.66 -54.39
C3D CLA VH . 15.09 -39.56 -53.78
C4D CLA VH . 14.98 -40.68 -52.84
CMD CLA VH . 16.93 -38.82 -55.40
CAD CLA VH . 13.87 -38.82 -53.70
OBD CLA VH . 13.53 -37.87 -54.34
CBD CLA VH . 12.96 -39.48 -52.62
CGD CLA VH . 12.65 -38.50 -51.53
O1D CLA VH . 11.70 -37.71 -51.48
O2D CLA VH . 13.54 -38.49 -50.50
CED CLA VH . 13.20 -37.70 -49.36
C1 CLA VH . 9.45 -39.91 -48.39
C2 CLA VH . 8.55 -40.31 -47.28
C3 CLA VH . 8.96 -40.50 -46.02
C4 CLA VH . 10.37 -40.33 -45.60
C5 CLA VH . 8.00 -40.91 -44.96
C6 CLA VH . 8.37 -42.24 -44.33
C7 CLA VH . 8.10 -42.24 -42.84
C8 CLA VH . 9.31 -42.66 -42.03
C9 CLA VH . 9.14 -44.06 -41.49
C10 CLA VH . 9.58 -41.69 -40.89
MG CLA WH . 29.88 -47.95 -64.91
CHA CLA WH . 33.28 -47.40 -65.31
CHB CLA WH . 29.66 -45.19 -62.94
CHC CLA WH . 26.49 -48.43 -64.74
CHD CLA WH . 30.15 -50.79 -66.99
NA CLA WH . 31.28 -46.55 -64.22
C1A CLA WH . 32.64 -46.47 -64.52
C2A CLA WH . 33.28 -45.27 -63.80
C3A CLA WH . 32.13 -44.69 -62.95
C4A CLA WH . 30.93 -45.52 -63.39
CMA CLA WH . 32.43 -44.79 -61.48
CAA CLA WH . 33.81 -44.20 -64.74
CBA CLA WH . 32.77 -43.74 -65.74
CGA CLA WH . 33.44 -43.48 -67.06
O1A CLA WH . 34.46 -44.01 -67.52
O2A CLA WH . 32.79 -42.56 -67.83
NB CLA WH . 28.38 -47.04 -63.94
C1B CLA WH . 28.47 -45.86 -63.28
C2B CLA WH . 27.11 -45.34 -62.99
C3B CLA WH . 26.22 -46.24 -63.49
C4B CLA WH . 27.01 -47.34 -64.10
CMB CLA WH . 26.88 -44.08 -62.31
CAB CLA WH . 24.78 -46.21 -63.50
NC CLA WH . 28.58 -49.38 -65.70
C1C CLA WH . 27.23 -49.38 -65.50
C2C CLA WH . 26.63 -50.52 -66.18
C3C CLA WH . 27.66 -51.18 -66.83
C4C CLA WH . 28.88 -50.46 -66.52
CMC CLA WH . 25.21 -50.83 -66.18
CAC CLA WH . 27.57 -52.38 -67.67
ND CLA WH . 31.32 -48.90 -65.95
C1D CLA WH . 31.29 -50.07 -66.74
C2D CLA WH . 32.66 -50.35 -67.23
C3D CLA WH . 33.46 -49.37 -66.70
C4D CLA WH . 32.58 -48.49 -65.91
CMD CLA WH . 32.97 -51.47 -68.11
CAD CLA WH . 34.80 -48.84 -66.61
OBD CLA WH . 35.84 -49.24 -67.13
CBD CLA WH . 34.73 -47.60 -65.69
CGD CLA WH . 35.53 -47.80 -64.44
O1D CLA WH . 35.38 -48.67 -63.58
O2D CLA WH . 36.51 -46.90 -64.25
CED CLA WH . 36.60 -46.33 -62.95
C1 CLA WH . 32.50 -42.98 -69.17
C2 CLA WH . 31.67 -41.91 -69.80
C3 CLA WH . 31.13 -42.03 -71.02
C4 CLA WH . 31.31 -43.23 -71.87
C5 CLA WH . 30.30 -40.92 -71.59
C6 CLA WH . 30.65 -40.54 -73.01
C7 CLA WH . 31.93 -39.69 -73.09
C8 CLA WH . 31.72 -38.24 -73.53
C9 CLA WH . 30.60 -38.06 -74.52
C10 CLA WH . 33.01 -37.71 -74.15
C11 CLA WH . 33.70 -36.70 -73.27
C12 CLA WH . 35.14 -36.48 -73.68
C13 CLA WH . 35.69 -35.17 -73.11
C14 CLA WH . 35.17 -34.00 -73.91
C15 CLA WH . 37.20 -35.15 -73.07
C16 CLA WH . 37.70 -34.65 -71.74
C17 CLA WH . 38.68 -33.51 -71.90
C18 CLA WH . 39.83 -33.58 -70.91
C19 CLA WH . 41.00 -34.39 -71.45
C20 CLA WH . 40.30 -32.21 -70.50
MG CLA XH . 28.55 -39.49 -65.04
CHA CLA XH . 29.22 -38.36 -68.24
CHB CLA XH . 25.24 -39.03 -65.58
CHC CLA XH . 27.95 -40.66 -61.89
CHD CLA XH . 32.02 -39.94 -64.52
NA CLA XH . 27.43 -38.81 -66.67
C1A CLA XH . 27.89 -38.39 -67.92
C2A CLA XH . 26.72 -37.98 -68.82
C3A CLA XH . 25.49 -38.09 -67.89
C4A CLA XH . 26.08 -38.70 -66.62
CMA CLA XH . 24.85 -36.76 -67.63
CAA CLA XH . 26.52 -38.95 -69.97
CBA CLA XH . 26.11 -38.24 -71.24
NB CLA XH . 26.90 -39.72 -63.91
C1B CLA XH . 25.63 -39.57 -64.36
C2B CLA XH . 24.68 -40.10 -63.36
C3B CLA XH . 25.40 -40.58 -62.30
C4B CLA XH . 26.85 -40.35 -62.64
CMB CLA XH . 23.23 -40.08 -63.56
CAB CLA XH . 24.80 -41.17 -61.14
CBB CLA XH . 25.35 -41.73 -60.06
NC CLA XH . 29.77 -40.15 -63.49
C1C CLA XH . 29.31 -40.56 -62.27
C2C CLA XH . 30.42 -40.92 -61.41
C3C CLA XH . 31.58 -40.75 -62.16
C4C CLA XH . 31.16 -40.26 -63.46
CMC CLA XH . 30.29 -41.39 -60.03
CAC CLA XH . 32.96 -40.97 -61.72
ND CLA XH . 30.24 -39.31 -66.10
C1D CLA XH . 31.61 -39.50 -65.76
C2D CLA XH . 32.46 -39.14 -66.91
C3D CLA XH . 31.59 -38.67 -67.89
C4D CLA XH . 30.23 -38.79 -67.34
CMD CLA XH . 33.91 -39.23 -66.91
CAD CLA XH . 31.47 -38.13 -69.22
OBD CLA XH . 32.34 -37.88 -70.04
CBD CLA XH . 29.95 -37.88 -69.48
CGD CLA XH . 29.65 -36.42 -69.72
O1D CLA XH . 29.62 -35.52 -68.89
O2D CLA XH . 29.38 -36.12 -71.02
MG CLA YH . 29.70 -40.97 -55.25
CHA CLA YH . 32.31 -41.19 -53.02
CHB CLA YH . 28.18 -43.61 -53.74
CHC CLA YH . 27.03 -40.57 -57.30
CHD CLA YH . 31.49 -38.51 -57.06
NA CLA YH . 30.19 -42.18 -53.63
C1A CLA YH . 31.33 -42.12 -52.83
C2A CLA YH . 31.27 -43.23 -51.78
C3A CLA YH . 30.06 -44.09 -52.20
C4A CLA YH . 29.41 -43.23 -53.26
CMA CLA YH . 30.42 -45.38 -52.85
CAA CLA YH . 31.04 -42.69 -50.38
CBA CLA YH . 30.03 -41.57 -50.31
CGA CLA YH . 29.93 -41.09 -48.90
O1A CLA YH . 29.74 -41.75 -47.86
O2A CLA YH . 30.10 -39.75 -48.80
NB CLA YH . 27.98 -41.97 -55.53
C1B CLA YH . 27.48 -42.93 -54.73
C2B CLA YH . 26.08 -43.22 -55.02
C3B CLA YH . 25.73 -42.36 -56.05
C4B CLA YH . 26.93 -41.54 -56.37
CMB CLA YH . 25.32 -44.23 -54.29
CAB CLA YH . 24.48 -42.19 -56.72
CBB CLA YH . 23.87 -43.21 -57.32
NC CLA YH . 29.34 -39.72 -56.86
C1C CLA YH . 28.15 -39.71 -57.51
C2C CLA YH . 28.19 -38.70 -58.55
C3C CLA YH . 29.47 -38.18 -58.58
C4C CLA YH . 30.21 -38.84 -57.50
CMC CLA YH . 27.03 -38.41 -59.35
CAC CLA YH . 29.98 -37.14 -59.49
CBC CLA YH . 30.02 -35.75 -58.90
ND CLA YH . 31.40 -39.90 -55.03
C1D CLA YH . 32.07 -38.99 -55.89
C2D CLA YH . 33.35 -38.61 -55.27
C3D CLA YH . 33.43 -39.34 -54.10
C4D CLA YH . 32.25 -40.21 -54.06
CMD CLA YH . 34.25 -37.59 -55.78
CAD CLA YH . 34.19 -39.63 -52.90
OBD CLA YH . 35.06 -38.98 -52.35
CBD CLA YH . 33.63 -40.96 -52.33
CGD CLA YH . 34.56 -42.07 -52.67
O1D CLA YH . 35.02 -42.32 -53.78
O2D CLA YH . 34.93 -42.85 -51.62
CED CLA YH . 35.90 -42.34 -50.72
C1 CLA YH . 28.91 -38.95 -48.94
C2 CLA YH . 28.58 -38.49 -47.57
C3 CLA YH . 27.80 -37.45 -47.32
C4 CLA YH . 27.50 -37.02 -45.93
C5 CLA YH . 27.18 -36.65 -48.42
C6 CLA YH . 25.67 -36.58 -48.33
C7 CLA YH . 25.05 -36.95 -49.65
C8 CLA YH . 23.88 -36.02 -49.99
C9 CLA YH . 22.62 -36.51 -49.32
C10 CLA YH . 23.71 -35.90 -51.50
C11 CLA YH . 22.59 -34.93 -51.84
C12 CLA YH . 23.08 -33.67 -52.54
C13 CLA YH . 22.04 -32.55 -52.46
C14 CLA YH . 20.69 -33.03 -52.94
C15 CLA YH . 22.48 -31.33 -53.26
C16 CLA YH . 22.66 -30.09 -52.39
C17 CLA YH . 21.33 -29.59 -51.86
C18 CLA YH . 21.28 -28.07 -51.76
C19 CLA YH . 20.58 -27.50 -52.98
C20 CLA YH . 20.53 -27.66 -50.51
MG CLA ZH . 13.72 -40.26 -69.43
CHA CLA ZH . 14.52 -42.94 -67.40
CHB CLA ZH . 16.95 -40.05 -70.43
CHC CLA ZH . 12.84 -37.67 -71.49
CHD CLA ZH . 10.33 -40.62 -68.48
NA CLA ZH . 15.46 -41.32 -68.94
C1A CLA ZH . 15.59 -42.42 -68.10
C2A CLA ZH . 17.06 -42.89 -68.05
C3A CLA ZH . 17.80 -41.82 -68.89
C4A CLA ZH . 16.67 -41.00 -69.48
CMA CLA ZH . 18.70 -40.99 -68.03
CAA CLA ZH . 17.27 -44.28 -68.63
CBA CLA ZH . 17.38 -44.33 -70.13
CGA CLA ZH . 16.58 -45.50 -70.61
O1A CLA ZH . 15.73 -46.11 -69.98
O2A CLA ZH . 16.86 -45.89 -71.89
NB CLA ZH . 14.71 -39.05 -70.68
C1B CLA ZH . 16.01 -39.20 -71.04
C2B CLA ZH . 16.33 -38.30 -72.17
C3B CLA ZH . 15.17 -37.62 -72.47
C4B CLA ZH . 14.13 -38.08 -71.51
CMB CLA ZH . 17.67 -38.27 -72.75
CAB CLA ZH . 14.88 -36.62 -73.46
CBB CLA ZH . 15.22 -36.70 -74.75
NC CLA ZH . 11.93 -39.30 -69.86
C1C CLA ZH . 11.81 -38.23 -70.71
C2C CLA ZH . 10.43 -37.79 -70.75
C3C CLA ZH . 9.70 -38.67 -69.95
C4C CLA ZH . 10.65 -39.61 -69.40
CMC CLA ZH . 9.93 -36.67 -71.53
CAC CLA ZH . 8.26 -38.64 -69.71
ND CLA ZH . 12.63 -41.44 -68.21
C1D CLA ZH . 11.25 -41.47 -67.92
C2D CLA ZH . 11.00 -42.53 -66.92
C3D CLA ZH . 12.23 -43.09 -66.66
C4D CLA ZH . 13.21 -42.40 -67.51
CMD CLA ZH . 9.69 -42.84 -66.34
CAD CLA ZH . 12.95 -44.07 -65.90
OBD CLA ZH . 12.51 -44.81 -65.03
CBD CLA ZH . 14.42 -44.04 -66.37
CGD CLA ZH . 15.36 -43.73 -65.25
O1D CLA ZH . 15.82 -42.63 -64.93
O2D CLA ZH . 15.75 -44.80 -64.51
CED CLA ZH . 17.11 -45.19 -64.65
C1 CLA ZH . 16.55 -47.27 -72.19
C2 CLA ZH . 17.21 -47.59 -73.50
C3 CLA ZH . 18.50 -47.92 -73.62
C4 CLA ZH . 19.10 -48.22 -74.94
C5 CLA ZH . 19.39 -48.02 -72.43
C6 CLA ZH . 20.08 -49.37 -72.33
MG CLA AI . 16.34 -37.43 -59.32
CHA CLA AI . 13.56 -38.76 -57.76
CHB CLA AI . 14.75 -34.46 -59.59
CHC CLA AI . 19.23 -36.03 -60.57
CHD CLA AI . 17.98 -40.51 -58.97
NA CLA AI . 14.44 -36.76 -58.80
C1A CLA AI . 13.42 -37.46 -58.14
C2A CLA AI . 12.18 -36.56 -57.96
C3A CLA AI . 12.54 -35.31 -58.79
C4A CLA AI . 14.02 -35.50 -59.08
CMA CLA AI . 11.74 -35.30 -60.05
CAA CLA AI . 11.92 -36.16 -56.52
CBA CLA AI . 12.44 -34.82 -56.09
CGA CLA AI . 13.16 -34.92 -54.79
O1A CLA AI . 12.69 -35.18 -53.68
O2A CLA AI . 14.51 -34.71 -54.85
NB CLA AI . 16.91 -35.58 -59.87
C1B CLA AI . 16.10 -34.50 -59.93
C2B CLA AI . 16.84 -33.33 -60.48
C3B CLA AI . 18.10 -33.78 -60.77
C4B CLA AI . 18.16 -35.21 -60.41
CMB CLA AI . 16.18 -32.05 -60.68
CAB CLA AI . 19.22 -33.12 -61.36
CBB CLA AI . 19.74 -31.96 -60.97
NC CLA AI . 18.24 -38.16 -59.75
C1C CLA AI . 19.27 -37.43 -60.29
C2C CLA AI . 20.43 -38.26 -60.46
C3C CLA AI . 20.09 -39.53 -59.99
C4C CLA AI . 18.71 -39.45 -59.56
CMC CLA AI . 21.70 -37.77 -61.02
CAC CLA AI . 20.92 -40.73 -59.94
CBC CLA AI . 21.84 -40.69 -58.76
ND CLA AI . 15.87 -39.30 -58.73
C1D CLA AI . 16.66 -40.46 -58.57
C2D CLA AI . 15.87 -41.51 -57.90
C3D CLA AI . 14.66 -40.91 -57.59
C4D CLA AI . 14.73 -39.53 -58.08
CMD CLA AI . 16.32 -42.86 -57.62
CAD CLA AI . 13.37 -41.08 -56.96
OBD CLA AI . 12.88 -42.08 -56.45
CBD CLA AI . 12.65 -39.71 -57.02
CGD CLA AI . 11.37 -39.85 -57.77
O1D CLA AI . 11.23 -39.80 -58.98
O2D CLA AI . 10.27 -40.06 -56.99
CED CLA AI . 9.01 -40.03 -57.64
C1 CLA AI . 15.12 -34.22 -53.63
C2 CLA AI . 16.31 -35.02 -53.33
C3 CLA AI . 16.79 -35.24 -52.09
C4 CLA AI . 16.14 -34.68 -50.89
C5 CLA AI . 18.02 -36.04 -51.86
C6 CLA AI . 17.72 -37.44 -51.37
C7 CLA AI . 18.92 -38.06 -50.71
C8 CLA AI . 18.66 -39.48 -50.20
C9 CLA AI . 17.36 -39.56 -49.40
C10 CLA AI . 19.82 -39.94 -49.33
C11 CLA AI . 20.52 -41.16 -49.88
C12 CLA AI . 19.77 -42.43 -49.54
C13 CLA AI . 19.71 -42.69 -48.03
C14 CLA AI . 21.02 -43.26 -47.54
C15 CLA AI . 18.57 -43.63 -47.68
C16 CLA AI . 18.35 -43.76 -46.20
C17 CLA AI . 17.14 -42.98 -45.74
C18 CLA AI . 16.12 -43.86 -45.04
C19 CLA AI . 16.58 -44.24 -43.64
C20 CLA AI . 14.78 -43.16 -44.95
MG CLA BI . 12.49 -51.63 -68.18
CHA CLA BI . 10.11 -50.39 -70.34
CHB CLA BI . 11.03 -54.70 -68.38
CHC CLA BI . 15.14 -52.97 -66.47
CHD CLA BI . 14.08 -48.50 -68.25
NA CLA BI . 10.79 -52.37 -69.12
C1A CLA BI . 9.96 -51.71 -70.03
C2A CLA BI . 8.85 -52.65 -70.51
C3A CLA BI . 8.97 -53.84 -69.56
C4A CLA BI . 10.37 -53.66 -68.97
CMA CLA BI . 7.93 -53.70 -68.49
CAA CLA BI . 9.08 -53.09 -71.96
CBA CLA BI . 10.53 -53.21 -72.39
CGA CLA BI . 11.04 -54.58 -72.04
O1A CLA BI . 10.38 -55.59 -71.82
O2A CLA BI . 12.41 -54.67 -71.95
NB CLA BI . 13.04 -53.49 -67.64
C1B CLA BI . 12.27 -54.60 -67.77
C2B CLA BI . 12.91 -55.74 -67.06
C3B CLA BI . 14.08 -55.27 -66.51
C4B CLA BI . 14.16 -53.82 -66.85
CMB CLA BI . 12.28 -57.06 -67.02
CAB CLA BI . 15.07 -55.92 -65.69
CBB CLA BI . 15.67 -57.07 -65.93
NC CLA BI . 14.24 -50.84 -67.40
C1C CLA BI . 15.16 -51.56 -66.71
C2C CLA BI . 16.25 -50.70 -66.31
C3C CLA BI . 16.00 -49.44 -66.86
C4C CLA BI . 14.73 -49.55 -67.57
CMC CLA BI . 17.38 -51.15 -65.53
CAC CLA BI . 16.80 -48.23 -66.76
CBC CLA BI . 17.69 -48.00 -67.96
ND CLA BI . 12.04 -49.75 -68.78
C1D CLA BI . 12.82 -48.58 -68.81
C2D CLA BI . 12.10 -47.53 -69.55
C3D CLA BI . 11.03 -48.17 -70.12
C4D CLA BI . 11.09 -49.57 -69.70
CMD CLA BI . 12.47 -46.13 -69.65
CAD CLA BI . 9.84 -48.03 -70.92
OBD CLA BI . 9.26 -47.02 -71.27
CBD CLA BI . 9.36 -49.45 -71.28
CGD CLA BI . 7.87 -49.56 -71.22
O1D CLA BI . 7.18 -50.07 -70.32
O2D CLA BI . 7.23 -49.02 -72.29
CED CLA BI . 5.81 -49.20 -72.39
C1 CLA BI . 12.90 -55.82 -71.23
C2 CLA BI . 14.34 -56.02 -71.54
C3 CLA BI . 15.09 -56.96 -70.93
C4 CLA BI . 14.54 -57.86 -69.91
C5 CLA BI . 16.53 -57.13 -71.27
C6 CLA BI . 17.42 -57.22 -70.05
C7 CLA BI . 18.84 -57.57 -70.46
C8 CLA BI . 19.85 -57.15 -69.41
C9 CLA BI . 21.11 -56.60 -70.07
MG CLA CI . 10.63 -66.56 -57.80
CHA CLA CI . 9.73 -64.94 -60.73
CHB CLA CI . 8.36 -69.01 -58.44
CHC CLA CI . 11.75 -68.24 -55.03
CHD CLA CI . 13.08 -64.07 -57.25
NA CLA CI . 9.24 -66.86 -59.32
C1A CLA CI . 9.02 -66.09 -60.46
C2A CLA CI . 7.91 -66.69 -61.32
C3A CLA CI . 7.35 -67.82 -60.43
C4A CLA CI . 8.39 -67.93 -59.32
CMA CLA CI . 5.98 -67.47 -59.90
CAA CLA CI . 8.49 -67.33 -62.57
CBA CLA CI . 7.74 -66.90 -63.82
NB CLA CI . 10.13 -68.28 -56.89
C1B CLA CI . 9.25 -69.20 -57.36
C2B CLA CI . 9.33 -70.45 -56.55
C3B CLA CI . 10.28 -70.23 -55.60
C4B CLA CI . 10.79 -68.85 -55.78
CMB CLA CI . 8.51 -71.62 -56.82
CAB CLA CI . 10.75 -71.10 -54.55
CBB CLA CI . 11.97 -71.64 -54.46
NC CLA CI . 12.09 -66.17 -56.36
C1C CLA CI . 12.35 -66.98 -55.29
C2C CLA CI . 13.39 -66.39 -54.47
C3C CLA CI . 13.81 -65.23 -55.12
C4C CLA CI . 12.98 -65.11 -56.31
CMC CLA CI . 13.92 -66.98 -53.24
CAC CLA CI . 14.86 -64.28 -54.72
CBC CLA CI . 14.26 -63.13 -53.95
ND CLA CI . 11.22 -64.83 -58.66
C1D CLA CI . 12.28 -63.94 -58.35
C2D CLA CI . 12.34 -62.89 -59.39
C3D CLA CI . 11.35 -63.20 -60.31
C4D CLA CI . 10.71 -64.43 -59.82
CMD CLA CI . 13.30 -61.80 -59.38
CAD CLA CI . 10.71 -62.83 -61.55
OBD CLA CI . 10.87 -61.85 -62.26
CBD CLA CI . 9.69 -63.96 -61.87
CGD CLA CI . 8.30 -63.40 -62.01
O1D CLA CI . 7.39 -63.44 -61.18
O2D CLA CI . 8.06 -62.79 -63.20
CED CLA CI . 6.73 -62.90 -63.69
MG CLA DI . 16.79 -61.91 -63.37
CHA CLA DI . 14.05 -62.86 -65.29
CHB CLA DI . 17.88 -59.94 -65.89
CHC CLA DI . 19.68 -61.30 -61.59
CHD CLA DI . 15.82 -64.27 -60.94
NA CLA DI . 16.01 -61.42 -65.24
C1A CLA DI . 14.86 -61.90 -65.88
C2A CLA DI . 14.72 -61.28 -67.27
C3A CLA DI . 15.89 -60.29 -67.36
C4A CLA DI . 16.66 -60.54 -66.07
CMA CLA DI . 16.76 -60.62 -68.56
CAA CLA DI . 13.42 -60.53 -67.54
CBA CLA DI . 12.83 -60.98 -68.86
NB CLA DI . 18.42 -60.77 -63.65
C1B CLA DI . 18.72 -60.10 -64.78
C2B CLA DI . 20.10 -59.55 -64.71
C3B CLA DI . 20.61 -59.93 -63.50
C4B CLA DI . 19.55 -60.71 -62.80
CMB CLA DI . 20.67 -58.80 -65.82
CAB CLA DI . 21.90 -59.72 -62.89
CBB CLA DI . 22.67 -58.63 -62.92
NC CLA DI . 17.53 -62.56 -61.53
C1C CLA DI . 18.71 -62.15 -60.98
C2C CLA DI . 18.92 -62.82 -59.71
C3C CLA DI . 17.85 -63.71 -59.54
C4C CLA DI . 17.00 -63.53 -60.69
CMC CLA DI . 20.07 -62.63 -58.83
CAC CLA DI . 17.63 -64.61 -58.40
CBC CLA DI . 18.30 -65.95 -58.61
ND CLA DI . 15.23 -63.15 -63.04
C1D CLA DI . 15.02 -64.13 -62.04
C2D CLA DI . 13.81 -64.89 -62.37
C3D CLA DI . 13.36 -64.41 -63.58
C4D CLA DI . 14.32 -63.36 -63.99
CMD CLA DI . 13.26 -65.96 -61.54
CAD CLA DI . 12.35 -64.52 -64.62
OBD CLA DI . 11.32 -65.17 -64.64
CBD CLA DI . 12.84 -63.62 -65.79
CGD CLA DI . 13.16 -64.42 -67.03
O1D CLA DI . 14.27 -64.76 -67.43
O2D CLA DI . 12.07 -64.78 -67.75
MG CLA EI . 25.92 -59.96 -47.29
CHA CLA EI . 29.03 -60.73 -45.98
CHB CLA EI . 26.06 -62.69 -49.31
CHC CLA EI . 22.72 -59.29 -48.37
CHD CLA EI . 25.77 -57.14 -45.17
NA CLA EI . 27.33 -61.46 -47.57
C1A CLA EI . 28.56 -61.63 -46.91
C2A CLA EI . 29.25 -62.89 -47.37
C3A CLA EI . 28.36 -63.39 -48.53
C4A CLA EI . 27.14 -62.48 -48.46
CMA CLA EI . 29.04 -63.28 -49.86
CAA CLA EI . 29.24 -63.91 -46.24
CBA CLA EI . 27.90 -64.14 -45.56
CGA CLA EI . 27.78 -63.40 -44.26
O2A CLA EI . 26.49 -63.18 -43.84
NB CLA EI . 24.64 -60.83 -48.59
C1B CLA EI . 24.89 -61.91 -49.36
C2B CLA EI . 23.73 -62.16 -50.27
C3B CLA EI . 22.79 -61.20 -49.98
C4B CLA EI . 23.36 -60.35 -48.92
CMB CLA EI . 23.68 -63.27 -51.22
CAB CLA EI . 21.49 -60.95 -50.52
CBB CLA EI . 20.44 -61.75 -50.35
NC CLA EI . 24.52 -58.48 -46.86
C1C CLA EI . 23.27 -58.42 -47.39
C2C CLA EI . 22.53 -57.30 -46.83
C3C CLA EI . 23.39 -56.67 -45.95
C4C CLA EI . 24.64 -57.43 -45.96
CMC CLA EI . 21.15 -56.94 -47.18
CAC CLA EI . 23.08 -55.49 -45.13
CBC CLA EI . 22.56 -55.86 -43.76
ND CLA EI . 27.08 -59.10 -45.89
C1D CLA EI . 26.91 -57.91 -45.12
C2D CLA EI . 28.14 -57.67 -44.34
C3D CLA EI . 28.99 -58.72 -44.64
C4D CLA EI . 28.28 -59.58 -45.60
CMD CLA EI . 28.35 -56.53 -43.46
CAD CLA EI . 30.30 -59.29 -44.44
OBD CLA EI . 31.25 -58.87 -43.80
CBD CLA EI . 30.36 -60.61 -45.25
CGD CLA EI . 31.48 -60.55 -46.23
O1D CLA EI . 31.81 -59.58 -46.91
O2D CLA EI . 32.23 -61.68 -46.34
CED CLA EI . 33.58 -61.52 -46.75
C1 CLA EI . 25.63 -62.38 -44.68
C2 CLA EI . 24.91 -61.42 -43.80
C3 CLA EI . 23.65 -60.96 -44.04
C4 CLA EI . 23.01 -59.99 -43.13
C5 CLA EI . 22.88 -61.41 -45.24
C6 CLA EI . 21.38 -61.45 -45.03
C7 CLA EI . 20.72 -62.28 -46.12
C8 CLA EI . 19.32 -61.80 -46.47
C9 CLA EI . 18.65 -62.82 -47.38
C10 CLA EI . 19.36 -60.44 -47.13
C11 CLA EI . 17.99 -59.89 -47.46
C12 CLA EI . 17.18 -59.57 -46.21
C13 CLA EI . 17.19 -58.08 -45.89
C14 CLA EI . 18.22 -57.77 -44.81
C15 CLA EI . 15.82 -57.61 -45.42
C16 CLA EI . 15.54 -56.17 -45.79
C17 CLA EI . 14.89 -55.41 -44.65
C18 CLA EI . 13.38 -55.59 -44.59
C19 CLA EI . 12.96 -56.42 -43.38
C20 CLA EI . 12.70 -54.24 -44.49
MG CLA FI . 27.55 -69.27 -46.68
CHA CLA FI . 26.21 -67.84 -43.82
CHB CLA FI . 29.05 -71.65 -44.78
CHC CLA FI . 28.65 -70.79 -49.56
CHD CLA FI . 25.85 -66.87 -48.64
NA CLA FI . 27.67 -69.62 -44.63
C1A CLA FI . 27.03 -68.92 -43.58
C2A CLA FI . 27.40 -69.52 -42.21
C3A CLA FI . 28.47 -70.57 -42.57
C4A CLA FI . 28.41 -70.63 -44.10
CAA CLA FI . 26.25 -70.19 -41.48
CBA CLA FI . 26.30 -69.87 -40.01
CGA CLA FI . 25.46 -70.82 -39.20
O1A CLA FI . 24.44 -70.58 -38.54
O2A CLA FI . 25.93 -72.10 -39.22
NB CLA FI . 28.71 -70.87 -47.09
C1B CLA FI . 29.09 -71.80 -46.17
C2B CLA FI . 29.58 -73.02 -46.87
C3B CLA FI . 29.47 -72.78 -48.21
C4B CLA FI . 28.92 -71.40 -48.37
CMB CLA FI . 30.06 -74.20 -46.15
CAB CLA FI . 29.80 -73.61 -49.34
CBB CLA FI . 29.21 -74.78 -49.64
NC CLA FI . 27.36 -68.84 -48.72
C1C CLA FI . 27.93 -69.58 -49.72
C2C CLA FI . 27.62 -68.99 -51.01
C3C CLA FI . 26.77 -67.91 -50.76
C4C CLA FI . 26.61 -67.83 -49.31
CMC CLA FI . 28.09 -69.50 -52.29
CAC CLA FI . 26.19 -67.00 -51.75
CBC CLA FI . 24.76 -67.33 -52.09
ND CLA FI . 26.38 -67.67 -46.37
C1D CLA FI . 25.72 -66.79 -47.26
C2D CLA FI . 24.91 -65.83 -46.48
C3D CLA FI . 25.07 -66.18 -45.16
C4D CLA FI . 25.98 -67.34 -45.14
CMD CLA FI . 24.10 -64.77 -47.07
CAD CLA FI . 24.72 -65.87 -43.79
OBD CLA FI . 24.00 -64.99 -43.34
CBD CLA FI . 25.41 -66.95 -42.89
CGD CLA FI . 26.27 -66.32 -41.83
O1D CLA FI . 27.49 -66.37 -41.72
O2D CLA FI . 25.58 -65.64 -40.89
CED CLA FI . 25.71 -66.07 -39.53
MG CLA GI . 21.81 -47.68 -39.88
CHA CLA GI . 22.66 -49.46 -37.04
CHB CLA GI . 21.77 -50.58 -41.68
CHC CLA GI . 20.47 -45.96 -42.54
CHD CLA GI . 21.68 -44.73 -37.95
NA CLA GI . 22.24 -49.67 -39.44
C1A CLA GI . 22.54 -50.22 -38.18
C2A CLA GI . 22.76 -51.73 -38.30
C3A CLA GI . 22.74 -51.97 -39.81
C4A CLA GI . 22.21 -50.66 -40.37
CMA CLA GI . 24.12 -52.27 -40.36
CAA CLA GI . 21.60 -52.48 -37.67
CBA CLA GI . 21.83 -53.99 -37.65
CGA CLA GI . 22.04 -54.50 -36.26
O1A CLA GI . 21.30 -54.41 -35.27
O2A CLA GI . 23.24 -55.16 -36.10
NB CLA GI . 21.27 -48.17 -41.76
C1B CLA GI . 21.27 -49.41 -42.29
C2B CLA GI . 20.69 -49.38 -43.66
C3B CLA GI . 20.33 -48.08 -43.90
C4B CLA GI . 20.68 -47.29 -42.70
CMB CLA GI . 20.55 -50.56 -44.51
CAB CLA GI . 19.71 -47.51 -45.05
NC CLA GI . 21.28 -45.68 -40.21
C1C CLA GI . 20.77 -45.20 -41.37
C2C CLA GI . 20.49 -43.78 -41.25
C3C CLA GI . 20.80 -43.42 -39.94
C4C CLA GI . 21.28 -44.64 -39.29
CMC CLA GI . 19.97 -42.94 -42.33
CAC CLA GI . 20.68 -42.09 -39.33
ND CLA GI . 22.25 -47.11 -38.01
C1D CLA GI . 22.13 -45.87 -37.33
C2D CLA GI . 22.53 -46.04 -35.92
C3D CLA GI . 22.72 -47.40 -35.75
C4D CLA GI . 22.51 -48.03 -37.07
CMD CLA GI . 22.59 -44.97 -34.94
CAD CLA GI . 23.08 -48.45 -34.83
OBD CLA GI . 23.44 -48.38 -33.66
CBD CLA GI . 22.98 -49.80 -35.61
CGD CLA GI . 24.25 -50.59 -35.50
O2D CLA GI . 24.46 -51.13 -34.27
CED CLA GI . 23.93 -52.42 -34.01
MG CLA HI . 15.59 -26.99 -59.80
CHA CLA HI . 14.83 -24.09 -61.54
CHB CLA HI . 18.73 -25.86 -59.25
CHC CLA HI . 16.17 -29.72 -57.83
CHD CLA HI . 12.26 -28.08 -60.28
NA CLA HI . 16.62 -25.27 -60.38
C1A CLA HI . 16.12 -24.16 -61.08
C2A CLA HI . 17.24 -23.12 -61.27
C3A CLA HI . 18.49 -23.82 -60.71
C4A CLA HI . 17.92 -25.07 -60.05
CMA CLA HI . 19.47 -24.15 -61.79
CAA CLA HI . 17.03 -21.81 -60.53
CBA CLA HI . 16.34 -21.99 -59.19
CGA CLA HI . 16.28 -20.68 -58.45
O1A CLA HI . 15.67 -20.43 -57.41
O2A CLA HI . 17.00 -19.68 -59.04
NB CLA HI . 17.17 -27.69 -58.79
C1B CLA HI . 18.34 -27.05 -58.61
C2B CLA HI . 19.16 -27.79 -57.61
C3B CLA HI . 18.44 -28.88 -57.22
C4B CLA HI . 17.17 -28.83 -57.96
CMB CLA HI . 20.47 -27.37 -57.18
CAB CLA HI . 18.74 -29.92 -56.27
CBB CLA HI . 19.74 -30.79 -56.39
NC CLA HI . 14.44 -28.62 -59.22
C1C CLA HI . 14.89 -29.62 -58.41
C2C CLA HI . 13.85 -30.59 -58.19
C3C CLA HI . 12.73 -30.14 -58.87
C4C CLA HI . 13.11 -28.90 -59.51
CMC CLA HI . 14.05 -31.77 -57.36
CAC CLA HI . 11.43 -30.79 -58.96
CBC CLA HI . 11.39 -31.58 -60.23
ND CLA HI . 13.92 -26.34 -60.75
C1D CLA HI . 12.62 -26.89 -60.84
C2D CLA HI . 11.77 -25.97 -61.62
C3D CLA HI . 12.57 -24.88 -61.92
C4D CLA HI . 13.89 -25.16 -61.33
CMD CLA HI . 10.37 -26.25 -61.92
CAD CLA HI . 12.65 -23.59 -62.57
OBD CLA HI . 11.81 -22.99 -63.21
CBD CLA HI . 14.08 -23.03 -62.30
CGD CLA HI . 14.81 -22.68 -63.56
O1D CLA HI . 15.55 -21.72 -63.77
O2D CLA HI . 14.60 -23.56 -64.57
CED CLA HI . 15.73 -23.93 -65.37
C1 CLA HI . 16.85 -18.36 -58.47
C2 CLA HI . 18.20 -17.76 -58.38
C3 CLA HI . 18.67 -17.17 -57.27
C4 CLA HI . 17.89 -17.07 -56.02
C5 CLA HI . 20.04 -16.58 -57.26
MG CLA II . 14.14 -36.08 -79.56
CHA CLA II . 14.03 -38.21 -82.31
CHB CLA II . 16.89 -34.57 -80.82
CHC CLA II . 14.24 -34.05 -76.77
CHD CLA II . 11.30 -37.71 -78.27
NA CLA II . 15.24 -36.34 -81.31
C1A CLA II . 15.04 -37.27 -82.34
C2A CLA II . 16.09 -37.09 -83.44
C3A CLA II . 17.00 -35.97 -82.90
C4A CLA II . 16.32 -35.57 -81.59
CMA CLA II . 18.40 -36.46 -82.64
CAA CLA II . 15.43 -36.57 -84.72
CBA CLA II . 16.41 -36.12 -85.77
NB CLA II . 15.31 -34.57 -78.94
C1B CLA II . 16.42 -34.13 -79.58
C2B CLA II . 17.10 -33.10 -78.75
C3B CLA II . 16.35 -32.95 -77.61
C4B CLA II . 15.20 -33.88 -77.71
CMB CLA II . 18.33 -32.45 -79.16
CAB CLA II . 16.55 -32.09 -76.47
NC CLA II . 12.97 -35.90 -77.85
C1C CLA II . 13.19 -35.00 -76.84
C2C CLA II . 12.19 -35.18 -75.80
C3C CLA II . 11.35 -36.21 -76.22
C4C CLA II . 11.84 -36.66 -77.51
CMC CLA II . 12.16 -34.40 -74.57
CAC CLA II . 10.20 -36.76 -75.50
CBC CLA II . 10.58 -38.06 -74.81
ND CLA II . 12.90 -37.57 -80.11
C1D CLA II . 11.78 -38.16 -79.47
C2D CLA II . 11.28 -39.28 -80.28
C3D CLA II . 12.12 -39.36 -81.37
C4D CLA II . 13.10 -38.27 -81.22
CMD CLA II . 10.15 -40.11 -79.92
CAD CLA II . 12.42 -40.06 -82.61
OBD CLA II . 11.83 -41.00 -83.11
CBD CLA II . 13.66 -39.36 -83.22
CGD CLA II . 14.79 -40.34 -83.31
O1D CLA II . 15.88 -40.30 -82.74
O2D CLA II . 14.55 -41.39 -84.15
MG CLA JI . 7.85 -35.24 -51.25
CHA CLA JI . 5.75 -34.60 -53.94
CHB CLA JI . 5.43 -37.07 -49.78
CHC CLA JI . 9.77 -35.42 -48.39
CHD CLA JI . 10.34 -33.27 -52.75
NA CLA JI . 5.92 -35.79 -51.82
C1A CLA JI . 5.19 -35.41 -52.96
C2A CLA JI . 3.77 -36.04 -52.87
C3A CLA JI . 3.92 -37.10 -51.76
C4A CLA JI . 5.16 -36.61 -51.04
CMA CLA JI . 2.75 -37.22 -50.82
CAA CLA JI . 3.11 -36.62 -54.12
CBA CLA JI . 1.62 -36.33 -54.19
CGA CLA JI . 1.36 -35.09 -54.98
O1A CLA JI . 1.34 -34.96 -56.20
O2A CLA JI . 1.13 -34.00 -54.20
NB CLA JI . 7.63 -36.05 -49.43
C1B CLA JI . 6.55 -36.77 -49.01
C2B CLA JI . 6.72 -37.19 -47.61
C3B CLA JI . 7.96 -36.73 -47.20
C4B CLA JI . 8.55 -36.01 -48.36
CMB CLA JI . 5.71 -37.98 -46.94
CAB CLA JI . 8.66 -36.87 -45.97
NC CLA JI . 9.75 -34.56 -50.72
C1C CLA JI . 10.33 -34.76 -49.49
C2C CLA JI . 11.64 -34.12 -49.46
C3C CLA JI . 11.80 -33.48 -50.69
C4C CLA JI . 10.59 -33.75 -51.46
CMC CLA JI . 12.57 -34.13 -48.32
CAC CLA JI . 12.95 -32.69 -51.13
ND CLA JI . 8.14 -34.34 -53.03
C1D CLA JI . 9.20 -33.52 -53.48
C2D CLA JI . 8.87 -33.01 -54.82
C3D CLA JI . 7.56 -33.40 -55.05
C4D CLA JI . 7.13 -34.19 -53.88
CMD CLA JI . 9.76 -32.22 -55.65
CAD CLA JI . 6.48 -33.42 -55.99
OBD CLA JI . 6.46 -33.04 -57.17
CBD CLA JI . 5.26 -34.03 -55.26
CGD CLA JI . 4.19 -33.00 -55.08
O1D CLA JI . 3.26 -32.73 -55.85
O2D CLA JI . 4.28 -32.30 -53.91
CED CLA JI . 3.41 -31.19 -53.71
C1 LUT KI . 26.50 -61.68 -54.68
C2 LUT KI . 27.73 -61.75 -53.79
C3 LUT KI . 27.74 -60.96 -52.49
C4 LUT KI . 26.97 -59.67 -52.62
C5 LUT KI . 25.59 -59.97 -53.11
C6 LUT KI . 25.38 -60.80 -54.13
C7 LUT KI . 24.02 -60.88 -54.73
C8 LUT KI . 23.66 -60.07 -55.73
C9 LUT KI . 22.33 -60.11 -56.33
C10 LUT KI . 22.15 -59.35 -57.41
C11 LUT KI . 20.91 -59.24 -58.17
C12 LUT KI . 20.90 -58.30 -59.10
C13 LUT KI . 19.77 -58.04 -59.98
C14 LUT KI . 20.04 -57.30 -61.07
C15 LUT KI . 19.07 -56.97 -62.11
C16 LUT KI . 25.92 -63.09 -54.81
C17 LUT KI . 26.99 -61.20 -56.04
C18 LUT KI . 24.45 -59.32 -52.39
C19 LUT KI . 21.23 -60.93 -55.74
C20 LUT KI . 18.41 -58.59 -59.68
O3 LUT KI . 29.09 -60.62 -52.17
C21 LUT KI . 15.95 -52.95 -73.83
C22 LUT KI . 14.77 -53.09 -74.80
C23 LUT KI . 13.76 -51.95 -74.76
C24 LUT KI . 13.54 -51.42 -73.37
C25 LUT KI . 14.48 -51.49 -72.43
C26 LUT KI . 15.45 -52.64 -72.42
C27 LUT KI . 16.63 -52.39 -71.52
C28 LUT KI . 16.70 -53.13 -70.42
C29 LUT KI . 17.80 -53.02 -69.44
C30 LUT KI . 17.79 -53.94 -68.48
C31 LUT KI . 18.76 -54.07 -67.41
C32 LUT KI . 18.37 -54.83 -66.40
C33 LUT KI . 19.21 -55.12 -65.24
C34 LUT KI . 18.75 -55.95 -64.30
C35 LUT KI . 19.56 -56.32 -63.15
C36 LUT KI . 16.93 -51.89 -74.32
C37 LUT KI . 16.68 -54.29 -73.82
C38 LUT KI . 14.55 -50.41 -71.40
C39 LUT KI . 18.84 -51.95 -69.55
C40 LUT KI . 20.57 -54.51 -65.15
O23 LUT KI . 12.51 -52.43 -75.28
C1 XAT LI . 28.48 -45.50 -58.32
C2 XAT LI . 29.85 -45.58 -58.94
C3 XAT LI . 30.37 -46.98 -58.79
C4 XAT LI . 29.62 -47.77 -59.84
C5 XAT LI . 28.12 -47.80 -59.55
C6 XAT LI . 27.51 -46.63 -58.73
C7 XAT LI . 26.09 -46.26 -59.13
C8 XAT LI . 25.15 -46.67 -58.28
C9 XAT LI . 23.71 -46.44 -58.42
C10 XAT LI . 22.95 -46.87 -57.41
C11 XAT LI . 21.51 -46.77 -57.25
C12 XAT LI . 21.10 -47.29 -56.09
C13 XAT LI . 19.73 -47.29 -55.57
C14 XAT LI . 19.47 -48.07 -54.50
C15 XAT LI . 18.17 -48.08 -53.84
C16 XAT LI . 27.89 -44.14 -58.66
C17 XAT LI . 28.67 -45.54 -56.81
C18 XAT LI . 27.24 -48.26 -60.70
C19 XAT LI . 23.12 -45.78 -59.64
C20 XAT LI . 18.67 -46.43 -56.16
O3 XAT LI . 31.77 -47.03 -59.06
O4 XAT LI . 27.70 -47.94 -58.19
C21 XAT LI . 8.71 -50.69 -45.34
C22 XAT LI . 7.23 -51.03 -45.29
C23 XAT LI . 6.44 -49.86 -45.83
C24 XAT LI . 6.63 -49.91 -47.32
C25 XAT LI . 8.09 -49.67 -47.71
C26 XAT LI . 9.17 -50.19 -46.72
C27 XAT LI . 10.30 -50.91 -47.42
C28 XAT LI . 11.44 -50.25 -47.51
C29 XAT LI . 12.65 -50.76 -48.14
C30 XAT LI . 13.35 -49.89 -48.86
C31 XAT LI . 14.59 -50.18 -49.53
C32 XAT LI . 14.96 -49.41 -50.54
C33 XAT LI . 16.25 -49.64 -51.20
C34 XAT LI . 16.64 -48.80 -52.15
C35 XAT LI . 17.93 -48.89 -52.82
C36 XAT LI . 9.51 -51.90 -44.89
C37 XAT LI . 8.98 -49.57 -44.33
C38 XAT LI . 8.38 -49.88 -49.19
C39 XAT LI . 13.07 -52.19 -47.97
C40 XAT LI . 17.10 -50.78 -50.75
O23 XAT LI . 5.06 -50.04 -45.56
O24 XAT LI . 8.94 -48.79 -46.97
C1 BCR MI . 14.38 -25.88 -75.73
C2 BCR MI . 13.23 -25.16 -75.02
C3 BCR MI . 13.62 -24.25 -73.87
C4 BCR MI . 14.63 -24.94 -72.96
C5 BCR MI . 15.81 -25.25 -73.82
C6 BCR MI . 15.64 -26.01 -74.90
C7 BCR MI . 16.68 -26.99 -75.26
C8 BCR MI . 16.90 -28.03 -74.46
C9 BCR MI . 17.92 -29.06 -74.71
C10 BCR MI . 17.92 -30.10 -73.88
C11 BCR MI . 18.85 -31.21 -73.98
C33 BCR MI . 17.14 -24.63 -73.48
C31 BCR MI . 14.76 -25.12 -77.00
C32 BCR MI . 13.83 -27.25 -76.08
C34 BCR MI . 18.89 -28.95 -75.84
C12 BCR MI . 18.47 -32.38 -73.45
C13 BCR MI . 19.38 -33.53 -73.49
C14 BCR MI . 19.22 -34.51 -72.58
C15 BCR MI . 20.12 -35.64 -72.58
C16 BCR MI . 20.36 -36.23 -71.41
C17 BCR MI . 21.30 -37.34 -71.32
C18 BCR MI . 21.43 -38.04 -70.18
C19 BCR MI . 22.43 -39.12 -70.13
C20 BCR MI . 22.50 -39.94 -69.09
C21 BCR MI . 23.58 -40.91 -69.16
C22 BCR MI . 23.86 -41.74 -68.15
C23 BCR MI . 25.02 -42.64 -68.34
C24 BCR MI . 25.40 -43.52 -67.42
C25 BCR MI . 26.60 -44.36 -67.67
C26 BCR MI . 27.80 -43.88 -67.35
C27 BCR MI . 29.04 -44.52 -67.93
C28 BCR MI . 28.91 -45.98 -67.56
C29 BCR MI . 27.68 -46.63 -68.18
C30 BCR MI . 26.42 -45.77 -68.25
C35 BCR MI . 20.46 -33.60 -74.53
C36 BCR MI . 20.61 -37.73 -68.97
C37 BCR MI . 23.08 -41.75 -66.89
C38 BCR MI . 27.99 -42.74 -66.40
C39 BCR MI . 25.30 -46.43 -67.48
C40 BCR MI . 26.02 -45.71 -69.73
O1 LHG NI . 4.60 -69.94 -54.30
C1 LHG NI . 5.00 -69.54 -55.61
C2 LHG NI . 6.21 -68.66 -55.50
O2 LHG NI . 6.61 -68.52 -54.16
C3 LHG NI . 5.99 -67.26 -56.01
O3 LHG NI . 7.17 -66.67 -55.53
P LHG NI . 7.85 -65.41 -56.25
O4 LHG NI . 8.56 -65.90 -57.45
O5 LHG NI . 6.90 -64.30 -56.00
O6 LHG NI . 9.08 -65.29 -55.16
C4 LHG NI . 8.91 -64.56 -54.00
C5 LHG NI . 10.14 -63.66 -53.98
C6 LHG NI . 10.03 -62.53 -54.98
O7 LHG NI . 10.18 -63.09 -52.70
C7 LHG NI . 10.98 -63.75 -51.83
O9 LHG NI . 11.62 -64.74 -52.13
C8 LHG NI . 11.21 -62.93 -50.62
C9 LHG NI . 10.79 -63.69 -49.41
C10 LHG NI . 11.15 -62.91 -48.17
O8 LHG NI . 11.16 -61.70 -54.73
C23 LHG NI . 10.95 -60.35 -54.70
O10 LHG NI . 9.82 -59.92 -54.67
C24 LHG NI . 12.10 -59.41 -54.39
C11 LHG NI . 12.53 -63.43 -47.90
C12 LHG NI . 13.34 -62.35 -47.26
C13 LHG NI . 12.97 -62.30 -45.79
C14 LHG NI . 14.20 -62.41 -44.92
C15 LHG NI . 14.11 -63.79 -44.30
C16 LHG NI . 15.46 -64.47 -44.37
C17 LHG NI . 15.84 -64.74 -45.82
C18 LHG NI . 16.03 -66.23 -45.87
C19 LHG NI . 14.96 -66.97 -46.65
C20 LHG NI . 15.21 -66.53 -48.08
C21 LHG NI . 14.24 -67.19 -49.01
C22 LHG NI . 14.70 -68.62 -49.22
C25 LHG NI . 12.59 -59.46 -52.96
C26 LHG NI . 14.11 -59.41 -52.78
C27 LHG NI . 14.35 -60.22 -51.54
C28 LHG NI . 15.80 -60.42 -51.18
C29 LHG NI . 15.85 -61.50 -50.12
C30 LHG NI . 15.94 -62.93 -50.63
C31 LHG NI . 17.33 -63.46 -50.91
C32 LHG NI . 17.82 -63.29 -52.34
C33 LHG NI . 18.47 -64.60 -52.75
C34 LHG NI . 19.11 -64.59 -54.13
C35 LHG NI . 20.52 -65.12 -54.07
C36 LHG NI . 20.82 -65.79 -55.41
C37 LHG NI . 22.20 -66.37 -55.30
C38 LHG NI . 23.22 -65.74 -56.21
C1 NEX OI . 37.52 -26.41 -55.64
C2 NEX OI . 37.58 -24.96 -56.11
C3 NEX OI . 38.97 -24.60 -56.59
C4 NEX OI . 39.19 -25.38 -57.86
C5 NEX OI . 39.27 -26.88 -57.55
C6 NEX OI . 38.05 -27.31 -56.74
C7 NEX OI . 37.62 -28.49 -56.91
C8 NEX OI . 37.18 -29.67 -56.97
C9 NEX OI . 35.77 -30.07 -57.13
C10 NEX OI . 35.39 -31.24 -56.66
C11 NEX OI . 34.03 -31.74 -56.76
C12 NEX OI . 33.75 -32.86 -56.09
C13 NEX OI . 32.41 -33.48 -56.12
C14 NEX OI . 32.20 -34.58 -55.40
C15 NEX OI . 30.91 -35.25 -55.41
C16 NEX OI . 36.07 -26.74 -55.32
C17 NEX OI . 38.34 -26.58 -54.36
C18 NEX OI . 39.36 -27.62 -58.89
C19 NEX OI . 34.79 -29.15 -57.80
C20 NEX OI . 31.34 -32.88 -56.98
O3 NEX OI . 39.04 -23.20 -56.86
O4 NEX OI . 40.49 -27.11 -56.82
C21 NEX OI . 25.91 -43.95 -49.50
C22 NEX OI . 26.11 -44.57 -48.13
C23 NEX OI . 26.79 -43.61 -47.19
C24 NEX OI . 25.79 -42.52 -46.95
C25 NEX OI . 25.69 -41.67 -48.22
C26 NEX OI . 25.83 -42.42 -49.56
C27 NEX OI . 25.03 -41.83 -50.71
C28 NEX OI . 25.73 -41.22 -51.65
C29 NEX OI . 25.06 -40.64 -52.81
C30 NEX OI . 25.70 -39.74 -53.57
C31 NEX OI . 27.06 -39.32 -53.25
C32 NEX OI . 27.54 -38.30 -53.94
C33 NEX OI . 28.89 -37.76 -53.72
C34 NEX OI . 29.33 -36.84 -54.60
C35 NEX OI . 30.64 -36.21 -54.51
C36 NEX OI . 24.66 -44.56 -50.11
C37 NEX OI . 27.09 -44.38 -50.36
C38 NEX OI . 24.63 -40.56 -48.25
C39 NEX OI . 23.67 -41.05 -53.16
C40 NEX OI . 29.72 -38.20 -52.56
O23 NEX OI . 27.10 -44.25 -45.95
O24 NEX OI . 26.87 -41.59 -49.04
O1 LHG PI . 2.91 -26.56 -52.35
C1 LHG PI . 3.50 -27.29 -53.43
C2 LHG PI . 4.88 -27.76 -53.01
O2 LHG PI . 4.99 -27.79 -51.61
C3 LHG PI . 5.99 -26.88 -53.52
O3 LHG PI . 5.91 -27.16 -54.90
P LHG PI . 6.86 -28.25 -55.61
O4 LHG PI . 7.81 -28.76 -54.58
O5 LHG PI . 5.97 -28.94 -56.58
O6 LHG PI . 7.79 -27.13 -56.43
C4 LHG PI . 8.78 -27.54 -57.31
C5 LHG PI . 10.10 -27.21 -56.59
C6 LHG PI . 10.79 -28.47 -56.08
O7 LHG PI . 10.93 -26.61 -57.58
C7 LHG PI . 11.73 -25.60 -57.11
O9 LHG PI . 11.28 -24.49 -56.89
C8 LHG PI . 13.13 -25.88 -57.45
C9 LHG PI . 14.05 -25.24 -56.45
C10 LHG PI . 15.35 -26.00 -56.40
O8 LHG PI . 11.63 -28.03 -55.01
C23 LHG PI . 12.38 -28.97 -54.37
O10 LHG PI . 12.13 -30.15 -54.52
C24 LHG PI . 13.77 -28.62 -53.88
C11 LHG PI . 16.00 -25.44 -55.16
C12 LHG PI . 17.46 -25.29 -55.40
C13 LHG PI . 17.66 -24.09 -56.28
C14 LHG PI . 19.09 -23.58 -56.24
C15 LHG PI . 19.01 -22.13 -56.65
C16 LHG PI . 19.33 -21.26 -55.47
C17 LHG PI . 18.07 -20.74 -54.80
C18 LHG PI . 18.10 -21.41 -53.44
C19 LHG PI . 16.82 -21.32 -52.64
C20 LHG PI . 16.89 -22.59 -51.81
C21 LHG PI . 17.73 -22.36 -50.59
C22 LHG PI . 18.29 -23.70 -50.12
C25 LHG PI . 14.32 -29.51 -52.79
C26 LHG PI . 15.71 -30.10 -53.03
C27 LHG PI . 16.26 -30.27 -51.65
C28 LHG PI . 17.48 -31.15 -51.53
C29 LHG PI . 18.12 -30.75 -50.21
C30 LHG PI . 18.39 -31.87 -49.23
C31 LHG PI . 19.48 -31.60 -48.21
C32 LHG PI . 20.85 -32.13 -48.58
C33 LHG PI . 21.15 -33.30 -47.68
C34 LHG PI . 21.34 -32.99 -46.20
C35 LHG PI . 22.82 -32.88 -45.84
C36 LHG PI . 23.46 -34.25 -46.05
C37 LHG PI . 24.10 -34.64 -44.76
C38 LHG PI . 24.14 -36.13 -44.52
C1 LMG QI . 2.22 -33.12 -49.33
O1 LMG QI . 3.45 -33.77 -49.45
C2 LMG QI . 1.31 -33.78 -50.41
O2 LMG QI . 1.77 -33.27 -51.62
C3 LMG QI . -0.15 -33.24 -50.18
O3 LMG QI . -0.95 -33.96 -51.05
C4 LMG QI . -0.61 -33.48 -48.71
O4 LMG QI . -0.71 -34.85 -48.49
C5 LMG QI . 0.49 -32.90 -47.77
O5 LMG QI . -1.28 -33.05 -46.21
C6 LMG QI . 0.12 -33.19 -46.30
O6 LMG QI . 1.74 -33.49 -48.04
C7 LMG QI . 4.33 -33.58 -48.36
C8 LMG QI . 5.36 -32.49 -48.79
C9 LMG QI . 6.77 -32.92 -48.36
O7 LMG QI . 5.39 -32.43 -50.20
C10 LMG QI . 5.62 -31.21 -50.76
O9 LMG QI . 5.10 -30.22 -50.25
C11 LMG QI . 6.84 -31.21 -51.64
C12 LMG QI . 7.58 -29.90 -51.45
C13 LMG QI . 9.05 -29.98 -51.79
C14 LMG QI . 9.78 -30.34 -50.50
C15 LMG QI . 11.07 -29.57 -50.43
C16 LMG QI . 11.37 -29.24 -48.98
C17 LMG QI . 12.37 -30.23 -48.47
C18 LMG QI . 13.72 -29.56 -48.49
C19 LMG QI . 14.08 -29.23 -47.06
C20 LMG QI . 14.97 -30.33 -46.58
C21 LMG QI . 14.45 -30.78 -45.24
O8 LMG QI . 7.09 -32.20 -47.19
C28 LMG QI . 7.96 -31.18 -47.32
O10 LMG QI . 7.65 -30.22 -48.02
C29 LMG QI . 8.97 -31.13 -46.23
C30 LMG QI . 8.60 -30.07 -45.22
C31 LMG QI . 9.46 -28.87 -45.48
C32 LMG QI . 10.80 -29.11 -44.83
C33 LMG QI . 10.90 -28.18 -43.65
C34 LMG QI . 11.50 -28.94 -42.49
C35 LMG QI . 12.68 -28.11 -42.02
C36 LMG QI . 13.59 -29.05 -41.29
C1 LMG RI . 4.58 -22.96 -55.85
O1 LMG RI . 5.40 -21.95 -55.32
C2 LMG RI . 3.53 -23.29 -54.75
O2 LMG RI . 4.24 -24.00 -53.78
C3 LMG RI . 2.51 -24.25 -55.42
O3 LMG RI . 1.53 -24.49 -54.44
C4 LMG RI . 1.87 -23.57 -56.66
O4 LMG RI . 1.23 -22.41 -56.25
C5 LMG RI . 3.04 -23.17 -57.61
O5 LMG RI . 3.58 -21.99 -59.53
C6 LMG RI . 2.48 -22.41 -58.80
O6 LMG RI . 3.94 -22.32 -56.95
C7 LMG RI . 6.26 -21.34 -56.27
C8 LMG RI . 7.66 -21.31 -55.63
C9 LMG RI . 8.31 -22.70 -55.77
O7 LMG RI . 8.46 -20.43 -56.40
C10 LMG RI . 9.39 -19.66 -55.76
O9 LMG RI . 9.31 -19.51 -54.54
C11 LMG RI . 10.54 -19.31 -56.64
C12 LMG RI . 10.37 -17.91 -57.16
C13 LMG RI . 11.69 -17.18 -57.25
C14 LMG RI . 12.09 -16.79 -55.84
C15 LMG RI . 13.45 -16.11 -55.90
C16 LMG RI . 13.46 -14.94 -54.93
C17 LMG RI . 12.52 -13.89 -55.47
C18 LMG RI . 11.92 -13.18 -54.28
C19 LMG RI . 11.33 -11.89 -54.78
C20 LMG RI . 9.89 -11.88 -54.34
C21 LMG RI . 9.45 -10.45 -54.25
O8 LMG RI . 8.78 -23.06 -54.49
C28 LMG RI . 10.14 -23.09 -54.31
O10 LMG RI . 10.84 -22.33 -54.96
C29 LMG RI . 10.62 -24.23 -53.50
C30 LMG RI . 11.95 -23.90 -52.86
C31 LMG RI . 12.80 -25.16 -52.86
C32 LMG RI . 14.01 -24.91 -52.00
C33 LMG RI . 14.18 -26.14 -51.12
C34 LMG RI . 15.19 -25.84 -50.04
C35 LMG RI . 16.31 -26.84 -50.20
C36 LMG RI . 16.72 -27.27 -48.82
C1B LMU SI . 2.24 -27.73 -61.32
C2B LMU SI . 1.57 -28.67 -62.33
C3B LMU SI . 0.24 -28.22 -62.80
C4B LMU SI . -0.67 -27.88 -61.67
C5B LMU SI . -0.08 -26.75 -60.83
C6B LMU SI . -0.96 -26.50 -59.66
O1B LMU SI . 3.01 -26.79 -61.96
O2B LMU SI . 2.43 -28.79 -63.48
O3B LMU SI . -0.38 -29.29 -63.58
O4' LMU SI . -1.94 -27.45 -62.19
O5B LMU SI . 1.29 -27.04 -60.35
O6B LMU SI . -0.87 -25.16 -59.28
C1' LMU SI . 5.97 -24.34 -60.20
C2' LMU SI . 5.99 -25.86 -60.19
C3' LMU SI . 4.63 -26.47 -60.19
C4' LMU SI . 3.56 -25.83 -61.03
C5' LMU SI . 4.01 -24.59 -61.83
C6' LMU SI . 2.80 -23.79 -62.20
O1' LMU SI . 7.21 -23.87 -60.57
O2' LMU SI . 6.74 -26.31 -61.33
O3' LMU SI . 4.14 -26.52 -58.82
O5' LMU SI . 4.92 -23.71 -61.08
O6' LMU SI . 1.79 -24.64 -62.66
C1 LMU SI . 8.21 -23.96 -59.57
C2 LMU SI . 8.94 -22.57 -59.39
C3 LMU SI . 9.39 -22.00 -60.78
C4 LMU SI . 10.12 -20.64 -60.56
C5 LMU SI . 11.58 -20.91 -60.11
C6 LMU SI . 12.36 -19.57 -59.98
C7 LMU SI . 13.08 -19.24 -61.30
C8 LMU SI . 13.81 -17.88 -61.14
C9 LMU SI . 14.72 -17.60 -62.36
C10 LMU SI . 15.67 -16.47 -62.01
MG CLA TI . 11.13 -23.18 -70.01
CHA CLA TI . 11.41 -26.64 -69.89
CHB CLA TI . 12.25 -22.98 -66.81
CHC CLA TI . 10.95 -19.76 -70.20
CHD CLA TI . 9.98 -23.42 -73.33
NA CLA TI . 11.71 -24.60 -68.59
C1A CLA TI . 11.78 -26.00 -68.73
C2A CLA TI . 12.26 -26.64 -67.43
C3A CLA TI . 12.43 -25.45 -66.47
C4A CLA TI . 12.12 -24.24 -67.34
CMA CLA TI . 11.44 -25.54 -65.35
CAA CLA TI . 13.59 -27.38 -67.51
CBA CLA TI . 14.71 -26.55 -68.08
CGA CLA TI . 15.97 -27.09 -67.52
O1A CLA TI . 16.31 -27.15 -66.33
O2A CLA TI . 16.82 -27.58 -68.47
NB CLA TI . 11.53 -21.66 -68.74
C1B CLA TI . 11.99 -21.78 -67.48
C2B CLA TI . 12.16 -20.44 -66.86
C3B CLA TI . 11.79 -19.53 -67.84
C4B CLA TI . 11.39 -20.29 -69.03
CMB CLA TI . 12.64 -20.27 -65.49
CAB CLA TI . 11.75 -18.10 -67.83
CBB CLA TI . 11.25 -17.32 -66.88
NC CLA TI . 10.55 -21.84 -71.49
C1C CLA TI . 10.55 -20.48 -71.35
C2C CLA TI . 10.08 -19.86 -72.57
C3C CLA TI . 9.81 -20.89 -73.47
C4C CLA TI . 10.11 -22.13 -72.78
CMC CLA TI . 9.95 -18.41 -72.76
CAC CLA TI . 9.31 -20.76 -74.84
CBC CLA TI . 7.79 -20.78 -74.89
ND CLA TI . 10.70 -24.64 -71.32
C1D CLA TI . 10.25 -24.60 -72.67
C2D CLA TI . 10.13 -25.98 -73.18
C3D CLA TI . 10.53 -26.80 -72.14
C4D CLA TI . 10.90 -25.91 -71.02
CMD CLA TI . 9.66 -26.32 -74.52
CAD CLA TI . 10.72 -28.17 -71.70
OBD CLA TI . 10.45 -29.21 -72.28
CBD CLA TI . 11.37 -28.10 -70.29
CGD CLA TI . 10.74 -29.00 -69.26
O1D CLA TI . 11.31 -29.54 -68.30
O2D CLA TI . 9.43 -29.27 -69.43
CED CLA TI . 8.69 -29.62 -68.26
C1 CLA TI . 18.22 -27.58 -68.13
C2 CLA TI . 18.88 -26.61 -69.03
C3 CLA TI . 19.30 -26.94 -70.26
C4 CLA TI . 19.15 -28.29 -70.83
C5 CLA TI . 19.95 -25.92 -71.13
C6 CLA TI . 21.37 -26.30 -71.48
C7 CLA TI . 22.11 -25.11 -72.04
C8 CLA TI . 23.35 -24.77 -71.22
C9 CLA TI . 22.95 -24.10 -69.92
C10 CLA TI . 24.26 -23.85 -72.01
C11 CLA TI . 25.24 -24.61 -72.86
C12 CLA TI . 25.56 -23.83 -74.12
C13 CLA TI . 26.72 -24.43 -74.89
C14 CLA TI . 26.88 -23.71 -76.22
C15 CLA TI . 26.56 -25.93 -75.12
C16 CLA TI . 27.82 -26.69 -74.79
C17 CLA TI . 28.57 -27.07 -76.05
C18 CLA TI . 28.82 -28.57 -76.12
C19 CLA TI . 27.54 -29.29 -76.50
C20 CLA TI . 29.89 -28.89 -77.13
MG CLA UI . 9.20 -10.97 -66.79
CHA CLA UI . 6.09 -12.33 -67.47
CHB CLA UI . 7.71 -8.30 -65.32
CHC CLA UI . 12.30 -9.71 -66.06
CHD CLA UI . 10.70 -13.82 -68.23
NA CLA UI . 7.22 -10.43 -66.48
C1A CLA UI . 6.06 -11.13 -66.81
C2A CLA UI . 4.80 -10.35 -66.40
C3A CLA UI . 5.37 -9.02 -65.88
C4A CLA UI . 6.88 -9.25 -65.88
CMA CLA UI . 4.96 -7.91 -66.79
CAA CLA UI . 4.01 -11.03 -65.29
CBA CLA UI . 4.91 -11.55 -64.19
CGA CLA UI . 5.00 -10.59 -63.06
O1A CLA UI . 4.13 -10.26 -62.26
O2A CLA UI . 6.23 -10.02 -62.95
NB CLA UI . 9.88 -9.32 -65.87
C1B CLA UI . 9.11 -8.37 -65.30
C2B CLA UI . 9.96 -7.33 -64.67
C3B CLA UI . 11.26 -7.72 -64.89
C4B CLA UI . 11.23 -8.99 -65.66
CMB CLA UI . 9.41 -6.18 -63.99
CAB CLA UI . 12.49 -7.10 -64.50
CBB CLA UI . 12.84 -6.81 -63.25
NC CLA UI . 11.15 -11.65 -67.10
C1C CLA UI . 12.26 -10.96 -66.73
C2C CLA UI . 13.44 -11.71 -67.12
C3C CLA UI . 13.00 -12.90 -67.71
C4C CLA UI . 11.55 -12.84 -67.69
CMC CLA UI . 14.82 -11.28 -66.91
CAC CLA UI . 13.82 -13.97 -68.28
CBC CLA UI . 14.07 -15.05 -67.26
ND CLA UI . 8.61 -12.70 -67.65
C1D CLA UI . 9.33 -13.77 -68.24
C2D CLA UI . 8.37 -14.74 -68.79
C3D CLA UI . 7.11 -14.23 -68.55
C4D CLA UI . 7.32 -12.97 -67.83
CMD CLA UI . 8.75 -15.97 -69.48
CAD CLA UI . 5.69 -14.42 -68.67
OBD CLA UI . 5.07 -15.37 -69.13
CBD CLA UI . 5.00 -13.18 -68.04
CGD CLA UI . 4.39 -12.32 -69.09
O1D CLA UI . 4.98 -11.71 -69.98
O2D CLA UI . 3.04 -12.20 -69.02
CED CLA UI . 2.52 -10.92 -69.37
C1 CLA UI . 6.46 -9.05 -61.91
C2 CLA UI . 7.90 -9.19 -61.62
C3 CLA UI . 8.63 -8.31 -60.92
C4 CLA UI . 8.06 -7.08 -60.35
C5 CLA UI . 10.08 -8.55 -60.68
C6 CLA UI . 10.36 -8.74 -59.21
C7 CLA UI . 11.84 -8.93 -58.96
C8 CLA UI . 12.08 -9.54 -57.60
C9 CLA UI . 11.78 -8.53 -56.51
C10 CLA UI . 13.52 -10.02 -57.47
C11 CLA UI . 13.78 -11.16 -58.44
C12 CLA UI . 15.11 -11.81 -58.15
C13 CLA UI . 15.57 -12.67 -59.32
C14 CLA UI . 15.15 -14.10 -59.10
C15 CLA UI . 17.08 -12.55 -59.45
C16 CLA UI . 17.63 -13.36 -60.61
C17 CLA UI . 19.15 -13.36 -60.59
C18 CLA UI . 19.74 -13.84 -61.90
C19 CLA UI . 19.24 -15.22 -62.27
C20 CLA UI . 19.40 -12.87 -63.02
MG CLA VI . 15.74 -2.97 -61.36
CHA CLA VI . 13.03 -1.04 -60.39
CHB CLA VI . 14.16 -5.75 -60.25
CHC CLA VI . 18.49 -4.83 -62.27
CHD CLA VI . 17.44 -0.03 -62.27
NA CLA VI . 13.87 -3.32 -60.50
C1A CLA VI . 12.86 -2.39 -60.20
C2A CLA VI . 11.65 -3.09 -59.56
C3A CLA VI . 12.09 -4.56 -59.47
C4A CLA VI . 13.46 -4.57 -60.14
CMA CLA VI . 12.22 -5.00 -58.04
CAA CLA VI . 10.40 -3.03 -60.41
CBA CLA VI . 9.19 -3.54 -59.66
CGA CLA VI . 8.75 -2.57 -58.61
O1A CLA VI . 8.62 -1.35 -58.72
O2A CLA VI . 8.44 -3.16 -57.42
NB CLA VI . 16.21 -4.92 -61.33
C1B CLA VI . 15.45 -5.91 -60.80
C2B CLA VI . 16.18 -7.20 -60.83
C3B CLA VI . 17.41 -6.93 -61.39
C4B CLA VI . 17.44 -5.50 -61.72
CMB CLA VI . 15.65 -8.44 -60.30
CAB CLA VI . 18.51 -7.82 -61.63
NC CLA VI . 17.60 -2.51 -62.17
C1C CLA VI . 18.58 -3.43 -62.47
C2C CLA VI . 19.74 -2.75 -63.01
C3C CLA VI . 19.46 -1.40 -62.99
C4C CLA VI . 18.10 -1.25 -62.47
CMC CLA VI . 20.98 -3.41 -63.42
CAC CLA VI . 20.34 -0.30 -63.41
CBC CLA VI . 19.97 0.16 -64.79
ND CLA VI . 15.38 -0.99 -61.39
C1D CLA VI . 16.17 0.11 -61.78
C2D CLA VI . 15.43 1.35 -61.53
C3D CLA VI . 14.22 0.96 -61.00
C4D CLA VI . 14.23 -0.50 -60.92
CMD CLA VI . 15.95 2.70 -61.80
CAD CLA VI . 12.98 1.42 -60.43
OBD CLA VI . 12.61 2.56 -60.21
CBD CLA VI . 12.15 0.15 -60.07
CGD CLA VI . 11.68 0.18 -58.63
O1D CLA VI . 10.65 0.68 -58.19
O2D CLA VI . 12.53 -0.43 -57.75
CED CLA VI . 12.71 0.19 -56.48
C1 CLA VI . 8.56 -2.37 -56.21
C2 CLA VI . 9.89 -2.72 -55.64
C3 CLA VI . 10.11 -2.95 -54.33
C4 CLA VI . 9.06 -2.89 -53.31
C5 CLA VI . 11.49 -3.28 -53.85
C6 CLA VI . 11.71 -4.77 -53.72
C7 CLA VI . 11.90 -5.18 -52.27
C8 CLA VI . 12.84 -6.37 -52.13
C9 CLA VI . 12.31 -7.57 -52.87
C10 CLA VI . 13.05 -6.73 -50.66
MG CLA WI . 28.75 2.88 -74.86
CHA CLA WI . 32.04 4.03 -74.74
CHB CLA WI . 28.24 4.02 -71.70
CHC CLA WI . 25.49 1.89 -75.09
CHD CLA WI . 29.33 1.72 -78.14
NA CLA WI . 29.97 3.84 -73.46
C1A CLA WI . 31.31 4.26 -73.59
C2A CLA WI . 31.80 4.94 -72.31
C3A CLA WI . 30.62 4.77 -71.34
C4A CLA WI . 29.51 4.18 -72.22
CMA CLA WI . 30.96 3.85 -70.20
CAA CLA WI . 32.06 6.43 -72.51
CBA CLA WI . 31.00 7.11 -73.35
CGA CLA WI . 31.47 8.44 -73.85
O1A CLA WI . 32.62 8.86 -73.93
O2A CLA WI . 30.44 9.24 -74.25
NB CLA WI . 27.17 2.94 -73.63
C1B CLA WI . 27.15 3.47 -72.40
C2B CLA WI . 25.78 3.38 -71.83
C3B CLA WI . 25.00 2.77 -72.78
C4B CLA WI . 25.87 2.47 -73.94
CMB CLA WI . 25.44 3.86 -70.50
CAB CLA WI . 23.61 2.43 -72.76
CBB CLA WI . 23.08 1.45 -72.02
NC CLA WI . 27.62 1.96 -76.35
C1C CLA WI . 26.30 1.65 -76.24
C2C CLA WI . 25.84 1.03 -77.47
C3C CLA WI . 26.92 0.97 -78.33
C4C CLA WI . 28.05 1.55 -77.61
CMC CLA WI . 24.47 0.56 -77.72
CAC CLA WI . 26.96 0.43 -79.69
CBC CLA WI . 26.73 1.49 -80.73
ND CLA WI . 30.30 2.81 -76.15
C1D CLA WI . 30.39 2.30 -77.48
C2D CLA WI . 31.74 2.55 -77.99
C3D CLA WI . 32.41 3.20 -76.98
C4D CLA WI . 31.47 3.34 -75.87
CMD CLA WI . 32.19 2.17 -79.33
CAD CLA WI . 33.66 3.81 -76.59
OBD CLA WI . 34.70 3.94 -77.21
CBD CLA WI . 33.46 4.35 -75.14
CGD CLA WI . 34.49 3.73 -74.23
O1D CLA WI . 35.07 2.66 -74.40
O2D CLA WI . 34.80 4.46 -73.12
CED CLA WI . 36.11 4.30 -72.61
C1 CLA WI . 30.46 9.69 -75.63
C2 CLA WI . 29.22 10.46 -75.87
C3 CLA WI . 28.81 10.84 -77.11
C4 CLA WI . 29.58 10.51 -78.33
C5 CLA WI . 27.56 11.62 -77.30
C6 CLA WI . 26.28 10.80 -77.20
C7 CLA WI . 25.84 10.25 -78.53
C8 CLA WI . 24.56 10.83 -79.16
C9 CLA WI . 24.07 12.10 -78.50
C10 CLA WI . 23.45 9.78 -79.25
C11 CLA WI . 22.61 9.65 -78.00
C12 CLA WI . 21.15 9.35 -78.32
C13 CLA WI . 20.86 7.86 -78.39
C14 CLA WI . 20.38 7.47 -79.77
C15 CLA WI . 19.85 7.46 -77.31
C16 CLA WI . 19.38 6.02 -77.44
C17 CLA WI . 20.24 5.05 -76.66
C18 CLA WI . 19.92 5.03 -75.17
C19 CLA WI . 18.55 4.48 -74.88
C20 CLA WI . 20.93 4.19 -74.43
MG CLA XI . 26.84 9.27 -70.29
CHA CLA XI . 27.01 11.91 -72.53
CHB CLA XI . 23.45 9.38 -70.41
CHC CLA XI . 26.74 6.58 -68.17
CHD CLA XI . 30.37 9.20 -70.18
NA CLA XI . 25.48 10.46 -71.32
C1A CLA XI . 25.74 11.51 -72.22
C2A CLA XI . 24.43 12.11 -72.74
C3A CLA XI . 23.34 11.37 -71.94
C4A CLA XI . 24.13 10.32 -71.17
CMA CLA XI . 22.59 12.30 -71.03
CAA CLA XI . 24.21 11.80 -74.21
CBA CLA XI . 23.40 12.87 -74.89
NB CLA XI . 25.38 8.21 -69.43
C1B CLA XI . 24.05 8.36 -69.64
C2B CLA XI . 23.29 7.29 -68.95
C3B CLA XI . 24.22 6.51 -68.30
C4B CLA XI . 25.55 7.08 -68.61
CMB CLA XI . 21.84 7.23 -69.01
CAB CLA XI . 24.08 5.34 -67.47
CBB CLA XI . 23.26 4.29 -67.65
NC CLA XI . 28.30 8.12 -69.34
C1C CLA XI . 28.04 7.08 -68.49
C2C CLA XI . 29.28 6.52 -67.98
C3C CLA XI . 30.31 7.24 -68.57
C4C CLA XI . 29.68 8.25 -69.42
CMC CLA XI . 29.38 5.41 -67.04
CAC CLA XI . 31.75 7.06 -68.37
ND CLA XI . 28.38 10.27 -71.13
C1D CLA XI . 29.79 10.17 -70.98
C2D CLA XI . 30.45 11.20 -71.80
C3D CLA XI . 29.43 11.88 -72.43
C4D CLA XI . 28.17 11.28 -71.98
CMD CLA XI . 31.89 11.41 -71.90
CAD CLA XI . 29.10 12.95 -73.34
OBD CLA XI . 29.84 13.70 -73.97
CBD CLA XI . 27.54 13.02 -73.40
CGD CLA XI . 27.05 14.35 -72.92
O1D CLA XI . 27.29 14.90 -71.84
O2D CLA XI . 26.24 15.00 -73.81
MG CLA YI . 29.14 3.78 -62.87
CHA CLA YI . 32.07 3.01 -61.21
CHB CLA YI . 28.14 0.55 -62.63
CHC CLA YI . 26.12 4.66 -64.20
CHD CLA YI . 30.27 7.11 -63.21
NA CLA YI . 30.00 2.07 -62.06
C1A CLA YI . 31.23 1.95 -61.41
C2A CLA YI . 31.45 0.51 -60.97
C3A CLA YI . 30.33 -0.25 -61.69
C4A CLA YI . 29.40 0.85 -62.15
CMA CLA YI . 30.85 -0.95 -62.92
CAA CLA YI . 31.25 0.46 -59.46
CBA CLA YI . 30.61 -0.83 -58.99
NB CLA YI . 27.47 2.78 -63.39
C1B CLA YI . 27.21 1.49 -63.10
C2B CLA YI . 25.77 1.18 -63.37
C3B CLA YI . 25.20 2.34 -63.82
C4B CLA YI . 26.28 3.37 -63.83
CMB CLA YI . 25.19 -0.14 -63.16
CAB CLA YI . 23.85 2.63 -64.21
NC CLA YI . 28.37 5.56 -63.59
C1C CLA YI . 27.11 5.68 -64.08
C2C CLA YI . 26.87 7.05 -64.46
C3C CLA YI . 28.05 7.77 -64.23
C4C CLA YI . 28.99 6.80 -63.69
CMC CLA YI . 25.59 7.51 -64.94
CAC CLA YI . 28.29 9.19 -64.47
CBC CLA YI . 28.20 10.01 -63.20
ND CLA YI . 30.75 4.88 -62.33
C1D CLA YI . 31.08 6.23 -62.54
C2D CLA YI . 32.40 6.49 -61.96
C3D CLA YI . 32.83 5.30 -61.42
C4D CLA YI . 31.78 4.32 -61.70
CMD CLA YI . 33.02 7.81 -61.94
CAD CLA YI . 33.88 4.61 -60.69
OBD CLA YI . 34.93 5.04 -60.24
CBD CLA YI . 33.44 3.12 -60.59
CGD CLA YI . 34.36 2.20 -61.32
O1D CLA YI . 34.89 2.36 -62.42
O2D CLA YI . 34.60 1.03 -60.65
CED CLA YI . 35.63 0.19 -61.15
MG CLA ZI . 11.21 8.67 -74.26
CHA CLA ZI . 12.49 5.45 -74.08
CHB CLA ZI . 14.29 9.84 -75.04
CHC CLA ZI . 9.85 11.80 -74.67
CHD CLA ZI . 7.99 7.37 -73.60
NA CLA ZI . 13.08 7.77 -74.46
C1A CLA ZI . 13.41 6.41 -74.39
C2A CLA ZI . 14.90 6.21 -74.62
C3A CLA ZI . 15.47 7.65 -74.63
C4A CLA ZI . 14.21 8.50 -74.73
CMA CLA ZI . 16.23 7.97 -73.37
CAA CLA ZI . 15.18 5.55 -75.96
CBA CLA ZI . 14.28 6.02 -77.08
CGA CLA ZI . 14.71 5.44 -78.38
O1A CLA ZI . 14.02 4.86 -79.23
O2A CLA ZI . 16.04 5.59 -78.62
NB CLA ZI . 11.95 10.49 -74.69
C1B CLA ZI . 13.20 10.71 -75.13
C2B CLA ZI . 13.31 12.06 -75.74
C3B CLA ZI . 12.06 12.63 -75.63
C4B CLA ZI . 11.18 11.64 -74.96
CMB CLA ZI . 14.57 12.53 -76.28
CAB CLA ZI . 11.60 13.92 -76.07
CBB CLA ZI . 11.74 14.39 -77.32
NC CLA ZI . 9.30 9.45 -74.08
C1C CLA ZI . 8.96 10.76 -74.24
C2C CLA ZI . 7.54 10.95 -73.99
C3C CLA ZI . 7.01 9.68 -73.78
C4C CLA ZI . 8.12 8.75 -73.83
CMC CLA ZI . 6.80 12.20 -74.04
CAC CLA ZI . 5.63 9.34 -73.51
CBC CLA ZI . 4.93 8.93 -74.78
ND CLA ZI . 10.38 6.89 -73.85
C1D CLA ZI . 9.04 6.49 -73.61
C2D CLA ZI . 9.01 5.03 -73.37
C3D CLA ZI . 10.31 4.59 -73.50
C4D CLA ZI . 11.12 5.77 -73.82
CMD CLA ZI . 7.80 4.26 -73.05
CAD CLA ZI . 11.19 3.46 -73.43
OBD CLA ZI . 10.95 2.31 -73.08
CBD CLA ZI . 12.60 3.96 -73.87
CGD CLA ZI . 13.62 3.64 -72.81
O1D CLA ZI . 13.74 4.17 -71.71
O2D CLA ZI . 14.49 2.67 -73.16
CED CLA ZI . 15.83 2.82 -72.72
C1 CLA ZI . 16.39 6.62 -79.57
C2 CLA ZI . 17.14 5.94 -80.67
C3 CLA ZI . 16.58 5.62 -81.85
C4 CLA ZI . 15.17 5.93 -82.18
C5 CLA ZI . 17.38 4.94 -82.91
C6 CLA ZI . 18.60 4.20 -82.37
MG CLA AJ . 14.54 5.79 -64.19
CHA CLA AJ . 12.16 3.30 -63.74
CHB CLA AJ . 12.44 8.05 -62.78
CHC CLA AJ . 17.06 8.12 -64.31
CHD CLA AJ . 16.69 3.42 -65.61
NA CLA AJ . 12.59 5.68 -63.45
C1A CLA AJ . 11.77 4.55 -63.32
C2A CLA AJ . 10.42 4.94 -62.70
C3A CLA AJ . 10.48 6.48 -62.68
C4A CLA AJ . 11.94 6.78 -62.97
CMA CLA AJ . 9.60 7.02 -63.76
CAA CLA AJ . 10.18 4.38 -61.31
CBA CLA AJ . 10.58 5.30 -60.17
CGA CLA AJ . 10.62 4.59 -58.85
O1A CLA AJ . 9.81 3.81 -58.36
O2A CLA AJ . 11.76 4.86 -58.14
NB CLA AJ . 14.75 7.68 -63.55
C1B CLA AJ . 13.76 8.46 -63.06
C2B CLA AJ . 14.23 9.85 -62.91
C3B CLA AJ . 15.53 9.87 -63.34
C4B CLA AJ . 15.87 8.50 -63.78
CMB CLA AJ . 13.37 10.93 -62.45
CAB CLA AJ . 16.45 10.97 -63.45
CBB CLA AJ . 17.44 11.20 -62.57
NC CLA AJ . 16.49 5.78 -64.91
C1C CLA AJ . 17.35 6.84 -64.86
C2C CLA AJ . 18.64 6.47 -65.42
C3C CLA AJ . 18.54 5.13 -65.78
C4C CLA AJ . 17.19 4.72 -65.45
CMC CLA AJ . 19.77 7.38 -65.53
CAC CLA AJ . 19.56 4.28 -66.40
CBC CLA AJ . 20.53 3.74 -65.37
ND CLA AJ . 14.42 3.88 -64.81
C1D CLA AJ . 15.41 3.01 -65.31
C2D CLA AJ . 14.87 1.66 -65.41
C3D CLA AJ . 13.61 1.70 -64.83
C4D CLA AJ . 13.40 3.11 -64.43
CMD CLA AJ . 15.62 0.55 -65.99
CAD CLA AJ . 12.42 0.96 -64.48
OBD CLA AJ . 12.12 -0.20 -64.69
CBD CLA AJ . 11.49 1.95 -63.70
CGD CLA AJ . 10.16 2.00 -64.38
O1D CLA AJ . 9.95 2.38 -65.53
O2D CLA AJ . 9.12 1.57 -63.63
CED CLA AJ . 7.84 1.52 -64.26
MG CLA BJ . 12.13 -1.28 -79.69
CHA CLA BJ . 9.36 0.57 -80.60
CHB CLA BJ . 11.03 -3.85 -81.66
CHC CLA BJ . 15.05 -2.94 -79.08
CHD CLA BJ . 13.27 1.48 -77.83
NA CLA BJ . 10.43 -1.60 -80.85
C1A CLA BJ . 9.41 -0.68 -81.14
C2A CLA BJ . 8.38 -1.30 -82.08
C3A CLA BJ . 8.80 -2.77 -82.13
C4A CLA BJ . 10.19 -2.77 -81.52
CMA CLA BJ . 7.86 -3.55 -81.28
CAA CLA BJ . 8.47 -0.73 -83.50
CBA CLA BJ . 9.87 -0.27 -83.89
CGA CLA BJ . 10.53 -1.28 -84.77
O1A CLA BJ . 10.21 -1.58 -85.91
O2A CLA BJ . 11.61 -1.90 -84.21
NB CLA BJ . 12.92 -3.03 -80.32
C1B CLA BJ . 12.30 -3.95 -81.10
C2B CLA BJ . 13.15 -5.16 -81.21
C3B CLA BJ . 14.29 -4.92 -80.49
C4B CLA BJ . 14.15 -3.56 -79.88
CMB CLA BJ . 12.72 -6.33 -81.97
CAB CLA BJ . 15.42 -5.75 -80.23
CBB CLA BJ . 16.18 -6.34 -81.16
NC CLA BJ . 13.82 -0.84 -78.58
C1C CLA BJ . 14.90 -1.67 -78.45
C2C CLA BJ . 15.90 -1.03 -77.61
C3C CLA BJ . 15.41 0.23 -77.29
C4C CLA BJ . 14.11 0.35 -77.92
CMC CLA BJ . 17.18 -1.61 -77.23
CAC CLA BJ . 16.08 1.24 -76.47
CBC CLA BJ . 16.93 2.16 -77.33
ND CLA BJ . 11.40 0.50 -79.08
C1D CLA BJ . 12.00 1.55 -78.35
C2D CLA BJ . 11.08 2.70 -78.32
C3D CLA BJ . 10.06 2.39 -79.18
C4D CLA BJ . 10.34 1.02 -79.66
CMD CLA BJ . 11.29 3.94 -77.56
CAD CLA BJ . 8.82 2.83 -79.79
OBD CLA BJ . 8.23 3.89 -79.65
CBD CLA BJ . 8.38 1.72 -80.77
CGD CLA BJ . 6.99 1.26 -80.51
O1D CLA BJ . 6.61 0.54 -79.58
O2D CLA BJ . 6.08 1.67 -81.44
CED CLA BJ . 4.70 1.43 -81.19
C1 CLA BJ . 12.22 -2.95 -84.99
C2 CLA BJ . 13.56 -3.23 -84.42
C3 CLA BJ . 14.52 -3.88 -85.09
C4 CLA BJ . 14.34 -4.38 -86.47
C5 CLA BJ . 15.84 -4.13 -84.46
C6 CLA BJ . 17.01 -3.73 -85.33
C7 CLA BJ . 18.30 -3.77 -84.57
C8 CLA BJ . 19.46 -3.24 -85.41
C9 CLA BJ . 20.14 -4.38 -86.14
C10 CLA BJ . 20.47 -2.47 -84.59
C11 CLA BJ . 20.92 -3.23 -83.35
C12 CLA BJ . 22.38 -2.98 -83.03
C13 CLA BJ . 22.69 -1.51 -82.83
C14 CLA BJ . 24.14 -1.23 -83.19
C15 CLA BJ . 22.41 -1.07 -81.40
C16 CLA BJ . 22.75 0.38 -81.15
C17 CLA BJ . 21.61 1.32 -81.51
C18 CLA BJ . 21.20 2.25 -80.38
C19 CLA BJ . 21.09 1.56 -79.04
C20 CLA BJ . 22.10 3.46 -80.30
MG CLA CJ . 14.06 -19.42 -80.33
CHA CLA CJ . 12.38 -16.71 -81.68
CHB CLA CJ . 12.38 -21.50 -82.42
CHC CLA CJ . 15.98 -22.02 -79.18
CHD CLA CJ . 15.84 -17.21 -78.24
NA CLA CJ . 12.58 -19.14 -81.77
C1A CLA CJ . 12.01 -17.93 -82.21
C2A CLA CJ . 10.99 -18.19 -83.30
C3A CLA CJ . 10.83 -19.72 -83.29
C4A CLA CJ . 12.02 -20.17 -82.45
CMA CLA CJ . 9.53 -20.13 -82.67
CAA CLA CJ . 11.57 -17.80 -84.65
CBA CLA CJ . 10.54 -17.16 -85.57
NB CLA CJ . 14.15 -21.39 -80.72
C1B CLA CJ . 13.43 -22.05 -81.65
C2B CLA CJ . 13.88 -23.45 -81.76
C3B CLA CJ . 14.90 -23.61 -80.85
C4B CLA CJ . 15.07 -22.30 -80.16
CMB CLA CJ . 13.28 -24.41 -82.67
CAB CLA CJ . 15.68 -24.77 -80.53
CBB CLA CJ . 16.94 -24.98 -80.93
NC CLA CJ . 15.57 -19.59 -78.90
C1C CLA CJ . 16.20 -20.75 -78.57
C2C CLA CJ . 17.20 -20.50 -77.54
C3C CLA CJ . 17.18 -19.14 -77.30
C4C CLA CJ . 16.16 -18.57 -78.15
CMC CLA CJ . 18.06 -21.52 -76.96
CAC CLA CJ . 18.01 -18.40 -76.34
CBC CLA CJ . 17.39 -18.33 -74.97
ND CLA CJ . 14.05 -17.45 -79.89
C1D CLA CJ . 14.88 -16.67 -79.06
C2D CLA CJ . 14.55 -15.25 -79.24
C3D CLA CJ . 13.57 -15.20 -80.21
C4D CLA CJ . 13.31 -16.60 -80.60
CMD CLA CJ . 15.23 -14.18 -78.50
CAD CLA CJ . 12.69 -14.37 -81.00
OBD CLA CJ . 12.51 -13.17 -80.95
CBD CLA CJ . 11.95 -15.30 -82.02
CGD CLA CJ . 10.46 -15.18 -81.95
O1D CLA CJ . 9.69 -15.79 -81.20
O2D CLA CJ . 9.92 -14.31 -82.84
CED CLA CJ . 8.51 -14.09 -82.80
MG CLA DJ . 18.62 -11.53 -81.55
CHA CLA DJ . 15.91 -11.77 -83.72
CHB CLA DJ . 19.02 -8.28 -82.41
CHC CLA DJ . 21.52 -11.45 -79.69
CHD CLA DJ . 18.38 -15.01 -80.95
NA CLA DJ . 17.56 -10.24 -82.79
C1A CLA DJ . 16.44 -10.51 -83.61
C2A CLA DJ . 16.02 -9.25 -84.38
C3A CLA DJ . 17.00 -8.17 -83.87
C4A CLA DJ . 17.93 -8.93 -82.94
CMA CLA DJ . 17.78 -7.56 -85.01
CAA CLA DJ . 14.61 -8.77 -84.09
CBA CLA DJ . 13.96 -8.30 -85.38
NB CLA DJ . 19.93 -10.11 -81.04
C1B CLA DJ . 19.99 -8.87 -81.58
C2B CLA DJ . 21.24 -8.17 -81.18
C3B CLA DJ . 21.95 -9.07 -80.41
C4B CLA DJ . 21.14 -10.31 -80.33
CMB CLA DJ . 21.53 -6.83 -81.65
CAB CLA DJ . 23.25 -8.97 -79.80
CBB CLA DJ . 23.77 -7.93 -79.13
NC CLA DJ . 19.67 -12.95 -80.42
C1C CLA DJ . 20.81 -12.69 -79.71
C2C CLA DJ . 21.27 -13.90 -79.06
C3C CLA DJ . 20.41 -14.91 -79.44
C4C CLA DJ . 19.41 -14.31 -80.30
CMC CLA DJ . 22.45 -14.01 -78.21
CAC CLA DJ . 20.47 -16.33 -79.06
CBC CLA DJ . 21.29 -17.15 -80.03
ND CLA DJ . 17.39 -13.05 -82.07
C1D CLA DJ . 17.46 -14.44 -81.80
C2D CLA DJ . 16.39 -15.13 -82.55
C3D CLA DJ . 15.73 -14.15 -83.26
C4D CLA DJ . 16.42 -12.87 -82.96
CMD CLA DJ . 16.16 -16.56 -82.50
CAD CLA DJ . 14.67 -13.86 -84.20
OBD CLA DJ . 13.82 -14.59 -84.68
CBD CLA DJ . 14.80 -12.36 -84.57
CGD CLA DJ . 15.06 -12.17 -86.03
O1D CLA DJ . 16.12 -12.37 -86.64
O2D CLA DJ . 13.99 -11.72 -86.73
MG CLA EJ . 27.23 -16.87 -67.15
CHA CLA EJ . 30.46 -18.04 -66.60
CHB CLA EJ . 27.40 -17.85 -70.38
CHC CLA EJ . 23.99 -15.81 -67.61
CHD CLA EJ . 27.04 -15.96 -63.76
NA CLA EJ . 28.71 -17.80 -68.28
C1A CLA EJ . 29.98 -18.22 -67.88
C2A CLA EJ . 30.71 -18.90 -69.04
C3A CLA EJ . 29.70 -18.84 -70.21
C4A CLA EJ . 28.51 -18.12 -69.59
CMA CLA EJ . 30.27 -18.20 -71.44
CAA CLA EJ . 30.95 -20.38 -68.75
CBA CLA EJ . 29.69 -21.20 -68.51
CGA CLA EJ . 29.34 -21.31 -67.06
O1A CLA EJ . 30.09 -21.41 -66.10
O2A CLA EJ . 28.00 -21.25 -66.83
NB CLA EJ . 25.95 -16.81 -68.70
C1B CLA EJ . 26.22 -17.24 -69.95
C2B CLA EJ . 25.04 -17.05 -70.83
C3B CLA EJ . 24.07 -16.47 -70.06
C4B CLA EJ . 24.63 -16.31 -68.68
CMB CLA EJ . 25.03 -17.44 -72.23
CAB CLA EJ . 22.74 -16.10 -70.44
CBB CLA EJ . 22.22 -14.87 -70.44
NC CLA EJ . 25.79 -16.02 -65.91
C1C CLA EJ . 24.53 -15.69 -66.29
C2C CLA EJ . 23.79 -15.14 -65.16
C3C CLA EJ . 24.65 -15.18 -64.07
C4C CLA EJ . 25.91 -15.75 -64.54
CMC CLA EJ . 22.41 -14.67 -65.22
CAC CLA EJ . 24.37 -14.74 -62.71
CBC CLA EJ . 23.87 -15.88 -61.84
ND CLA EJ . 28.43 -16.93 -65.53
C1D CLA EJ . 28.23 -16.52 -64.19
C2D CLA EJ . 29.46 -16.76 -63.43
C3D CLA EJ . 30.37 -17.30 -64.30
C4D CLA EJ . 29.66 -17.41 -65.59
CMD CLA EJ . 29.63 -16.42 -62.02
CAD CLA EJ . 31.71 -17.79 -64.48
OBD CLA EJ . 32.66 -17.80 -63.70
CBD CLA EJ . 31.79 -18.34 -65.93
CGD CLA EJ . 32.95 -17.78 -66.71
O1D CLA EJ . 32.91 -17.10 -67.74
O2D CLA EJ . 34.17 -18.08 -66.19
C1 CLA EJ . 27.59 -20.78 -65.55
C2 CLA EJ . 26.32 -20.04 -65.77
C3 CLA EJ . 25.43 -19.76 -64.80
C4 CLA EJ . 25.66 -20.16 -63.39
C5 CLA EJ . 24.19 -19.02 -65.08
C6 CLA EJ . 23.18 -19.81 -65.90
C7 CLA EJ . 23.17 -19.31 -67.33
C8 CLA EJ . 21.84 -18.77 -67.84
C9 CLA EJ . 21.01 -18.08 -66.77
C10 CLA EJ . 21.02 -19.89 -68.46
C11 CLA EJ . 20.36 -19.41 -69.72
C12 CLA EJ . 21.16 -19.81 -70.94
C13 CLA EJ . 20.28 -20.49 -71.98
C14 CLA EJ . 19.64 -21.74 -71.42
C15 CLA EJ . 21.09 -20.82 -73.22
C16 CLA EJ . 21.59 -19.55 -73.84
C17 CLA EJ . 22.85 -19.77 -74.63
C18 CLA EJ . 22.77 -19.13 -76.01
C19 CLA EJ . 21.58 -19.66 -76.78
C20 CLA EJ . 22.66 -17.63 -75.88
MG CLA FJ . 29.48 -24.15 -72.21
CHA CLA FJ . 27.98 -24.97 -69.19
CHB CLA FJ . 31.28 -27.02 -72.12
CHC CLA FJ . 30.75 -23.40 -75.31
CHD CLA FJ . 27.54 -21.20 -72.31
NA CLA FJ . 29.63 -25.70 -70.83
C1A CLA FJ . 28.92 -25.88 -69.64
C2A CLA FJ . 29.33 -27.19 -68.95
C3A CLA FJ . 30.50 -27.70 -69.82
C4A CLA FJ . 30.49 -26.75 -71.02
CMA CLA FJ . 31.81 -27.67 -69.09
CAA CLA FJ . 28.21 -28.22 -68.98
CBA CLA FJ . 27.52 -28.27 -70.33
CGA CLA FJ . 26.16 -28.87 -70.19
O1A CLA FJ . 25.49 -29.01 -69.16
O2A CLA FJ . 25.65 -29.31 -71.38
NB CLA FJ . 30.84 -24.99 -73.43
C1B CLA FJ . 31.34 -26.24 -73.27
C2B CLA FJ . 32.00 -26.70 -74.53
C3B CLA FJ . 31.85 -25.68 -75.43
C4B CLA FJ . 31.12 -24.59 -74.75
CMB CLA FJ . 32.63 -28.01 -74.64
CAB CLA FJ . 32.30 -25.59 -76.80
CBB CLA FJ . 33.57 -25.69 -77.20
NC CLA FJ . 29.24 -22.55 -73.53
C1C CLA FJ . 29.88 -22.44 -74.72
C2C CLA FJ . 29.49 -21.21 -75.39
C3C CLA FJ . 28.55 -20.60 -74.55
C4C CLA FJ . 28.40 -21.45 -73.39
CMC CLA FJ . 29.98 -20.77 -76.69
CAC CLA FJ . 27.85 -19.32 -74.78
CBC CLA FJ . 26.51 -19.55 -75.43
ND CLA FJ . 28.10 -23.22 -71.05
C1D CLA FJ . 27.37 -22.03 -71.22
C2D CLA FJ . 26.46 -21.86 -70.07
C3D CLA FJ . 26.66 -22.95 -69.27
C4D CLA FJ . 27.69 -23.78 -69.92
CMD CLA FJ . 25.52 -20.77 -69.86
CAD CLA FJ . 26.27 -23.60 -68.05
OBD CLA FJ . 25.47 -23.24 -67.19
CBD CLA FJ . 27.09 -24.92 -67.96
CGD CLA FJ . 27.78 -24.98 -66.64
O1D CLA FJ . 28.96 -24.73 -66.40
O2D CLA FJ . 26.99 -25.36 -65.60
CED CLA FJ . 27.21 -24.74 -64.33
C1 CLA FJ . 24.50 -28.61 -71.91
C2 CLA FJ . 23.90 -29.54 -72.88
C3 CLA FJ . 23.32 -29.17 -74.03
C4 CLA FJ . 23.23 -27.77 -74.47
C5 CLA FJ . 22.73 -30.20 -74.94
C6 CLA FJ . 23.77 -30.74 -75.91
C7 CLA FJ . 23.45 -32.17 -76.31
C8 CLA FJ . 23.44 -32.35 -77.82
C9 CLA FJ . 22.03 -32.51 -78.32
C10 CLA FJ . 24.29 -33.54 -78.24
C11 CLA FJ . 25.63 -33.09 -78.78
C12 CLA FJ . 25.50 -32.14 -79.95
C13 CLA FJ . 26.82 -31.90 -80.65
C14 CLA FJ . 27.86 -31.36 -79.70
C15 CLA FJ . 26.66 -30.96 -81.85
MG CLA GJ . 26.96 -27.82 -52.61
CHA CLA GJ . 26.64 -31.15 -51.64
CHB CLA GJ . 28.99 -28.79 -55.15
CHC CLA GJ . 26.95 -24.59 -53.78
CHD CLA GJ . 24.91 -26.87 -49.92
NA CLA GJ . 27.70 -29.66 -53.24
C1A CLA GJ . 27.44 -30.93 -52.72
C2A CLA GJ . 28.18 -31.97 -53.53
C3A CLA GJ . 29.18 -31.16 -54.36
C4A CLA GJ . 28.58 -29.77 -54.28
CMA CLA GJ . 30.53 -31.19 -53.72
CAA CLA GJ . 27.17 -32.55 -54.49
CBA CLA GJ . 27.05 -34.04 -54.43
CGA CLA GJ . 26.89 -34.55 -55.82
O1A CLA GJ . 27.74 -34.90 -56.62
O2A CLA GJ . 25.59 -34.61 -56.21
NB CLA GJ . 27.85 -26.86 -54.13
C1B CLA GJ . 28.53 -27.47 -55.14
C2B CLA GJ . 28.75 -26.53 -56.25
C3B CLA GJ . 28.18 -25.34 -55.89
C4B CLA GJ . 27.61 -25.52 -54.52
CMB CLA GJ . 29.48 -26.98 -57.44
CAB CLA GJ . 28.11 -24.07 -56.58
CBB CLA GJ . 29.12 -23.45 -57.19
NC CLA GJ . 26.11 -26.04 -51.93
C1C CLA GJ . 26.25 -24.84 -52.56
C2C CLA GJ . 25.57 -23.80 -51.80
C3C CLA GJ . 24.96 -24.43 -50.71
C4C CLA GJ . 25.31 -25.85 -50.80
CMC CLA GJ . 25.55 -22.39 -52.16
CAC CLA GJ . 24.20 -23.77 -49.64
CBC CLA GJ . 22.73 -24.08 -49.55
ND CLA GJ . 25.98 -28.74 -51.11
C1D CLA GJ . 25.20 -28.22 -50.05
C2D CLA GJ . 24.75 -29.34 -49.20
C3D CLA GJ . 25.24 -30.50 -49.79
C4D CLA GJ . 26.02 -30.06 -50.96
CMD CLA GJ . 23.90 -29.20 -48.02
CAD CLA GJ . 25.36 -31.94 -49.71
OBD CLA GJ . 24.86 -32.71 -48.90
CBD CLA GJ . 26.25 -32.41 -50.89
CGD CLA GJ . 27.41 -33.22 -50.35
O1D CLA GJ . 27.85 -33.24 -49.22
O2D CLA GJ . 28.01 -34.05 -51.26
CED CLA GJ . 29.23 -34.68 -50.89
C1 CLA GJ . 25.13 -35.91 -56.60
C2 CLA GJ . 23.91 -36.17 -55.80
C3 CLA GJ . 23.33 -37.38 -55.75
C4 CLA GJ . 23.86 -38.54 -56.50
C5 CLA GJ . 22.10 -37.60 -54.94
C6 CLA GJ . 20.87 -37.62 -55.81
C7 CLA GJ . 19.86 -36.56 -55.37
C8 CLA GJ . 20.08 -35.18 -55.97
C9 CLA GJ . 18.78 -34.40 -55.90
C10 CLA GJ . 20.57 -35.23 -57.40
C11 CLA GJ . 20.74 -33.87 -58.01
C12 CLA GJ . 22.08 -33.28 -57.66
C13 CLA GJ . 22.87 -32.84 -58.89
C14 CLA GJ . 23.09 -33.99 -59.86
C15 CLA GJ . 24.22 -32.25 -58.51
C16 CLA GJ . 24.15 -31.33 -57.30
C17 CLA GJ . 24.35 -29.90 -57.70
C18 CLA GJ . 25.25 -29.17 -56.71
C19 CLA GJ . 25.69 -27.87 -57.33
C20 CLA GJ . 24.51 -28.88 -55.42
MG CLA HJ . 12.50 14.63 -58.93
CHA CLA HJ . 11.08 17.79 -58.95
CHB CLA HJ . 15.41 15.96 -57.85
CHC CLA HJ . 13.74 11.45 -58.59
CHD CLA HJ . 9.41 13.29 -59.98
NA CLA HJ . 13.14 16.58 -58.55
C1A CLA HJ . 12.40 17.76 -58.60
C2A CLA HJ . 13.26 18.95 -58.20
C3A CLA HJ . 14.68 18.35 -58.18
C4A CLA HJ . 14.41 16.86 -58.18
CMA CLA HJ . 15.45 18.75 -59.41
CAA CLA HJ . 12.90 19.38 -56.79
CBA CLA HJ . 13.68 20.59 -56.33
CGA CLA HJ . 12.87 21.34 -55.33
O1A CLA HJ . 12.58 21.03 -54.17
O2A CLA HJ . 12.39 22.52 -55.81
NB CLA HJ . 14.27 13.86 -58.41
C1B CLA HJ . 15.29 14.57 -57.86
C2B CLA HJ . 16.31 13.65 -57.29
C3B CLA HJ . 15.84 12.37 -57.49
C4B CLA HJ . 14.55 12.49 -58.22
CMB CLA HJ . 17.52 14.12 -56.64
CAB CLA HJ . 16.42 11.10 -57.14
CBB CLA HJ . 17.62 10.65 -57.49
NC CLA HJ . 11.72 12.73 -59.29
C1C CLA HJ . 12.42 11.57 -59.09
C2C CLA HJ . 11.57 10.43 -59.44
C3C CLA HJ . 10.34 10.96 -59.81
C4C CLA HJ . 10.44 12.39 -59.72
CMC CLA HJ . 11.97 9.04 -59.35
CAC CLA HJ . 9.16 10.22 -60.24
CBC CLA HJ . 9.14 10.10 -61.76
ND CLA HJ . 10.67 15.32 -59.43
C1D CLA HJ . 9.48 14.66 -59.84
C2D CLA HJ . 8.42 15.67 -60.05
C3D CLA HJ . 8.98 16.89 -59.71
C4D CLA HJ . 10.37 16.62 -59.33
CMD CLA HJ . 7.08 15.32 -60.47
CAD CLA HJ . 8.77 18.32 -59.57
OBD CLA HJ . 7.74 18.96 -59.73
CBD CLA HJ . 10.11 18.93 -59.10
CGD CLA HJ . 10.66 19.94 -60.05
O1D CLA HJ . 10.84 21.15 -59.88
O2D CLA HJ . 11.05 19.43 -61.25
CED CLA HJ . 12.35 19.77 -61.69
MG CLA IJ . 9.99 17.28 -80.43
CHA CLA IJ . 9.76 16.94 -83.89
CHB CLA IJ . 12.66 19.33 -80.78
CHC CLA IJ . 10.19 17.50 -77.01
CHD CLA IJ . 7.22 15.16 -80.12
NA CLA IJ . 11.02 18.02 -82.08
C1A CLA IJ . 10.78 17.77 -83.45
C2A CLA IJ . 11.78 18.54 -84.31
C3A CLA IJ . 12.74 19.17 -83.28
C4A CLA IJ . 12.10 18.84 -81.94
CMA CLA IJ . 14.14 18.58 -83.35
CAA CLA IJ . 11.08 19.66 -85.07
CBA CLA IJ . 11.99 20.82 -85.40
NB CLA IJ . 11.17 18.28 -79.14
C1B CLA IJ . 12.21 19.06 -79.47
C2B CLA IJ . 12.85 19.61 -78.25
C3B CLA IJ . 12.15 19.11 -77.19
C4B CLA IJ . 11.08 18.24 -77.74
CMB CLA IJ . 14.03 20.46 -78.28
CAB CLA IJ . 12.35 19.27 -75.77
NC CLA IJ . 8.92 16.43 -78.86
C1C CLA IJ . 9.21 16.63 -77.53
C2C CLA IJ . 8.30 15.85 -76.72
C3C CLA IJ . 7.40 15.22 -77.58
C4C CLA IJ . 7.81 15.60 -78.93
CMC CLA IJ . 8.38 15.80 -75.27
CAC CLA IJ . 6.30 14.30 -77.23
CBC CLA IJ . 6.54 12.85 -77.59
ND CLA IJ . 8.79 16.22 -81.65
C1D CLA IJ . 7.64 15.44 -81.39
C2D CLA IJ . 7.06 14.96 -82.64
C3D CLA IJ . 7.88 15.43 -83.63
C4D CLA IJ . 8.91 16.25 -82.97
CMD CLA IJ . 5.85 14.12 -82.68
CAD CLA IJ . 8.12 15.51 -85.06
OBD CLA IJ . 7.54 14.95 -85.97
CBD CLA IJ . 9.31 16.50 -85.26
CGD CLA IJ . 10.44 15.83 -86.00
O1D CLA IJ . 11.58 15.61 -85.59
O2D CLA IJ . 10.13 15.45 -87.27
C1 LUT JJ . 28.51 -14.36 -73.61
C2 LUT JJ . 29.78 -14.66 -72.83
C3 LUT JJ . 29.74 -14.54 -71.31
C4 LUT JJ . 28.76 -13.49 -70.84
C5 LUT JJ . 27.42 -13.75 -71.46
C6 LUT JJ . 27.30 -14.04 -72.76
C7 LUT JJ . 25.95 -14.06 -73.37
C8 LUT JJ . 25.40 -12.97 -73.90
C9 LUT JJ . 24.06 -12.93 -74.51
C10 LUT JJ . 23.68 -11.77 -75.03
C11 LUT JJ . 22.38 -11.52 -75.66
C12 LUT JJ . 22.15 -10.27 -75.98
C13 LUT JJ . 20.94 -9.73 -76.63
C14 LUT JJ . 21.02 -8.48 -77.06
C15 LUT JJ . 19.95 -7.79 -77.78
C16 LUT JJ . 28.15 -15.60 -74.43
C17 LUT JJ . 28.86 -13.24 -74.58
C18 LUT JJ . 26.24 -13.66 -70.54
C19 LUT JJ . 23.17 -14.13 -74.50
C20 LUT JJ . 19.72 -10.58 -76.78
O3 LUT JJ . 31.04 -14.17 -70.83
C21 LUT JJ . 15.01 1.23 -85.29
C22 LUT JJ . 13.76 1.49 -86.11
C23 LUT JJ . 12.74 2.39 -85.44
C24 LUT JJ . 12.57 2.08 -83.98
C25 LUT JJ . 13.59 1.63 -83.24
C26 LUT JJ . 14.63 0.75 -83.89
C27 LUT JJ . 15.86 0.64 -83.01
C28 LUT JJ . 16.09 -0.55 -82.49
C29 LUT JJ . 17.22 -0.84 -81.62
C30 LUT JJ . 17.46 -2.13 -81.38
C31 LUT JJ . 18.54 -2.62 -80.55
C32 LUT JJ . 18.40 -3.87 -80.12
C33 LUT JJ . 19.42 -4.52 -79.29
C34 LUT JJ . 19.25 -5.82 -78.99
C35 LUT JJ . 20.23 -6.57 -78.21
C36 LUT JJ . 15.89 2.47 -85.24
C37 LUT JJ . 15.80 0.14 -86.00
C38 LUT JJ . 13.65 2.01 -81.80
C39 LUT JJ . 18.06 0.25 -81.03
C40 LUT JJ . 20.59 -3.75 -78.81
O23 LUT JJ . 11.48 2.19 -86.10
MG CLA KJ . 23.54 -18.99 -55.03
CHA CLA KJ . 25.09 -17.08 -57.48
CHB CLA KJ . 22.57 -16.16 -53.44
CHC CLA KJ . 21.72 -20.90 -52.85
CHD CLA KJ . 24.71 -21.89 -56.62
NA CLA KJ . 23.81 -16.97 -55.42
C1A CLA KJ . 24.47 -16.37 -56.49
C2A CLA KJ . 24.38 -14.87 -56.37
C3A CLA KJ . 23.99 -14.68 -54.91
C4A CLA KJ . 23.36 -16.02 -54.56
CMA CLA KJ . 25.21 -14.48 -54.05
CAA CLA KJ . 23.12 -14.48 -57.10
CBA CLA KJ . 23.26 -14.18 -58.58
CGA CLA KJ . 23.47 -12.71 -58.64
O1A CLA KJ . 24.52 -12.08 -58.49
O2A CLA KJ . 22.30 -12.01 -58.87
NB CLA KJ . 22.42 -18.60 -53.40
C1B CLA KJ . 22.02 -17.37 -53.01
C2B CLA KJ . 20.96 -17.47 -51.99
C3B CLA KJ . 20.71 -18.81 -51.81
C4B CLA KJ . 21.64 -19.55 -52.70
CMB CLA KJ . 20.33 -16.31 -51.36
CAB CLA KJ . 19.78 -19.46 -50.95
CBB CLA KJ . 19.91 -19.52 -49.62
NC CLA KJ . 23.28 -21.05 -54.79
C1C CLA KJ . 22.48 -21.60 -53.83
C2C CLA KJ . 22.53 -23.04 -53.96
C3C CLA KJ . 23.39 -23.35 -55.02
C4C CLA KJ . 23.87 -22.07 -55.52
CMC CLA KJ . 21.78 -23.97 -53.11
CAC CLA KJ . 23.74 -24.69 -55.49
CBC CLA KJ . 23.23 -25.04 -56.87
ND CLA KJ . 24.60 -19.46 -56.68
C1D CLA KJ . 25.05 -20.69 -57.18
C2D CLA KJ . 25.87 -20.45 -58.38
C3D CLA KJ . 25.87 -19.09 -58.58
C4D CLA KJ . 25.10 -18.51 -57.47
CMD CLA KJ . 26.45 -21.52 -59.18
CAD CLA KJ . 26.32 -17.99 -59.41
OBD CLA KJ . 26.88 -18.03 -60.50
CBD CLA KJ . 25.94 -16.68 -58.66
CGD CLA KJ . 27.17 -15.95 -58.18
O1D CLA KJ . 27.30 -15.28 -57.17
O2D CLA KJ . 28.27 -16.06 -58.96
CED CLA KJ . 29.51 -16.23 -58.27
C1 XAT LJ . 27.68 0.91 -67.51
C2 XAT LJ . 29.08 1.33 -67.94
C3 XAT LJ . 29.71 0.29 -68.83
C4 XAT LJ . 28.94 0.40 -70.13
C5 XAT LJ . 27.53 -0.13 -69.92
C6 XAT LJ . 26.86 0.12 -68.55
C7 XAT LJ . 25.37 0.37 -68.60
C8 XAT LJ . 24.63 -0.53 -67.95
C9 XAT LJ . 23.16 -0.56 -67.82
C10 XAT LJ . 22.63 -1.73 -67.48
C11 XAT LJ . 21.23 -2.04 -67.25
C12 XAT LJ . 20.95 -3.31 -67.05
C13 XAT LJ . 19.60 -3.79 -66.73
C14 XAT LJ . 19.47 -5.06 -66.31
C15 XAT LJ . 18.20 -5.60 -65.90
C16 XAT LJ . 26.92 2.16 -67.11
C17 XAT LJ . 27.84 0.03 -66.28
C18 XAT LJ . 26.57 0.04 -71.10
C19 XAT LJ . 22.32 0.66 -68.04
C20 XAT LJ . 18.43 -2.87 -66.85
O3 XAT LJ . 31.08 0.60 -69.06
O4 XAT LJ . 27.33 -1.16 -68.98
C21 XAT LJ . 10.18 -14.03 -60.35
C22 XAT LJ . 8.86 -14.77 -60.22
C23 XAT LJ . 7.71 -13.86 -60.56
C24 XAT LJ . 7.78 -13.68 -62.06
C25 XAT LJ . 9.04 -12.92 -62.47
C26 XAT LJ . 10.29 -13.13 -61.59
C27 XAT LJ . 11.60 -13.18 -62.36
C28 XAT LJ . 12.35 -12.10 -62.20
C29 XAT LJ . 13.66 -11.93 -62.83
C30 XAT LJ . 14.09 -10.67 -62.92
C31 XAT LJ . 15.38 -10.31 -63.49
C32 XAT LJ . 15.50 -9.09 -64.00
C33 XAT LJ . 16.78 -8.65 -64.54
C34 XAT LJ . 16.93 -7.36 -64.87
C35 XAT LJ . 18.18 -6.81 -65.35
C36 XAT LJ . 11.29 -15.07 -60.32
C37 XAT LJ . 10.35 -13.14 -59.14
C38 XAT LJ . 9.34 -12.88 -63.96
C39 XAT LJ . 14.47 -13.08 -63.33
C40 XAT LJ . 17.88 -9.64 -64.72
O23 XAT LJ . 6.47 -14.48 -60.22
O24 XAT LJ . 9.56 -11.90 -61.63
C1 BCR MJ . 9.62 23.80 -71.44
C2 BCR MJ . 8.47 23.85 -70.42
C3 BCR MJ . 8.91 24.07 -68.98
C4 BCR MJ . 9.97 23.07 -68.60
C5 BCR MJ . 11.12 23.32 -69.54
C6 BCR MJ . 10.91 23.28 -70.84
C7 BCR MJ . 11.96 22.75 -71.74
C8 BCR MJ . 12.27 21.46 -71.72
C9 BCR MJ . 13.32 20.89 -72.58
C10 BCR MJ . 13.65 19.62 -72.40
C11 BCR MJ . 14.69 18.95 -73.17
C33 BCR MJ . 12.47 23.65 -68.96
C31 BCR MJ . 9.89 25.20 -71.97
C32 BCR MJ . 9.16 22.92 -72.59
C34 BCR MJ . 13.96 21.74 -73.64
C12 BCR MJ . 14.56 17.65 -73.40
C13 BCR MJ . 15.58 16.93 -74.15
C14 BCR MJ . 15.70 15.61 -73.94
C15 BCR MJ . 16.72 14.82 -74.61
C16 BCR MJ . 17.14 13.76 -73.94
C17 BCR MJ . 18.21 12.91 -74.44
C18 BCR MJ . 18.63 11.86 -73.73
C19 BCR MJ . 19.77 11.07 -74.25
C20 BCR MJ . 20.09 9.85 -73.86
C21 BCR MJ . 21.28 9.34 -74.51
C22 BCR MJ . 21.96 8.28 -74.06
C23 BCR MJ . 23.20 7.90 -74.77
C24 BCR MJ . 23.90 6.81 -74.49
C25 BCR MJ . 25.15 6.48 -75.20
C26 BCR MJ . 26.32 6.80 -74.60
C27 BCR MJ . 27.66 6.68 -75.29
C28 BCR MJ . 27.57 6.10 -76.69
C29 BCR MJ . 26.43 5.09 -76.81
C30 BCR MJ . 25.11 5.78 -76.54
C35 BCR MJ . 16.48 17.65 -75.12
C36 BCR MJ . 18.03 11.51 -72.41
C37 BCR MJ . 21.51 7.53 -72.83
C38 BCR MJ . 26.35 7.27 -73.19
C39 BCR MJ . 23.99 4.76 -76.53
C40 BCR MJ . 24.84 6.72 -77.71
O1 LHG NJ . 9.18 -24.59 -78.79
C1 LHG NJ . 10.40 -24.80 -79.49
C2 LHG NJ . 11.36 -23.72 -79.07
O2 LHG NJ . 11.69 -23.87 -77.71
C3 LHG NJ . 10.78 -22.34 -79.20
O3 LHG NJ . 11.60 -21.63 -78.31
P LHG NJ . 11.39 -20.06 -78.08
O4 LHG NJ . 12.43 -19.36 -78.88
O5 LHG NJ . 9.91 -19.92 -77.99
O6 LHG NJ . 12.03 -20.05 -76.57
C4 LHG NJ . 13.38 -20.29 -76.41
C5 LHG NJ . 13.74 -19.53 -75.14
C6 LHG NJ . 13.08 -18.16 -75.09
O7 LHG NJ . 13.26 -20.29 -74.07
C7 LHG NJ . 14.25 -20.83 -73.34
O9 LHG NJ . 15.25 -21.31 -73.83
C8 LHG NJ . 14.05 -20.54 -71.91
C9 LHG NJ . 14.20 -21.79 -71.10
C10 LHG NJ . 15.61 -21.92 -70.63
O8 LHG NJ . 14.13 -17.27 -74.70
C23 LHG NJ . 13.81 -16.25 -73.87
O10 LHG NJ . 12.64 -15.94 -73.76
C24 LHG NJ . 14.76 -15.87 -72.75
C11 LHG NJ . 15.41 -22.52 -69.28
C12 LHG NJ . 16.61 -23.33 -68.94
C13 LHG NJ . 17.59 -22.41 -68.27
C14 LHG NJ . 18.83 -23.17 -67.84
C15 LHG NJ . 19.22 -22.59 -66.50
C16 LHG NJ . 20.12 -23.55 -65.82
C17 LHG NJ . 21.05 -22.81 -64.89
C18 LHG NJ . 22.31 -23.61 -64.97
C19 LHG NJ . 23.41 -23.09 -64.10
C20 LHG NJ . 23.08 -23.71 -62.77
C21 LHG NJ . 23.99 -23.17 -61.72
C25 LHG NJ . 14.55 -16.64 -71.46
C26 LHG NJ . 15.75 -17.42 -70.95
C27 LHG NJ . 15.29 -17.93 -69.61
C28 LHG NJ . 16.32 -18.71 -68.83
C29 LHG NJ . 15.65 -19.11 -67.53
C30 LHG NJ . 16.15 -18.42 -66.28
C31 LHG NJ . 17.40 -18.99 -65.66
C32 LHG NJ . 17.98 -18.16 -64.53
C33 LHG NJ . 18.53 -19.13 -63.50
C34 LHG NJ . 19.99 -18.98 -63.16
C35 LHG NJ . 20.22 -19.14 -61.68
C36 LHG NJ . 21.66 -19.59 -61.47
C37 LHG NJ . 21.99 -19.37 -60.02
C38 LHG NJ . 21.29 -20.32 -59.07
C1 NEX OJ . 35.97 16.83 -55.29
C2 NEX OJ . 35.65 18.28 -54.97
C3 NEX OJ . 36.51 19.22 -55.79
C4 NEX OJ . 36.10 19.04 -57.25
C5 NEX OJ . 36.46 17.65 -57.75
C6 NEX OJ . 35.98 16.58 -56.79
C7 NEX OJ . 35.60 15.47 -57.28
C8 NEX OJ . 35.29 14.31 -57.70
C9 NEX OJ . 33.89 13.86 -57.85
C10 NEX OJ . 33.66 12.71 -58.48
C11 NEX OJ . 32.30 12.19 -58.67
C12 NEX OJ . 32.18 10.95 -59.13
C13 NEX OJ . 30.88 10.31 -59.36
C14 NEX OJ . 30.79 8.97 -59.36
C15 NEX OJ . 29.53 8.28 -59.59
C16 NEX OJ . 34.93 15.97 -54.57
C17 NEX OJ . 37.34 16.47 -54.77
C18 NEX OJ . 35.87 17.50 -59.15
C19 NEX OJ . 32.76 14.69 -57.29
C20 NEX OJ . 29.66 11.15 -59.62
O3 NEX OJ . 36.26 20.56 -55.39
O4 NEX OJ . 37.88 17.55 -57.85
C21 NEX OJ . 26.64 -2.91 -59.84
C22 NEX OJ . 27.04 -4.22 -59.18
C23 NEX OJ . 28.03 -3.94 -58.08
C24 NEX OJ . 27.17 -3.39 -56.97
C25 NEX OJ . 26.64 -2.01 -57.36
C26 NEX OJ . 26.42 -1.73 -58.86
C27 NEX OJ . 25.29 -0.77 -59.19
C28 NEX OJ . 25.63 0.45 -59.57
C29 NEX OJ . 24.62 1.45 -59.91
C30 NEX OJ . 24.97 2.74 -60.04
C31 NEX OJ . 26.34 3.17 -59.80
C32 NEX OJ . 26.64 4.46 -59.93
C33 NEX OJ . 27.99 5.00 -59.69
C34 NEX OJ . 28.18 6.32 -59.82
C35 NEX OJ . 29.48 6.95 -59.59
C36 NEX OJ . 25.39 -3.16 -60.67
C37 NEX OJ . 27.75 -2.54 -60.80
C38 NEX OJ . 25.53 -1.42 -56.47
C39 NEX OJ . 23.19 1.03 -60.15
C40 NEX OJ . 29.11 4.08 -59.31
O23 NEX OJ . 28.69 -5.13 -57.66
O24 NEX OJ . 27.49 -1.15 -58.12
MG CLA PJ . 3.18 -30.53 -31.96
CHA CLA PJ . 3.44 -33.85 -31.11
CHB CLA PJ . 4.18 -29.67 -28.81
CHC CLA PJ . 3.00 -27.25 -32.86
CHD CLA PJ . 2.08 -31.49 -35.15
NA CLA PJ . 3.75 -31.61 -30.28
C1A CLA PJ . 3.83 -32.99 -30.13
C2A CLA PJ . 4.31 -33.40 -28.74
C3A CLA PJ . 4.43 -32.05 -28.02
C4A CLA PJ . 4.13 -31.02 -29.11
CMA CLA PJ . 3.42 -32.04 -26.93
CAA CLA PJ . 5.70 -34.02 -28.78
CBA CLA PJ . 6.62 -33.35 -29.79
CGA CLA PJ . 8.07 -33.48 -29.42
O1A CLA PJ . 8.70 -34.50 -29.13
O2A CLA PJ . 8.74 -32.29 -29.48
NB CLA PJ . 3.48 -28.79 -31.00
C1B CLA PJ . 3.89 -28.65 -29.73
C2B CLA PJ . 3.98 -27.20 -29.38
C3B CLA PJ . 3.65 -26.52 -30.53
C4B CLA PJ . 3.35 -27.51 -31.58
CMB CLA PJ . 4.40 -26.72 -28.08
CAB CLA PJ . 3.62 -25.10 -30.74
CBB CLA PJ . 4.43 -24.45 -31.58
NC CLA PJ . 2.67 -29.56 -33.72
C1C CLA PJ . 2.69 -28.21 -33.87
C2C CLA PJ . 2.31 -27.85 -35.22
C3C CLA PJ . 2.02 -29.05 -35.87
C4C CLA PJ . 2.24 -30.11 -34.92
CMC CLA PJ . 2.26 -26.47 -35.71
CAC CLA PJ . 1.59 -29.21 -37.26
CBC CLA PJ . 0.12 -29.52 -37.37
ND CLA PJ . 2.96 -32.24 -33.01
C1D CLA PJ . 2.38 -32.49 -34.27
C2D CLA PJ . 2.23 -33.95 -34.46
C3D CLA PJ . 2.64 -34.51 -33.28
C4D CLA PJ . 3.03 -33.41 -32.40
CMD CLA PJ . 1.76 -34.60 -35.68
CAD CLA PJ . 2.91 -35.72 -32.55
OBD CLA PJ . 2.99 -36.86 -33.00
CBD CLA PJ . 3.20 -35.35 -31.08
CGD CLA PJ . 1.99 -35.50 -30.18
O1D CLA PJ . 1.37 -34.60 -29.61
O2D CLA PJ . 1.51 -36.74 -29.95
CED CLA PJ . 0.18 -36.78 -29.38
C1 CLA PJ . 9.78 -32.07 -28.50
C2 CLA PJ . 11.06 -31.94 -29.26
C3 CLA PJ . 11.94 -30.93 -29.08
C4 CLA PJ . 13.18 -30.88 -29.88
C5 CLA PJ . 11.69 -29.83 -28.10
C6 CLA PJ . 12.94 -29.21 -27.51
C7 CLA PJ . 12.96 -29.31 -26.00
C8 CLA PJ . 13.06 -27.98 -25.25
C9 CLA PJ . 12.36 -26.83 -25.95
C10 CLA PJ . 14.52 -27.63 -24.98
C11 CLA PJ . 14.67 -26.38 -24.15
C12 CLA PJ . 14.30 -26.58 -22.69
C13 CLA PJ . 14.14 -25.23 -22.00
C14 CLA PJ . 15.25 -24.98 -21.00
C15 CLA PJ . 12.77 -25.09 -21.34
MG CLA QJ . 1.62 -17.74 -30.98
CHA CLA QJ . -1.48 -19.21 -31.42
CHB CLA QJ . 0.12 -14.91 -29.88
CHC CLA QJ . 4.71 -16.46 -30.28
CHD CLA QJ . 3.12 -20.80 -31.93
NA CLA QJ . -0.36 -17.17 -30.75
C1A CLA QJ . -1.51 -17.93 -30.96
C2A CLA QJ . -2.76 -17.13 -30.65
C3A CLA QJ . -2.21 -15.71 -30.43
C4A CLA QJ . -0.70 -15.92 -30.32
CMA CLA QJ . -2.55 -14.91 -31.64
CAA CLA QJ . -3.49 -17.60 -29.39
CBA CLA QJ . -2.58 -17.95 -28.24
CGA CLA QJ . -2.45 -16.76 -27.33
O1A CLA QJ . -3.33 -16.16 -26.72
O2A CLA QJ . -1.16 -16.35 -27.20
NB CLA QJ . 2.29 -15.98 -30.28
C1B CLA QJ . 1.51 -14.99 -29.78
C2B CLA QJ . 2.36 -13.95 -29.15
C3B CLA QJ . 3.65 -14.38 -29.26
C4B CLA QJ . 3.63 -15.68 -29.98
CMB CLA QJ . 1.83 -12.73 -28.53
CAB CLA QJ . 4.84 -13.75 -28.75
CBB CLA QJ . 5.84 -13.27 -29.46
NC CLA QJ . 3.57 -18.46 -31.15
C1C CLA QJ . 4.68 -17.76 -30.85
C2C CLA QJ . 5.86 -18.57 -31.11
C3C CLA QJ . 5.40 -19.82 -31.50
C4C CLA QJ . 3.96 -19.74 -31.53
CMC CLA QJ . 7.25 -18.16 -30.93
CAC CLA QJ . 6.21 -20.99 -31.85
CBC CLA QJ . 6.54 -21.78 -30.61
ND CLA QJ . 1.03 -19.57 -31.61
C1D CLA QJ . 1.76 -20.73 -31.98
C2D CLA QJ . 0.81 -21.78 -32.40
C3D CLA QJ . -0.45 -21.24 -32.23
C4D CLA QJ . -0.25 -19.88 -31.71
CMD CLA QJ . 1.20 -23.10 -32.88
CAD CLA QJ . -1.88 -21.45 -32.35
OBD CLA QJ . -2.49 -22.41 -32.79
CBD CLA QJ . -2.57 -20.17 -31.82
CGD CLA QJ . -3.36 -19.51 -32.88
O1D CLA QJ . -4.38 -18.83 -32.77
O2D CLA QJ . -2.86 -19.63 -34.13
CED CLA QJ . -2.94 -18.47 -34.96
C1 CLA QJ . -0.86 -15.35 -26.22
C2 CLA QJ . 0.62 -15.27 -26.17
C3 CLA QJ . 1.31 -14.52 -25.30
C4 CLA QJ . 0.64 -13.67 -24.29
C5 CLA QJ . 2.79 -14.50 -25.32
C6 CLA QJ . 3.42 -15.51 -24.37
C7 CLA QJ . 4.00 -14.83 -23.15
C8 CLA QJ . 4.37 -15.81 -22.05
C9 CLA QJ . 3.63 -15.48 -20.78
C10 CLA QJ . 5.87 -15.81 -21.78
C11 CLA QJ . 6.49 -17.16 -21.97
C12 CLA QJ . 6.56 -17.54 -23.44
C13 CLA QJ . 7.61 -18.60 -23.72
C14 CLA QJ . 7.28 -19.90 -23.02
C15 CLA QJ . 9.01 -18.11 -23.32
C16 CLA QJ . 10.09 -18.93 -23.99
C17 CLA QJ . 11.42 -18.18 -24.01
C18 CLA QJ . 12.06 -18.08 -22.63
C19 CLA QJ . 13.19 -19.08 -22.48
C20 CLA QJ . 12.56 -16.68 -22.39
MG CLA RJ . 7.98 -9.05 -26.59
CHA CLA RJ . 5.27 -7.04 -25.81
CHB CLA RJ . 6.34 -11.75 -25.34
CHC CLA RJ . 10.71 -10.97 -27.35
CHD CLA RJ . 9.70 -6.18 -27.75
NA CLA RJ . 6.08 -9.33 -25.77
C1A CLA RJ . 5.08 -8.38 -25.56
C2A CLA RJ . 3.84 -9.02 -24.95
C3A CLA RJ . 4.24 -10.50 -24.78
C4A CLA RJ . 5.65 -10.56 -25.36
CMA CLA RJ . 4.26 -10.90 -23.33
CAA CLA RJ . 2.70 -8.99 -25.94
CBA CLA RJ . 1.42 -9.45 -25.30
CGA CLA RJ . 1.05 -8.52 -24.19
O1A CLA RJ . 0.86 -8.79 -22.99
O2A CLA RJ . 0.93 -7.23 -24.60
NB CLA RJ . 8.40 -11.00 -26.47
C1B CLA RJ . 7.66 -11.92 -25.81
C2B CLA RJ . 8.46 -13.15 -25.58
C3B CLA RJ . 9.68 -12.94 -26.14
C4B CLA RJ . 9.67 -11.57 -26.72
CMB CLA RJ . 7.95 -14.33 -24.88
CAB CLA RJ . 10.83 -13.80 -26.22
CBB CLA RJ . 11.93 -13.67 -25.47
NC CLA RJ . 9.83 -8.65 -27.45
C1C CLA RJ . 10.78 -9.60 -27.70
C2C CLA RJ . 11.94 -8.99 -28.33
C3C CLA RJ . 11.68 -7.62 -28.40
C4C CLA RJ . 10.34 -7.42 -27.86
CMC CLA RJ . 13.14 -9.70 -28.74
CAC CLA RJ . 12.54 -6.59 -28.97
CBC CLA RJ . 12.28 -6.43 -30.45
ND CLA RJ . 7.63 -7.07 -26.78
C1D CLA RJ . 8.44 -6.00 -27.24
C2D CLA RJ . 7.70 -4.73 -27.04
C3D CLA RJ . 6.49 -5.08 -26.48
C4D CLA RJ . 6.49 -6.54 -26.35
CMD CLA RJ . 8.21 -3.41 -27.36
CAD CLA RJ . 5.25 -4.57 -25.95
OBD CLA RJ . 4.88 -3.42 -25.80
CBD CLA RJ . 4.41 -5.82 -25.54
CGD CLA RJ . 4.01 -5.77 -24.09
O1D CLA RJ . 2.95 -5.35 -23.61
O2D CLA RJ . 4.94 -6.25 -23.23
MG CLA SJ . 21.30 -5.40 -40.62
CHA CLA SJ . 24.44 -3.90 -40.76
CHB CLA SJ . 20.76 -3.99 -37.59
CHC CLA SJ . 18.10 -6.66 -40.66
CHD CLA SJ . 21.89 -6.83 -43.79
NA CLA SJ . 22.45 -4.17 -39.39
C1A CLA SJ . 23.72 -3.63 -39.63
C2A CLA SJ . 24.18 -2.78 -38.44
C3A CLA SJ . 23.08 -3.03 -37.39
C4A CLA SJ . 22.00 -3.77 -38.16
CMA CLA SJ . 23.59 -3.90 -36.27
CAA CLA SJ . 24.22 -1.30 -38.79
CBA CLA SJ . 23.02 -0.82 -39.61
CGA CLA SJ . 23.34 0.42 -40.37
O1A CLA SJ . 24.42 0.74 -40.87
O2A CLA SJ . 22.27 1.27 -40.49
NB CLA SJ . 19.75 -5.38 -39.35
C1B CLA SJ . 19.70 -4.67 -38.19
C2B CLA SJ . 18.34 -4.71 -37.63
C3B CLA SJ . 17.56 -5.46 -38.47
C4B CLA SJ . 18.46 -5.90 -39.58
CMB CLA SJ . 18.05 -4.01 -36.38
CAB CLA SJ . 16.17 -5.82 -38.43
CBB CLA SJ . 15.46 -6.17 -37.34
NC CLA SJ . 20.21 -6.57 -41.96
C1C CLA SJ . 18.93 -6.97 -41.77
C2C CLA SJ . 18.48 -7.75 -42.91
C3C CLA SJ . 19.54 -7.81 -43.80
C4C CLA SJ . 20.63 -7.05 -43.20
CMC CLA SJ . 17.14 -8.34 -43.03
CAC CLA SJ . 19.58 -8.49 -45.10
ND CLA SJ . 22.79 -5.44 -41.98
C1D CLA SJ . 22.89 -6.07 -43.24
C2D CLA SJ . 24.22 -5.77 -43.81
C3D CLA SJ . 24.86 -4.96 -42.90
C4D CLA SJ . 23.92 -4.77 -41.78
CMD CLA SJ . 24.70 -6.26 -45.09
CAD CLA SJ . 26.06 -4.22 -42.59
OBD CLA SJ . 27.10 -4.13 -43.23
CBD CLA SJ . 25.83 -3.51 -41.23
CGD CLA SJ . 26.95 -3.81 -40.27
O1D CLA SJ . 28.13 -3.45 -40.35
O2D CLA SJ . 26.61 -4.59 -39.21
CED CLA SJ . 27.18 -5.89 -39.15
C1 CLA SJ . 21.38 1.05 -41.60
C2 CLA SJ . 21.10 2.35 -42.23
C3 CLA SJ . 20.27 2.51 -43.28
C4 CLA SJ . 19.55 1.37 -43.89
C5 CLA SJ . 20.03 3.86 -43.87
C6 CLA SJ . 18.56 4.18 -44.07
C7 CLA SJ . 18.38 5.65 -44.34
C8 CLA SJ . 17.18 5.97 -45.25
C9 CLA SJ . 15.88 5.72 -44.50
C10 CLA SJ . 17.23 5.14 -46.53
MG CLA TJ . 18.58 1.02 -36.16
CHA CLA TJ . 18.47 3.61 -38.46
CHB CLA TJ . 15.20 0.91 -36.12
CHC CLA TJ . 18.74 -1.55 -33.89
CHD CLA TJ . 22.11 1.21 -36.17
NA CLA TJ . 17.09 2.12 -37.15
C1A CLA TJ . 17.23 3.14 -38.08
C2A CLA TJ . 15.88 3.66 -38.54
C3A CLA TJ . 14.87 2.87 -37.67
C4A CLA TJ . 15.77 1.88 -36.92
CMA CLA TJ . 14.13 3.77 -36.72
CAA CLA TJ . 15.59 3.36 -40.01
CBA CLA TJ . 14.79 4.47 -40.66
NB CLA TJ . 17.23 -0.04 -35.11
C1B CLA TJ . 15.90 -0.04 -35.38
C2B CLA TJ . 15.26 -1.21 -34.74
C3B CLA TJ . 16.25 -1.92 -34.10
C4B CLA TJ . 17.52 -1.17 -34.32
CMB CLA TJ . 13.84 -1.46 -34.87
CAB CLA TJ . 16.21 -3.14 -33.34
CBB CLA TJ . 15.44 -3.37 -32.28
NC CLA TJ . 20.14 0.01 -35.23
C1C CLA TJ . 19.98 -1.02 -34.34
C2C CLA TJ . 21.27 -1.49 -33.86
C3C CLA TJ . 22.22 -0.70 -34.50
C4C CLA TJ . 21.51 0.24 -35.35
CMC CLA TJ . 21.50 -2.56 -32.90
CAC CLA TJ . 23.66 -0.80 -34.31
ND CLA TJ . 20.02 2.05 -37.15
C1D CLA TJ . 21.43 2.06 -37.02
C2D CLA TJ . 21.97 3.10 -37.93
C3D CLA TJ . 20.88 3.70 -38.53
C4D CLA TJ . 19.69 3.04 -37.98
CMD CLA TJ . 23.40 3.36 -38.11
CAD CLA TJ . 20.43 4.70 -39.47
OBD CLA TJ . 21.07 5.40 -40.24
CBD CLA TJ . 18.88 4.74 -39.39
CGD CLA TJ . 18.34 6.02 -38.83
O1D CLA TJ . 18.18 6.29 -37.64
O2D CLA TJ . 17.99 6.94 -39.76
CED CLA TJ . 17.47 8.19 -39.31
MG CLA UJ . 22.07 -3.96 -28.49
CHA CLA UJ . 25.37 -4.20 -27.44
CHB CLA UJ . 21.52 -7.16 -27.51
CHC CLA UJ . 18.79 -3.63 -29.46
CHD CLA UJ . 22.69 -0.66 -29.53
NA CLA UJ . 23.27 -5.42 -27.59
C1A CLA UJ . 24.61 -5.32 -27.21
C2A CLA UJ . 25.08 -6.61 -26.57
C3A CLA UJ . 23.88 -7.57 -26.73
C4A CLA UJ . 22.80 -6.66 -27.29
CMA CLA UJ . 24.21 -8.69 -27.66
CAA CLA UJ . 25.24 -6.37 -25.07
CBA CLA UJ . 26.66 -6.59 -24.59
NB CLA UJ . 20.46 -5.16 -28.49
C1B CLA UJ . 20.44 -6.45 -28.07
C2B CLA UJ . 19.09 -7.03 -28.31
C3B CLA UJ . 18.32 -6.05 -28.85
C4B CLA UJ . 19.18 -4.84 -28.97
CMB CLA UJ . 18.74 -8.41 -27.96
CAB CLA UJ . 16.94 -6.05 -29.26
CBB CLA UJ . 15.95 -5.42 -28.62
NC CLA UJ . 20.95 -2.41 -29.32
C1C CLA UJ . 19.62 -2.49 -29.61
C2C CLA UJ . 19.14 -1.21 -30.12
C3C CLA UJ . 20.24 -0.37 -30.19
C4C CLA UJ . 21.38 -1.14 -29.68
CMC CLA UJ . 17.75 -0.95 -30.49
CAC CLA UJ . 20.22 1.05 -30.61
CBC CLA UJ . 20.93 1.38 -31.89
ND CLA UJ . 23.61 -2.66 -28.47
C1D CLA UJ . 23.74 -1.35 -28.97
C2D CLA UJ . 25.14 -0.89 -28.79
C3D CLA UJ . 25.81 -1.96 -28.21
C4D CLA UJ . 24.81 -3.03 -28.04
CMD CLA UJ . 25.65 0.41 -29.17
CAD CLA UJ . 27.07 -2.44 -27.70
OBD CLA UJ . 28.15 -1.87 -27.63
CBD CLA UJ . 26.84 -3.90 -27.24
CGD CLA UJ . 27.71 -4.82 -28.04
O1D CLA UJ . 27.89 -4.82 -29.25
O2D CLA UJ . 28.38 -5.74 -27.29
CED CLA UJ . 29.66 -5.36 -26.76
MG CLA VJ . 3.30 0.62 -40.09
CHA CLA VJ . 4.80 -2.48 -39.85
CHB CLA VJ . 6.32 2.03 -40.74
CHC CLA VJ . 1.74 3.66 -40.45
CHD CLA VJ . 0.17 -0.89 -39.50
NA CLA VJ . 5.24 -0.13 -40.26
C1A CLA VJ . 5.66 -1.47 -40.15
C2A CLA VJ . 7.17 -1.57 -40.38
C3A CLA VJ . 7.62 -0.11 -40.46
C4A CLA VJ . 6.31 0.67 -40.52
CMA CLA VJ . 8.39 0.26 -39.22
CAA CLA VJ . 7.49 -2.26 -41.70
CBA CLA VJ . 6.57 -1.89 -42.86
CGA CLA VJ . 6.76 -2.85 -43.98
O1A CLA VJ . 6.88 -4.07 -43.92
O2A CLA VJ . 6.80 -2.29 -45.23
NB CLA VJ . 3.92 2.50 -40.45
C1B CLA VJ . 5.18 2.84 -40.78
C2B CLA VJ . 5.21 4.29 -41.15
C3B CLA VJ . 3.94 4.76 -41.07
C4B CLA VJ . 3.08 3.62 -40.62
CMB CLA VJ . 6.43 4.97 -41.55
CAB CLA VJ . 3.43 6.06 -41.36
CBB CLA VJ . 2.98 6.94 -40.46
NC CLA VJ . 1.32 1.27 -39.97
C1C CLA VJ . 0.91 2.55 -40.16
C2C CLA VJ . -0.53 2.63 -40.03
C3C CLA VJ . -0.97 1.34 -39.79
C4C CLA VJ . 0.20 0.49 -39.76
CMC CLA VJ . -1.34 3.84 -40.16
CAC CLA VJ . -2.34 0.89 -39.64
CBC CLA VJ . -2.96 0.61 -40.98
ND CLA VJ . 2.58 -1.23 -39.79
C1D CLA VJ . 1.28 -1.71 -39.49
C2D CLA VJ . 1.35 -3.16 -39.23
C3D CLA VJ . 2.68 -3.50 -39.34
C4D CLA VJ . 3.40 -2.27 -39.69
CMD CLA VJ . 0.21 -3.99 -38.89
CAD CLA VJ . 3.64 -4.57 -39.29
OBD CLA VJ . 3.47 -5.76 -39.07
CBD CLA VJ . 5.03 -3.93 -39.55
CGD CLA VJ . 5.86 -4.01 -38.30
O1D CLA VJ . 5.80 -3.26 -37.32
O2D CLA VJ . 6.77 -5.01 -38.28
CED CLA VJ . 8.13 -4.69 -38.61
C1 CLA VJ . 6.78 -3.21 -46.34
C2 CLA VJ . 7.48 -2.54 -47.46
C3 CLA VJ . 8.66 -2.97 -47.96
C4 CLA VJ . 9.36 -4.17 -47.43
C5 CLA VJ . 9.33 -2.26 -49.08
MG CLA WJ . 6.41 -1.24 -29.95
CHA CLA WJ . 4.03 -3.71 -29.41
CHB CLA WJ . 4.19 1.11 -28.89
CHC CLA WJ . 8.90 1.11 -30.07
CHD CLA WJ . 8.68 -3.71 -30.94
NA CLA WJ . 4.43 -1.32 -29.30
C1A CLA WJ . 3.62 -2.44 -29.11
C2A CLA WJ . 2.24 -2.03 -28.60
C3A CLA WJ . 2.28 -0.51 -28.76
C4A CLA WJ . 3.75 -0.19 -28.97
CMA CLA WJ . 1.54 -0.18 -30.00
CAA CLA WJ . 2.07 -2.43 -27.14
CBA CLA WJ . 1.94 -1.30 -26.15
CGA CLA WJ . 2.24 -1.77 -24.77
O1A CLA WJ . 2.98 -1.26 -23.92
O2A CLA WJ . 1.59 -2.93 -24.46
NB CLA WJ . 6.52 0.72 -29.54
C1B CLA WJ . 5.51 1.51 -29.11
C2B CLA WJ . 5.98 2.90 -28.90
C3B CLA WJ . 7.32 2.91 -29.24
C4B CLA WJ . 7.67 1.54 -29.68
CMB CLA WJ . 5.07 3.95 -28.44
CAB CLA WJ . 8.31 3.95 -29.25
CBB CLA WJ . 8.43 5.00 -28.43
NC CLA WJ . 8.43 -1.29 -30.49
C1C CLA WJ . 9.26 -0.20 -30.46
C2C CLA WJ . 10.61 -0.61 -30.82
C3C CLA WJ . 10.56 -1.98 -31.06
C4C CLA WJ . 9.17 -2.41 -30.84
CMC CLA WJ . 11.77 0.29 -30.87
CAC CLA WJ . 11.73 -2.81 -31.39
CBC CLA WJ . 11.74 -3.53 -32.70
ND CLA WJ . 6.38 -3.23 -30.29
C1D CLA WJ . 7.39 -4.12 -30.71
C2D CLA WJ . 6.82 -5.49 -30.77
C3D CLA WJ . 5.54 -5.39 -30.26
C4D CLA WJ . 5.33 -3.97 -29.97
CMD CLA WJ . 7.56 -6.65 -31.24
CAD CLA WJ . 4.31 -6.09 -29.95
OBD CLA WJ . 3.99 -7.25 -30.12
CBD CLA WJ . 3.33 -5.05 -29.34
CGD CLA WJ . 2.09 -5.01 -30.17
O1D CLA WJ . 2.03 -4.72 -31.36
O2D CLA WJ . 0.94 -5.36 -29.55
CED CLA WJ . -0.15 -5.73 -30.41
MG CLA XJ . 4.56 -9.76 -44.88
CHA CLA XJ . 1.85 -8.02 -46.12
CHB CLA XJ . 3.58 -12.49 -46.65
CHC CLA XJ . 7.53 -11.26 -44.08
CHD CLA XJ . 5.60 -6.83 -43.27
NA CLA XJ . 2.92 -10.20 -46.06
C1A CLA XJ . 1.93 -9.32 -46.53
C2A CLA XJ . 0.95 -10.04 -47.43
C3A CLA XJ . 1.32 -11.52 -47.22
C4A CLA XJ . 2.72 -11.43 -46.61
CMA CLA XJ . 0.36 -12.09 -46.25
CAA CLA XJ . 1.11 -9.64 -48.89
CBA CLA XJ . 2.53 -9.41 -49.37
CGA CLA XJ . 3.09 -10.73 -49.84
O1A CLA XJ . 2.48 -11.62 -50.43
O2A CLA XJ . 4.41 -10.95 -49.54
NB CLA XJ . 5.43 -11.51 -45.34
C1B CLA XJ . 4.86 -12.50 -46.06
C2B CLA XJ . 5.73 -13.70 -46.05
C3B CLA XJ . 6.84 -13.37 -45.33
C4B CLA XJ . 6.66 -11.98 -44.85
CMB CLA XJ . 5.36 -14.94 -46.72
CAB CLA XJ . 7.99 -14.15 -44.98
CBB CLA XJ . 8.81 -14.77 -45.84
NC CLA XJ . 6.24 -9.18 -43.78
C1C CLA XJ . 7.34 -9.95 -43.58
C2C CLA XJ . 8.31 -9.20 -42.79
C3C CLA XJ . 7.78 -7.94 -42.59
C4C CLA XJ . 6.48 -7.93 -43.24
CMC CLA XJ . 9.61 -9.70 -42.36
CAC CLA XJ . 8.40 -6.81 -41.87
CBC CLA XJ . 9.31 -5.99 -42.77
ND CLA XJ . 3.77 -7.95 -44.45
C1D CLA XJ . 4.35 -6.82 -43.81
C2D CLA XJ . 3.41 -5.69 -43.92
C3D CLA XJ . 2.44 -6.10 -44.80
C4D CLA XJ . 2.75 -7.48 -45.15
CMD CLA XJ . 3.60 -4.39 -43.27
CAD CLA XJ . 1.21 -5.75 -45.49
OBD CLA XJ . 0.51 -4.77 -45.42
CBD CLA XJ . 0.88 -6.92 -46.45
CGD CLA XJ . -0.53 -7.35 -46.26
O1D CLA XJ . -0.93 -8.29 -45.58
O2D CLA XJ . -1.45 -6.60 -46.92
CED CLA XJ . -2.80 -6.68 -46.46
C1 CLA XJ . 5.05 -12.00 -50.28
C2 CLA XJ . 6.33 -12.37 -49.64
C3 CLA XJ . 7.31 -13.01 -50.29
C4 CLA XJ . 7.17 -13.40 -51.72
C5 CLA XJ . 8.59 -13.36 -49.62
C6 CLA XJ . 9.59 -12.22 -49.52
C7 CLA XJ . 10.57 -12.24 -50.67
C8 CLA XJ . 12.06 -12.22 -50.32
C9 CLA XJ . 12.69 -13.57 -50.63
C10 CLA XJ . 12.37 -11.84 -48.89
C11 CLA XJ . 13.85 -11.56 -48.75
C12 CLA XJ . 14.18 -10.76 -47.50
C13 CLA XJ . 15.45 -9.97 -47.70
C14 CLA XJ . 16.66 -10.85 -47.50
C15 CLA XJ . 15.51 -8.76 -46.76
C16 CLA XJ . 14.55 -7.67 -47.19
C17 CLA XJ . 14.23 -6.71 -46.05
C18 CLA XJ . 13.33 -5.57 -46.48
C19 CLA XJ . 13.00 -4.65 -45.32
C20 CLA XJ . 13.98 -4.76 -47.59
MG CLA YJ . 6.41 -27.67 -43.03
CHA CLA YJ . 5.19 -25.14 -45.06
CHB CLA YJ . 4.53 -29.95 -44.70
CHC CLA YJ . 7.86 -30.15 -41.17
CHD CLA YJ . 8.47 -25.29 -41.41
NA CLA YJ . 5.06 -27.53 -44.59
C1A CLA YJ . 4.69 -26.39 -45.32
C2A CLA YJ . 3.68 -26.76 -46.41
C3A CLA YJ . 3.31 -28.22 -46.07
C4A CLA YJ . 4.38 -28.62 -45.07
CMA CLA YJ . 1.93 -28.33 -45.48
CAA CLA YJ . 4.30 -26.66 -47.80
CBA CLA YJ . 5.72 -27.19 -47.89
CGA CLA YJ . 6.56 -26.36 -48.80
O1A CLA YJ . 6.21 -25.70 -49.78
O2A CLA YJ . 7.90 -26.36 -48.47
NB CLA YJ . 6.13 -29.65 -42.86
C1B CLA YJ . 5.49 -30.42 -43.77
C2B CLA YJ . 5.92 -31.83 -43.69
C3B CLA YJ . 6.87 -31.88 -42.68
C4B CLA YJ . 7.00 -30.51 -42.16
CMB CLA YJ . 5.36 -32.85 -44.56
CAB CLA YJ . 7.72 -32.91 -42.12
CBB CLA YJ . 7.70 -34.23 -42.34
NC CLA YJ . 7.82 -27.69 -41.50
C1C CLA YJ . 8.23 -28.82 -40.85
C2C CLA YJ . 9.19 -28.48 -39.82
C3C CLA YJ . 9.43 -27.12 -39.94
C4C CLA YJ . 8.56 -26.63 -41.00
CMC CLA YJ . 9.82 -29.44 -38.91
CAC CLA YJ . 10.33 -26.30 -39.13
CBC CLA YJ . 9.59 -25.79 -37.93
ND CLA YJ . 6.78 -25.69 -43.14
C1D CLA YJ . 7.65 -24.83 -42.41
C2D CLA YJ . 7.49 -23.46 -42.91
C3D CLA YJ . 6.54 -23.52 -43.90
C4D CLA YJ . 6.14 -24.92 -44.01
CMD CLA YJ . 8.24 -22.30 -42.44
CAD CLA YJ . 5.83 -22.76 -44.90
OBD CLA YJ . 5.88 -21.57 -45.16
CBD CLA YJ . 4.91 -23.78 -45.65
CGD CLA YJ . 3.48 -23.39 -45.54
O1D CLA YJ . 2.80 -23.25 -44.52
O2D CLA YJ . 2.89 -23.17 -46.74
CED CLA YJ . 1.46 -23.02 -46.77
C1 CLA YJ . 8.84 -26.17 -49.55
C2 CLA YJ . 9.97 -25.35 -49.02
C3 CLA YJ . 11.06 -25.89 -48.45
C5 CLA YJ . 12.18 -25.06 -47.94
C6 CLA YJ . 12.51 -23.86 -48.80
C7 CLA YJ . 12.62 -22.59 -47.98
C8 CLA YJ . 14.04 -22.07 -47.82
C9 CLA YJ . 14.63 -22.62 -46.53
C10 CLA YJ . 14.04 -20.54 -47.85
C11 CLA YJ . 15.29 -19.89 -47.30
C12 CLA YJ . 16.40 -19.82 -48.33
C13 CLA YJ . 16.78 -18.40 -48.73
C14 CLA YJ . 17.03 -17.52 -47.53
C15 CLA YJ . 15.74 -17.76 -49.65
MG CLA ZJ . 11.48 -19.75 -45.38
CHA CLA ZJ . 8.88 -20.42 -47.54
CHB CLA ZJ . 11.79 -16.66 -46.76
CHC CLA ZJ . 14.39 -19.30 -43.61
CHD CLA ZJ . 11.35 -23.08 -44.26
NA CLA ZJ . 10.40 -18.70 -46.82
C1A CLA ZJ . 9.36 -19.14 -47.63
C2A CLA ZJ . 8.89 -18.05 -48.60
C3A CLA ZJ . 9.81 -16.87 -48.26
C4A CLA ZJ . 10.73 -17.42 -47.19
CMA CLA ZJ . 10.66 -16.47 -49.44
CAA CLA ZJ . 7.44 -17.61 -48.42
CBA CLA ZJ . 6.97 -16.74 -49.57
CGA CLA ZJ . 7.09 -17.44 -50.89
O1A CLA ZJ . 6.29 -18.19 -51.43
O2A CLA ZJ . 8.23 -17.17 -51.57
NB CLA ZJ . 12.79 -18.24 -45.16
C1B CLA ZJ . 12.76 -17.07 -45.84
C2B CLA ZJ . 13.96 -16.26 -45.55
C3B CLA ZJ . 14.72 -16.97 -44.67
C4B CLA ZJ . 13.99 -18.25 -44.40
CMB CLA ZJ . 14.21 -14.96 -46.19
CAB CLA ZJ . 16.00 -16.53 -44.15
CBB CLA ZJ . 16.66 -16.85 -43.04
NC CLA ZJ . 12.57 -20.93 -44.06
C1C CLA ZJ . 13.72 -20.54 -43.43
C2C CLA ZJ . 14.24 -21.65 -42.64
C3C CLA ZJ . 13.39 -22.73 -42.83
C4C CLA ZJ . 12.35 -22.27 -43.73
CMC CLA ZJ . 15.47 -21.62 -41.87
CAC CLA ZJ . 13.50 -24.07 -42.28
ND CLA ZJ . 10.26 -21.34 -45.60
C1D CLA ZJ . 10.38 -22.68 -45.16
C2D CLA ZJ . 9.36 -23.50 -45.80
C3D CLA ZJ . 8.74 -22.68 -46.70
C4D CLA ZJ . 9.37 -21.36 -46.57
CMD CLA ZJ . 9.16 -24.92 -45.53
CAD CLA ZJ . 7.72 -22.58 -47.70
OBD CLA ZJ . 6.87 -23.37 -48.06
CBD CLA ZJ . 7.89 -21.19 -48.36
CGD CLA ZJ . 8.40 -21.41 -49.76
O1D CLA ZJ . 9.54 -21.29 -50.18
O2D CLA ZJ . 7.42 -21.78 -50.62
CED CLA ZJ . 7.50 -21.26 -51.93
MG CLA AK . 19.91 -24.43 -31.14
CHA CLA AK . 23.06 -25.67 -30.37
CHB CLA AK . 20.27 -25.46 -34.35
CHC CLA AK . 16.71 -23.36 -31.81
CHD CLA AK . 19.54 -23.40 -27.79
NA CLA AK . 21.44 -25.39 -32.18
C1A CLA AK . 22.67 -25.85 -31.68
C2A CLA AK . 23.47 -26.54 -32.79
C3A CLA AK . 22.58 -26.41 -34.03
C4A CLA AK . 21.32 -25.71 -33.50
CMA CLA AK . 23.27 -25.70 -35.16
CAA CLA AK . 23.65 -28.03 -32.53
CBA CLA AK . 22.36 -28.81 -32.39
CGA CLA AK . 21.95 -28.95 -30.96
O1A CLA AK . 22.67 -29.04 -29.97
O2A CLA AK . 20.60 -28.98 -30.78
NB CLA AK . 18.74 -24.36 -32.78
C1B CLA AK . 19.06 -24.87 -33.99
C2B CLA AK . 17.91 -24.73 -34.92
C3B CLA AK . 16.90 -24.14 -34.21
C4B CLA AK . 17.41 -23.90 -32.84
CMB CLA AK . 17.94 -25.18 -36.31
CAB CLA AK . 15.57 -23.80 -34.63
CBB CLA AK . 15.13 -22.57 -34.88
NC CLA AK . 18.41 -23.54 -30.00
C1C CLA AK . 17.18 -23.20 -30.47
C2C CLA AK . 16.37 -22.65 -29.40
C3C CLA AK . 17.17 -22.64 -28.26
C4C CLA AK . 18.46 -23.20 -28.65
CMC CLA AK . 14.99 -22.18 -29.53
CAC CLA AK . 16.78 -22.19 -26.92
CBC CLA AK . 16.18 -23.30 -26.10
ND CLA AK . 20.99 -24.50 -29.45
C1D CLA AK . 20.73 -23.99 -28.14
C2D CLA AK . 21.92 -24.25 -27.30
C3D CLA AK . 22.84 -24.90 -28.10
C4D CLA AK . 22.21 -25.03 -29.42
CMD CLA AK . 22.03 -23.86 -25.91
CAD CLA AK . 24.15 -25.49 -28.17
OBD CLA AK . 25.00 -25.61 -27.30
CBD CLA AK . 24.33 -25.99 -29.63
CGD CLA AK . 25.53 -25.35 -30.28
O1D CLA AK . 25.87 -24.17 -30.22
O2D CLA AK . 26.28 -26.22 -31.00
CED CLA AK . 27.63 -25.85 -31.29
C1 CLA AK . 19.97 -28.00 -29.92
C2 CLA AK . 18.53 -28.15 -30.23
C3 CLA AK . 17.51 -27.53 -29.61
C4 CLA AK . 17.71 -26.60 -28.50
C5 CLA AK . 16.11 -27.78 -30.03
C6 CLA AK . 15.68 -26.92 -31.21
C7 CLA AK . 14.49 -26.07 -30.82
C8 CLA AK . 13.28 -26.91 -30.45
C9 CLA AK . 12.70 -27.57 -31.68
C10 CLA AK . 12.23 -26.12 -29.67
C11 CLA AK . 11.29 -25.33 -30.56
C12 CLA AK . 10.14 -24.71 -29.78
C13 CLA AK . 9.06 -25.74 -29.45
C14 CLA AK . 8.57 -26.46 -30.68
C15 CLA AK . 7.88 -25.06 -28.75
C16 CLA AK . 8.28 -24.48 -27.42
C17 CLA AK . 7.69 -25.29 -26.27
C18 CLA AK . 6.98 -24.43 -25.25
C19 CLA AK . 5.98 -23.52 -25.90
C20 CLA AK . 6.26 -25.31 -24.24
MG CLA BK . 22.03 -32.27 -36.43
CHA CLA BK . 20.70 -33.04 -33.35
CHB CLA BK . 23.54 -35.30 -36.56
CHC CLA BK . 23.17 -31.51 -39.57
CHD CLA BK . 20.34 -29.15 -36.32
NA CLA BK . 22.12 -33.89 -35.13
C1A CLA BK . 21.48 -34.03 -33.89
C2A CLA BK . 21.81 -35.38 -33.26
C3A CLA BK . 22.84 -35.99 -34.24
C4A CLA BK . 22.84 -35.01 -35.41
CMA CLA BK . 24.18 -36.16 -33.59
CAA CLA BK . 20.62 -36.31 -33.19
CBA CLA BK . 19.70 -36.22 -34.40
NB CLA BK . 23.22 -33.18 -37.76
C1B CLA BK . 23.63 -34.47 -37.68
C2B CLA BK . 24.19 -34.92 -38.98
C3B CLA BK . 24.09 -33.86 -39.83
C4B CLA BK . 23.47 -32.74 -39.08
CMB CLA BK . 24.69 -36.27 -39.20
CAB CLA BK . 24.46 -33.75 -41.21
CBB CLA BK . 25.72 -33.69 -41.65
NC CLA BK . 21.83 -30.60 -37.68
C1C CLA BK . 22.42 -30.50 -38.91
C2C CLA BK . 22.10 -29.20 -39.50
C3C CLA BK . 21.26 -28.55 -38.60
C4C CLA BK . 21.10 -29.43 -37.46
CMC CLA BK . 22.57 -28.74 -40.80
CAC CLA BK . 20.68 -27.21 -38.73
CBC CLA BK . 19.26 -27.24 -39.25
ND CLA BK . 20.78 -31.28 -35.19
C1D CLA BK . 20.17 -30.00 -35.26
C2D CLA BK . 19.39 -29.79 -34.03
C3D CLA BK . 19.58 -30.90 -33.24
C4D CLA BK . 20.45 -31.80 -34.01
CMD CLA BK . 18.60 -28.58 -33.76
CAD CLA BK . 19.26 -31.58 -32.00
OBD CLA BK . 18.57 -31.20 -31.07
CBD CLA BK . 20.00 -32.94 -32.01
CGD CLA BK . 21.05 -33.02 -30.96
O1D CLA BK . 22.26 -32.91 -31.13
O2D CLA BK . 20.61 -33.25 -29.71
CED CLA BK . 21.31 -34.25 -28.96
MG CLA CK . 27.41 -3.36 -48.45
CHA CLA CK . 27.72 -6.80 -48.71
CHB CLA CK . 30.80 -3.05 -48.38
CHC CLA CK . 27.05 0.06 -48.44
CHD CLA CK . 23.89 -3.71 -48.50
NA CLA CK . 28.98 -4.73 -48.49
C1A CLA CK . 28.91 -6.13 -48.64
C2A CLA CK . 30.32 -6.74 -48.63
C3A CLA CK . 31.24 -5.52 -48.32
C4A CLA CK . 30.28 -4.33 -48.41
CMA CLA CK . 31.88 -5.64 -46.97
CAA CLA CK . 30.73 -7.34 -49.96
CBA CLA CK . 30.21 -6.56 -51.15
NB CLA CK . 28.68 -1.79 -48.41
C1B CLA CK . 30.03 -1.87 -48.43
C2B CLA CK . 30.62 -0.50 -48.49
C3B CLA CK . 29.56 0.38 -48.51
C4B CLA CK . 28.32 -0.43 -48.45
CMB CLA CK . 32.06 -0.26 -48.51
CAB CLA CK . 29.55 1.81 -48.56
NC CLA CK . 25.77 -2.07 -48.43
C1C CLA CK . 25.85 -0.70 -48.41
C2C CLA CK . 24.51 -0.13 -48.41
C3C CLA CK . 23.62 -1.19 -48.45
C4C CLA CK . 24.41 -2.41 -48.45
CMC CLA CK . 24.23 1.31 -48.41
CAC CLA CK . 22.14 -1.10 -48.47
ND CLA CK . 26.07 -4.86 -48.50
C1D CLA CK . 24.65 -4.86 -48.54
C2D CLA CK . 24.17 -6.27 -48.60
C3D CLA CK . 25.31 -7.05 -48.68
C4D CLA CK . 26.46 -6.13 -48.63
CMD CLA CK . 22.77 -6.67 -48.61
CAD CLA CK . 25.83 -8.40 -48.74
OBD CLA CK . 25.23 -9.46 -48.73
CBD CLA CK . 27.38 -8.27 -48.84
CGD CLA CK . 28.08 -9.10 -47.79
O2D CLA CK . 27.83 -10.43 -47.86
CED CLA CK . 27.34 -11.08 -46.69
MG CLA DK . 18.81 -27.51 -19.28
CHA CLA DK . 19.16 -24.44 -20.89
CHB CLA DK . 19.41 -26.02 -16.31
CHC CLA DK . 18.12 -30.49 -17.73
CHD CLA DK . 18.08 -28.99 -22.39
NA CLA DK . 19.29 -25.56 -18.73
C1A CLA DK . 19.36 -24.41 -19.53
C2A CLA DK . 19.73 -23.18 -18.69
C3A CLA DK . 20.05 -23.79 -17.31
C4A CLA DK . 19.55 -25.22 -17.43
CMA CLA DK . 21.52 -23.74 -17.02
CAA CLA DK . 18.57 -22.20 -18.56
CBA CLA DK . 19.05 -20.90 -17.95
CGA CLA DK . 18.15 -19.77 -18.35
O1A CLA DK . 16.94 -19.62 -18.10
O2A CLA DK . 18.80 -18.80 -19.06
NB CLA DK . 18.78 -28.13 -17.38
C1B CLA DK . 18.99 -27.35 -16.29
C2B CLA DK . 18.70 -28.12 -15.04
C3B CLA DK . 18.33 -29.39 -15.44
C4B CLA DK . 18.39 -29.42 -16.93
CMB CLA DK . 18.86 -27.56 -13.71
CAB CLA DK . 17.98 -30.54 -14.65
NC CLA DK . 18.29 -29.42 -19.95
C1C CLA DK . 18.09 -30.50 -19.15
C2C CLA DK . 17.76 -31.66 -19.95
C3C CLA DK . 17.69 -31.23 -21.28
C4C CLA DK . 18.02 -29.81 -21.26
CMC CLA DK . 17.52 -33.01 -19.42
CAC CLA DK . 17.39 -32.03 -22.47
ND CLA DK . 18.82 -26.96 -21.23
C1D CLA DK . 18.44 -27.66 -22.39
C2D CLA DK . 18.50 -26.74 -23.54
C3D CLA DK . 18.77 -25.50 -23.02
C4D CLA DK . 18.93 -25.67 -21.57
CMD CLA DK . 18.26 -27.13 -24.92
CAD CLA DK . 19.01 -24.11 -23.33
OBD CLA DK . 19.08 -23.56 -24.42
CBD CLA DK . 19.14 -23.37 -21.97
CGD CLA DK . 20.33 -22.44 -21.92
O1D CLA DK . 20.50 -21.46 -21.21
O2D CLA DK . 21.31 -22.77 -22.79
CED CLA DK . 22.44 -23.41 -22.22
C1 LUT EK . 21.02 -21.96 -38.02
C2 LUT EK . 22.32 -22.32 -37.31
C3 LUT EK . 22.38 -22.19 -35.80
C4 LUT EK . 21.51 -21.05 -35.31
C5 LUT EK . 20.12 -21.31 -35.79
C6 LUT EK . 19.90 -21.55 -37.09
C7 LUT EK . 18.52 -21.44 -37.60
C8 LUT EK . 18.00 -20.28 -37.99
C9 LUT EK . 16.62 -20.22 -38.50
C10 LUT EK . 16.24 -19.11 -39.13
C11 LUT EK . 14.94 -18.85 -39.71
C12 LUT EK . 14.79 -17.63 -40.21
C13 LUT EK . 13.61 -17.11 -40.90
C14 LUT EK . 13.74 -15.91 -41.46
C15 LUT EK . 12.66 -15.31 -42.23
C16 LUT EK . 20.55 -23.19 -38.79
C17 LUT EK . 21.34 -20.86 -39.03
C18 LUT EK . 19.02 -21.32 -34.78
C19 LUT EK . 15.69 -21.36 -38.24
C20 LUT EK . 12.34 -17.88 -41.01
O3 LUT EK . 23.73 -21.95 -35.39
C21 LUT EK . 7.02 -7.91 -50.63
C22 LUT EK . 5.76 -7.54 -51.36
C23 LUT EK . 5.23 -6.21 -50.89
C24 LUT EK . 4.94 -6.30 -49.42
C25 LUT EK . 5.73 -7.03 -48.61
C26 LUT EK . 6.70 -8.06 -49.13
C27 LUT EK . 7.96 -8.02 -48.33
C28 LUT EK . 8.32 -9.13 -47.70
C29 LUT EK . 9.54 -9.20 -46.90
C30 LUT EK . 9.85 -10.41 -46.45
C31 LUT EK . 11.01 -10.70 -45.64
C32 LUT EK . 10.96 -11.88 -45.05
C33 LUT EK . 12.05 -12.38 -44.22
C34 LUT EK . 11.91 -13.60 -43.71
C35 LUT EK . 12.94 -14.21 -42.90
C36 LUT EK . 8.12 -6.89 -50.90
C37 LUT EK . 7.48 -9.24 -51.20
C38 LUT EK . 5.62 -6.80 -47.13
C39 LUT EK . 10.38 -8.00 -46.64
C40 LUT EK . 13.25 -11.54 -43.95
O23 LUT EK . 4.02 -5.92 -51.58
C1 XAT FK . 20.46 -6.92 -33.14
C2 XAT FK . 21.77 -6.35 -33.65
C3 XAT FK . 22.48 -7.36 -34.52
C4 XAT FK . 21.69 -7.37 -35.81
C5 XAT FK . 20.31 -7.98 -35.56
C6 XAT FK . 19.67 -7.73 -34.18
C7 XAT FK . 18.16 -7.52 -34.22
C8 XAT FK . 17.44 -8.50 -33.68
C9 XAT FK . 15.97 -8.51 -33.56
C10 XAT FK . 15.40 -9.63 -33.12
C11 XAT FK . 13.97 -9.78 -32.90
C12 XAT FK . 13.63 -10.89 -32.24
C13 XAT FK . 12.25 -11.22 -31.85
C14 XAT FK . 12.07 -12.35 -31.16
C15 XAT FK . 10.76 -12.75 -30.67
C16 XAT FK . 19.62 -5.79 -32.58
C17 XAT FK . 20.77 -7.86 -31.99
C18 XAT FK . 19.34 -7.96 -36.74
C19 XAT FK . 15.16 -7.29 -33.86
C20 XAT FK . 11.12 -10.30 -32.16
O3 XAT FK . 23.82 -6.95 -34.77
O4 XAT FK . 20.19 -9.00 -34.56
C21 XAT FK . 2.31 -20.28 -24.25
C22 XAT FK . 0.96 -20.96 -24.11
C23 XAT FK . -0.13 -19.95 -24.40
C24 XAT FK . -0.11 -19.79 -25.89
C25 XAT FK . 1.18 -19.13 -26.36
C26 XAT FK . 2.45 -19.41 -25.52
C27 XAT FK . 3.75 -19.55 -26.33
C28 XAT FK . 4.55 -18.51 -26.27
C29 XAT FK . 5.86 -18.40 -26.93
C30 XAT FK . 6.39 -17.18 -27.02
C31 XAT FK . 7.70 -16.93 -27.63
C32 XAT FK . 7.92 -15.78 -28.24
C33 XAT FK . 9.23 -15.46 -28.82
C34 XAT FK . 9.40 -14.25 -29.37
C35 XAT FK . 10.68 -13.84 -29.92
C36 XAT FK . 3.40 -21.34 -24.18
C37 XAT FK . 2.49 -19.35 -23.05
C38 XAT FK . 1.43 -19.14 -27.86
C39 XAT FK . 6.57 -19.61 -27.45
C40 XAT FK . 10.32 -16.47 -28.79
O23 XAT FK . -1.41 -20.45 -24.01
O24 XAT FK . 1.81 -18.15 -25.55
C1 BCR GK . 2.01 16.16 -39.28
C2 BCR GK . 1.09 16.30 -38.09
C3 BCR GK . 1.63 17.25 -37.04
C4 BCR GK . 2.97 16.74 -36.57
C5 BCR GK . 3.88 16.68 -37.77
C6 BCR GK . 3.46 16.07 -38.87
C7 BCR GK . 4.43 15.34 -39.72
C8 BCR GK . 4.97 14.20 -39.29
C9 BCR GK . 5.94 13.43 -40.08
C10 BCR GK . 6.26 12.22 -39.64
C11 BCR GK . 7.20 11.34 -40.30
C33 BCR GK . 5.21 17.37 -37.69
C31 BCR GK . 1.85 17.39 -40.17
C32 BCR GK . 1.60 14.94 -40.09
C34 BCR GK . 6.52 13.97 -41.35
C12 BCR GK . 7.19 10.08 -39.93
C13 BCR GK . 8.12 9.10 -40.50
C14 BCR GK . 8.31 7.97 -39.83
C15 BCR GK . 9.24 6.94 -40.30
C16 BCR GK . 9.34 5.82 -39.61
C17 BCR GK . 10.30 4.82 -40.07
C18 BCR GK . 10.58 3.73 -39.35
C19 BCR GK . 11.62 2.83 -39.85
C20 BCR GK . 11.79 1.56 -39.46
C21 BCR GK . 12.93 0.93 -40.11
C22 BCR GK . 13.49 -0.21 -39.72
C23 BCR GK . 14.67 -0.65 -40.47
C24 BCR GK . 15.28 -1.81 -40.22
C25 BCR GK . 16.48 -2.20 -40.98
C26 BCR GK . 17.67 -1.74 -40.60
C27 BCR GK . 18.80 -1.73 -41.59
C28 BCR GK . 18.94 -3.17 -42.03
C29 BCR GK . 17.67 -3.66 -42.71
C30 BCR GK . 16.34 -3.15 -42.16
C35 BCR GK . 8.82 9.38 -41.79
C36 BCR GK . 9.92 3.49 -38.03
C37 BCR GK . 12.98 -1.02 -38.58
C38 BCR GK . 17.94 -1.26 -39.20
C39 BCR GK . 15.50 -4.33 -41.69
C40 BCR GK . 15.60 -2.51 -43.33
O1 LHG HK . -0.68 -30.36 -43.27
C1 LHG HK . 0.28 -31.32 -42.88
C2 LHG HK . 1.45 -30.62 -42.23
O2 LHG HK . 1.92 -31.34 -41.12
C3 LHG HK . 1.10 -29.26 -41.70
O3 LHG HK . 2.22 -29.07 -40.84
P LHG HK . 3.30 -27.94 -41.16
O4 LHG HK . 4.43 -28.59 -41.86
O5 LHG HK . 2.48 -26.75 -41.44
O6 LHG HK . 3.87 -27.83 -39.61
C4 LHG HK . 3.86 -26.61 -38.97
C5 LHG HK . 5.32 -26.33 -38.70
C6 LHG HK . 5.65 -24.86 -38.92
O7 LHG HK . 5.54 -26.61 -37.35
C7 LHG HK . 5.88 -27.89 -37.07
O9 LHG HK . 6.16 -28.70 -37.93
C8 LHG HK . 5.47 -28.21 -35.70
C9 LHG HK . 6.51 -29.00 -34.98
C10 LHG HK . 5.92 -29.51 -33.69
O8 LHG HK . 5.14 -24.21 -37.75
C23 LHG HK . 6.03 -23.50 -37.01
O10 LHG HK . 7.00 -23.06 -37.58
C24 LHG HK . 6.19 -23.85 -35.57
C11 LHG HK . 6.88 -30.60 -33.31
C12 LHG HK . 8.07 -29.97 -32.66
C13 LHG HK . 9.27 -30.87 -32.91
C14 LHG HK . 9.65 -30.93 -34.36
C15 LHG HK . 10.11 -32.34 -34.60
C25 LHG HK . 7.60 -24.17 -35.17
C26 LHG HK . 7.89 -25.54 -34.57
C27 LHG HK . 9.39 -25.54 -34.39
C28 LHG HK . 10.12 -26.81 -34.74
C29 LHG HK . 11.49 -26.38 -35.24
C30 LHG HK . 12.52 -27.48 -35.46
C31 LHG HK . 13.76 -27.10 -36.24
C32 LHG HK . 13.78 -27.54 -37.69
C33 LHG HK . 14.63 -26.56 -38.45
C1 BCR IK . 24.72 10.11 -39.85
C2 BCR IK . 25.79 9.88 -38.81
C3 BCR IK . 25.30 10.26 -37.42
C4 BCR IK . 23.98 9.60 -37.01
C5 BCR IK . 23.25 9.00 -38.18
C6 BCR IK . 23.44 9.40 -39.45
C7 BCR IK . 22.42 9.12 -40.47
C8 BCR IK . 21.38 9.93 -40.65
C9 BCR IK . 20.34 9.67 -41.67
C10 BCR IK . 19.47 10.65 -41.92
C11 BCR IK . 18.39 10.51 -42.90
C33 BCR IK . 22.30 7.88 -37.89
C31 BCR IK . 25.19 9.56 -41.18
C32 BCR IK . 24.47 11.60 -40.04
C34 BCR IK . 20.27 8.36 -42.39
C12 BCR IK . 17.65 11.57 -43.15
C13 BCR IK . 16.54 11.52 -44.13
C14 BCR IK . 15.88 12.66 -44.38
C15 BCR IK . 14.77 12.69 -45.32
C16 BCR IK . 14.18 13.84 -45.60
C17 BCR IK . 13.05 13.82 -46.53
C18 BCR IK . 12.31 14.91 -46.77
C19 BCR IK . 11.19 14.79 -47.70
C20 BCR IK . 10.18 15.65 -47.68
C21 BCR IK . 9.09 15.48 -48.63
C22 BCR IK . 8.05 16.33 -48.66
C23 BCR IK . 6.96 16.10 -49.64
C24 BCR IK . 5.92 16.95 -49.69
C25 BCR IK . 4.80 16.77 -50.65
C26 BCR IK . 3.91 15.77 -50.48
C27 BCR IK . 3.21 15.16 -51.66
C28 BCR IK . 2.78 16.26 -52.61
C29 BCR IK . 3.98 17.10 -52.99
C30 BCR IK . 4.62 17.76 -51.78
C35 BCR IK . 16.16 10.24 -44.80
C36 BCR IK . 12.61 16.21 -46.07
C37 BCR IK . 7.97 17.49 -47.72
C38 BCR IK . 3.56 15.25 -49.11
C39 BCR IK . 3.74 18.90 -51.29
C40 BCR IK . 5.97 18.33 -52.21
C1 LMG JK . 29.81 -0.23 -43.34
O1 LMG JK . 28.48 -0.64 -43.61
C2 LMG JK . 30.69 -0.94 -44.40
O2 LMG JK . 30.67 -2.29 -44.05
C3 LMG JK . 32.14 -0.40 -44.16
O3 LMG JK . 32.93 -0.97 -45.17
C4 LMG JK . 32.15 1.15 -44.31
O4 LMG JK . 31.76 1.48 -45.61
C5 LMG JK . 31.09 1.74 -43.32
O5 LMG JK . 30.00 3.71 -42.68
C6 LMG JK . 31.00 3.27 -43.54
O6 LMG JK . 29.82 1.19 -43.56
C7 LMG JK . 27.85 0.01 -44.69
C8 LMG JK . 26.53 0.56 -44.11
C9 LMG JK . 25.67 -0.62 -43.67
O7 LMG JK . 26.85 1.26 -42.91
C10 LMG JK . 26.93 2.62 -42.94
O9 LMG JK . 27.12 3.19 -44.01
C11 LMG JK . 26.49 3.26 -41.66
C12 LMG JK . 26.78 4.74 -41.70
C13 LMG JK . 25.62 5.58 -41.18
C14 LMG JK . 24.63 5.74 -42.32
C15 LMG JK . 25.24 6.61 -43.40
C16 LMG JK . 24.15 7.38 -44.11
C17 LMG JK . 24.80 8.55 -44.82
C18 LMG JK . 23.71 9.27 -45.60
C19 LMG JK . 22.82 9.98 -44.62
C20 LMG JK . 22.75 11.41 -45.04
C21 LMG JK . 22.91 12.27 -43.81
C22 LMG JK . 22.37 13.62 -44.18
C23 LMG JK . 21.00 13.72 -43.58
C24 LMG JK . 20.69 15.19 -43.57
C25 LMG JK . 19.39 15.37 -42.84
C26 LMG JK . 18.84 16.71 -43.24
C27 LMG JK . 18.20 16.59 -44.60
O8 LMG JK . 24.50 -0.58 -44.47
C28 LMG JK . 23.48 -1.38 -44.07
O10 LMG JK . 23.20 -1.45 -42.88
C29 LMG JK . 23.06 -2.36 -45.09
C30 LMG JK . 21.74 -3.00 -44.70
C31 LMG JK . 21.13 -3.60 -45.93
C32 LMG JK . 19.63 -3.41 -45.83
C33 LMG JK . 19.01 -4.76 -46.00
C34 LMG JK . 17.54 -4.57 -46.32
MG CLA KK . -0.57 15.21 -32.47
CHA CLA KK . 0.23 12.11 -33.83
CHB CLA KK . 0.82 14.28 -29.51
CHC CLA KK . -1.21 18.35 -31.24
CHD CLA KK . -1.89 16.19 -35.59
NA CLA KK . 0.36 13.45 -31.80
C1A CLA KK . 0.61 12.28 -32.52
C2A CLA KK . 1.33 11.26 -31.62
C3A CLA KK . 1.40 11.96 -30.25
C4A CLA KK . 0.82 13.34 -30.53
CMA CLA KK . 0.66 11.24 -29.16
CAA CLA KK . 2.75 11.03 -32.10
CBA CLA KK . 3.40 9.94 -31.29
CGA CLA KK . 4.89 10.15 -31.23
O1A CLA KK . 5.69 9.72 -30.40
O2A CLA KK . 5.36 10.91 -32.24
NB CLA KK . -0.31 16.11 -30.71
C1B CLA KK . 0.32 15.58 -29.63
C2B CLA KK . 0.43 16.60 -28.55
C3B CLA KK . -0.14 17.75 -29.04
C4B CLA KK . -0.60 17.46 -30.42
CMB CLA KK . 1.07 16.32 -27.27
CAB CLA KK . -0.27 19.04 -28.45
CBB CLA KK . -1.07 19.32 -27.41
NC CLA KK . -1.42 16.93 -33.27
C1C CLA KK . -1.59 18.10 -32.59
C2C CLA KK . -2.22 19.09 -33.45
C3C CLA KK . -2.40 18.49 -34.69
C4C CLA KK . -1.89 17.14 -34.57
CMC CLA KK . -2.54 20.44 -33.03
CAC CLA KK . -2.99 19.10 -35.89
CBC CLA KK . -4.46 18.80 -36.05
ND CLA KK . -0.82 14.40 -34.30
C1D CLA KK . -1.38 14.91 -35.49
C2D CLA KK . -1.36 13.86 -36.52
C3D CLA KK . -0.76 12.76 -35.93
C4D CLA KK . -0.43 13.15 -34.56
CMD CLA KK . -1.89 14.02 -37.85
CAD CLA KK . -0.36 11.39 -36.12
OBD CLA KK . -0.51 10.67 -37.09
CBD CLA KK . 0.34 10.95 -34.80
CGD CLA KK . -0.17 9.66 -34.24
O1D CLA KK . 0.45 8.85 -33.55
O2D CLA KK . -1.46 9.39 -34.52
CED CLA KK . -1.93 8.05 -34.29
C1 CLA KK . 6.68 10.58 -32.70
C2 CLA KK . 7.60 11.69 -32.37
C3 CLA KK . 8.07 12.55 -33.30
C4 CLA KK . 7.69 12.45 -34.72
C5 CLA KK . 9.00 13.65 -32.94
C6 CLA KK . 8.58 15.01 -33.43
C7 CLA KK . 9.74 15.77 -34.05
C8 CLA KK . 10.71 16.43 -33.06
C9 CLA KK . 10.00 17.04 -31.86
C10 CLA KK . 11.54 17.52 -33.74
C11 CLA KK . 12.28 17.02 -34.96
C12 CLA KK . 12.02 17.90 -36.17
C13 CLA KK . 12.91 19.14 -36.18
C14 CLA KK . 12.08 20.41 -36.08
C15 CLA KK . 13.84 19.16 -37.40
C16 CLA KK . 13.29 19.85 -38.63
C17 CLA KK . 14.26 20.88 -39.17
C18 CLA KK . 13.58 21.86 -40.14
C19 CLA KK . 12.88 22.97 -39.39
C20 CLA KK . 14.59 22.43 -41.10
MG CLA LK . -4.06 24.17 -24.17
CHA CLA LK . -6.96 22.74 -25.40
CHB CLA LK . -5.82 25.49 -21.58
CHC CLA LK . -1.14 25.41 -22.89
CHD CLA LK . -2.27 22.61 -26.76
NA CLA LK . -6.07 24.12 -23.61
C1A CLA LK . -7.12 23.44 -24.25
C2A CLA LK . -8.43 23.64 -23.48
C3A CLA LK . -8.04 24.63 -22.39
C4A CLA LK . -6.53 24.76 -22.51
CMA CLA LK . -8.73 25.91 -22.71
CAA CLA LK . -8.97 22.37 -22.83
CBA CLA LK . -7.90 21.55 -22.15
CGA CLA LK . -7.94 21.83 -20.68
O1A CLA LK . -8.93 22.00 -19.96
O2A CLA LK . -6.71 21.96 -20.12
NB CLA LK . -3.57 25.23 -22.52
C1B CLA LK . -4.43 25.70 -21.60
C2B CLA LK . -3.70 26.57 -20.63
C3B CLA LK . -2.38 26.55 -21.00
C4B CLA LK . -2.28 25.69 -22.21
CMB CLA LK . -4.36 27.25 -19.52
CAB CLA LK . -1.23 27.18 -20.41
CBB CLA LK . -0.70 26.86 -19.23
NC CLA LK . -2.08 24.07 -24.76
C1C CLA LK . -1.04 24.66 -24.10
C2C CLA LK . 0.21 24.40 -24.78
C3C CLA LK . -0.10 23.57 -25.86
C4C CLA LK . -1.54 23.36 -25.83
CMC CLA LK . 1.51 24.90 -24.37
CAC CLA LK . 0.84 23.02 -26.84
CBC CLA LK . 1.45 21.72 -26.37
ND CLA LK . -4.46 23.03 -25.79
C1D CLA LK . -3.63 22.45 -26.77
C2D CLA LK . -4.46 21.70 -27.72
C3D CLA LK . -5.76 21.82 -27.28
C4D CLA LK . -5.69 22.62 -26.04
CMD CLA LK . -3.93 21.02 -28.91
CAD CLA LK . -7.13 21.45 -27.48
OBD CLA LK . -7.65 20.79 -28.36
CBD CLA LK . -7.94 22.04 -26.29
CGD CLA LK . -8.94 23.04 -26.79
O1D CLA LK . -8.72 24.18 -27.20
O2D CLA LK . -10.22 22.62 -26.74
CED CLA LK . -11.16 23.46 -26.07
C1 CLA LK . -6.59 22.98 -19.13
C2 CLA LK . -5.14 23.13 -18.85
C3 CLA LK . -4.65 23.91 -17.87
C4 CLA LK . -5.53 24.70 -16.98
C5 CLA LK . -3.19 24.01 -17.64
C6 CLA LK . -2.66 22.85 -16.82
C7 CLA LK . -1.15 22.94 -16.74
C8 CLA LK . -0.51 21.64 -16.25
C9 CLA LK . -0.98 21.30 -14.85
C10 CLA LK . 1.00 21.76 -16.28
C11 CLA LK . 1.60 20.99 -17.43
C12 CLA LK . 3.08 21.22 -17.56
C13 CLA LK . 3.67 20.30 -18.62
C14 CLA LK . 3.58 18.85 -18.16
C15 CLA LK . 5.11 20.67 -18.95
MG CLA MK . 1.34 30.15 -15.25
CHA CLA MK . -1.74 30.63 -13.71
CHB CLA MK . 0.57 26.90 -15.81
CHC CLA MK . 4.38 29.74 -16.80
CHD CLA MK . 2.16 33.51 -14.56
NA CLA MK . -0.34 28.98 -14.83
C1A CLA MK . -1.54 29.37 -14.21
C2A CLA MK . -2.49 28.17 -14.11
C3A CLA MK . -1.69 27.00 -14.73
C4A CLA MK . -0.40 27.66 -15.17
CMA CLA MK . -1.41 25.92 -13.73
CAA CLA MK . -3.77 28.35 -14.90
CBA CLA MK . -4.90 27.53 -14.31
CGA CLA MK . -6.12 28.37 -14.10
O1A CLA MK . -6.81 28.96 -14.95
O2A CLA MK . -6.49 28.45 -12.80
NB CLA MK . 2.26 28.64 -16.21
C1B CLA MK . 1.82 27.35 -16.24
C2B CLA MK . 2.89 26.47 -16.79
C3B CLA MK . 3.96 27.28 -17.08
C4B CLA MK . 3.58 28.66 -16.70
CMB CLA MK . 2.75 25.02 -16.96
CAB CLA MK . 5.26 26.95 -17.60
NC CLA MK . 2.95 31.40 -15.63
C1C CLA MK . 4.09 31.03 -16.30
C2C CLA MK . 5.00 32.15 -16.40
C3C CLA MK . 4.39 33.22 -15.75
C4C CLA MK . 3.09 32.74 -15.28
CMC CLA MK . 6.31 32.09 -17.03
CAC CLA MK . 4.94 34.57 -15.60
CBC CLA MK . 4.50 35.49 -16.71
ND CLA MK . 0.51 31.72 -14.30
C1D CLA MK . 0.97 33.03 -14.06
C2D CLA MK . -0.04 33.76 -13.28
C3D CLA MK . -1.11 32.90 -13.14
C4D CLA MK . -0.73 31.64 -13.79
CMD CLA MK . 0.12 35.13 -12.78
CAD CLA MK . -2.42 32.71 -12.55
OBD CLA MK . -3.09 33.46 -11.86
CBD CLA MK . -2.90 31.28 -12.96
CGD CLA MK . -3.39 30.47 -11.80
O1D CLA MK . -4.57 30.34 -11.43
O2D CLA MK . -2.42 29.82 -11.11
CED CLA MK . -2.80 28.65 -10.38
MG CLA NK . 12.31 43.75 -23.84
CHA CLA NK . 15.33 45.20 -22.90
CHB CLA NK . 11.60 43.10 -20.59
CHC CLA NK . 9.28 42.44 -24.82
CHD CLA NK . 13.09 44.41 -27.21
NA CLA NK . 13.33 44.11 -22.05
C1A CLA NK . 14.57 44.73 -21.86
C2A CLA NK . 14.92 44.78 -20.36
C3A CLA NK . 13.79 43.97 -19.70
C4A CLA NK . 12.82 43.71 -20.85
CMA CLA NK . 14.31 42.69 -19.14
CAA CLA NK . 14.97 46.20 -19.80
CBA CLA NK . 13.62 46.82 -19.48
CGA CLA NK . 13.06 47.56 -20.65
O1A CLA NK . 12.58 47.12 -21.69
O2A CLA NK . 13.12 48.92 -20.52
NB CLA NK . 10.74 42.93 -22.89
C1B CLA NK . 10.63 42.77 -21.55
C2B CLA NK . 9.32 42.15 -21.21
C3B CLA NK . 8.65 41.96 -22.41
C4B CLA NK . 9.55 42.45 -23.48
CMB CLA NK . 8.94 41.85 -19.85
CAB CLA NK . 7.36 41.40 -22.70
CBB CLA NK . 6.21 41.64 -22.08
NC CLA NK . 11.38 43.47 -25.68
C1C CLA NK . 10.13 42.92 -25.85
C2C CLA NK . 9.79 42.88 -27.26
C3C CLA NK . 10.88 43.43 -27.95
C4C CLA NK . 11.86 43.80 -26.94
CMC CLA NK . 8.55 42.34 -27.80
CAC CLA NK . 11.02 43.60 -29.40
CBC CLA NK . 10.67 45.00 -29.86
ND CLA NK . 13.82 44.57 -24.88
C1D CLA NK . 14.02 44.79 -26.26
C2D CLA NK . 15.32 45.43 -26.48
C3D CLA NK . 15.88 45.61 -25.23
C4D CLA NK . 14.89 45.06 -24.27
CMD CLA NK . 15.85 45.79 -27.79
CAD CLA NK . 17.01 46.10 -24.47
OBD CLA NK . 18.05 46.61 -24.87
CBD CLA NK . 16.69 45.85 -22.97
CGD CLA NK . 17.73 45.00 -22.31
O1D CLA NK . 18.12 43.88 -22.64
O2D CLA NK . 18.30 45.58 -21.21
CED CLA NK . 19.23 46.63 -21.42
C1 CLA NK . 12.05 49.57 -19.78
C2 CLA NK . 10.91 49.76 -20.71
C3 CLA NK . 10.19 50.90 -20.79
C4 CLA NK . 9.05 51.04 -21.73
C5 CLA NK . 10.50 52.07 -19.93
MG CLA OK . 8.75 46.00 -16.41
CHA CLA OK . 8.03 49.37 -16.67
CHB CLA OK . 5.45 45.29 -16.62
CHC CLA OK . 9.54 42.67 -16.32
CHD CLA OK . 12.18 46.80 -16.13
NA CLA OK . 7.03 47.17 -16.60
C1A CLA OK . 6.93 48.56 -16.71
C2A CLA OK . 5.46 48.99 -16.83
C3A CLA OK . 4.68 47.68 -16.66
C4A CLA OK . 5.79 46.63 -16.63
CMA CLA OK . 3.86 47.67 -15.39
CAA CLA OK . 5.13 49.56 -18.20
CBA CLA OK . 3.98 50.55 -18.13
CGA CLA OK . 3.49 50.84 -19.52
O1A CLA OK . 4.12 50.81 -20.57
O2A CLA OK . 2.16 51.17 -19.56
NB CLA OK . 7.69 44.30 -16.49
C1B CLA OK . 6.34 44.22 -16.58
C2B CLA OK . 5.92 42.81 -16.63
C3B CLA OK . 7.05 42.03 -16.54
C4B CLA OK . 8.21 42.98 -16.44
CMB CLA OK . 4.52 42.42 -16.72
CAB CLA OK . 7.11 40.60 -16.51
CBB CLA OK . 7.93 39.76 -17.14
NC CLA OK . 10.54 44.94 -16.22
C1C CLA OK . 10.62 43.59 -16.20
C2C CLA OK . 12.00 43.17 -16.06
C3C CLA OK . 12.77 44.34 -16.01
C4C CLA OK . 11.84 45.45 -16.12
CMC CLA OK . 12.45 41.78 -16.00
CAC CLA OK . 14.23 44.44 -15.87
ND CLA OK . 9.89 47.66 -16.33
C1D CLA OK . 11.30 47.86 -16.23
C2D CLA OK . 11.58 49.31 -16.27
C3D CLA OK . 10.37 49.93 -16.45
C4D CLA OK . 9.35 48.87 -16.48
CMD CLA OK . 12.91 49.89 -16.16
CAD CLA OK . 9.68 51.20 -16.59
OBD CLA OK . 10.13 52.33 -16.63
CBD CLA OK . 8.16 50.88 -16.74
CGD CLA OK . 7.34 51.50 -15.66
O1D CLA OK . 7.23 51.11 -14.49
O2D CLA OK . 6.66 52.61 -16.06
CED CLA OK . 5.55 53.02 -15.25
C1 CLA OK . 1.67 51.84 -20.74
C2 CLA OK . 0.32 51.31 -21.07
C3 CLA OK . 0.10 50.12 -21.68
C4 CLA OK . -1.26 49.64 -21.99
C5 CLA OK . 1.25 49.24 -22.07
C6 CLA OK . 1.03 48.35 -23.28
C7 CLA OK . 2.34 47.68 -23.62
C8 CLA OK . 2.19 46.60 -24.69
C9 CLA OK . 1.65 47.21 -25.97
C10 CLA OK . 1.28 45.48 -24.20
C11 CLA OK . 1.93 44.68 -23.10
C12 CLA OK . 1.86 43.19 -23.37
C13 CLA OK . 2.14 42.38 -22.12
C14 CLA OK . 2.43 40.94 -22.47
C15 CLA OK . 0.98 42.48 -21.12
C16 CLA OK . 1.24 41.64 -19.88
C17 CLA OK . 0.86 42.35 -18.61
C18 CLA OK . -0.59 42.10 -18.20
C19 CLA OK . -0.74 40.69 -17.69
C20 CLA OK . -1.01 43.09 -17.16
MG CLA PK . 13.71 38.21 -13.28
CHA CLA PK . 17.09 37.83 -12.56
CHB CLA PK . 13.59 35.04 -14.46
CHC CLA PK . 10.35 38.63 -13.86
CHD CLA PK . 13.92 41.55 -12.17
NA CLA PK . 15.14 36.69 -13.46
C1A CLA PK . 16.49 36.71 -13.09
C2A CLA PK . 17.15 35.35 -13.41
C3A CLA PK . 16.01 34.55 -14.08
C4A CLA PK . 14.81 35.48 -13.99
CMA CLA PK . 16.33 34.20 -15.51
CAA CLA PK . 17.66 34.62 -12.17
CBA CLA PK . 16.77 33.51 -11.67
NB CLA PK . 12.26 37.06 -14.04
C1B CLA PK . 12.39 35.77 -14.46
C2B CLA PK . 11.07 35.26 -14.92
C3B CLA PK . 10.16 36.27 -14.74
C4B CLA PK . 10.89 37.42 -14.18
CMB CLA PK . 10.85 33.92 -15.44
CAB CLA PK . 8.75 36.29 -15.01
NC CLA PK . 12.38 39.80 -13.03
C1C CLA PK . 11.05 39.73 -13.30
C2C CLA PK . 10.42 41.00 -12.99
C3C CLA PK . 11.42 41.85 -12.55
C4C CLA PK . 12.66 41.08 -12.58
CMC CLA PK . 8.98 41.23 -13.14
CAC CLA PK . 11.27 43.26 -12.12
CBC CLA PK . 11.34 43.46 -10.63
ND CLA PK . 15.11 39.43 -12.48
C1D CLA PK . 15.06 40.79 -12.10
C2D CLA PK . 16.39 41.22 -11.64
C3D CLA PK . 17.21 40.11 -11.78
C4D CLA PK . 16.37 39.03 -12.32
CMD CLA PK . 16.67 42.55 -11.13
CAD CLA PK . 18.54 39.60 -11.61
OBD CLA PK . 19.53 40.14 -11.14
CBD CLA PK . 18.52 38.14 -12.14
CGD CLA PK . 19.47 37.99 -13.30
O1D CLA PK . 19.20 37.97 -14.50
O2D CLA PK . 20.76 37.87 -12.91
CED CLA PK . 21.53 36.79 -13.45
MG CLA QK . -6.76 44.73 -20.76
CHA CLA QK . -4.63 42.33 -22.07
CHB CLA QK . -4.18 46.91 -20.47
CHC CLA QK . -8.93 47.04 -19.43
CHD CLA QK . -9.45 42.48 -21.19
NA CLA QK . -4.72 44.61 -21.21
C1A CLA QK . -4.02 43.52 -21.76
C2A CLA QK . -2.54 43.89 -21.92
C3A CLA QK . -2.45 45.33 -21.38
C4A CLA QK . -3.88 45.66 -20.99
CMA CLA QK . -1.52 45.42 -20.20
CAA CLA QK . -2.08 43.93 -23.37
CBA CLA QK . -3.11 44.54 -24.29
CGA CLA QK . -2.43 45.29 -25.38
O1A CLA QK . -1.84 46.36 -25.30
O2A CLA QK . -2.49 44.64 -26.58
NB CLA QK . -6.57 46.60 -20.02
C1B CLA QK . -5.45 47.34 -20.06
C2B CLA QK . -5.73 48.71 -19.54
C3B CLA QK . -7.07 48.75 -19.24
C4B CLA QK . -7.63 47.41 -19.55
CMB CLA QK . -4.72 49.76 -19.44
CAB CLA QK . -7.85 49.84 -18.72
CBB CLA QK . -8.68 50.60 -19.45
NC CLA QK . -8.80 44.75 -20.38
C1C CLA QK . -9.49 45.80 -19.83
C2C CLA QK . -10.89 45.46 -19.71
C3C CLA QK . -11.04 44.18 -20.24
C4C CLA QK . -9.72 43.74 -20.65
CMC CLA QK . -11.93 46.33 -19.17
CAC CLA QK . -12.26 43.39 -20.36
CBC CLA QK . -13.01 43.69 -21.63
ND CLA QK . -7.05 42.88 -21.50
C1D CLA QK . -8.21 42.06 -21.58
C2D CLA QK . -7.85 40.74 -22.14
C3D CLA QK . -6.48 40.79 -22.32
C4D CLA QK . -6.04 42.14 -21.92
CMD CLA QK . -8.78 39.66 -22.37
CAD CLA QK . -5.32 40.08 -22.79
OBD CLA QK . -5.25 38.96 -23.26
CBD CLA QK . -4.10 41.02 -22.58
CGD CLA QK . -3.18 40.45 -21.55
O1D CLA QK . -3.11 40.76 -20.35
O2D CLA QK . -2.36 39.48 -22.01
CED CLA QK . -1.20 39.92 -22.71
C1 CLA QK . -2.46 45.44 -27.78
C2 CLA QK . -1.06 45.46 -28.25
C3 CLA QK . -0.57 46.37 -29.12
C4 CLA QK . -1.42 47.45 -29.68
C5 CLA QK . 0.86 46.32 -29.53
C6 CLA QK . 1.18 46.95 -30.87
MG CLA RK . -2.38 37.85 -13.63
CHA CLA RK . -4.18 35.08 -14.67
CHB CLA RK . -4.83 38.62 -11.42
CHC CLA RK . -0.37 40.27 -12.35
CHD CLA RK . 0.19 36.94 -15.89
NA CLA RK . -4.24 37.02 -13.21
C1A CLA RK . -4.81 35.85 -13.72
C2A CLA RK . -6.21 35.64 -13.13
C3A CLA RK . -6.47 36.98 -12.42
C4A CLA RK . -5.09 37.61 -12.31
CMA CLA RK . -7.35 37.88 -13.25
CAA CLA RK . -6.28 34.43 -12.21
CBA CLA RK . -5.96 34.68 -10.75
CGA CLA RK . -5.99 33.38 -10.05
O1A CLA RK . -6.92 32.57 -9.99
O2A CLA RK . -4.81 33.06 -9.43
NB CLA RK . -2.60 39.24 -12.20
C1B CLA RK . -3.59 39.24 -11.27
C2B CLA RK . -3.18 40.02 -10.08
C3B CLA RK . -1.92 40.50 -10.33
C4B CLA RK . -1.54 40.03 -11.70
CMB CLA RK . -4.05 40.21 -8.92
CAB CLA RK . -1.07 41.31 -9.49
CBB CLA RK . -0.62 42.52 -9.78
NC CLA RK . -0.49 38.55 -14.13
C1C CLA RK . 0.11 39.61 -13.51
C2C CLA RK . 1.41 39.88 -14.12
C3C CLA RK . 1.61 38.87 -15.05
C4C CLA RK . 0.41 38.05 -15.06
CMC CLA RK . 2.30 40.96 -13.70
CAC CLA RK . 2.79 38.69 -15.92
CBC CLA RK . 2.63 39.23 -17.31
ND CLA RK . -2.07 36.46 -15.07
C1D CLA RK . -0.96 36.19 -15.91
C2D CLA RK . -1.23 34.98 -16.70
C3D CLA RK . -2.45 34.51 -16.27
C4D CLA RK . -2.92 35.46 -15.24
CMD CLA RK . -0.32 34.43 -17.69
CAD CLA RK . -3.47 33.50 -16.41
OBD CLA RK . -3.51 32.55 -17.18
CBD CLA RK . -4.59 33.81 -15.37
CGD CLA RK . -5.92 33.96 -16.03
O1D CLA RK . -6.36 34.97 -16.59
O2D CLA RK . -6.71 32.86 -15.96
CED CLA RK . -8.07 33.00 -16.38
MG CLA SK . -3.95 39.22 -30.58
CHA CLA SK . -6.99 40.83 -30.72
CHB CLA SK . -4.59 37.75 -33.58
CHC CLA SK . -0.74 38.08 -30.67
CHD CLA SK . -3.28 40.88 -27.55
NA CLA SK . -5.57 39.22 -31.86
C1A CLA SK . -6.72 40.01 -31.78
C2A CLA SK . -7.65 39.71 -32.96
C3A CLA SK . -7.02 38.46 -33.59
C4A CLA SK . -5.62 38.46 -33.00
CMA CLA SK . -7.80 37.24 -33.15
CAA CLA SK . -7.68 40.86 -33.96
CBA CLA SK . -6.38 41.60 -34.20
CGA CLA SK . -5.55 40.92 -35.25
O1A CLA SK . -5.94 40.35 -36.28
O2A CLA SK . -4.21 40.96 -35.02
NB CLA SK . -2.85 38.18 -31.91
C1B CLA SK . -3.30 37.67 -33.08
C2B CLA SK . -2.23 36.87 -33.73
C3B CLA SK . -1.12 36.95 -32.91
C4B CLA SK . -1.53 37.77 -31.72
CMB CLA SK . -2.47 36.18 -35.00
CAB CLA SK . 0.20 36.38 -32.96
CBB CLA SK . 0.88 35.88 -34.00
NC CLA SK . -2.33 39.37 -29.28
C1C CLA SK . -1.12 38.81 -29.50
C2C CLA SK . -0.21 39.15 -28.41
C3C CLA SK . -0.93 39.97 -27.54
C4C CLA SK . -2.25 40.10 -28.11
CMC CLA SK . 1.17 38.73 -28.30
CAC CLA SK . -0.44 40.58 -26.29
CBC CLA SK . 0.22 41.92 -26.52
ND CLA SK . -4.97 40.31 -29.24
C1D CLA SK . -4.55 40.99 -28.06
C2D CLA SK . -5.65 41.81 -27.55
C3D CLA SK . -6.62 41.77 -28.53
C4D CLA SK . -6.12 40.88 -29.58
CMD CLA SK . -5.63 42.54 -26.29
CAD CLA SK . -7.95 42.18 -28.91
OBD CLA SK . -8.80 42.76 -28.26
CBD CLA SK . -8.14 41.75 -30.39
CGD CLA SK . -9.45 41.05 -30.56
O1D CLA SK . -9.65 39.85 -30.49
O2D CLA SK . -10.48 41.89 -30.84
CED CLA SK . -11.80 41.35 -30.66
C1 CLA SK . -3.34 40.81 -36.16
C2 CLA SK . -2.30 39.81 -35.80
C3 CLA SK . -0.99 39.97 -36.04
C4 CLA SK . -0.03 38.93 -35.63
C5 CLA SK . -0.44 41.18 -36.72
C6 CLA SK . 1.08 41.22 -36.91
C7 CLA SK . 1.79 42.11 -35.90
C8 CLA SK . 3.26 41.76 -35.74
C9 CLA SK . 3.42 40.31 -35.35
C10 CLA SK . 3.94 42.67 -34.71
C11 CLA SK . 5.33 42.21 -34.34
C12 CLA SK . 5.73 42.69 -32.96
C13 CLA SK . 7.23 42.54 -32.72
C14 CLA SK . 7.62 43.13 -31.39
C15 CLA SK . 8.05 43.18 -33.84
MG CLA TK . 1.29 24.55 -39.58
CHA CLA TK . -0.65 27.41 -39.63
CHB CLA TK . -0.25 23.47 -42.41
CHC CLA TK . 3.42 21.86 -39.65
CHD CLA TK . 2.91 25.74 -36.69
NA CLA TK . -0.22 25.32 -40.79
C1A CLA TK . -0.89 26.55 -40.66
C2A CLA TK . -1.91 26.72 -41.78
C3A CLA TK . -1.93 25.35 -42.45
C4A CLA TK . -0.70 24.65 -41.88
CMA CLA TK . -3.19 24.59 -42.13
CAA CLA TK . -1.38 27.74 -42.78
CBA CLA TK . -2.40 28.80 -43.12
NB CLA TK . 1.49 22.93 -40.76
C1B CLA TK . 0.85 22.74 -41.93
C2B CLA TK . 1.45 21.60 -42.67
C3B CLA TK . 2.49 21.13 -41.89
C4B CLA TK . 2.53 21.98 -40.67
CMB CLA TK . 0.97 21.14 -43.96
CAB CLA TK . 3.41 20.07 -42.14
CBB CLA TK . 4.67 20.23 -42.54
NC CLA TK . 2.83 23.89 -38.35
C1C CLA TK . 3.55 22.75 -38.54
C2C CLA TK . 4.54 22.59 -37.48
C3C CLA TK . 4.43 23.72 -36.68
C4C CLA TK . 3.36 24.53 -37.22
CMC CLA TK . 5.47 21.49 -37.36
CAC CLA TK . 5.21 24.05 -35.48
CBC CLA TK . 4.61 23.49 -34.21
ND CLA TK . 1.19 26.16 -38.38
C1D CLA TK . 1.90 26.51 -37.21
C2D CLA TK . 1.39 27.81 -36.71
C3D CLA TK . 0.39 28.18 -37.59
C4D CLA TK . 0.31 27.12 -38.61
CMD CLA TK . 1.91 28.47 -35.53
CAD CLA TK . -0.60 29.18 -37.94
OBD CLA TK . -0.88 30.22 -37.37
CBD CLA TK . -1.30 28.69 -39.23
CGD CLA TK . -2.74 28.36 -38.98
O1D CLA TK . -3.21 27.25 -38.77
O2D CLA TK . -3.60 29.40 -39.00
CED CLA TK . -4.59 29.43 -40.02
MG CLA UK . 4.54 32.81 -36.75
CHA CLA UK . 1.86 33.12 -38.92
CHB CLA UK . 4.24 36.09 -35.93
CHC CLA UK . 7.48 32.60 -34.98
CHD CLA UK . 5.06 29.54 -37.95
NA CLA UK . 3.17 34.30 -37.25
C1A CLA UK . 2.13 34.25 -38.18
C2A CLA UK . 1.41 35.60 -38.26
C3A CLA UK . 2.14 36.47 -37.21
C4A CLA UK . 3.26 35.56 -36.73
CMA CLA UK . 2.73 37.67 -37.87
CAA CLA UK . -0.05 35.55 -37.86
CBA CLA UK . -0.77 36.71 -38.50
NB CLA UK . 5.59 34.07 -35.60
C1B CLA UK . 5.35 35.39 -35.45
C2B CLA UK . 6.45 36.04 -34.70
C3B CLA UK . 7.38 35.06 -34.42
C4B CLA UK . 6.84 33.79 -35.00
CMB CLA UK . 6.45 37.47 -34.41
CAB CLA UK . 8.66 35.09 -33.77
CBB CLA UK . 8.95 35.71 -32.61
NC CLA UK . 5.92 31.29 -36.41
C1C CLA UK . 7.03 31.41 -35.63
C2C CLA UK . 7.80 30.17 -35.64
C3C CLA UK . 7.14 29.31 -36.51
C4C CLA UK . 5.97 30.02 -37.00
CMC CLA UK . 9.04 29.95 -34.92
CAC CLA UK . 7.54 27.95 -36.87
CBC CLA UK . 8.52 27.91 -38.02
ND CLA UK . 3.59 31.49 -37.95
C1D CLA UK . 3.97 30.22 -38.42
C2D CLA UK . 3.03 29.77 -39.45
C3D CLA UK . 2.18 30.84 -39.68
C4D CLA UK . 2.60 31.91 -38.75
CMD CLA UK . 3.09 28.48 -40.11
CAD CLA UK . 1.05 31.35 -40.42
OBD CLA UK . 0.31 30.78 -41.21
CBD CLA UK . 0.91 32.85 -40.06
CGD CLA UK . 1.26 33.69 -41.25
O1D CLA UK . 2.26 34.36 -41.44
O2D CLA UK . 0.30 33.70 -42.23
MG CLA VK . 14.84 22.45 -27.27
CHA CLA VK . 18.18 21.46 -27.25
CHB CLA VK . 15.12 23.50 -30.49
CHC CLA VK . 11.50 23.23 -27.27
CHD CLA VK . 14.50 21.17 -23.99
NA CLA VK . 16.41 22.48 -28.63
C1A CLA VK . 17.72 22.01 -28.44
C2A CLA VK . 18.52 22.16 -29.74
C3A CLA VK . 17.54 22.83 -30.71
C4A CLA VK . 16.25 22.94 -29.91
CMA CLA VK . 18.03 24.15 -31.25
CAA CLA VK . 18.87 20.78 -30.29
CBA CLA VK . 17.68 19.84 -30.44
CGA CLA VK . 17.51 18.88 -29.29
O1A CLA VK . 18.32 18.50 -28.46
O2A CLA VK . 16.25 18.39 -29.18
NB CLA VK . 13.58 23.29 -28.59
C1B CLA VK . 13.86 23.62 -29.87
C2B CLA VK . 12.64 24.12 -30.55
C3B CLA VK . 11.61 24.04 -29.64
C4B CLA VK . 12.20 23.50 -28.40
CMB CLA VK . 12.58 24.54 -31.94
CAB CLA VK . 10.20 24.33 -29.80
CBB CLA VK . 9.48 25.26 -29.19
NC CLA VK . 13.30 22.25 -25.87
C1C CLA VK . 12.01 22.62 -26.10
C2C CLA VK . 11.19 22.33 -24.94
C3C CLA VK . 12.02 21.74 -23.99
C4C CLA VK . 13.35 21.69 -24.60
CMC CLA VK . 9.76 22.62 -24.83
CAC CLA VK . 11.64 21.29 -22.66
CBC CLA VK . 10.99 19.91 -22.62
ND CLA VK . 15.99 21.48 -25.92
C1D CLA VK . 15.72 21.05 -24.60
C2D CLA VK . 16.96 20.53 -24.01
C3D CLA VK . 17.94 20.69 -24.96
C4D CLA VK . 17.29 21.27 -26.15
CMD CLA VK . 17.03 20.00 -22.66
CAD CLA VK . 19.34 20.50 -25.29
OBD CLA VK . 20.24 20.05 -24.61
CBD CLA VK . 19.52 21.00 -26.76
CGD CLA VK . 20.56 22.07 -26.91
O1D CLA VK . 20.87 22.96 -26.12
O2D CLA VK . 21.22 22.00 -28.10
CED CLA VK . 22.57 22.43 -28.11
C1 CLA VK . 15.26 19.31 -28.69
C2 CLA VK . 14.71 18.77 -27.43
C3 CLA VK . 13.40 18.60 -27.19
C4 CLA VK . 12.94 18.05 -25.89
C5 CLA VK . 12.35 18.93 -28.21
C6 CLA VK . 11.12 19.56 -27.61
C7 CLA VK . 10.17 20.04 -28.69
C8 CLA VK . 8.74 19.68 -28.33
C9 CLA VK . 8.55 18.18 -28.50
C10 CLA VK . 7.68 20.46 -29.09
C11 CLA VK . 8.10 21.00 -30.45
C12 CLA VK . 7.74 20.07 -31.59
C13 CLA VK . 7.97 20.70 -32.96
C14 CLA VK . 7.16 19.99 -34.03
C15 CLA VK . 9.45 20.72 -33.35
C16 CLA VK . 10.05 22.11 -33.36
C17 CLA VK . 9.20 23.13 -34.07
C18 CLA VK . 9.74 23.44 -35.46
C19 CLA VK . 9.05 22.62 -36.52
C20 CLA VK . 9.60 24.92 -35.76
MG CLA WK . 17.01 19.26 -35.57
CHA CLA WK . 15.99 16.86 -33.30
CHB CLA WK . 18.90 16.95 -37.19
CHC CLA WK . 17.82 21.65 -37.87
CHD CLA WK . 14.92 21.59 -33.91
NA CLA WK . 17.40 17.24 -35.24
C1A CLA WK . 16.88 16.41 -34.25
C2A CLA WK . 17.42 14.99 -34.40
C3A CLA WK . 18.46 15.11 -35.54
C4A CLA WK . 18.25 16.53 -36.04
CMA CLA WK . 19.85 14.88 -35.05
CAA CLA WK . 16.36 14.01 -34.85
CBA CLA WK . 15.33 14.55 -35.82
CGA CLA WK . 14.27 13.52 -36.03
O1A CLA WK . 13.90 12.62 -35.27
O2A CLA WK . 13.66 13.61 -37.24
NB CLA WK . 18.17 19.31 -37.20
C1B CLA WK . 18.82 18.24 -37.74
C2B CLA WK . 19.46 18.64 -39.01
C3B CLA WK . 19.16 19.96 -39.22
C4B CLA WK . 18.33 20.41 -38.07
CMB CLA WK . 20.23 17.70 -39.83
CAB CLA WK . 19.51 20.84 -40.30
CBB CLA WK . 20.76 21.17 -40.63
NC CLA WK . 16.52 21.27 -35.80
C1C CLA WK . 16.98 22.06 -36.80
C2C CLA WK . 16.44 23.40 -36.67
C3C CLA WK . 15.59 23.38 -35.56
C4C CLA WK . 15.65 22.03 -35.02
CMC CLA WK . 16.73 24.52 -37.56
CAC CLA WK . 14.82 24.48 -35.00
CBC CLA WK . 13.43 24.53 -35.60
ND CLA WK . 15.78 19.31 -33.96
C1D CLA WK . 14.95 20.32 -33.42
C2D CLA WK . 14.19 19.78 -32.28
C3D CLA WK . 14.60 18.45 -32.15
C4D CLA WK . 15.56 18.22 -33.24
CMD CLA WK . 13.22 20.54 -31.50
CAD CLA WK . 14.42 17.20 -31.45
OBD CLA WK . 13.72 16.93 -30.47
CBD CLA WK . 15.32 16.15 -32.16
CGD CLA WK . 16.39 15.63 -31.26
O1D CLA WK . 17.38 16.22 -30.84
O2D CLA WK . 16.27 14.32 -30.91
CED CLA WK . 17.49 13.58 -30.91
C1 CLA WK . 12.27 13.25 -37.28
C2 CLA WK . 11.62 14.17 -38.25
C3 CLA WK . 10.32 14.12 -38.55
C4 CLA WK . 9.40 13.12 -37.93
C5 CLA WK . 9.72 15.06 -39.52
C6 CLA WK . 8.66 15.95 -38.88
C7 CLA WK . 8.31 17.09 -39.80
C8 CLA WK . 9.12 18.34 -39.50
C9 CLA WK . 8.27 19.36 -38.77
C10 CLA WK . 9.70 18.94 -40.77
C11 CLA WK . 8.62 19.42 -41.71
MG CLA XK . 14.63 12.95 -18.95
CHA CLA XK . 14.34 16.15 -17.70
CHB CLA XK . 13.84 14.09 -22.06
CHC CLA XK . 14.29 9.70 -20.05
CHD CLA XK . 15.10 11.76 -15.69
NA CLA XK . 14.31 14.85 -19.75
C1A CLA XK . 14.18 16.07 -19.06
C2A CLA XK . 13.90 17.20 -20.08
C3A CLA XK . 14.09 16.50 -21.45
C4A CLA XK . 14.09 15.03 -21.08
CMA CLA XK . 12.98 16.80 -22.40
CAA CLA XK . 14.90 18.34 -20.09
CBA CLA XK . 14.38 19.59 -19.43
CGA CLA XK . 15.43 20.09 -18.49
O1A CLA XK . 16.64 20.19 -18.67
O2A CLA XK . 14.93 20.48 -17.27
NB CLA XK . 14.16 12.07 -20.71
C1B CLA XK . 13.81 12.71 -21.85
C2B CLA XK . 13.39 11.72 -22.89
C3B CLA XK . 13.52 10.49 -22.31
C4B CLA XK . 14.03 10.69 -20.93
CMB CLA XK . 12.95 12.08 -24.23
CAB CLA XK . 13.26 9.18 -22.87
NC CLA XK . 14.84 11.08 -18.06
C1C CLA XK . 14.71 9.89 -18.70
C2C CLA XK . 14.93 8.79 -17.77
C3C CLA XK . 15.07 9.36 -16.51
C4C CLA XK . 15.01 10.80 -16.71
CMC CLA XK . 14.91 7.37 -18.12
CAC CLA XK . 15.32 8.68 -15.23
ND CLA XK . 15.03 13.74 -17.14
C1D CLA XK . 15.11 13.12 -15.86
C2D CLA XK . 15.17 14.16 -14.83
C3D CLA XK . 14.90 15.34 -15.48
C4D CLA XK . 14.75 15.02 -16.91
CMD CLA XK . 15.41 13.91 -13.40
CAD CLA XK . 14.78 16.77 -15.35
OBD CLA XK . 15.06 17.50 -14.40
CBD CLA XK . 14.19 17.27 -16.68
CGD CLA XK . 12.74 17.65 -16.52
O1D CLA XK . 11.99 18.16 -17.37
O2D CLA XK . 12.25 17.39 -15.27
CED CLA XK . 11.43 18.37 -14.66
C1 LUT YK . 14.90 28.40 -31.40
C2 LUT YK . 16.26 27.86 -31.01
C3 LUT YK . 16.38 27.11 -29.69
C4 LUT YK . 15.46 27.69 -28.64
C5 LUT YK . 14.05 27.67 -29.17
C6 LUT YK . 13.79 28.04 -30.43
C7 LUT YK . 12.38 28.09 -30.89
C8 LUT YK . 11.64 29.19 -30.80
C9 LUT YK . 10.26 29.26 -31.25
C10 LUT YK . 9.66 30.45 -31.13
C11 LUT YK . 8.29 30.78 -31.50
C12 LUT YK . 7.91 32.00 -31.19
C13 LUT YK . 6.60 32.55 -31.51
C14 LUT YK . 6.37 33.84 -31.25
C15 LUT YK . 5.13 34.51 -31.59
C16 LUT YK . 14.53 27.80 -32.74
C17 LUT YK . 15.03 29.91 -31.55
C18 LUT YK . 12.99 27.19 -28.23
C19 LUT YK . 9.54 28.05 -31.78
C20 LUT YK . 5.56 31.68 -32.16
O3 LUT YK . 17.72 27.22 -29.22
C21 LUT YK . -2.15 44.77 -33.99
C22 LUT YK . -3.45 45.16 -34.68
C23 LUT YK . -4.65 45.28 -33.77
C24 LUT YK . -4.66 44.29 -32.64
C25 LUT YK . -3.53 43.74 -32.19
C26 LUT YK . -2.35 43.54 -33.10
C27 LUT YK . -1.10 43.23 -32.34
C28 LUT YK . -0.58 42.02 -32.50
C29 LUT YK . 0.65 41.59 -31.83
C30 LUT YK . 1.23 40.48 -32.28
C31 LUT YK . 2.44 39.92 -31.73
C32 LUT YK . 2.69 38.67 -32.06
C33 LUT YK . 3.88 37.93 -31.63
C34 LUT YK . 3.96 36.63 -31.88
C35 LUT YK . 5.13 35.84 -31.51
C36 LUT YK . -1.58 45.95 -33.21
C37 LUT YK . -1.15 44.43 -35.09
C38 LUT YK . -3.47 43.32 -30.75
C39 LUT YK . 1.23 42.37 -30.69
C40 LUT YK . 4.97 38.66 -30.90
O23 LUT YK . -5.82 45.09 -34.56
C1 XAT ZK . 12.10 37.83 -18.84
C2 XAT ZK . 13.27 38.80 -18.82
C3 XAT ZK . 14.08 38.67 -20.09
C4 XAT ZK . 13.24 39.33 -21.16
C5 XAT ZK . 11.94 38.55 -21.39
C6 XAT ZK . 11.35 37.76 -20.20
C7 XAT ZK . 9.83 37.72 -20.14
C8 XAT ZK . 9.31 36.52 -20.38
C9 XAT ZK . 7.87 36.18 -20.36
C10 XAT ZK . 7.58 34.92 -20.66
C11 XAT ZK . 6.24 34.36 -20.64
C12 XAT ZK . 6.26 33.03 -20.61
C13 XAT ZK . 5.10 32.14 -20.53
C14 XAT ZK . 5.27 30.84 -20.79
C15 XAT ZK . 4.17 29.90 -20.67
C16 XAT ZK . 11.17 38.20 -17.72
C17 XAT ZK . 12.65 36.44 -18.56
C18 XAT ZK . 10.89 39.22 -22.27
C19 XAT ZK . 6.81 37.17 -19.99
C20 XAT ZK . 3.75 32.68 -20.11
O3 XAT ZK . 15.32 39.36 -19.96
O4 XAT ZK . 11.99 37.13 -21.30
C21 XAT ZK . -2.09 18.52 -20.09
C22 XAT ZK . -3.26 17.60 -20.43
C23 XAT ZK . -4.56 18.28 -20.06
C24 XAT ZK . -4.77 19.34 -21.11
C25 XAT ZK . -3.67 20.41 -21.07
C26 XAT ZK . -2.27 19.98 -20.57
C27 XAT ZK . -1.09 20.62 -21.28
C28 XAT ZK . -0.43 21.53 -20.59
C29 XAT ZK . 0.76 22.25 -21.08
C30 XAT ZK . 1.06 23.42 -20.53
C31 XAT ZK . 2.24 24.20 -20.89
C32 XAT ZK . 2.26 25.48 -20.56
C33 XAT ZK . 3.42 26.35 -20.84
C34 XAT ZK . 3.31 27.66 -20.60
C35 XAT ZK . 4.41 28.59 -20.78
C36 XAT ZK . -0.84 17.88 -20.68
C37 XAT ZK . -1.94 18.59 -18.59
C38 XAT ZK . -3.62 21.36 -22.25
C39 XAT ZK . 1.63 21.63 -22.13
C40 XAT ZK . 4.69 25.76 -21.37
O23 XAT ZK . -5.64 17.34 -20.12
O24 XAT ZK . -3.14 20.82 -19.81
C1 BCR AL . -11.05 57.16 -11.77
C2 BCR AL . -11.79 57.89 -10.65
C3 BCR AL . -11.64 57.24 -9.28
C4 BCR AL . -10.18 57.01 -8.93
C5 BCR AL . -9.60 56.17 -10.04
C6 BCR AL . -9.71 56.60 -11.29
C7 BCR AL . -8.56 56.53 -12.23
C8 BCR AL . -8.39 55.53 -13.10
C9 BCR AL . -7.22 55.52 -13.99
C10 BCR AL . -6.60 54.35 -14.16
C11 BCR AL . -5.43 54.17 -15.02
C33 BCR AL . -8.92 54.88 -9.66
C31 BCR AL . -10.85 58.13 -12.93
C32 BCR AL . -11.89 55.98 -12.23
C34 BCR AL . -6.74 56.76 -14.67
C12 BCR AL . -5.02 52.92 -15.23
C13 BCR AL . -3.84 52.64 -16.06
C14 BCR AL . -3.40 51.38 -16.17
C15 BCR AL . -2.22 51.07 -16.98
C16 BCR AL . -1.71 49.85 -16.98
C17 BCR AL . -0.51 49.59 -17.77
C18 BCR AL . 0.07 48.38 -17.82
C19 BCR AL . 1.28 48.21 -18.61
C20 BCR AL . 1.78 47.03 -18.95
C21 BCR AL . 3.01 47.16 -19.72
C22 BCR AL . 3.82 46.15 -20.02
C23 BCR AL . 5.03 46.47 -20.78
C24 BCR AL . 5.82 45.55 -21.32
C25 BCR AL . 7.04 45.91 -22.07
C26 BCR AL . 8.17 46.15 -21.40
C27 BCR AL . 9.28 46.88 -22.07
C28 BCR AL . 9.56 46.13 -23.35
C29 BCR AL . 8.36 46.22 -24.26
C30 BCR AL . 7.01 45.98 -23.59
C35 BCR AL . -3.16 53.76 -16.78
C36 BCR AL . -0.46 47.21 -17.04
C37 BCR AL . 3.53 44.75 -19.59
C38 BCR AL . 8.39 45.68 -19.99
C39 BCR AL . 6.43 44.65 -24.08
C40 BCR AL . 6.09 47.10 -24.08
O1 LHG BL . -3.28 18.20 -40.61
C1 LHG BL . -2.73 19.36 -41.24
C2 LHG BL . -1.87 20.13 -40.23
O2 LHG BL . -0.92 19.23 -39.64
C3 LHG BL . -2.76 20.70 -39.14
O3 LHG BL . -1.95 21.20 -38.08
P LHG BL . -1.23 22.64 -38.21
O4 LHG BL . -0.08 22.51 -39.18
O5 LHG BL . -2.30 23.68 -38.45
O6 LHG BL . -0.63 22.87 -36.74
C4 LHG BL . -0.34 21.76 -35.89
C5 LHG BL . 1.04 21.93 -35.27
C6 LHG BL . 1.21 23.37 -34.80
O7 LHG BL . 1.17 21.05 -34.16
C7 LHG BL . 2.02 19.91 -34.47
O9 LHG BL . 3.00 20.07 -35.19
C8 LHG BL . 1.71 18.55 -33.90
C9 LHG BL . 2.82 18.13 -32.94
C10 LHG BL . 2.56 16.75 -32.38
O8 LHG BL . 0.33 23.63 -33.72
C23 LHG BL . 0.81 24.32 -32.53
O10 LHG BL . 1.34 25.42 -32.66
C24 LHG BL . 0.67 23.68 -31.17
C11 LHG BL . 3.63 15.76 -32.85
C12 LHG BL . 4.81 15.73 -31.89
C13 LHG BL . 4.38 15.24 -30.51
C14 LHG BL . 5.49 14.41 -29.86
C15 LHG BL . 4.90 13.31 -28.99
C16 LHG BL . 4.57 13.83 -27.59
C17 LHG BL . 4.09 12.70 -26.69
C18 LHG BL . 3.48 13.26 -25.41
C19 LHG BL . 3.10 12.13 -24.46
C20 LHG BL . 1.75 12.41 -23.80
C21 LHG BL . 0.65 11.57 -24.43
C22 LHG BL . -0.67 11.78 -23.72
C25 LHG BL . 2.04 23.53 -30.53
C26 LHG BL . 2.78 22.34 -31.08
C27 LHG BL . 2.43 21.07 -30.32
C28 LHG BL . 3.68 20.26 -29.99
C29 LHG BL . 3.36 19.14 -28.99
C30 LHG BL . 4.64 18.62 -28.34
C31 LHG BL . 4.53 18.67 -26.82
C32 LHG BL . 5.66 17.86 -26.18
C33 LHG BL . 6.42 18.71 -25.15
C34 LHG BL . 6.14 18.21 -23.74
C35 LHG BL . 5.23 19.17 -22.99
C36 LHG BL . 4.04 18.42 -22.39
C37 LHG BL . 3.00 18.10 -23.45
C38 LHG BL . 2.30 16.79 -23.15
O1 LHG CL . -3.86 30.70 -5.87
C1 LHG CL . -3.41 31.91 -6.50
C2 LHG CL . -1.95 31.75 -6.87
O2 LHG CL . -1.26 30.99 -5.90
C3 LHG CL . -1.20 33.07 -6.98
O3 LHG CL . -0.66 32.93 -8.30
P LHG CL . 0.47 31.82 -8.67
O4 LHG CL . -0.18 30.79 -9.51
O5 LHG CL . 1.34 31.75 -7.46
O6 LHG CL . 1.25 32.76 -9.81
C4 LHG CL . 2.61 33.02 -9.69
C5 LHG CL . 3.15 32.78 -11.10
C6 LHG CL . 4.30 33.73 -11.43
O7 LHG CL . 3.66 31.46 -11.12
C7 LHG CL . 2.88 30.59 -11.82
O9 LHG CL . 1.68 30.58 -11.77
C8 LHG CL . 3.72 29.59 -12.52
C9 LHG CL . 3.22 28.20 -12.16
C10 LHG CL . 3.76 27.20 -13.14
O8 LHG CL . 5.45 32.87 -11.60
C23 LHG CL . 6.58 33.44 -12.12
O10 LHG CL . 6.63 34.63 -12.32
C24 LHG CL . 7.87 32.63 -12.19
C11 LHG CL . 5.19 27.03 -12.69
C12 LHG CL . 6.09 26.93 -13.88
C13 LHG CL . 6.84 28.24 -13.99
C14 LHG CL . 8.22 28.03 -14.55
C15 LHG CL . 9.01 29.23 -14.07
C16 LHG CL . 10.47 28.93 -14.27
C17 LHG CL . 11.10 29.99 -15.13
C18 LHG CL . 12.09 30.64 -14.22
C19 LHG CL . 13.32 31.14 -14.93
C20 LHG CL . 14.34 30.11 -14.54
C21 LHG CL . 14.86 30.42 -13.18
C22 LHG CL . 16.35 30.15 -13.17
C25 LHG CL . 9.14 33.44 -12.11
C26 LHG CL . 9.61 33.79 -10.69
C27 LHG CL . 10.83 34.65 -10.93
C28 LHG CL . 12.17 33.94 -10.86
C29 LHG CL . 13.19 35.03 -10.57
C30 LHG CL . 13.76 35.06 -9.17
C31 LHG CL . 15.17 35.60 -9.03
C32 LHG CL . 16.12 34.72 -8.23
C33 LHG CL . 17.11 35.65 -7.57
C34 LHG CL . 18.48 35.07 -7.28
C35 LHG CL . 19.53 35.71 -8.16
C36 LHG CL . 20.64 36.24 -7.27
C37 LHG CL . 21.84 36.47 -8.15
C38 LHG CL . 21.68 37.60 -9.14
C1B LMU DL . 20.90 45.58 -5.55
C2B LMU DL . 20.67 46.97 -6.17
C3B LMU DL . 21.83 47.38 -6.97
C4B LMU DL . 23.09 47.48 -6.15
C5B LMU DL . 23.39 46.18 -5.38
C6B LMU DL . 23.57 46.49 -3.93
O1B LMU DL . 20.16 44.69 -6.28
O2B LMU DL . 19.50 46.93 -7.00
O3B LMU DL . 21.55 48.69 -7.57
O4' LMU DL . 24.19 47.75 -7.02
O5B LMU DL . 22.34 45.14 -5.54
O6B LMU DL . 23.28 45.36 -3.16
C1' LMU DL . 19.87 40.47 -6.40
C2' LMU DL . 19.60 41.17 -5.08
C3' LMU DL . 19.42 42.65 -5.25
C4' LMU DL . 20.53 43.30 -6.03
C5' LMU DL . 20.74 42.58 -7.36
C6' LMU DL . 21.91 43.14 -8.13
O1' LMU DL . 18.72 40.50 -7.15
O2' LMU DL . 18.41 40.63 -4.51
O3' LMU DL . 19.31 43.23 -3.92
O5' LMU DL . 20.96 41.13 -7.18
O6' LMU DL . 22.99 42.26 -8.06
C1 LMU DL . 18.36 39.23 -7.67
C2 LMU DL . 16.94 39.28 -8.34
C3 LMU DL . 16.11 40.43 -7.68
C4 LMU DL . 14.62 39.96 -7.54
C5 LMU DL . 14.06 39.61 -8.94
C6 LMU DL . 12.84 38.66 -8.79
C7 LMU DL . 11.63 39.23 -9.57
C8 LMU DL . 10.51 38.18 -9.61
C9 LMU DL . 9.30 38.77 -10.38
C10 LMU DL . 8.15 37.76 -10.41
C11 LMU DL . 7.03 38.32 -11.33
C12 LMU DL . 5.70 37.61 -11.01
C1B LMU EL . -6.34 22.81 -44.36
C2B LMU EL . -6.53 21.41 -43.79
C3B LMU EL . -6.73 21.44 -42.32
C4B LMU EL . -7.83 22.38 -41.87
C5B LMU EL . -7.84 23.75 -42.56
C6B LMU EL . -6.93 24.71 -41.85
O1B LMU EL . -6.28 22.72 -45.73
O2B LMU EL . -7.70 20.82 -44.39
O3B LMU EL . -5.48 21.77 -41.66
O4' LMU EL . -9.09 21.75 -42.13
O5B LMU EL . -7.48 23.72 -44.00
O6B LMU EL . -7.68 25.52 -41.01
C1' LMU EL . -2.56 24.69 -46.70
C2' LMU EL . -3.83 25.53 -46.50
C3' LMU EL . -5.00 24.81 -45.91
C4' LMU EL . -5.17 23.39 -46.37
C5' LMU EL . -3.87 22.59 -46.21
C6' LMU EL . -4.06 21.21 -46.79
O1' LMU EL . -1.73 24.85 -45.61
O2' LMU EL . -3.52 26.64 -45.65
O3' LMU EL . -6.18 25.55 -46.29
O5' LMU EL . -2.75 23.21 -46.92
O6' LMU EL . -2.82 20.72 -47.20
C1 LMU EL . -0.40 24.41 -45.89
C2 LMU EL . 0.61 25.44 -45.28
C3 LMU EL . 2.06 25.04 -45.70
C4 LMU EL . 2.74 24.32 -44.51
C5 LMU EL . 3.95 25.17 -44.01
C6 LMU EL . 4.50 24.53 -42.71
C7 LMU EL . 5.26 25.61 -41.90
C8 LMU EL . 5.34 25.17 -40.42
C9 LMU EL . 6.43 24.07 -40.30
C10 LMU EL . 7.53 24.56 -39.36
C11 LMU EL . 8.92 24.34 -40.01
C12 LMU EL . 9.15 22.85 -40.29
#